data_7EYB
#
_entry.id   7EYB
#
_cell.length_a   1.00
_cell.length_b   1.00
_cell.length_c   1.00
_cell.angle_alpha   90.00
_cell.angle_beta   90.00
_cell.angle_gamma   90.00
#
_symmetry.space_group_name_H-M   'P 1'
#
loop_
_entity.id
_entity.type
_entity.pdbx_description
1 polymer 'Internal virion protein gp14'
2 polymer 'Internal virion protein gp15'
3 polymer 'Peptidoglycan transglycosylase gp16'
#
loop_
_entity_poly.entity_id
_entity_poly.type
_entity_poly.pdbx_seq_one_letter_code
_entity_poly.pdbx_strand_id
1 'polypeptide(L)'
;MCWAAAIPIAISGAQAISGQNAQAKMIAAQTAAGRRQAMEIMRQTNIQNADLSLQARSKLEEASAELTSQNMQKVQAIGS
IRAAIGESMLEGSSMDRIKRVTEGQFIREANMVTENYRRDYQAIFAQQLGGTQSAASQIDEIYKSEQKQKSKLQMVLDPL
AIMGSSAASAYASGAFDSKSTTKAPIVAAKGTKTGR
;
a,b,c,d,e,f,g,h
2 'polypeptide(L)'
;MSKIESALQAAQPGLSRLRGGAGGMGYRAATTQAEQPRSSLLDTIGRFAKAGADMYTAKEQRARDLADERSNEIIRKLTP
EQRREALNNGTLLYQDDPYAMEALRVKTGRNAAYLVDDDVMQKIKEGVFRTREEMEEYRHSRLQEGAKVYAEQFGIDPED
VDYQRGFNGDITERNISLYGAHDNFLSQQAQKGAIMNSRVELNGVLQDPDMLRRPDSADFFEKYIDNGLVTGAIPSDAQA
TQLISQAFSDASSRAGGADFLMRVGDKKVTLNGATTTYRELIGEEQWNALMVTAQRSQFETDAKLNEQYRLKINSALNQE
DPRTAWEMLQGIKAELDKVQPDEQMTPQREWLISAQEQVQNQMNAWTKAQAKALDDSMKSMNKLDVIDKQFQKRINGEWV
STDFKDMPVNENTGEFKHSDMVNYANKKLAEIDSMDIPDGAKDAMKLKYLQADSKDGAFRTAIGTMVTDAGQEWSAAVIN
GKLPERTPAMDALRRIRNADPQLIAALYPDQAELFLTMDMMDKQGIDPQVILDADRLTVKRSKEQRFEDDKAFESALNAS
KAPEIARMPASLRESARKIYDSVKYRSGNESMAMEQMTKFLKESTYTFTGDDVDGDTVGVIPKNMMQVNSDPKSWEQGRD
ILEEARKGIIASNPWITNKQLTMYSQGDSIYLMDTTGQVRVRYDKELLSKVWSENQKKLEEKAREKALADVNKRAPIVAA
TKAREAAAKRVREKRKQTPKFIYGRKE
;
A,B,C,D,E,F,G,H
3 'polypeptide(L)'
;MDKYDKNVPSDYDGLFQKAADANGVSYDLLRKVAWTESRFVPTAKSKTGPLGMMQFTKATAKALGLRVTDGPDDDRLNPE
LAINAAAKQLAGLVGKFDGDELKAALAYNQGEGRLGNPQLEAYSKGDFASISEEGRNYMRNLLDVAKSPMAGQLETFGGI
TPKGKGIPAEVGLAGIGHKQKVTQELPESTSFDVKGIEQEATAKPFAKDFWETHGETLDEYNSRSTFFGFKNAAEAELSN
SVAGMAFRAGRLDNGFDVFKDTITPTRWNSHIWTPEELEKIRTEVKNPAYINVVTGGSPENLDDLIKLANENFENDSRAA
EAGLGAKLSAGIIGAGVDPLSYVPMVGVTGKGFKLINKALVVGAESAALNVASEGLRTSVAGGDADYAGAALGGFVFGAG
MSAISDAVAAGLKRSKPEAEFDNEFIGPMMRLEARETARNANSADLSRMNTENMKFEGEHNGVPYEDLPTERGAVVLHDG
SVLSASNPINPKTLKEFSEVDPEKAARGIKLAGFTEIGLKTLGSDDADIRRVAIDLVRSPTGMQSGASGKFGATASDIHE
RLHGTDQRTYNDLYKAMSDAMKDPEFSTGGAKMSREETRYTIYRRAALAIERPELQKALTPSERIVMDIIKRHFDTKREL
MENPAIFGNTKAVSIFPESRHKGTYVPHVYDRHAKALMIQRYGAEGLQEGIARSWMNSYVSRPEVKARVDEMLKELHGVK
EVTPEMVEKYAMDKAYGISHSDQFTNSSIIEENIEGLVGIENNSFLEARNLFDSDLSITMPDGQQFSVNDLRDFDMFRIM
PAYDRRVNGDIAIMGSTGKTTKELKDEILALKAKAEGDGKKTGEVHALMDTVKILTGRARRNQDTVWETSLRAINDLGFF
AKNAYMGAQNITEIAGMIVTGNVRALGHGIPILRDTLYKSKPVSAKELKELHASLFGKEVDQLIRPKRADIVQRLREATD
TGPAVANIVGTLKYSTQELAARSPWTKLLNGTTNYLLDAARQGMLGDVISATLTGKTTRWEKEGFLRGASVTPEQMAGIK
SLIKEHMVRGEDGKFTVKDKQAFSMDPRAMDLWRLADKVADEAMLRPHKVSLQDSHAFGALGKMVMQFKSFTIKSLNSKF
LRTFYDGYKNNRAIDAALSIITSMGLAGGFYAMAAHVKAYALPKEKRKEYLERALDPTMIAHAALSRSSQLGAPLAMVDL
VGGVLGFESSKMARSTILPKDTVKERDPNKPYTSREVMGAMGSNLLEQMPSAGFVANVGATLMNAAGVVNSPNKATEQDF
MTGLMNSTKELVPNDPLTQQLVLKIYEANGVNLRERRK
;
I,J,K,L
#
# COMPACT_ATOMS: atom_id res chain seq x y z
N MET A 1 -12.13 55.25 31.66
CA MET A 1 -10.95 54.73 30.97
C MET A 1 -10.25 55.86 30.23
N CYS A 2 -11.00 56.89 29.87
CA CYS A 2 -10.41 57.99 29.13
C CYS A 2 -9.33 58.64 29.95
N TRP A 3 -9.55 58.78 31.26
CA TRP A 3 -8.59 59.46 32.11
C TRP A 3 -7.22 58.79 32.16
N ALA A 4 -7.19 57.47 32.19
CA ALA A 4 -5.92 56.74 32.23
C ALA A 4 -5.11 56.99 30.98
N ALA A 5 -5.76 57.04 29.84
CA ALA A 5 -5.08 57.37 28.60
C ALA A 5 -4.56 58.77 28.71
N ALA A 6 -5.32 59.64 29.36
CA ALA A 6 -4.86 61.02 29.55
C ALA A 6 -3.58 61.04 30.38
N ILE A 7 -3.51 60.22 31.43
CA ILE A 7 -2.26 60.12 32.21
C ILE A 7 -1.18 59.48 31.35
N PRO A 8 -1.58 58.51 30.52
CA PRO A 8 -0.62 57.87 29.62
C PRO A 8 -0.08 58.88 28.64
N ILE A 9 -0.87 59.92 28.35
CA ILE A 9 -0.47 60.93 27.38
C ILE A 9 0.82 61.58 27.84
N ALA A 10 1.01 61.63 29.15
CA ALA A 10 2.23 62.23 29.69
C ALA A 10 3.49 61.52 29.18
N ILE A 11 3.50 60.20 29.13
CA ILE A 11 4.71 59.52 28.71
C ILE A 11 4.67 59.35 27.21
N SER A 12 5.60 59.98 26.51
CA SER A 12 5.57 59.94 25.06
C SER A 12 6.94 59.62 24.47
N GLY A 13 7.88 60.54 24.58
CA GLY A 13 9.25 60.25 24.15
C GLY A 13 9.86 59.26 25.12
N ALA A 14 9.03 58.62 25.95
CA ALA A 14 9.49 57.64 26.95
C ALA A 14 10.26 58.22 28.14
N GLN A 15 10.02 59.49 28.51
CA GLN A 15 10.70 60.12 29.66
C GLN A 15 10.41 59.48 31.03
N ALA A 16 11.34 59.58 31.99
CA ALA A 16 11.18 58.88 33.30
C ALA A 16 10.75 59.60 34.56
N ILE A 17 10.34 60.87 34.50
CA ILE A 17 9.82 61.51 35.71
C ILE A 17 8.31 61.22 35.74
N SER A 18 7.91 59.99 36.09
CA SER A 18 6.48 59.65 36.00
C SER A 18 6.05 58.58 36.98
N GLY A 19 6.95 58.07 37.81
CA GLY A 19 6.51 57.16 38.86
C GLY A 19 5.62 57.94 39.76
N GLN A 20 5.87 59.24 39.84
CA GLN A 20 5.02 60.09 40.58
C GLN A 20 3.64 59.97 39.96
N ASN A 21 3.52 59.93 38.63
CA ASN A 21 2.17 59.87 38.08
C ASN A 21 1.34 58.62 38.38
N ALA A 22 1.92 57.43 38.23
CA ALA A 22 1.18 56.23 38.57
C ALA A 22 0.86 56.35 40.03
N GLN A 23 1.86 56.81 40.79
CA GLN A 23 1.71 56.72 42.21
C GLN A 23 0.52 57.56 42.58
N ALA A 24 0.51 58.81 42.13
CA ALA A 24 -0.51 59.67 42.70
C ALA A 24 -1.80 59.20 42.27
N LYS A 25 -1.91 58.77 41.02
CA LYS A 25 -3.21 58.29 40.64
C LYS A 25 -3.75 57.05 41.26
N MET A 26 -2.95 56.01 41.47
CA MET A 26 -3.49 54.82 42.13
C MET A 26 -3.91 55.30 43.49
N ILE A 27 -3.13 56.18 44.09
CA ILE A 27 -3.46 56.65 45.43
C ILE A 27 -4.81 57.37 45.49
N ALA A 28 -5.03 58.26 44.54
CA ALA A 28 -6.26 59.02 44.52
C ALA A 28 -7.40 58.10 44.25
N ALA A 29 -7.10 57.12 43.44
CA ALA A 29 -8.06 56.19 42.97
C ALA A 29 -8.59 55.51 44.18
N GLN A 30 -7.68 55.16 45.05
CA GLN A 30 -8.01 54.52 46.30
C GLN A 30 -8.82 55.44 47.17
N THR A 31 -8.49 56.72 47.22
CA THR A 31 -9.28 57.65 48.02
C THR A 31 -10.68 57.69 47.51
N ALA A 32 -10.86 57.76 46.21
CA ALA A 32 -12.21 57.80 45.67
C ALA A 32 -12.94 56.50 45.92
N ALA A 33 -12.28 55.39 45.68
CA ALA A 33 -13.04 54.17 45.79
C ALA A 33 -13.50 54.08 47.16
N GLY A 34 -12.52 54.28 48.02
CA GLY A 34 -12.68 53.89 49.38
C GLY A 34 -13.71 54.78 49.95
N ARG A 35 -13.59 56.05 49.61
CA ARG A 35 -14.42 57.02 50.22
C ARG A 35 -15.82 56.70 49.82
N ARG A 36 -16.05 56.48 48.54
CA ARG A 36 -17.42 56.48 48.05
C ARG A 36 -18.06 55.17 47.68
N GLN A 37 -17.32 54.13 47.37
CA GLN A 37 -18.04 52.92 46.97
C GLN A 37 -18.29 51.89 48.09
N ALA A 38 -18.93 52.31 49.18
CA ALA A 38 -19.17 51.39 50.29
C ALA A 38 -20.36 51.80 51.17
N MET A 39 -20.82 50.92 52.05
CA MET A 39 -21.96 51.22 52.93
C MET A 39 -21.52 51.12 54.38
N GLU A 40 -22.05 51.96 55.26
CA GLU A 40 -21.58 51.96 56.66
C GLU A 40 -22.49 51.40 57.72
N ILE A 41 -23.27 50.38 57.42
CA ILE A 41 -24.04 49.72 58.48
C ILE A 41 -22.93 48.95 59.22
N MET A 42 -23.07 48.69 60.51
CA MET A 42 -21.98 48.06 61.27
C MET A 42 -21.56 46.71 60.72
N ARG A 43 -22.51 45.93 60.21
CA ARG A 43 -22.14 44.67 59.57
C ARG A 43 -21.29 44.93 58.33
N GLN A 44 -20.16 44.24 58.18
CA GLN A 44 -19.27 44.56 57.05
C GLN A 44 -18.61 43.42 56.25
N THR A 45 -17.90 42.53 56.92
CA THR A 45 -17.19 41.40 56.24
C THR A 45 -16.15 41.78 55.21
N ASN A 46 -16.18 41.19 54.02
CA ASN A 46 -15.12 41.44 53.03
C ASN A 46 -15.06 42.85 52.58
N ILE A 47 -16.16 43.57 52.75
CA ILE A 47 -16.16 44.98 52.41
C ILE A 47 -15.13 45.71 53.26
N GLN A 48 -15.03 45.35 54.53
CA GLN A 48 -14.05 45.98 55.39
C GLN A 48 -12.64 45.73 54.89
N ASN A 49 -12.37 44.53 54.40
CA ASN A 49 -11.06 44.24 53.87
C ASN A 49 -10.62 45.17 52.74
N ALA A 50 -11.40 45.26 51.67
CA ALA A 50 -11.06 46.10 50.53
C ALA A 50 -10.92 47.47 51.07
N ASP A 51 -11.72 47.81 52.06
CA ASP A 51 -11.65 49.10 52.63
C ASP A 51 -10.30 49.36 53.22
N LEU A 52 -9.78 48.38 53.95
CA LEU A 52 -8.68 48.58 54.88
C LEU A 52 -7.58 49.13 54.05
N SER A 53 -7.47 48.57 52.88
CA SER A 53 -6.52 49.06 51.90
C SER A 53 -6.74 50.51 51.59
N LEU A 54 -7.98 50.96 51.46
CA LEU A 54 -8.21 52.38 51.17
C LEU A 54 -7.64 53.16 52.37
N GLN A 55 -7.74 52.60 53.58
CA GLN A 55 -7.14 53.14 54.84
C GLN A 55 -5.61 53.24 54.84
N ALA A 56 -4.91 52.21 54.40
CA ALA A 56 -3.49 52.34 54.09
C ALA A 56 -3.35 53.08 52.79
N ARG A 57 -4.39 53.43 52.07
CA ARG A 57 -4.11 54.07 50.76
C ARG A 57 -3.79 55.54 50.74
N SER A 58 -4.18 56.26 51.76
CA SER A 58 -3.79 57.64 51.82
C SER A 58 -2.57 57.48 52.68
N LYS A 59 -2.62 57.92 53.93
CA LYS A 59 -1.51 57.72 54.85
C LYS A 59 -0.25 58.25 54.29
N LEU A 60 0.77 57.42 54.31
CA LEU A 60 2.06 57.87 53.84
C LEU A 60 2.94 56.71 53.39
N GLU A 61 4.06 57.02 52.77
CA GLU A 61 4.99 56.00 52.33
C GLU A 61 5.82 55.80 53.54
N GLU A 62 5.50 56.55 54.59
CA GLU A 62 6.18 56.43 55.88
C GLU A 62 7.29 57.40 56.24
N ALA A 63 7.76 58.21 55.30
CA ALA A 63 8.71 59.24 55.72
C ALA A 63 7.80 60.12 56.57
N SER A 64 6.66 60.37 56.00
CA SER A 64 5.71 61.13 56.72
C SER A 64 5.16 60.31 57.86
N ALA A 65 5.14 58.99 57.79
CA ALA A 65 4.66 58.25 58.96
C ALA A 65 5.55 58.48 60.14
N GLU A 66 6.85 58.49 59.89
CA GLU A 66 7.73 58.79 61.01
C GLU A 66 7.40 60.19 61.47
N LEU A 67 7.23 61.11 60.52
CA LEU A 67 6.99 62.48 60.95
C LEU A 67 5.61 62.70 61.60
N THR A 68 4.60 61.94 61.20
CA THR A 68 3.25 62.14 61.66
C THR A 68 3.10 61.69 63.05
N SER A 69 3.63 60.52 63.27
CA SER A 69 3.45 59.95 64.54
C SER A 69 4.14 60.86 65.51
N GLN A 70 5.32 61.35 65.14
CA GLN A 70 5.99 62.16 66.15
C GLN A 70 5.05 63.28 66.55
N ASN A 71 4.10 63.55 65.69
CA ASN A 71 3.26 64.71 65.77
C ASN A 71 1.90 64.50 66.46
N MET A 72 1.08 63.60 65.91
CA MET A 72 -0.21 63.23 66.43
C MET A 72 -0.06 63.13 67.93
N GLN A 73 1.06 62.59 68.41
CA GLN A 73 1.22 62.59 69.86
C GLN A 73 1.27 63.97 70.50
N LYS A 74 2.05 64.90 69.97
CA LYS A 74 2.16 66.20 70.64
C LYS A 74 0.84 66.93 70.51
N VAL A 75 0.05 66.62 69.50
CA VAL A 75 -1.25 67.20 69.22
C VAL A 75 -2.45 66.59 69.93
N GLN A 76 -2.56 65.27 69.95
CA GLN A 76 -3.75 64.69 70.55
C GLN A 76 -3.81 64.84 72.04
N ALA A 77 -2.71 64.52 72.70
CA ALA A 77 -2.67 64.60 74.14
C ALA A 77 -1.28 64.37 74.68
N ILE A 78 -0.54 63.43 74.08
CA ILE A 78 0.79 63.08 74.57
C ILE A 78 0.75 62.54 75.99
N MET B 1 16.22 56.85 26.57
CA MET B 1 16.53 56.23 25.30
C MET B 1 16.58 57.25 24.20
N CYS B 2 15.86 58.36 24.38
CA CYS B 2 15.81 59.37 23.36
C CYS B 2 17.20 59.93 23.12
N TRP B 3 17.97 60.10 24.20
CA TRP B 3 19.29 60.70 24.07
C TRP B 3 20.25 59.90 23.19
N ALA B 4 20.21 58.59 23.30
CA ALA B 4 21.09 57.73 22.50
C ALA B 4 20.79 57.89 21.02
N ALA B 5 19.52 57.98 20.66
CA ALA B 5 19.16 58.23 19.28
C ALA B 5 19.69 59.58 18.88
N ALA B 6 19.66 60.53 19.82
CA ALA B 6 20.19 61.85 19.52
C ALA B 6 21.68 61.75 19.20
N ILE B 7 22.44 60.96 19.95
CA ILE B 7 23.86 60.73 19.63
C ILE B 7 23.97 59.98 18.32
N PRO B 8 23.06 59.05 18.09
CA PRO B 8 23.05 58.29 16.84
C PRO B 8 22.79 59.24 15.69
N ILE B 9 22.09 60.34 15.94
CA ILE B 9 21.76 61.30 14.90
C ILE B 9 23.02 61.83 14.28
N ALA B 10 24.09 61.87 15.05
CA ALA B 10 25.36 62.35 14.54
C ALA B 10 25.85 61.52 13.35
N ILE B 11 25.74 60.21 13.41
CA ILE B 11 26.25 59.41 12.31
C ILE B 11 25.16 59.23 11.30
N SER B 12 25.35 59.75 10.10
CA SER B 12 24.30 59.69 9.08
C SER B 12 24.83 59.23 7.74
N GLY B 13 25.64 60.05 7.08
CA GLY B 13 26.27 59.63 5.84
C GLY B 13 27.33 58.59 6.17
N ALA B 14 27.36 58.13 7.43
CA ALA B 14 28.43 57.24 7.86
C ALA B 14 29.59 58.12 8.31
N GLN B 15 29.71 58.36 9.63
CA GLN B 15 30.75 59.29 10.12
C GLN B 15 31.92 58.71 10.90
N ALA B 16 33.14 58.93 10.41
CA ALA B 16 34.33 58.42 11.07
C ALA B 16 34.72 59.03 12.41
N ILE B 17 34.64 60.36 12.56
CA ILE B 17 35.10 61.01 13.80
C ILE B 17 34.09 60.89 14.89
N SER B 18 33.76 59.66 15.25
CA SER B 18 32.68 59.45 16.21
C SER B 18 33.00 58.45 17.29
N GLY B 19 34.17 57.86 17.28
CA GLY B 19 34.55 57.00 18.40
C GLY B 19 34.61 57.89 19.60
N GLN B 20 34.92 59.16 19.39
CA GLN B 20 34.90 60.10 20.43
C GLN B 20 33.48 60.11 20.98
N ASN B 21 32.46 60.06 20.13
CA ASN B 21 31.11 60.13 20.69
C ASN B 21 30.67 58.97 21.58
N ALA B 22 30.89 57.73 21.16
CA ALA B 22 30.54 56.61 22.02
C ALA B 22 31.37 56.77 23.26
N GLN B 23 32.63 57.15 23.06
CA GLN B 23 33.52 57.10 24.18
C GLN B 23 33.00 58.05 25.22
N ALA B 24 32.75 59.29 24.81
CA ALA B 24 32.49 60.25 25.85
C ALA B 24 31.25 59.90 26.50
N LYS B 25 30.25 59.47 25.72
CA LYS B 25 29.03 59.12 26.40
C LYS B 25 29.02 57.95 27.32
N MET B 26 29.67 56.84 26.99
CA MET B 26 29.69 55.71 27.93
C MET B 26 30.39 56.25 29.15
N ILE B 27 31.42 57.05 28.95
CA ILE B 27 32.15 57.56 30.10
C ILE B 27 31.28 58.42 31.02
N ALA B 28 30.52 59.32 30.45
CA ALA B 28 29.69 60.19 31.23
C ALA B 28 28.64 59.39 31.92
N ALA B 29 28.22 58.38 31.22
CA ALA B 29 27.15 57.53 31.62
C ALA B 29 27.60 56.93 32.91
N GLN B 30 28.82 56.50 32.91
CA GLN B 30 29.44 55.92 34.08
C GLN B 30 29.55 56.93 35.19
N THR B 31 29.88 58.16 34.89
CA THR B 31 29.95 59.17 35.93
C THR B 31 28.61 59.33 36.56
N ALA B 32 27.56 59.42 35.76
CA ALA B 32 26.22 59.59 36.32
C ALA B 32 25.81 58.36 37.12
N ALA B 33 26.05 57.19 36.57
CA ALA B 33 25.51 56.05 37.28
C ALA B 33 26.16 56.03 38.58
N GLY B 34 27.46 56.14 38.50
CA GLY B 34 28.29 55.79 39.59
C GLY B 34 28.01 56.78 40.65
N ARG B 35 27.94 58.03 40.21
CA ARG B 35 27.85 59.09 41.16
C ARG B 35 26.57 58.91 41.89
N ARG B 36 25.48 58.69 41.16
CA ARG B 36 24.17 58.81 41.78
C ARG B 36 23.38 57.57 42.07
N GLN B 37 23.62 56.46 41.41
CA GLN B 37 22.75 55.32 41.73
C GLN B 37 23.31 54.33 42.78
N ALA B 38 23.65 54.82 43.97
CA ALA B 38 24.21 53.94 44.99
C ALA B 38 24.01 54.50 46.41
N MET B 39 24.26 53.67 47.44
CA MET B 39 24.11 54.10 48.83
C MET B 39 25.43 53.96 49.55
N GLU B 40 25.73 54.86 50.49
CA GLU B 40 27.04 54.84 51.15
C GLU B 40 27.13 54.39 52.58
N ILE B 41 26.31 53.44 53.00
CA ILE B 41 26.48 52.87 54.33
C ILE B 41 27.73 52.02 54.13
N MET B 42 28.52 51.78 55.17
CA MET B 42 29.79 51.06 54.99
C MET B 42 29.63 49.67 54.42
N ARG B 43 28.54 48.98 54.78
CA ARG B 43 28.27 47.67 54.17
C ARG B 43 28.02 47.83 52.68
N GLN B 44 28.66 47.04 51.83
CA GLN B 44 28.51 47.26 50.37
C GLN B 44 28.34 46.04 49.44
N THR B 45 29.26 45.09 49.49
CA THR B 45 29.20 43.90 48.60
C THR B 45 29.24 44.16 47.10
N ASN B 46 28.33 43.55 46.34
CA ASN B 46 28.39 43.67 44.87
C ASN B 46 28.19 45.08 44.39
N ILE B 47 27.59 45.90 45.23
CA ILE B 47 27.44 47.30 44.87
C ILE B 47 28.81 47.94 44.69
N GLN B 48 29.75 47.58 45.55
CA GLN B 48 31.08 48.13 45.41
C GLN B 48 31.72 47.73 44.10
N ASN B 49 31.49 46.50 43.66
CA ASN B 49 32.02 46.08 42.37
C ASN B 49 31.59 46.94 41.20
N ALA B 50 30.29 47.10 40.99
CA ALA B 50 29.77 47.90 39.88
C ALA B 50 30.33 49.24 40.06
N ASP B 51 30.49 49.66 41.29
CA ASP B 51 31.02 50.96 41.54
C ASP B 51 32.40 51.09 40.99
N LEU B 52 33.22 50.08 41.21
CA LEU B 52 34.67 50.18 41.09
C LEU B 52 34.89 50.60 39.68
N SER B 53 34.11 50.02 38.82
CA SER B 53 34.12 50.40 37.42
C SER B 53 33.83 51.86 37.24
N LEU B 54 32.89 52.44 37.98
CA LEU B 54 32.62 53.86 37.83
C LEU B 54 33.90 54.60 38.22
N GLN B 55 34.66 54.07 39.20
CA GLN B 55 36.02 54.56 39.61
C GLN B 55 37.08 54.50 38.53
N ALA B 56 37.21 53.41 37.81
CA ALA B 56 37.99 53.39 36.58
C ALA B 56 37.22 54.10 35.50
N ARG B 57 36.01 54.55 35.70
CA ARG B 57 35.32 55.13 34.53
C ARG B 57 35.62 56.57 34.17
N SER B 58 36.10 57.34 35.11
CA SER B 58 36.50 58.66 34.78
C SER B 58 37.96 58.39 34.53
N LYS B 59 38.83 58.86 35.42
CA LYS B 59 40.25 58.55 35.31
C LYS B 59 40.77 58.96 33.97
N LEU B 60 41.46 58.03 33.34
CA LEU B 60 42.07 58.34 32.06
C LEU B 60 42.29 57.10 31.22
N GLU B 61 42.66 57.29 29.96
CA GLU B 61 42.94 56.17 29.08
C GLU B 61 44.37 55.91 29.37
N GLU B 62 44.94 56.70 30.27
CA GLU B 62 46.32 56.53 30.71
C GLU B 62 47.42 57.39 30.13
N ALA B 63 47.13 58.15 29.07
CA ALA B 63 48.16 59.08 28.62
C ALA B 63 48.17 60.04 29.77
N SER B 64 46.99 60.42 30.16
CA SER B 64 46.88 61.27 31.28
C SER B 64 47.24 60.52 32.54
N ALA B 65 47.10 59.20 32.60
CA ALA B 65 47.54 58.53 33.82
C ALA B 65 49.01 58.69 34.01
N GLU B 66 49.76 58.56 32.93
CA GLU B 66 51.18 58.79 33.07
C GLU B 66 51.36 60.22 33.52
N LEU B 67 50.63 61.14 32.90
CA LEU B 67 50.86 62.54 33.27
C LEU B 67 50.35 62.90 34.67
N THR B 68 49.30 62.23 35.16
CA THR B 68 48.70 62.58 36.42
C THR B 68 49.54 62.17 37.54
N SER B 69 50.01 60.95 37.41
CA SER B 69 50.74 60.41 38.49
C SER B 69 51.97 61.27 38.62
N GLN B 70 52.57 61.62 37.48
CA GLN B 70 53.80 62.39 37.66
C GLN B 70 53.48 63.60 38.52
N ASN B 71 52.22 63.94 38.56
CA ASN B 71 51.76 65.19 39.12
C ASN B 71 51.28 65.12 40.58
N MET B 72 50.26 64.29 40.84
CA MET B 72 49.69 64.06 42.14
C MET B 72 50.86 63.97 43.10
N GLN B 73 51.95 63.33 42.70
CA GLN B 73 53.10 63.33 43.60
C GLN B 73 53.67 64.70 43.91
N LYS B 74 53.89 65.54 42.91
CA LYS B 74 54.53 66.84 43.21
C LYS B 74 53.55 67.70 43.99
N VAL B 75 52.26 67.44 43.85
CA VAL B 75 51.18 68.15 44.53
C VAL B 75 50.81 67.67 45.91
N GLN B 76 50.66 66.37 46.12
CA GLN B 76 50.21 65.92 47.42
C GLN B 76 51.23 66.09 48.50
N ALA B 77 52.45 65.67 48.22
CA ALA B 77 53.50 65.77 49.21
C ALA B 77 54.84 65.41 48.62
N ILE B 78 54.89 64.40 47.77
CA ILE B 78 56.15 63.92 47.19
C ILE B 78 57.09 63.40 48.26
N MET C 1 32.73 55.85 3.13
CA MET C 1 32.03 55.17 2.05
C MET C 1 31.33 56.18 1.16
N CYS C 2 30.98 57.32 1.72
CA CYS C 2 30.27 58.32 0.96
C CYS C 2 31.12 58.77 -0.21
N TRP C 3 32.42 58.92 0.01
CA TRP C 3 33.28 59.42 -1.05
C TRP C 3 33.33 58.53 -2.29
N ALA C 4 33.33 57.22 -2.10
CA ALA C 4 33.37 56.29 -3.23
C ALA C 4 32.13 56.44 -4.08
N ALA C 5 30.97 56.61 -3.45
CA ALA C 5 29.74 56.84 -4.20
C ALA C 5 29.89 58.15 -4.95
N ALA C 6 30.56 59.13 -4.33
CA ALA C 6 30.78 60.39 -5.00
C ALA C 6 31.62 60.18 -6.27
N ILE C 7 32.66 59.35 -6.20
CA ILE C 7 33.43 59.02 -7.39
C ILE C 7 32.56 58.23 -8.36
N PRO C 8 31.72 57.35 -7.83
CA PRO C 8 30.82 56.58 -8.66
C PRO C 8 29.86 57.52 -9.37
N ILE C 9 29.59 58.67 -8.77
CA ILE C 9 28.64 59.62 -9.35
C ILE C 9 29.12 60.05 -10.71
N ALA C 10 30.43 60.03 -10.90
CA ALA C 10 30.98 60.41 -12.19
C ALA C 10 30.47 59.52 -13.33
N ILE C 11 30.40 58.21 -13.12
CA ILE C 11 29.97 57.35 -14.20
C ILE C 11 28.46 57.23 -14.15
N SER C 12 27.78 57.70 -15.18
CA SER C 12 26.31 57.70 -15.16
C SER C 12 25.74 57.16 -16.45
N GLY C 13 25.88 57.92 -17.55
CA GLY C 13 25.44 57.42 -18.84
C GLY C 13 26.40 56.32 -19.28
N ALA C 14 27.24 55.82 -18.37
CA ALA C 14 28.23 54.77 -18.67
C ALA C 14 29.43 55.14 -19.58
N GLN C 15 29.95 56.37 -19.47
CA GLN C 15 31.11 56.81 -20.28
C GLN C 15 32.48 56.22 -19.87
N ALA C 16 33.43 56.12 -20.79
CA ALA C 16 34.73 55.45 -20.51
C ALA C 16 35.97 56.26 -20.16
N ILE C 17 35.86 57.57 -19.98
CA ILE C 17 37.05 58.32 -19.52
C ILE C 17 37.04 58.29 -17.99
N SER C 18 37.37 57.14 -17.37
CA SER C 18 37.27 57.04 -15.92
C SER C 18 38.21 56.04 -15.30
N GLY C 19 39.04 55.37 -16.09
CA GLY C 19 40.06 54.52 -15.50
C GLY C 19 40.97 55.41 -14.75
N GLN C 20 41.09 56.65 -15.21
CA GLN C 20 41.84 57.63 -14.50
C GLN C 20 41.22 57.74 -13.12
N ASN C 21 39.89 57.75 -13.01
CA ASN C 21 39.33 57.93 -11.68
C ASN C 21 39.58 56.83 -10.65
N ALA C 22 39.41 55.56 -11.02
CA ALA C 22 39.72 54.49 -10.10
C ALA C 22 41.19 54.63 -9.80
N GLN C 23 41.96 54.91 -10.84
CA GLN C 23 43.38 54.82 -10.66
C GLN C 23 43.76 55.83 -9.63
N ALA C 24 43.35 57.07 -9.82
CA ALA C 24 43.92 58.08 -8.97
C ALA C 24 43.48 57.83 -7.61
N LYS C 25 42.21 57.46 -7.44
CA LYS C 25 41.81 57.21 -6.08
C LYS C 25 42.41 56.06 -5.34
N MET C 26 42.61 54.90 -5.96
CA MET C 26 43.23 53.80 -5.22
C MET C 26 44.60 54.30 -4.88
N ILE C 27 45.22 55.04 -5.80
CA ILE C 27 46.57 55.52 -5.52
C ILE C 27 46.63 56.47 -4.32
N ALA C 28 45.71 57.40 -4.25
CA ALA C 28 45.69 58.34 -3.16
C ALA C 28 45.41 57.63 -1.89
N ALA C 29 44.58 56.64 -2.03
CA ALA C 29 44.07 55.88 -0.94
C ALA C 29 45.27 55.28 -0.29
N GLN C 30 46.13 54.76 -1.12
CA GLN C 30 47.36 54.17 -0.69
C GLN C 30 48.27 55.18 -0.04
N THR C 31 48.33 56.39 -0.57
CA THR C 31 49.16 57.41 0.06
C THR C 31 48.65 57.70 1.44
N ALA C 32 47.33 57.84 1.59
CA ALA C 32 46.78 58.10 2.92
C ALA C 32 47.01 56.93 3.85
N ALA C 33 46.75 55.74 3.38
CA ALA C 33 46.83 54.65 4.32
C ALA C 33 48.20 54.62 4.80
N GLY C 34 49.07 54.63 3.82
CA GLY C 34 50.42 54.24 4.05
C GLY C 34 50.99 55.29 4.93
N ARG C 35 50.67 56.52 4.59
CA ARG C 35 51.32 57.61 5.26
C ARG C 35 50.90 57.53 6.69
N ARG C 36 49.61 57.38 6.94
CA ARG C 36 49.12 57.61 8.29
C ARG C 36 48.72 56.42 9.14
N GLN C 37 48.39 55.29 8.58
CA GLN C 37 47.96 54.22 9.48
C GLN C 37 49.05 53.22 9.90
N ALA C 38 50.15 53.72 10.48
CA ALA C 38 51.24 52.83 10.88
C ALA C 38 52.11 53.42 11.99
N MET C 39 52.97 52.61 12.60
CA MET C 39 53.86 53.07 13.67
C MET C 39 55.30 52.86 13.28
N GLU C 40 56.20 53.77 13.67
CA GLU C 40 57.60 53.66 13.22
C GLU C 40 58.65 53.23 14.21
N ILE C 41 58.32 52.36 15.16
CA ILE C 41 59.35 51.82 16.02
C ILE C 41 60.09 50.87 15.06
N MET C 42 61.37 50.60 15.27
CA MET C 42 62.13 49.80 14.30
C MET C 42 61.55 48.40 14.10
N ARG C 43 61.00 47.79 15.16
CA ARG C 43 60.35 46.50 14.99
C ARG C 43 59.12 46.64 14.10
N GLN C 44 58.96 45.78 13.10
CA GLN C 44 57.85 45.98 12.16
C GLN C 44 57.03 44.76 11.70
N THR C 45 57.68 43.74 11.14
CA THR C 45 56.98 42.54 10.63
C THR C 45 55.96 42.76 9.52
N ASN C 46 54.76 42.21 9.64
CA ASN C 46 53.78 42.28 8.55
C ASN C 46 53.35 43.69 8.25
N ILE C 47 53.54 44.58 9.22
CA ILE C 47 53.23 45.96 8.98
C ILE C 47 54.10 46.50 7.85
N GLN C 48 55.36 46.11 7.82
CA GLN C 48 56.24 46.56 6.76
C GLN C 48 55.75 46.08 5.41
N ASN C 49 55.23 44.87 5.34
CA ASN C 49 54.70 44.37 4.08
C ASN C 49 53.59 45.24 3.48
N ALA C 50 52.52 45.47 4.23
CA ALA C 50 51.40 46.27 3.75
C ALA C 50 51.97 47.59 3.39
N ASP C 51 52.96 48.02 4.13
CA ASP C 51 53.56 49.29 3.86
C ASP C 51 54.17 49.31 2.50
N LEU C 52 54.88 48.24 2.14
CA LEU C 52 55.81 48.24 1.04
C LEU C 52 55.01 48.62 -0.15
N SER C 53 53.82 48.06 -0.18
CA SER C 53 52.86 48.41 -1.21
C SER C 53 52.59 49.89 -1.23
N LEU C 54 52.45 50.54 -0.08
CA LEU C 54 52.19 51.98 -0.09
C LEU C 54 53.41 52.63 -0.76
N GLN C 55 54.62 52.07 -0.56
CA GLN C 55 55.88 52.47 -1.25
C GLN C 55 55.89 52.32 -2.76
N ALA C 56 55.44 51.20 -3.30
CA ALA C 56 55.13 51.11 -4.70
C ALA C 56 53.86 51.83 -4.98
N ARG C 57 53.14 52.37 -4.02
CA ARG C 57 51.85 52.97 -4.41
C ARG C 57 51.86 54.38 -4.97
N SER C 58 52.89 55.13 -4.69
CA SER C 58 52.99 56.42 -5.31
C SER C 58 53.85 56.04 -6.48
N LYS C 59 55.10 56.47 -6.48
CA LYS C 59 56.03 56.06 -7.54
C LYS C 59 55.48 56.39 -8.87
N LEU C 60 55.49 55.40 -9.75
CA LEU C 60 55.04 55.65 -11.10
C LEU C 60 54.57 54.37 -11.78
N GLU C 61 53.95 54.51 -12.95
CA GLU C 61 53.51 53.35 -13.69
C GLU C 61 54.70 53.00 -14.46
N GLU C 62 55.77 53.76 -14.27
CA GLU C 62 57.07 53.51 -14.92
C GLU C 62 57.45 54.27 -16.16
N ALA C 63 56.53 55.02 -16.76
CA ALA C 63 56.97 55.87 -17.86
C ALA C 63 57.85 56.86 -17.11
N SER C 64 57.27 57.31 -16.02
CA SER C 64 58.01 58.20 -15.21
C SER C 64 59.13 57.46 -14.53
N ALA C 65 59.03 56.16 -14.29
CA ALA C 65 60.17 55.50 -13.68
C ALA C 65 61.36 55.54 -14.59
N GLU C 66 61.13 55.34 -15.87
CA GLU C 66 62.25 55.47 -16.77
C GLU C 66 62.74 56.89 -16.67
N LEU C 67 61.82 57.85 -16.68
CA LEU C 67 62.28 59.24 -16.66
C LEU C 67 62.92 59.66 -15.33
N THR C 68 62.49 59.09 -14.21
CA THR C 68 62.96 59.50 -12.91
C THR C 68 64.33 59.06 -12.67
N SER C 69 64.53 57.81 -13.01
CA SER C 69 65.79 57.24 -12.72
C SER C 69 66.77 58.02 -13.54
N GLN C 70 66.42 58.31 -14.78
CA GLN C 70 67.45 58.98 -15.58
C GLN C 70 67.88 60.23 -14.82
N ASN C 71 67.01 60.67 -13.94
CA ASN C 71 67.12 61.95 -13.30
C ASN C 71 67.79 61.96 -11.92
N MET C 72 67.23 61.21 -10.97
CA MET C 72 67.73 61.05 -9.63
C MET C 72 69.23 60.90 -9.75
N GLN C 73 69.70 60.17 -10.76
CA GLN C 73 71.14 60.11 -10.91
C GLN C 73 71.83 61.45 -11.18
N LYS C 74 71.31 62.25 -12.11
CA LYS C 74 72.02 63.50 -12.42
C LYS C 74 71.90 64.45 -11.25
N VAL C 75 70.87 64.29 -10.42
CA VAL C 75 70.59 65.07 -9.24
C VAL C 75 71.29 64.66 -7.95
N GLN C 76 71.28 63.37 -7.62
CA GLN C 76 71.85 62.98 -6.34
C GLN C 76 73.36 63.11 -6.30
N ALA C 77 74.01 62.60 -7.33
CA ALA C 77 75.45 62.65 -7.36
C ALA C 77 75.99 62.18 -8.69
N ILE C 78 75.38 61.15 -9.27
CA ILE C 78 75.87 60.56 -10.52
C ILE C 78 77.27 60.00 -10.38
N MET D 1 27.83 52.82 -25.14
CA MET D 1 26.55 52.19 -25.35
C MET D 1 25.47 53.23 -25.58
N CYS D 2 25.67 54.42 -25.05
CA CYS D 2 24.66 55.46 -25.19
C CYS D 2 24.46 55.78 -26.65
N TRP D 3 25.54 55.80 -27.43
CA TRP D 3 25.42 56.17 -28.82
C TRP D 3 24.53 55.25 -29.64
N ALA D 4 24.61 53.95 -29.39
CA ALA D 4 23.80 52.98 -30.12
C ALA D 4 22.32 53.21 -29.88
N ALA D 5 21.97 53.52 -28.64
CA ALA D 5 20.58 53.84 -28.33
C ALA D 5 20.22 55.10 -29.08
N ALA D 6 21.16 56.03 -29.19
CA ALA D 6 20.91 57.25 -29.95
C ALA D 6 20.60 56.90 -31.41
N ILE D 7 21.33 55.98 -32.01
CA ILE D 7 21.01 55.53 -33.37
C ILE D 7 19.69 54.80 -33.36
N PRO D 8 19.44 54.03 -32.32
CA PRO D 8 18.17 53.32 -32.20
C PRO D 8 17.04 54.31 -32.12
N ILE D 9 17.31 55.52 -31.61
CA ILE D 9 16.29 56.54 -31.44
C ILE D 9 15.68 56.86 -32.79
N ALA D 10 16.46 56.71 -33.84
CA ALA D 10 15.96 56.99 -35.18
C ALA D 10 14.76 56.11 -35.54
N ILE D 11 14.80 54.83 -35.20
CA ILE D 11 13.69 53.97 -35.59
C ILE D 11 12.65 53.99 -34.49
N SER D 12 11.47 54.50 -34.78
CA SER D 12 10.45 54.64 -33.74
C SER D 12 9.10 54.12 -34.20
N GLY D 13 8.47 54.81 -35.13
CA GLY D 13 7.22 54.32 -35.69
C GLY D 13 7.54 53.11 -36.57
N ALA D 14 8.77 52.59 -36.47
CA ALA D 14 9.26 51.51 -37.33
C ALA D 14 9.66 52.12 -38.68
N GLN D 15 10.93 52.48 -38.84
CA GLN D 15 11.37 53.18 -40.06
C GLN D 15 12.23 52.41 -41.06
N ALA D 16 11.78 52.35 -42.30
CA ALA D 16 12.51 51.64 -43.35
C ALA D 16 13.85 52.18 -43.81
N ILE D 17 13.98 53.50 -43.99
CA ILE D 17 15.23 54.07 -44.54
C ILE D 17 16.32 54.10 -43.51
N SER D 18 16.67 52.93 -43.01
CA SER D 18 17.61 52.88 -41.89
C SER D 18 18.68 51.82 -42.03
N GLY D 19 18.66 51.04 -43.11
CA GLY D 19 19.77 50.12 -43.32
C GLY D 19 20.99 50.94 -43.52
N GLN D 20 20.81 52.15 -44.03
CA GLN D 20 21.87 53.07 -44.16
C GLN D 20 22.41 53.30 -42.76
N ASN D 21 21.54 53.44 -41.74
CA ASN D 21 22.11 53.72 -40.43
C ASN D 21 22.97 52.64 -39.78
N ALA D 22 22.52 51.38 -39.81
CA ALA D 22 23.36 50.32 -39.27
C ALA D 22 24.60 50.32 -40.10
N GLN D 23 24.42 50.48 -41.40
CA GLN D 23 25.55 50.26 -42.27
C GLN D 23 26.60 51.27 -41.89
N ALA D 24 26.22 52.54 -41.86
CA ALA D 24 27.27 53.51 -41.76
C ALA D 24 27.92 53.36 -40.46
N LYS D 25 27.12 53.12 -39.42
CA LYS D 25 27.78 52.96 -38.15
C LYS D 25 28.67 51.78 -37.94
N MET D 26 28.33 50.59 -38.41
CA MET D 26 29.25 49.45 -38.22
C MET D 26 30.48 49.84 -38.99
N ILE D 27 30.30 50.48 -40.14
CA ILE D 27 31.46 50.84 -40.94
C ILE D 27 32.40 51.81 -40.22
N ALA D 28 31.84 52.84 -39.61
CA ALA D 28 32.64 53.80 -38.93
C ALA D 28 33.31 53.18 -37.75
N ALA D 29 32.58 52.26 -37.18
CA ALA D 29 32.96 51.61 -35.99
C ALA D 29 34.24 50.91 -36.31
N GLN D 30 34.23 50.27 -37.46
CA GLN D 30 35.39 49.58 -37.95
C GLN D 30 36.53 50.53 -38.21
N THR D 31 36.26 51.70 -38.75
CA THR D 31 37.32 52.66 -38.98
C THR D 31 37.94 53.04 -37.68
N ALA D 32 37.13 53.32 -36.66
CA ALA D 32 37.70 53.68 -35.37
C ALA D 32 38.46 52.53 -34.76
N ALA D 33 37.89 51.35 -34.80
CA ALA D 33 38.57 50.30 -34.08
C ALA D 33 39.88 50.15 -34.70
N GLY D 34 39.80 50.04 -36.00
CA GLY D 34 40.89 49.53 -36.75
C GLY D 34 41.97 50.54 -36.63
N ARG D 35 41.57 51.79 -36.77
CA ARG D 35 42.53 52.83 -36.85
C ARG D 35 43.25 52.84 -35.53
N ARG D 36 42.51 52.82 -34.44
CA ARG D 36 43.12 53.16 -33.16
C ARG D 36 43.38 52.05 -32.17
N GLN D 37 42.70 50.94 -32.23
CA GLN D 37 42.99 49.95 -31.19
C GLN D 37 44.02 48.86 -31.57
N ALA D 38 45.22 49.26 -31.97
CA ALA D 38 46.24 48.29 -32.37
C ALA D 38 47.67 48.83 -32.25
N MET D 39 48.67 47.96 -32.36
CA MET D 39 50.07 48.37 -32.26
C MET D 39 50.80 48.00 -33.54
N GLU D 40 51.75 48.83 -33.98
CA GLU D 40 52.42 48.57 -35.26
C GLU D 40 53.85 48.08 -35.25
N ILE D 41 54.23 47.28 -34.28
CA ILE D 41 55.55 46.67 -34.34
C ILE D 41 55.35 45.62 -35.44
N MET D 42 56.40 45.23 -36.18
CA MET D 42 56.20 44.32 -37.32
C MET D 42 55.60 42.98 -36.91
N ARG D 43 55.93 42.48 -35.73
CA ARG D 43 55.30 41.25 -35.26
C ARG D 43 53.81 41.47 -35.04
N GLN D 44 52.95 40.60 -35.56
CA GLN D 44 51.50 40.87 -35.45
C GLN D 44 50.54 39.72 -35.09
N THR D 45 50.57 38.62 -35.85
CA THR D 45 49.66 37.48 -35.61
C THR D 45 48.17 37.76 -35.70
N ASN D 46 47.38 37.33 -34.71
CA ASN D 46 45.92 37.48 -34.81
C ASN D 46 45.47 38.89 -34.85
N ILE D 47 46.32 39.79 -34.38
CA ILE D 47 45.99 41.20 -34.46
C ILE D 47 45.84 41.61 -35.91
N GLN D 48 46.69 41.09 -36.79
CA GLN D 48 46.58 41.40 -38.20
C GLN D 48 45.26 40.94 -38.77
N ASN D 49 44.79 39.78 -38.34
CA ASN D 49 43.50 39.29 -38.80
C ASN D 49 42.33 40.24 -38.53
N ALA D 50 42.13 40.61 -37.27
CA ALA D 50 41.02 41.49 -36.90
C ALA D 50 41.23 42.74 -37.68
N ASP D 51 42.47 43.10 -37.89
CA ASP D 51 42.76 44.29 -38.63
C ASP D 51 42.22 44.20 -40.01
N LEU D 52 42.43 43.06 -40.66
CA LEU D 52 42.31 42.92 -42.10
C LEU D 52 40.92 43.33 -42.40
N SER D 53 40.03 42.90 -41.54
CA SER D 53 38.65 43.30 -41.63
C SER D 53 38.50 44.80 -41.58
N LEU D 54 39.24 45.50 -40.74
CA LEU D 54 39.12 46.96 -40.72
C LEU D 54 39.53 47.46 -42.10
N GLN D 55 40.50 46.80 -42.75
CA GLN D 55 40.93 47.05 -44.16
C GLN D 55 39.86 46.83 -45.22
N ALA D 56 39.11 45.75 -45.17
CA ALA D 56 37.89 45.63 -45.96
C ALA D 56 36.83 46.48 -45.31
N ARG D 57 37.02 47.11 -44.19
CA ARG D 57 35.87 47.83 -43.62
C ARG D 57 35.53 49.20 -44.15
N SER D 58 36.49 49.86 -44.75
CA SER D 58 36.19 51.11 -45.36
C SER D 58 35.96 50.61 -46.77
N LYS D 59 36.85 50.91 -47.69
CA LYS D 59 36.74 50.37 -49.04
C LYS D 59 35.42 50.70 -49.63
N LEU D 60 34.77 49.69 -50.16
CA LEU D 60 33.50 49.93 -50.82
C LEU D 60 32.64 48.69 -50.85
N GLU D 61 31.39 48.84 -51.27
CA GLU D 61 30.49 47.69 -51.37
C GLU D 61 30.78 47.21 -52.72
N GLU D 62 31.70 47.87 -53.40
CA GLU D 62 32.14 47.47 -54.74
C GLU D 62 31.57 48.15 -55.96
N ALA D 63 30.54 48.96 -55.81
CA ALA D 63 30.10 49.72 -56.98
C ALA D 63 31.29 50.64 -57.15
N SER D 64 31.67 51.19 -56.03
CA SER D 64 32.81 52.03 -56.06
C SER D 64 34.05 51.21 -56.28
N ALA D 65 34.09 49.94 -55.93
CA ALA D 65 35.30 49.18 -56.23
C ALA D 65 35.50 49.08 -57.71
N GLU D 66 34.42 48.86 -58.44
CA GLU D 66 34.57 48.84 -59.87
C GLU D 66 35.06 50.22 -60.29
N LEU D 67 34.45 51.26 -59.73
CA LEU D 67 34.84 52.59 -60.18
C LEU D 67 36.25 53.00 -59.73
N THR D 68 36.73 52.51 -58.59
CA THR D 68 37.98 52.92 -58.03
C THR D 68 39.10 52.36 -58.78
N SER D 69 38.95 51.09 -59.04
CA SER D 69 40.01 50.41 -59.67
C SER D 69 40.17 51.05 -61.01
N GLN D 70 39.05 51.33 -61.68
CA GLN D 70 39.25 51.87 -63.01
C GLN D 70 40.14 53.10 -62.90
N ASN D 71 40.17 53.65 -61.71
CA ASN D 71 40.76 54.94 -61.45
C ASN D 71 42.21 54.93 -60.95
N MET D 72 42.44 54.27 -59.81
CA MET D 72 43.73 54.11 -59.20
C MET D 72 44.70 53.80 -60.33
N GLN D 73 44.29 53.00 -61.30
CA GLN D 73 45.20 52.80 -62.42
C GLN D 73 45.56 54.06 -63.21
N LYS D 74 44.57 54.86 -63.59
CA LYS D 74 44.90 56.03 -64.41
C LYS D 74 45.69 57.02 -63.59
N VAL D 75 45.53 56.99 -62.28
CA VAL D 75 46.22 57.85 -61.32
C VAL D 75 47.60 57.41 -60.86
N GLN D 76 47.77 56.14 -60.50
CA GLN D 76 49.06 55.74 -59.96
C GLN D 76 50.15 55.74 -60.99
N ALA D 77 49.86 55.13 -62.13
CA ALA D 77 50.86 55.03 -63.17
C ALA D 77 50.29 54.46 -64.44
N ILE D 78 49.40 53.48 -64.33
CA ILE D 78 48.83 52.80 -65.50
C ILE D 78 49.90 52.11 -66.33
N MET E 1 4.46 49.59 -41.47
CA MET E 1 3.36 49.07 -40.68
C MET E 1 2.49 50.19 -40.16
N CYS E 2 3.07 51.36 -40.00
CA CYS E 2 2.33 52.49 -39.46
C CYS E 2 1.17 52.81 -40.39
N TRP E 3 1.39 52.73 -41.70
CA TRP E 3 0.36 53.10 -42.64
C TRP E 3 -0.91 52.25 -42.55
N ALA E 4 -0.73 50.96 -42.34
CA ALA E 4 -1.89 50.06 -42.23
C ALA E 4 -2.74 50.41 -41.04
N ALA E 5 -2.12 50.76 -39.92
CA ALA E 5 -2.87 51.21 -38.77
C ALA E 5 -3.59 52.49 -39.13
N ALA E 6 -2.95 53.33 -39.94
CA ALA E 6 -3.58 54.55 -40.37
C ALA E 6 -4.85 54.23 -41.17
N ILE E 7 -4.79 53.25 -42.06
CA ILE E 7 -6.00 52.81 -42.77
C ILE E 7 -6.98 52.19 -41.81
N PRO E 8 -6.47 51.47 -40.82
CA PRO E 8 -7.33 50.86 -39.81
C PRO E 8 -8.02 51.96 -39.02
N ILE E 9 -7.40 53.13 -38.94
CA ILE E 9 -7.96 54.24 -38.17
C ILE E 9 -9.31 54.60 -38.73
N ALA E 10 -9.50 54.37 -40.02
CA ALA E 10 -10.77 54.68 -40.64
C ALA E 10 -11.93 53.90 -40.00
N ILE E 11 -11.75 52.63 -39.70
CA ILE E 11 -12.85 51.87 -39.15
C ILE E 11 -12.81 52.00 -37.64
N SER E 12 -13.83 52.60 -37.06
CA SER E 12 -13.82 52.84 -35.62
C SER E 12 -15.13 52.43 -34.96
N GLY E 13 -16.21 53.17 -35.24
CA GLY E 13 -17.51 52.78 -34.73
C GLY E 13 -17.97 51.54 -35.50
N ALA E 14 -17.05 50.89 -36.21
CA ALA E 14 -17.34 49.68 -37.01
C ALA E 14 -18.17 49.93 -38.28
N GLN E 15 -18.11 51.11 -38.88
CA GLN E 15 -18.86 51.41 -40.11
C GLN E 15 -18.45 50.58 -41.34
N ALA E 16 -19.37 50.36 -42.29
CA ALA E 16 -19.09 49.47 -43.45
C ALA E 16 -18.77 50.00 -44.83
N ILE E 17 -18.54 51.30 -45.01
CA ILE E 17 -18.10 51.77 -46.32
C ILE E 17 -16.57 51.70 -46.32
N SER E 18 -15.98 50.50 -46.46
CA SER E 18 -14.54 50.39 -46.31
C SER E 18 -13.93 49.24 -47.08
N GLY E 19 -14.74 48.46 -47.78
CA GLY E 19 -14.16 47.44 -48.65
C GLY E 19 -13.38 48.15 -49.70
N GLN E 20 -13.81 49.37 -50.01
CA GLN E 20 -13.08 50.19 -50.91
C GLN E 20 -11.71 50.39 -50.30
N ASN E 21 -11.60 50.61 -48.99
CA ASN E 21 -10.26 50.85 -48.45
C ASN E 21 -9.26 49.69 -48.52
N ALA E 22 -9.67 48.49 -48.15
CA ALA E 22 -8.75 47.36 -48.27
C ALA E 22 -8.44 47.25 -49.73
N GLN E 23 -9.48 47.41 -50.55
CA GLN E 23 -9.30 47.09 -51.93
C GLN E 23 -8.23 48.01 -52.46
N ALA E 24 -8.40 49.30 -52.26
CA ALA E 24 -7.52 50.19 -52.99
C ALA E 24 -6.17 49.98 -52.49
N LYS E 25 -6.02 49.82 -51.18
CA LYS E 25 -4.67 49.62 -50.73
C LYS E 25 -3.95 48.37 -51.12
N MET E 26 -4.59 47.20 -51.14
CA MET E 26 -3.87 46.00 -51.56
C MET E 26 -3.51 46.27 -53.01
N ILE E 27 -4.41 46.91 -53.74
CA ILE E 27 -4.13 47.16 -55.14
C ILE E 27 -2.90 48.05 -55.35
N ALA E 28 -2.82 49.12 -54.60
CA ALA E 28 -1.71 50.03 -54.72
C ALA E 28 -0.46 49.36 -54.31
N ALA E 29 -0.62 48.51 -53.34
CA ALA E 29 0.45 47.83 -52.70
C ALA E 29 1.10 47.02 -53.79
N GLN E 30 0.25 46.39 -54.56
CA GLN E 30 0.69 45.60 -55.66
C GLN E 30 1.37 46.44 -56.71
N THR E 31 0.86 47.62 -56.98
CA THR E 31 1.52 48.49 -57.96
C THR E 31 2.89 48.82 -57.48
N ALA E 32 3.04 49.17 -56.21
CA ALA E 32 4.38 49.50 -55.71
C ALA E 32 5.29 48.29 -55.73
N ALA E 33 4.78 47.16 -55.28
CA ALA E 33 5.71 46.06 -55.16
C ALA E 33 6.20 45.79 -56.51
N GLY E 34 5.22 45.68 -57.38
CA GLY E 34 5.45 45.07 -58.64
C GLY E 34 6.35 45.99 -59.38
N ARG E 35 6.04 47.26 -59.27
CA ARG E 35 6.73 48.21 -60.08
C ARG E 35 8.16 48.19 -59.64
N ARG E 36 8.40 48.24 -58.34
CA ARG E 36 9.74 48.52 -57.88
C ARG E 36 10.56 47.41 -57.28
N GLN E 37 9.98 46.35 -56.78
CA GLN E 37 10.85 45.36 -56.17
C GLN E 37 11.27 44.17 -57.08
N ALA E 38 11.87 44.47 -58.24
CA ALA E 38 12.25 43.41 -59.15
C ALA E 38 13.38 43.82 -60.10
N MET E 39 13.97 42.87 -60.81
CA MET E 39 15.07 43.17 -61.76
C MET E 39 14.66 42.72 -63.15
N GLU E 40 15.07 43.45 -64.18
CA GLU E 40 14.64 43.13 -65.55
C GLU E 40 15.63 42.52 -66.51
N ILE E 41 16.55 41.69 -66.03
CA ILE E 41 17.41 40.98 -66.95
C ILE E 41 16.43 39.93 -67.52
N MET E 42 16.64 39.45 -68.75
CA MET E 42 15.66 38.56 -69.37
C MET E 42 15.43 37.27 -68.58
N ARG E 43 16.47 36.75 -67.93
CA ARG E 43 16.28 35.59 -67.07
C ARG E 43 15.38 35.94 -65.89
N GLN E 44 14.36 35.14 -65.59
CA GLN E 44 13.42 35.53 -64.53
C GLN E 44 12.93 34.48 -63.54
N THR E 45 12.36 33.38 -64.01
CA THR E 45 11.81 32.33 -63.13
C THR E 45 10.70 32.73 -62.17
N ASN E 46 10.80 32.37 -60.90
CA ASN E 46 9.70 32.64 -59.95
C ASN E 46 9.45 34.10 -59.76
N ILE E 47 10.42 34.93 -60.08
CA ILE E 47 10.21 36.35 -60.01
C ILE E 47 9.10 36.75 -60.96
N GLN E 48 9.07 36.16 -62.14
CA GLN E 48 8.02 36.47 -63.09
C GLN E 48 6.66 36.11 -62.54
N ASN E 49 6.56 35.00 -61.84
CA ASN E 49 5.29 34.63 -61.23
C ASN E 49 4.71 35.68 -60.29
N ALA E 50 5.45 36.08 -59.27
CA ALA E 50 4.99 37.06 -58.31
C ALA E 50 4.65 38.27 -59.08
N ASP E 51 5.41 38.53 -60.13
CA ASP E 51 5.17 39.67 -60.93
C ASP E 51 3.81 39.61 -61.54
N LEU E 52 3.43 38.46 -62.07
CA LEU E 52 2.33 38.32 -63.00
C LEU E 52 1.15 38.84 -62.28
N SER E 53 1.11 38.50 -61.02
CA SER E 53 0.08 39.02 -60.14
C SER E 53 0.09 40.53 -60.11
N LEU E 54 1.24 41.17 -60.08
CA LEU E 54 1.26 42.63 -60.06
C LEU E 54 0.61 43.08 -61.37
N GLN E 55 0.81 42.33 -62.47
CA GLN E 55 0.15 42.53 -63.80
C GLN E 55 -1.37 42.40 -63.79
N ALA E 56 -1.93 41.39 -63.16
CA ALA E 56 -3.35 41.38 -62.86
C ALA E 56 -3.61 42.31 -61.72
N ARG E 57 -2.66 42.93 -61.09
CA ARG E 57 -3.03 43.75 -59.93
C ARG E 57 -3.57 45.15 -60.17
N SER E 58 -3.26 45.72 -61.31
CA SER E 58 -3.85 46.98 -61.63
C SER E 58 -5.02 46.49 -62.41
N LYS E 59 -5.01 46.70 -63.72
CA LYS E 59 -6.07 46.17 -64.57
C LYS E 59 -7.41 46.61 -64.11
N LEU E 60 -8.30 45.65 -63.97
CA LEU E 60 -9.65 46.00 -63.57
C LEU E 60 -10.35 44.83 -62.90
N GLU E 61 -11.52 45.09 -62.33
CA GLU E 61 -12.30 44.02 -61.70
C GLU E 61 -13.07 43.50 -62.83
N GLU E 62 -12.85 44.07 -64.01
CA GLU E 62 -13.50 43.62 -65.25
C GLU E 62 -14.72 44.34 -65.77
N ALA E 63 -15.31 45.24 -65.00
CA ALA E 63 -16.40 46.02 -65.58
C ALA E 63 -15.62 46.85 -66.59
N SER E 64 -14.52 47.37 -66.09
CA SER E 64 -13.69 48.10 -66.96
C SER E 64 -13.01 47.17 -67.93
N ALA E 65 -12.80 45.91 -67.62
CA ALA E 65 -12.20 45.04 -68.62
C ALA E 65 -13.09 44.92 -69.81
N GLU E 66 -14.39 44.78 -69.57
CA GLU E 66 -15.29 44.74 -70.70
C GLU E 66 -15.15 46.07 -71.41
N LEU E 67 -15.14 47.16 -70.67
CA LEU E 67 -15.08 48.45 -71.35
C LEU E 67 -13.75 48.74 -72.04
N THR E 68 -12.64 48.22 -71.53
CA THR E 68 -11.34 48.53 -72.03
C THR E 68 -11.10 47.85 -73.31
N SER E 69 -11.46 46.61 -73.31
CA SER E 69 -11.18 45.83 -74.45
C SER E 69 -11.96 46.44 -75.56
N GLN E 70 -13.21 46.81 -75.28
CA GLN E 70 -13.98 47.32 -76.41
C GLN E 70 -13.20 48.47 -77.02
N ASN E 71 -12.32 49.03 -76.24
CA ASN E 71 -11.64 50.27 -76.54
C ASN E 71 -10.26 50.13 -77.20
N MET E 72 -9.34 49.47 -76.51
CA MET E 72 -8.00 49.20 -76.96
C MET E 72 -8.11 48.80 -78.42
N GLN E 73 -9.13 48.03 -78.77
CA GLN E 73 -9.28 47.73 -80.19
C GLN E 73 -9.51 48.95 -81.09
N LYS E 74 -10.43 49.85 -80.72
CA LYS E 74 -10.71 50.97 -81.62
C LYS E 74 -9.52 51.90 -81.64
N VAL E 75 -8.70 51.89 -80.60
CA VAL E 75 -7.50 52.69 -80.45
C VAL E 75 -6.22 52.14 -81.05
N GLN E 76 -5.91 50.87 -80.82
CA GLN E 76 -4.65 50.36 -81.32
C GLN E 76 -4.59 50.25 -82.82
N ALA E 77 -5.63 49.65 -83.39
CA ALA E 77 -5.65 49.46 -84.82
C ALA E 77 -6.99 48.93 -85.29
N ILE E 78 -7.59 48.02 -84.53
CA ILE E 78 -8.85 47.40 -84.92
C ILE E 78 -8.72 46.62 -86.20
N MET F 1 -23.89 48.00 -36.39
CA MET F 1 -24.12 47.58 -35.02
C MET F 1 -24.33 48.79 -34.12
N CYS F 2 -23.77 49.92 -34.51
CA CYS F 2 -23.88 51.12 -33.70
C CYS F 2 -25.35 51.50 -33.56
N TRP F 3 -26.11 51.36 -34.63
CA TRP F 3 -27.51 51.77 -34.60
C TRP F 3 -28.36 51.02 -33.58
N ALA F 4 -28.13 49.72 -33.44
CA ALA F 4 -28.89 48.92 -32.49
C ALA F 4 -28.63 49.39 -31.06
N ALA F 5 -27.39 49.73 -30.76
CA ALA F 5 -27.09 50.27 -29.44
C ALA F 5 -27.80 51.59 -29.29
N ALA F 6 -27.91 52.34 -30.38
CA ALA F 6 -28.63 53.60 -30.34
C ALA F 6 -30.10 53.35 -29.98
N ILE F 7 -30.71 52.33 -30.57
CA ILE F 7 -32.09 51.97 -30.18
C ILE F 7 -32.11 51.46 -28.76
N PRO F 8 -31.07 50.73 -28.37
CA PRO F 8 -30.98 50.23 -27.00
C PRO F 8 -30.88 51.40 -26.04
N ILE F 9 -30.35 52.52 -26.52
CA ILE F 9 -30.16 53.69 -25.67
C ILE F 9 -31.50 54.15 -25.13
N ALA F 10 -32.55 53.89 -25.90
CA ALA F 10 -33.88 54.27 -25.45
C ALA F 10 -34.27 53.61 -24.12
N ILE F 11 -33.96 52.33 -23.95
CA ILE F 11 -34.37 51.69 -22.72
C ILE F 11 -33.28 51.85 -21.69
N SER F 12 -33.56 52.56 -20.61
CA SER F 12 -32.53 52.84 -19.62
C SER F 12 -33.00 52.56 -18.21
N GLY F 13 -33.93 53.37 -17.70
CA GLY F 13 -34.50 53.10 -16.39
C GLY F 13 -35.41 51.87 -16.52
N ALA F 14 -35.29 51.15 -17.65
CA ALA F 14 -36.19 50.02 -17.96
C ALA F 14 -37.52 50.58 -18.46
N GLN F 15 -37.67 50.73 -19.77
CA GLN F 15 -38.87 51.37 -20.33
C GLN F 15 -39.89 50.48 -21.06
N ALA F 16 -41.14 50.52 -20.61
CA ALA F 16 -42.19 49.73 -21.21
C ALA F 16 -42.63 50.05 -22.63
N ILE F 17 -42.77 51.33 -22.98
CA ILE F 17 -43.31 51.70 -24.30
C ILE F 17 -42.27 51.52 -25.37
N SER F 18 -41.80 50.30 -25.54
CA SER F 18 -40.68 50.09 -26.46
C SER F 18 -40.83 48.87 -27.34
N GLY F 19 -41.92 48.13 -27.20
CA GLY F 19 -42.16 47.03 -28.14
C GLY F 19 -42.33 47.65 -29.48
N GLN F 20 -42.82 48.88 -29.50
CA GLN F 20 -42.92 49.62 -30.70
C GLN F 20 -41.51 49.72 -31.26
N ASN F 21 -40.50 49.98 -30.43
CA ASN F 21 -39.18 50.14 -31.02
C ASN F 21 -38.55 48.91 -31.69
N ALA F 22 -38.60 47.75 -31.04
CA ALA F 22 -38.08 46.55 -31.68
C ALA F 22 -38.91 46.37 -32.91
N GLN F 23 -40.21 46.58 -32.77
CA GLN F 23 -41.08 46.19 -33.85
C GLN F 23 -40.68 47.01 -35.05
N ALA F 24 -40.61 48.32 -34.88
CA ALA F 24 -40.49 49.11 -36.09
C ALA F 24 -39.18 48.82 -36.68
N LYS F 25 -38.16 48.69 -35.85
CA LYS F 25 -36.89 48.41 -36.47
C LYS F 25 -36.70 47.09 -37.15
N MET F 26 -37.19 45.98 -36.62
CA MET F 26 -37.02 44.71 -37.33
C MET F 26 -37.78 44.91 -38.62
N ILE F 27 -38.92 45.57 -38.56
CA ILE F 27 -39.70 45.76 -39.77
C ILE F 27 -38.96 46.55 -40.85
N ALA F 28 -38.34 47.63 -40.46
CA ALA F 28 -37.62 48.45 -41.40
C ALA F 28 -36.46 47.70 -41.95
N ALA F 29 -35.92 46.91 -41.07
CA ALA F 29 -34.73 46.17 -41.33
C ALA F 29 -35.06 45.28 -42.49
N GLN F 30 -36.22 44.68 -42.38
CA GLN F 30 -36.73 43.82 -43.41
C GLN F 30 -36.97 44.57 -44.70
N THR F 31 -37.48 45.77 -44.62
CA THR F 31 -37.68 46.55 -45.83
C THR F 31 -36.37 46.80 -46.50
N ALA F 32 -35.35 47.17 -45.74
CA ALA F 32 -34.05 47.42 -46.35
C ALA F 32 -33.45 46.14 -46.91
N ALA F 33 -33.52 45.07 -46.15
CA ALA F 33 -32.82 43.91 -46.64
C ALA F 33 -33.44 43.57 -47.91
N GLY F 34 -34.75 43.50 -47.82
CA GLY F 34 -35.51 42.83 -48.82
C GLY F 34 -35.36 43.65 -50.04
N ARG F 35 -35.47 44.95 -49.86
CA ARG F 35 -35.52 45.81 -50.99
C ARG F 35 -34.21 45.68 -51.67
N ARG F 36 -33.11 45.76 -50.93
CA ARG F 36 -31.83 45.97 -51.59
C ARG F 36 -30.86 44.80 -51.66
N GLN F 37 -30.95 43.82 -50.80
CA GLN F 37 -29.93 42.78 -50.92
C GLN F 37 -30.32 41.55 -51.76
N ALA F 38 -30.71 41.75 -53.01
CA ALA F 38 -31.12 40.63 -53.85
C ALA F 38 -30.99 40.92 -55.35
N MET F 39 -31.10 39.91 -56.20
CA MET F 39 -31.00 40.08 -57.65
C MET F 39 -32.27 39.62 -58.31
N GLU F 40 -32.69 40.28 -59.40
CA GLU F 40 -33.99 39.95 -60.02
C GLU F 40 -33.98 39.23 -61.35
N ILE F 41 -33.02 38.35 -61.59
CA ILE F 41 -33.09 37.53 -62.79
C ILE F 41 -34.21 36.56 -62.42
N MET F 42 -34.94 36.02 -63.39
CA MET F 42 -36.11 35.18 -63.06
C MET F 42 -35.74 33.94 -62.25
N ARG F 43 -34.57 33.36 -62.48
CA ARG F 43 -34.12 32.25 -61.64
C ARG F 43 -33.91 32.72 -60.21
N GLN F 44 -34.44 32.01 -59.22
CA GLN F 44 -34.35 32.51 -57.85
C GLN F 44 -34.01 31.53 -56.71
N THR F 45 -34.79 30.46 -56.55
CA THR F 45 -34.57 29.48 -55.47
C THR F 45 -34.66 30.00 -54.04
N ASN F 46 -33.69 29.69 -53.19
CA ASN F 46 -33.79 30.07 -51.76
C ASN F 46 -33.80 31.54 -51.56
N ILE F 47 -33.31 32.28 -52.54
CA ILE F 47 -33.37 33.72 -52.46
C ILE F 47 -34.82 34.17 -52.38
N GLN F 48 -35.69 33.54 -53.15
CA GLN F 48 -37.10 33.91 -53.10
C GLN F 48 -37.68 33.67 -51.72
N ASN F 49 -37.28 32.60 -51.06
CA ASN F 49 -37.76 32.35 -49.71
C ASN F 49 -37.47 33.47 -48.72
N ALA F 50 -36.21 33.84 -48.57
CA ALA F 50 -35.83 34.89 -47.63
C ALA F 50 -36.58 36.09 -48.04
N ASP F 51 -36.78 36.25 -49.33
CA ASP F 51 -37.48 37.39 -49.81
C ASP F 51 -38.88 37.42 -49.27
N LEU F 52 -39.54 36.27 -49.29
CA LEU F 52 -40.99 36.19 -49.17
C LEU F 52 -41.29 36.82 -47.87
N SER F 53 -40.44 36.52 -46.92
CA SER F 53 -40.53 37.15 -45.62
C SER F 53 -40.45 38.66 -45.72
N LEU F 54 -39.59 39.21 -46.56
CA LEU F 54 -39.52 40.66 -46.68
C LEU F 54 -40.90 41.12 -47.18
N GLN F 55 -41.56 40.31 -48.03
CA GLN F 55 -42.97 40.52 -48.50
C GLN F 55 -44.03 40.51 -47.43
N ALA F 56 -44.01 39.56 -46.50
CA ALA F 56 -44.79 39.66 -45.29
C ALA F 56 -44.15 40.66 -44.38
N ARG F 57 -43.01 41.23 -44.66
CA ARG F 57 -42.43 42.11 -43.64
C ARG F 57 -42.93 43.54 -43.54
N SER F 58 -43.52 44.04 -44.60
CA SER F 58 -44.10 45.33 -44.52
C SER F 58 -45.52 44.92 -44.21
N LYS F 59 -46.43 45.07 -45.15
CA LYS F 59 -47.79 44.60 -44.96
C LYS F 59 -48.39 45.15 -43.73
N LEU F 60 -48.94 44.27 -42.92
CA LEU F 60 -49.60 44.72 -41.71
C LEU F 60 -49.66 43.64 -40.66
N GLU F 61 -50.07 44.00 -39.45
CA GLU F 61 -50.20 43.04 -38.37
C GLU F 61 -51.56 42.52 -38.59
N GLU F 62 -52.23 43.04 -39.61
CA GLU F 62 -53.58 42.61 -40.00
C GLU F 62 -54.78 43.39 -39.56
N ALA F 63 -54.62 44.36 -38.66
CA ALA F 63 -55.78 45.20 -38.37
C ALA F 63 -55.92 45.93 -39.70
N SER F 64 -54.78 46.38 -40.16
CA SER F 64 -54.79 47.02 -41.42
C SER F 64 -55.03 46.01 -42.51
N ALA F 65 -54.69 44.74 -42.33
CA ALA F 65 -55.02 43.80 -43.40
C ALA F 65 -56.49 43.70 -43.60
N GLU F 66 -57.24 43.68 -42.50
CA GLU F 66 -58.66 43.67 -42.66
C GLU F 66 -59.04 44.94 -43.36
N LEU F 67 -58.47 46.06 -42.93
CA LEU F 67 -58.89 47.32 -43.55
C LEU F 67 -58.43 47.48 -45.00
N THR F 68 -57.29 46.90 -45.38
CA THR F 68 -56.72 47.09 -46.69
C THR F 68 -57.48 46.35 -47.70
N SER F 69 -57.77 45.14 -47.34
CA SER F 69 -58.41 44.30 -48.28
C SER F 69 -59.73 44.93 -48.55
N GLN F 70 -60.39 45.40 -47.50
CA GLN F 70 -61.72 45.94 -47.80
C GLN F 70 -61.57 47.00 -48.88
N ASN F 71 -60.37 47.51 -48.99
CA ASN F 71 -60.09 48.69 -49.78
C ASN F 71 -59.58 48.42 -51.20
N MET F 72 -58.46 47.70 -51.31
CA MET F 72 -57.83 47.33 -52.56
C MET F 72 -58.96 46.89 -53.47
N GLN F 73 -59.96 46.18 -52.94
CA GLN F 73 -61.08 45.86 -53.82
C GLN F 73 -61.84 47.05 -54.37
N LYS F 74 -62.21 48.02 -53.55
CA LYS F 74 -63.01 49.14 -54.07
C LYS F 74 -62.15 49.97 -55.00
N VAL F 75 -60.84 49.93 -54.84
CA VAL F 75 -59.86 50.65 -55.65
C VAL F 75 -59.41 49.98 -56.93
N GLN F 76 -59.07 48.70 -56.89
CA GLN F 76 -58.55 48.08 -58.10
C GLN F 76 -59.57 47.90 -59.17
N ALA F 77 -60.71 47.37 -58.80
CA ALA F 77 -61.76 47.13 -59.78
C ALA F 77 -63.04 46.70 -59.12
N ILE F 78 -62.95 45.86 -58.08
CA ILE F 78 -64.14 45.33 -57.42
C ILE F 78 -64.98 44.48 -58.36
N MET G 1 -40.41 48.99 -12.95
CA MET G 1 -39.63 48.63 -11.76
C MET G 1 -39.08 49.88 -11.09
N CYS G 2 -38.90 50.93 -11.86
CA CYS G 2 -38.35 52.15 -11.31
C CYS G 2 -39.27 52.68 -10.22
N TRP G 3 -40.58 52.60 -10.44
CA TRP G 3 -41.52 53.15 -9.49
C TRP G 3 -41.46 52.52 -8.11
N ALA G 4 -41.27 51.21 -8.05
CA ALA G 4 -41.18 50.51 -6.77
C ALA G 4 -39.99 50.98 -5.97
N ALA G 5 -38.86 51.21 -6.64
CA ALA G 5 -37.69 51.74 -5.96
C ALA G 5 -38.03 53.13 -5.46
N ALA G 6 -38.82 53.86 -6.25
CA ALA G 6 -39.24 55.19 -5.82
C ALA G 6 -40.05 55.09 -4.53
N ILE G 7 -40.95 54.13 -4.43
CA ILE G 7 -41.69 53.91 -3.17
C ILE G 7 -40.73 53.45 -2.09
N PRO G 8 -39.77 52.63 -2.47
CA PRO G 8 -38.77 52.16 -1.51
C PRO G 8 -37.97 53.33 -1.00
N ILE G 9 -37.85 54.39 -1.81
CA ILE G 9 -37.06 55.55 -1.44
C ILE G 9 -37.63 56.15 -0.16
N ALA G 10 -38.92 55.98 0.05
CA ALA G 10 -39.53 56.51 1.25
C ALA G 10 -38.92 55.93 2.52
N ILE G 11 -38.65 54.63 2.55
CA ILE G 11 -38.12 54.05 3.78
C ILE G 11 -36.61 54.14 3.73
N SER G 12 -36.02 54.90 4.64
CA SER G 12 -34.57 55.09 4.61
C SER G 12 -33.94 54.90 5.97
N GLY G 13 -34.20 55.81 6.90
CA GLY G 13 -33.71 55.63 8.26
C GLY G 13 -34.51 54.51 8.90
N ALA G 14 -35.27 53.74 8.11
CA ALA G 14 -36.11 52.63 8.62
C ALA G 14 -37.35 52.98 9.46
N GLN G 15 -38.04 54.08 9.17
CA GLN G 15 -39.25 54.50 9.91
C GLN G 15 -40.55 53.69 9.67
N ALA G 16 -41.37 53.48 10.72
CA ALA G 16 -42.61 52.67 10.61
C ALA G 16 -43.76 53.14 9.74
N ILE G 17 -44.07 54.43 9.71
CA ILE G 17 -45.26 54.88 8.96
C ILE G 17 -45.16 54.61 7.46
N SER G 18 -45.46 53.38 7.02
CA SER G 18 -45.32 53.01 5.62
C SER G 18 -46.11 51.80 5.21
N GLY G 19 -46.83 51.17 6.13
CA GLY G 19 -47.72 50.09 5.71
C GLY G 19 -48.74 50.70 4.82
N GLN G 20 -49.04 51.96 5.04
CA GLN G 20 -49.91 52.67 4.17
C GLN G 20 -49.28 52.62 2.80
N ASN G 21 -47.97 52.80 2.66
CA ASN G 21 -47.42 52.80 1.30
C ASN G 21 -47.51 51.51 0.51
N ALA G 22 -47.17 50.37 1.11
CA ALA G 22 -47.31 49.12 0.40
C ALA G 22 -48.78 48.98 0.10
N GLN G 23 -49.59 49.33 1.08
CA GLN G 23 -50.98 49.01 0.95
C GLN G 23 -51.49 49.75 -0.26
N ALA G 24 -51.26 51.05 -0.30
CA ALA G 24 -51.96 51.79 -1.32
C ALA G 24 -51.47 51.36 -2.62
N LYS G 25 -50.16 51.15 -2.72
CA LYS G 25 -49.70 50.71 -4.02
C LYS G 25 -50.12 49.37 -4.52
N MET G 26 -50.16 48.33 -3.71
CA MET G 26 -50.61 47.03 -4.22
C MET G 26 -52.04 47.27 -4.63
N ILE G 27 -52.76 48.06 -3.86
CA ILE G 27 -54.17 48.29 -4.19
C ILE G 27 -54.35 48.96 -5.55
N ALA G 28 -53.56 50.00 -5.80
CA ALA G 28 -53.67 50.71 -7.04
C ALA G 28 -53.26 49.83 -8.17
N ALA G 29 -52.31 49.01 -7.86
CA ALA G 29 -51.69 48.14 -8.79
C ALA G 29 -52.78 47.27 -9.31
N GLN G 30 -53.56 46.79 -8.37
CA GLN G 30 -54.69 45.96 -8.69
C GLN G 30 -55.72 46.70 -9.50
N THR G 31 -55.97 47.95 -9.20
CA THR G 31 -56.92 48.72 -10.00
C THR G 31 -56.43 48.81 -11.41
N ALA G 32 -55.16 49.11 -11.60
CA ALA G 32 -54.63 49.20 -12.97
C ALA G 32 -54.67 47.85 -13.67
N ALA G 33 -54.25 46.82 -12.98
CA ALA G 33 -54.16 45.59 -13.71
C ALA G 33 -55.51 45.27 -14.16
N GLY G 34 -56.38 45.34 -13.18
CA GLY G 34 -57.66 44.72 -13.31
C GLY G 34 -58.36 45.49 -14.37
N ARG G 35 -58.24 46.80 -14.27
CA ARG G 35 -59.01 47.63 -15.11
C ARG G 35 -58.57 47.36 -16.51
N ARG G 36 -57.27 47.34 -16.74
CA ARG G 36 -56.80 47.40 -18.12
C ARG G 36 -56.22 46.14 -18.73
N GLN G 37 -55.74 45.19 -17.98
CA GLN G 37 -55.15 44.05 -18.68
C GLN G 37 -56.09 42.85 -18.90
N ALA G 38 -57.23 43.05 -19.54
CA ALA G 38 -58.17 41.96 -19.76
C ALA G 38 -59.11 42.20 -20.95
N MET G 39 -59.83 41.18 -21.38
CA MET G 39 -60.77 41.31 -22.50
C MET G 39 -62.16 40.97 -22.05
N GLU G 40 -63.18 41.65 -22.60
CA GLU G 40 -64.56 41.42 -22.12
C GLU G 40 -65.52 40.67 -23.00
N ILE G 41 -65.05 39.70 -23.77
CA ILE G 41 -65.99 38.87 -24.51
C ILE G 41 -66.59 38.01 -23.38
N MET G 42 -67.82 37.53 -23.52
CA MET G 42 -68.47 36.82 -22.40
C MET G 42 -67.70 35.58 -21.96
N ARG G 43 -67.06 34.87 -22.89
CA ARG G 43 -66.23 33.74 -22.51
C ARG G 43 -65.05 34.22 -21.67
N GLN G 44 -64.77 33.59 -20.53
CA GLN G 44 -63.71 34.12 -19.66
C GLN G 44 -62.73 33.14 -18.99
N THR G 45 -63.23 32.15 -18.25
CA THR G 45 -62.38 31.19 -17.53
C THR G 45 -61.42 31.75 -16.49
N ASN G 46 -60.15 31.35 -16.52
CA ASN G 46 -59.21 31.78 -15.47
C ASN G 46 -58.99 33.26 -15.46
N ILE G 47 -59.29 33.92 -16.56
CA ILE G 47 -59.19 35.35 -16.58
C ILE G 47 -60.14 35.96 -15.57
N GLN G 48 -61.33 35.41 -15.45
CA GLN G 48 -62.27 35.91 -14.49
C GLN G 48 -61.75 35.77 -13.07
N ASN G 49 -61.05 34.67 -12.78
CA ASN G 49 -60.48 34.49 -11.46
C ASN G 49 -59.51 35.61 -11.05
N ALA G 50 -58.48 35.86 -11.84
CA ALA G 50 -57.50 36.89 -11.54
C ALA G 50 -58.25 38.14 -11.42
N ASP G 51 -59.29 38.30 -12.22
CA ASP G 51 -60.07 39.48 -12.17
C ASP G 51 -60.69 39.67 -10.82
N LEU G 52 -61.23 38.60 -10.28
CA LEU G 52 -62.18 38.66 -9.17
C LEU G 52 -61.45 39.36 -8.08
N SER G 53 -60.20 39.00 -7.98
CA SER G 53 -59.31 39.67 -7.04
C SER G 53 -59.25 41.15 -7.30
N LEU G 54 -59.19 41.59 -8.54
CA LEU G 54 -59.15 43.03 -8.80
C LEU G 54 -60.46 43.61 -8.25
N GLN G 55 -61.56 42.86 -8.33
CA GLN G 55 -62.89 43.19 -7.71
C GLN G 55 -62.90 43.32 -6.20
N ALA G 56 -62.29 42.41 -5.47
CA ALA G 56 -61.99 42.61 -4.06
C ALA G 56 -60.84 43.55 -3.95
N ARG G 57 -60.19 43.99 -4.99
CA ARG G 57 -59.02 44.85 -4.75
C ARG G 57 -59.22 46.31 -4.45
N SER G 58 -60.35 46.85 -4.85
CA SER G 58 -60.64 48.20 -4.49
C SER G 58 -61.46 47.92 -3.26
N LYS G 59 -62.76 48.15 -3.31
CA LYS G 59 -63.63 47.82 -2.19
C LYS G 59 -63.15 48.47 -0.94
N LEU G 60 -63.03 47.67 0.09
CA LEU G 60 -62.64 48.22 1.37
C LEU G 60 -62.01 47.17 2.27
N GLU G 61 -61.43 47.61 3.39
CA GLU G 61 -60.82 46.69 4.33
C GLU G 61 -61.98 46.31 5.17
N GLU G 62 -63.14 46.87 4.85
CA GLU G 62 -64.38 46.56 5.55
C GLU G 62 -64.89 47.47 6.63
N ALA G 63 -64.11 48.44 7.07
CA ALA G 63 -64.68 49.41 8.01
C ALA G 63 -65.67 50.11 7.09
N SER G 64 -65.15 50.43 5.94
CA SER G 64 -66.00 51.03 4.98
C SER G 64 -66.99 50.03 4.46
N ALA G 65 -66.71 48.74 4.47
CA ALA G 65 -67.73 47.81 4.01
C ALA G 65 -68.93 47.85 4.91
N GLU G 66 -68.69 47.93 6.20
CA GLU G 66 -69.83 48.06 7.08
C GLU G 66 -70.52 49.36 6.73
N LEU G 67 -69.74 50.42 6.54
CA LEU G 67 -70.40 51.70 6.27
C LEU G 67 -71.07 51.78 4.89
N THR G 68 -70.56 51.07 3.89
CA THR G 68 -71.06 51.17 2.55
C THR G 68 -72.35 50.49 2.42
N SER G 69 -72.37 49.32 2.97
CA SER G 69 -73.54 48.53 2.82
C SER G 69 -74.63 49.29 3.49
N GLN G 70 -74.34 49.85 4.65
CA GLN G 70 -75.46 50.51 5.32
C GLN G 70 -76.05 51.52 4.36
N ASN G 71 -75.25 51.91 3.39
CA ASN G 71 -75.53 53.02 2.53
C ASN G 71 -76.18 52.67 1.19
N MET G 72 -75.49 51.85 0.39
CA MET G 72 -75.95 51.38 -0.90
C MET G 72 -77.41 51.03 -0.73
N GLN G 73 -77.80 50.45 0.40
CA GLN G 73 -79.22 50.21 0.58
C GLN G 73 -80.08 51.47 0.60
N LYS G 74 -79.71 52.48 1.36
CA LYS G 74 -80.58 53.66 1.45
C LYS G 74 -80.59 54.39 0.11
N VAL G 75 -79.54 54.22 -0.68
CA VAL G 75 -79.37 54.81 -1.99
C VAL G 75 -79.97 54.06 -3.17
N GLN G 76 -79.77 52.76 -3.26
CA GLN G 76 -80.27 52.06 -4.43
C GLN G 76 -81.77 51.96 -4.48
N ALA G 77 -82.36 51.55 -3.36
CA ALA G 77 -83.80 51.40 -3.33
C ALA G 77 -84.28 51.12 -1.92
N ILE G 78 -83.54 50.30 -1.17
CA ILE G 78 -83.95 49.91 0.17
C ILE G 78 -85.25 49.12 0.16
N MET H 1 -35.51 52.02 15.33
CA MET H 1 -34.14 51.61 15.64
C MET H 1 -33.22 52.82 15.66
N CYS H 2 -33.59 53.85 14.92
CA CYS H 2 -32.75 55.03 14.84
C CYS H 2 -32.61 55.64 16.22
N TRP H 3 -33.68 55.65 17.00
CA TRP H 3 -33.65 56.30 18.30
C TRP H 3 -32.65 55.66 19.27
N ALA H 4 -32.53 54.35 19.25
CA ALA H 4 -31.60 53.66 20.14
C ALA H 4 -30.17 54.05 19.83
N ALA H 5 -29.84 54.18 18.55
CA ALA H 5 -28.51 54.64 18.17
C ALA H 5 -28.34 56.04 18.68
N ALA H 6 -29.42 56.84 18.63
CA ALA H 6 -29.34 58.19 19.14
C ALA H 6 -29.01 58.17 20.64
N ILE H 7 -29.61 57.29 21.41
CA ILE H 7 -29.25 57.14 22.82
C ILE H 7 -27.83 56.62 22.94
N PRO H 8 -27.46 55.72 22.05
CA PRO H 8 -26.10 55.18 22.04
C PRO H 8 -25.12 56.31 21.76
N ILE H 9 -25.56 57.34 21.04
CA ILE H 9 -24.69 58.44 20.68
C ILE H 9 -24.16 59.10 21.92
N ALA H 10 -24.92 59.03 23.00
CA ALA H 10 -24.49 59.62 24.25
C ALA H 10 -23.17 59.01 24.75
N ILE H 11 -23.02 57.69 24.66
CA ILE H 11 -21.80 57.09 25.19
C ILE H 11 -20.77 57.06 24.09
N SER H 12 -19.68 57.79 24.26
CA SER H 12 -18.68 57.87 23.20
C SER H 12 -17.27 57.64 23.73
N GLY H 13 -16.76 58.59 24.51
CA GLY H 13 -15.46 58.38 25.15
C GLY H 13 -15.60 57.33 26.22
N ALA H 14 -16.74 56.62 26.23
CA ALA H 14 -17.10 55.66 27.30
C ALA H 14 -17.58 56.45 28.52
N GLN H 15 -18.90 56.64 28.63
CA GLN H 15 -19.45 57.49 29.70
C GLN H 15 -20.20 56.78 30.84
N ALA H 16 -19.77 57.02 32.07
CA ALA H 16 -20.41 56.42 33.23
C ALA H 16 -21.82 56.85 33.60
N ILE H 17 -22.13 58.14 33.54
CA ILE H 17 -23.45 58.63 33.99
C ILE H 17 -24.52 58.30 32.99
N SER H 18 -24.70 57.03 32.71
CA SER H 18 -25.61 56.64 31.64
C SER H 18 -26.53 55.47 31.98
N GLY H 19 -26.40 54.92 33.18
CA GLY H 19 -27.38 53.90 33.58
C GLY H 19 -28.70 54.57 33.64
N GLN H 20 -28.69 55.87 33.92
CA GLN H 20 -29.88 56.63 33.89
C GLN H 20 -30.43 56.51 32.48
N ASN H 21 -29.59 56.59 31.44
CA ASN H 21 -30.17 56.53 30.11
C ASN H 21 -30.85 55.24 29.69
N ALA H 22 -30.23 54.08 29.93
CA ALA H 22 -30.89 52.83 29.61
C ALA H 22 -32.14 52.81 30.45
N GLN H 23 -32.00 53.23 31.70
CA GLN H 23 -33.09 53.02 32.60
C GLN H 23 -34.27 53.78 32.06
N ALA H 24 -34.08 55.06 31.79
CA ALA H 24 -35.27 55.83 31.53
C ALA H 24 -35.85 55.35 30.28
N LYS H 25 -35.01 55.04 29.29
CA LYS H 25 -35.64 54.55 28.09
C LYS H 25 -36.35 53.25 28.11
N MET H 26 -35.84 52.22 28.79
CA MET H 26 -36.58 50.95 28.82
C MET H 26 -37.87 51.29 29.52
N ILE H 27 -37.79 52.15 30.53
CA ILE H 27 -39.00 52.47 31.28
C ILE H 27 -40.07 53.15 30.40
N ALA H 28 -39.65 54.11 29.61
CA ALA H 28 -40.58 54.82 28.76
C ALA H 28 -41.12 53.90 27.73
N ALA H 29 -40.27 53.01 27.33
CA ALA H 29 -40.54 52.09 26.29
C ALA H 29 -41.70 51.30 26.75
N GLN H 30 -41.63 50.89 27.99
CA GLN H 30 -42.68 50.14 28.62
C GLN H 30 -43.94 50.95 28.73
N THR H 31 -43.85 52.22 29.04
CA THR H 31 -45.05 53.05 29.09
C THR H 31 -45.70 53.08 27.76
N ALA H 32 -44.92 53.28 26.70
CA ALA H 32 -45.52 53.31 25.37
C ALA H 32 -46.10 51.97 24.98
N ALA H 33 -45.37 50.92 25.23
CA ALA H 33 -45.87 49.66 24.73
C ALA H 33 -47.15 49.44 25.39
N GLY H 34 -47.08 49.59 26.69
CA GLY H 34 -48.10 49.07 27.53
C GLY H 34 -49.31 49.88 27.25
N ARG H 35 -49.09 51.18 27.14
CA ARG H 35 -50.19 52.06 27.04
C ARG H 35 -50.89 51.73 25.76
N ARG H 36 -50.14 51.61 24.68
CA ARG H 36 -50.77 51.62 23.37
C ARG H 36 -50.86 50.32 22.61
N GLN H 37 -50.03 49.34 22.85
CA GLN H 37 -50.17 48.15 22.02
C GLN H 37 -51.03 47.01 22.61
N ALA H 38 -52.29 47.31 22.95
CA ALA H 38 -53.15 46.28 23.54
C ALA H 38 -54.64 46.59 23.34
N MET H 39 -55.51 45.61 23.61
CA MET H 39 -56.96 45.80 23.46
C MET H 39 -57.64 45.57 24.80
N GLU H 40 -58.70 46.31 25.09
CA GLU H 40 -59.35 46.21 26.41
C GLU H 40 -60.69 45.53 26.51
N ILE H 41 -60.94 44.51 25.70
CA ILE H 41 -62.16 43.73 25.90
C ILE H 41 -61.82 42.95 27.16
N MET H 42 -62.80 42.56 27.98
CA MET H 42 -62.51 41.91 29.27
C MET H 42 -61.71 40.62 29.11
N ARG H 43 -61.95 39.86 28.04
CA ARG H 43 -61.14 38.67 27.81
C ARG H 43 -59.69 39.07 27.53
N GLN H 44 -58.72 38.44 28.18
CA GLN H 44 -57.33 38.88 28.01
C GLN H 44 -56.21 37.84 27.85
N THR H 45 -56.09 36.91 28.79
CA THR H 45 -55.03 35.89 28.75
C THR H 45 -53.59 36.39 28.77
N ASN H 46 -52.74 35.89 27.87
CA ASN H 46 -51.31 36.27 27.93
C ASN H 46 -51.08 37.72 27.69
N ILE H 47 -52.04 38.39 27.07
CA ILE H 47 -51.92 39.81 26.89
C ILE H 47 -51.84 40.50 28.25
N GLN H 48 -52.62 40.04 29.21
CA GLN H 48 -52.57 40.63 30.53
C GLN H 48 -51.20 40.46 31.16
N ASN H 49 -50.56 39.32 30.94
CA ASN H 49 -49.23 39.13 31.48
C ASN H 49 -48.21 40.16 31.02
N ALA H 50 -48.03 40.32 29.72
CA ALA H 50 -47.08 41.27 29.17
C ALA H 50 -47.47 42.59 29.71
N ASP H 51 -48.75 42.81 29.86
CA ASP H 51 -49.21 44.06 30.37
C ASP H 51 -48.69 44.31 31.75
N LEU H 52 -48.73 43.29 32.59
CA LEU H 52 -48.61 43.44 34.03
C LEU H 52 -47.30 44.09 34.24
N SER H 53 -46.35 43.63 33.45
CA SER H 53 -45.04 44.24 33.45
C SER H 53 -45.11 45.72 33.13
N LEU H 54 -45.94 46.13 32.18
CA LEU H 54 -46.03 47.56 31.88
C LEU H 54 -46.52 48.24 33.16
N GLN H 55 -47.39 47.58 33.93
CA GLN H 55 -47.88 48.02 35.27
C GLN H 55 -46.79 48.17 36.34
N ALA H 56 -45.90 47.21 36.48
CA ALA H 56 -44.68 47.42 37.25
C ALA H 56 -43.75 48.27 36.46
N ARG H 57 -44.02 48.65 35.24
CA ARG H 57 -42.97 49.42 34.52
C ARG H 57 -42.84 50.89 34.79
N SER H 58 -43.90 51.50 35.27
CA SER H 58 -43.79 52.89 35.64
C SER H 58 -43.49 52.68 37.11
N LYS H 59 -44.44 53.02 37.97
CA LYS H 59 -44.27 52.77 39.40
C LYS H 59 -43.03 53.39 39.90
N LEU H 60 -42.24 52.60 40.60
CA LEU H 60 -41.03 53.13 41.19
C LEU H 60 -40.00 52.04 41.43
N GLU H 61 -38.78 52.45 41.79
CA GLU H 61 -37.73 51.50 42.09
C GLU H 61 -37.96 51.22 43.51
N GLU H 62 -38.98 51.86 44.08
CA GLU H 62 -39.38 51.65 45.46
C GLU H 62 -38.93 52.62 46.53
N ALA H 63 -38.02 53.54 46.23
CA ALA H 63 -37.71 54.55 47.23
C ALA H 63 -39.01 55.32 47.24
N SER H 64 -39.47 55.59 46.04
CA SER H 64 -40.71 56.24 45.92
C SER H 64 -41.83 55.31 46.32
N ALA H 65 -41.67 54.00 46.20
CA ALA H 65 -42.76 53.14 46.66
C ALA H 65 -42.97 53.29 48.14
N GLU H 66 -41.88 53.37 48.88
CA GLU H 66 -42.05 53.59 50.29
C GLU H 66 -42.73 54.94 50.44
N LEU H 67 -42.27 55.94 49.70
CA LEU H 67 -42.86 57.26 49.89
C LEU H 67 -44.30 57.37 49.40
N THR H 68 -44.69 56.61 48.37
CA THR H 68 -45.99 56.73 47.78
C THR H 68 -47.02 56.16 48.63
N SER H 69 -46.69 55.00 49.11
CA SER H 69 -47.65 54.29 49.88
C SER H 69 -47.92 55.14 51.07
N GLN H 70 -46.87 55.70 51.66
CA GLN H 70 -47.15 56.45 52.88
C GLN H 70 -48.21 57.49 52.56
N ASN H 71 -48.31 57.80 51.28
CA ASN H 71 -49.07 58.92 50.80
C ASN H 71 -50.49 58.61 50.33
N MET H 72 -50.62 57.72 49.34
CA MET H 72 -51.86 57.27 48.78
C MET H 72 -52.79 57.04 49.96
N GLN H 73 -52.29 56.50 51.07
CA GLN H 73 -53.17 56.38 52.21
C GLN H 73 -53.71 57.70 52.76
N LYS H 74 -52.86 58.70 52.96
CA LYS H 74 -53.36 59.93 53.57
C LYS H 74 -54.27 60.63 52.58
N VAL H 75 -54.10 60.38 51.30
CA VAL H 75 -54.89 60.94 50.21
C VAL H 75 -56.18 60.23 49.85
N GLN H 76 -56.16 58.91 49.74
CA GLN H 76 -57.38 58.23 49.30
C GLN H 76 -58.47 58.26 50.33
N ALA H 77 -58.11 57.91 51.57
CA ALA H 77 -59.10 57.87 52.61
C ALA H 77 -58.46 57.65 53.97
N ILE H 78 -57.44 56.79 54.01
CA ILE H 78 -56.80 56.43 55.29
C ILE H 78 -57.76 55.76 56.24
N ASP I 65 -67.55 65.89 -25.98
CA ASP I 65 -67.63 67.18 -25.31
C ASP I 65 -69.00 67.82 -25.51
N LEU I 66 -69.02 69.14 -25.70
CA LEU I 66 -70.29 69.85 -25.90
C LEU I 66 -71.01 69.38 -27.15
N ALA I 67 -70.26 68.93 -28.16
CA ALA I 67 -70.88 68.50 -29.41
C ALA I 67 -71.66 67.20 -29.24
N ASP I 68 -71.21 66.33 -28.33
CA ASP I 68 -71.84 65.02 -28.19
C ASP I 68 -73.24 65.14 -27.57
N GLU I 69 -73.64 66.36 -27.18
CA GLU I 69 -75.01 66.57 -26.72
C GLU I 69 -76.00 66.21 -27.80
N ARG I 70 -75.58 66.26 -29.07
CA ARG I 70 -76.41 65.74 -30.16
C ARG I 70 -76.97 64.37 -29.83
N SER I 71 -76.09 63.37 -29.82
CA SER I 71 -76.54 62.00 -29.65
C SER I 71 -77.00 61.76 -28.22
N ASN I 72 -76.49 62.55 -27.27
CA ASN I 72 -77.02 62.45 -25.92
C ASN I 72 -78.53 62.73 -25.90
N GLU I 73 -78.94 63.85 -26.49
CA GLU I 73 -80.36 64.17 -26.53
C GLU I 73 -81.12 63.16 -27.40
N ILE I 74 -80.52 62.76 -28.52
CA ILE I 74 -81.20 61.81 -29.40
C ILE I 74 -81.48 60.49 -28.66
N ILE I 75 -80.55 60.07 -27.80
CA ILE I 75 -80.70 58.79 -27.13
C ILE I 75 -81.56 58.93 -25.89
N ARG I 76 -81.70 60.16 -25.37
CA ARG I 76 -82.59 60.37 -24.22
C ARG I 76 -83.96 59.74 -24.44
N LYS I 77 -84.48 59.97 -25.64
CA LYS I 77 -85.82 59.51 -25.96
C LYS I 77 -85.87 58.03 -26.23
N LEU I 78 -84.72 57.39 -26.32
CA LEU I 78 -84.80 55.98 -26.65
C LEU I 78 -85.52 55.45 -25.46
N THR I 79 -86.58 54.69 -25.72
CA THR I 79 -87.37 54.18 -24.61
C THR I 79 -86.57 53.10 -23.89
N PRO I 80 -86.68 53.07 -22.56
CA PRO I 80 -85.85 52.12 -21.83
C PRO I 80 -86.17 50.71 -22.22
N GLU I 81 -87.44 50.43 -22.43
CA GLU I 81 -87.87 49.06 -22.74
C GLU I 81 -87.08 48.32 -23.82
N GLN I 82 -86.42 49.05 -24.70
CA GLN I 82 -85.61 48.41 -25.71
C GLN I 82 -84.18 48.94 -25.76
N ARG I 83 -83.87 49.98 -24.98
CA ARG I 83 -82.48 50.44 -24.88
C ARG I 83 -81.57 49.29 -24.48
N ARG I 84 -81.97 48.52 -23.46
CA ARG I 84 -81.13 47.41 -23.05
C ARG I 84 -81.20 46.26 -24.05
N GLU I 85 -82.37 46.05 -24.65
CA GLU I 85 -82.54 44.95 -25.61
C GLU I 85 -81.65 45.16 -26.83
N ALA I 86 -81.35 46.41 -27.15
CA ALA I 86 -80.41 46.70 -28.22
C ALA I 86 -78.97 46.69 -27.71
N LEU I 87 -78.76 47.21 -26.49
CA LEU I 87 -77.41 47.54 -26.02
C LEU I 87 -76.50 46.32 -25.99
N ASN I 88 -77.07 45.12 -26.00
CA ASN I 88 -76.23 43.92 -26.03
C ASN I 88 -75.49 43.79 -27.37
N ASN I 89 -76.07 44.29 -28.45
CA ASN I 89 -75.42 44.28 -29.76
C ASN I 89 -74.37 45.38 -29.80
N GLY I 90 -73.72 45.54 -30.95
CA GLY I 90 -72.80 46.65 -31.12
C GLY I 90 -73.42 47.98 -30.72
N THR I 91 -74.58 48.34 -31.29
CA THR I 91 -75.28 49.56 -30.85
C THR I 91 -75.57 49.53 -29.35
N LEU I 92 -75.55 50.66 -28.64
CA LEU I 92 -75.09 51.96 -29.13
C LEU I 92 -73.66 52.27 -28.74
N LEU I 93 -72.83 51.26 -28.53
CA LEU I 93 -71.43 51.44 -28.05
C LEU I 93 -71.37 51.67 -26.54
N TYR I 94 -72.45 52.14 -25.91
CA TYR I 94 -72.53 52.24 -24.43
C TYR I 94 -71.78 53.42 -23.84
N GLN I 95 -70.88 53.99 -24.60
CA GLN I 95 -70.19 55.16 -24.13
C GLN I 95 -71.20 56.26 -24.10
N ASP I 96 -72.08 56.28 -25.09
CA ASP I 96 -73.04 57.38 -25.20
C ASP I 96 -74.37 57.18 -24.51
N ASP I 97 -74.38 56.46 -23.40
CA ASP I 97 -75.61 56.31 -22.65
C ASP I 97 -75.63 57.22 -21.43
N PRO I 98 -76.31 58.39 -21.50
CA PRO I 98 -76.24 59.32 -20.37
C PRO I 98 -76.67 58.68 -19.06
N TYR I 99 -77.74 57.88 -19.13
CA TYR I 99 -78.26 57.24 -17.93
C TYR I 99 -77.24 56.25 -17.36
N ALA I 100 -76.63 55.44 -18.21
CA ALA I 100 -75.61 54.50 -17.75
C ALA I 100 -74.40 55.24 -17.20
N MET I 101 -73.98 56.31 -17.88
CA MET I 101 -72.80 57.04 -17.44
C MET I 101 -73.07 57.75 -16.11
N GLU I 102 -74.32 58.18 -15.91
CA GLU I 102 -74.73 58.74 -14.62
C GLU I 102 -74.49 57.75 -13.48
N ALA I 103 -75.05 56.54 -13.62
CA ALA I 103 -74.90 55.53 -12.59
C ALA I 103 -73.44 55.14 -12.40
N LEU I 104 -72.69 55.03 -13.51
CA LEU I 104 -71.29 54.67 -13.40
C LEU I 104 -70.51 55.72 -12.62
N ARG I 105 -70.76 57.00 -12.91
CA ARG I 105 -70.05 58.06 -12.20
C ARG I 105 -70.41 58.06 -10.73
N VAL I 106 -71.70 57.83 -10.42
CA VAL I 106 -72.11 57.83 -9.01
C VAL I 106 -71.44 56.68 -8.27
N LYS I 107 -71.44 55.49 -8.88
CA LYS I 107 -70.81 54.33 -8.24
C LYS I 107 -69.32 54.54 -8.06
N THR I 108 -68.65 55.08 -9.09
CA THR I 108 -67.21 55.29 -9.00
C THR I 108 -66.87 56.30 -7.92
N GLY I 109 -67.63 57.40 -7.87
CA GLY I 109 -67.40 58.38 -6.82
C GLY I 109 -67.57 57.79 -5.44
N ARG I 110 -68.69 57.10 -5.20
CA ARG I 110 -68.92 56.53 -3.87
C ARG I 110 -67.85 55.52 -3.51
N ASN I 111 -67.37 54.76 -4.49
CA ASN I 111 -66.34 53.75 -4.18
C ASN I 111 -64.97 54.34 -3.89
N ALA I 112 -64.56 55.32 -4.69
CA ALA I 112 -63.28 55.94 -4.45
C ALA I 112 -63.30 56.64 -3.11
N ALA I 113 -64.43 57.27 -2.84
CA ALA I 113 -64.52 58.08 -1.66
C ALA I 113 -64.34 57.13 -0.56
N TYR I 114 -65.04 56.01 -0.67
CA TYR I 114 -65.11 55.13 0.45
C TYR I 114 -63.73 54.65 0.67
N LEU I 115 -62.98 54.28 -0.35
CA LEU I 115 -61.62 53.79 -0.09
C LEU I 115 -60.70 54.82 0.53
N VAL I 116 -60.70 56.07 0.07
CA VAL I 116 -59.84 57.01 0.81
C VAL I 116 -60.29 57.20 2.26
N ASP I 117 -61.60 57.28 2.48
CA ASP I 117 -62.04 57.46 3.85
C ASP I 117 -61.71 56.25 4.68
N ASP I 118 -61.59 55.13 3.98
CA ASP I 118 -61.33 53.83 4.57
C ASP I 118 -59.90 53.76 4.95
N ASP I 119 -59.00 54.25 4.12
CA ASP I 119 -57.62 54.14 4.51
C ASP I 119 -57.60 54.93 5.74
N VAL I 120 -58.22 56.11 5.68
CA VAL I 120 -57.97 57.05 6.72
C VAL I 120 -58.47 56.37 7.93
N MET I 121 -59.70 55.86 7.87
CA MET I 121 -60.35 55.62 9.12
C MET I 121 -59.47 54.61 9.70
N GLN I 122 -59.23 53.60 8.89
CA GLN I 122 -58.91 52.38 9.52
C GLN I 122 -57.60 52.69 10.16
N LYS I 123 -56.69 53.16 9.35
CA LYS I 123 -55.34 52.94 9.78
C LYS I 123 -55.24 53.83 10.97
N ILE I 124 -55.73 55.03 10.75
CA ILE I 124 -55.27 56.05 11.64
C ILE I 124 -55.88 55.74 13.02
N LYS I 125 -57.16 55.38 13.03
CA LYS I 125 -57.80 55.19 14.31
C LYS I 125 -57.23 54.01 15.04
N GLU I 126 -56.99 52.97 14.27
CA GLU I 126 -56.41 51.75 14.80
C GLU I 126 -55.35 51.98 15.85
N GLY I 127 -54.17 52.43 15.47
CA GLY I 127 -53.13 52.71 16.43
C GLY I 127 -52.48 54.08 16.52
N VAL I 128 -52.43 54.84 15.43
CA VAL I 128 -51.55 56.00 15.40
C VAL I 128 -52.31 57.28 15.09
N PHE I 129 -52.70 58.02 16.13
CA PHE I 129 -53.39 59.28 15.93
C PHE I 129 -53.57 60.01 17.25
N ARG I 130 -53.39 61.33 17.21
CA ARG I 130 -53.55 62.20 18.36
C ARG I 130 -54.98 62.76 18.37
N THR I 131 -55.28 63.85 19.07
CA THR I 131 -56.66 64.30 19.23
C THR I 131 -57.27 64.78 17.91
N ARG I 132 -58.54 65.21 18.03
CA ARG I 132 -59.50 65.32 16.92
C ARG I 132 -58.98 66.05 15.69
N GLU I 133 -58.07 67.00 15.84
CA GLU I 133 -57.76 67.91 14.73
C GLU I 133 -57.11 67.18 13.56
N GLU I 134 -56.00 66.48 13.85
CA GLU I 134 -55.26 65.81 12.79
C GLU I 134 -56.17 64.92 11.95
N MET I 135 -57.21 64.36 12.57
CA MET I 135 -58.10 63.44 11.86
C MET I 135 -58.76 64.11 10.66
N GLU I 136 -59.58 65.13 10.91
CA GLU I 136 -60.35 65.68 9.80
C GLU I 136 -59.47 66.52 8.91
N GLU I 137 -58.38 67.09 9.47
CA GLU I 137 -57.41 67.74 8.60
C GLU I 137 -56.86 66.76 7.56
N TYR I 138 -56.22 65.69 8.04
CA TYR I 138 -55.61 64.70 7.15
C TYR I 138 -56.64 64.07 6.23
N ARG I 139 -57.83 63.78 6.76
CA ARG I 139 -58.87 63.16 5.95
C ARG I 139 -59.31 64.08 4.83
N HIS I 140 -59.56 65.36 5.13
CA HIS I 140 -59.98 66.30 4.09
C HIS I 140 -58.93 66.42 2.99
N SER I 141 -57.67 66.63 3.38
CA SER I 141 -56.62 66.77 2.36
C SER I 141 -56.48 65.51 1.51
N ARG I 142 -56.15 64.39 2.14
CA ARG I 142 -55.87 63.19 1.35
C ARG I 142 -57.14 62.68 0.71
N LEU I 143 -58.29 63.08 1.26
CA LEU I 143 -59.58 62.82 0.63
C LEU I 143 -59.67 63.43 -0.74
N GLN I 144 -59.59 64.76 -0.83
CA GLN I 144 -59.80 65.36 -2.15
C GLN I 144 -58.70 64.92 -3.12
N GLU I 145 -57.47 64.72 -2.63
CA GLU I 145 -56.48 64.26 -3.60
C GLU I 145 -56.77 62.83 -4.07
N GLY I 146 -56.96 61.91 -3.13
CA GLY I 146 -57.26 60.54 -3.51
C GLY I 146 -58.48 60.45 -4.41
N ALA I 147 -59.43 61.35 -4.23
CA ALA I 147 -60.59 61.39 -5.10
C ALA I 147 -60.16 61.45 -6.57
N LYS I 148 -59.33 62.45 -6.90
CA LYS I 148 -58.99 62.66 -8.30
C LYS I 148 -58.00 61.61 -8.77
N VAL I 149 -57.11 61.15 -7.89
CA VAL I 149 -56.14 60.16 -8.33
C VAL I 149 -56.82 58.81 -8.57
N TYR I 150 -57.93 58.54 -7.88
CA TYR I 150 -58.62 57.28 -8.10
C TYR I 150 -59.62 57.39 -9.24
N ALA I 151 -60.20 58.58 -9.45
CA ALA I 151 -61.02 58.79 -10.64
C ALA I 151 -60.14 58.80 -11.90
N GLU I 152 -58.85 59.07 -11.74
CA GLU I 152 -57.96 59.07 -12.89
C GLU I 152 -57.73 57.67 -13.43
N GLN I 153 -57.85 56.67 -12.56
CA GLN I 153 -57.62 55.29 -12.99
C GLN I 153 -58.63 54.87 -14.04
N PHE I 154 -59.91 55.06 -13.77
CA PHE I 154 -60.92 54.77 -14.78
C PHE I 154 -60.99 55.95 -15.74
N GLY I 155 -62.05 55.97 -16.56
CA GLY I 155 -62.21 57.07 -17.51
C GLY I 155 -62.09 58.41 -16.83
N ILE I 156 -61.55 59.39 -17.57
CA ILE I 156 -61.25 60.69 -16.98
C ILE I 156 -62.53 61.49 -16.85
N ASP I 157 -63.23 61.29 -15.76
CA ASP I 157 -64.49 61.96 -15.48
C ASP I 157 -64.32 63.33 -14.83
N PRO I 158 -63.54 63.48 -13.75
CA PRO I 158 -63.46 64.79 -13.10
C PRO I 158 -62.81 65.83 -14.00
N GLU I 159 -63.23 67.08 -13.84
CA GLU I 159 -64.15 67.50 -12.79
C GLU I 159 -65.56 67.78 -13.28
N ASP I 160 -66.37 66.73 -13.34
CA ASP I 160 -67.78 66.88 -13.69
C ASP I 160 -68.64 66.87 -12.44
N VAL I 161 -69.86 67.41 -12.58
CA VAL I 161 -70.73 67.59 -11.43
C VAL I 161 -71.32 66.26 -10.99
N ASP I 162 -71.38 65.29 -11.89
CA ASP I 162 -71.93 63.98 -11.53
C ASP I 162 -70.98 63.21 -10.64
N TYR I 163 -69.68 63.45 -10.77
CA TYR I 163 -68.73 62.79 -9.88
C TYR I 163 -68.77 63.41 -8.49
N GLN I 164 -69.23 64.66 -8.38
CA GLN I 164 -69.44 65.24 -7.06
C GLN I 164 -70.50 64.47 -6.29
N ARG I 165 -71.66 64.25 -6.91
CA ARG I 165 -72.76 63.59 -6.23
C ARG I 165 -72.39 62.16 -5.81
N GLY I 166 -71.57 61.49 -6.62
CA GLY I 166 -71.14 60.16 -6.27
C GLY I 166 -70.08 60.16 -5.20
N PHE I 167 -69.02 60.98 -5.39
CA PHE I 167 -67.93 61.00 -4.44
C PHE I 167 -68.36 61.58 -3.11
N ASN I 168 -68.79 62.83 -3.10
CA ASN I 168 -69.45 63.38 -1.91
C ASN I 168 -70.68 62.51 -1.66
N GLY I 169 -70.76 61.94 -0.46
CA GLY I 169 -71.73 60.90 -0.18
C GLY I 169 -73.16 61.43 -0.09
N ASP I 170 -73.99 60.74 0.71
CA ASP I 170 -73.68 59.65 1.64
C ASP I 170 -72.55 60.02 2.59
N ILE I 171 -72.52 61.30 2.95
CA ILE I 171 -71.40 61.87 3.71
C ILE I 171 -71.67 61.88 5.21
N THR I 172 -72.91 62.14 5.63
CA THR I 172 -73.21 62.12 7.05
C THR I 172 -72.93 60.76 7.66
N GLU I 173 -73.24 59.69 6.93
CA GLU I 173 -73.02 58.35 7.45
C GLU I 173 -71.53 58.08 7.64
N ARG I 174 -70.72 58.45 6.64
CA ARG I 174 -69.28 58.26 6.75
C ARG I 174 -68.71 59.08 7.90
N ASN I 175 -69.10 60.35 8.01
CA ASN I 175 -68.56 61.17 9.08
C ASN I 175 -68.95 60.63 10.45
N ILE I 176 -70.20 60.19 10.60
CA ILE I 176 -70.62 59.74 11.92
C ILE I 176 -69.91 58.43 12.27
N SER I 177 -69.67 57.57 11.29
CA SER I 177 -68.92 56.35 11.55
C SER I 177 -67.48 56.69 11.95
N LEU I 178 -66.84 57.61 11.23
CA LEU I 178 -65.47 57.97 11.56
C LEU I 178 -65.37 58.57 12.95
N TYR I 179 -66.23 59.52 13.29
CA TYR I 179 -66.14 60.16 14.59
C TYR I 179 -66.52 59.20 15.70
N GLY I 180 -67.39 58.23 15.41
CA GLY I 180 -67.65 57.19 16.40
C GLY I 180 -66.45 56.29 16.62
N ALA I 181 -65.72 55.97 15.56
CA ALA I 181 -64.48 55.24 15.73
C ALA I 181 -63.47 56.03 16.54
N HIS I 182 -63.45 57.34 16.34
CA HIS I 182 -62.53 58.17 17.12
C HIS I 182 -62.95 58.21 18.59
N ASP I 183 -64.25 58.26 18.85
CA ASP I 183 -64.76 58.10 20.20
C ASP I 183 -64.31 56.78 20.81
N ASN I 184 -64.43 55.70 20.06
CA ASN I 184 -63.98 54.41 20.58
C ASN I 184 -62.50 54.44 20.91
N PHE I 185 -61.68 55.01 20.02
CA PHE I 185 -60.25 55.01 20.28
C PHE I 185 -59.89 55.84 21.50
N LEU I 186 -60.43 57.06 21.60
CA LEU I 186 -60.11 57.90 22.74
C LEU I 186 -60.64 57.32 24.04
N SER I 187 -61.80 56.65 24.00
CA SER I 187 -62.33 56.02 25.20
C SER I 187 -61.45 54.86 25.63
N GLN I 188 -60.99 54.05 24.67
CA GLN I 188 -60.05 52.99 25.00
C GLN I 188 -58.75 53.57 25.55
N GLN I 189 -58.32 54.71 25.04
CA GLN I 189 -57.10 55.33 25.53
C GLN I 189 -57.26 55.78 26.97
N ALA I 190 -58.34 56.49 27.26
CA ALA I 190 -58.58 56.94 28.63
C ALA I 190 -58.74 55.75 29.57
N GLN I 191 -59.36 54.66 29.10
CA GLN I 191 -59.53 53.50 29.95
C GLN I 191 -58.19 52.83 30.24
N LYS I 192 -57.36 52.64 29.20
CA LYS I 192 -56.00 52.15 29.41
C LYS I 192 -55.27 53.00 30.44
N GLY I 193 -55.37 54.32 30.31
CA GLY I 193 -54.70 55.19 31.26
C GLY I 193 -55.19 55.01 32.67
N ALA I 194 -56.51 54.95 32.84
CA ALA I 194 -57.06 54.81 34.19
C ALA I 194 -56.67 53.49 34.81
N ILE I 195 -56.72 52.41 34.04
CA ILE I 195 -56.36 51.09 34.59
C ILE I 195 -54.89 51.08 34.98
N MET I 196 -54.00 51.56 34.10
CA MET I 196 -52.59 51.68 34.45
C MET I 196 -52.40 52.49 35.73
N ASN I 197 -53.10 53.62 35.84
CA ASN I 197 -52.89 54.49 36.98
C ASN I 197 -53.29 53.81 38.27
N SER I 198 -54.50 53.27 38.31
CA SER I 198 -54.99 52.63 39.53
C SER I 198 -54.17 51.38 39.85
N ARG I 199 -53.72 50.67 38.81
CA ARG I 199 -52.86 49.51 39.02
C ARG I 199 -51.57 49.92 39.67
N VAL I 200 -50.95 51.01 39.19
CA VAL I 200 -49.69 51.45 39.76
C VAL I 200 -49.90 51.90 41.21
N GLU I 201 -50.99 52.62 41.47
CA GLU I 201 -51.26 53.08 42.84
C GLU I 201 -51.42 51.90 43.79
N LEU I 202 -52.30 50.96 43.44
CA LEU I 202 -52.58 49.86 44.34
C LEU I 202 -51.39 48.91 44.43
N ASN I 203 -50.59 48.80 43.37
CA ASN I 203 -49.37 48.00 43.44
C ASN I 203 -48.40 48.62 44.44
N GLY I 204 -48.21 49.94 44.37
CA GLY I 204 -47.34 50.60 45.33
C GLY I 204 -47.84 50.44 46.75
N VAL I 205 -49.16 50.43 46.94
CA VAL I 205 -49.68 50.36 48.30
C VAL I 205 -49.63 48.94 48.84
N LEU I 206 -49.79 47.94 47.98
CA LEU I 206 -49.89 46.56 48.45
C LEU I 206 -48.61 45.78 48.17
N GLN I 207 -48.14 45.81 46.91
CA GLN I 207 -46.99 45.01 46.54
C GLN I 207 -45.75 45.41 47.32
N ASP I 208 -45.70 46.65 47.80
CA ASP I 208 -44.61 47.06 48.67
C ASP I 208 -44.55 46.12 49.86
N PRO I 209 -43.37 45.79 50.38
CA PRO I 209 -43.23 44.55 51.17
C PRO I 209 -44.23 44.42 52.29
N ASP I 210 -44.27 45.38 53.22
CA ASP I 210 -45.16 45.26 54.36
C ASP I 210 -45.88 46.57 54.67
N MET I 211 -46.35 47.27 53.65
CA MET I 211 -47.34 48.32 53.90
C MET I 211 -48.61 47.73 54.49
N LEU I 212 -48.86 46.45 54.22
CA LEU I 212 -50.05 45.75 54.68
C LEU I 212 -50.07 45.61 56.19
N ARG I 213 -48.95 45.22 56.78
CA ARG I 213 -48.92 44.96 58.22
C ARG I 213 -49.42 46.10 59.06
N ARG I 214 -49.48 47.28 58.47
CA ARG I 214 -49.90 48.44 59.25
C ARG I 214 -51.37 48.39 59.57
N PRO I 215 -51.75 49.02 60.68
CA PRO I 215 -53.15 49.00 61.08
C PRO I 215 -54.08 49.70 60.09
N ASP I 216 -53.59 50.61 59.25
CA ASP I 216 -54.49 51.36 58.39
C ASP I 216 -54.83 50.66 57.08
N SER I 217 -53.90 49.90 56.53
CA SER I 217 -54.12 49.29 55.22
C SER I 217 -55.39 48.48 55.00
N ALA I 218 -56.02 47.97 56.05
CA ALA I 218 -57.27 47.26 55.77
C ALA I 218 -58.37 48.20 55.33
N ASP I 219 -58.62 49.25 56.08
CA ASP I 219 -59.71 50.11 55.67
C ASP I 219 -59.34 50.74 54.35
N PHE I 220 -58.06 51.03 54.15
CA PHE I 220 -57.72 51.73 52.94
C PHE I 220 -58.06 50.97 51.71
N PHE I 221 -57.81 49.68 51.63
CA PHE I 221 -58.07 49.01 50.38
C PHE I 221 -59.53 49.11 50.04
N GLU I 222 -60.36 48.87 51.03
CA GLU I 222 -61.79 48.86 50.76
C GLU I 222 -62.20 50.23 50.31
N LYS I 223 -61.72 51.25 51.00
CA LYS I 223 -62.14 52.57 50.65
C LYS I 223 -61.70 52.96 49.25
N TYR I 224 -60.49 52.59 48.87
CA TYR I 224 -59.99 52.96 47.56
C TYR I 224 -60.84 52.30 46.54
N ILE I 225 -61.13 51.03 46.74
CA ILE I 225 -61.88 50.36 45.69
C ILE I 225 -63.21 51.08 45.59
N ASP I 226 -63.82 51.40 46.71
CA ASP I 226 -65.13 52.02 46.66
C ASP I 226 -65.12 53.37 46.00
N ASN I 227 -64.14 54.19 46.30
CA ASN I 227 -64.14 55.55 45.79
C ASN I 227 -63.87 55.45 44.33
N GLY I 228 -62.83 54.71 43.98
CA GLY I 228 -62.61 54.51 42.56
C GLY I 228 -63.88 54.08 41.84
N LEU I 229 -64.73 53.30 42.52
CA LEU I 229 -65.99 52.92 41.89
C LEU I 229 -66.93 54.11 41.75
N VAL I 230 -66.90 55.03 42.73
CA VAL I 230 -67.86 56.13 42.71
C VAL I 230 -67.37 57.25 41.81
N THR I 231 -66.05 57.35 41.60
CA THR I 231 -65.50 58.50 40.88
C THR I 231 -66.11 58.70 39.49
N GLY I 232 -66.25 57.63 38.67
CA GLY I 232 -65.85 56.27 38.92
C GLY I 232 -64.66 55.85 38.09
N ALA I 233 -63.53 55.62 38.76
CA ALA I 233 -62.37 55.04 38.10
C ALA I 233 -62.58 53.54 37.93
N ILE I 234 -61.45 52.84 37.75
CA ILE I 234 -61.51 51.41 37.52
C ILE I 234 -62.68 51.04 36.62
N PRO I 235 -62.86 51.76 35.51
CA PRO I 235 -64.05 51.45 34.73
C PRO I 235 -63.90 50.15 33.96
N SER I 236 -64.98 49.39 33.89
CA SER I 236 -65.98 49.43 34.94
C SER I 236 -65.96 48.20 35.82
N ASP I 237 -67.12 47.57 35.97
CA ASP I 237 -67.19 46.46 36.89
C ASP I 237 -66.26 45.34 36.54
N ALA I 238 -66.12 45.03 35.26
CA ALA I 238 -65.29 43.90 34.91
C ALA I 238 -63.91 44.15 35.43
N GLN I 239 -63.33 45.23 34.96
CA GLN I 239 -61.99 45.60 35.37
C GLN I 239 -61.89 45.65 36.88
N ALA I 240 -62.99 45.97 37.56
CA ALA I 240 -62.95 46.02 39.02
C ALA I 240 -62.74 44.65 39.64
N THR I 241 -63.58 43.67 39.27
CA THR I 241 -63.35 42.33 39.82
C THR I 241 -61.99 41.79 39.41
N GLN I 242 -61.60 42.01 38.15
CA GLN I 242 -60.30 41.55 37.69
C GLN I 242 -59.18 42.15 38.55
N LEU I 243 -59.21 43.45 38.76
CA LEU I 243 -58.13 44.11 39.49
C LEU I 243 -58.11 43.72 40.96
N ILE I 244 -59.27 43.53 41.56
CA ILE I 244 -59.31 43.21 42.99
C ILE I 244 -58.87 41.77 43.22
N SER I 245 -59.23 40.87 42.30
CA SER I 245 -58.79 39.48 42.44
C SER I 245 -57.32 39.32 42.05
N GLN I 246 -56.74 40.23 41.30
CA GLN I 246 -55.30 40.10 41.00
C GLN I 246 -54.50 40.58 42.19
N ALA I 247 -54.91 41.72 42.70
CA ALA I 247 -54.22 42.28 43.84
C ALA I 247 -54.30 41.36 45.03
N PHE I 248 -55.42 40.67 45.22
CA PHE I 248 -55.52 39.84 46.39
C PHE I 248 -54.43 38.77 46.34
N SER I 249 -54.25 38.16 45.19
CA SER I 249 -53.22 37.13 45.06
C SER I 249 -51.83 37.69 45.25
N ASP I 250 -51.64 38.87 44.69
CA ASP I 250 -50.34 39.47 44.84
C ASP I 250 -50.04 39.68 46.31
N ALA I 251 -51.02 40.18 47.07
CA ALA I 251 -50.83 40.41 48.48
C ALA I 251 -50.58 39.13 49.25
N SER I 252 -51.31 38.08 48.89
CA SER I 252 -51.14 36.82 49.56
C SER I 252 -49.73 36.35 49.39
N SER I 253 -49.14 36.52 48.22
CA SER I 253 -47.75 36.04 48.18
C SER I 253 -46.67 36.90 48.83
N ARG I 254 -47.00 37.96 49.52
CA ARG I 254 -45.96 38.72 50.22
C ARG I 254 -46.00 38.27 51.65
N ALA I 255 -45.01 38.64 52.43
CA ALA I 255 -44.98 38.17 53.79
C ALA I 255 -46.19 38.74 54.44
N GLY I 256 -46.46 39.99 54.15
CA GLY I 256 -47.63 40.62 54.71
C GLY I 256 -48.79 39.97 54.04
N GLY I 257 -49.69 39.40 54.80
CA GLY I 257 -50.71 38.67 54.12
C GLY I 257 -51.77 38.23 55.01
N ALA I 258 -51.45 37.51 56.06
CA ALA I 258 -52.54 37.05 56.83
C ALA I 258 -53.24 38.27 57.32
N ASP I 259 -52.50 39.24 57.82
CA ASP I 259 -53.20 40.35 58.40
C ASP I 259 -54.04 41.08 57.37
N PHE I 260 -53.52 41.32 56.19
CA PHE I 260 -54.30 42.08 55.23
C PHE I 260 -55.52 41.32 54.80
N LEU I 261 -55.38 40.03 54.54
CA LEU I 261 -56.51 39.32 54.00
C LEU I 261 -57.48 39.06 55.09
N MET I 262 -56.92 38.83 56.26
CA MET I 262 -57.81 38.43 57.34
C MET I 262 -58.62 39.61 57.85
N ARG I 263 -58.23 40.83 57.48
CA ARG I 263 -58.94 42.02 57.94
C ARG I 263 -59.90 42.57 56.89
N VAL I 264 -59.49 42.59 55.63
CA VAL I 264 -60.40 43.00 54.56
C VAL I 264 -61.55 42.01 54.47
N GLY I 265 -61.35 40.79 54.92
CA GLY I 265 -62.46 39.90 55.20
C GLY I 265 -62.89 40.09 56.63
N ASP I 266 -64.07 40.65 56.84
CA ASP I 266 -64.96 40.96 55.73
C ASP I 266 -65.22 42.45 55.66
N LYS I 267 -65.34 42.97 54.44
CA LYS I 267 -65.63 44.38 54.24
C LYS I 267 -66.69 44.52 53.17
N LYS I 268 -67.42 45.62 53.24
CA LYS I 268 -68.58 45.85 52.38
C LYS I 268 -68.11 46.58 51.13
N VAL I 269 -68.38 46.01 49.96
CA VAL I 269 -67.99 46.58 48.69
C VAL I 269 -69.10 46.33 47.66
N THR I 270 -69.41 47.35 46.87
CA THR I 270 -70.48 47.29 45.90
C THR I 270 -70.06 46.53 44.65
N LEU I 271 -71.04 46.24 43.80
CA LEU I 271 -70.81 45.67 42.48
C LEU I 271 -72.11 45.79 41.70
N ASN I 272 -72.10 45.18 40.50
CA ASN I 272 -73.26 45.25 39.62
C ASN I 272 -74.47 44.55 40.25
N GLY I 273 -74.32 43.27 40.59
CA GLY I 273 -75.46 42.49 41.03
C GLY I 273 -75.96 42.90 42.41
N ALA I 274 -75.05 42.99 43.38
CA ALA I 274 -75.46 43.25 44.74
C ALA I 274 -74.26 43.71 45.56
N THR I 275 -74.54 44.45 46.63
CA THR I 275 -73.55 44.82 47.63
C THR I 275 -73.27 43.59 48.47
N THR I 276 -71.99 43.33 48.76
CA THR I 276 -71.61 42.01 49.24
C THR I 276 -70.20 42.08 49.84
N THR I 277 -70.00 41.29 50.89
CA THR I 277 -68.73 41.26 51.60
C THR I 277 -67.61 40.72 50.71
N TYR I 278 -66.36 40.99 51.11
CA TYR I 278 -65.21 40.46 50.37
C TYR I 278 -65.19 38.94 50.39
N ARG I 279 -65.47 38.33 51.52
CA ARG I 279 -65.23 36.91 51.60
C ARG I 279 -66.20 36.47 50.55
N GLU I 280 -67.32 37.15 50.49
CA GLU I 280 -68.44 36.59 49.81
C GLU I 280 -68.15 36.46 48.34
N LEU I 281 -67.48 37.46 47.77
CA LEU I 281 -67.27 37.50 46.33
C LEU I 281 -66.44 36.32 45.94
N ILE I 282 -65.60 35.94 46.89
CA ILE I 282 -64.49 35.04 46.70
C ILE I 282 -64.89 33.67 47.34
N GLY I 283 -65.39 32.70 46.56
CA GLY I 283 -65.93 31.43 47.01
C GLY I 283 -65.11 30.74 48.08
N GLU I 284 -65.73 29.72 48.67
CA GLU I 284 -65.15 29.04 49.82
C GLU I 284 -63.81 28.41 49.50
N GLU I 285 -63.55 28.11 48.23
CA GLU I 285 -62.23 27.66 47.81
C GLU I 285 -61.51 28.72 47.01
N GLN I 286 -62.13 29.90 46.86
CA GLN I 286 -61.46 31.08 46.33
C GLN I 286 -60.78 31.83 47.47
N TRP I 287 -61.34 31.77 48.68
CA TRP I 287 -60.77 32.54 49.78
C TRP I 287 -59.87 31.68 50.66
N ASN I 288 -60.31 30.46 50.98
CA ASN I 288 -59.49 29.58 51.79
C ASN I 288 -58.14 29.31 51.13
N ALA I 289 -58.14 29.21 49.80
CA ALA I 289 -56.89 29.10 49.07
C ALA I 289 -55.98 30.28 49.36
N LEU I 290 -56.51 31.48 49.19
CA LEU I 290 -55.65 32.59 49.34
C LEU I 290 -55.18 32.52 50.74
N MET I 291 -56.07 32.19 51.65
CA MET I 291 -55.74 32.30 53.03
C MET I 291 -54.58 31.40 53.33
N VAL I 292 -54.64 30.14 52.91
CA VAL I 292 -53.55 29.24 53.22
C VAL I 292 -52.27 29.61 52.50
N THR I 293 -52.36 29.90 51.22
CA THR I 293 -51.15 30.20 50.45
C THR I 293 -50.45 31.44 51.01
N ALA I 294 -51.21 32.40 51.54
CA ALA I 294 -50.56 33.54 52.18
C ALA I 294 -49.88 33.13 53.47
N GLN I 295 -50.51 32.25 54.23
CA GLN I 295 -49.89 31.74 55.45
C GLN I 295 -48.58 31.04 55.12
N ARG I 296 -48.61 30.25 54.05
CA ARG I 296 -47.42 29.52 53.60
C ARG I 296 -46.34 30.48 53.13
N SER I 297 -46.72 31.53 52.40
CA SER I 297 -45.72 32.47 51.94
C SER I 297 -45.09 33.22 53.11
N GLN I 298 -45.90 33.54 54.13
CA GLN I 298 -45.34 34.15 55.32
C GLN I 298 -44.33 33.22 55.99
N PHE I 299 -44.69 31.94 56.12
CA PHE I 299 -43.75 30.98 56.69
C PHE I 299 -42.46 30.93 55.87
N GLU I 300 -42.60 30.89 54.55
CA GLU I 300 -41.43 30.85 53.67
C GLU I 300 -40.53 32.04 53.92
N THR I 301 -41.08 33.25 53.90
CA THR I 301 -40.24 34.44 54.01
C THR I 301 -39.65 34.56 55.39
N ASP I 302 -40.38 34.12 56.42
CA ASP I 302 -39.84 34.17 57.77
C ASP I 302 -38.67 33.21 57.92
N ALA I 303 -38.79 31.99 57.38
CA ALA I 303 -37.66 31.07 57.41
C ALA I 303 -36.51 31.61 56.58
N LYS I 304 -36.82 32.32 55.49
CA LYS I 304 -35.77 32.93 54.68
C LYS I 304 -34.99 33.96 55.50
N LEU I 305 -35.69 34.78 56.27
CA LEU I 305 -35.02 35.75 57.14
C LEU I 305 -34.18 35.03 58.19
N ASN I 306 -34.76 34.01 58.82
CA ASN I 306 -33.99 33.22 59.78
C ASN I 306 -32.70 32.69 59.18
N GLU I 307 -32.78 32.17 57.95
CA GLU I 307 -31.62 31.53 57.34
C GLU I 307 -30.60 32.57 56.90
N GLN I 308 -31.05 33.76 56.49
CA GLN I 308 -30.10 34.83 56.21
C GLN I 308 -29.34 35.22 57.47
N TYR I 309 -30.05 35.37 58.58
CA TYR I 309 -29.39 35.70 59.84
C TYR I 309 -28.41 34.61 60.24
N ARG I 310 -28.83 33.35 60.15
CA ARG I 310 -27.98 32.24 60.55
C ARG I 310 -26.79 32.11 59.61
N LEU I 311 -26.96 32.50 58.34
CA LEU I 311 -25.83 32.57 57.43
C LEU I 311 -24.81 33.60 57.88
N LYS I 312 -25.28 34.80 58.22
CA LYS I 312 -24.37 35.82 58.72
C LYS I 312 -23.61 35.31 59.95
N ILE I 313 -24.31 34.66 60.88
CA ILE I 313 -23.66 34.22 62.11
C ILE I 313 -22.69 33.08 61.84
N ASN I 314 -23.09 32.12 61.01
CA ASN I 314 -22.17 31.03 60.68
C ASN I 314 -20.94 31.54 59.98
N SER I 315 -21.08 32.54 59.10
CA SER I 315 -19.90 33.13 58.49
C SER I 315 -19.02 33.78 59.54
N ALA I 316 -19.62 34.52 60.47
CA ALA I 316 -18.83 35.11 61.54
C ALA I 316 -18.07 34.04 62.32
N LEU I 317 -18.66 32.84 62.42
CA LEU I 317 -18.00 31.76 63.13
C LEU I 317 -16.86 31.15 62.31
N ASN I 318 -17.04 31.02 61.01
CA ASN I 318 -16.13 30.20 60.21
C ASN I 318 -14.96 30.99 59.65
N GLN I 319 -14.59 32.11 60.29
CA GLN I 319 -13.45 32.88 59.79
C GLN I 319 -12.16 32.10 59.94
N GLU I 320 -11.13 32.55 59.22
CA GLU I 320 -9.83 31.91 59.33
C GLU I 320 -9.21 32.13 60.70
N ASP I 321 -9.03 33.40 61.08
CA ASP I 321 -8.45 33.72 62.36
C ASP I 321 -9.55 34.16 63.30
N PRO I 322 -9.61 33.60 64.51
CA PRO I 322 -10.74 33.89 65.39
C PRO I 322 -10.81 35.35 65.83
N ARG I 323 -9.73 36.13 65.63
CA ARG I 323 -9.82 37.56 65.94
C ARG I 323 -10.89 38.24 65.11
N THR I 324 -10.74 38.18 63.79
CA THR I 324 -11.75 38.75 62.89
C THR I 324 -13.12 38.14 63.15
N ALA I 325 -13.17 36.86 63.49
CA ALA I 325 -14.42 36.26 63.90
C ALA I 325 -15.06 37.06 65.03
N TRP I 326 -14.31 37.30 66.10
CA TRP I 326 -14.89 37.95 67.26
C TRP I 326 -15.29 39.39 66.96
N GLU I 327 -14.46 40.13 66.24
CA GLU I 327 -14.82 41.52 66.02
C GLU I 327 -16.00 41.65 65.07
N MET I 328 -16.07 40.79 64.04
CA MET I 328 -17.22 40.81 63.15
C MET I 328 -18.49 40.43 63.88
N LEU I 329 -18.39 39.43 64.78
CA LEU I 329 -19.54 39.05 65.57
C LEU I 329 -19.98 40.18 66.50
N GLN I 330 -19.02 40.88 67.09
CA GLN I 330 -19.33 42.00 67.96
C GLN I 330 -20.01 43.11 67.19
N GLY I 331 -19.55 43.38 65.97
CA GLY I 331 -20.21 44.37 65.13
C GLY I 331 -21.61 43.96 64.76
N ILE I 332 -21.82 42.67 64.46
CA ILE I 332 -23.16 42.19 64.14
C ILE I 332 -24.07 42.34 65.35
N LYS I 333 -23.56 42.10 66.56
CA LYS I 333 -24.33 42.35 67.76
C LYS I 333 -24.68 43.83 67.91
N ALA I 334 -23.80 44.77 67.81
CA ALA I 334 -24.27 46.14 68.07
C ALA I 334 -25.61 46.59 67.42
N GLU I 335 -25.46 47.14 66.24
CA GLU I 335 -26.63 47.72 65.65
C GLU I 335 -27.68 46.72 65.46
N LEU I 336 -27.29 45.56 64.98
CA LEU I 336 -28.34 44.67 64.64
C LEU I 336 -29.17 44.29 65.81
N ASP I 337 -28.52 43.91 66.89
CA ASP I 337 -29.35 43.41 67.96
C ASP I 337 -30.18 44.51 68.48
N LYS I 338 -29.57 45.67 68.67
CA LYS I 338 -30.39 46.65 69.32
C LYS I 338 -31.62 46.95 68.53
N VAL I 339 -31.44 47.64 67.40
CA VAL I 339 -32.58 48.07 66.62
C VAL I 339 -33.84 47.25 66.85
N GLN I 340 -33.96 46.13 66.17
CA GLN I 340 -35.18 45.39 66.33
C GLN I 340 -35.39 44.61 67.65
N PRO I 341 -34.44 43.72 68.05
CA PRO I 341 -34.73 43.05 69.33
C PRO I 341 -34.59 43.75 70.69
N ASP I 342 -33.60 44.61 70.93
CA ASP I 342 -33.35 45.23 72.26
C ASP I 342 -32.78 44.19 73.26
N GLU I 343 -32.70 44.50 74.55
CA GLU I 343 -32.02 43.60 75.52
C GLU I 343 -32.55 42.21 75.83
N GLN I 344 -33.85 42.06 76.04
CA GLN I 344 -34.44 40.75 76.43
C GLN I 344 -34.07 39.61 75.53
N MET I 345 -34.03 38.40 76.07
CA MET I 345 -33.57 37.29 75.27
C MET I 345 -34.51 37.15 74.11
N THR I 346 -33.96 36.99 72.93
CA THR I 346 -34.77 36.84 71.75
C THR I 346 -34.21 35.62 71.07
N PRO I 347 -34.99 34.98 70.22
CA PRO I 347 -34.34 33.87 69.54
C PRO I 347 -33.18 34.37 68.69
N GLN I 348 -32.86 35.67 68.74
CA GLN I 348 -31.68 36.17 68.04
C GLN I 348 -30.56 36.33 69.03
N ARG I 349 -30.88 36.77 70.24
CA ARG I 349 -29.88 36.96 71.27
C ARG I 349 -29.25 35.65 71.59
N GLU I 350 -30.05 34.61 71.69
CA GLU I 350 -29.48 33.32 72.00
C GLU I 350 -28.55 32.84 70.90
N TRP I 351 -28.93 33.09 69.67
CA TRP I 351 -28.10 32.69 68.55
C TRP I 351 -26.77 33.43 68.63
N LEU I 352 -26.83 34.71 68.98
CA LEU I 352 -25.62 35.49 69.17
C LEU I 352 -24.74 34.96 70.31
N ILE I 353 -25.36 34.55 71.41
CA ILE I 353 -24.67 34.12 72.61
C ILE I 353 -23.89 32.83 72.40
N SER I 354 -24.55 31.79 71.95
CA SER I 354 -23.82 30.58 71.59
C SER I 354 -22.71 30.89 70.62
N ALA I 355 -22.91 31.88 69.76
CA ALA I 355 -21.85 32.31 68.85
C ALA I 355 -20.69 32.93 69.63
N GLN I 356 -21.00 33.67 70.69
CA GLN I 356 -19.96 34.27 71.51
C GLN I 356 -19.17 33.19 72.26
N GLU I 357 -19.87 32.23 72.87
CA GLU I 357 -19.15 31.11 73.49
C GLU I 357 -18.35 30.34 72.47
N GLN I 358 -18.90 30.19 71.27
CA GLN I 358 -18.22 29.49 70.19
C GLN I 358 -16.91 30.18 69.81
N VAL I 359 -16.96 31.50 69.62
CA VAL I 359 -15.74 32.22 69.24
C VAL I 359 -14.78 32.28 70.41
N GLN I 360 -15.28 32.23 71.65
CA GLN I 360 -14.38 32.12 72.79
C GLN I 360 -13.61 30.81 72.75
N ASN I 361 -14.31 29.71 72.47
CA ASN I 361 -13.62 28.42 72.37
C ASN I 361 -12.64 28.41 71.20
N GLN I 362 -13.03 29.02 70.08
CA GLN I 362 -12.14 29.09 68.94
C GLN I 362 -10.89 29.94 69.25
N MET I 363 -11.06 30.98 70.08
CA MET I 363 -9.91 31.76 70.49
C MET I 363 -9.00 30.98 71.43
N ASN I 364 -9.61 30.15 72.29
CA ASN I 364 -8.82 29.23 73.09
C ASN I 364 -7.94 28.36 72.20
N ALA I 365 -8.55 27.73 71.20
CA ALA I 365 -7.80 26.90 70.27
C ALA I 365 -6.73 27.71 69.54
N TRP I 366 -7.02 28.95 69.18
CA TRP I 366 -6.05 29.75 68.45
C TRP I 366 -4.86 30.11 69.32
N THR I 367 -5.10 30.43 70.59
CA THR I 367 -3.99 30.66 71.51
C THR I 367 -3.11 29.43 71.60
N LYS I 368 -3.73 28.27 71.81
CA LYS I 368 -2.94 27.05 71.93
C LYS I 368 -2.12 26.80 70.66
N ALA I 369 -2.72 27.05 69.49
CA ALA I 369 -2.03 26.78 68.23
C ALA I 369 -0.87 27.73 68.02
N GLN I 370 -1.06 29.02 68.33
CA GLN I 370 0.04 29.96 68.18
C GLN I 370 1.16 29.65 69.16
N ALA I 371 0.82 29.15 70.35
CA ALA I 371 1.86 28.76 71.29
C ALA I 371 2.65 27.56 70.77
N LYS I 372 1.95 26.57 70.21
CA LYS I 372 2.66 25.45 69.61
C LYS I 372 3.54 25.91 68.47
N ALA I 373 3.09 26.90 67.70
CA ALA I 373 3.93 27.44 66.64
C ALA I 373 5.18 28.08 67.20
N LEU I 374 5.05 28.79 68.31
CA LEU I 374 6.23 29.34 68.99
C LEU I 374 7.22 28.24 69.35
N ASP I 375 6.72 27.19 70.01
CA ASP I 375 7.59 26.09 70.40
C ASP I 375 8.29 25.48 69.19
N ASP I 376 7.53 25.26 68.12
CA ASP I 376 8.11 24.70 66.90
C ASP I 376 9.14 25.62 66.29
N SER I 377 8.89 26.94 66.33
CA SER I 377 9.87 27.85 65.76
C SER I 377 11.20 27.76 66.50
N MET I 378 11.17 27.80 67.84
CA MET I 378 12.43 27.64 68.56
C MET I 378 13.07 26.28 68.33
N LYS I 379 12.28 25.21 68.41
CA LYS I 379 12.86 23.89 68.22
C LYS I 379 13.49 23.77 66.83
N SER I 380 12.81 24.29 65.81
CA SER I 380 13.33 24.20 64.45
C SER I 380 14.60 25.01 64.28
N MET I 381 14.64 26.23 64.81
CA MET I 381 15.84 27.04 64.68
C MET I 381 17.03 26.36 65.35
N ASN I 382 16.83 25.87 66.58
CA ASN I 382 17.94 25.26 67.29
C ASN I 382 18.42 23.99 66.59
N LYS I 383 17.51 23.07 66.29
CA LYS I 383 17.92 21.83 65.65
C LYS I 383 18.43 22.09 64.24
N LEU I 384 17.99 23.19 63.63
CA LEU I 384 18.46 23.53 62.31
C LEU I 384 19.91 23.95 62.34
N ASP I 385 20.28 24.80 63.29
CA ASP I 385 21.69 25.18 63.38
C ASP I 385 22.55 24.00 63.80
N VAL I 386 22.03 23.12 64.66
CA VAL I 386 22.77 21.92 65.02
C VAL I 386 23.02 21.06 63.79
N ILE I 387 21.97 20.82 63.00
CA ILE I 387 22.10 20.07 61.75
C ILE I 387 23.14 20.71 60.85
N ASP I 388 23.05 22.03 60.67
CA ASP I 388 23.97 22.70 59.75
C ASP I 388 25.41 22.59 60.21
N LYS I 389 25.66 22.68 61.51
CA LYS I 389 27.04 22.58 61.98
C LYS I 389 27.56 21.16 61.79
N GLN I 390 26.78 20.17 62.21
CA GLN I 390 27.19 18.78 62.04
C GLN I 390 27.28 18.41 60.56
N PHE I 391 26.67 19.21 59.68
CA PHE I 391 26.74 18.97 58.25
C PHE I 391 27.98 19.62 57.65
N GLN I 392 28.31 20.83 58.09
CA GLN I 392 29.58 21.44 57.72
C GLN I 392 30.74 20.55 58.12
N LYS I 393 30.60 19.86 59.23
CA LYS I 393 31.59 18.86 59.62
C LYS I 393 31.78 17.81 58.53
N ARG I 394 30.68 17.30 57.98
CA ARG I 394 30.76 16.30 56.92
C ARG I 394 31.37 16.88 55.66
N ILE I 395 31.02 18.12 55.34
CA ILE I 395 31.55 18.76 54.14
C ILE I 395 33.06 18.92 54.24
N ASN I 396 33.54 19.44 55.38
CA ASN I 396 34.96 19.63 55.53
C ASN I 396 35.68 18.33 55.85
N GLY I 397 35.24 17.64 56.91
CA GLY I 397 35.80 16.38 57.34
C GLY I 397 35.15 15.21 56.64
N GLU I 398 35.04 14.09 57.35
CA GLU I 398 34.53 12.84 56.79
C GLU I 398 33.80 12.07 57.88
N TRP I 399 32.99 11.12 57.42
CA TRP I 399 32.52 10.00 58.24
C TRP I 399 31.70 10.52 59.41
N VAL I 400 30.63 11.27 59.09
CA VAL I 400 29.87 11.98 60.10
C VAL I 400 28.46 11.43 60.27
N SER I 401 27.98 10.62 59.33
CA SER I 401 26.70 9.94 59.48
C SER I 401 25.57 10.93 59.68
N THR I 402 25.27 11.72 58.64
CA THR I 402 24.17 12.69 58.66
C THR I 402 22.82 12.06 58.32
N ASP I 403 22.66 10.75 58.49
CA ASP I 403 21.50 10.07 57.90
C ASP I 403 20.19 10.60 58.48
N PHE I 404 19.88 10.22 59.73
CA PHE I 404 18.75 10.77 60.46
C PHE I 404 19.16 11.09 61.87
N LYS I 405 20.00 10.23 62.42
CA LYS I 405 20.34 10.22 63.83
C LYS I 405 21.49 11.19 64.09
N ASP I 406 21.17 12.33 64.70
CA ASP I 406 22.14 13.39 64.91
C ASP I 406 22.34 13.64 66.36
N MET I 407 22.65 14.88 66.70
CA MET I 407 22.88 15.24 68.09
C MET I 407 21.66 15.92 68.66
N PRO I 408 20.87 15.22 69.48
CA PRO I 408 19.64 15.79 69.99
C PRO I 408 19.77 16.06 71.44
N VAL I 409 20.99 16.15 71.91
CA VAL I 409 21.20 16.29 73.33
C VAL I 409 21.28 17.74 73.74
N ASN I 410 20.88 18.62 72.84
CA ASN I 410 20.94 20.03 73.14
C ASN I 410 20.01 20.39 74.27
N GLU I 411 19.08 19.49 74.64
CA GLU I 411 18.10 19.72 75.72
C GLU I 411 16.99 20.57 75.16
N ASN I 412 17.33 21.67 74.49
CA ASN I 412 16.28 22.43 73.82
C ASN I 412 15.83 21.89 72.47
N THR I 413 16.76 21.37 71.69
CA THR I 413 16.45 20.85 70.37
C THR I 413 15.50 19.68 70.47
N GLY I 414 15.72 18.84 71.46
CA GLY I 414 14.87 17.68 71.70
C GLY I 414 14.87 16.75 70.52
N GLU I 415 13.69 16.34 70.08
CA GLU I 415 13.60 15.30 69.07
C GLU I 415 14.07 15.88 67.75
N PHE I 416 14.64 15.05 66.89
CA PHE I 416 14.68 15.40 65.49
C PHE I 416 13.56 14.71 64.72
N LYS I 417 12.59 15.48 64.22
CA LYS I 417 11.67 14.94 63.23
C LYS I 417 12.43 14.72 61.93
N HIS I 418 11.89 13.89 61.05
CA HIS I 418 12.48 13.82 59.72
C HIS I 418 12.28 15.12 58.97
N SER I 419 11.37 15.96 59.44
CA SER I 419 11.02 17.17 58.71
C SER I 419 12.20 18.14 58.62
N ASP I 420 13.13 18.10 59.57
CA ASP I 420 14.13 19.17 59.59
C ASP I 420 15.06 19.06 58.40
N MET I 421 15.57 17.86 58.11
CA MET I 421 16.59 17.73 57.09
C MET I 421 16.07 18.16 55.73
N VAL I 422 14.82 17.83 55.40
CA VAL I 422 14.22 18.40 54.20
C VAL I 422 14.10 19.91 54.33
N ASN I 423 13.55 20.38 55.44
CA ASN I 423 13.50 21.80 55.70
C ASN I 423 14.90 22.41 55.71
N TYR I 424 15.87 21.68 56.26
CA TYR I 424 17.23 22.21 56.29
C TYR I 424 17.77 22.42 54.89
N ALA I 425 17.66 21.39 54.05
CA ALA I 425 18.14 21.50 52.68
C ALA I 425 17.44 22.64 51.95
N ASN I 426 16.12 22.73 52.09
CA ASN I 426 15.40 23.77 51.35
C ASN I 426 15.81 25.15 51.81
N LYS I 427 15.79 25.38 53.13
CA LYS I 427 16.11 26.70 53.65
C LYS I 427 17.56 27.07 53.34
N LYS I 428 18.47 26.11 53.43
CA LYS I 428 19.88 26.41 53.20
C LYS I 428 20.14 26.69 51.72
N LEU I 429 19.42 25.99 50.84
CA LEU I 429 19.60 26.24 49.42
C LEU I 429 19.11 27.64 49.06
N ALA I 430 17.93 28.00 49.57
CA ALA I 430 17.46 29.38 49.36
C ALA I 430 18.41 30.39 49.99
N GLU I 431 18.91 30.09 51.18
CA GLU I 431 19.89 30.94 51.85
C GLU I 431 21.10 31.19 50.95
N ILE I 432 21.66 30.12 50.38
CA ILE I 432 22.75 30.28 49.43
C ILE I 432 22.33 31.15 48.26
N ASP I 433 21.10 30.97 47.78
CA ASP I 433 20.62 31.81 46.69
C ASP I 433 20.61 33.27 47.09
N SER I 434 20.41 33.55 48.38
CA SER I 434 20.28 34.94 48.81
C SER I 434 21.61 35.55 49.20
N MET I 435 22.68 34.77 49.16
CA MET I 435 23.98 35.30 49.54
C MET I 435 24.46 36.35 48.54
N ASP I 436 25.52 37.06 48.92
CA ASP I 436 25.96 38.24 48.18
C ASP I 436 27.02 37.91 47.14
N ILE I 437 27.61 36.72 47.21
CA ILE I 437 28.75 36.30 46.39
C ILE I 437 28.39 36.22 44.91
N PRO I 438 29.38 36.21 44.02
CA PRO I 438 29.08 36.03 42.59
C PRO I 438 28.67 34.60 42.29
N ASP I 439 28.19 34.40 41.06
CA ASP I 439 27.56 33.13 40.68
C ASP I 439 28.51 31.95 40.84
N GLY I 440 29.79 32.15 40.56
CA GLY I 440 30.73 31.05 40.64
C GLY I 440 30.77 30.44 42.03
N ALA I 441 30.92 31.28 43.06
CA ALA I 441 30.96 30.77 44.41
C ALA I 441 29.63 30.13 44.79
N LYS I 442 28.52 30.72 44.34
CA LYS I 442 27.20 30.16 44.64
C LYS I 442 27.09 28.73 44.11
N ASP I 443 27.49 28.51 42.86
CA ASP I 443 27.30 27.20 42.28
C ASP I 443 28.34 26.20 42.79
N ALA I 444 29.57 26.65 43.01
CA ALA I 444 30.53 25.77 43.69
C ALA I 444 30.00 25.36 45.05
N MET I 445 29.24 26.24 45.71
CA MET I 445 28.74 25.94 47.04
C MET I 445 27.56 24.98 46.97
N LYS I 446 26.67 25.18 46.00
CA LYS I 446 25.59 24.23 45.78
C LYS I 446 26.16 22.84 45.51
N LEU I 447 27.26 22.77 44.77
CA LEU I 447 27.84 21.45 44.49
C LEU I 447 28.57 20.88 45.71
N LYS I 448 29.30 21.72 46.44
CA LYS I 448 29.99 21.24 47.63
C LYS I 448 29.01 20.92 48.75
N TYR I 449 27.74 21.27 48.56
CA TYR I 449 26.70 20.73 49.44
C TYR I 449 26.08 19.48 48.84
N LEU I 450 25.94 19.41 47.51
CA LEU I 450 25.35 18.24 46.88
C LEU I 450 26.14 16.99 47.22
N GLN I 451 27.40 17.16 47.57
CA GLN I 451 28.17 16.13 48.25
C GLN I 451 28.53 16.65 49.64
N ALA I 452 28.30 15.83 50.65
CA ALA I 452 27.75 14.50 50.48
C ALA I 452 26.80 14.15 51.61
N ASP I 453 25.60 13.74 51.25
CA ASP I 453 24.72 13.05 52.18
C ASP I 453 24.47 11.67 51.62
N SER I 454 24.04 10.76 52.49
CA SER I 454 23.97 9.35 52.12
C SER I 454 22.74 9.01 51.28
N LYS I 455 22.56 9.71 50.15
CA LYS I 455 21.45 9.44 49.22
C LYS I 455 20.12 9.40 49.96
N ASP I 456 19.96 10.33 50.91
CA ASP I 456 18.78 10.31 51.77
C ASP I 456 17.48 10.35 50.97
N GLY I 457 17.33 11.29 50.03
CA GLY I 457 18.19 12.43 49.81
C GLY I 457 17.52 13.69 50.30
N ALA I 458 18.28 14.56 50.96
CA ALA I 458 17.73 15.89 51.30
C ALA I 458 18.14 16.89 50.23
N PHE I 459 19.44 17.15 50.13
CA PHE I 459 19.93 18.02 49.07
C PHE I 459 19.81 17.35 47.72
N ARG I 460 20.06 16.05 47.67
CA ARG I 460 19.98 15.34 46.40
C ARG I 460 18.56 15.41 45.87
N THR I 461 17.57 15.28 46.76
CA THR I 461 16.18 15.35 46.32
C THR I 461 15.77 16.80 46.01
N ALA I 462 16.34 17.78 46.70
CA ALA I 462 16.04 19.17 46.36
C ALA I 462 16.52 19.49 44.95
N ILE I 463 17.80 19.25 44.68
CA ILE I 463 18.32 19.47 43.34
C ILE I 463 17.59 18.58 42.34
N GLY I 464 17.14 17.41 42.78
CA GLY I 464 16.44 16.52 41.89
C GLY I 464 15.08 17.05 41.46
N THR I 465 14.32 17.58 42.41
CA THR I 465 13.03 18.16 42.03
C THR I 465 13.24 19.41 41.20
N MET I 466 14.35 20.12 41.42
CA MET I 466 14.70 21.19 40.49
C MET I 466 14.90 20.64 39.07
N VAL I 467 15.60 19.52 38.96
CA VAL I 467 15.84 18.92 37.65
C VAL I 467 14.53 18.50 37.00
N THR I 468 13.67 17.78 37.74
CA THR I 468 12.41 17.37 37.13
C THR I 468 11.53 18.56 36.82
N ASP I 469 11.67 19.67 37.55
CA ASP I 469 10.96 20.88 37.17
C ASP I 469 11.42 21.38 35.82
N ALA I 470 12.74 21.49 35.63
CA ALA I 470 13.25 21.89 34.33
C ALA I 470 12.78 20.91 33.24
N GLY I 471 12.73 19.63 33.58
CA GLY I 471 12.32 18.64 32.59
C GLY I 471 10.87 18.79 32.18
N GLN I 472 9.97 18.88 33.16
CA GLN I 472 8.56 19.06 32.84
C GLN I 472 8.35 20.39 32.12
N GLU I 473 9.15 21.41 32.46
CA GLU I 473 8.98 22.70 31.84
C GLU I 473 9.36 22.65 30.37
N TRP I 474 10.48 22.00 30.06
CA TRP I 474 10.83 21.84 28.64
C TRP I 474 9.84 20.94 27.94
N SER I 475 9.26 19.98 28.65
CA SER I 475 8.18 19.19 28.08
C SER I 475 7.03 20.08 27.67
N ALA I 476 6.57 20.92 28.58
CA ALA I 476 5.46 21.82 28.30
C ALA I 476 5.79 22.75 27.15
N ALA I 477 7.04 23.18 27.06
CA ALA I 477 7.45 23.94 25.88
C ALA I 477 7.28 23.11 24.62
N VAL I 478 7.59 21.81 24.70
CA VAL I 478 7.44 20.95 23.53
C VAL I 478 5.98 20.87 23.11
N ILE I 479 5.09 20.59 24.05
CA ILE I 479 3.67 20.49 23.71
C ILE I 479 3.18 21.83 23.18
N ASN I 480 3.56 22.91 23.85
CA ASN I 480 3.04 24.24 23.53
C ASN I 480 3.45 24.68 22.13
N GLY I 481 4.54 24.12 21.60
CA GLY I 481 4.96 24.41 20.25
C GLY I 481 6.07 25.42 20.14
N LYS I 482 6.15 26.38 21.06
CA LYS I 482 7.27 27.30 21.15
C LYS I 482 7.86 27.20 22.55
N LEU I 483 8.77 28.08 22.90
CA LEU I 483 9.32 27.99 24.24
C LEU I 483 8.96 29.21 25.04
N PRO I 484 8.28 29.05 26.18
CA PRO I 484 7.86 30.23 26.95
C PRO I 484 9.05 31.02 27.45
N GLU I 485 8.86 32.32 27.56
CA GLU I 485 9.94 33.20 27.95
C GLU I 485 10.29 33.04 29.42
N ARG I 486 11.55 33.36 29.73
CA ARG I 486 12.04 33.60 31.08
C ARG I 486 12.25 32.32 31.90
N THR I 487 11.66 31.20 31.47
CA THR I 487 12.10 29.83 31.78
C THR I 487 12.79 29.69 33.12
N PRO I 488 12.11 29.94 34.24
CA PRO I 488 12.82 29.98 35.53
C PRO I 488 13.54 28.69 35.88
N ALA I 489 12.86 27.55 35.81
CA ALA I 489 13.50 26.29 36.19
C ALA I 489 14.64 25.95 35.24
N MET I 490 14.44 26.13 33.94
CA MET I 490 15.51 25.89 32.99
C MET I 490 16.70 26.80 33.27
N ASP I 491 16.43 28.05 33.64
CA ASP I 491 17.54 28.97 33.90
C ASP I 491 18.32 28.56 35.14
N ALA I 492 17.62 28.20 36.21
CA ALA I 492 18.31 27.76 37.41
C ALA I 492 19.10 26.48 37.15
N LEU I 493 18.54 25.56 36.38
CA LEU I 493 19.27 24.34 36.05
C LEU I 493 20.49 24.66 35.20
N ARG I 494 20.39 25.60 34.27
CA ARG I 494 21.55 25.97 33.48
C ARG I 494 22.63 26.55 34.38
N ARG I 495 22.23 27.38 35.33
CA ARG I 495 23.21 27.93 36.26
C ARG I 495 23.94 26.83 37.02
N ILE I 496 23.19 25.90 37.62
CA ILE I 496 23.84 24.89 38.46
C ILE I 496 24.66 23.93 37.61
N ARG I 497 24.09 23.42 36.53
CA ARG I 497 24.75 22.37 35.77
C ARG I 497 25.89 22.89 34.91
N ASN I 498 25.85 24.12 34.44
CA ASN I 498 27.02 24.61 33.72
C ASN I 498 28.32 24.26 34.46
N ALA I 499 28.32 24.39 35.79
CA ALA I 499 29.52 24.11 36.58
C ALA I 499 30.11 22.69 36.66
N ASP I 500 29.29 21.64 36.75
CA ASP I 500 29.87 20.28 36.68
C ASP I 500 29.07 19.32 35.89
N PRO I 501 29.11 19.48 34.57
CA PRO I 501 28.28 18.66 33.73
C PRO I 501 28.17 17.23 34.15
N GLN I 502 29.27 16.58 34.44
CA GLN I 502 29.19 15.17 34.71
C GLN I 502 28.47 14.85 36.01
N LEU I 503 28.72 15.60 37.06
CA LEU I 503 28.11 15.25 38.36
C LEU I 503 26.60 15.32 38.43
N ILE I 504 26.00 16.39 37.91
CA ILE I 504 24.58 16.53 38.03
C ILE I 504 24.00 15.38 37.27
N ALA I 505 24.57 15.10 36.11
CA ALA I 505 24.08 14.01 35.31
C ALA I 505 24.23 12.70 35.99
N ALA I 506 25.34 12.50 36.67
CA ALA I 506 25.58 11.20 37.27
C ALA I 506 24.58 10.85 38.35
N LEU I 507 24.27 11.80 39.21
CA LEU I 507 23.36 11.54 40.29
C LEU I 507 21.96 11.26 39.81
N TYR I 508 21.48 11.98 38.81
CA TYR I 508 20.18 11.67 38.26
C TYR I 508 20.36 10.96 36.94
N PRO I 509 20.32 9.63 36.92
CA PRO I 509 20.63 8.89 35.70
C PRO I 509 19.37 8.64 34.98
N ASP I 510 18.50 9.62 34.98
CA ASP I 510 17.18 9.46 34.38
C ASP I 510 16.94 10.52 33.33
N GLN I 511 17.16 11.79 33.66
CA GLN I 511 16.98 12.87 32.70
C GLN I 511 18.27 13.26 32.02
N ALA I 512 18.97 12.31 31.38
CA ALA I 512 20.10 12.70 30.55
C ALA I 512 19.62 13.36 29.27
N GLU I 513 18.38 13.06 28.88
CA GLU I 513 17.75 13.70 27.73
C GLU I 513 17.71 15.22 27.91
N LEU I 514 17.27 15.68 29.08
CA LEU I 514 17.21 17.11 29.33
C LEU I 514 18.59 17.74 29.30
N PHE I 515 19.59 17.07 29.89
CA PHE I 515 20.93 17.62 29.88
C PHE I 515 21.45 17.74 28.46
N LEU I 516 21.24 16.71 27.64
CA LEU I 516 21.63 16.78 26.24
C LEU I 516 20.95 17.94 25.54
N THR I 517 19.63 18.08 25.69
CA THR I 517 18.94 19.15 25.00
C THR I 517 19.39 20.52 25.47
N MET I 518 19.59 20.70 26.78
CA MET I 518 20.02 21.98 27.28
C MET I 518 21.42 22.31 26.78
N ASP I 519 22.33 21.33 26.79
CA ASP I 519 23.68 21.57 26.31
C ASP I 519 23.72 21.80 24.82
N MET I 520 22.75 21.24 24.09
CA MET I 520 22.55 21.63 22.70
C MET I 520 22.09 23.08 22.62
N MET I 521 21.24 23.48 23.57
CA MET I 521 20.59 24.76 23.50
C MET I 521 21.55 25.90 23.77
N ASP I 522 22.49 25.73 24.68
CA ASP I 522 23.31 26.85 25.13
C ASP I 522 24.74 26.77 24.63
N LYS I 523 25.44 25.67 24.87
CA LYS I 523 26.84 25.58 24.48
C LYS I 523 26.98 25.62 22.95
N GLN I 524 26.32 24.69 22.27
CA GLN I 524 26.25 24.75 20.82
C GLN I 524 25.28 25.85 20.39
N GLY I 525 25.35 26.23 19.11
CA GLY I 525 24.68 27.44 18.67
C GLY I 525 23.27 27.25 18.17
N ILE I 526 22.72 26.03 18.24
CA ILE I 526 21.43 25.79 17.61
C ILE I 526 20.34 26.56 18.33
N ASP I 527 19.28 26.89 17.59
CA ASP I 527 18.17 27.63 18.15
C ASP I 527 17.33 26.72 19.05
N PRO I 528 16.82 27.24 20.16
CA PRO I 528 15.76 26.53 20.90
C PRO I 528 14.39 26.73 20.25
N GLN I 529 14.37 26.56 18.94
CA GLN I 529 13.14 26.43 18.17
C GLN I 529 13.21 25.24 17.23
N VAL I 530 14.41 24.93 16.75
CA VAL I 530 14.56 23.86 15.78
C VAL I 530 14.60 22.49 16.45
N ILE I 531 14.83 22.47 17.77
CA ILE I 531 14.63 21.24 18.53
C ILE I 531 13.16 21.05 18.84
N LEU I 532 12.44 22.15 19.01
CA LEU I 532 11.06 22.09 19.46
C LEU I 532 10.19 21.31 18.49
N ASP I 533 10.26 21.65 17.20
CA ASP I 533 9.44 20.94 16.23
C ASP I 533 9.84 19.47 16.19
N ALA I 534 11.13 19.22 15.98
CA ALA I 534 11.60 17.85 15.77
C ALA I 534 11.28 16.96 16.97
N ASP I 535 11.14 17.56 18.15
CA ASP I 535 10.72 16.76 19.30
C ASP I 535 9.21 16.76 19.44
N ARG I 536 8.54 17.66 18.73
CA ARG I 536 7.07 17.67 18.74
C ARG I 536 6.54 16.91 17.53
N LEU I 537 7.34 16.82 16.48
CA LEU I 537 6.90 16.23 15.22
C LEU I 537 7.10 14.71 15.21
N THR I 538 7.85 14.19 16.19
CA THR I 538 8.22 12.78 16.17
C THR I 538 7.01 11.86 16.06
N VAL I 539 7.19 10.75 15.34
CA VAL I 539 6.21 9.67 15.32
C VAL I 539 6.36 8.90 16.60
N LYS I 540 5.28 8.26 17.05
CA LYS I 540 5.41 7.28 18.09
C LYS I 540 6.07 6.03 17.54
N ARG I 541 7.15 5.60 18.22
CA ARG I 541 7.95 4.48 17.75
C ARG I 541 7.13 3.20 17.64
N SER I 542 5.95 3.18 18.25
CA SER I 542 4.89 2.21 17.99
C SER I 542 5.30 0.76 18.23
N LYS I 543 6.35 0.50 19.01
CA LYS I 543 6.64 -0.84 19.50
C LYS I 543 7.15 -1.77 18.39
N GLU I 544 7.12 -1.30 17.14
CA GLU I 544 7.56 -2.17 16.05
C GLU I 544 8.98 -1.86 15.62
N GLN I 545 9.25 -0.63 15.18
CA GLN I 545 10.57 -0.33 14.63
C GLN I 545 11.61 -0.28 15.74
N ARG I 546 11.17 -0.21 16.99
CA ARG I 546 12.12 -0.30 18.11
C ARG I 546 12.94 -1.59 18.06
N PHE I 547 12.34 -2.75 17.82
CA PHE I 547 13.15 -3.98 17.98
C PHE I 547 14.30 -3.75 17.09
N GLU I 548 13.98 -3.20 15.93
CA GLU I 548 15.00 -2.88 15.02
C GLU I 548 15.89 -1.86 15.71
N ASP I 549 15.35 -0.88 16.42
CA ASP I 549 16.19 0.09 17.17
C ASP I 549 17.10 -0.50 18.28
N ASP I 550 16.65 -1.47 19.05
CA ASP I 550 17.53 -2.10 20.05
C ASP I 550 18.66 -2.83 19.32
N LYS I 551 18.28 -3.49 18.24
CA LYS I 551 19.30 -4.22 17.53
C LYS I 551 20.26 -3.19 17.00
N ALA I 552 19.75 -2.01 16.70
CA ALA I 552 20.56 -0.92 16.18
C ALA I 552 21.54 -0.38 17.15
N PHE I 553 21.12 -0.21 18.39
CA PHE I 553 22.10 0.21 19.34
C PHE I 553 23.11 -0.86 19.36
N GLU I 554 22.71 -2.10 19.31
CA GLU I 554 23.78 -3.08 19.32
C GLU I 554 24.76 -3.23 18.13
N SER I 555 24.49 -2.72 16.92
CA SER I 555 25.41 -2.98 15.83
C SER I 555 26.41 -1.84 15.70
N ALA I 556 25.94 -0.59 15.74
CA ALA I 556 26.87 0.53 15.68
C ALA I 556 27.78 0.56 16.90
N LEU I 557 27.35 -0.05 17.99
CA LEU I 557 28.22 -0.21 19.15
C LEU I 557 29.32 -1.21 18.86
N ASN I 558 28.96 -2.45 18.56
CA ASN I 558 29.97 -3.49 18.35
C ASN I 558 30.84 -3.16 17.16
N ALA I 559 30.26 -2.61 16.10
CA ALA I 559 31.01 -2.43 14.86
C ALA I 559 31.65 -1.05 14.80
N SER I 560 31.95 -0.51 15.98
CA SER I 560 32.49 0.82 16.04
C SER I 560 33.98 0.90 16.02
N LYS I 561 34.59 0.12 16.87
CA LYS I 561 36.04 0.08 16.92
C LYS I 561 36.66 1.44 17.13
N ALA I 562 36.09 2.24 18.01
CA ALA I 562 36.69 3.50 18.37
C ALA I 562 36.95 3.21 19.80
N PRO I 563 38.14 3.54 20.36
CA PRO I 563 38.33 2.90 21.65
C PRO I 563 37.17 3.17 22.59
N GLU I 564 36.77 4.42 22.78
CA GLU I 564 35.93 4.77 23.90
C GLU I 564 34.61 4.06 23.82
N ILE I 565 33.97 4.07 22.65
CA ILE I 565 32.68 3.41 22.50
C ILE I 565 32.73 1.91 22.74
N ALA I 566 33.76 1.24 22.24
CA ALA I 566 33.86 -0.20 22.40
C ALA I 566 34.06 -0.71 23.80
N ARG I 567 34.90 -0.05 24.56
CA ARG I 567 35.20 -0.48 25.92
C ARG I 567 34.28 0.26 26.83
N MET I 568 33.32 0.98 26.26
CA MET I 568 32.39 1.81 27.04
C MET I 568 32.42 1.65 28.51
N PRO I 569 32.94 2.67 29.19
CA PRO I 569 32.86 2.36 30.61
C PRO I 569 31.44 2.30 31.18
N ALA I 570 31.19 1.53 32.23
CA ALA I 570 29.83 1.03 32.50
C ALA I 570 28.69 2.02 32.83
N SER I 571 29.00 2.99 33.67
CA SER I 571 28.00 3.94 34.08
C SER I 571 27.60 4.72 32.88
N LEU I 572 28.64 5.05 32.16
CA LEU I 572 28.48 5.84 31.02
C LEU I 572 27.71 5.08 29.93
N ARG I 573 27.85 3.76 29.87
CA ARG I 573 27.03 2.90 29.00
C ARG I 573 25.61 2.97 29.36
N GLU I 574 25.34 2.92 30.64
CA GLU I 574 23.94 3.12 30.98
C GLU I 574 23.42 4.48 30.56
N SER I 575 24.19 5.54 30.72
CA SER I 575 23.66 6.75 30.12
C SER I 575 23.62 6.70 28.58
N ALA I 576 24.76 6.36 27.96
CA ALA I 576 24.98 6.24 26.55
C ALA I 576 23.76 5.79 25.79
N ARG I 577 23.03 4.84 26.34
CA ARG I 577 21.91 4.32 25.60
C ARG I 577 21.02 5.48 25.38
N LYS I 578 20.81 6.33 26.39
CA LYS I 578 19.86 7.39 26.11
C LYS I 578 20.21 8.32 24.93
N ILE I 579 21.27 9.08 25.00
CA ILE I 579 21.64 10.16 24.07
C ILE I 579 21.49 9.70 22.63
N TYR I 580 21.92 8.48 22.35
CA TYR I 580 21.84 7.97 20.99
C TYR I 580 20.39 7.94 20.53
N ASP I 581 19.51 7.31 21.31
CA ASP I 581 18.11 7.22 20.91
C ASP I 581 17.48 8.59 20.80
N SER I 582 17.92 9.54 21.64
CA SER I 582 17.33 10.87 21.58
C SER I 582 17.70 11.57 20.28
N VAL I 583 19.00 11.68 20.00
CA VAL I 583 19.47 12.47 18.88
C VAL I 583 18.98 11.95 17.55
N LYS I 584 18.67 10.66 17.48
CA LYS I 584 18.30 10.04 16.21
C LYS I 584 16.95 10.56 15.72
N TYR I 585 16.02 10.78 16.64
CA TYR I 585 14.69 11.27 16.29
C TYR I 585 14.71 12.66 15.72
N ARG I 586 15.83 13.37 15.86
CA ARG I 586 15.98 14.69 15.23
C ARG I 586 16.35 14.46 13.77
N SER I 587 16.89 15.49 13.13
CA SER I 587 17.16 15.46 11.70
C SER I 587 18.08 14.30 11.32
N GLY I 588 18.32 14.15 10.01
CA GLY I 588 18.99 12.98 9.47
C GLY I 588 20.12 12.46 10.32
N ASN I 589 20.07 11.16 10.58
CA ASN I 589 20.69 10.58 11.76
C ASN I 589 21.58 9.43 11.38
N GLU I 590 21.99 8.69 12.41
CA GLU I 590 22.78 7.46 12.33
C GLU I 590 24.21 7.76 11.89
N SER I 591 24.48 9.02 11.58
CA SER I 591 25.84 9.54 11.66
C SER I 591 25.90 10.68 12.67
N MET I 592 24.99 11.63 12.51
CA MET I 592 24.77 12.67 13.51
C MET I 592 24.55 12.07 14.88
N ALA I 593 23.88 10.90 14.93
CA ALA I 593 23.67 10.23 16.20
C ALA I 593 24.98 9.72 16.78
N MET I 594 25.71 8.90 16.02
CA MET I 594 27.04 8.50 16.45
C MET I 594 27.90 9.71 16.73
N GLU I 595 27.74 10.76 15.92
CA GLU I 595 28.56 11.96 16.12
C GLU I 595 28.35 12.53 17.52
N GLN I 596 27.10 12.77 17.90
CA GLN I 596 26.82 13.31 19.22
C GLN I 596 27.23 12.34 20.33
N MET I 597 26.95 11.05 20.16
CA MET I 597 27.27 10.10 21.21
C MET I 597 28.78 10.05 21.45
N THR I 598 29.56 10.08 20.36
CA THR I 598 31.00 10.02 20.51
C THR I 598 31.55 11.31 21.11
N LYS I 599 31.00 12.45 20.71
CA LYS I 599 31.50 13.69 21.28
C LYS I 599 31.14 13.78 22.75
N PHE I 600 30.00 13.19 23.14
CA PHE I 600 29.65 13.17 24.56
C PHE I 600 30.59 12.27 25.34
N LEU I 601 30.82 11.05 24.86
CA LEU I 601 31.72 10.15 25.57
C LEU I 601 33.13 10.70 25.62
N LYS I 602 33.50 11.53 24.64
CA LYS I 602 34.77 12.23 24.73
C LYS I 602 34.75 13.29 25.81
N GLU I 603 33.64 14.03 25.92
CA GLU I 603 33.51 15.02 26.98
C GLU I 603 33.41 14.37 28.35
N SER I 604 33.38 13.04 28.47
CA SER I 604 33.12 12.42 29.79
C SER I 604 33.94 11.22 30.28
N THR I 605 34.94 10.76 29.51
CA THR I 605 35.91 9.71 29.92
C THR I 605 37.29 9.78 29.31
N TYR I 606 38.35 9.81 30.12
CA TYR I 606 39.71 9.80 29.59
C TYR I 606 40.01 8.44 29.05
N THR I 607 40.78 8.37 27.99
CA THR I 607 41.23 7.09 27.49
C THR I 607 42.67 7.00 27.86
N PHE I 608 43.06 5.97 28.58
CA PHE I 608 44.40 5.92 29.10
C PHE I 608 45.19 5.17 28.09
N THR I 609 46.16 5.82 27.48
CA THR I 609 46.85 5.23 26.39
C THR I 609 48.13 4.66 26.94
N GLY I 610 48.68 3.71 26.22
CA GLY I 610 49.87 3.02 26.68
C GLY I 610 51.12 3.73 26.21
N ASP I 611 52.21 3.50 26.94
CA ASP I 611 53.49 4.11 26.59
C ASP I 611 54.03 3.57 25.28
N ASP I 612 53.58 2.38 24.88
CA ASP I 612 54.06 1.79 23.64
C ASP I 612 53.57 2.59 22.44
N VAL I 613 54.31 2.47 21.33
CA VAL I 613 54.16 3.37 20.19
C VAL I 613 53.01 2.92 19.27
N ASP I 614 52.23 1.93 19.70
CA ASP I 614 51.17 1.43 18.82
C ASP I 614 50.14 2.51 18.51
N GLY I 615 49.55 3.18 19.51
CA GLY I 615 49.62 2.86 20.94
C GLY I 615 48.24 2.40 21.42
N ASP I 616 48.10 1.11 21.67
CA ASP I 616 46.80 0.55 22.00
C ASP I 616 46.34 1.02 23.37
N THR I 617 45.03 1.23 23.49
CA THR I 617 44.45 1.72 24.74
C THR I 617 44.41 0.62 25.78
N VAL I 618 44.64 1.01 27.03
CA VAL I 618 44.60 0.05 28.10
C VAL I 618 43.37 0.26 28.97
N GLY I 619 42.75 1.43 28.90
CA GLY I 619 41.53 1.65 29.65
C GLY I 619 40.66 2.84 29.35
N VAL I 620 39.44 2.82 29.83
CA VAL I 620 38.57 3.97 29.70
C VAL I 620 38.01 4.13 31.09
N ILE I 621 38.45 5.11 31.84
CA ILE I 621 38.10 5.29 33.23
C ILE I 621 37.41 6.63 33.27
N PRO I 622 36.27 6.74 33.94
CA PRO I 622 35.34 7.86 33.69
C PRO I 622 35.76 9.27 34.17
N LYS I 623 35.67 10.37 33.39
CA LYS I 623 36.35 11.56 33.88
C LYS I 623 35.74 12.09 35.18
N ASN I 624 34.63 11.53 35.63
CA ASN I 624 33.98 12.02 36.84
C ASN I 624 34.59 11.37 38.07
N MET I 625 34.91 10.10 37.99
CA MET I 625 35.43 9.39 39.15
C MET I 625 36.94 9.39 39.38
N MET I 626 37.71 10.17 38.66
CA MET I 626 39.13 10.23 38.94
C MET I 626 39.35 11.49 39.69
N GLN I 627 38.26 12.18 39.98
CA GLN I 627 38.38 13.47 40.63
C GLN I 627 38.91 13.49 42.00
N VAL I 628 40.06 14.08 42.20
CA VAL I 628 40.51 14.26 43.55
C VAL I 628 39.63 15.41 44.03
N ASN I 629 39.35 15.52 45.32
CA ASN I 629 38.58 16.64 45.85
C ASN I 629 37.23 16.91 45.19
N SER I 630 36.87 18.15 44.90
CA SER I 630 35.53 18.43 44.36
C SER I 630 35.34 19.19 43.05
N ASP I 631 36.40 19.55 42.33
CA ASP I 631 36.28 20.34 41.10
C ASP I 631 36.91 19.56 39.97
N PRO I 632 36.63 19.84 38.67
CA PRO I 632 37.23 18.95 37.62
C PRO I 632 38.69 19.24 37.21
N LYS I 633 39.15 20.35 37.71
CA LYS I 633 40.54 20.66 37.48
C LYS I 633 41.20 19.57 38.24
N SER I 634 40.55 19.14 39.32
CA SER I 634 41.08 18.08 40.10
C SER I 634 41.14 16.75 39.42
N TRP I 635 40.15 16.43 38.61
CA TRP I 635 40.17 15.23 37.81
C TRP I 635 41.42 15.34 37.07
N GLU I 636 41.67 16.49 36.50
CA GLU I 636 42.92 16.48 35.76
C GLU I 636 44.10 16.13 36.64
N GLN I 637 44.17 16.67 37.84
CA GLN I 637 45.36 16.49 38.67
C GLN I 637 45.47 15.07 39.03
N GLY I 638 44.36 14.44 39.31
CA GLY I 638 44.37 13.01 39.59
C GLY I 638 44.82 12.13 38.48
N ARG I 639 44.42 12.43 37.27
CA ARG I 639 45.01 11.62 36.19
C ARG I 639 46.50 11.54 36.44
N ASP I 640 47.18 12.62 36.78
CA ASP I 640 48.60 12.54 37.16
C ASP I 640 49.04 11.59 38.33
N ILE I 641 48.13 11.04 39.13
CA ILE I 641 48.32 10.00 40.12
C ILE I 641 48.16 8.63 39.49
N LEU I 642 47.14 8.47 38.67
CA LEU I 642 46.83 7.17 38.09
C LEU I 642 47.90 6.75 37.08
N GLU I 643 48.41 7.70 36.31
CA GLU I 643 49.46 7.39 35.37
C GLU I 643 50.75 7.01 36.09
N GLU I 644 51.12 7.77 37.14
CA GLU I 644 52.28 7.37 37.93
C GLU I 644 52.09 5.98 38.49
N ALA I 645 50.87 5.64 38.90
CA ALA I 645 50.61 4.30 39.42
C ALA I 645 50.76 3.23 38.35
N ARG I 646 50.17 3.46 37.18
CA ARG I 646 50.24 2.47 36.11
C ARG I 646 51.66 2.27 35.62
N LYS I 647 52.46 3.32 35.63
CA LYS I 647 53.88 3.20 35.30
C LYS I 647 54.78 2.47 36.26
N GLY I 648 54.57 2.70 37.56
CA GLY I 648 55.43 2.09 38.54
C GLY I 648 55.25 0.60 38.38
N ILE I 649 54.02 0.16 38.19
CA ILE I 649 53.76 -1.26 38.03
C ILE I 649 54.53 -1.83 36.86
N ILE I 650 54.45 -1.22 35.69
CA ILE I 650 55.06 -1.82 34.53
C ILE I 650 56.55 -1.97 34.66
N ALA I 651 57.26 -0.96 35.11
CA ALA I 651 58.68 -1.14 35.34
C ALA I 651 58.98 -2.04 36.53
N SER I 652 58.22 -1.92 37.61
CA SER I 652 58.55 -2.67 38.83
C SER I 652 58.49 -4.15 38.64
N ASN I 653 57.42 -4.62 38.05
CA ASN I 653 57.37 -6.02 37.79
C ASN I 653 57.78 -6.13 36.37
N PRO I 654 59.05 -6.47 36.13
CA PRO I 654 59.51 -6.49 34.75
C PRO I 654 58.73 -7.53 34.01
N TRP I 655 58.52 -7.40 32.71
CA TRP I 655 57.76 -8.35 31.86
C TRP I 655 56.29 -8.01 31.74
N ILE I 656 55.80 -7.08 32.53
CA ILE I 656 54.42 -6.70 32.36
C ILE I 656 54.45 -5.60 31.34
N THR I 657 54.58 -5.95 30.06
CA THR I 657 54.67 -4.94 29.01
C THR I 657 53.34 -4.26 28.89
N ASN I 658 53.34 -3.02 28.47
CA ASN I 658 52.10 -2.25 28.48
C ASN I 658 50.97 -2.99 27.82
N LYS I 659 51.28 -3.77 26.81
CA LYS I 659 50.20 -4.41 26.09
C LYS I 659 49.44 -5.27 27.06
N GLN I 660 50.15 -5.90 27.98
CA GLN I 660 49.48 -6.73 28.98
C GLN I 660 48.52 -6.04 29.99
N LEU I 661 48.85 -4.86 30.50
CA LEU I 661 48.02 -4.21 31.51
C LEU I 661 46.64 -3.71 31.10
N THR I 662 45.59 -3.90 31.91
CA THR I 662 44.28 -3.31 31.67
C THR I 662 43.85 -2.47 32.87
N MET I 663 43.24 -1.31 32.66
CA MET I 663 42.53 -0.63 33.74
C MET I 663 41.03 -0.70 33.57
N TYR I 664 40.36 -1.24 34.56
CA TYR I 664 38.98 -1.65 34.45
C TYR I 664 38.32 -0.93 35.59
N SER I 665 37.22 -0.23 35.34
CA SER I 665 36.45 0.35 36.42
C SER I 665 35.43 -0.63 36.97
N GLN I 666 34.53 -0.15 37.82
CA GLN I 666 33.36 -0.85 38.28
C GLN I 666 32.33 0.22 38.63
N GLY I 667 31.28 -0.12 39.37
CA GLY I 667 30.36 0.91 39.84
C GLY I 667 31.09 2.15 40.33
N ASP I 668 31.84 2.02 41.42
CA ASP I 668 32.70 3.10 41.88
C ASP I 668 34.04 2.54 42.36
N SER I 669 34.98 2.33 41.44
CA SER I 669 36.33 1.91 41.79
C SER I 669 37.19 1.94 40.55
N ILE I 670 38.41 2.46 40.64
CA ILE I 670 39.30 2.35 39.52
C ILE I 670 40.31 1.35 39.90
N TYR I 671 40.33 0.25 39.15
CA TYR I 671 40.96 -1.02 39.47
C TYR I 671 42.06 -1.26 38.48
N LEU I 672 43.19 -1.86 38.77
CA LEU I 672 44.22 -1.95 37.70
C LEU I 672 44.94 -3.29 37.56
N MET I 673 44.75 -4.04 36.46
CA MET I 673 45.32 -5.39 36.38
C MET I 673 46.27 -5.73 35.29
N ASP I 674 47.34 -6.46 35.60
CA ASP I 674 48.20 -6.97 34.55
C ASP I 674 47.39 -8.17 34.10
N THR I 675 47.56 -8.67 32.89
CA THR I 675 46.65 -9.73 32.47
C THR I 675 46.74 -10.98 33.30
N THR I 676 47.93 -11.42 33.66
CA THR I 676 47.97 -12.57 34.53
C THR I 676 47.33 -11.98 35.73
N GLY I 677 46.54 -12.73 36.44
CA GLY I 677 45.79 -12.14 37.53
C GLY I 677 46.60 -11.64 38.69
N GLN I 678 47.90 -11.91 38.71
CA GLN I 678 48.71 -11.58 39.87
C GLN I 678 48.78 -10.13 40.34
N VAL I 679 48.91 -9.17 39.45
CA VAL I 679 49.17 -7.82 39.95
C VAL I 679 48.06 -6.85 39.61
N ARG I 680 47.48 -6.23 40.63
CA ARG I 680 46.15 -5.67 40.52
C ARG I 680 45.88 -4.70 41.63
N VAL I 681 46.04 -3.41 41.37
CA VAL I 681 45.97 -2.44 42.43
C VAL I 681 44.66 -1.70 42.34
N ARG I 682 43.94 -1.57 43.45
CA ARG I 682 42.69 -0.85 43.42
C ARG I 682 43.03 0.61 43.48
N TYR I 683 42.16 1.48 43.04
CA TYR I 683 42.28 2.91 43.25
C TYR I 683 40.88 3.52 43.33
N ASP I 684 40.57 4.19 44.42
CA ASP I 684 39.22 4.49 44.87
C ASP I 684 39.10 5.98 45.14
N LYS I 685 37.87 6.49 44.97
CA LYS I 685 37.58 7.90 45.20
C LYS I 685 38.07 8.37 46.57
N GLU I 686 37.69 7.65 47.63
CA GLU I 686 38.02 8.10 48.98
C GLU I 686 39.54 8.22 49.16
N LEU I 687 40.27 7.14 48.91
CA LEU I 687 41.70 7.14 49.24
C LEU I 687 42.51 7.99 48.26
N LEU I 688 42.26 7.85 46.97
CA LEU I 688 42.94 8.74 46.02
C LEU I 688 42.71 10.20 46.40
N SER I 689 41.45 10.56 46.62
CA SER I 689 41.11 11.91 47.04
C SER I 689 41.91 12.35 48.25
N LYS I 690 41.84 11.58 49.33
CA LYS I 690 42.30 12.10 50.61
C LYS I 690 43.83 12.05 50.69
N VAL I 691 44.43 11.03 50.09
CA VAL I 691 45.89 11.02 49.96
C VAL I 691 46.36 12.22 49.18
N TRP I 692 45.74 12.49 48.03
CA TRP I 692 46.14 13.67 47.27
C TRP I 692 45.94 14.92 48.09
N SER I 693 44.87 14.96 48.89
CA SER I 693 44.60 16.14 49.70
C SER I 693 45.75 16.41 50.67
N GLU I 694 46.16 15.40 51.43
CA GLU I 694 47.24 15.64 52.40
C GLU I 694 48.55 15.94 51.68
N ASN I 695 48.81 15.23 50.59
CA ASN I 695 50.05 15.41 49.86
C ASN I 695 50.16 16.82 49.29
N GLN I 696 49.14 17.25 48.54
CA GLN I 696 49.08 18.64 48.11
C GLN I 696 49.21 19.60 49.29
N LYS I 697 48.62 19.24 50.44
CA LYS I 697 48.65 20.12 51.59
C LYS I 697 50.08 20.41 52.03
N LYS I 698 50.86 19.37 52.32
CA LYS I 698 52.16 19.67 52.91
C LYS I 698 53.20 19.99 51.83
N LEU I 699 52.96 19.60 50.59
CA LEU I 699 53.79 20.14 49.52
C LEU I 699 53.54 21.64 49.34
N GLU I 700 52.29 22.08 49.45
CA GLU I 700 51.98 23.50 49.40
C GLU I 700 52.55 24.22 50.61
N GLU I 701 52.64 23.52 51.74
CA GLU I 701 53.36 24.02 52.90
C GLU I 701 54.82 24.32 52.57
N LYS I 702 55.53 23.35 52.00
CA LYS I 702 56.90 23.59 51.56
C LYS I 702 56.97 24.80 50.63
N ALA I 703 56.00 24.90 49.73
CA ALA I 703 55.94 26.02 48.80
C ALA I 703 55.85 27.34 49.57
N ARG I 704 54.91 27.44 50.51
CA ARG I 704 54.82 28.67 51.31
C ARG I 704 56.13 28.96 52.00
N GLU I 705 56.76 27.90 52.52
CA GLU I 705 57.96 28.10 53.32
C GLU I 705 59.04 28.80 52.52
N LYS I 706 59.41 28.24 51.38
CA LYS I 706 60.51 28.90 50.67
C LYS I 706 60.02 30.08 49.85
N ALA I 707 58.71 30.23 49.66
CA ALA I 707 58.20 31.42 49.00
C ALA I 707 58.30 32.63 49.91
N LEU I 708 57.94 32.46 51.17
CA LEU I 708 58.09 33.53 52.17
C LEU I 708 59.53 33.66 52.64
N ALA I 709 60.37 32.67 52.39
CA ALA I 709 61.79 32.79 52.71
C ALA I 709 62.43 33.95 51.95
N ASP I 710 61.91 34.25 50.76
CA ASP I 710 62.39 35.41 50.01
C ASP I 710 62.12 36.71 50.76
N VAL I 711 61.01 36.76 51.49
CA VAL I 711 60.66 37.94 52.26
C VAL I 711 60.92 37.69 53.74
N ASP J 65 -63.24 70.87 23.71
CA ASP J 65 -62.76 72.18 24.14
C ASP J 65 -63.85 72.93 24.92
N LEU J 66 -63.95 74.24 24.68
CA LEU J 66 -64.94 75.05 25.37
C LEU J 66 -66.36 74.61 25.03
N ALA J 67 -66.56 74.07 23.82
CA ALA J 67 -67.89 73.68 23.41
C ALA J 67 -68.38 72.45 24.17
N ASP J 68 -67.47 71.57 24.57
CA ASP J 68 -67.87 70.33 25.23
C ASP J 68 -68.42 70.58 26.63
N GLU J 69 -68.37 71.84 27.10
CA GLU J 69 -69.01 72.18 28.35
C GLU J 69 -70.50 71.88 28.32
N ARG J 70 -71.10 71.86 27.11
CA ARG J 70 -72.47 71.40 26.96
C ARG J 70 -72.70 70.09 27.70
N SER J 71 -72.11 69.02 27.18
CA SER J 71 -72.37 67.69 27.71
C SER J 71 -71.71 67.53 29.06
N ASN J 72 -70.64 68.30 29.33
CA ASN J 72 -70.07 68.28 30.66
C ASN J 72 -71.10 68.68 31.70
N GLU J 73 -71.77 69.81 31.50
CA GLU J 73 -72.79 70.26 32.43
C GLU J 73 -73.97 69.30 32.42
N ILE J 74 -74.36 68.82 31.24
CA ILE J 74 -75.50 67.91 31.18
C ILE J 74 -75.24 66.64 31.99
N ILE J 75 -73.99 66.16 31.98
CA ILE J 75 -73.68 64.92 32.65
C ILE J 75 -73.41 65.16 34.14
N ARG J 76 -73.06 66.37 34.51
CA ARG J 76 -72.90 66.63 35.93
C ARG J 76 -74.22 66.21 36.52
N LYS J 77 -75.28 66.42 35.76
CA LYS J 77 -76.62 66.10 36.25
C LYS J 77 -76.87 64.63 36.47
N LEU J 78 -76.34 63.78 35.61
CA LEU J 78 -76.68 62.38 35.73
C LEU J 78 -76.30 61.90 37.09
N THR J 79 -77.19 61.13 37.71
CA THR J 79 -76.94 60.64 39.07
C THR J 79 -75.74 59.72 39.16
N PRO J 80 -74.91 59.90 40.18
CA PRO J 80 -73.69 59.09 40.27
C PRO J 80 -74.04 57.62 40.42
N GLU J 81 -75.09 57.33 41.18
CA GLU J 81 -75.48 55.96 41.39
C GLU J 81 -75.63 55.25 40.06
N GLN J 82 -76.45 55.77 39.15
CA GLN J 82 -76.63 55.03 37.92
C GLN J 82 -75.63 55.44 36.85
N ARG J 83 -74.64 56.31 37.09
CA ARG J 83 -73.62 56.59 36.05
C ARG J 83 -72.80 55.37 35.58
N ARG J 84 -72.44 54.50 36.51
CA ARG J 84 -71.55 53.38 36.17
C ARG J 84 -72.01 52.33 35.13
N GLU J 85 -73.27 51.93 35.17
CA GLU J 85 -73.78 50.98 34.17
C GLU J 85 -73.77 51.61 32.80
N ALA J 86 -74.10 52.90 32.80
CA ALA J 86 -74.12 53.60 31.55
C ALA J 86 -72.72 53.54 31.04
N LEU J 87 -71.75 53.81 31.90
CA LEU J 87 -70.35 53.82 31.47
C LEU J 87 -69.93 52.47 30.94
N ASN J 88 -70.35 51.38 31.59
CA ASN J 88 -70.06 50.04 31.09
C ASN J 88 -70.60 49.70 29.73
N ASN J 89 -71.82 50.11 29.40
CA ASN J 89 -72.25 49.74 28.02
C ASN J 89 -71.78 50.69 26.93
N GLY J 90 -72.62 51.56 26.43
CA GLY J 90 -72.10 52.47 25.44
C GLY J 90 -72.67 53.84 25.47
N THR J 91 -73.51 54.09 26.46
CA THR J 91 -74.18 55.37 26.48
C THR J 91 -73.27 56.57 26.61
N LEU J 92 -72.24 56.53 27.45
CA LEU J 92 -71.44 57.75 27.65
C LEU J 92 -70.05 57.93 27.08
N LEU J 93 -69.15 56.96 27.27
CA LEU J 93 -67.74 57.04 26.84
C LEU J 93 -66.93 57.75 27.92
N TYR J 94 -65.69 57.32 28.13
CA TYR J 94 -64.88 57.90 29.19
C TYR J 94 -64.49 59.35 28.96
N GLN J 95 -64.15 59.71 27.72
CA GLN J 95 -63.66 61.06 27.46
C GLN J 95 -64.53 62.12 28.09
N ASP J 96 -65.84 61.99 28.01
CA ASP J 96 -66.71 62.91 28.73
C ASP J 96 -67.31 62.27 29.97
N ASP J 97 -66.53 62.18 31.02
CA ASP J 97 -67.05 62.21 32.38
C ASP J 97 -66.15 63.14 33.17
N PRO J 98 -66.63 64.27 33.63
CA PRO J 98 -65.75 65.23 34.30
C PRO J 98 -65.16 64.65 35.57
N TYR J 99 -65.99 63.95 36.34
CA TYR J 99 -65.54 63.39 37.59
C TYR J 99 -64.46 62.33 37.38
N ALA J 100 -64.67 61.44 36.40
CA ALA J 100 -63.67 60.43 36.09
C ALA J 100 -62.39 61.08 35.58
N MET J 101 -62.53 62.09 34.71
CA MET J 101 -61.34 62.72 34.16
C MET J 101 -60.57 63.49 35.23
N GLU J 102 -61.28 64.03 36.21
CA GLU J 102 -60.64 64.65 37.37
C GLU J 102 -59.73 63.67 38.07
N ALA J 103 -60.29 62.57 38.55
CA ALA J 103 -59.48 61.67 39.33
C ALA J 103 -58.37 61.26 38.39
N LEU J 104 -58.66 61.04 37.11
CA LEU J 104 -57.62 60.46 36.27
C LEU J 104 -56.46 61.39 36.17
N ARG J 105 -56.72 62.65 35.93
CA ARG J 105 -55.61 63.56 35.69
C ARG J 105 -54.80 63.67 36.95
N VAL J 106 -55.47 63.72 38.08
CA VAL J 106 -54.77 63.85 39.34
C VAL J 106 -53.88 62.66 39.64
N LYS J 107 -54.40 61.47 39.41
CA LYS J 107 -53.62 60.28 39.62
C LYS J 107 -52.43 60.25 38.68
N THR J 108 -52.64 60.70 37.44
CA THR J 108 -51.60 60.64 36.44
C THR J 108 -50.51 61.51 36.93
N GLY J 109 -50.92 62.65 37.46
CA GLY J 109 -49.98 63.57 38.03
C GLY J 109 -49.20 63.07 39.23
N ARG J 110 -49.86 62.39 40.17
CA ARG J 110 -49.10 61.87 41.28
C ARG J 110 -48.12 60.89 40.73
N ASN J 111 -48.54 60.09 39.77
CA ASN J 111 -47.67 59.01 39.36
C ASN J 111 -46.47 59.69 38.81
N ALA J 112 -46.71 60.73 38.03
CA ALA J 112 -45.62 61.33 37.30
C ALA J 112 -44.67 61.91 38.26
N ALA J 113 -45.20 62.58 39.26
CA ALA J 113 -44.36 63.32 40.11
C ALA J 113 -43.51 62.30 40.74
N TYR J 114 -44.15 61.38 41.46
CA TYR J 114 -43.42 60.37 42.18
C TYR J 114 -42.44 59.81 41.25
N LEU J 115 -42.85 59.01 40.29
CA LEU J 115 -41.83 58.31 39.53
C LEU J 115 -40.73 59.15 39.05
N VAL J 116 -40.99 60.13 38.22
CA VAL J 116 -39.85 60.80 37.67
C VAL J 116 -39.01 61.45 38.69
N ASP J 117 -39.64 62.27 39.50
CA ASP J 117 -38.79 63.06 40.33
C ASP J 117 -38.05 62.20 41.24
N ASP J 118 -38.75 61.29 41.86
CA ASP J 118 -38.08 60.57 42.85
C ASP J 118 -37.04 59.62 42.38
N ASP J 119 -37.30 58.90 41.31
CA ASP J 119 -36.31 57.91 40.98
C ASP J 119 -35.13 58.69 40.61
N VAL J 120 -35.39 59.72 39.85
CA VAL J 120 -34.25 60.40 39.36
C VAL J 120 -33.41 60.93 40.51
N MET J 121 -34.03 61.58 41.46
CA MET J 121 -33.21 62.14 42.49
C MET J 121 -32.57 61.12 43.40
N GLN J 122 -33.31 60.11 43.78
CA GLN J 122 -32.81 59.17 44.75
C GLN J 122 -31.63 58.43 44.20
N LYS J 123 -31.80 57.82 43.04
CA LYS J 123 -30.65 57.06 42.56
C LYS J 123 -29.44 57.97 42.47
N ILE J 124 -29.63 59.16 41.96
CA ILE J 124 -28.50 60.04 41.91
C ILE J 124 -28.05 60.40 43.32
N LYS J 125 -28.97 60.69 44.23
CA LYS J 125 -28.62 61.11 45.57
C LYS J 125 -27.82 60.02 46.21
N GLU J 126 -28.20 58.78 45.95
CA GLU J 126 -27.54 57.66 46.60
C GLU J 126 -26.06 57.52 46.32
N GLY J 127 -25.60 57.81 45.11
CA GLY J 127 -24.19 57.59 44.82
C GLY J 127 -23.42 58.55 43.96
N VAL J 128 -24.01 59.66 43.58
CA VAL J 128 -23.38 60.65 42.70
C VAL J 128 -23.93 62.06 42.79
N PHE J 129 -23.76 62.72 43.92
CA PHE J 129 -24.20 64.09 44.01
C PHE J 129 -23.35 64.89 44.95
N ARG J 130 -23.82 66.09 45.30
CA ARG J 130 -23.04 66.95 46.17
C ARG J 130 -23.84 67.66 47.22
N THR J 131 -23.75 68.97 47.23
CA THR J 131 -24.41 69.73 48.26
C THR J 131 -25.87 69.88 48.04
N ARG J 132 -26.56 70.41 49.05
CA ARG J 132 -27.99 70.64 48.95
C ARG J 132 -28.28 71.58 47.80
N GLU J 133 -27.43 72.58 47.60
CA GLU J 133 -27.60 73.53 46.51
C GLU J 133 -27.57 72.88 45.13
N GLU J 134 -26.73 71.89 44.93
CA GLU J 134 -26.73 71.20 43.66
C GLU J 134 -27.97 70.38 43.37
N MET J 135 -28.24 69.35 44.15
CA MET J 135 -29.35 68.46 43.95
C MET J 135 -30.59 69.29 43.75
N GLU J 136 -30.64 70.41 44.47
CA GLU J 136 -31.84 71.21 44.41
C GLU J 136 -32.02 71.63 42.97
N GLU J 137 -30.97 72.16 42.34
CA GLU J 137 -31.16 72.65 40.97
C GLU J 137 -31.53 71.49 40.11
N TYR J 138 -30.86 70.37 40.29
CA TYR J 138 -31.03 69.30 39.33
C TYR J 138 -32.47 68.89 39.32
N ARG J 139 -33.12 68.78 40.48
CA ARG J 139 -34.51 68.26 40.45
C ARG J 139 -35.62 69.15 39.81
N HIS J 140 -35.66 70.43 40.12
CA HIS J 140 -36.77 71.18 39.61
C HIS J 140 -36.77 71.13 38.09
N SER J 141 -35.61 71.25 37.47
CA SER J 141 -35.58 71.16 36.02
C SER J 141 -36.09 69.81 35.56
N ARG J 142 -35.65 68.75 36.25
CA ARG J 142 -36.11 67.45 35.88
C ARG J 142 -37.57 67.43 36.08
N LEU J 143 -38.04 68.14 37.10
CA LEU J 143 -39.44 68.08 37.40
C LEU J 143 -40.19 68.55 36.18
N GLN J 144 -39.81 69.69 35.64
CA GLN J 144 -40.58 70.23 34.52
C GLN J 144 -40.54 69.26 33.37
N GLU J 145 -39.39 68.72 33.07
CA GLU J 145 -39.29 67.91 31.87
C GLU J 145 -40.24 66.75 31.94
N GLY J 146 -40.26 66.13 33.09
CA GLY J 146 -40.98 64.89 33.20
C GLY J 146 -42.42 65.16 32.90
N ALA J 147 -42.93 66.29 33.37
CA ALA J 147 -44.34 66.53 33.23
C ALA J 147 -44.64 66.55 31.77
N LYS J 148 -43.84 67.26 31.00
CA LYS J 148 -44.18 67.41 29.61
C LYS J 148 -44.17 66.05 28.94
N VAL J 149 -43.12 65.27 29.18
CA VAL J 149 -43.06 64.00 28.46
C VAL J 149 -44.19 63.06 28.83
N TYR J 150 -44.42 62.93 30.12
CA TYR J 150 -45.37 61.93 30.57
C TYR J 150 -46.77 62.38 30.17
N ALA J 151 -46.92 63.69 30.13
CA ALA J 151 -48.18 64.28 29.82
C ALA J 151 -48.51 63.89 28.44
N GLU J 152 -47.56 64.02 27.54
CA GLU J 152 -47.86 63.66 26.16
C GLU J 152 -48.16 62.18 26.14
N GLN J 153 -47.42 61.42 26.92
CA GLN J 153 -47.53 59.98 26.91
C GLN J 153 -48.92 59.52 27.26
N PHE J 154 -49.60 60.17 28.19
CA PHE J 154 -51.04 59.92 28.31
C PHE J 154 -51.86 60.94 27.51
N GLY J 155 -53.15 60.75 27.31
CA GLY J 155 -53.88 61.82 26.67
C GLY J 155 -53.26 63.17 26.96
N ILE J 156 -53.36 64.08 25.99
CA ILE J 156 -52.67 65.35 26.10
C ILE J 156 -53.45 66.27 27.01
N ASP J 157 -53.18 66.16 28.30
CA ASP J 157 -53.85 66.95 29.32
C ASP J 157 -53.22 68.31 29.57
N PRO J 158 -51.90 68.42 29.77
CA PRO J 158 -51.32 69.73 30.07
C PRO J 158 -51.45 70.69 28.89
N GLU J 159 -51.58 71.97 29.20
CA GLU J 159 -51.47 72.50 30.56
C GLU J 159 -52.80 72.89 31.18
N ASP J 160 -53.46 71.91 31.79
CA ASP J 160 -54.69 72.18 32.51
C ASP J 160 -54.43 72.28 34.01
N VAL J 161 -55.37 72.92 34.71
CA VAL J 161 -55.17 73.21 36.13
C VAL J 161 -55.34 71.94 36.97
N ASP J 162 -56.05 70.95 36.43
CA ASP J 162 -56.25 69.71 37.18
C ASP J 162 -54.99 68.87 37.22
N TYR J 163 -54.15 69.00 36.18
CA TYR J 163 -52.87 68.28 36.21
C TYR J 163 -51.91 68.93 37.17
N GLN J 164 -52.10 70.22 37.47
CA GLN J 164 -51.29 70.86 38.51
C GLN J 164 -51.53 70.19 39.85
N ARG J 165 -52.79 70.05 40.25
CA ARG J 165 -53.13 69.51 41.56
C ARG J 165 -52.63 68.07 41.70
N GLY J 166 -52.65 67.32 40.62
CA GLY J 166 -52.15 65.96 40.65
C GLY J 166 -50.65 65.90 40.68
N PHE J 167 -50.01 66.60 39.74
CA PHE J 167 -48.56 66.56 39.64
C PHE J 167 -47.90 67.21 40.84
N ASN J 168 -48.13 68.50 41.07
CA ASN J 168 -47.75 69.12 42.32
C ASN J 168 -48.48 68.37 43.43
N GLY J 169 -47.72 67.84 44.37
CA GLY J 169 -48.26 66.91 45.34
C GLY J 169 -49.17 67.55 46.36
N ASP J 170 -49.24 66.95 47.56
CA ASP J 170 -48.40 65.85 48.10
C ASP J 170 -46.92 66.15 47.95
N ILE J 171 -46.59 67.44 48.09
CA ILE J 171 -45.25 67.92 47.80
C ILE J 171 -44.37 68.00 49.04
N THR J 172 -44.93 68.38 50.19
CA THR J 172 -44.15 68.42 51.42
C THR J 172 -43.58 67.04 51.75
N GLU J 173 -44.37 66.00 51.53
CA GLU J 173 -43.90 64.65 51.86
C GLU J 173 -42.73 64.26 50.97
N ARG J 174 -42.84 64.53 49.67
CA ARG J 174 -41.75 64.23 48.75
C ARG J 174 -40.50 65.01 49.09
N ASN J 175 -40.65 66.32 49.35
CA ASN J 175 -39.48 67.12 49.66
C ASN J 175 -38.81 66.65 50.95
N ILE J 176 -39.60 66.31 51.97
CA ILE J 176 -38.99 65.94 53.23
C ILE J 176 -38.30 64.58 53.09
N SER J 177 -38.87 63.68 52.30
CA SER J 177 -38.19 62.42 52.05
C SER J 177 -36.88 62.63 51.31
N LEU J 178 -36.90 63.48 50.28
CA LEU J 178 -35.68 63.72 49.51
C LEU J 178 -34.59 64.33 50.38
N TYR J 179 -34.94 65.37 51.14
CA TYR J 179 -33.92 66.02 51.95
C TYR J 179 -33.45 65.13 53.09
N GLY J 180 -34.31 64.24 53.57
CA GLY J 180 -33.86 63.24 54.53
C GLY J 180 -32.88 62.26 53.92
N ALA J 181 -33.13 61.84 52.67
CA ALA J 181 -32.17 61.00 51.98
C ALA J 181 -30.84 61.73 51.80
N HIS J 182 -30.91 63.04 51.53
CA HIS J 182 -29.67 63.79 51.38
C HIS J 182 -28.93 63.91 52.70
N ASP J 183 -29.67 64.08 53.81
CA ASP J 183 -29.09 64.00 55.14
C ASP J 183 -28.39 62.67 55.36
N ASN J 184 -29.06 61.57 54.99
CA ASN J 184 -28.43 60.26 55.15
C ASN J 184 -27.15 60.17 54.34
N PHE J 185 -27.16 60.64 53.10
CA PHE J 185 -25.97 60.53 52.26
C PHE J 185 -24.82 61.36 52.82
N LEU J 186 -25.09 62.62 53.18
CA LEU J 186 -24.02 63.46 53.70
C LEU J 186 -23.51 62.97 55.04
N SER J 187 -24.38 62.40 55.87
CA SER J 187 -23.94 61.83 57.14
C SER J 187 -23.06 60.61 56.91
N GLN J 188 -23.45 59.75 55.98
CA GLN J 188 -22.58 58.62 55.64
C GLN J 188 -21.26 59.09 55.08
N GLN J 189 -21.27 60.18 54.32
CA GLN J 189 -20.03 60.70 53.76
C GLN J 189 -19.11 61.20 54.86
N ALA J 190 -19.64 62.01 55.77
CA ALA J 190 -18.82 62.50 56.88
C ALA J 190 -18.32 61.36 57.75
N GLN J 191 -19.14 60.32 57.93
CA GLN J 191 -18.71 59.19 58.75
C GLN J 191 -17.59 58.42 58.07
N LYS J 192 -17.74 58.13 56.77
CA LYS J 192 -16.66 57.53 56.01
C LYS J 192 -15.38 58.35 56.16
N GLY J 193 -15.47 59.67 56.03
CA GLY J 193 -14.29 60.50 56.16
C GLY J 193 -13.66 60.38 57.53
N ALA J 194 -14.48 60.45 58.58
CA ALA J 194 -13.93 60.40 59.93
C ALA J 194 -13.26 59.05 60.20
N ILE J 195 -13.89 57.96 59.77
CA ILE J 195 -13.31 56.64 60.01
C ILE J 195 -11.99 56.50 59.26
N MET J 196 -11.96 56.89 57.98
CA MET J 196 -10.72 56.89 57.22
C MET J 196 -9.64 57.71 57.93
N ASN J 197 -10.00 58.89 58.41
CA ASN J 197 -9.01 59.77 59.01
C ASN J 197 -8.41 59.17 60.26
N SER J 198 -9.28 58.73 61.19
CA SER J 198 -8.79 58.17 62.43
C SER J 198 -8.05 56.86 62.19
N ARG J 199 -8.49 56.09 61.20
CA ARG J 199 -7.79 54.87 60.83
C ARG J 199 -6.38 55.18 60.35
N VAL J 200 -6.24 56.19 59.50
CA VAL J 200 -4.93 56.55 58.98
C VAL J 200 -4.03 57.04 60.12
N GLU J 201 -4.59 57.86 61.01
CA GLU J 201 -3.80 58.36 62.13
C GLU J 201 -3.29 57.23 63.01
N LEU J 202 -4.20 56.36 63.45
CA LEU J 202 -3.82 55.31 64.38
C LEU J 202 -2.95 54.26 63.68
N ASN J 203 -3.14 54.06 62.38
CA ASN J 203 -2.26 53.17 61.64
C ASN J 203 -0.85 53.73 61.61
N GLY J 204 -0.71 55.02 61.33
CA GLY J 204 0.61 55.62 61.35
C GLY J 204 1.26 55.56 62.72
N VAL J 205 0.46 55.66 63.79
CA VAL J 205 1.04 55.67 65.13
C VAL J 205 1.39 54.25 65.58
N LEU J 206 0.62 53.25 65.15
CA LEU J 206 0.84 51.89 65.67
C LEU J 206 1.51 51.00 64.64
N GLN J 207 0.96 50.97 63.41
CA GLN J 207 1.47 50.05 62.41
C GLN J 207 2.91 50.37 62.06
N ASP J 208 3.34 51.61 62.27
CA ASP J 208 4.75 51.94 62.08
C ASP J 208 5.58 51.03 62.97
N PRO J 209 6.78 50.60 62.53
CA PRO J 209 7.38 49.38 63.09
C PRO J 209 7.46 49.37 64.61
N ASP J 210 8.12 50.35 65.21
CA ASP J 210 8.29 50.34 66.66
C ASP J 210 8.06 51.71 67.28
N MET J 211 7.04 52.44 66.83
CA MET J 211 6.56 53.56 67.61
C MET J 211 6.04 53.10 68.96
N LEU J 212 5.63 51.84 69.05
CA LEU J 212 5.07 51.26 70.26
C LEU J 212 6.12 51.16 71.36
N ARG J 213 7.34 50.87 70.96
CA ARG J 213 8.40 50.74 71.92
C ARG J 213 8.55 52.00 72.73
N ARG J 214 7.92 53.07 72.29
CA ARG J 214 8.07 54.34 72.98
C ARG J 214 7.49 54.25 74.36
N PRO J 215 8.10 54.94 75.30
CA PRO J 215 7.64 54.89 76.68
C PRO J 215 6.38 55.70 76.85
N ASP J 216 5.90 56.38 75.81
CA ASP J 216 4.68 57.15 75.96
C ASP J 216 3.56 56.60 75.10
N SER J 217 3.88 55.66 74.24
CA SER J 217 2.87 55.16 73.34
C SER J 217 1.67 54.63 74.08
N ALA J 218 1.90 54.02 75.23
CA ALA J 218 0.80 53.41 75.97
C ALA J 218 -0.26 54.45 76.36
N ASP J 219 0.15 55.52 77.03
CA ASP J 219 -0.82 56.54 77.45
C ASP J 219 -1.43 57.21 76.24
N PHE J 220 -0.64 57.38 75.18
CA PHE J 220 -1.12 58.02 73.96
C PHE J 220 -2.34 57.31 73.42
N PHE J 221 -2.36 55.97 73.51
CA PHE J 221 -3.46 55.20 72.93
C PHE J 221 -4.77 55.51 73.62
N GLU J 222 -4.82 55.36 74.95
CA GLU J 222 -6.06 55.62 75.65
C GLU J 222 -6.45 57.09 75.50
N LYS J 223 -5.46 57.99 75.51
CA LYS J 223 -5.78 59.40 75.39
C LYS J 223 -6.43 59.69 74.05
N TYR J 224 -5.89 59.11 72.97
CA TYR J 224 -6.48 59.33 71.66
C TYR J 224 -7.88 58.72 71.58
N ILE J 225 -8.06 57.53 72.16
CA ILE J 225 -9.37 56.90 72.09
C ILE J 225 -10.40 57.73 72.86
N ASP J 226 -10.03 58.22 74.03
CA ASP J 226 -10.95 59.04 74.84
C ASP J 226 -11.25 60.35 74.15
N ASN J 227 -10.22 60.99 73.58
CA ASN J 227 -10.44 62.27 72.91
C ASN J 227 -11.34 62.09 71.70
N GLY J 228 -11.11 61.03 70.92
CA GLY J 228 -11.98 60.78 69.78
C GLY J 228 -13.40 60.43 70.19
N LEU J 229 -13.57 59.76 71.32
CA LEU J 229 -14.91 59.48 71.80
C LEU J 229 -15.62 60.75 72.26
N VAL J 230 -14.87 61.68 72.86
CA VAL J 230 -15.51 62.86 73.44
C VAL J 230 -15.75 63.92 72.36
N THR J 231 -14.96 63.89 71.29
CA THR J 231 -15.02 64.97 70.30
C THR J 231 -16.43 65.17 69.72
N GLY J 232 -17.15 64.12 69.33
CA GLY J 232 -16.75 62.73 69.33
C GLY J 232 -16.50 62.19 67.93
N ALA J 233 -15.26 61.93 67.56
CA ALA J 233 -14.95 61.37 66.26
C ALA J 233 -15.14 59.92 66.45
N ILE J 234 -14.52 59.09 65.62
CA ILE J 234 -14.81 57.65 65.70
C ILE J 234 -16.31 57.62 65.80
N PRO J 235 -17.00 58.27 64.84
CA PRO J 235 -18.43 58.36 65.07
C PRO J 235 -19.03 57.02 65.28
N SER J 236 -19.84 57.01 66.34
CA SER J 236 -20.69 55.91 66.72
C SER J 236 -20.00 54.81 67.48
N ASP J 237 -20.31 54.67 68.75
CA ASP J 237 -19.80 53.60 69.60
C ASP J 237 -19.54 52.28 68.86
N ALA J 238 -20.38 51.94 67.90
CA ALA J 238 -20.21 50.67 67.18
C ALA J 238 -18.89 50.63 66.45
N GLN J 239 -18.56 51.72 65.79
CA GLN J 239 -17.31 51.76 65.06
C GLN J 239 -16.15 51.64 66.03
N ALA J 240 -16.26 52.26 67.19
CA ALA J 240 -15.18 52.23 68.17
C ALA J 240 -14.63 50.85 68.41
N THR J 241 -15.46 49.99 68.97
CA THR J 241 -14.96 48.65 69.31
C THR J 241 -14.32 47.99 68.11
N GLN J 242 -14.92 48.14 66.92
CA GLN J 242 -14.34 47.56 65.72
C GLN J 242 -12.93 48.06 65.50
N LEU J 243 -12.73 49.38 65.57
CA LEU J 243 -11.43 49.96 65.26
C LEU J 243 -10.40 49.61 66.32
N ILE J 244 -10.81 49.53 67.59
CA ILE J 244 -9.84 49.25 68.65
C ILE J 244 -9.43 47.78 68.62
N SER J 245 -10.37 46.89 68.29
CA SER J 245 -10.02 45.48 68.19
C SER J 245 -9.26 45.18 66.90
N GLN J 246 -9.43 46.02 65.88
CA GLN J 246 -8.59 45.94 64.69
C GLN J 246 -7.19 46.44 65.00
N ALA J 247 -7.10 47.48 65.82
CA ALA J 247 -5.81 48.06 66.16
C ALA J 247 -4.99 47.10 67.01
N PHE J 248 -5.62 46.46 67.98
CA PHE J 248 -4.80 45.63 68.83
C PHE J 248 -4.12 44.60 67.97
N SER J 249 -4.74 44.12 66.91
CA SER J 249 -4.16 43.04 66.11
C SER J 249 -2.91 43.38 65.35
N ASP J 250 -2.93 44.55 64.74
CA ASP J 250 -1.77 44.99 64.03
C ASP J 250 -0.70 45.14 65.07
N ALA J 251 -1.03 45.68 66.22
CA ALA J 251 -0.01 45.89 67.21
C ALA J 251 0.54 44.56 67.62
N SER J 252 -0.31 43.56 67.75
CA SER J 252 0.15 42.22 68.09
C SER J 252 1.10 41.62 67.08
N SER J 253 0.84 41.74 65.78
CA SER J 253 1.80 41.11 64.87
C SER J 253 2.97 42.03 64.60
N ARG J 254 3.20 43.03 65.44
CA ARG J 254 4.24 44.03 65.14
C ARG J 254 5.44 44.22 66.05
N ALA J 255 6.22 43.19 66.33
CA ALA J 255 7.50 43.33 67.06
C ALA J 255 7.54 43.77 68.51
N GLY J 256 7.09 44.97 68.79
CA GLY J 256 7.16 45.49 70.15
C GLY J 256 5.81 45.40 70.76
N GLY J 257 4.92 44.72 70.08
CA GLY J 257 3.56 44.70 70.55
C GLY J 257 3.38 44.10 71.91
N ALA J 258 4.09 43.04 72.18
CA ALA J 258 4.00 42.45 73.47
C ALA J 258 4.05 43.55 74.47
N ASP J 259 4.98 44.47 74.28
CA ASP J 259 5.17 45.51 75.26
C ASP J 259 4.02 46.44 75.14
N PHE J 260 3.73 46.82 73.90
CA PHE J 260 2.63 47.80 73.87
C PHE J 260 1.32 47.29 74.48
N LEU J 261 0.93 46.07 74.15
CA LEU J 261 -0.32 45.54 74.66
C LEU J 261 -0.31 45.34 76.16
N MET J 262 0.80 44.87 76.69
CA MET J 262 0.89 44.66 78.13
C MET J 262 0.82 45.98 78.86
N ARG J 263 1.25 47.07 78.23
CA ARG J 263 1.04 48.35 78.91
C ARG J 263 -0.42 48.84 78.93
N VAL J 264 -1.08 48.96 77.80
CA VAL J 264 -2.47 49.41 77.64
C VAL J 264 -3.40 48.54 78.47
N GLY J 265 -2.99 47.30 78.74
CA GLY J 265 -3.62 46.53 79.78
C GLY J 265 -2.91 46.79 81.09
N ASP J 266 -3.58 47.46 82.01
CA ASP J 266 -4.96 47.81 81.83
C ASP J 266 -5.14 49.31 81.84
N LYS J 267 -6.06 49.81 81.02
CA LYS J 267 -6.33 51.24 80.97
C LYS J 267 -7.84 51.45 80.94
N LYS J 268 -8.25 52.62 81.42
CA LYS J 268 -9.67 52.92 81.60
C LYS J 268 -10.19 53.57 80.32
N VAL J 269 -11.23 53.00 79.74
CA VAL J 269 -11.83 53.51 78.51
C VAL J 269 -13.34 53.32 78.58
N THR J 270 -14.07 54.35 78.15
CA THR J 270 -15.53 54.36 78.23
C THR J 270 -16.13 53.53 77.10
N LEU J 271 -17.44 53.31 77.21
CA LEU J 271 -18.23 52.69 76.17
C LEU J 271 -19.70 52.89 76.49
N ASN J 272 -20.56 52.26 75.70
CA ASN J 272 -22.00 52.41 75.88
C ASN J 272 -22.44 51.84 77.22
N GLY J 273 -22.16 50.56 77.46
CA GLY J 273 -22.69 49.89 78.63
C GLY J 273 -22.06 50.37 79.92
N ALA J 274 -20.73 50.42 79.97
CA ALA J 274 -20.05 50.75 81.21
C ALA J 274 -18.60 51.11 80.91
N THR J 275 -18.01 51.90 81.81
CA THR J 275 -16.58 52.21 81.79
C THR J 275 -15.85 50.97 82.28
N THR J 276 -14.85 50.59 81.58
CA THR J 276 -14.29 49.26 81.74
C THR J 276 -12.87 49.22 81.19
N THR J 277 -12.01 48.43 81.85
CA THR J 277 -10.62 48.30 81.46
C THR J 277 -10.49 47.66 80.09
N TYR J 278 -9.30 47.83 79.47
CA TYR J 278 -9.03 47.19 78.19
C TYR J 278 -9.08 45.68 78.30
N ARG J 279 -8.51 45.12 79.36
CA ARG J 279 -8.36 43.69 79.33
C ARG J 279 -9.80 43.30 79.30
N GLU J 280 -10.60 44.07 80.00
CA GLU J 280 -11.90 43.59 80.34
C GLU J 280 -12.74 43.42 79.10
N LEU J 281 -12.62 44.34 78.16
CA LEU J 281 -13.48 44.34 76.99
C LEU J 281 -13.21 43.07 76.22
N ILE J 282 -11.97 42.65 76.32
CA ILE J 282 -11.36 41.65 75.48
C ILE J 282 -11.24 40.33 76.32
N GLY J 283 -12.20 39.39 76.19
CA GLY J 283 -12.33 38.19 76.98
C GLY J 283 -11.02 37.45 77.22
N GLU J 284 -11.09 36.50 78.16
CA GLU J 284 -9.90 35.80 78.61
C GLU J 284 -9.20 35.04 77.49
N GLU J 285 -9.98 34.74 76.48
CA GLU J 285 -9.34 34.29 75.31
C GLU J 285 -8.84 35.44 74.49
N GLN J 286 -9.61 36.44 74.12
CA GLN J 286 -9.01 37.28 73.09
C GLN J 286 -7.72 37.93 73.61
N TRP J 287 -7.69 38.43 74.82
CA TRP J 287 -6.48 39.07 75.32
C TRP J 287 -5.31 38.15 75.46
N ASN J 288 -5.54 36.95 75.97
CA ASN J 288 -4.45 36.01 76.07
C ASN J 288 -3.93 35.67 74.69
N ALA J 289 -4.80 35.52 73.71
CA ALA J 289 -4.35 35.24 72.37
C ALA J 289 -3.52 36.37 71.88
N LEU J 290 -3.94 37.58 72.14
CA LEU J 290 -3.21 38.74 71.67
C LEU J 290 -1.83 38.76 72.28
N MET J 291 -1.72 38.40 73.55
CA MET J 291 -0.38 38.19 74.06
C MET J 291 0.48 37.21 73.26
N VAL J 292 0.21 35.92 73.38
CA VAL J 292 1.05 34.86 72.85
C VAL J 292 1.31 35.22 71.43
N THR J 293 0.29 35.59 70.67
CA THR J 293 0.62 35.76 69.26
C THR J 293 1.56 36.95 69.06
N ALA J 294 1.45 37.99 69.90
CA ALA J 294 2.40 39.08 69.81
C ALA J 294 3.77 38.64 70.27
N GLN J 295 3.83 37.84 71.33
CA GLN J 295 5.11 37.32 71.80
C GLN J 295 5.77 36.48 70.71
N ARG J 296 4.96 35.67 70.04
CA ARG J 296 5.45 34.84 68.93
C ARG J 296 5.93 35.69 67.77
N SER J 297 5.19 36.75 67.43
CA SER J 297 5.62 37.59 66.33
C SER J 297 6.92 38.31 66.66
N GLN J 298 7.07 38.72 67.92
CA GLN J 298 8.35 39.31 68.33
C GLN J 298 9.48 38.31 68.17
N PHE J 299 9.27 37.08 68.61
CA PHE J 299 10.29 36.05 68.44
C PHE J 299 10.62 35.85 66.97
N GLU J 300 9.59 35.81 66.13
CA GLU J 300 9.80 35.65 64.69
C GLU J 300 10.67 36.76 64.13
N THR J 301 10.31 38.01 64.41
CA THR J 301 11.04 39.12 63.80
C THR J 301 12.45 39.22 64.36
N ASP J 302 12.62 38.86 65.64
CA ASP J 302 13.96 38.91 66.21
C ASP J 302 14.85 37.85 65.58
N ALA J 303 14.33 36.63 65.38
CA ALA J 303 15.11 35.62 64.68
C ALA J 303 15.37 36.04 63.24
N LYS J 304 14.42 36.75 62.63
CA LYS J 304 14.62 37.25 61.28
C LYS J 304 15.78 38.22 61.22
N LEU J 305 15.87 39.13 62.20
CA LEU J 305 17.00 40.05 62.26
C LEU J 305 18.31 39.29 62.48
N ASN J 306 18.29 38.33 63.41
CA ASN J 306 19.48 37.50 63.62
C ASN J 306 19.94 36.85 62.33
N GLU J 307 19.00 36.31 61.56
CA GLU J 307 19.37 35.56 60.36
C GLU J 307 19.83 36.49 59.25
N GLN J 308 19.27 37.71 59.18
CA GLN J 308 19.80 38.68 58.23
C GLN J 308 21.24 39.03 58.57
N TYR J 309 21.52 39.27 59.84
CA TYR J 309 22.89 39.57 60.25
C TYR J 309 23.82 38.42 59.93
N ARG J 310 23.40 37.19 60.25
CA ARG J 310 24.24 36.03 60.02
C ARG J 310 24.41 35.77 58.55
N LEU J 311 23.42 36.14 57.72
CA LEU J 311 23.57 36.09 56.28
C LEU J 311 24.66 37.04 55.81
N LYS J 312 24.63 38.28 56.29
CA LYS J 312 25.68 39.23 55.93
C LYS J 312 27.06 38.69 56.30
N ILE J 313 27.18 38.13 57.51
CA ILE J 313 28.48 37.67 57.95
C ILE J 313 28.92 36.43 57.18
N ASN J 314 28.02 35.48 56.94
CA ASN J 314 28.38 34.32 56.15
C ASN J 314 28.79 34.70 54.74
N SER J 315 28.11 35.68 54.15
CA SER J 315 28.55 36.17 52.85
C SER J 315 29.94 36.75 52.92
N ALA J 316 30.21 37.57 53.94
CA ALA J 316 31.55 38.11 54.11
C ALA J 316 32.58 37.00 54.21
N LEU J 317 32.18 35.87 54.78
CA LEU J 317 33.11 34.75 54.91
C LEU J 317 33.31 34.03 53.59
N ASN J 318 32.27 33.86 52.80
CA ASN J 318 32.30 32.96 51.66
C ASN J 318 32.77 33.63 50.38
N GLN J 319 33.53 34.72 50.47
CA GLN J 319 34.03 35.38 49.27
C GLN J 319 35.02 34.50 48.54
N GLU J 320 35.25 34.84 47.28
CA GLU J 320 36.22 34.08 46.48
C GLU J 320 37.63 34.30 47.01
N ASP J 321 38.08 35.55 47.04
CA ASP J 321 39.42 35.83 47.52
C ASP J 321 39.32 36.40 48.92
N PRO J 322 40.10 35.88 49.86
CA PRO J 322 39.93 36.29 51.26
C PRO J 322 40.27 37.76 51.50
N ARG J 323 40.92 38.44 50.56
CA ARG J 323 41.13 39.88 50.72
C ARG J 323 39.82 40.63 50.84
N THR J 324 38.99 40.53 49.79
CA THR J 324 37.68 41.16 49.82
C THR J 324 36.86 40.68 51.01
N ALA J 325 37.01 39.41 51.38
CA ALA J 325 36.38 38.93 52.60
C ALA J 325 36.76 39.81 53.79
N TRP J 326 38.05 40.02 54.00
CA TRP J 326 38.49 40.74 55.18
C TRP J 326 38.06 42.19 55.13
N GLU J 327 38.18 42.84 53.98
CA GLU J 327 37.83 44.26 53.97
C GLU J 327 36.32 44.45 54.11
N MET J 328 35.51 43.58 53.50
CA MET J 328 34.07 43.69 53.68
C MET J 328 33.68 43.43 55.12
N LEU J 329 34.34 42.46 55.76
CA LEU J 329 34.05 42.20 57.16
C LEU J 329 34.45 43.38 58.03
N GLN J 330 35.58 44.01 57.71
CA GLN J 330 36.01 45.17 58.47
C GLN J 330 35.04 46.33 58.30
N GLY J 331 34.52 46.52 57.09
CA GLY J 331 33.51 47.53 56.89
C GLY J 331 32.23 47.24 57.65
N ILE J 332 31.82 45.97 57.67
CA ILE J 332 30.63 45.60 58.43
C ILE J 332 30.84 45.87 59.91
N LYS J 333 32.04 45.61 60.42
CA LYS J 333 32.35 45.96 61.81
C LYS J 333 32.27 47.46 62.03
N ALA J 334 32.92 48.23 61.16
CA ALA J 334 32.93 49.69 61.32
C ALA J 334 31.51 50.25 61.27
N GLU J 335 30.63 49.55 60.55
CA GLU J 335 29.23 49.96 60.51
C GLU J 335 28.48 49.50 61.76
N LEU J 336 28.76 48.28 62.22
CA LEU J 336 28.05 47.76 63.37
C LEU J 336 28.39 48.69 64.48
N ASP J 337 29.52 49.35 64.36
CA ASP J 337 29.96 50.20 65.44
C ASP J 337 28.94 51.29 65.68
N LYS J 338 28.34 51.78 64.61
CA LYS J 338 27.35 52.81 64.74
C LYS J 338 26.20 52.31 65.56
N VAL J 339 25.47 51.36 65.02
CA VAL J 339 24.27 50.88 65.71
C VAL J 339 24.56 50.23 67.04
N GLN J 340 25.61 49.42 67.13
CA GLN J 340 25.98 48.88 68.43
C GLN J 340 27.23 49.65 68.78
N PRO J 341 27.09 50.68 69.60
CA PRO J 341 28.24 51.52 69.87
C PRO J 341 29.03 51.15 71.08
N ASP J 342 28.62 50.12 71.79
CA ASP J 342 29.45 49.73 72.90
C ASP J 342 30.22 48.51 72.49
N GLU J 343 31.54 48.63 72.48
CA GLU J 343 32.34 47.47 72.22
C GLU J 343 32.13 46.64 73.47
N GLN J 344 31.90 45.34 73.32
CA GLN J 344 31.58 44.49 74.48
C GLN J 344 31.48 43.08 73.97
N MET J 345 30.51 42.31 74.47
CA MET J 345 30.29 40.95 73.99
C MET J 345 28.87 40.82 73.49
N THR J 346 28.45 41.72 72.63
CA THR J 346 27.12 41.63 72.05
C THR J 346 27.10 40.34 71.28
N PRO J 347 26.00 39.60 71.36
CA PRO J 347 26.03 38.31 70.68
C PRO J 347 26.42 38.49 69.22
N GLN J 348 26.04 39.59 68.62
CA GLN J 348 26.38 39.84 67.25
C GLN J 348 27.89 40.06 67.12
N ARG J 349 28.50 40.73 68.08
CA ARG J 349 29.96 40.88 68.10
C ARG J 349 30.73 39.56 68.25
N GLU J 350 30.21 38.65 69.06
CA GLU J 350 30.80 37.32 69.11
C GLU J 350 30.73 36.73 67.74
N TRP J 351 29.59 36.84 67.08
CA TRP J 351 29.53 36.20 65.78
C TRP J 351 30.56 36.83 64.88
N LEU J 352 30.68 38.15 64.97
CA LEU J 352 31.55 38.95 64.11
C LEU J 352 33.02 38.60 64.28
N ILE J 353 33.44 38.25 65.48
CA ILE J 353 34.87 38.05 65.67
C ILE J 353 35.44 36.61 65.53
N SER J 354 34.67 35.56 65.75
CA SER J 354 34.89 34.28 65.09
C SER J 354 35.00 34.47 63.59
N ALA J 355 34.29 35.46 63.04
CA ALA J 355 34.43 35.77 61.63
C ALA J 355 35.83 36.30 61.32
N GLN J 356 36.39 37.10 62.23
CA GLN J 356 37.73 37.61 62.03
C GLN J 356 38.77 36.49 62.10
N GLU J 357 38.66 35.60 63.09
CA GLU J 357 39.56 34.45 63.12
C GLU J 357 39.37 33.58 61.90
N GLN J 358 38.13 33.45 61.44
CA GLN J 358 37.81 32.67 60.25
C GLN J 358 38.51 33.24 59.02
N VAL J 359 38.41 34.56 58.81
CA VAL J 359 39.03 35.16 57.64
C VAL J 359 40.54 35.16 57.79
N GLN J 360 41.06 35.18 59.02
CA GLN J 360 42.49 35.02 59.20
C GLN J 360 42.94 33.64 58.73
N ASN J 361 42.20 32.61 59.11
CA ASN J 361 42.56 31.26 58.67
C ASN J 361 42.44 31.14 57.15
N GLN J 362 41.41 31.76 56.58
CA GLN J 362 41.23 31.72 55.14
C GLN J 362 42.37 32.45 54.43
N MET J 363 42.88 33.53 55.03
CA MET J 363 44.03 34.22 54.46
C MET J 363 45.28 33.38 54.57
N ASN J 364 45.42 32.64 55.67
CA ASN J 364 46.51 31.67 55.76
C ASN J 364 46.47 30.70 54.58
N ALA J 365 45.31 30.10 54.34
CA ALA J 365 45.15 29.19 53.21
C ALA J 365 45.43 29.89 51.89
N TRP J 366 45.02 31.14 51.74
CA TRP J 366 45.22 31.83 50.47
C TRP J 366 46.69 32.11 50.22
N THR J 367 47.43 32.48 51.27
CA THR J 367 48.88 32.63 51.13
C THR J 367 49.51 31.34 50.67
N LYS J 368 49.17 30.24 51.34
CA LYS J 368 49.76 28.96 50.97
C LYS J 368 49.43 28.61 49.53
N ALA J 369 48.20 28.88 49.09
CA ALA J 369 47.79 28.52 47.75
C ALA J 369 48.50 29.37 46.70
N GLN J 370 48.64 30.67 46.95
CA GLN J 370 49.36 31.50 46.00
C GLN J 370 50.83 31.12 45.94
N ALA J 371 51.40 30.68 47.06
CA ALA J 371 52.79 30.23 47.03
C ALA J 371 52.93 28.95 46.21
N LYS J 372 51.99 28.02 46.37
CA LYS J 372 52.02 26.82 45.54
C LYS J 372 51.86 27.17 44.07
N ALA J 373 51.05 28.18 43.77
CA ALA J 373 50.91 28.61 42.38
C ALA J 373 52.22 29.17 41.85
N LEU J 374 52.96 29.91 42.68
CA LEU J 374 54.28 30.36 42.29
C LEU J 374 55.19 29.20 41.94
N ASP J 375 55.26 28.21 42.84
CA ASP J 375 56.10 27.05 42.59
C ASP J 375 55.72 26.35 41.30
N ASP J 376 54.41 26.17 41.07
CA ASP J 376 53.94 25.53 39.85
C ASP J 376 54.27 26.35 38.63
N SER J 377 54.20 27.68 38.72
CA SER J 377 54.52 28.49 37.56
C SER J 377 55.98 28.31 37.17
N MET J 378 56.90 28.38 38.13
CA MET J 378 58.31 28.14 37.77
C MET J 378 58.55 26.72 37.27
N LYS J 379 58.00 25.72 37.97
CA LYS J 379 58.20 24.35 37.53
C LYS J 379 57.67 24.14 36.12
N SER J 380 56.49 24.69 35.83
CA SER J 380 55.89 24.52 34.51
C SER J 380 56.71 25.22 33.44
N MET J 381 57.16 26.44 33.69
CA MET J 381 57.96 27.13 32.68
C MET J 381 59.24 26.36 32.38
N ASN J 382 59.95 25.93 33.42
CA ASN J 382 61.21 25.24 33.21
C ASN J 382 61.00 23.92 32.47
N LYS J 383 60.10 23.08 32.98
CA LYS J 383 59.88 21.78 32.33
C LYS J 383 59.27 21.97 30.95
N LEU J 384 58.58 23.09 30.74
CA LEU J 384 57.99 23.36 29.44
C LEU J 384 59.05 23.65 28.41
N ASP J 385 60.03 24.49 28.76
CA ASP J 385 61.10 24.75 27.80
C ASP J 385 61.95 23.50 27.59
N VAL J 386 62.15 22.70 28.65
CA VAL J 386 62.87 21.45 28.47
C VAL J 386 62.15 20.53 27.49
N ILE J 387 60.83 20.37 27.68
CA ILE J 387 60.02 19.57 26.76
C ILE J 387 60.15 20.11 25.35
N ASP J 388 60.02 21.42 25.18
CA ASP J 388 60.05 21.98 23.84
C ASP J 388 61.38 21.77 23.16
N LYS J 389 62.49 21.86 23.90
CA LYS J 389 63.79 21.66 23.28
C LYS J 389 63.97 20.20 22.88
N GLN J 390 63.66 19.28 23.81
CA GLN J 390 63.76 17.86 23.51
C GLN J 390 62.77 17.45 22.42
N PHE J 391 61.76 18.28 22.17
CA PHE J 391 60.79 17.99 21.12
C PHE J 391 61.28 18.52 19.77
N GLN J 392 61.88 19.71 19.76
CA GLN J 392 62.54 20.20 18.56
C GLN J 392 63.60 19.22 18.10
N LYS J 393 64.26 18.56 19.05
CA LYS J 393 65.19 17.49 18.70
C LYS J 393 64.50 16.41 17.88
N ARG J 394 63.32 15.98 18.30
CA ARG J 394 62.59 14.94 17.58
C ARG J 394 62.15 15.45 16.21
N ILE J 395 61.74 16.71 16.13
CA ILE J 395 61.29 17.26 14.85
C ILE J 395 62.44 17.29 13.86
N ASN J 396 63.60 17.79 14.29
CA ASN J 396 64.73 17.87 13.38
C ASN J 396 65.40 16.51 13.22
N GLY J 397 65.80 15.90 14.32
CA GLY J 397 66.45 14.61 14.33
C GLY J 397 65.43 13.48 14.38
N GLU J 398 65.82 12.39 15.05
CA GLU J 398 65.02 11.17 15.11
C GLU J 398 65.23 10.50 16.45
N TRP J 399 64.29 9.60 16.77
CA TRP J 399 64.48 8.56 17.77
C TRP J 399 64.75 9.18 19.15
N VAL J 400 63.79 10.00 19.60
CA VAL J 400 64.01 10.81 20.79
C VAL J 400 63.10 10.39 21.94
N SER J 401 62.06 9.60 21.67
CA SER J 401 61.23 9.03 22.73
C SER J 401 60.60 10.13 23.59
N THR J 402 59.71 10.90 23.01
CA THR J 402 58.99 11.96 23.71
C THR J 402 57.76 11.46 24.46
N ASP J 403 57.71 10.16 24.80
CA ASP J 403 56.44 9.59 25.24
C ASP J 403 55.94 10.22 26.54
N PHE J 404 56.59 9.90 27.66
CA PHE J 404 56.31 10.58 28.92
C PHE J 404 57.62 10.90 29.63
N LYS J 405 58.57 9.98 29.48
CA LYS J 405 59.79 9.98 30.25
C LYS J 405 60.85 10.85 29.55
N ASP J 406 61.14 12.01 30.13
CA ASP J 406 61.95 13.02 29.47
C ASP J 406 63.26 13.33 30.18
N MET J 407 63.94 14.36 29.70
CA MET J 407 65.15 14.88 30.32
C MET J 407 64.82 15.25 31.76
N PRO J 408 65.30 14.48 32.73
CA PRO J 408 64.76 14.57 34.08
C PRO J 408 65.17 15.83 34.82
N VAL J 409 64.85 15.89 36.11
CA VAL J 409 65.15 17.05 36.94
C VAL J 409 66.63 17.33 36.91
N ASN J 410 67.02 18.48 36.36
CA ASN J 410 68.40 18.91 36.49
C ASN J 410 68.74 19.14 37.96
N GLU J 411 68.16 20.17 38.57
CA GLU J 411 68.07 20.23 40.02
C GLU J 411 66.65 20.66 40.37
N ASN J 412 66.00 21.39 39.44
CA ASN J 412 64.89 22.24 39.85
C ASN J 412 63.72 22.28 38.87
N THR J 413 63.51 21.27 38.03
CA THR J 413 62.43 21.43 37.07
C THR J 413 61.12 20.77 37.54
N GLY J 414 61.15 19.54 38.00
CA GLY J 414 59.95 18.90 38.50
C GLY J 414 59.81 17.49 37.95
N GLU J 415 58.88 16.75 38.57
CA GLU J 415 58.76 15.33 38.25
C GLU J 415 58.07 15.07 36.92
N PHE J 416 57.80 16.12 36.14
CA PHE J 416 57.15 15.94 34.85
C PHE J 416 55.81 15.23 34.96
N LYS J 417 54.82 15.89 35.54
CA LYS J 417 53.45 15.42 35.53
C LYS J 417 53.06 15.09 34.09
N HIS J 418 52.02 14.30 33.90
CA HIS J 418 51.49 14.14 32.56
C HIS J 418 50.88 15.44 32.06
N SER J 419 50.60 16.37 32.97
CA SER J 419 49.90 17.59 32.60
C SER J 419 50.71 18.45 31.63
N ASP J 420 52.04 18.35 31.66
CA ASP J 420 52.81 19.32 30.89
C ASP J 420 52.63 19.10 29.40
N MET J 421 52.74 17.86 28.94
CA MET J 421 52.73 17.61 27.50
C MET J 421 51.42 18.05 26.87
N VAL J 422 50.30 17.83 27.53
CA VAL J 422 49.04 18.42 27.05
C VAL J 422 49.12 19.93 27.11
N ASN J 423 49.53 20.47 28.26
CA ASN J 423 49.74 21.91 28.36
C ASN J 423 50.77 22.39 27.34
N TYR J 424 51.82 21.59 27.10
CA TYR J 424 52.82 22.00 26.14
C TYR J 424 52.23 22.12 24.75
N ALA J 425 51.52 21.09 24.30
CA ALA J 425 50.89 21.13 22.99
C ALA J 425 49.93 22.31 22.87
N ASN J 426 49.09 22.52 23.89
CA ASN J 426 48.11 23.58 23.79
C ASN J 426 48.79 24.95 23.72
N LYS J 427 49.72 25.21 24.65
CA LYS J 427 50.36 26.50 24.69
C LYS J 427 51.20 26.75 23.43
N LYS J 428 51.86 25.71 22.94
CA LYS J 428 52.70 25.88 21.76
C LYS J 428 51.86 26.09 20.51
N LEU J 429 50.70 25.43 20.43
CA LEU J 429 49.83 25.64 19.28
C LEU J 429 49.30 27.06 19.27
N ALA J 430 48.84 27.55 20.42
CA ALA J 430 48.42 28.95 20.49
C ALA J 430 49.58 29.89 20.20
N GLU J 431 50.77 29.57 20.71
CA GLU J 431 51.97 30.35 20.43
C GLU J 431 52.20 30.48 18.93
N ILE J 432 52.15 29.36 18.22
CA ILE J 432 52.25 29.39 16.77
C ILE J 432 51.17 30.26 16.17
N ASP J 433 49.95 30.17 16.70
CA ASP J 433 48.89 31.03 16.20
C ASP J 433 49.23 32.51 16.38
N SER J 434 50.01 32.83 17.41
CA SER J 434 50.27 34.23 17.70
C SER J 434 51.54 34.73 16.99
N MET J 435 52.23 33.85 16.27
CA MET J 435 53.44 34.28 15.59
C MET J 435 53.11 35.26 14.47
N ASP J 436 54.17 35.88 13.94
CA ASP J 436 54.01 37.00 13.01
C ASP J 436 54.02 36.55 11.55
N ILE J 437 54.42 35.32 11.29
CA ILE J 437 54.63 34.78 9.94
C ILE J 437 53.34 34.71 9.15
N PRO J 438 53.40 34.59 7.82
CA PRO J 438 52.19 34.39 7.02
C PRO J 438 51.61 33.00 7.22
N ASP J 439 50.40 32.81 6.71
CA ASP J 439 49.63 31.59 6.97
C ASP J 439 50.37 30.34 6.52
N GLY J 440 51.08 30.41 5.39
CA GLY J 440 51.76 29.25 4.89
C GLY J 440 52.74 28.67 5.89
N ALA J 441 53.61 29.52 6.45
CA ALA J 441 54.57 29.03 7.43
C ALA J 441 53.85 28.53 8.68
N LYS J 442 52.78 29.20 9.08
CA LYS J 442 52.03 28.76 10.26
C LYS J 442 51.52 27.34 10.08
N ASP J 443 50.91 27.06 8.92
CA ASP J 443 50.31 25.74 8.74
C ASP J 443 51.36 24.68 8.48
N ALA J 444 52.42 25.02 7.73
CA ALA J 444 53.53 24.09 7.61
C ALA J 444 54.10 23.76 8.98
N MET J 445 54.05 24.72 9.91
CA MET J 445 54.63 24.48 11.22
C MET J 445 53.69 23.64 12.07
N LYS J 446 52.39 23.90 11.99
CA LYS J 446 51.43 23.02 12.66
C LYS J 446 51.57 21.59 12.19
N LEU J 447 51.84 21.40 10.90
CA LEU J 447 51.99 20.04 10.40
C LEU J 447 53.33 19.43 10.80
N LYS J 448 54.41 20.22 10.74
CA LYS J 448 55.72 19.71 11.13
C LYS J 448 55.80 19.50 12.63
N TYR J 449 54.77 19.96 13.36
CA TYR J 449 54.64 19.53 14.75
C TYR J 449 53.72 18.32 14.87
N LEU J 450 52.69 18.25 14.03
CA LEU J 450 51.77 17.11 14.09
C LEU J 450 52.51 15.80 13.87
N GLN J 451 53.66 15.87 13.22
CA GLN J 451 54.64 14.80 13.25
C GLN J 451 55.89 15.31 13.94
N ALA J 452 56.41 14.54 14.89
CA ALA J 452 55.84 13.26 15.26
C ALA J 452 55.95 13.02 16.74
N ASP J 453 54.82 12.71 17.37
CA ASP J 453 54.83 12.13 18.70
C ASP J 453 54.19 10.76 18.58
N SER J 454 54.45 9.90 19.56
CA SER J 454 54.09 8.50 19.47
C SER J 454 52.61 8.25 19.76
N LYS J 455 51.71 8.93 19.03
CA LYS J 455 50.27 8.74 19.17
C LYS J 455 49.85 8.84 20.64
N ASP J 456 50.44 9.80 21.35
CA ASP J 456 50.21 9.90 22.79
C ASP J 456 48.72 10.03 23.13
N GLY J 457 47.99 10.97 22.49
CA GLY J 457 48.51 12.02 21.63
C GLY J 457 48.42 13.35 22.35
N ALA J 458 49.47 14.17 22.23
CA ALA J 458 49.37 15.53 22.74
C ALA J 458 48.96 16.48 21.62
N PHE J 459 49.82 16.61 20.61
CA PHE J 459 49.47 17.42 19.45
C PHE J 459 48.39 16.73 18.63
N ARG J 460 48.48 15.40 18.52
CA ARG J 460 47.49 14.67 17.74
C ARG J 460 46.12 14.85 18.35
N THR J 461 46.03 14.84 19.68
CA THR J 461 44.74 15.03 20.33
C THR J 461 44.30 16.48 20.29
N ALA J 462 45.25 17.43 20.31
CA ALA J 462 44.84 18.83 20.17
C ALA J 462 44.21 19.08 18.81
N ILE J 463 44.91 18.72 17.74
CA ILE J 463 44.35 18.87 16.41
C ILE J 463 43.09 18.02 16.27
N GLY J 464 43.03 16.90 16.99
CA GLY J 464 41.86 16.05 16.92
C GLY J 464 40.63 16.69 17.52
N THR J 465 40.77 17.30 18.69
CA THR J 465 39.62 17.98 19.28
C THR J 465 39.24 19.19 18.44
N MET J 466 40.20 19.81 17.77
CA MET J 466 39.86 20.82 16.77
C MET J 466 38.98 20.23 15.68
N VAL J 467 39.34 19.04 15.19
CA VAL J 467 38.56 18.39 14.15
C VAL J 467 37.15 18.07 14.63
N THR J 468 37.03 17.44 15.81
CA THR J 468 35.69 17.13 16.29
C THR J 468 34.89 18.39 16.60
N ASP J 469 35.57 19.49 16.93
CA ASP J 469 34.85 20.75 17.07
C ASP J 469 34.25 21.18 15.74
N ALA J 470 35.06 21.16 14.68
CA ALA J 470 34.51 21.49 13.37
C ALA J 470 33.38 20.53 13.01
N GLY J 471 33.51 19.27 13.38
CA GLY J 471 32.50 18.29 13.05
C GLY J 471 31.19 18.56 13.75
N GLN J 472 31.23 18.75 15.07
CA GLN J 472 30.02 19.06 15.81
C GLN J 472 29.43 20.37 15.36
N GLU J 473 30.27 21.32 14.96
CA GLU J 473 29.77 22.62 14.54
C GLU J 473 29.01 22.50 13.22
N TRP J 474 29.55 21.74 12.27
CA TRP J 474 28.80 21.52 11.04
C TRP J 474 27.55 20.69 11.30
N SER J 475 27.61 19.79 12.29
CA SER J 475 26.39 19.08 12.69
C SER J 475 25.33 20.07 13.15
N ALA J 476 25.70 20.97 14.05
CA ALA J 476 24.76 21.95 14.56
C ALA J 476 24.21 22.82 13.43
N ALA J 477 25.06 23.13 12.45
CA ALA J 477 24.55 23.83 11.28
C ALA J 477 23.50 22.98 10.56
N VAL J 478 23.73 21.66 10.50
CA VAL J 478 22.75 20.80 9.85
C VAL J 478 21.42 20.83 10.58
N ILE J 479 21.43 20.66 11.90
CA ILE J 479 20.19 20.67 12.66
C ILE J 479 19.53 22.04 12.51
N ASN J 480 20.32 23.10 12.65
CA ASN J 480 19.80 24.45 12.67
C ASN J 480 19.11 24.82 11.36
N GLY J 481 19.47 24.15 10.27
CA GLY J 481 18.84 24.38 8.99
C GLY J 481 19.60 25.28 8.05
N LYS J 482 20.34 26.25 8.57
CA LYS J 482 21.24 27.08 7.79
C LYS J 482 22.63 26.95 8.38
N LEU J 483 23.56 27.76 7.91
CA LEU J 483 24.89 27.65 8.49
C LEU J 483 25.27 28.94 9.21
N PRO J 484 25.58 28.86 10.50
CA PRO J 484 25.87 30.08 11.26
C PRO J 484 27.10 30.78 10.72
N GLU J 485 27.10 32.10 10.83
CA GLU J 485 28.19 32.89 10.26
C GLU J 485 29.47 32.73 11.09
N ARG J 486 30.60 32.95 10.41
CA ARG J 486 31.90 33.18 10.99
C ARG J 486 32.57 31.92 11.53
N THR J 487 31.79 30.84 11.72
CA THR J 487 32.26 29.44 11.74
C THR J 487 33.70 29.27 12.23
N PRO J 488 34.00 29.59 13.49
CA PRO J 488 35.42 29.61 13.89
C PRO J 488 36.12 28.28 13.74
N ALA J 489 35.54 27.20 14.26
CA ALA J 489 36.20 25.90 14.17
C ALA J 489 36.33 25.44 12.72
N MET J 490 35.27 25.60 11.93
CA MET J 490 35.35 25.24 10.52
C MET J 490 36.43 26.05 9.82
N ASP J 491 36.56 27.33 10.16
CA ASP J 491 37.57 28.16 9.51
C ASP J 491 38.97 27.71 9.87
N ALA J 492 39.22 27.44 11.15
CA ALA J 492 40.54 26.97 11.55
C ALA J 492 40.86 25.62 10.91
N LEU J 493 39.87 24.74 10.83
CA LEU J 493 40.10 23.45 10.17
C LEU J 493 40.40 23.64 8.70
N ARG J 494 39.87 24.71 8.12
CA ARG J 494 40.12 25.00 6.71
C ARG J 494 41.55 25.24 6.39
N ARG J 495 42.14 26.27 6.95
CA ARG J 495 43.49 26.60 6.56
C ARG J 495 44.43 25.45 6.69
N ILE J 496 44.43 24.84 7.87
CA ILE J 496 45.41 23.81 8.09
C ILE J 496 45.20 22.67 7.13
N ARG J 497 43.94 22.28 6.97
CA ARG J 497 43.71 21.16 6.12
C ARG J 497 44.13 21.53 4.77
N ASN J 498 43.57 22.54 4.14
CA ASN J 498 44.05 22.98 2.81
C ASN J 498 45.54 22.97 2.57
N ALA J 499 46.37 23.24 3.56
CA ALA J 499 47.80 23.13 3.33
C ALA J 499 48.21 21.72 3.01
N ASP J 500 47.71 20.72 3.74
CA ASP J 500 47.99 19.33 3.39
C ASP J 500 46.76 18.48 3.42
N PRO J 501 46.08 18.36 2.31
CA PRO J 501 44.88 17.56 2.45
C PRO J 501 45.20 16.09 2.33
N GLN J 502 46.04 15.59 3.22
CA GLN J 502 46.41 14.22 3.13
C GLN J 502 46.79 13.76 4.52
N LEU J 503 47.70 14.46 5.17
CA LEU J 503 48.17 14.04 6.46
C LEU J 503 46.98 14.22 7.36
N ILE J 504 46.24 15.32 7.18
CA ILE J 504 45.05 15.59 7.98
C ILE J 504 44.02 14.53 7.68
N ALA J 505 43.94 14.12 6.45
CA ALA J 505 43.01 13.07 6.12
C ALA J 505 43.32 11.79 6.81
N ALA J 506 44.58 11.43 6.90
CA ALA J 506 44.89 10.12 7.43
C ALA J 506 44.76 9.92 8.92
N LEU J 507 45.41 10.75 9.72
CA LEU J 507 45.45 10.54 11.16
C LEU J 507 44.05 10.48 11.76
N TYR J 508 43.05 11.03 11.06
CA TYR J 508 41.67 11.03 11.53
C TYR J 508 40.77 10.38 10.50
N PRO J 509 40.74 9.05 10.42
CA PRO J 509 39.86 8.42 9.44
C PRO J 509 38.40 8.48 9.86
N ASP J 510 38.15 8.83 11.13
CA ASP J 510 36.79 8.78 11.63
C ASP J 510 35.93 9.83 10.96
N GLN J 511 36.38 11.08 10.96
CA GLN J 511 35.62 12.14 10.32
C GLN J 511 36.07 12.40 8.89
N ALA J 512 36.07 11.39 8.02
CA ALA J 512 36.30 11.64 6.61
C ALA J 512 35.09 12.32 5.99
N GLU J 513 33.92 12.11 6.61
CA GLU J 513 32.69 12.78 6.18
C GLU J 513 32.85 14.29 6.22
N LEU J 514 33.39 14.83 7.31
CA LEU J 514 33.58 16.26 7.42
C LEU J 514 34.58 16.77 6.39
N PHE J 515 35.67 16.04 6.17
CA PHE J 515 36.63 16.47 5.16
C PHE J 515 36.01 16.51 3.79
N LEU J 516 35.24 15.48 3.44
CA LEU J 516 34.52 15.48 2.17
C LEU J 516 33.61 16.68 2.05
N THR J 517 32.79 16.93 3.07
CA THR J 517 31.85 18.05 2.98
C THR J 517 32.57 19.38 2.90
N MET J 518 33.63 19.57 3.67
CA MET J 518 34.35 20.83 3.61
C MET J 518 35.00 21.02 2.25
N ASP J 519 35.62 19.96 1.71
CA ASP J 519 36.24 20.07 0.40
C ASP J 519 35.23 20.26 -0.70
N MET J 520 34.01 19.77 -0.50
CA MET J 520 32.91 20.14 -1.37
C MET J 520 32.59 21.61 -1.21
N MET J 521 32.68 22.11 0.01
CA MET J 521 32.22 23.45 0.33
C MET J 521 33.14 24.51 -0.25
N ASP J 522 34.44 24.28 -0.24
CA ASP J 522 35.39 25.33 -0.59
C ASP J 522 36.05 25.12 -1.93
N LYS J 523 36.67 23.96 -2.17
CA LYS J 523 37.37 23.74 -3.43
C LYS J 523 36.40 23.74 -4.60
N GLN J 524 35.41 22.85 -4.56
CA GLN J 524 34.34 22.89 -5.54
C GLN J 524 33.40 24.05 -5.26
N GLY J 525 32.57 24.38 -6.24
CA GLY J 525 31.83 25.63 -6.18
C GLY J 525 30.47 25.56 -5.52
N ILE J 526 30.08 24.40 -4.99
CA ILE J 526 28.70 24.25 -4.52
C ILE J 526 28.47 25.13 -3.31
N ASP J 527 27.22 25.54 -3.13
CA ASP J 527 26.86 26.39 -2.01
C ASP J 527 26.87 25.58 -0.71
N PRO J 528 27.31 26.16 0.40
CA PRO J 528 27.04 25.56 1.72
C PRO J 528 25.63 25.88 2.21
N GLN J 529 24.68 25.67 1.30
CA GLN J 529 23.26 25.62 1.63
C GLN J 529 22.60 24.42 1.00
N VAL J 530 23.10 23.98 -0.16
CA VAL J 530 22.46 22.88 -0.87
C VAL J 530 22.91 21.55 -0.30
N ILE J 531 24.00 21.54 0.47
CA ILE J 531 24.34 20.35 1.24
C ILE J 531 23.51 20.28 2.51
N LEU J 532 23.16 21.46 3.05
CA LEU J 532 22.50 21.51 4.35
C LEU J 532 21.16 20.79 4.32
N ASP J 533 20.32 21.10 3.34
CA ASP J 533 19.02 20.43 3.27
C ASP J 533 19.22 18.95 3.07
N ALA J 534 19.98 18.56 2.05
CA ALA J 534 20.09 17.16 1.68
C ALA J 534 20.67 16.34 2.82
N ASP J 535 21.44 16.96 3.71
CA ASP J 535 21.92 16.23 4.88
C ASP J 535 20.94 16.37 6.04
N ARG J 536 20.00 17.31 5.94
CA ARG J 536 18.96 17.44 6.96
C ARG J 536 17.70 16.70 6.54
N LEU J 537 17.53 16.52 5.24
CA LEU J 537 16.31 15.94 4.70
C LEU J 537 16.38 14.42 4.67
N THR J 538 17.57 13.85 4.89
CA THR J 538 17.76 12.41 4.74
C THR J 538 16.78 11.61 5.56
N VAL J 539 16.35 10.47 5.02
CA VAL J 539 15.59 9.48 5.78
C VAL J 539 16.58 8.72 6.64
N LYS J 540 16.08 8.20 7.75
CA LYS J 540 16.88 7.23 8.50
C LYS J 540 16.90 5.91 7.74
N ARG J 541 18.11 5.40 7.49
CA ARG J 541 18.31 4.20 6.68
C ARG J 541 17.59 3.00 7.28
N SER J 542 17.18 3.10 8.54
CA SER J 542 16.21 2.23 9.18
C SER J 542 16.60 0.76 9.18
N LYS J 543 17.83 0.49 8.82
CA LYS J 543 18.31 -0.79 8.38
C LYS J 543 18.01 -1.09 6.94
N GLU J 544 16.77 -1.06 6.50
CA GLU J 544 16.48 -1.59 5.16
C GLU J 544 17.14 -0.80 4.02
N GLN J 545 17.02 0.51 4.11
CA GLN J 545 17.57 1.32 3.04
C GLN J 545 19.03 1.09 3.05
N ARG J 546 19.60 1.12 4.23
CA ARG J 546 21.03 1.08 4.33
C ARG J 546 21.53 -0.23 3.76
N PHE J 547 20.86 -1.32 4.09
CA PHE J 547 21.38 -2.60 3.70
C PHE J 547 21.37 -2.61 2.21
N GLU J 548 20.29 -2.16 1.58
CA GLU J 548 20.36 -2.16 0.11
C GLU J 548 21.34 -1.28 -0.61
N ASP J 549 21.54 -0.07 -0.13
CA ASP J 549 22.51 0.80 -0.76
C ASP J 549 23.84 0.08 -0.67
N ASP J 550 24.06 -0.52 0.49
CA ASP J 550 25.31 -1.19 0.71
C ASP J 550 25.56 -2.41 -0.13
N LYS J 551 24.58 -3.18 -0.48
CA LYS J 551 24.92 -4.15 -1.46
C LYS J 551 25.32 -3.29 -2.61
N ALA J 552 24.55 -2.24 -2.91
CA ALA J 552 24.64 -1.59 -4.21
C ALA J 552 26.01 -1.05 -4.44
N PHE J 553 26.58 -0.44 -3.43
CA PHE J 553 27.93 0.09 -3.56
C PHE J 553 28.78 -1.12 -3.84
N GLU J 554 28.54 -2.20 -3.13
CA GLU J 554 29.46 -3.29 -3.20
C GLU J 554 29.59 -3.90 -4.52
N SER J 555 28.49 -4.06 -5.21
CA SER J 555 28.56 -4.56 -6.55
C SER J 555 29.23 -3.55 -7.45
N ALA J 556 28.78 -2.31 -7.34
CA ALA J 556 29.16 -1.31 -8.31
C ALA J 556 30.63 -1.00 -8.28
N LEU J 557 31.19 -0.84 -7.10
CA LEU J 557 32.59 -0.55 -7.00
C LEU J 557 33.29 -1.72 -7.58
N ASN J 558 32.89 -2.93 -7.22
CA ASN J 558 33.59 -4.13 -7.69
C ASN J 558 33.47 -4.35 -9.18
N ALA J 559 32.32 -4.03 -9.75
CA ALA J 559 32.17 -4.15 -11.20
C ALA J 559 32.33 -2.87 -12.05
N SER J 560 33.37 -2.05 -11.81
CA SER J 560 33.60 -0.84 -12.61
C SER J 560 34.87 -0.78 -13.46
N LYS J 561 35.86 -1.64 -13.21
CA LYS J 561 37.08 -1.70 -14.03
C LYS J 561 37.95 -0.46 -14.28
N ALA J 562 38.29 0.31 -13.26
CA ALA J 562 39.24 1.42 -13.43
C ALA J 562 40.36 1.16 -12.43
N PRO J 563 41.63 1.24 -12.84
CA PRO J 563 42.74 0.90 -11.95
C PRO J 563 42.52 1.41 -10.59
N GLU J 564 42.16 2.66 -10.47
CA GLU J 564 41.95 3.24 -9.18
C GLU J 564 40.84 2.62 -8.34
N ILE J 565 39.63 2.45 -8.89
CA ILE J 565 38.49 1.98 -8.10
C ILE J 565 38.69 0.54 -7.79
N ALA J 566 39.35 -0.14 -8.68
CA ALA J 566 39.64 -1.50 -8.43
C ALA J 566 40.83 -1.45 -7.60
N ARG J 567 41.22 -2.58 -7.06
CA ARG J 567 42.47 -2.63 -6.35
C ARG J 567 42.38 -1.92 -5.03
N MET J 568 42.15 -0.61 -5.02
CA MET J 568 41.93 0.17 -3.80
C MET J 568 43.21 0.41 -3.15
N PRO J 569 43.32 1.56 -2.57
CA PRO J 569 44.64 1.84 -2.03
C PRO J 569 44.89 0.91 -0.89
N ALA J 570 43.91 0.60 -0.05
CA ALA J 570 43.99 -0.31 1.12
C ALA J 570 43.39 0.53 2.19
N SER J 571 44.17 1.49 2.64
CA SER J 571 43.69 2.40 3.65
C SER J 571 42.44 3.10 3.26
N LEU J 572 42.38 3.55 2.03
CA LEU J 572 41.26 4.37 1.65
C LEU J 572 39.89 3.74 1.70
N ARG J 573 39.74 2.47 1.39
CA ARG J 573 38.40 1.91 1.28
C ARG J 573 37.37 2.45 2.24
N GLU J 574 37.71 2.55 3.51
CA GLU J 574 36.71 2.91 4.47
C GLU J 574 36.21 4.28 4.21
N SER J 575 37.10 5.22 4.00
CA SER J 575 36.67 6.55 3.67
C SER J 575 36.00 6.53 2.33
N ALA J 576 36.65 5.89 1.37
CA ALA J 576 36.13 5.99 0.02
C ALA J 576 34.68 5.67 0.08
N ARG J 577 34.37 4.66 0.84
CA ARG J 577 32.99 4.25 0.91
C ARG J 577 32.20 5.35 1.49
N LYS J 578 32.73 6.00 2.51
CA LYS J 578 32.02 7.11 3.14
C LYS J 578 31.79 8.26 2.21
N ILE J 579 32.76 8.61 1.37
CA ILE J 579 32.58 9.72 0.46
C ILE J 579 31.42 9.32 -0.40
N TYR J 580 31.28 8.05 -0.71
CA TYR J 580 30.23 7.64 -1.63
C TYR J 580 28.85 7.88 -1.08
N ASP J 581 28.61 7.42 0.13
CA ASP J 581 27.28 7.53 0.63
C ASP J 581 26.87 8.94 0.73
N SER J 582 27.76 9.81 1.12
CA SER J 582 27.35 11.16 1.32
C SER J 582 26.83 11.73 0.04
N VAL J 583 27.56 11.55 -1.05
CA VAL J 583 27.13 12.09 -2.32
C VAL J 583 25.86 11.44 -2.78
N LYS J 584 25.72 10.13 -2.57
CA LYS J 584 24.45 9.53 -2.96
C LYS J 584 23.27 10.10 -2.21
N TYR J 585 23.37 10.30 -0.90
CA TYR J 585 22.25 10.92 -0.22
C TYR J 585 22.00 12.35 -0.70
N ARG J 586 23.06 13.11 -0.96
CA ARG J 586 22.87 14.48 -1.38
C ARG J 586 22.17 14.54 -2.71
N SER J 587 22.88 14.35 -3.81
CA SER J 587 22.18 14.31 -5.07
C SER J 587 22.09 12.87 -5.33
N GLY J 588 20.91 12.37 -5.56
CA GLY J 588 20.79 10.94 -5.65
C GLY J 588 21.05 10.21 -6.92
N ASN J 589 22.12 10.59 -7.59
CA ASN J 589 22.53 9.87 -8.76
C ASN J 589 23.75 9.11 -8.41
N GLU J 590 23.66 7.81 -8.57
CA GLU J 590 24.78 6.99 -8.23
C GLU J 590 25.97 7.29 -9.10
N SER J 591 25.77 7.56 -10.38
CA SER J 591 26.91 7.88 -11.22
C SER J 591 27.59 9.17 -10.78
N MET J 592 26.80 10.17 -10.36
CA MET J 592 27.34 11.40 -9.81
C MET J 592 28.10 11.14 -8.54
N ALA J 593 27.60 10.24 -7.71
CA ALA J 593 28.35 9.91 -6.55
C ALA J 593 29.64 9.32 -6.93
N MET J 594 29.62 8.43 -7.88
CA MET J 594 30.86 7.80 -8.21
C MET J 594 31.84 8.83 -8.71
N GLU J 595 31.39 9.77 -9.51
CA GLU J 595 32.38 10.66 -10.08
C GLU J 595 32.94 11.56 -9.01
N GLN J 596 32.20 11.76 -7.93
CA GLN J 596 32.81 12.22 -6.66
C GLN J 596 33.51 11.23 -5.66
N MET J 597 33.58 9.94 -5.95
CA MET J 597 34.43 8.96 -5.33
C MET J 597 35.64 8.73 -6.16
N THR J 598 35.51 8.64 -7.48
CA THR J 598 36.67 8.41 -8.29
C THR J 598 37.59 9.55 -8.21
N LYS J 599 37.06 10.77 -8.20
CA LYS J 599 37.95 11.91 -8.19
C LYS J 599 38.75 11.81 -6.94
N PHE J 600 38.11 11.46 -5.84
CA PHE J 600 38.81 11.36 -4.58
C PHE J 600 39.86 10.27 -4.56
N LEU J 601 39.58 9.06 -5.04
CA LEU J 601 40.62 8.02 -4.96
C LEU J 601 41.73 8.49 -5.84
N LYS J 602 41.39 9.11 -6.94
CA LYS J 602 42.39 9.61 -7.86
C LYS J 602 43.27 10.72 -7.38
N GLU J 603 42.77 11.64 -6.59
CA GLU J 603 43.62 12.62 -5.99
C GLU J 603 44.52 11.87 -5.07
N SER J 604 43.97 10.97 -4.26
CA SER J 604 44.75 10.33 -3.21
C SER J 604 45.88 9.37 -3.50
N THR J 605 45.76 8.59 -4.56
CA THR J 605 46.75 7.59 -4.90
C THR J 605 47.35 7.74 -6.26
N TYR J 606 48.55 7.20 -6.47
CA TYR J 606 49.15 7.25 -7.79
C TYR J 606 49.26 5.87 -8.33
N THR J 607 48.74 5.60 -9.52
CA THR J 607 48.73 4.23 -9.99
C THR J 607 49.96 4.01 -10.77
N PHE J 608 50.90 3.31 -10.17
CA PHE J 608 52.15 3.06 -10.83
C PHE J 608 51.83 2.23 -12.04
N THR J 609 52.43 2.50 -13.17
CA THR J 609 52.09 1.78 -14.36
C THR J 609 53.29 1.07 -14.89
N GLY J 610 53.09 0.10 -15.77
CA GLY J 610 54.23 -0.68 -16.23
C GLY J 610 54.82 -0.09 -17.49
N ASP J 611 56.11 -0.40 -17.71
CA ASP J 611 56.78 0.10 -18.90
C ASP J 611 56.22 -0.52 -20.17
N ASP J 612 55.57 -1.67 -20.05
CA ASP J 612 55.00 -2.34 -21.21
C ASP J 612 53.84 -1.53 -21.79
N VAL J 613 53.58 -1.74 -23.08
CA VAL J 613 52.71 -0.87 -23.86
C VAL J 613 51.25 -1.22 -23.67
N ASP J 614 50.94 -2.13 -22.74
CA ASP J 614 49.55 -2.56 -22.58
C ASP J 614 48.64 -1.41 -22.17
N GLY J 615 48.97 -0.67 -21.10
CA GLY J 615 50.00 -0.95 -20.10
C GLY J 615 49.34 -1.27 -18.77
N ASP J 616 49.37 -2.55 -18.39
CA ASP J 616 48.65 -2.99 -17.20
C ASP J 616 49.30 -2.44 -15.93
N THR J 617 48.48 -2.12 -14.95
CA THR J 617 48.97 -1.55 -13.71
C THR J 617 49.63 -2.61 -12.85
N VAL J 618 50.57 -2.13 -12.05
CA VAL J 618 51.23 -3.00 -11.13
C VAL J 618 50.63 -2.68 -9.77
N GLY J 619 50.62 -1.43 -9.34
CA GLY J 619 49.99 -1.15 -8.07
C GLY J 619 49.46 0.22 -7.82
N VAL J 620 48.60 0.39 -6.84
CA VAL J 620 48.17 1.71 -6.49
C VAL J 620 48.74 1.91 -5.10
N ILE J 621 49.59 2.91 -4.90
CA ILE J 621 50.22 3.12 -3.61
C ILE J 621 49.64 4.41 -3.14
N PRO J 622 49.35 4.56 -1.82
CA PRO J 622 48.65 5.80 -1.52
C PRO J 622 49.59 6.96 -1.42
N LYS J 623 49.23 8.04 -2.10
CA LYS J 623 50.11 9.18 -2.31
C LYS J 623 50.61 9.80 -1.01
N ASN J 624 50.11 9.34 0.14
CA ASN J 624 50.53 9.92 1.40
C ASN J 624 51.81 9.25 1.91
N MET J 625 51.87 7.93 1.85
CA MET J 625 52.89 7.17 2.54
C MET J 625 54.20 7.04 1.76
N MET J 626 54.26 7.57 0.53
CA MET J 626 55.53 7.65 -0.17
C MET J 626 56.08 9.07 -0.20
N GLN J 627 55.41 9.98 0.49
CA GLN J 627 55.96 11.31 0.74
C GLN J 627 57.33 11.19 1.39
N VAL J 628 58.19 12.13 1.00
CA VAL J 628 59.56 12.16 1.49
C VAL J 628 59.71 13.23 2.56
N ASN J 629 59.89 14.49 2.21
CA ASN J 629 59.93 15.53 3.25
C ASN J 629 58.56 16.10 3.45
N SER J 630 58.43 17.20 4.15
CA SER J 630 57.09 17.71 4.46
C SER J 630 56.18 18.18 3.33
N ASP J 631 56.73 18.88 2.35
CA ASP J 631 55.89 19.41 1.29
C ASP J 631 55.34 18.28 0.42
N PRO J 632 54.18 18.46 -0.20
CA PRO J 632 53.63 17.32 -0.95
C PRO J 632 54.45 16.98 -2.16
N LYS J 633 55.41 17.80 -2.50
CA LYS J 633 56.21 17.64 -3.68
C LYS J 633 57.14 16.53 -3.29
N SER J 634 57.15 16.17 -2.03
CA SER J 634 57.92 15.04 -1.61
C SER J 634 57.33 13.76 -2.15
N TRP J 635 56.02 13.64 -2.22
CA TRP J 635 55.37 12.52 -2.87
C TRP J 635 55.86 12.59 -4.24
N GLU J 636 55.87 13.80 -4.76
CA GLU J 636 56.34 13.75 -6.15
C GLU J 636 57.75 13.18 -6.26
N GLN J 637 58.67 13.59 -5.39
CA GLN J 637 60.03 13.11 -5.46
C GLN J 637 60.13 11.61 -5.24
N GLY J 638 59.36 11.09 -4.30
CA GLY J 638 59.38 9.68 -4.03
C GLY J 638 58.94 8.90 -5.23
N ARG J 639 57.94 9.37 -5.94
CA ARG J 639 57.59 8.61 -7.12
C ARG J 639 58.82 8.26 -7.89
N ASP J 640 59.87 9.06 -7.91
CA ASP J 640 61.05 8.82 -8.72
C ASP J 640 61.92 7.73 -8.12
N ILE J 641 62.13 7.77 -6.81
CA ILE J 641 62.92 6.74 -6.16
C ILE J 641 62.30 5.37 -6.38
N LEU J 642 60.98 5.29 -6.23
CA LEU J 642 60.30 4.00 -6.32
C LEU J 642 60.32 3.47 -7.75
N GLU J 643 60.20 4.35 -8.73
CA GLU J 643 60.27 3.92 -10.12
C GLU J 643 61.66 3.46 -10.48
N GLU J 644 62.69 4.20 -10.06
CA GLU J 644 64.05 3.73 -10.27
C GLU J 644 64.26 2.37 -9.63
N ALA J 645 63.66 2.14 -8.46
CA ALA J 645 63.79 0.85 -7.80
C ALA J 645 63.10 -0.26 -8.58
N ARG J 646 61.86 -0.01 -9.02
CA ARG J 646 61.11 -1.02 -9.74
C ARG J 646 61.77 -1.36 -11.07
N LYS J 647 62.54 -0.47 -11.65
CA LYS J 647 63.41 -0.98 -12.67
C LYS J 647 64.65 -1.53 -12.00
N GLY J 648 64.85 -1.26 -10.73
CA GLY J 648 65.85 -1.97 -9.98
C GLY J 648 65.49 -3.42 -9.77
N ILE J 649 64.25 -3.66 -9.38
CA ILE J 649 63.81 -5.02 -9.17
C ILE J 649 63.73 -5.84 -10.44
N ILE J 650 63.13 -5.26 -11.48
CA ILE J 650 62.99 -5.89 -12.79
C ILE J 650 64.34 -6.05 -13.46
N ALA J 651 65.30 -5.19 -13.20
CA ALA J 651 66.58 -5.44 -13.84
C ALA J 651 67.50 -6.29 -13.00
N SER J 652 67.17 -6.55 -11.75
CA SER J 652 68.03 -7.41 -11.00
C SER J 652 67.53 -8.83 -11.07
N ASN J 653 68.21 -9.67 -11.84
CA ASN J 653 67.83 -11.08 -11.95
C ASN J 653 66.36 -11.27 -12.28
N PRO J 654 65.93 -10.85 -13.47
CA PRO J 654 64.52 -11.11 -13.74
C PRO J 654 64.34 -12.54 -14.14
N TRP J 655 64.22 -13.43 -13.15
CA TRP J 655 64.11 -14.83 -13.45
C TRP J 655 62.88 -14.84 -14.25
N ILE J 656 61.87 -14.10 -13.81
CA ILE J 656 60.64 -13.95 -14.58
C ILE J 656 59.94 -12.75 -14.03
N THR J 657 59.49 -11.87 -14.89
CA THR J 657 58.74 -10.76 -14.34
C THR J 657 57.31 -10.62 -14.85
N ASN J 658 57.10 -10.42 -16.14
CA ASN J 658 55.74 -10.38 -16.67
C ASN J 658 54.90 -9.36 -15.94
N LYS J 659 53.72 -9.81 -15.50
CA LYS J 659 52.86 -9.11 -14.55
C LYS J 659 52.94 -9.70 -13.16
N GLN J 660 53.79 -10.69 -13.00
CA GLN J 660 53.88 -11.36 -11.74
C GLN J 660 54.29 -10.41 -10.70
N LEU J 661 54.94 -9.32 -11.03
CA LEU J 661 55.36 -8.46 -9.92
C LEU J 661 54.36 -7.37 -9.58
N THR J 662 53.99 -7.26 -8.30
CA THR J 662 52.98 -6.33 -7.85
C THR J 662 53.55 -5.63 -6.74
N MET J 663 53.08 -4.42 -6.47
CA MET J 663 53.46 -3.68 -5.27
C MET J 663 52.30 -2.94 -4.66
N TYR J 664 52.25 -2.81 -3.35
CA TYR J 664 51.09 -2.26 -2.67
C TYR J 664 51.46 -1.69 -1.33
N SER J 665 50.48 -1.23 -0.58
CA SER J 665 50.77 -0.73 0.74
C SER J 665 50.03 -1.49 1.76
N GLN J 666 50.74 -1.99 2.75
CA GLN J 666 50.15 -2.60 3.94
C GLN J 666 49.71 -1.39 4.68
N GLY J 667 49.38 -1.51 5.94
CA GLY J 667 48.79 -0.41 6.63
C GLY J 667 49.72 0.77 6.54
N ASP J 668 51.02 0.54 6.70
CA ASP J 668 51.99 1.59 6.46
C ASP J 668 53.29 1.10 5.81
N SER J 669 53.27 0.46 4.67
CA SER J 669 54.53 0.07 4.06
C SER J 669 54.41 -0.22 2.56
N ILE J 670 54.99 0.60 1.69
CA ILE J 670 54.93 0.33 0.28
C ILE J 670 55.73 -0.90 -0.04
N TYR J 671 55.21 -2.05 0.31
CA TYR J 671 55.88 -3.31 0.05
C TYR J 671 55.83 -3.62 -1.43
N LEU J 672 56.90 -4.10 -2.02
CA LEU J 672 56.82 -4.52 -3.42
C LEU J 672 57.12 -5.99 -3.35
N MET J 673 56.28 -6.83 -3.93
CA MET J 673 56.59 -8.24 -3.96
C MET J 673 56.10 -8.99 -5.17
N ASP J 674 56.96 -9.81 -5.74
CA ASP J 674 56.60 -10.54 -6.93
C ASP J 674 55.74 -11.64 -6.43
N THR J 675 54.90 -12.21 -7.28
CA THR J 675 54.14 -13.31 -6.72
C THR J 675 55.08 -14.48 -6.64
N THR J 676 55.42 -14.85 -5.43
CA THR J 676 56.32 -15.92 -5.12
C THR J 676 56.95 -15.34 -3.90
N GLY J 677 57.98 -15.98 -3.38
CA GLY J 677 58.71 -15.41 -2.28
C GLY J 677 60.03 -14.89 -2.74
N GLN J 678 60.23 -14.87 -4.05
CA GLN J 678 61.53 -14.50 -4.55
C GLN J 678 61.95 -13.06 -4.21
N VAL J 679 61.11 -12.07 -4.48
CA VAL J 679 61.53 -10.68 -4.30
C VAL J 679 60.56 -9.87 -3.52
N ARG J 680 60.80 -9.68 -2.24
CA ARG J 680 59.95 -8.78 -1.50
C ARG J 680 60.81 -7.64 -1.09
N VAL J 681 60.36 -6.41 -1.35
CA VAL J 681 61.11 -5.26 -0.99
C VAL J 681 60.20 -4.40 -0.16
N ARG J 682 60.72 -3.85 0.91
CA ARG J 682 59.93 -2.97 1.73
C ARG J 682 60.49 -1.59 1.67
N TYR J 683 59.67 -0.64 1.29
CA TYR J 683 60.12 0.75 1.30
C TYR J 683 59.19 1.43 2.28
N ASP J 684 59.72 2.06 3.31
CA ASP J 684 58.86 2.65 4.33
C ASP J 684 59.09 4.11 4.39
N LYS J 685 58.05 4.87 4.67
CA LYS J 685 58.17 6.32 4.69
C LYS J 685 59.42 6.93 5.34
N GLU J 686 60.03 6.28 6.33
CA GLU J 686 61.19 6.92 6.91
C GLU J 686 62.34 6.51 6.04
N LEU J 687 62.42 5.23 5.69
CA LEU J 687 63.52 4.77 4.88
C LEU J 687 63.59 5.34 3.49
N LEU J 688 62.45 5.44 2.83
CA LEU J 688 62.44 5.98 1.49
C LEU J 688 62.89 7.42 1.55
N SER J 689 62.39 8.18 2.52
CA SER J 689 62.84 9.58 2.60
C SER J 689 64.27 9.74 3.06
N LYS J 690 64.89 8.72 3.61
CA LYS J 690 66.32 8.85 3.92
C LYS J 690 67.10 8.75 2.62
N VAL J 691 66.67 7.91 1.68
CA VAL J 691 67.35 7.88 0.37
C VAL J 691 67.23 9.19 -0.43
N TRP J 692 66.10 9.88 -0.36
CA TRP J 692 66.03 11.16 -1.03
C TRP J 692 67.05 12.07 -0.43
N SER J 693 67.18 12.04 0.88
CA SER J 693 68.12 12.94 1.49
C SER J 693 69.49 12.59 1.01
N GLU J 694 69.79 11.32 0.97
CA GLU J 694 71.13 10.95 0.59
C GLU J 694 71.39 11.48 -0.79
N ASN J 695 70.46 11.35 -1.71
CA ASN J 695 70.75 11.78 -3.08
C ASN J 695 70.65 13.29 -3.25
N GLN J 696 69.73 13.95 -2.54
CA GLN J 696 69.57 15.37 -2.67
C GLN J 696 70.68 16.07 -1.94
N LYS J 697 71.03 15.60 -0.76
CA LYS J 697 72.08 16.24 0.02
C LYS J 697 73.37 16.16 -0.77
N LYS J 698 73.67 14.99 -1.34
CA LYS J 698 74.94 14.88 -2.03
C LYS J 698 74.94 15.86 -3.16
N LEU J 699 73.87 15.88 -3.92
CA LEU J 699 73.85 16.73 -5.09
C LEU J 699 73.93 18.20 -4.78
N GLU J 700 73.26 18.64 -3.74
CA GLU J 700 73.29 20.04 -3.34
C GLU J 700 74.67 20.46 -2.84
N GLU J 701 75.35 19.60 -2.06
CA GLU J 701 76.65 20.03 -1.51
C GLU J 701 77.50 20.21 -2.73
N LYS J 702 76.98 19.70 -3.83
CA LYS J 702 77.66 19.81 -5.11
C LYS J 702 77.10 20.99 -5.92
N ALA J 703 75.78 21.13 -5.89
CA ALA J 703 75.14 22.25 -6.58
C ALA J 703 75.68 23.59 -6.08
N ARG J 704 75.68 23.80 -4.76
CA ARG J 704 76.22 25.05 -4.23
C ARG J 704 77.66 25.23 -4.69
N GLU J 705 78.43 24.14 -4.67
CA GLU J 705 79.85 24.25 -4.95
C GLU J 705 80.07 24.84 -6.33
N LYS J 706 79.51 24.22 -7.35
CA LYS J 706 79.82 24.76 -8.68
C LYS J 706 78.94 25.96 -9.02
N ALA J 707 77.89 26.21 -8.24
CA ALA J 707 77.12 27.44 -8.45
C ALA J 707 77.88 28.65 -7.98
N LEU J 708 78.52 28.56 -6.81
CA LEU J 708 79.37 29.61 -6.30
C LEU J 708 80.73 29.64 -6.98
N ALA J 709 81.10 28.56 -7.67
CA ALA J 709 82.34 28.58 -8.45
C ALA J 709 82.30 29.66 -9.52
N ASP J 710 81.11 29.98 -10.02
CA ASP J 710 80.98 31.07 -10.98
C ASP J 710 81.37 32.39 -10.35
N VAL J 711 81.10 32.56 -9.06
CA VAL J 711 81.45 33.79 -8.37
C VAL J 711 82.67 33.56 -7.48
N ASP K 65 -24.92 76.65 55.52
CA ASP K 65 -24.23 77.93 55.40
C ASP K 65 -24.42 78.79 56.65
N LEU K 66 -24.60 80.10 56.45
CA LEU K 66 -24.77 81.01 57.57
C LEU K 66 -26.03 80.69 58.36
N ALA K 67 -27.05 80.14 57.69
CA ALA K 67 -28.31 79.86 58.35
C ALA K 67 -28.17 78.69 59.33
N ASP K 68 -27.28 77.74 59.04
CA ASP K 68 -27.17 76.56 59.90
C ASP K 68 -26.55 76.89 61.25
N GLU K 69 -26.14 78.15 61.45
CA GLU K 69 -25.69 78.58 62.76
C GLU K 69 -26.78 78.40 63.80
N ARG K 70 -28.05 78.41 63.37
CA ARG K 70 -29.16 78.06 64.26
C ARG K 70 -28.86 76.80 65.04
N SER K 71 -28.86 75.67 64.34
CA SER K 71 -28.72 74.38 65.01
C SER K 71 -27.30 74.20 65.51
N ASN K 72 -26.33 74.87 64.90
CA ASN K 72 -24.98 74.83 65.44
C ASN K 72 -24.97 75.35 66.88
N GLU K 73 -25.53 76.53 67.11
CA GLU K 73 -25.57 77.09 68.45
C GLU K 73 -26.47 76.24 69.35
N ILE K 74 -27.60 75.77 68.83
CA ILE K 74 -28.50 74.96 69.65
C ILE K 74 -27.80 73.69 70.13
N ILE K 75 -26.94 73.11 69.29
CA ILE K 75 -26.29 71.85 69.65
C ILE K 75 -25.05 72.10 70.50
N ARG K 76 -24.51 73.32 70.45
CA ARG K 76 -23.37 73.66 71.30
C ARG K 76 -23.60 73.26 72.75
N LYS K 77 -24.80 73.61 73.22
CA LYS K 77 -25.15 73.39 74.60
C LYS K 77 -25.44 71.94 74.89
N LEU K 78 -25.54 71.11 73.86
CA LEU K 78 -25.90 69.76 74.17
C LEU K 78 -24.71 69.32 74.99
N THR K 79 -25.00 68.76 76.14
CA THR K 79 -23.91 68.35 77.02
C THR K 79 -23.21 67.15 76.42
N PRO K 80 -21.88 67.10 76.55
CA PRO K 80 -21.17 66.01 75.88
C PRO K 80 -21.59 64.69 76.43
N GLU K 81 -21.81 64.62 77.73
CA GLU K 81 -22.16 63.35 78.38
C GLU K 81 -23.24 62.52 77.71
N GLN K 82 -24.10 63.15 76.93
CA GLN K 82 -25.12 62.39 76.22
C GLN K 82 -25.15 62.68 74.74
N ARG K 83 -24.35 63.64 74.26
CA ARG K 83 -24.24 63.86 72.83
C ARG K 83 -23.85 62.57 72.11
N ARG K 84 -22.85 61.87 72.63
CA ARG K 84 -22.46 60.62 72.00
C ARG K 84 -23.48 59.52 72.25
N GLU K 85 -24.10 59.51 73.44
CA GLU K 85 -25.07 58.48 73.77
C GLU K 85 -26.29 58.56 72.85
N ALA K 86 -26.57 59.76 72.35
CA ALA K 86 -27.64 59.91 71.36
C ALA K 86 -27.12 59.65 69.95
N LEU K 87 -25.89 60.10 69.66
CA LEU K 87 -25.40 60.20 68.29
C LEU K 87 -25.40 58.84 67.59
N ASN K 88 -25.44 57.74 68.35
CA ASN K 88 -25.49 56.43 67.72
C ASN K 88 -26.82 56.19 67.01
N ASN K 89 -27.90 56.82 67.48
CA ASN K 89 -29.20 56.73 66.84
C ASN K 89 -29.21 57.64 65.62
N GLY K 90 -30.35 57.71 64.93
CA GLY K 90 -30.50 58.66 63.84
C GLY K 90 -30.08 60.07 64.24
N THR K 91 -30.64 60.62 65.32
CA THR K 91 -30.18 61.93 65.80
C THR K 91 -28.68 61.92 66.12
N LEU K 92 -27.96 63.02 65.92
CA LEU K 92 -28.41 64.23 65.23
C LEU K 92 -28.00 64.29 63.78
N LEU K 93 -27.81 63.16 63.12
CA LEU K 93 -27.32 63.10 61.73
C LEU K 93 -25.81 63.28 61.64
N TYR K 94 -25.18 63.91 62.63
CA TYR K 94 -23.70 63.99 62.70
C TYR K 94 -23.08 65.01 61.78
N GLN K 95 -23.81 65.45 60.78
CA GLN K 95 -23.31 66.48 59.92
C GLN K 95 -23.26 67.73 60.75
N ASP K 96 -24.26 67.92 61.60
CA ASP K 96 -24.35 69.15 62.36
C ASP K 96 -23.68 69.16 63.70
N ASP K 97 -22.59 68.43 63.84
CA ASP K 97 -21.84 68.47 65.09
C ASP K 97 -20.60 69.36 64.96
N PRO K 98 -20.65 70.62 65.45
CA PRO K 98 -19.50 71.51 65.24
C PRO K 98 -18.21 70.92 65.78
N TYR K 99 -18.30 70.31 66.96
CA TYR K 99 -17.12 69.74 67.58
C TYR K 99 -16.56 68.58 66.76
N ALA K 100 -17.43 67.70 66.28
CA ALA K 100 -16.98 66.59 65.43
C ALA K 100 -16.42 67.12 64.12
N MET K 101 -17.06 68.11 63.53
CA MET K 101 -16.60 68.63 62.25
C MET K 101 -15.26 69.34 62.41
N GLU K 102 -15.05 69.97 63.58
CA GLU K 102 -13.75 70.56 63.89
C GLU K 102 -12.64 69.52 63.82
N ALA K 103 -12.80 68.43 64.58
CA ALA K 103 -11.79 67.39 64.60
C ALA K 103 -11.62 66.76 63.23
N LEU K 104 -12.71 66.55 62.51
CA LEU K 104 -12.60 65.96 61.18
C LEU K 104 -11.80 66.85 60.25
N ARG K 105 -12.07 68.16 60.28
CA ARG K 105 -11.33 69.07 59.41
C ARG K 105 -9.86 69.10 59.79
N VAL K 106 -9.56 69.08 61.09
CA VAL K 106 -8.16 69.12 61.50
C VAL K 106 -7.44 67.86 61.04
N LYS K 107 -8.07 66.70 61.23
CA LYS K 107 -7.45 65.45 60.81
C LYS K 107 -7.26 65.40 59.30
N THR K 108 -8.27 65.84 58.55
CA THR K 108 -8.18 65.81 57.09
C THR K 108 -7.07 66.73 56.61
N GLY K 109 -7.00 67.94 57.17
CA GLY K 109 -5.93 68.85 56.80
C GLY K 109 -4.56 68.27 57.07
N ARG K 110 -4.34 67.76 58.29
CA ARG K 110 -3.02 67.21 58.62
C ARG K 110 -2.69 66.03 57.73
N ASN K 111 -3.67 65.21 57.38
CA ASN K 111 -3.38 64.05 56.53
C ASN K 111 -3.07 64.40 55.08
N ALA K 112 -3.84 65.31 54.52
CA ALA K 112 -3.59 65.71 53.14
C ALA K 112 -2.23 66.38 53.06
N ALA K 113 -1.96 67.18 54.07
CA ALA K 113 -0.76 67.97 54.04
C ALA K 113 0.32 66.98 54.03
N TYR K 114 0.18 65.99 54.90
CA TYR K 114 1.28 65.12 55.13
C TYR K 114 1.50 64.41 53.84
N LEU K 115 0.47 63.93 53.16
CA LEU K 115 0.73 63.23 51.91
C LEU K 115 1.38 64.07 50.83
N VAL K 116 0.95 65.32 50.63
CA VAL K 116 1.70 66.09 49.62
C VAL K 116 3.16 66.33 50.05
N ASP K 117 3.37 66.61 51.33
CA ASP K 117 4.75 66.83 51.75
C ASP K 117 5.55 65.57 51.63
N ASP K 118 4.83 64.46 51.68
CA ASP K 118 5.39 63.13 51.65
C ASP K 118 5.78 62.81 50.25
N ASP K 119 4.97 63.16 49.28
CA ASP K 119 5.35 62.82 47.95
C ASP K 119 6.60 63.57 47.80
N VAL K 120 6.57 64.83 48.22
CA VAL K 120 7.63 65.70 47.82
C VAL K 120 8.82 65.09 48.45
N MET K 121 8.74 64.79 49.74
CA MET K 121 9.98 64.63 50.42
C MET K 121 10.54 63.48 49.74
N GLN K 122 9.71 62.46 49.66
CA GLN K 122 10.32 61.19 49.55
C GLN K 122 10.98 61.27 48.21
N LYS K 123 10.17 61.60 47.22
CA LYS K 123 10.62 61.15 45.93
C LYS K 123 11.83 61.99 45.70
N ILE K 124 11.63 63.26 45.98
CA ILE K 124 12.55 64.17 45.37
C ILE K 124 13.91 63.93 46.03
N LYS K 125 13.90 63.79 47.36
CA LYS K 125 15.18 63.68 48.03
C LYS K 125 15.89 62.41 47.67
N GLU K 126 15.10 61.36 47.60
CA GLU K 126 15.60 60.05 47.23
C GLU K 126 16.67 60.08 46.15
N GLY K 127 16.29 60.34 44.91
CA GLY K 127 17.27 60.43 43.85
C GLY K 127 17.38 61.68 42.99
N VAL K 128 16.32 62.44 42.80
CA VAL K 128 16.31 63.43 41.74
C VAL K 128 16.03 64.82 42.27
N PHE K 129 17.09 65.59 42.55
CA PHE K 129 16.90 66.96 43.02
C PHE K 129 18.24 67.68 43.09
N ARG K 130 18.24 68.95 42.70
CA ARG K 130 19.40 69.82 42.72
C ARG K 130 19.41 70.60 44.03
N THR K 131 20.13 71.71 44.16
CA THR K 131 20.30 72.38 45.44
C THR K 131 18.98 72.98 45.96
N ARG K 132 19.11 73.61 47.13
CA ARG K 132 18.00 73.90 48.05
C ARG K 132 16.78 74.56 47.41
N GLU K 133 16.95 75.34 46.36
CA GLU K 133 15.86 76.22 45.90
C GLU K 133 14.69 75.41 45.36
N GLU K 134 14.97 74.53 44.39
CA GLU K 134 13.89 73.77 43.76
C GLU K 134 13.04 73.07 44.79
N MET K 135 13.64 72.67 45.93
CA MET K 135 12.91 71.92 46.95
C MET K 135 11.72 72.71 47.47
N GLU K 136 11.98 73.85 48.12
CA GLU K 136 10.88 74.54 48.78
C GLU K 136 10.02 75.24 47.76
N GLU K 137 10.58 75.61 46.61
CA GLU K 137 9.74 76.11 45.52
C GLU K 137 8.69 75.07 45.14
N TYR K 138 9.14 73.90 44.69
CA TYR K 138 8.24 72.85 44.24
C TYR K 138 7.30 72.41 45.36
N ARG K 139 7.82 72.31 46.59
CA ARG K 139 6.98 71.89 47.70
C ARG K 139 5.87 72.90 47.97
N HIS K 140 6.20 74.19 48.02
CA HIS K 140 5.19 75.21 48.26
C HIS K 140 4.09 75.17 47.20
N SER K 141 4.49 75.16 45.92
CA SER K 141 3.49 75.15 44.85
C SER K 141 2.61 73.90 44.91
N ARG K 142 3.22 72.72 44.78
CA ARG K 142 2.41 71.52 44.69
C ARG K 142 1.74 71.23 46.02
N LEU K 143 2.29 71.81 47.10
CA LEU K 143 1.66 71.77 48.41
C LEU K 143 0.29 72.42 48.38
N GLN K 144 0.23 73.72 48.08
CA GLN K 144 -1.07 74.37 48.18
C GLN K 144 -2.04 73.78 47.16
N GLU K 145 -1.56 73.38 45.99
CA GLU K 145 -2.52 72.77 45.08
C GLU K 145 -3.02 71.43 45.59
N GLY K 146 -2.11 70.52 45.94
CA GLY K 146 -2.52 69.23 46.46
C GLY K 146 -3.43 69.36 47.66
N ALA K 147 -3.23 70.40 48.46
CA ALA K 147 -4.12 70.65 49.59
C ALA K 147 -5.57 70.68 49.14
N LYS K 148 -5.87 71.52 48.16
CA LYS K 148 -7.27 71.71 47.78
C LYS K 148 -7.76 70.52 46.96
N VAL K 149 -6.88 69.89 46.17
CA VAL K 149 -7.35 68.77 45.38
C VAL K 149 -7.61 67.55 46.27
N TYR K 150 -6.93 67.46 47.41
CA TYR K 150 -7.18 66.33 48.30
C TYR K 150 -8.33 66.63 49.26
N ALA K 151 -8.52 67.90 49.62
CA ALA K 151 -9.71 68.27 50.39
C ALA K 151 -10.96 68.16 49.53
N GLU K 152 -10.79 68.21 48.20
CA GLU K 152 -11.93 68.10 47.31
C GLU K 152 -12.49 66.68 47.32
N GLN K 153 -11.65 65.69 47.60
CA GLN K 153 -12.11 64.31 47.60
C GLN K 153 -13.17 64.08 48.65
N PHE K 154 -12.91 64.47 49.89
CA PHE K 154 -13.92 64.38 50.93
C PHE K 154 -14.87 65.57 50.80
N GLY K 155 -15.69 65.78 51.82
CA GLY K 155 -16.62 66.90 51.79
C GLY K 155 -15.91 68.20 51.45
N ILE K 156 -16.63 69.09 50.76
CA ILE K 156 -16.00 70.29 50.25
C ILE K 156 -15.87 71.31 51.38
N ASP K 157 -14.78 71.20 52.12
CA ASP K 157 -14.49 72.07 53.25
C ASP K 157 -13.82 73.38 52.88
N PRO K 158 -12.73 73.37 52.08
CA PRO K 158 -12.05 74.64 51.80
C PRO K 158 -12.92 75.57 50.97
N GLU K 159 -12.74 76.87 51.18
CA GLU K 159 -11.69 77.41 52.03
C GLU K 159 -12.17 77.94 53.38
N ASP K 160 -12.26 77.04 54.35
CA ASP K 160 -12.61 77.43 55.69
C ASP K 160 -11.37 77.53 56.57
N VAL K 161 -11.52 78.27 57.68
CA VAL K 161 -10.36 78.57 58.51
C VAL K 161 -9.94 77.35 59.32
N ASP K 162 -10.88 76.41 59.53
CA ASP K 162 -10.55 75.21 60.29
C ASP K 162 -9.66 74.28 59.50
N TYR K 163 -9.78 74.29 58.16
CA TYR K 163 -8.90 73.47 57.35
C TYR K 163 -7.50 74.07 57.30
N GLN K 164 -7.37 75.37 57.55
CA GLN K 164 -6.04 75.95 57.68
C GLN K 164 -5.28 75.35 58.84
N ARG K 165 -5.91 75.33 60.03
CA ARG K 165 -5.25 74.85 61.23
C ARG K 165 -4.87 73.37 61.09
N GLY K 166 -5.68 72.59 60.39
CA GLY K 166 -5.37 71.20 60.18
C GLY K 166 -4.28 71.01 59.14
N PHE K 167 -4.45 71.64 57.98
CA PHE K 167 -3.50 71.47 56.89
C PHE K 167 -2.15 72.08 57.24
N ASN K 168 -2.12 73.39 57.47
CA ASN K 168 -0.93 74.01 58.03
C ASN K 168 -0.69 73.36 59.38
N GLY K 169 0.48 72.78 59.57
CA GLY K 169 0.74 71.91 60.70
C GLY K 169 0.83 72.67 62.02
N ASP K 170 1.61 72.11 62.96
CA ASP K 170 2.53 70.95 62.84
C ASP K 170 3.49 71.12 61.67
N ILE K 171 3.88 72.37 61.44
CA ILE K 171 4.65 72.72 60.26
C ILE K 171 6.15 72.76 60.52
N THR K 172 6.58 73.21 61.71
CA THR K 172 8.00 73.21 62.02
C THR K 172 8.57 71.81 61.97
N GLU K 173 7.82 70.82 62.46
CA GLU K 173 8.31 69.45 62.47
C GLU K 173 8.50 68.94 61.04
N ARG K 174 7.52 69.18 60.17
CA ARG K 174 7.63 68.76 58.78
C ARG K 174 8.79 69.45 58.09
N ASN K 175 8.93 70.76 58.27
CA ASN K 175 10.02 71.47 57.62
C ASN K 175 11.38 70.97 58.10
N ILE K 176 11.51 70.73 59.40
CA ILE K 176 12.82 70.33 59.90
C ILE K 176 13.15 68.92 59.42
N SER K 177 12.14 68.05 59.32
CA SER K 177 12.39 66.72 58.78
C SER K 177 12.80 66.81 57.31
N LEU K 178 12.11 67.63 56.52
CA LEU K 178 12.45 67.75 55.11
C LEU K 178 13.85 68.29 54.92
N TYR K 179 14.21 69.37 55.62
CA TYR K 179 15.52 69.96 55.43
C TYR K 179 16.61 69.04 55.98
N GLY K 180 16.30 68.23 56.99
CA GLY K 180 17.26 67.23 57.44
C GLY K 180 17.47 66.15 56.39
N ALA K 181 16.40 65.74 55.72
CA ALA K 181 16.55 64.79 54.62
C ALA K 181 17.39 65.40 53.50
N HIS K 182 17.23 66.70 53.26
CA HIS K 182 18.03 67.34 52.22
C HIS K 182 19.49 67.43 52.65
N ASP K 183 19.74 67.69 53.93
CA ASP K 183 21.10 67.59 54.46
C ASP K 183 21.68 66.20 54.24
N ASN K 184 20.90 65.16 54.52
CA ASN K 184 21.40 63.81 54.31
C ASN K 184 21.74 63.58 52.84
N PHE K 185 20.87 64.03 51.94
CA PHE K 185 21.13 63.79 50.52
C PHE K 185 22.37 64.53 50.05
N LEU K 186 22.49 65.82 50.39
CA LEU K 186 23.65 66.57 49.93
C LEU K 186 24.93 66.06 50.57
N SER K 187 24.87 65.60 51.82
CA SER K 187 26.06 65.03 52.45
C SER K 187 26.47 63.73 51.78
N GLN K 188 25.49 62.88 51.45
CA GLN K 188 25.81 61.67 50.70
C GLN K 188 26.38 62.01 49.33
N GLN K 189 25.88 63.09 48.72
CA GLN K 189 26.40 63.48 47.41
C GLN K 189 27.85 63.92 47.51
N ALA K 190 28.15 64.80 48.46
CA ALA K 190 29.53 65.25 48.63
C ALA K 190 30.44 64.09 48.99
N GLN K 191 29.94 63.13 49.79
CA GLN K 191 30.77 61.99 50.15
C GLN K 191 31.05 61.10 48.93
N LYS K 192 30.02 60.80 48.14
CA LYS K 192 30.22 60.09 46.89
C LYS K 192 31.27 60.78 46.04
N GLY K 193 31.17 62.11 45.91
CA GLY K 193 32.13 62.83 45.12
C GLY K 193 33.54 62.70 45.64
N ALA K 194 33.71 62.86 46.96
CA ALA K 194 35.05 62.79 47.54
C ALA K 194 35.65 61.41 47.37
N ILE K 195 34.85 60.36 47.59
CA ILE K 195 35.38 59.01 47.46
C ILE K 195 35.78 58.73 46.01
N MET K 196 34.91 59.08 45.05
CA MET K 196 35.27 58.95 43.65
C MET K 196 36.56 59.69 43.33
N ASN K 197 36.70 60.92 43.84
CA ASN K 197 37.85 61.73 43.50
C ASN K 197 39.13 61.09 44.02
N SER K 198 39.16 60.76 45.31
CA SER K 198 40.35 60.18 45.90
C SER K 198 40.66 58.81 45.30
N ARG K 199 39.60 58.06 44.97
CA ARG K 199 39.79 56.77 44.32
C ARG K 199 40.45 56.94 42.96
N VAL K 200 40.00 57.92 42.18
CA VAL K 200 40.59 58.15 40.87
C VAL K 200 42.04 58.59 41.01
N GLU K 201 42.31 59.47 41.97
CA GLU K 201 43.69 59.94 42.17
C GLU K 201 44.61 58.79 42.53
N LEU K 202 44.24 58.02 43.55
CA LEU K 202 45.11 56.96 44.01
C LEU K 202 45.19 55.82 43.00
N ASN K 203 44.13 55.61 42.22
CA ASN K 203 44.19 54.62 41.16
C ASN K 203 45.21 55.05 40.11
N GLY K 204 45.16 56.32 39.71
CA GLY K 204 46.14 56.80 38.75
C GLY K 204 47.56 56.71 39.26
N VAL K 205 47.75 56.91 40.57
CA VAL K 205 49.11 56.90 41.11
C VAL K 205 49.61 55.47 41.30
N LEU K 206 48.71 54.53 41.62
CA LEU K 206 49.17 53.18 41.94
C LEU K 206 48.87 52.20 40.82
N GLN K 207 47.62 52.18 40.34
CA GLN K 207 47.24 51.20 39.32
C GLN K 207 48.03 51.38 38.04
N ASP K 208 48.54 52.59 37.79
CA ASP K 208 49.42 52.79 36.65
C ASP K 208 50.60 51.83 36.77
N PRO K 209 51.11 51.30 35.65
CA PRO K 209 51.88 50.05 35.74
C PRO K 209 53.00 50.06 36.75
N ASP K 210 53.94 50.99 36.64
CA ASP K 210 55.08 50.99 37.55
C ASP K 210 55.41 52.40 38.05
N MET K 211 54.40 53.19 38.39
CA MET K 211 54.67 54.38 39.18
C MET K 211 55.23 54.00 40.54
N LEU K 212 54.94 52.78 40.99
CA LEU K 212 55.38 52.29 42.29
C LEU K 212 56.89 52.12 42.34
N ARG K 213 57.47 51.53 41.30
CA ARG K 213 58.90 51.24 41.34
C ARG K 213 59.76 52.43 41.65
N ARG K 214 59.21 53.62 41.52
CA ARG K 214 60.00 54.82 41.74
C ARG K 214 60.32 55.00 43.20
N PRO K 215 61.44 55.66 43.48
CA PRO K 215 61.83 55.87 44.87
C PRO K 215 60.84 56.73 45.66
N ASP K 216 60.03 57.57 45.02
CA ASP K 216 59.17 58.47 45.77
C ASP K 216 57.86 57.86 46.22
N SER K 217 57.29 56.97 45.42
CA SER K 217 55.97 56.43 45.73
C SER K 217 55.73 55.85 47.10
N ALA K 218 56.76 55.43 47.82
CA ALA K 218 56.46 54.94 49.16
C ALA K 218 56.04 56.06 50.09
N ASP K 219 56.81 57.12 50.17
CA ASP K 219 56.41 58.16 51.11
C ASP K 219 55.10 58.74 50.63
N PHE K 220 54.92 58.82 49.32
CA PHE K 220 53.73 59.48 48.84
C PHE K 220 52.47 58.81 49.31
N PHE K 221 52.37 57.50 49.27
CA PHE K 221 51.10 56.90 49.62
C PHE K 221 50.76 57.25 51.04
N GLU K 222 51.75 57.14 51.92
CA GLU K 222 51.47 57.37 53.31
C GLU K 222 51.04 58.80 53.50
N LYS K 223 51.75 59.70 52.86
CA LYS K 223 51.43 61.09 53.05
C LYS K 223 50.04 61.42 52.53
N TYR K 224 49.66 60.86 51.40
CA TYR K 224 48.36 61.17 50.83
C TYR K 224 47.32 60.69 51.78
N ILE K 225 47.49 59.48 52.27
CA ILE K 225 46.42 58.97 53.11
C ILE K 225 46.33 59.90 54.30
N ASP K 226 47.46 60.27 54.87
CA ASP K 226 47.42 61.11 56.06
C ASP K 226 46.78 62.46 55.83
N ASN K 227 47.11 63.10 54.72
CA ASN K 227 46.63 64.45 54.48
C ASN K 227 45.18 64.34 54.23
N GLY K 228 44.81 63.44 53.33
CA GLY K 228 43.38 63.24 53.14
C GLY K 228 42.65 63.03 54.45
N LEU K 229 43.30 62.40 55.42
CA LEU K 229 42.67 62.24 56.72
C LEU K 229 42.55 63.57 57.45
N VAL K 230 43.54 64.45 57.28
CA VAL K 230 43.54 65.70 58.04
C VAL K 230 42.67 66.74 57.37
N THR K 231 42.47 66.63 56.05
CA THR K 231 41.77 67.68 55.30
C THR K 231 40.38 68.00 55.87
N GLY K 232 39.54 67.00 56.17
CA GLY K 232 39.76 65.58 56.00
C GLY K 232 38.93 64.99 54.88
N ALA K 233 39.61 64.55 53.82
CA ALA K 233 38.94 63.82 52.77
C ALA K 233 38.73 62.37 53.21
N ILE K 234 38.54 61.50 52.22
CA ILE K 234 38.28 60.10 52.51
C ILE K 234 37.37 59.94 53.72
N PRO K 235 36.28 60.71 53.77
CA PRO K 235 35.48 60.62 54.99
C PRO K 235 34.68 59.33 55.05
N SER K 236 34.59 58.76 56.24
CA SER K 236 35.64 58.94 57.22
C SER K 236 36.49 57.71 57.42
N ASP K 237 36.62 57.27 58.66
CA ASP K 237 37.52 56.17 58.93
C ASP K 237 37.15 54.92 58.19
N ALA K 238 35.87 54.62 58.09
CA ALA K 238 35.49 53.37 57.46
C ALA K 238 36.01 53.38 56.06
N GLN K 239 35.58 54.35 55.31
CA GLN K 239 36.01 54.50 53.92
C GLN K 239 37.52 54.50 53.83
N ALA K 240 38.20 54.98 54.87
CA ALA K 240 39.67 55.00 54.82
C ALA K 240 40.25 53.59 54.86
N THR K 241 39.86 52.77 55.84
CA THR K 241 40.38 51.40 55.84
C THR K 241 39.97 50.66 54.59
N GLN K 242 38.71 50.84 54.16
CA GLN K 242 38.25 50.18 52.95
C GLN K 242 39.13 50.56 51.75
N LEU K 243 39.37 51.85 51.56
CA LEU K 243 40.11 52.31 50.40
C LEU K 243 41.56 51.89 50.45
N ILE K 244 42.16 51.88 51.64
CA ILE K 244 43.58 51.54 51.74
C ILE K 244 43.78 50.05 51.56
N SER K 245 42.85 49.24 52.04
CA SER K 245 42.95 47.79 51.84
C SER K 245 42.58 47.39 50.41
N GLN K 246 41.85 48.21 49.68
CA GLN K 246 41.56 47.86 48.29
C GLN K 246 42.75 48.17 47.42
N ALA K 247 43.29 49.35 47.65
CA ALA K 247 44.44 49.77 46.88
C ALA K 247 45.62 48.85 47.13
N PHE K 248 45.78 48.35 48.34
CA PHE K 248 46.94 47.52 48.59
C PHE K 248 46.87 46.29 47.69
N SER K 249 45.71 45.68 47.60
CA SER K 249 45.56 44.50 46.76
C SER K 249 45.77 44.82 45.30
N ASP K 250 45.23 45.96 44.91
CA ASP K 250 45.40 46.33 43.52
C ASP K 250 46.89 46.46 43.21
N ALA K 251 47.64 47.10 44.09
CA ALA K 251 49.07 47.27 43.88
C ALA K 251 49.81 45.96 43.87
N SER K 252 49.42 45.04 44.75
CA SER K 252 50.06 43.76 44.79
C SER K 252 49.89 43.07 43.47
N SER K 253 48.73 43.16 42.86
CA SER K 253 48.68 42.46 41.57
C SER K 253 49.35 43.11 40.36
N ARG K 254 50.06 44.21 40.52
CA ARG K 254 50.79 44.76 39.37
C ARG K 254 52.21 44.29 39.51
N ALA K 255 53.00 44.49 38.47
CA ALA K 255 54.35 43.98 38.53
C ALA K 255 55.02 44.73 39.63
N GLY K 256 54.75 46.03 39.68
CA GLY K 256 55.31 46.82 40.74
C GLY K 256 54.62 46.39 41.99
N GLY K 257 55.38 45.97 42.97
CA GLY K 257 54.67 45.42 44.10
C GLY K 257 55.54 45.14 45.23
N ALA K 258 56.56 44.37 45.04
CA ALA K 258 57.32 44.07 46.20
C ALA K 258 57.84 45.38 46.69
N ASP K 259 58.36 46.20 45.82
CA ASP K 259 58.96 47.40 46.32
C ASP K 259 57.95 48.28 47.03
N PHE K 260 56.78 48.45 46.46
CA PHE K 260 55.82 49.35 47.10
C PHE K 260 55.37 48.82 48.42
N LEU K 261 55.09 47.52 48.50
CA LEU K 261 54.52 47.02 49.72
C LEU K 261 55.61 46.90 50.72
N MET K 262 56.77 46.56 50.22
CA MET K 262 57.84 46.29 51.18
C MET K 262 58.37 47.58 51.79
N ARG K 263 58.03 48.73 51.20
CA ARG K 263 58.52 50.01 51.71
C ARG K 263 57.47 50.73 52.55
N VAL K 264 56.21 50.71 52.13
CA VAL K 264 55.15 51.27 52.96
C VAL K 264 55.03 50.50 54.26
N GLY K 265 55.45 49.25 54.25
CA GLY K 265 55.70 48.55 55.49
C GLY K 265 57.14 48.78 55.91
N ASP K 266 57.36 49.52 56.98
CA ASP K 266 56.25 49.99 57.80
C ASP K 266 56.21 51.51 57.81
N LYS K 267 55.00 52.07 57.83
CA LYS K 267 54.83 53.51 57.87
C LYS K 267 53.76 53.85 58.89
N LYS K 268 53.85 55.07 59.43
CA LYS K 268 52.98 55.49 60.52
C LYS K 268 51.75 56.16 59.93
N VAL K 269 50.57 55.65 60.29
CA VAL K 269 49.31 56.19 59.80
C VAL K 269 48.27 56.14 60.92
N THR K 270 47.50 57.21 61.06
CA THR K 270 46.52 57.35 62.11
C THR K 270 45.26 56.55 61.81
N LEU K 271 44.40 56.45 62.82
CA LEU K 271 43.07 55.87 62.68
C LEU K 271 42.28 56.22 63.93
N ASN K 272 41.07 55.65 64.01
CA ASN K 272 40.19 55.92 65.14
C ASN K 272 40.80 55.43 66.44
N GLY K 273 41.11 54.13 66.51
CA GLY K 273 41.53 53.54 67.77
C GLY K 273 42.91 53.99 68.21
N ALA K 274 43.89 53.92 67.31
CA ALA K 274 45.26 54.22 67.68
C ALA K 274 46.09 54.45 66.43
N THR K 275 47.17 55.21 66.59
CA THR K 275 48.18 55.39 65.55
C THR K 275 49.01 54.10 65.50
N THR K 276 49.29 53.64 64.28
CA THR K 276 49.75 52.27 64.11
C THR K 276 50.36 52.09 62.72
N THR K 277 51.39 51.25 62.66
CA THR K 277 52.11 51.00 61.42
C THR K 277 51.21 50.30 60.40
N TYR K 278 51.62 50.35 59.13
CA TYR K 278 50.88 49.66 58.08
C TYR K 278 50.87 48.16 58.31
N ARG K 279 51.98 47.58 58.70
CA ARG K 279 52.03 46.13 58.70
C ARG K 279 50.96 45.87 59.71
N GLU K 280 50.92 46.73 60.71
CA GLU K 280 50.22 46.37 61.90
C GLU K 280 48.74 46.24 61.61
N LEU K 281 48.20 47.13 60.79
CA LEU K 281 46.76 47.16 60.57
C LEU K 281 46.36 45.86 59.93
N ILE K 282 47.30 45.33 59.17
CA ILE K 282 47.10 44.27 58.23
C ILE K 282 47.71 42.97 58.85
N GLY K 283 46.90 42.11 59.50
CA GLY K 283 47.32 40.94 60.25
C GLY K 283 48.38 40.10 59.56
N GLU K 284 48.95 39.19 60.36
CA GLU K 284 50.08 38.40 59.90
C GLU K 284 49.76 37.56 58.68
N GLU K 285 48.49 37.23 58.46
CA GLU K 285 48.06 36.58 57.24
C GLU K 285 47.29 37.54 56.34
N GLN K 286 47.16 38.81 56.75
CA GLN K 286 46.66 39.87 55.89
C GLN K 286 47.81 40.47 55.11
N TRP K 287 49.02 40.48 55.67
CA TRP K 287 50.14 41.13 55.00
C TRP K 287 51.01 40.11 54.27
N ASN K 288 51.30 38.98 54.90
CA ASN K 288 52.10 37.95 54.24
C ASN K 288 51.44 37.47 52.95
N ALA K 289 50.10 37.41 52.96
CA ALA K 289 49.38 37.11 51.73
C ALA K 289 49.70 38.12 50.64
N LEU K 290 49.56 39.38 50.98
CA LEU K 290 49.73 40.34 49.93
C LEU K 290 51.13 40.15 49.50
N MET K 291 52.03 39.97 50.44
CA MET K 291 53.41 39.99 50.10
C MET K 291 53.69 38.91 49.11
N VAL K 292 53.25 37.68 49.37
CA VAL K 292 53.54 36.61 48.46
C VAL K 292 52.84 36.78 47.13
N THR K 293 51.57 37.10 47.15
CA THR K 293 50.82 37.21 45.90
C THR K 293 51.40 38.31 45.01
N ALA K 294 51.95 39.37 45.60
CA ALA K 294 52.61 40.38 44.79
C ALA K 294 53.89 39.84 44.19
N GLN K 295 54.64 39.05 44.98
CA GLN K 295 55.85 38.43 44.45
C GLN K 295 55.51 37.53 43.27
N ARG K 296 54.42 36.77 43.42
CA ARG K 296 53.96 35.87 42.37
C ARG K 296 53.52 36.64 41.14
N SER K 297 52.81 37.75 41.33
CA SER K 297 52.37 38.54 40.18
C SER K 297 53.56 39.14 39.45
N GLN K 298 54.59 39.58 40.20
CA GLN K 298 55.80 40.05 39.56
C GLN K 298 56.44 38.96 38.73
N PHE K 299 56.55 37.75 39.29
CA PHE K 299 57.10 36.64 38.53
C PHE K 299 56.29 36.39 37.27
N GLU K 300 54.97 36.40 37.39
CA GLU K 300 54.09 36.19 36.25
C GLU K 300 54.37 37.20 35.15
N THR K 301 54.37 38.50 35.50
CA THR K 301 54.51 39.53 34.48
C THR K 301 55.91 39.51 33.88
N ASP K 302 56.92 39.18 34.68
CA ASP K 302 58.27 39.11 34.15
C ASP K 302 58.41 37.97 33.16
N ALA K 303 57.85 36.80 33.49
CA ALA K 303 57.85 35.70 32.52
C ALA K 303 57.04 36.06 31.28
N LYS K 304 55.97 36.83 31.47
CA LYS K 304 55.18 37.28 30.32
C LYS K 304 56.02 38.15 29.38
N LEU K 305 56.80 39.07 29.95
CA LEU K 305 57.69 39.88 29.13
C LEU K 305 58.74 39.03 28.43
N ASN K 306 59.34 38.09 29.18
CA ASN K 306 60.29 37.18 28.56
C ASN K 306 59.68 36.46 27.37
N GLU K 307 58.45 35.97 27.53
CA GLU K 307 57.83 35.16 26.48
C GLU K 307 57.42 36.03 25.30
N GLN K 308 57.03 37.28 25.54
CA GLN K 308 56.78 38.18 24.42
C GLN K 308 58.05 38.41 23.62
N TYR K 309 59.16 38.66 24.31
CA TYR K 309 60.43 38.85 23.62
C TYR K 309 60.81 37.60 22.83
N ARG K 310 60.69 36.44 23.45
CA ARG K 310 61.07 35.20 22.80
C ARG K 310 60.13 34.89 21.65
N LEU K 311 58.87 35.32 21.73
CA LEU K 311 57.97 35.22 20.60
C LEU K 311 58.44 36.07 19.43
N LYS K 312 58.81 37.32 19.70
CA LYS K 312 59.34 38.16 18.63
C LYS K 312 60.56 37.51 17.97
N ILE K 313 61.47 36.98 18.79
CA ILE K 313 62.69 36.41 18.22
C ILE K 313 62.41 35.12 17.46
N ASN K 314 61.55 34.25 18.00
CA ASN K 314 61.20 33.04 17.28
C ASN K 314 60.51 33.35 15.97
N SER K 315 59.66 34.37 15.94
CA SER K 315 59.07 34.79 14.68
C SER K 315 60.14 35.25 13.69
N ALA K 316 61.08 36.07 14.18
CA ALA K 316 62.17 36.50 13.32
C ALA K 316 62.92 35.30 12.76
N LEU K 317 63.00 34.22 13.53
CA LEU K 317 63.69 33.03 13.05
C LEU K 317 62.87 32.26 12.02
N ASN K 318 61.56 32.17 12.21
CA ASN K 318 60.75 31.24 11.45
C ASN K 318 60.21 31.84 10.16
N GLN K 319 60.87 32.85 9.62
CA GLN K 319 60.40 33.45 8.37
C GLN K 319 60.55 32.45 7.22
N GLU K 320 59.84 32.74 6.12
CA GLU K 320 59.94 31.89 4.95
C GLU K 320 61.31 31.99 4.31
N ASP K 321 61.72 33.20 3.93
CA ASP K 321 63.02 33.38 3.31
C ASP K 321 63.95 33.99 4.34
N PRO K 322 65.14 33.43 4.49
CA PRO K 322 66.04 33.89 5.56
C PRO K 322 66.50 35.31 5.40
N ARG K 323 66.33 35.92 4.21
CA ARG K 323 66.67 37.33 4.06
C ARG K 323 65.86 38.19 5.01
N THR K 324 64.53 38.15 4.86
CA THR K 324 63.64 38.89 5.74
C THR K 324 63.88 38.51 7.19
N ALA K 325 64.18 37.24 7.45
CA ALA K 325 64.58 36.85 8.80
C ALA K 325 65.72 37.73 9.30
N TRP K 326 66.80 37.82 8.53
CA TRP K 326 67.97 38.53 9.01
C TRP K 326 67.70 40.01 9.16
N GLU K 327 66.99 40.62 8.22
CA GLU K 327 66.79 42.07 8.34
C GLU K 327 65.85 42.40 9.47
N MET K 328 64.80 41.58 9.68
CA MET K 328 63.91 41.82 10.80
C MET K 328 64.63 41.63 12.13
N LEU K 329 65.50 40.62 12.19
CA LEU K 329 66.29 40.42 13.41
C LEU K 329 67.24 41.58 13.65
N GLN K 330 67.84 42.10 12.59
CA GLN K 330 68.73 43.24 12.74
C GLN K 330 67.98 44.46 13.21
N GLY K 331 66.76 44.67 12.70
CA GLY K 331 65.95 45.77 13.17
C GLY K 331 65.56 45.61 14.63
N ILE K 332 65.24 44.38 15.04
CA ILE K 332 64.90 44.13 16.43
C ILE K 332 66.10 44.42 17.32
N LYS K 333 67.30 44.07 16.87
CA LYS K 333 68.52 44.42 17.61
C LYS K 333 68.70 45.93 17.70
N ALA K 334 68.61 46.72 16.67
CA ALA K 334 68.90 48.14 16.92
C ALA K 334 68.26 48.82 18.16
N GLU K 335 67.10 49.36 17.91
CA GLU K 335 66.51 50.14 18.96
C GLU K 335 66.29 49.32 20.15
N LEU K 336 65.79 48.13 19.97
CA LEU K 336 65.42 47.43 21.15
C LEU K 336 66.59 47.18 22.04
N ASP K 337 67.65 46.65 21.46
CA ASP K 337 68.71 46.28 22.37
C ASP K 337 69.26 47.49 23.01
N LYS K 338 69.47 48.53 22.23
CA LYS K 338 70.14 49.63 22.87
C LYS K 338 69.35 50.14 24.03
N VAL K 339 68.24 50.81 23.74
CA VAL K 339 67.45 51.44 24.78
C VAL K 339 67.66 50.83 26.16
N GLN K 340 66.95 49.77 26.46
CA GLN K 340 67.09 49.23 27.79
C GLN K 340 68.40 48.47 28.12
N PRO K 341 68.78 47.43 27.34
CA PRO K 341 70.05 46.79 27.75
C PRO K 341 71.42 47.44 27.50
N ASP K 342 71.67 48.11 26.39
CA ASP K 342 73.02 48.65 26.07
C ASP K 342 74.00 47.51 25.67
N GLU K 343 75.31 47.79 25.55
CA GLU K 343 76.27 46.76 25.05
C GLU K 343 76.53 45.46 25.80
N GLN K 344 76.73 45.53 27.11
CA GLN K 344 77.10 44.34 27.91
C GLN K 344 76.17 43.16 27.72
N MET K 345 76.69 41.96 27.89
CA MET K 345 75.87 40.80 27.61
C MET K 345 74.70 40.84 28.55
N THR K 346 73.52 40.61 28.02
CA THR K 346 72.33 40.62 28.84
C THR K 346 71.63 39.35 28.48
N PRO K 347 70.76 38.86 29.34
CA PRO K 347 70.06 37.67 28.89
C PRO K 347 69.23 38.00 27.65
N GLN K 348 69.31 39.21 27.11
CA GLN K 348 68.61 39.53 25.87
C GLN K 348 69.63 39.48 24.74
N ARG K 349 70.84 39.94 25.00
CA ARG K 349 71.88 39.95 23.99
C ARG K 349 72.17 38.55 23.58
N GLU K 350 72.25 37.65 24.54
CA GLU K 350 72.54 36.27 24.20
C GLU K 350 71.43 35.67 23.36
N TRP K 351 70.20 36.01 23.69
CA TRP K 351 69.08 35.50 22.92
C TRP K 351 69.18 36.00 21.49
N LEU K 352 69.56 37.27 21.33
CA LEU K 352 69.77 37.84 20.01
C LEU K 352 70.91 37.15 19.24
N ILE K 353 71.99 36.83 19.94
CA ILE K 353 73.19 36.25 19.33
C ILE K 353 72.95 34.87 18.77
N SER K 354 72.47 33.96 19.59
CA SER K 354 72.10 32.66 19.07
C SER K 354 71.13 32.80 17.91
N ALA K 355 70.29 33.83 17.94
CA ALA K 355 69.40 34.09 16.81
C ALA K 355 70.20 34.50 15.57
N GLN K 356 71.27 35.26 15.77
CA GLN K 356 72.12 35.65 14.65
C GLN K 356 72.85 34.45 14.06
N GLU K 357 73.43 33.59 14.91
CA GLU K 357 74.04 32.37 14.39
C GLU K 357 73.00 31.48 13.72
N GLN K 358 71.78 31.46 14.28
CA GLN K 358 70.70 30.68 13.71
C GLN K 358 70.35 31.16 12.31
N VAL K 359 70.19 32.47 12.13
CA VAL K 359 69.82 32.98 10.81
C VAL K 359 71.00 32.86 9.86
N GLN K 360 72.23 32.87 10.37
CA GLN K 360 73.38 32.58 9.52
C GLN K 360 73.30 31.16 8.97
N ASN K 361 73.00 30.19 9.83
CA ASN K 361 72.87 28.82 9.38
C ASN K 361 71.72 28.67 8.39
N GLN K 362 70.61 29.37 8.67
CA GLN K 362 69.48 29.31 7.77
C GLN K 362 69.81 29.92 6.41
N MET K 363 70.65 30.96 6.40
CA MET K 363 71.09 31.55 5.14
C MET K 363 72.01 30.60 4.39
N ASN K 364 72.86 29.87 5.13
CA ASN K 364 73.64 28.80 4.51
C ASN K 364 72.74 27.82 3.78
N ALA K 365 71.72 27.32 4.48
CA ALA K 365 70.77 26.41 3.86
C ALA K 365 70.08 27.03 2.67
N TRP K 366 69.74 28.32 2.75
CA TRP K 366 69.02 28.96 1.65
C TRP K 366 69.90 29.10 0.42
N THR K 367 71.18 29.44 0.62
CA THR K 367 72.11 29.46 -0.50
C THR K 367 72.19 28.09 -1.17
N LYS K 368 72.37 27.04 -0.36
CA LYS K 368 72.45 25.71 -0.94
C LYS K 368 71.19 25.36 -1.72
N ALA K 369 70.03 25.73 -1.18
CA ALA K 369 68.77 25.37 -1.82
C ALA K 369 68.58 26.12 -3.13
N GLN K 370 68.91 27.42 -3.15
CA GLN K 370 68.80 28.17 -4.39
C GLN K 370 69.78 27.65 -5.44
N ALA K 371 70.95 27.20 -5.01
CA ALA K 371 71.89 26.61 -5.96
C ALA K 371 71.35 25.32 -6.54
N LYS K 372 70.76 24.47 -5.70
CA LYS K 372 70.15 23.26 -6.22
C LYS K 372 69.02 23.59 -7.18
N ALA K 373 68.27 24.66 -6.90
CA ALA K 373 67.22 25.07 -7.82
C ALA K 373 67.80 25.49 -9.15
N LEU K 374 68.93 26.19 -9.14
CA LEU K 374 69.62 26.51 -10.39
C LEU K 374 69.96 25.27 -11.17
N ASP K 375 70.60 24.30 -10.51
CA ASP K 375 70.97 23.06 -11.19
C ASP K 375 69.74 22.37 -11.77
N ASP K 376 68.66 22.30 -11.00
CA ASP K 376 67.44 21.67 -11.49
C ASP K 376 66.85 22.42 -12.66
N SER K 377 66.92 23.76 -12.64
CA SER K 377 66.38 24.50 -13.75
C SER K 377 67.12 24.19 -15.05
N MET K 378 68.46 24.20 -15.01
CA MET K 378 69.19 23.83 -16.22
C MET K 378 68.94 22.38 -16.64
N LYS K 379 68.99 21.46 -15.69
CA LYS K 379 68.76 20.06 -16.03
C LYS K 379 67.38 19.87 -16.64
N SER K 380 66.37 20.52 -16.07
CA SER K 380 65.01 20.37 -16.58
C SER K 380 64.87 20.97 -17.96
N MET K 381 65.43 22.15 -18.20
CA MET K 381 65.31 22.75 -19.52
C MET K 381 65.97 21.87 -20.58
N ASN K 382 67.19 21.39 -20.29
CA ASN K 382 67.89 20.59 -21.28
C ASN K 382 67.18 19.28 -21.56
N LYS K 383 66.86 18.53 -20.50
CA LYS K 383 66.18 17.25 -20.70
C LYS K 383 64.79 17.46 -21.27
N LEU K 384 64.20 18.63 -21.02
CA LEU K 384 62.89 18.90 -21.54
C LEU K 384 62.93 19.08 -23.05
N ASP K 385 63.89 19.84 -23.55
CA ASP K 385 64.00 19.98 -25.00
C ASP K 385 64.40 18.67 -25.65
N VAL K 386 65.24 17.87 -24.97
CA VAL K 386 65.58 16.55 -25.51
C VAL K 386 64.33 15.68 -25.62
N ILE K 387 63.53 15.64 -24.55
CA ILE K 387 62.27 14.90 -24.57
C ILE K 387 61.39 15.38 -25.71
N ASP K 388 61.24 16.70 -25.84
CA ASP K 388 60.33 17.23 -26.86
C ASP K 388 60.80 16.87 -28.26
N LYS K 389 62.11 16.89 -28.51
CA LYS K 389 62.58 16.56 -29.85
C LYS K 389 62.35 15.09 -30.13
N GLN K 390 62.76 14.23 -29.20
CA GLN K 390 62.55 12.80 -29.37
C GLN K 390 61.07 12.43 -29.42
N PHE K 391 60.21 13.34 -28.95
CA PHE K 391 58.77 13.12 -29.01
C PHE K 391 58.19 13.57 -30.33
N GLN K 392 58.66 14.70 -30.86
CA GLN K 392 58.30 15.10 -32.20
C GLN K 392 58.69 14.03 -33.20
N LYS K 393 59.80 13.34 -32.94
CA LYS K 393 60.16 12.18 -33.75
C LYS K 393 59.05 11.14 -33.77
N ARG K 394 58.48 10.83 -32.60
CA ARG K 394 57.41 9.85 -32.53
C ARG K 394 56.17 10.36 -33.24
N ILE K 395 55.86 11.64 -33.10
CA ILE K 395 54.68 12.20 -33.75
C ILE K 395 54.80 12.11 -35.25
N ASN K 396 55.94 12.51 -35.80
CA ASN K 396 56.11 12.46 -37.25
C ASN K 396 56.41 11.06 -37.72
N GLY K 397 57.44 10.44 -37.16
CA GLY K 397 57.85 9.09 -37.51
C GLY K 397 57.12 8.06 -36.68
N GLU K 398 57.80 6.97 -36.39
CA GLU K 398 57.22 5.82 -35.68
C GLU K 398 58.28 5.15 -34.82
N TRP K 399 57.81 4.36 -33.87
CA TRP K 399 58.60 3.32 -33.22
C TRP K 399 59.77 3.95 -32.48
N VAL K 400 59.46 4.86 -31.55
CA VAL K 400 60.49 5.68 -30.92
C VAL K 400 60.64 5.36 -29.43
N SER K 401 59.68 4.66 -28.84
CA SER K 401 59.81 4.19 -27.46
C SER K 401 60.02 5.36 -26.50
N THR K 402 59.00 6.20 -26.34
CA THR K 402 59.03 7.34 -25.43
C THR K 402 58.67 6.96 -23.99
N ASP K 403 58.82 5.68 -23.61
CA ASP K 403 58.20 5.23 -22.36
C ASP K 403 58.80 5.94 -21.16
N PHE K 404 60.02 5.59 -20.77
CA PHE K 404 60.76 6.31 -19.74
C PHE K 404 62.19 6.53 -20.18
N LYS K 405 62.72 5.53 -20.87
CA LYS K 405 64.13 5.44 -21.19
C LYS K 405 64.41 6.20 -22.49
N ASP K 406 65.04 7.36 -22.35
CA ASP K 406 65.28 8.24 -23.48
C ASP K 406 66.74 8.43 -23.70
N MET K 407 67.12 9.60 -24.21
CA MET K 407 68.51 9.88 -24.48
C MET K 407 69.09 10.75 -23.39
N PRO K 408 69.88 10.17 -22.49
CA PRO K 408 70.40 10.92 -21.36
C PRO K 408 71.85 11.14 -21.54
N VAL K 409 72.34 11.01 -22.74
CA VAL K 409 73.77 11.08 -22.96
C VAL K 409 74.21 12.50 -23.27
N ASN K 410 73.33 13.45 -23.03
CA ASN K 410 73.64 14.83 -23.32
C ASN K 410 74.78 15.31 -22.45
N GLU K 411 75.13 14.56 -21.39
CA GLU K 411 76.21 14.93 -20.45
C GLU K 411 75.67 15.97 -19.49
N ASN K 412 75.02 17.01 -20.02
CA ASN K 412 74.36 17.94 -19.12
C ASN K 412 73.00 17.51 -18.59
N THR K 413 72.20 16.86 -19.44
CA THR K 413 70.88 16.43 -19.06
C THR K 413 70.95 15.43 -17.92
N GLY K 414 71.91 14.55 -17.99
CA GLY K 414 72.12 13.54 -16.96
C GLY K 414 70.94 12.64 -16.81
N GLU K 415 70.48 12.43 -15.59
CA GLU K 415 69.44 11.45 -15.34
C GLU K 415 68.15 11.97 -15.91
N PHE K 416 67.27 11.08 -16.34
CA PHE K 416 65.87 11.44 -16.44
C PHE K 416 65.09 10.97 -15.23
N LYS K 417 64.60 11.89 -14.41
CA LYS K 417 63.59 11.54 -13.43
C LYS K 417 62.29 11.21 -14.16
N HIS K 418 61.39 10.51 -13.49
CA HIS K 418 60.06 10.37 -14.07
C HIS K 418 59.33 11.70 -14.09
N SER K 419 59.82 12.67 -13.33
CA SER K 419 59.10 13.94 -13.20
C SER K 419 59.04 14.70 -14.51
N ASP K 420 60.01 14.48 -15.42
CA ASP K 420 60.05 15.38 -16.58
C ASP K 420 58.86 15.13 -17.50
N MET K 421 58.56 13.87 -17.80
CA MET K 421 57.53 13.59 -18.79
C MET K 421 56.18 14.14 -18.36
N VAL K 422 55.84 14.02 -17.08
CA VAL K 422 54.64 14.71 -16.59
C VAL K 422 54.80 16.22 -16.72
N ASN K 423 55.92 16.75 -16.24
CA ASN K 423 56.22 18.16 -16.42
C ASN K 423 56.24 18.52 -17.90
N TYR K 424 56.79 17.63 -18.74
CA TYR K 424 56.84 17.93 -20.17
C TYR K 424 55.43 18.07 -20.75
N ALA K 425 54.58 17.10 -20.48
CA ALA K 425 53.21 17.15 -20.98
C ALA K 425 52.50 18.41 -20.48
N ASN K 426 52.63 18.71 -19.20
CA ASN K 426 51.91 19.86 -18.66
C ASN K 426 52.41 21.15 -19.29
N LYS K 427 53.73 21.36 -19.30
CA LYS K 427 54.28 22.59 -19.83
C LYS K 427 53.99 22.73 -21.31
N LYS K 428 54.07 21.62 -22.06
CA LYS K 428 53.84 21.69 -23.50
C LYS K 428 52.37 21.95 -23.81
N LEU K 429 51.47 21.40 -23.00
CA LEU K 429 50.05 21.65 -23.23
C LEU K 429 49.73 23.12 -22.97
N ALA K 430 50.23 23.67 -21.87
CA ALA K 430 50.06 25.10 -21.64
C ALA K 430 50.71 25.93 -22.74
N GLU K 431 51.90 25.52 -23.17
CA GLU K 431 52.59 26.18 -24.27
C GLU K 431 51.71 26.25 -25.51
N ILE K 432 51.12 25.12 -25.90
CA ILE K 432 50.17 25.11 -27.00
C ILE K 432 49.03 26.06 -26.73
N ASP K 433 48.53 26.09 -25.51
CA ASP K 433 47.45 27.02 -25.18
C ASP K 433 47.89 28.46 -25.41
N SER K 434 49.18 28.74 -25.24
CA SER K 434 49.64 30.13 -25.34
C SER K 434 50.05 30.50 -26.75
N MET K 435 50.00 29.55 -27.68
CA MET K 435 50.40 29.84 -29.04
C MET K 435 49.42 30.83 -29.70
N ASP K 436 49.82 31.34 -30.86
CA ASP K 436 49.12 32.45 -31.49
C ASP K 436 48.08 31.98 -32.50
N ILE K 437 48.11 30.70 -32.87
CA ILE K 437 47.29 30.12 -33.94
C ILE K 437 45.81 30.14 -33.59
N PRO K 438 44.92 29.98 -34.57
CA PRO K 438 43.49 29.87 -34.25
C PRO K 438 43.15 28.53 -33.61
N ASP K 439 41.92 28.44 -33.11
CA ASP K 439 41.51 27.30 -32.29
C ASP K 439 41.65 25.98 -33.02
N GLY K 440 41.38 25.97 -34.33
CA GLY K 440 41.44 24.73 -35.08
C GLY K 440 42.82 24.09 -35.01
N ALA K 441 43.87 24.87 -35.28
CA ALA K 441 45.22 24.35 -35.21
C ALA K 441 45.56 23.92 -33.80
N LYS K 442 45.12 24.70 -32.81
CA LYS K 442 45.40 24.35 -31.42
C LYS K 442 44.84 22.97 -31.07
N ASP K 443 43.59 22.72 -31.43
CA ASP K 443 42.98 21.46 -31.05
C ASP K 443 43.48 20.30 -31.90
N ALA K 444 43.71 20.53 -33.19
CA ALA K 444 44.38 19.51 -33.97
C ALA K 444 45.74 19.16 -33.38
N MET K 445 46.40 20.14 -32.77
CA MET K 445 47.72 19.89 -32.21
C MET K 445 47.63 19.15 -30.89
N LYS K 446 46.65 19.51 -30.06
CA LYS K 446 46.41 18.75 -28.84
C LYS K 446 46.12 17.30 -29.16
N LEU K 447 45.38 17.05 -30.25
CA LEU K 447 45.07 15.66 -30.61
C LEU K 447 46.28 14.96 -31.22
N LYS K 448 47.03 15.65 -32.07
CA LYS K 448 48.22 15.04 -32.66
C LYS K 448 49.32 14.86 -31.64
N TYR K 449 49.14 15.42 -30.45
CA TYR K 449 50.00 15.04 -29.32
C TYR K 449 49.37 13.92 -28.51
N LEU K 450 48.05 13.92 -28.38
CA LEU K 450 47.39 12.86 -27.60
C LEU K 450 47.70 11.49 -28.17
N GLN K 451 48.06 11.44 -29.44
CA GLN K 451 48.72 10.29 -30.03
C GLN K 451 50.12 10.71 -30.45
N ALA K 452 51.12 9.91 -30.08
CA ALA K 452 50.91 8.70 -29.32
C ALA K 452 52.03 8.49 -28.33
N ASP K 453 51.66 8.29 -27.07
CA ASP K 453 52.57 7.74 -26.09
C ASP K 453 51.97 6.44 -25.61
N SER K 454 52.81 5.59 -25.02
CA SER K 454 52.42 4.21 -24.73
C SER K 454 51.57 4.10 -23.47
N LYS K 455 50.46 4.84 -23.41
CA LYS K 455 49.51 4.78 -22.29
C LYS K 455 50.25 4.94 -20.96
N ASP K 456 51.21 5.87 -20.94
CA ASP K 456 52.07 6.02 -19.78
C ASP K 456 51.26 6.30 -18.50
N GLY K 457 50.34 7.26 -18.51
CA GLY K 457 50.16 8.25 -19.56
C GLY K 457 50.67 9.60 -19.10
N ALA K 458 51.35 10.32 -19.99
CA ALA K 458 51.70 11.71 -19.66
C ALA K 458 50.67 12.66 -20.24
N PHE K 459 50.57 12.70 -21.56
CA PHE K 459 49.54 13.50 -22.20
C PHE K 459 48.17 12.88 -21.98
N ARG K 460 48.10 11.56 -22.02
CA ARG K 460 46.82 10.90 -21.83
C ARG K 460 46.28 11.21 -20.45
N THR K 461 47.15 11.23 -19.44
CA THR K 461 46.70 11.54 -18.09
C THR K 461 46.43 13.04 -17.92
N ALA K 462 47.14 13.90 -18.64
CA ALA K 462 46.83 15.32 -18.57
C ALA K 462 45.43 15.59 -19.11
N ILE K 463 45.17 15.15 -20.34
CA ILE K 463 43.83 15.32 -20.90
C ILE K 463 42.80 14.57 -20.04
N GLY K 464 43.22 13.48 -19.40
CA GLY K 464 42.30 12.74 -18.57
C GLY K 464 41.89 13.50 -17.33
N THR K 465 42.84 14.12 -16.65
CA THR K 465 42.46 14.91 -15.48
C THR K 465 41.66 16.13 -15.90
N MET K 466 41.90 16.64 -17.11
CA MET K 466 40.99 17.66 -17.64
C MET K 466 39.57 17.11 -17.76
N VAL K 467 39.44 15.89 -18.27
CA VAL K 467 38.12 15.29 -18.41
C VAL K 467 37.45 15.10 -17.06
N THR K 468 38.16 14.52 -16.09
CA THR K 468 37.54 14.34 -14.78
C THR K 468 37.25 15.67 -14.11
N ASP K 469 38.02 16.72 -14.43
CA ASP K 469 37.66 18.04 -13.93
C ASP K 469 36.32 18.48 -14.48
N ALA K 470 36.14 18.38 -15.80
CA ALA K 470 34.84 18.70 -16.37
C ALA K 470 33.74 17.84 -15.77
N GLY K 471 34.04 16.58 -15.50
CA GLY K 471 33.03 15.69 -14.94
C GLY K 471 32.63 16.09 -13.54
N GLN K 472 33.59 16.31 -12.66
CA GLN K 472 33.27 16.73 -11.30
C GLN K 472 32.58 18.09 -11.32
N GLU K 473 32.95 18.95 -12.27
CA GLU K 473 32.35 20.27 -12.32
C GLU K 473 30.88 20.19 -12.70
N TRP K 474 30.56 19.37 -13.70
CA TRP K 474 29.16 19.18 -14.03
C TRP K 474 28.42 18.47 -12.91
N SER K 475 29.11 17.59 -12.18
CA SER K 475 28.51 17.01 -10.99
C SER K 475 28.11 18.10 -9.99
N ALA K 476 29.05 18.98 -9.68
CA ALA K 476 28.78 20.04 -8.74
C ALA K 476 27.64 20.93 -9.23
N ALA K 477 27.57 21.16 -10.54
CA ALA K 477 26.42 21.86 -11.07
C ALA K 477 25.13 21.09 -10.78
N VAL K 478 25.19 19.76 -10.87
CA VAL K 478 24.00 18.97 -10.59
C VAL K 478 23.56 19.13 -9.14
N ILE K 479 24.50 18.99 -8.20
CA ILE K 479 24.16 19.13 -6.79
C ILE K 479 23.64 20.54 -6.54
N ASN K 480 24.35 21.53 -7.08
CA ASN K 480 24.05 22.92 -6.80
C ASN K 480 22.66 23.32 -7.28
N GLY K 481 22.12 22.59 -8.25
CA GLY K 481 20.78 22.84 -8.74
C GLY K 481 20.70 23.67 -10.01
N LYS K 482 21.64 24.57 -10.23
CA LYS K 482 21.77 25.31 -11.48
C LYS K 482 23.16 25.07 -12.03
N LEU K 483 23.52 25.79 -13.07
CA LEU K 483 24.86 25.58 -13.59
C LEU K 483 25.70 26.83 -13.43
N PRO K 484 26.83 26.77 -12.73
CA PRO K 484 27.63 27.98 -12.50
C PRO K 484 28.14 28.55 -13.80
N GLU K 485 28.28 29.86 -13.82
CA GLU K 485 28.69 30.54 -15.04
C GLU K 485 30.16 30.29 -15.35
N ARG K 486 30.49 30.39 -16.63
CA ARG K 486 31.85 30.53 -17.15
C ARG K 486 32.64 29.21 -17.14
N THR K 487 32.17 28.22 -16.37
CA THR K 487 32.46 26.79 -16.57
C THR K 487 33.81 26.50 -17.22
N PRO K 488 34.93 26.84 -16.57
CA PRO K 488 36.22 26.74 -17.28
C PRO K 488 36.55 25.34 -17.77
N ALA K 489 36.46 24.33 -16.91
CA ALA K 489 36.81 22.97 -17.33
C ALA K 489 35.86 22.47 -18.42
N MET K 490 34.56 22.70 -18.25
CA MET K 490 33.61 22.31 -19.28
C MET K 490 33.91 23.00 -20.59
N ASP K 491 34.30 24.27 -20.54
CA ASP K 491 34.59 25.00 -21.78
C ASP K 491 35.83 24.44 -22.46
N ALA K 492 36.89 24.17 -21.70
CA ALA K 492 38.09 23.60 -22.31
C ALA K 492 37.79 22.21 -22.88
N LEU K 493 37.00 21.41 -22.19
CA LEU K 493 36.64 20.10 -22.70
C LEU K 493 35.82 20.22 -23.97
N ARG K 494 34.90 21.19 -24.03
CA ARG K 494 34.14 21.38 -25.24
C ARG K 494 35.04 21.75 -26.40
N ARG K 495 36.02 22.62 -26.14
CA ARG K 495 36.96 22.99 -27.19
C ARG K 495 37.70 21.76 -27.71
N ILE K 496 38.27 20.96 -26.82
CA ILE K 496 39.09 19.84 -27.29
C ILE K 496 38.24 18.77 -27.95
N ARG K 497 37.14 18.39 -27.31
CA ARG K 497 36.35 17.26 -27.79
C ARG K 497 35.51 17.60 -29.01
N ASN K 498 35.07 18.83 -29.17
CA ASN K 498 34.36 19.13 -30.42
C ASN K 498 35.11 18.57 -31.62
N ALA K 499 36.43 18.65 -31.64
CA ALA K 499 37.23 18.18 -32.78
C ALA K 499 37.27 16.68 -33.12
N ASP K 500 37.34 15.77 -32.14
CA ASP K 500 37.25 14.33 -32.49
C ASP K 500 36.43 13.54 -31.55
N PRO K 501 35.13 13.70 -31.63
CA PRO K 501 34.25 13.06 -30.67
C PRO K 501 34.64 11.66 -30.33
N GLN K 502 34.93 10.83 -31.31
CA GLN K 502 35.17 9.45 -30.99
C GLN K 502 36.45 9.22 -30.22
N LEU K 503 37.53 9.90 -30.58
CA LEU K 503 38.81 9.62 -29.91
C LEU K 503 38.87 9.95 -28.43
N ILE K 504 38.37 11.11 -28.02
CA ILE K 504 38.49 11.48 -26.63
C ILE K 504 37.70 10.46 -25.88
N ALA K 505 36.54 10.11 -26.41
CA ALA K 505 35.71 9.13 -25.75
C ALA K 505 36.38 7.80 -25.67
N ALA K 506 37.05 7.41 -26.73
CA ALA K 506 37.63 6.08 -26.75
C ALA K 506 38.69 5.88 -25.69
N LEU K 507 39.56 6.86 -25.54
CA LEU K 507 40.64 6.71 -24.59
C LEU K 507 40.14 6.68 -23.17
N TYR K 508 39.16 7.49 -22.82
CA TYR K 508 38.59 7.41 -21.49
C TYR K 508 37.25 6.71 -21.56
N PRO K 509 37.22 5.40 -21.31
CA PRO K 509 35.97 4.66 -21.50
C PRO K 509 35.24 4.62 -20.22
N ASP K 510 35.26 5.73 -19.53
CA ASP K 510 34.66 5.81 -18.20
C ASP K 510 33.62 6.91 -18.15
N GLN K 511 33.99 8.12 -18.58
CA GLN K 511 33.06 9.23 -18.58
C GLN K 511 32.38 9.42 -19.93
N ALA K 512 31.72 8.38 -20.47
CA ALA K 512 30.90 8.59 -21.65
C ALA K 512 29.65 9.35 -21.30
N GLU K 513 29.24 9.27 -20.03
CA GLU K 513 28.11 10.03 -19.52
C GLU K 513 28.30 11.52 -19.73
N LEU K 514 29.49 12.03 -19.37
CA LEU K 514 29.76 13.45 -19.53
C LEU K 514 29.76 13.84 -21.01
N PHE K 515 30.34 13.00 -21.87
CA PHE K 515 30.35 13.32 -23.29
C PHE K 515 28.93 13.39 -23.84
N LEU K 516 28.09 12.42 -23.46
CA LEU K 516 26.70 12.45 -23.87
C LEU K 516 26.01 13.72 -23.40
N THR K 517 26.17 14.07 -22.12
CA THR K 517 25.50 15.26 -21.62
C THR K 517 26.00 16.52 -22.28
N MET K 518 27.31 16.64 -22.49
CA MET K 518 27.83 17.83 -23.13
C MET K 518 27.35 17.93 -24.57
N ASP K 519 27.35 16.81 -25.30
CA ASP K 519 26.89 16.84 -26.68
C ASP K 519 25.39 17.09 -26.77
N MET K 520 24.64 16.71 -25.73
CA MET K 520 23.26 17.16 -25.61
C MET K 520 23.22 18.66 -25.39
N MET K 521 24.17 19.17 -24.62
CA MET K 521 24.12 20.55 -24.19
C MET K 521 24.41 21.52 -25.32
N ASP K 522 25.34 21.16 -26.20
CA ASP K 522 25.81 22.13 -27.19
C ASP K 522 25.33 21.82 -28.60
N LYS K 523 25.54 20.61 -29.10
CA LYS K 523 25.14 20.30 -30.47
C LYS K 523 23.63 20.35 -30.62
N GLN K 524 22.91 19.57 -29.84
CA GLN K 524 21.48 19.66 -29.80
C GLN K 524 21.06 20.92 -29.01
N GLY K 525 19.80 21.30 -29.17
CA GLY K 525 19.37 22.61 -28.70
C GLY K 525 18.86 22.66 -27.27
N ILE K 526 18.90 21.56 -26.53
CA ILE K 526 18.26 21.54 -25.23
C ILE K 526 18.98 22.47 -24.27
N ASP K 527 18.24 22.99 -23.30
CA ASP K 527 18.82 23.89 -22.32
C ASP K 527 19.70 23.11 -21.34
N PRO K 528 20.82 23.69 -20.90
CA PRO K 528 21.53 23.14 -19.73
C PRO K 528 20.89 23.59 -18.43
N GLN K 529 19.57 23.44 -18.38
CA GLN K 529 18.79 23.53 -17.16
C GLN K 529 17.82 22.36 -17.04
N VAL K 530 17.35 21.87 -18.18
CA VAL K 530 16.34 20.81 -18.16
C VAL K 530 17.01 19.45 -17.95
N ILE K 531 18.32 19.36 -18.18
CA ILE K 531 19.05 18.16 -17.78
C ILE K 531 19.35 18.21 -16.29
N LEU K 532 19.53 19.42 -15.76
CA LEU K 532 19.98 19.57 -14.38
C LEU K 532 18.98 18.96 -13.40
N ASP K 533 17.70 19.32 -13.53
CA ASP K 533 16.71 18.77 -12.62
C ASP K 533 16.64 17.26 -12.77
N ALA K 534 16.44 16.80 -14.00
CA ALA K 534 16.21 15.38 -14.25
C ALA K 534 17.38 14.53 -13.77
N ASP K 535 18.58 15.11 -13.73
CA ASP K 535 19.69 14.37 -13.17
C ASP K 535 19.83 14.62 -11.67
N ARG K 536 19.14 15.64 -11.16
CA ARG K 536 19.13 15.88 -9.72
C ARG K 536 17.91 15.25 -9.09
N LEU K 537 16.86 15.04 -9.87
CA LEU K 537 15.59 14.56 -9.34
C LEU K 537 15.55 13.03 -9.30
N THR K 538 16.52 12.38 -9.93
CA THR K 538 16.48 10.93 -10.07
C THR K 538 16.33 10.22 -8.73
N VAL K 539 15.59 9.11 -8.72
CA VAL K 539 15.55 8.21 -7.58
C VAL K 539 16.82 7.39 -7.59
N LYS K 540 17.23 6.94 -6.42
CA LYS K 540 18.27 5.93 -6.37
C LYS K 540 17.70 4.59 -6.82
N ARG K 541 18.36 3.98 -7.81
CA ARG K 541 17.88 2.74 -8.42
C ARG K 541 17.73 1.63 -7.40
N SER K 542 18.34 1.79 -6.23
CA SER K 542 18.05 1.02 -5.03
C SER K 542 18.26 -0.48 -5.19
N LYS K 543 19.03 -0.93 -6.17
CA LYS K 543 19.49 -2.32 -6.23
C LYS K 543 18.37 -3.28 -6.59
N GLU K 544 17.13 -2.80 -6.66
CA GLU K 544 16.03 -3.70 -6.95
C GLU K 544 15.61 -3.63 -8.41
N GLN K 545 15.19 -2.45 -8.88
CA GLN K 545 14.66 -2.36 -10.24
C GLN K 545 15.79 -2.50 -11.27
N ARG K 546 17.04 -2.39 -10.83
CA ARG K 546 18.16 -2.65 -11.73
C ARG K 546 18.08 -4.06 -12.34
N PHE K 547 17.81 -5.10 -11.56
CA PHE K 547 17.95 -6.45 -12.14
C PHE K 547 17.07 -6.40 -13.34
N GLU K 548 15.93 -5.78 -13.11
CA GLU K 548 15.03 -5.61 -14.19
C GLU K 548 15.73 -4.76 -15.22
N ASP K 549 16.47 -3.72 -14.85
CA ASP K 549 17.24 -2.92 -15.82
C ASP K 549 18.35 -3.66 -16.62
N ASP K 550 19.10 -4.58 -16.00
CA ASP K 550 20.08 -5.36 -16.76
C ASP K 550 19.34 -6.26 -17.76
N LYS K 551 18.24 -6.83 -17.29
CA LYS K 551 17.53 -7.70 -18.19
C LYS K 551 17.02 -6.82 -19.30
N ALA K 552 16.75 -5.57 -19.00
CA ALA K 552 16.25 -4.62 -19.98
C ALA K 552 17.25 -4.27 -21.04
N PHE K 553 18.49 -4.06 -20.63
CA PHE K 553 19.45 -3.81 -21.66
C PHE K 553 19.45 -5.05 -22.48
N GLU K 554 19.36 -6.21 -21.87
CA GLU K 554 19.36 -7.35 -22.78
C GLU K 554 18.18 -7.64 -23.72
N SER K 555 16.98 -7.06 -23.54
CA SER K 555 15.89 -7.45 -24.43
C SER K 555 15.78 -6.49 -25.61
N ALA K 556 15.86 -5.18 -25.35
CA ALA K 556 15.81 -4.22 -26.45
C ALA K 556 17.04 -4.37 -27.34
N LEU K 557 18.12 -4.92 -26.79
CA LEU K 557 19.27 -5.23 -27.63
C LEU K 557 18.98 -6.40 -28.55
N ASN K 558 18.64 -7.57 -27.99
CA ASN K 558 18.42 -8.74 -28.82
C ASN K 558 17.23 -8.55 -29.75
N ALA K 559 16.18 -7.89 -29.28
CA ALA K 559 14.95 -7.81 -30.05
C ALA K 559 14.92 -6.56 -30.91
N SER K 560 16.13 -6.10 -31.29
CA SER K 560 16.20 -4.86 -32.03
C SER K 560 16.21 -5.04 -33.52
N LYS K 561 17.05 -5.93 -33.99
CA LYS K 561 17.09 -6.21 -35.41
C LYS K 561 17.34 -4.98 -36.24
N ALA K 562 18.23 -4.10 -35.80
CA ALA K 562 18.62 -2.96 -36.60
C ALA K 562 20.05 -3.33 -36.80
N PRO K 563 20.61 -3.21 -38.02
CA PRO K 563 21.90 -3.90 -38.09
C PRO K 563 22.83 -3.47 -36.97
N GLU K 564 23.05 -2.16 -36.80
CA GLU K 564 24.18 -1.71 -36.01
C GLU K 564 24.06 -2.19 -34.59
N ILE K 565 22.91 -2.05 -33.97
CA ILE K 565 22.73 -2.48 -32.59
C ILE K 565 22.93 -3.97 -32.40
N ALA K 566 22.43 -4.79 -33.30
CA ALA K 566 22.55 -6.24 -33.16
C ALA K 566 23.94 -6.80 -33.26
N ARG K 567 24.73 -6.30 -34.20
CA ARG K 567 26.08 -6.80 -34.41
C ARG K 567 27.00 -5.94 -33.61
N MET K 568 26.45 -5.05 -32.79
CA MET K 568 27.23 -4.11 -32.00
C MET K 568 28.70 -4.29 -32.00
N PRO K 569 29.40 -3.39 -32.67
CA PRO K 569 30.81 -3.71 -32.52
C PRO K 569 31.37 -3.55 -31.11
N ALA K 570 32.41 -4.28 -30.73
CA ALA K 570 32.67 -4.57 -29.32
C ALA K 570 33.00 -3.40 -28.35
N SER K 571 33.87 -2.52 -28.80
CA SER K 571 34.30 -1.42 -27.96
C SER K 571 33.11 -0.56 -27.71
N LEU K 572 32.41 -0.40 -28.80
CA LEU K 572 31.28 0.44 -28.77
C LEU K 572 30.18 -0.16 -27.90
N ARG K 573 30.07 -1.49 -27.84
CA ARG K 573 29.19 -2.18 -26.88
C ARG K 573 29.54 -1.89 -25.50
N GLU K 574 30.82 -1.92 -25.20
CA GLU K 574 31.15 -1.50 -23.86
C GLU K 574 30.76 -0.06 -23.57
N SER K 575 30.94 0.87 -24.51
CA SER K 575 30.36 2.16 -24.18
C SER K 575 28.82 2.14 -24.15
N ALA K 576 28.21 1.63 -25.22
CA ALA K 576 26.79 1.50 -25.43
C ALA K 576 26.03 1.28 -24.16
N ARG K 577 26.56 0.45 -23.28
CA ARG K 577 25.80 0.14 -22.10
C ARG K 577 25.60 1.43 -21.41
N LYS K 578 26.62 2.28 -21.34
CA LYS K 578 26.36 3.50 -20.58
C LYS K 578 25.19 4.37 -21.08
N ILE K 579 25.29 4.94 -22.26
CA ILE K 579 24.39 5.97 -22.81
C ILE K 579 22.94 5.57 -22.59
N TYR K 580 22.63 4.29 -22.82
CA TYR K 580 21.26 3.84 -22.66
C TYR K 580 20.79 4.06 -21.23
N ASP K 581 21.55 3.56 -20.26
CA ASP K 581 21.15 3.71 -18.87
C ASP K 581 21.07 5.17 -18.48
N SER K 582 21.92 6.02 -19.06
CA SER K 582 21.88 7.43 -18.70
C SER K 582 20.61 8.08 -19.19
N VAL K 583 20.33 7.98 -20.49
CA VAL K 583 19.24 8.72 -21.09
C VAL K 583 17.89 8.31 -20.53
N LYS K 584 17.79 7.09 -20.02
CA LYS K 584 16.51 6.56 -19.56
C LYS K 584 16.02 7.31 -18.32
N TYR K 585 16.94 7.66 -17.44
CA TYR K 585 16.60 8.36 -16.20
C TYR K 585 16.06 9.75 -16.46
N ARG K 586 16.21 10.27 -17.67
CA ARG K 586 15.61 11.54 -18.05
C ARG K 586 14.16 11.29 -18.38
N SER K 587 13.53 12.23 -19.10
CA SER K 587 12.10 12.18 -19.37
C SER K 587 11.71 10.89 -20.09
N GLY K 588 10.40 10.74 -20.31
CA GLY K 588 9.83 9.48 -20.78
C GLY K 588 10.68 8.76 -21.81
N ASN K 589 10.91 7.49 -21.53
CA ASN K 589 12.07 6.80 -22.04
C ASN K 589 11.68 5.51 -22.74
N GLU K 590 12.71 4.69 -23.00
CA GLU K 590 12.60 3.36 -23.59
C GLU K 590 12.18 3.42 -25.05
N SER K 591 11.89 4.64 -25.52
CA SER K 591 11.98 4.91 -26.95
C SER K 591 13.02 6.00 -27.18
N MET K 592 12.87 7.11 -26.45
CA MET K 592 13.89 8.15 -26.39
C MET K 592 15.25 7.55 -26.06
N ALA K 593 15.27 6.52 -25.22
CA ALA K 593 16.54 5.86 -24.89
C ALA K 593 17.10 5.12 -26.09
N MET K 594 16.32 4.23 -26.68
CA MET K 594 16.76 3.59 -27.92
C MET K 594 17.06 4.65 -28.97
N GLU K 595 16.29 5.72 -28.99
CA GLU K 595 16.51 6.76 -30.00
C GLU K 595 17.93 7.33 -29.87
N GLN K 596 18.30 7.76 -28.66
CA GLN K 596 19.63 8.32 -28.48
C GLN K 596 20.72 7.28 -28.71
N MET K 597 20.51 6.05 -28.22
CA MET K 597 21.56 5.03 -28.38
C MET K 597 21.79 4.73 -29.85
N THR K 598 20.73 4.65 -30.63
CA THR K 598 20.87 4.36 -32.05
C THR K 598 21.49 5.52 -32.79
N LYS K 599 21.12 6.74 -32.44
CA LYS K 599 21.73 7.87 -33.13
C LYS K 599 23.20 7.99 -32.78
N PHE K 600 23.57 7.59 -31.56
CA PHE K 600 24.97 7.60 -31.20
C PHE K 600 25.75 6.54 -31.97
N LEU K 601 25.24 5.31 -32.00
CA LEU K 601 25.95 4.26 -32.73
C LEU K 601 26.00 4.58 -34.21
N LYS K 602 25.05 5.35 -34.73
CA LYS K 602 25.15 5.82 -36.09
C LYS K 602 26.26 6.85 -36.23
N GLU K 603 26.38 7.76 -35.25
CA GLU K 603 27.45 8.74 -35.29
C GLU K 603 28.82 8.09 -35.08
N SER K 604 28.90 6.78 -34.82
CA SER K 604 30.22 6.18 -34.46
C SER K 604 30.67 4.86 -35.06
N THR K 605 29.90 4.25 -35.98
CA THR K 605 30.30 3.06 -36.76
C THR K 605 29.69 2.90 -38.13
N TYR K 606 30.51 2.74 -39.18
CA TYR K 606 29.99 2.51 -40.52
C TYR K 606 29.42 1.15 -40.59
N THR K 607 28.36 0.96 -41.36
CA THR K 607 27.84 -0.36 -41.60
C THR K 607 28.21 -0.70 -42.99
N PHE K 608 28.92 -1.78 -43.20
CA PHE K 608 29.44 -2.07 -44.51
C PHE K 608 28.42 -2.93 -45.17
N THR K 609 27.84 -2.43 -46.25
CA THR K 609 26.73 -3.11 -46.84
C THR K 609 27.28 -3.88 -48.00
N GLY K 610 26.53 -4.90 -48.40
CA GLY K 610 26.99 -5.78 -49.44
C GLY K 610 26.55 -5.28 -50.81
N ASP K 611 27.28 -5.72 -51.84
CA ASP K 611 26.94 -5.30 -53.20
C ASP K 611 25.62 -5.90 -53.66
N ASP K 612 25.19 -6.99 -53.02
CA ASP K 612 23.94 -7.63 -53.40
C ASP K 612 22.75 -6.75 -53.06
N VAL K 613 21.65 -6.95 -53.78
CA VAL K 613 20.53 -6.03 -53.79
C VAL K 613 19.60 -6.25 -52.60
N ASP K 614 20.00 -7.12 -51.66
CA ASP K 614 19.10 -7.42 -50.53
C ASP K 614 18.80 -6.17 -49.70
N GLY K 615 19.83 -5.44 -49.23
CA GLY K 615 21.24 -5.79 -49.21
C GLY K 615 21.70 -6.01 -47.79
N ASP K 616 21.93 -7.28 -47.43
CA ASP K 616 22.24 -7.62 -46.05
C ASP K 616 23.61 -7.11 -45.66
N THR K 617 23.73 -6.70 -44.41
CA THR K 617 24.99 -6.14 -43.91
C THR K 617 26.02 -7.24 -43.68
N VAL K 618 27.27 -6.92 -43.95
CA VAL K 618 28.32 -7.88 -43.75
C VAL K 618 29.19 -7.47 -42.56
N GLY K 619 29.14 -6.22 -42.15
CA GLY K 619 29.88 -5.81 -40.97
C GLY K 619 29.61 -4.49 -40.31
N VAL K 620 30.07 -4.32 -39.10
CA VAL K 620 29.96 -3.04 -38.43
C VAL K 620 31.36 -2.83 -37.90
N ILE K 621 32.14 -1.95 -38.48
CA ILE K 621 33.52 -1.74 -38.16
C ILE K 621 33.58 -0.31 -37.70
N PRO K 622 34.25 -0.01 -36.58
CA PRO K 622 34.02 1.24 -35.86
C PRO K 622 34.54 2.55 -36.49
N LYS K 623 33.78 3.66 -36.60
CA LYS K 623 34.30 4.72 -37.46
C LYS K 623 35.60 5.32 -36.94
N ASN K 624 36.04 4.94 -35.74
CA ASN K 624 37.25 5.50 -35.18
C ASN K 624 38.48 4.74 -35.66
N MET K 625 38.37 3.43 -35.76
CA MET K 625 39.52 2.62 -36.15
C MET K 625 39.76 2.37 -37.64
N MET K 626 39.06 3.03 -38.53
CA MET K 626 39.35 2.86 -39.94
C MET K 626 40.12 4.03 -40.36
N GLN K 627 40.42 4.90 -39.40
CA GLN K 627 41.10 6.13 -39.72
C GLN K 627 42.48 6.03 -40.23
N VAL K 628 42.68 6.43 -41.47
CA VAL K 628 44.04 6.50 -41.92
C VAL K 628 44.54 7.77 -41.25
N ASN K 629 45.84 7.90 -40.98
CA ASN K 629 46.39 9.13 -40.40
C ASN K 629 45.72 9.62 -39.11
N SER K 630 45.46 10.91 -38.97
CA SER K 630 44.92 11.41 -37.70
C SER K 630 43.62 12.23 -37.64
N ASP K 631 42.91 12.41 -38.75
CA ASP K 631 41.70 13.25 -38.77
C ASP K 631 40.56 12.39 -39.28
N PRO K 632 39.26 12.74 -39.06
CA PRO K 632 38.20 11.80 -39.51
C PRO K 632 37.81 11.85 -41.00
N LYS K 633 38.33 12.86 -41.64
CA LYS K 633 38.11 12.94 -43.06
C LYS K 633 38.86 11.74 -43.53
N SER K 634 39.91 11.39 -42.82
CA SER K 634 40.69 10.24 -43.15
C SER K 634 39.97 8.93 -42.99
N TRP K 635 39.15 8.81 -41.97
CA TRP K 635 38.33 7.63 -41.80
C TRP K 635 37.60 7.54 -43.07
N GLU K 636 37.05 8.65 -43.50
CA GLU K 636 36.32 8.44 -44.74
C GLU K 636 37.19 7.89 -45.83
N GLN K 637 38.40 8.39 -45.99
CA GLN K 637 39.25 8.01 -47.12
C GLN K 637 39.58 6.57 -47.01
N GLY K 638 39.82 6.12 -45.79
CA GLY K 638 40.08 4.72 -45.56
C GLY K 638 38.95 3.79 -45.87
N ARG K 639 37.74 4.17 -45.53
CA ARG K 639 36.66 3.30 -45.99
C ARG K 639 36.91 2.97 -47.44
N ASP K 640 37.27 3.93 -48.29
CA ASP K 640 37.66 3.59 -49.68
C ASP K 640 38.81 2.57 -49.94
N ILE K 641 39.59 2.16 -48.95
CA ILE K 641 40.57 1.07 -48.96
C ILE K 641 39.90 -0.24 -48.58
N LEU K 642 39.07 -0.20 -47.55
CA LEU K 642 38.46 -1.42 -47.03
C LEU K 642 37.45 -1.99 -48.02
N GLU K 643 36.70 -1.12 -48.70
CA GLU K 643 35.76 -1.58 -49.70
C GLU K 643 36.49 -2.19 -50.90
N GLU K 644 37.54 -1.53 -51.38
CA GLU K 644 38.33 -2.12 -52.45
C GLU K 644 38.88 -3.48 -52.02
N ALA K 645 39.26 -3.61 -50.76
CA ALA K 645 39.77 -4.90 -50.28
C ALA K 645 38.67 -5.96 -50.26
N ARG K 646 37.49 -5.61 -49.73
CA ARG K 646 36.41 -6.59 -49.63
C ARG K 646 35.92 -7.00 -51.01
N LYS K 647 35.95 -6.09 -51.97
CA LYS K 647 35.63 -6.44 -53.36
C LYS K 647 36.59 -7.34 -54.12
N GLY K 648 37.88 -7.09 -53.94
CA GLY K 648 38.85 -7.87 -54.68
C GLY K 648 38.66 -9.29 -54.25
N ILE K 649 38.45 -9.53 -52.97
CA ILE K 649 38.27 -10.89 -52.48
C ILE K 649 37.08 -11.55 -53.17
N ILE K 650 35.93 -10.91 -53.18
CA ILE K 650 34.75 -11.57 -53.71
C ILE K 650 34.89 -11.98 -55.14
N ALA K 651 35.37 -11.11 -56.00
CA ALA K 651 35.60 -11.52 -57.37
C ALA K 651 36.77 -12.48 -57.51
N SER K 652 37.85 -12.26 -56.77
CA SER K 652 39.06 -13.08 -56.96
C SER K 652 38.84 -14.53 -56.66
N ASN K 653 38.22 -14.80 -55.54
CA ASN K 653 37.94 -16.17 -55.25
C ASN K 653 36.52 -16.32 -55.65
N PRO K 654 36.28 -16.85 -56.85
CA PRO K 654 34.90 -16.91 -57.33
C PRO K 654 34.14 -17.80 -56.38
N TRP K 655 32.84 -17.61 -56.20
CA TRP K 655 31.96 -18.40 -55.31
C TRP K 655 31.84 -17.83 -53.91
N ILE K 656 32.65 -16.85 -53.58
CA ILE K 656 32.47 -16.24 -52.29
C ILE K 656 31.48 -15.13 -52.51
N THR K 657 30.21 -15.47 -52.58
CA THR K 657 29.17 -14.47 -52.85
C THR K 657 29.07 -13.59 -51.66
N ASN K 658 28.67 -12.34 -51.86
CA ASN K 658 28.68 -11.38 -50.77
C ASN K 658 28.00 -11.91 -49.54
N LYS K 659 26.97 -12.71 -49.71
CA LYS K 659 26.23 -13.16 -48.56
C LYS K 659 27.19 -13.89 -47.66
N GLN K 660 28.09 -14.65 -48.22
CA GLN K 660 29.08 -15.38 -47.43
C GLN K 660 30.10 -14.56 -46.60
N LEU K 661 30.63 -13.47 -47.10
CA LEU K 661 31.65 -12.71 -46.39
C LEU K 661 31.25 -11.97 -45.11
N THR K 662 32.04 -12.01 -44.04
CA THR K 662 31.81 -11.20 -42.85
C THR K 662 33.03 -10.33 -42.55
N MET K 663 32.83 -9.07 -42.14
CA MET K 663 33.93 -8.32 -41.55
C MET K 663 33.75 -8.13 -40.06
N TYR K 664 34.72 -8.58 -39.29
CA TYR K 664 34.59 -8.75 -37.87
C TYR K 664 35.75 -7.95 -37.33
N SER K 665 35.51 -7.09 -36.36
CA SER K 665 36.59 -6.41 -35.68
C SER K 665 37.11 -7.22 -34.52
N GLN K 666 37.98 -6.61 -33.71
CA GLN K 666 38.41 -7.11 -32.42
C GLN K 666 38.78 -5.89 -31.58
N GLY K 667 39.52 -6.07 -30.49
CA GLY K 667 40.00 -4.91 -29.75
C GLY K 667 40.52 -3.82 -30.66
N ASP K 668 41.60 -4.10 -31.38
CA ASP K 668 42.09 -3.18 -32.40
C ASP K 668 42.57 -3.97 -33.62
N SER K 669 41.66 -4.30 -34.52
CA SER K 669 42.01 -4.96 -35.78
C SER K 669 40.76 -5.05 -36.64
N ILE K 670 40.88 -4.74 -37.93
CA ILE K 670 39.75 -4.95 -38.81
C ILE K 670 40.11 -6.13 -39.62
N TYR K 671 39.34 -7.19 -39.47
CA TYR K 671 39.64 -8.56 -39.88
C TYR K 671 38.65 -8.95 -40.94
N LEU K 672 38.94 -9.74 -41.95
CA LEU K 672 37.86 -9.98 -42.96
C LEU K 672 37.71 -11.41 -43.45
N MET K 673 36.59 -12.10 -43.15
CA MET K 673 36.48 -13.53 -43.49
C MET K 673 35.39 -13.99 -44.38
N ASP K 674 35.69 -14.89 -45.31
CA ASP K 674 34.63 -15.52 -46.09
C ASP K 674 34.16 -16.55 -45.09
N THR K 675 32.95 -17.06 -45.18
CA THR K 675 32.50 -17.95 -44.11
C THR K 675 33.30 -19.21 -43.99
N THR K 676 33.64 -19.85 -45.10
CA THR K 676 34.49 -21.00 -44.94
C THR K 676 35.70 -20.34 -44.40
N GLY K 677 36.39 -20.96 -43.48
CA GLY K 677 37.49 -20.29 -42.83
C GLY K 677 38.67 -19.95 -43.71
N GLN K 678 38.69 -20.42 -44.94
CA GLN K 678 39.86 -20.25 -45.79
C GLN K 678 40.35 -18.85 -46.08
N VAL K 679 39.49 -17.90 -46.37
CA VAL K 679 40.02 -16.62 -46.85
C VAL K 679 39.69 -15.47 -45.92
N ARG K 680 40.73 -14.80 -45.45
CA ARG K 680 40.63 -14.03 -44.23
C ARG K 680 41.76 -13.05 -44.12
N VAL K 681 41.52 -11.79 -44.49
CA VAL K 681 42.59 -10.84 -44.57
C VAL K 681 42.51 -9.90 -43.40
N ARG K 682 43.62 -9.67 -42.71
CA ARG K 682 43.60 -8.76 -41.58
C ARG K 682 43.69 -7.38 -42.16
N TYR K 683 43.26 -6.35 -41.44
CA TYR K 683 43.51 -4.97 -41.82
C TYR K 683 43.60 -4.14 -40.52
N ASP K 684 44.69 -3.45 -40.31
CA ASP K 684 45.14 -2.94 -39.04
C ASP K 684 45.46 -1.46 -39.15
N LYS K 685 45.28 -0.76 -38.02
CA LYS K 685 45.54 0.68 -37.97
C LYS K 685 46.92 1.03 -38.52
N GLU K 686 47.96 0.36 -38.02
CA GLU K 686 49.32 0.72 -38.41
C GLU K 686 49.52 0.59 -39.92
N LEU K 687 49.25 -0.59 -40.47
CA LEU K 687 49.58 -0.83 -41.87
C LEU K 687 48.64 -0.10 -42.82
N LEU K 688 47.33 -0.17 -42.57
CA LEU K 688 46.41 0.61 -43.38
C LEU K 688 46.81 2.07 -43.40
N SER K 689 47.05 2.64 -42.22
CA SER K 689 47.48 4.03 -42.10
C SER K 689 48.71 4.29 -42.94
N LYS K 690 49.78 3.53 -42.74
CA LYS K 690 51.07 3.93 -43.27
C LYS K 690 51.15 3.63 -44.77
N VAL K 691 50.53 2.55 -45.21
CA VAL K 691 50.41 2.28 -46.63
C VAL K 691 49.66 3.41 -47.31
N TRP K 692 48.51 3.80 -46.75
CA TRP K 692 47.78 4.92 -47.36
C TRP K 692 48.62 6.17 -47.35
N SER K 693 49.42 6.37 -46.30
CA SER K 693 50.26 7.56 -46.21
C SER K 693 51.23 7.62 -47.38
N GLU K 694 51.98 6.53 -47.62
CA GLU K 694 52.95 6.57 -48.71
C GLU K 694 52.25 6.67 -50.06
N ASN K 695 51.14 5.95 -50.21
CA ASN K 695 50.42 5.93 -51.48
C ASN K 695 49.89 7.32 -51.81
N GLN K 696 49.15 7.93 -50.90
CA GLN K 696 48.75 9.32 -51.06
C GLN K 696 49.95 10.21 -51.33
N LYS K 697 51.08 9.93 -50.68
CA LYS K 697 52.25 10.78 -50.85
C LYS K 697 52.71 10.81 -52.31
N LYS K 698 52.98 9.66 -52.90
CA LYS K 698 53.58 9.72 -54.23
C LYS K 698 52.52 9.90 -55.31
N LEU K 699 51.26 9.56 -55.02
CA LEU K 699 50.21 9.98 -55.95
C LEU K 699 50.06 11.51 -55.95
N GLU K 700 50.17 12.14 -54.78
CA GLU K 700 50.15 13.60 -54.71
C GLU K 700 51.38 14.19 -55.38
N GLU K 701 52.49 13.46 -55.35
CA GLU K 701 53.67 13.81 -56.14
C GLU K 701 53.35 13.88 -57.62
N LYS K 702 52.76 12.81 -58.16
CA LYS K 702 52.34 12.84 -59.56
C LYS K 702 51.44 14.03 -59.84
N ALA K 703 50.53 14.30 -58.90
CA ALA K 703 49.64 15.44 -59.04
C ALA K 703 50.42 16.75 -59.16
N ARG K 704 51.36 16.98 -58.24
CA ARG K 704 52.18 18.20 -58.35
C ARG K 704 52.88 18.25 -59.68
N GLU K 705 53.38 17.09 -60.14
CA GLU K 705 54.20 17.07 -61.34
C GLU K 705 53.42 17.60 -62.52
N LYS K 706 52.26 17.01 -62.80
CA LYS K 706 51.58 17.49 -64.01
C LYS K 706 50.78 18.76 -63.72
N ALA K 707 50.59 19.12 -62.46
CA ALA K 707 49.95 20.40 -62.16
C ALA K 707 50.88 21.55 -62.45
N LEU K 708 52.14 21.42 -62.05
CA LEU K 708 53.16 22.42 -62.37
C LEU K 708 53.64 22.31 -63.82
N ALA K 709 53.38 21.18 -64.48
CA ALA K 709 53.70 21.07 -65.89
C ALA K 709 52.98 22.12 -66.72
N ASP K 710 51.78 22.54 -66.26
CA ASP K 710 51.07 23.61 -66.94
C ASP K 710 51.85 24.92 -66.88
N VAL K 711 52.57 25.14 -65.79
CA VAL K 711 53.37 26.34 -65.63
C VAL K 711 54.85 26.03 -65.84
N ASP L 65 24.86 79.90 50.91
CA ASP L 65 25.32 81.11 50.24
C ASP L 65 26.11 82.01 51.18
N LEU L 66 25.90 83.33 51.07
CA LEU L 66 26.60 84.28 51.92
C LEU L 66 26.24 84.08 53.38
N ALA L 67 25.02 83.61 53.66
CA ALA L 67 24.59 83.45 55.04
C ALA L 67 25.33 82.31 55.73
N ASP L 68 25.71 81.27 54.97
CA ASP L 68 26.34 80.10 55.58
C ASP L 68 27.74 80.42 56.09
N GLU L 69 28.24 81.63 55.83
CA GLU L 69 29.50 82.05 56.43
C GLU L 69 29.45 82.00 57.94
N ARG L 70 28.24 82.11 58.52
CA ARG L 70 28.07 81.88 59.96
C ARG L 70 28.77 80.61 60.40
N SER L 71 28.23 79.46 60.00
CA SER L 71 28.74 78.20 60.47
C SER L 71 30.09 77.89 59.86
N ASN L 72 30.38 78.47 58.68
CA ASN L 72 31.72 78.32 58.13
C ASN L 72 32.76 78.87 59.09
N GLU L 73 32.58 80.10 59.56
CA GLU L 73 33.51 80.69 60.50
C GLU L 73 33.48 79.95 61.83
N ILE L 74 32.28 79.56 62.29
CA ILE L 74 32.19 78.86 63.56
C ILE L 74 32.98 77.54 63.51
N ILE L 75 32.97 76.87 62.36
CA ILE L 75 33.63 75.57 62.26
C ILE L 75 35.11 75.73 61.98
N ARG L 76 35.51 76.88 61.43
CA ARG L 76 36.93 77.07 61.24
C ARG L 76 37.50 76.85 62.62
N LYS L 77 36.75 77.25 63.63
CA LYS L 77 37.22 77.15 65.00
C LYS L 77 37.41 75.75 65.49
N LEU L 78 36.54 74.83 65.11
CA LEU L 78 36.62 73.50 65.67
C LEU L 78 37.98 72.94 65.39
N THR L 79 38.57 72.31 66.40
CA THR L 79 39.92 71.76 66.25
C THR L 79 40.00 70.65 65.22
N PRO L 80 41.02 70.68 64.37
CA PRO L 80 41.11 69.68 63.30
C PRO L 80 41.22 68.29 63.89
N GLU L 81 41.97 68.14 64.98
CA GLU L 81 42.15 66.86 65.60
C GLU L 81 40.81 66.21 65.86
N GLN L 82 39.91 66.87 66.57
CA GLN L 82 38.65 66.20 66.85
C GLN L 82 37.59 66.46 65.78
N ARG L 83 37.87 67.15 64.68
CA ARG L 83 36.83 67.28 63.61
C ARG L 83 36.34 65.95 63.00
N ARG L 84 37.25 65.02 62.79
CA ARG L 84 36.90 63.77 62.10
C ARG L 84 35.83 62.84 62.71
N GLU L 85 35.86 62.64 64.02
CA GLU L 85 34.83 61.82 64.68
C GLU L 85 33.47 62.47 64.55
N ALA L 86 33.51 63.78 64.66
CA ALA L 86 32.27 64.51 64.56
C ALA L 86 31.76 64.24 63.18
N LEU L 87 32.63 64.31 62.18
CA LEU L 87 32.22 64.10 60.81
C LEU L 87 31.65 62.71 60.60
N ASN L 88 32.28 61.71 61.21
CA ASN L 88 31.76 60.33 61.12
C ASN L 88 30.39 60.11 61.71
N ASN L 89 30.06 60.73 62.85
CA ASN L 89 28.67 60.46 63.31
C ASN L 89 27.60 61.34 62.68
N GLY L 90 27.11 62.36 63.37
CA GLY L 90 26.14 63.18 62.69
C GLY L 90 26.20 64.63 63.04
N THR L 91 27.20 64.99 63.83
CA THR L 91 27.24 66.36 64.28
C THR L 91 27.39 67.40 63.18
N LEU L 92 28.24 67.17 62.18
CA LEU L 92 28.47 68.23 61.20
C LEU L 92 27.91 68.19 59.79
N LEU L 93 28.09 67.08 59.07
CA LEU L 93 27.67 66.94 57.66
C LEU L 93 28.77 67.49 56.75
N TYR L 94 28.98 66.86 55.60
CA TYR L 94 30.05 67.28 54.72
C TYR L 94 29.85 68.63 54.09
N GLN L 95 28.63 68.96 53.69
CA GLN L 95 28.40 70.22 52.98
C GLN L 95 29.04 71.40 53.66
N ASP L 96 28.95 71.48 54.98
CA ASP L 96 29.68 72.52 55.69
C ASP L 96 30.91 71.96 56.40
N ASP L 97 31.97 71.73 55.64
CA ASP L 97 33.32 71.81 56.17
C ASP L 97 34.13 72.56 55.14
N PRO L 98 34.61 73.75 55.43
CA PRO L 98 35.31 74.54 54.41
C PRO L 98 36.57 73.84 53.93
N TYR L 99 37.32 73.28 54.88
CA TYR L 99 38.57 72.62 54.53
C TYR L 99 38.33 71.41 53.64
N ALA L 100 37.33 70.58 53.99
CA ALA L 100 37.01 69.43 53.17
C ALA L 100 36.52 69.86 51.79
N MET L 101 35.68 70.90 51.75
CA MET L 101 35.14 71.35 50.47
C MET L 101 36.22 71.94 49.59
N GLU L 102 37.22 72.58 50.21
CA GLU L 102 38.39 73.06 49.49
C GLU L 102 39.09 71.93 48.75
N ALA L 103 39.53 70.93 49.50
CA ALA L 103 40.29 69.90 48.85
C ALA L 103 39.35 69.33 47.82
N LEU L 104 38.06 69.18 48.13
CA LEU L 104 37.22 68.45 47.20
C LEU L 104 37.16 69.18 45.89
N ARG L 105 36.93 70.48 45.94
CA ARG L 105 36.72 71.19 44.70
C ARG L 105 37.98 71.14 43.89
N VAL L 106 39.12 71.28 44.55
CA VAL L 106 40.38 71.27 43.85
C VAL L 106 40.66 69.94 43.18
N LYS L 107 40.39 68.86 43.88
CA LYS L 107 40.59 67.55 43.31
C LYS L 107 39.65 67.35 42.13
N THR L 108 38.43 67.85 42.25
CA THR L 108 37.43 67.64 41.23
C THR L 108 37.94 68.31 40.02
N GLY L 109 38.49 69.48 40.24
CA GLY L 109 39.09 70.22 39.16
C GLY L 109 40.28 69.58 38.49
N ARG L 110 41.20 68.99 39.25
CA ARG L 110 42.31 68.34 38.60
C ARG L 110 41.74 67.23 37.80
N ASN L 111 40.76 66.53 38.33
CA ASN L 111 40.32 65.33 37.65
C ASN L 111 39.80 65.81 36.35
N ALA L 112 39.05 66.89 36.40
CA ALA L 112 38.33 67.32 35.22
C ALA L 112 39.31 67.71 34.20
N ALA L 113 40.31 68.43 34.63
CA ALA L 113 41.19 69.01 33.67
C ALA L 113 41.80 67.85 33.00
N TYR L 114 42.50 67.04 33.80
CA TYR L 114 43.20 65.91 33.26
C TYR L 114 42.27 65.20 32.37
N LEU L 115 41.28 64.52 32.89
CA LEU L 115 40.51 63.67 32.01
C LEU L 115 40.06 64.33 30.77
N VAL L 116 39.25 65.36 30.87
CA VAL L 116 38.73 65.82 29.62
C VAL L 116 39.75 66.31 28.70
N ASP L 117 40.58 67.22 29.19
CA ASP L 117 41.43 67.84 28.23
C ASP L 117 42.33 66.84 27.65
N ASP L 118 42.92 66.05 28.50
CA ASP L 118 43.90 65.21 27.95
C ASP L 118 43.42 64.11 27.09
N ASP L 119 42.34 63.47 27.46
CA ASP L 119 41.98 62.34 26.64
C ASP L 119 41.63 62.92 25.35
N VAL L 120 40.90 64.00 25.43
CA VAL L 120 40.43 64.47 24.17
C VAL L 120 41.60 64.83 23.28
N MET L 121 42.56 65.57 23.79
CA MET L 121 43.60 65.96 22.89
C MET L 121 44.49 64.84 22.44
N GLN L 122 44.85 63.94 23.34
CA GLN L 122 45.80 62.91 23.01
C GLN L 122 45.24 62.01 21.97
N LYS L 123 44.07 61.46 22.22
CA LYS L 123 43.58 60.53 21.21
C LYS L 123 43.52 61.23 19.87
N ILE L 124 43.03 62.44 19.85
CA ILE L 124 43.00 63.13 18.60
C ILE L 124 44.42 63.38 18.10
N LYS L 125 45.33 63.80 18.97
CA LYS L 125 46.68 64.13 18.55
C LYS L 125 47.30 62.91 17.96
N GLU L 126 47.02 61.75 18.54
CA GLU L 126 47.64 60.53 18.08
C GLU L 126 47.37 60.15 16.63
N GLY L 127 46.17 60.39 16.13
CA GLY L 127 45.88 59.94 14.77
C GLY L 127 45.04 60.77 13.84
N VAL L 128 44.68 61.97 14.24
CA VAL L 128 43.83 62.88 13.45
C VAL L 128 43.95 64.34 13.76
N PHE L 129 45.09 64.94 13.49
CA PHE L 129 45.21 66.37 13.71
C PHE L 129 46.17 67.00 12.74
N ARG L 130 46.54 68.25 13.01
CA ARG L 130 47.44 68.95 12.10
C ARG L 130 48.49 69.77 12.77
N THR L 131 48.53 71.04 12.48
CA THR L 131 49.57 71.87 13.02
C THR L 131 49.35 72.27 14.43
N ARG L 132 50.37 72.89 15.03
CA ARG L 132 50.26 73.34 16.41
C ARG L 132 49.14 74.35 16.53
N GLU L 133 48.96 75.19 15.51
CA GLU L 133 47.89 76.19 15.52
C GLU L 133 46.50 75.58 15.59
N GLU L 134 46.29 74.46 14.93
CA GLU L 134 45.00 73.80 15.02
C GLU L 134 44.68 73.20 16.38
N MET L 135 45.44 72.22 16.81
CA MET L 135 45.22 71.52 18.06
C MET L 135 45.03 72.56 19.14
N GLU L 136 45.77 73.65 19.01
CA GLU L 136 45.72 74.64 20.06
C GLU L 136 44.29 75.12 20.16
N GLU L 137 43.68 75.48 19.03
CA GLU L 137 42.32 76.01 19.13
C GLU L 137 41.43 74.95 19.68
N TYR L 138 41.59 73.74 19.20
CA TYR L 138 40.61 72.73 19.53
C TYR L 138 40.59 72.56 21.02
N ARG L 139 41.73 72.54 21.70
CA ARG L 139 41.69 72.26 23.15
C ARG L 139 41.06 73.32 24.09
N HIS L 140 41.40 74.59 23.92
CA HIS L 140 40.90 75.53 24.88
C HIS L 140 39.38 75.51 24.89
N SER L 141 38.76 75.44 23.72
CA SER L 141 37.31 75.38 23.68
C SER L 141 36.82 74.14 24.41
N ARG L 142 37.49 73.02 24.15
CA ARG L 142 37.09 71.80 24.82
C ARG L 142 37.28 72.02 26.27
N LEU L 143 38.31 72.78 26.63
CA LEU L 143 38.60 72.95 28.02
C LEU L 143 37.39 73.56 28.67
N GLN L 144 36.87 74.64 28.10
CA GLN L 144 35.77 75.32 28.77
C GLN L 144 34.59 74.39 28.87
N GLU L 145 34.29 73.65 27.82
CA GLU L 145 33.08 72.86 27.85
C GLU L 145 33.11 71.88 28.98
N GLY L 146 34.25 71.24 29.11
CA GLY L 146 34.33 70.14 30.02
C GLY L 146 34.03 70.65 31.40
N ALA L 147 34.52 71.84 31.72
CA ALA L 147 34.37 72.31 33.07
C ALA L 147 32.92 72.41 33.35
N LYS L 148 32.17 72.99 32.43
CA LYS L 148 30.78 73.23 32.73
C LYS L 148 30.08 71.90 32.94
N VAL L 149 30.30 70.96 32.04
CA VAL L 149 29.56 69.71 32.18
C VAL L 149 29.91 68.96 33.45
N TYR L 150 31.20 68.84 33.72
CA TYR L 150 31.62 68.00 34.82
C TYR L 150 31.21 68.68 36.13
N ALA L 151 31.19 70.00 36.05
CA ALA L 151 30.91 70.80 37.20
C ALA L 151 29.51 70.49 37.59
N GLU L 152 28.61 70.50 36.61
CA GLU L 152 27.24 70.21 36.95
C GLU L 152 27.17 68.79 37.50
N GLN L 153 27.95 67.91 36.89
CA GLN L 153 27.91 66.51 37.24
C GLN L 153 28.24 66.27 38.69
N PHE L 154 29.16 67.01 39.26
CA PHE L 154 29.28 66.99 40.72
C PHE L 154 28.50 68.15 41.36
N GLY L 155 28.30 68.18 42.66
CA GLY L 155 27.68 69.38 43.21
C GLY L 155 28.00 70.60 42.36
N ILE L 156 27.04 71.53 42.31
CA ILE L 156 27.19 72.67 41.41
C ILE L 156 28.10 73.69 42.05
N ASP L 157 29.40 73.51 41.81
CA ASP L 157 30.43 74.37 42.35
C ASP L 157 30.71 75.61 41.50
N PRO L 158 30.92 75.49 40.18
CA PRO L 158 31.26 76.69 39.40
C PRO L 158 30.10 77.67 39.35
N GLU L 159 30.43 78.96 39.27
CA GLU L 159 31.80 79.43 39.09
C GLU L 159 32.43 80.02 40.35
N ASP L 160 33.01 79.15 41.17
CA ASP L 160 33.72 79.61 42.34
C ASP L 160 35.23 79.63 42.08
N VAL L 161 35.94 80.41 42.91
CA VAL L 161 37.37 80.63 42.68
C VAL L 161 38.16 79.38 43.06
N ASP L 162 37.61 78.54 43.92
CA ASP L 162 38.33 77.34 44.33
C ASP L 162 38.36 76.30 43.22
N TYR L 163 37.33 76.31 42.36
CA TYR L 163 37.35 75.38 41.23
C TYR L 163 38.33 75.85 40.17
N GLN L 164 38.66 77.14 40.15
CA GLN L 164 39.71 77.62 39.26
C GLN L 164 41.04 76.97 39.61
N ARG L 165 41.43 77.04 40.88
CA ARG L 165 42.73 76.53 41.31
C ARG L 165 42.84 75.04 41.07
N GLY L 166 41.74 74.31 41.20
CA GLY L 166 41.75 72.89 40.93
C GLY L 166 41.78 72.58 39.46
N PHE L 167 40.86 73.19 38.70
CA PHE L 167 40.77 72.91 37.28
C PHE L 167 41.99 73.42 36.53
N ASN L 168 42.23 74.72 36.56
CA ASN L 168 43.50 75.24 36.08
C ASN L 168 44.59 74.61 36.93
N GLY L 169 45.52 73.94 36.28
CA GLY L 169 46.46 73.08 36.98
C GLY L 169 47.51 73.85 37.78
N ASP L 170 48.69 73.25 37.95
CA ASP L 170 49.21 72.02 37.32
C ASP L 170 49.07 72.07 35.80
N ILE L 171 49.24 73.27 35.26
CA ILE L 171 48.97 73.55 33.86
C ILE L 171 50.22 73.45 32.99
N THR L 172 51.37 73.89 33.49
CA THR L 172 52.60 73.78 32.73
C THR L 172 52.91 72.33 32.39
N GLU L 173 52.67 71.42 33.34
CA GLU L 173 52.97 70.01 33.11
C GLU L 173 52.07 69.45 32.01
N ARG L 174 50.77 69.76 32.06
CA ARG L 174 49.86 69.30 31.03
C ARG L 174 50.22 69.87 29.67
N ASN L 175 50.51 71.17 29.61
CA ASN L 175 50.85 71.76 28.32
C ASN L 175 52.12 71.16 27.76
N ILE L 176 53.14 70.94 28.60
CA ILE L 176 54.39 70.44 28.06
C ILE L 176 54.23 69.00 27.61
N SER L 177 53.41 68.21 28.31
CA SER L 177 53.14 66.86 27.85
C SER L 177 52.40 66.87 26.52
N LEU L 178 51.40 67.73 26.38
CA LEU L 178 50.64 67.78 25.14
C LEU L 178 51.53 68.19 23.97
N TYR L 179 52.31 69.25 24.14
CA TYR L 179 53.13 69.72 23.04
C TYR L 179 54.26 68.74 22.73
N GLY L 180 54.72 67.98 23.73
CA GLY L 180 55.66 66.91 23.45
C GLY L 180 55.04 65.79 22.64
N ALA L 181 53.78 65.45 22.95
CA ALA L 181 53.07 64.48 22.13
C ALA L 181 52.91 64.98 20.71
N HIS L 182 52.67 66.28 20.55
CA HIS L 182 52.54 66.83 19.21
C HIS L 182 53.87 66.79 18.48
N ASP L 183 54.98 67.07 19.19
CA ASP L 183 56.31 66.86 18.63
C ASP L 183 56.50 65.43 18.17
N ASN L 184 56.10 64.46 18.99
CA ASN L 184 56.25 63.07 18.60
C ASN L 184 55.44 62.78 17.34
N PHE L 185 54.21 63.28 17.26
CA PHE L 185 53.38 62.99 16.10
C PHE L 185 53.96 63.60 14.84
N LEU L 186 54.34 64.88 14.89
CA LEU L 186 54.87 65.52 13.70
C LEU L 186 56.21 64.92 13.29
N SER L 187 57.03 64.49 14.26
CA SER L 187 58.29 63.83 13.93
C SER L 187 58.04 62.49 13.26
N GLN L 188 57.09 61.72 13.77
CA GLN L 188 56.73 60.47 13.11
C GLN L 188 56.19 60.72 11.72
N GLN L 189 55.45 61.82 11.55
CA GLN L 189 54.91 62.14 10.22
C GLN L 189 56.02 62.46 9.24
N ALA L 190 56.95 63.32 9.65
CA ALA L 190 58.06 63.65 8.76
C ALA L 190 58.92 62.43 8.47
N GLN L 191 59.08 61.54 9.46
CA GLN L 191 59.87 60.33 9.22
C GLN L 191 59.18 59.40 8.24
N LYS L 192 57.87 59.18 8.43
CA LYS L 192 57.09 58.42 7.45
C LYS L 192 57.27 59.00 6.05
N GLY L 193 57.17 60.32 5.93
CA GLY L 193 57.33 60.95 4.63
C GLY L 193 58.70 60.70 4.03
N ALA L 194 59.75 60.88 4.83
CA ALA L 194 61.10 60.71 4.32
C ALA L 194 61.35 59.27 3.89
N ILE L 195 60.88 58.30 4.68
CA ILE L 195 61.10 56.90 4.33
C ILE L 195 60.36 56.57 3.03
N MET L 196 59.09 56.97 2.94
CA MET L 196 58.33 56.79 1.70
C MET L 196 59.06 57.39 0.51
N ASN L 197 59.57 58.61 0.68
CA ASN L 197 60.18 59.31 -0.44
C ASN L 197 61.44 58.58 -0.91
N SER L 198 62.34 58.28 0.01
CA SER L 198 63.58 57.61 -0.37
C SER L 198 63.31 56.21 -0.89
N ARG L 199 62.31 55.54 -0.32
CA ARG L 199 61.92 54.22 -0.82
C ARG L 199 61.44 54.30 -2.26
N VAL L 200 60.62 55.30 -2.58
CA VAL L 200 60.11 55.45 -3.94
C VAL L 200 61.27 55.76 -4.88
N GLU L 201 62.17 56.64 -4.47
CA GLU L 201 63.30 56.99 -5.31
C GLU L 201 64.17 55.78 -5.62
N LEU L 202 64.59 55.06 -4.58
CA LEU L 202 65.48 53.94 -4.78
C LEU L 202 64.78 52.78 -5.47
N ASN L 203 63.46 52.64 -5.26
CA ASN L 203 62.71 51.63 -5.99
C ASN L 203 62.71 51.94 -7.47
N GLY L 204 62.45 53.20 -7.83
CA GLY L 204 62.49 53.58 -9.23
C GLY L 204 63.86 53.37 -9.84
N VAL L 205 64.93 53.59 -9.06
CA VAL L 205 66.26 53.47 -9.63
C VAL L 205 66.70 52.01 -9.74
N LEU L 206 66.24 51.16 -8.82
CA LEU L 206 66.73 49.78 -8.80
C LEU L 206 65.69 48.81 -9.31
N GLN L 207 64.46 48.89 -8.78
CA GLN L 207 63.42 47.92 -9.14
C GLN L 207 63.10 48.00 -10.63
N ASP L 208 63.34 49.15 -11.25
CA ASP L 208 63.17 49.25 -12.70
C ASP L 208 64.04 48.20 -13.36
N PRO L 209 63.59 47.58 -14.47
CA PRO L 209 64.14 46.27 -14.86
C PRO L 209 65.65 46.21 -14.92
N ASP L 210 66.28 47.06 -15.73
CA ASP L 210 67.72 46.99 -15.88
C ASP L 210 68.38 48.37 -15.88
N MET L 211 67.94 49.26 -14.99
CA MET L 211 68.74 50.44 -14.70
C MET L 211 70.08 50.04 -14.09
N LEU L 212 70.13 48.86 -13.48
CA LEU L 212 71.33 48.35 -12.83
C LEU L 212 72.44 48.07 -13.84
N ARG L 213 72.03 47.59 -15.00
CA ARG L 213 73.00 47.26 -16.02
C ARG L 213 73.83 48.47 -16.36
N ARG L 214 73.41 49.64 -15.92
CA ARG L 214 74.13 50.84 -16.27
C ARG L 214 75.50 50.83 -15.67
N PRO L 215 76.46 51.39 -16.39
CA PRO L 215 77.83 51.38 -15.90
C PRO L 215 78.02 52.38 -14.80
N ASP L 216 77.00 53.16 -14.45
CA ASP L 216 77.14 54.12 -13.37
C ASP L 216 76.27 53.78 -12.17
N SER L 217 75.40 52.82 -12.34
CA SER L 217 74.48 52.51 -11.27
C SER L 217 75.20 52.16 -10.00
N ALA L 218 76.34 51.50 -10.12
CA ALA L 218 77.06 51.07 -8.92
C ALA L 218 77.46 52.25 -8.05
N ASP L 219 78.17 53.24 -8.61
CA ASP L 219 78.60 54.39 -7.83
C ASP L 219 77.41 55.18 -7.34
N PHE L 220 76.35 55.24 -8.17
CA PHE L 220 75.14 55.97 -7.80
C PHE L 220 74.59 55.48 -6.49
N PHE L 221 74.64 54.17 -6.25
CA PHE L 221 74.04 53.60 -5.05
C PHE L 221 74.73 54.11 -3.79
N GLU L 222 76.06 53.95 -3.71
CA GLU L 222 76.76 54.39 -2.52
C GLU L 222 76.63 55.90 -2.38
N LYS L 223 76.67 56.63 -3.51
CA LYS L 223 76.58 58.08 -3.42
C LYS L 223 75.23 58.50 -2.85
N TYR L 224 74.16 57.86 -3.28
CA TYR L 224 72.84 58.19 -2.75
C TYR L 224 72.74 57.82 -1.28
N ILE L 225 73.30 56.68 -0.90
CA ILE L 225 73.21 56.26 0.50
C ILE L 225 73.98 57.23 1.39
N ASP L 226 75.17 57.63 0.95
CA ASP L 226 75.99 58.57 1.73
C ASP L 226 75.32 59.94 1.79
N ASN L 227 74.78 60.41 0.68
CA ASN L 227 74.14 61.71 0.68
C ASN L 227 72.92 61.72 1.59
N GLY L 228 72.12 60.66 1.53
CA GLY L 228 70.97 60.56 2.41
C GLY L 228 71.36 60.46 3.87
N LEU L 229 72.48 59.80 4.16
CA LEU L 229 72.94 59.72 5.54
C LEU L 229 73.42 61.08 6.03
N VAL L 230 74.05 61.86 5.15
CA VAL L 230 74.65 63.13 5.58
C VAL L 230 73.59 64.23 5.64
N THR L 231 72.52 64.10 4.86
CA THR L 231 71.55 65.19 4.73
C THR L 231 70.98 65.64 6.08
N GLY L 232 70.56 64.72 6.96
CA GLY L 232 70.53 63.28 6.80
C GLY L 232 69.12 62.74 6.63
N ALA L 233 68.74 62.30 5.44
CA ALA L 233 67.43 61.71 5.21
C ALA L 233 67.60 60.30 5.65
N ILE L 234 66.76 59.40 5.17
CA ILE L 234 66.80 58.04 5.69
C ILE L 234 66.90 58.25 7.17
N PRO L 235 65.95 59.02 7.73
CA PRO L 235 66.17 59.35 9.13
C PRO L 235 66.35 58.13 9.95
N SER L 236 67.40 58.22 10.75
CA SER L 236 67.75 57.26 11.78
C SER L 236 68.49 56.05 11.28
N ASP L 237 69.76 55.93 11.62
CA ASP L 237 70.59 54.78 11.31
C ASP L 237 69.83 53.45 11.26
N ALA L 238 68.85 53.27 12.14
CA ALA L 238 68.11 52.01 12.17
C ALA L 238 67.39 51.76 10.88
N GLN L 239 66.75 52.80 10.36
CA GLN L 239 66.03 52.65 9.11
C GLN L 239 67.00 52.31 8.00
N ALA L 240 68.17 52.92 8.01
CA ALA L 240 69.16 52.69 6.96
C ALA L 240 69.37 51.24 6.66
N THR L 241 69.90 50.51 7.62
CA THR L 241 70.22 49.11 7.35
C THR L 241 69.00 48.37 6.81
N GLN L 242 67.82 48.65 7.38
CA GLN L 242 66.61 48.00 6.88
C GLN L 242 66.41 48.27 5.41
N LEU L 243 66.51 49.54 5.00
CA LEU L 243 66.22 49.90 3.61
C LEU L 243 67.28 49.35 2.67
N ILE L 244 68.54 49.33 3.09
CA ILE L 244 69.60 48.86 2.20
C ILE L 244 69.54 47.35 2.03
N SER L 245 69.18 46.63 3.11
CA SER L 245 69.05 45.18 3.00
C SER L 245 67.77 44.79 2.28
N GLN L 246 66.77 45.67 2.30
CA GLN L 246 65.58 45.47 1.48
C GLN L 246 65.90 45.73 0.01
N ALA L 247 66.74 46.73 -0.25
CA ALA L 247 67.10 47.08 -1.61
C ALA L 247 67.94 45.99 -2.24
N PHE L 248 68.89 45.44 -1.51
CA PHE L 248 69.72 44.46 -2.17
C PHE L 248 68.85 43.35 -2.68
N SER L 249 67.77 43.01 -2.01
CA SER L 249 66.96 41.85 -2.40
C SER L 249 66.21 42.01 -3.70
N ASP L 250 65.63 43.18 -3.88
CA ASP L 250 64.93 43.44 -5.11
C ASP L 250 65.98 43.38 -6.18
N ALA L 251 67.14 43.94 -5.92
CA ALA L 251 68.14 43.96 -6.96
C ALA L 251 68.52 42.56 -7.29
N SER L 252 68.62 41.70 -6.28
CA SER L 252 68.95 40.31 -6.51
C SER L 252 67.91 39.58 -7.35
N SER L 253 66.62 39.77 -7.12
CA SER L 253 65.71 39.00 -7.98
C SER L 253 65.46 39.73 -9.29
N ARG L 254 66.33 40.65 -9.67
CA ARG L 254 66.05 41.47 -10.86
C ARG L 254 66.97 41.44 -12.08
N ALA L 255 67.23 40.29 -12.67
CA ALA L 255 67.97 40.21 -13.95
C ALA L 255 69.42 40.60 -14.04
N GLY L 256 69.73 41.86 -13.80
CA GLY L 256 71.09 42.32 -13.95
C GLY L 256 71.71 42.45 -12.59
N GLY L 257 71.01 41.94 -11.61
CA GLY L 257 71.47 42.13 -10.25
C GLY L 257 72.81 41.54 -9.97
N ALA L 258 73.06 40.37 -10.50
CA ALA L 258 74.34 39.78 -10.30
C ALA L 258 75.37 40.84 -10.51
N ASP L 259 75.20 41.59 -11.58
CA ASP L 259 76.21 42.57 -11.93
C ASP L 259 76.10 43.68 -10.96
N PHE L 260 74.87 44.13 -10.74
CA PHE L 260 74.85 45.29 -9.82
C PHE L 260 75.44 44.99 -8.44
N LEU L 261 75.09 43.85 -7.86
CA LEU L 261 75.58 43.51 -6.54
C LEU L 261 77.07 43.30 -6.50
N MET L 262 77.60 42.63 -7.51
CA MET L 262 79.02 42.38 -7.56
C MET L 262 79.79 43.68 -7.69
N ARG L 263 79.19 44.69 -8.30
CA ARG L 263 79.89 45.98 -8.30
C ARG L 263 79.92 46.70 -6.94
N VAL L 264 78.78 46.95 -6.31
CA VAL L 264 78.64 47.64 -5.03
C VAL L 264 79.44 46.91 -3.95
N GLY L 265 79.68 45.62 -4.15
CA GLY L 265 80.69 44.93 -3.39
C GLY L 265 82.02 45.05 -4.13
N ASP L 266 82.95 45.79 -3.57
CA ASP L 266 82.77 46.38 -2.26
C ASP L 266 82.82 47.89 -2.33
N LYS L 267 82.00 48.55 -1.52
CA LYS L 267 81.98 50.01 -1.49
C LYS L 267 81.95 50.46 -0.03
N LYS L 268 82.45 51.67 0.18
CA LYS L 268 82.63 52.20 1.54
C LYS L 268 81.36 52.96 1.92
N VAL L 269 80.76 52.57 3.04
CA VAL L 269 79.54 53.19 3.54
C VAL L 269 79.60 53.26 5.07
N THR L 270 79.19 54.40 5.61
CA THR L 270 79.25 54.66 7.04
C THR L 270 78.11 53.96 7.77
N LEU L 271 78.21 53.95 9.09
CA LEU L 271 77.14 53.49 9.97
C LEU L 271 77.47 53.94 11.38
N ASN L 272 76.66 53.46 12.34
CA ASN L 272 76.83 53.85 13.73
C ASN L 272 78.16 53.32 14.28
N GLY L 273 78.37 52.01 14.20
CA GLY L 273 79.52 51.42 14.85
C GLY L 273 80.83 51.76 14.16
N ALA L 274 80.89 51.59 12.85
CA ALA L 274 82.13 51.78 12.12
C ALA L 274 81.85 51.90 10.63
N THR L 275 82.77 52.57 9.94
CA THR L 275 82.77 52.63 8.48
C THR L 275 83.23 51.28 7.95
N THR L 276 82.53 50.76 7.03
CA THR L 276 82.67 49.34 6.69
C THR L 276 82.12 49.08 5.30
N THR L 277 82.77 48.16 4.59
CA THR L 277 82.38 47.81 3.23
C THR L 277 81.00 47.18 3.18
N TYR L 278 80.39 47.17 1.99
CA TYR L 278 79.10 46.51 1.82
C TYR L 278 79.18 45.02 2.11
N ARG L 279 80.21 44.36 1.65
CA ARG L 279 80.17 42.92 1.75
C ARG L 279 80.12 42.77 3.23
N GLU L 280 80.83 43.66 3.89
CA GLU L 280 81.15 43.39 5.26
C GLU L 280 79.91 43.38 6.10
N LEU L 281 78.99 44.29 5.82
CA LEU L 281 77.82 44.46 6.66
C LEU L 281 77.02 43.18 6.60
N ILE L 282 77.12 42.55 5.44
CA ILE L 282 76.26 41.49 5.01
C ILE L 282 77.07 40.16 5.11
N GLY L 283 76.92 39.38 6.20
CA GLY L 283 77.68 38.20 6.54
C GLY L 283 77.92 37.25 5.38
N GLU L 284 78.83 36.30 5.61
CA GLU L 284 79.27 35.41 4.55
C GLU L 284 78.14 34.57 3.99
N GLU L 285 77.11 34.42 4.79
CA GLU L 285 75.94 33.91 4.22
C GLU L 285 75.15 34.96 3.53
N GLN L 286 74.79 36.09 4.13
CA GLN L 286 73.79 36.84 3.39
C GLN L 286 74.32 37.26 2.02
N TRP L 287 75.55 37.72 1.92
CA TRP L 287 76.06 38.15 0.62
C TRP L 287 76.20 37.04 -0.39
N ASN L 288 76.67 35.89 0.05
CA ASN L 288 76.76 34.78 -0.87
C ASN L 288 75.38 34.37 -1.35
N ALA L 289 74.40 34.40 -0.46
CA ALA L 289 73.05 34.07 -0.88
C ALA L 289 72.58 35.05 -1.90
N LEU L 290 72.87 36.32 -1.67
CA LEU L 290 72.43 37.35 -2.59
C LEU L 290 73.05 37.13 -3.94
N MET L 291 74.31 36.72 -3.99
CA MET L 291 74.83 36.30 -5.26
C MET L 291 74.01 35.20 -5.96
N VAL L 292 74.09 33.96 -5.48
CA VAL L 292 73.55 32.80 -6.13
C VAL L 292 72.14 33.13 -6.47
N THR L 293 71.38 33.69 -5.53
CA THR L 293 69.98 33.83 -5.89
C THR L 293 69.81 34.85 -7.02
N ALA L 294 70.67 35.88 -7.07
CA ALA L 294 70.60 36.80 -8.19
C ALA L 294 71.07 36.13 -9.47
N GLN L 295 72.11 35.31 -9.38
CA GLN L 295 72.57 34.57 -10.55
C GLN L 295 71.47 33.68 -11.07
N ARG L 296 70.77 33.02 -10.15
CA ARG L 296 69.65 32.14 -10.50
C ARG L 296 68.51 32.91 -11.13
N SER L 297 68.19 34.09 -10.59
CA SER L 297 67.11 34.87 -11.15
C SER L 297 67.47 35.37 -12.55
N GLN L 298 68.73 35.72 -12.77
CA GLN L 298 69.17 36.08 -14.11
C GLN L 298 68.99 34.91 -15.06
N PHE L 299 69.40 33.71 -14.64
CA PHE L 299 69.22 32.53 -15.48
C PHE L 299 67.74 32.33 -15.79
N GLU L 300 66.89 32.46 -14.78
CA GLU L 300 65.45 32.30 -14.97
C GLU L 300 64.92 33.26 -16.01
N THR L 301 65.22 34.54 -15.86
CA THR L 301 64.64 35.53 -16.77
C THR L 301 65.21 35.39 -18.17
N ASP L 302 66.48 34.99 -18.27
CA ASP L 302 67.06 34.80 -19.60
C ASP L 302 66.40 33.62 -20.31
N ALA L 303 66.19 32.51 -19.59
CA ALA L 303 65.47 31.39 -20.20
C ALA L 303 64.04 31.80 -20.55
N LYS L 304 63.44 32.66 -19.73
CA LYS L 304 62.10 33.15 -20.02
C LYS L 304 62.07 33.92 -21.33
N LEU L 305 63.06 34.78 -21.55
CA LEU L 305 63.16 35.49 -22.82
C LEU L 305 63.37 34.53 -23.98
N ASN L 306 64.27 33.56 -23.81
CA ASN L 306 64.48 32.56 -24.84
C ASN L 306 63.17 31.86 -25.20
N GLU L 307 62.38 31.49 -24.18
CA GLU L 307 61.17 30.72 -24.43
C GLU L 307 60.08 31.59 -25.04
N GLN L 308 60.04 32.88 -24.70
CA GLN L 308 59.11 33.77 -25.38
C GLN L 308 59.46 33.87 -26.87
N TYR L 309 60.74 34.04 -27.17
CA TYR L 309 61.16 34.10 -28.57
C TYR L 309 60.81 32.81 -29.30
N ARG L 310 61.12 31.67 -28.67
CA ARG L 310 60.87 30.38 -29.31
C ARG L 310 59.39 30.13 -29.46
N LEU L 311 58.57 30.68 -28.55
CA LEU L 311 57.12 30.63 -28.71
C LEU L 311 56.68 31.40 -29.93
N LYS L 312 57.19 32.62 -30.10
CA LYS L 312 56.85 33.38 -31.29
C LYS L 312 57.22 32.61 -32.56
N ILE L 313 58.41 32.02 -32.58
CA ILE L 313 58.86 31.35 -33.79
C ILE L 313 58.05 30.07 -34.03
N ASN L 314 57.80 29.29 -32.98
CA ASN L 314 56.98 28.10 -33.15
C ASN L 314 55.59 28.43 -33.63
N SER L 315 55.01 29.53 -33.13
CA SER L 315 53.71 29.96 -33.64
C SER L 315 53.81 30.30 -35.11
N ALA L 316 54.85 31.04 -35.50
CA ALA L 316 55.03 31.36 -36.91
C ALA L 316 55.12 30.09 -37.74
N LEU L 317 55.67 29.02 -37.17
CA LEU L 317 55.77 27.76 -37.90
C LEU L 317 54.43 27.04 -37.99
N ASN L 318 53.64 27.07 -36.93
CA ASN L 318 52.49 26.20 -36.83
C ASN L 318 51.21 26.81 -37.41
N GLN L 319 51.34 27.76 -38.35
CA GLN L 319 50.16 28.35 -38.95
C GLN L 319 49.41 27.33 -39.79
N GLU L 320 48.15 27.66 -40.09
CA GLU L 320 47.35 26.76 -40.93
C GLU L 320 47.89 26.73 -42.35
N ASP L 321 47.95 27.89 -43.01
CA ASP L 321 48.44 27.95 -44.37
C ASP L 321 49.86 28.50 -44.34
N PRO L 322 50.79 27.83 -45.02
CA PRO L 322 52.19 28.24 -44.92
C PRO L 322 52.47 29.62 -45.48
N ARG L 323 51.55 30.21 -46.24
CA ARG L 323 51.74 31.58 -46.70
C ARG L 323 51.87 32.53 -45.52
N THR L 324 50.82 32.60 -44.69
CA THR L 324 50.84 33.43 -43.50
C THR L 324 52.01 33.07 -42.60
N ALA L 325 52.36 31.79 -42.54
CA ALA L 325 53.58 31.39 -41.83
C ALA L 325 54.77 32.18 -42.34
N TRP L 326 55.00 32.16 -43.65
CA TRP L 326 56.20 32.78 -44.19
C TRP L 326 56.18 34.29 -44.01
N GLU L 327 55.04 34.93 -44.23
CA GLU L 327 55.05 36.38 -44.12
C GLU L 327 55.20 36.83 -42.67
N MET L 328 54.57 36.11 -41.73
CA MET L 328 54.73 36.44 -40.32
C MET L 328 56.17 36.23 -39.88
N LEU L 329 56.80 35.15 -40.37
CA LEU L 329 58.19 34.91 -40.03
C LEU L 329 59.08 35.99 -40.61
N GLN L 330 58.79 36.44 -41.83
CA GLN L 330 59.57 37.49 -42.45
C GLN L 330 59.43 38.79 -41.68
N GLY L 331 58.22 39.09 -41.21
CA GLY L 331 58.02 40.26 -40.38
C GLY L 331 58.77 40.17 -39.06
N ILE L 332 58.77 38.99 -38.46
CA ILE L 332 59.50 38.81 -37.21
C ILE L 332 61.00 39.00 -37.44
N LYS L 333 61.51 38.54 -38.59
CA LYS L 333 62.91 38.80 -38.94
C LYS L 333 63.17 40.29 -39.10
N ALA L 334 62.32 40.97 -39.88
CA ALA L 334 62.49 42.40 -40.12
C ALA L 334 62.46 43.18 -38.82
N GLU L 335 61.72 42.65 -37.84
CA GLU L 335 61.68 43.29 -36.52
C GLU L 335 62.91 42.92 -35.70
N LEU L 336 63.34 41.68 -35.77
CA LEU L 336 64.48 41.26 -34.99
C LEU L 336 65.62 42.10 -35.46
N ASP L 337 65.52 42.57 -36.68
CA ASP L 337 66.62 43.30 -37.25
C ASP L 337 66.87 44.55 -36.40
N LYS L 338 65.82 45.15 -35.91
CA LYS L 338 65.96 46.33 -35.10
C LYS L 338 66.76 46.00 -33.88
N VAL L 339 66.20 45.20 -33.00
CA VAL L 339 66.87 44.91 -31.74
C VAL L 339 68.19 44.20 -31.91
N GLN L 340 68.27 43.22 -32.81
CA GLN L 340 69.56 42.61 -33.08
C GLN L 340 69.93 43.14 -34.43
N PRO L 341 70.77 44.17 -34.46
CA PRO L 341 71.05 44.80 -35.72
C PRO L 341 72.26 44.28 -36.43
N ASP L 342 72.96 43.32 -35.85
CA ASP L 342 74.05 42.76 -36.60
C ASP L 342 73.64 41.45 -37.16
N GLU L 343 73.63 41.36 -38.48
CA GLU L 343 73.35 40.08 -39.08
C GLU L 343 74.58 39.28 -38.73
N GLN L 344 74.41 38.04 -38.28
CA GLN L 344 75.54 37.23 -37.82
C GLN L 344 75.00 35.86 -37.50
N MET L 345 75.48 35.25 -36.40
CA MET L 345 74.97 33.96 -35.97
C MET L 345 74.46 34.06 -34.56
N THR L 346 73.61 35.05 -34.29
CA THR L 346 73.03 35.20 -32.97
C THR L 346 72.23 33.94 -32.74
N PRO L 347 72.28 33.39 -31.54
CA PRO L 347 71.58 32.13 -31.36
C PRO L 347 70.13 32.25 -31.80
N GLN L 348 69.55 33.43 -31.59
CA GLN L 348 68.19 33.64 -32.00
C GLN L 348 68.07 33.61 -33.51
N ARG L 349 69.05 34.15 -34.22
CA ARG L 349 69.08 34.07 -35.69
C ARG L 349 69.20 32.64 -36.23
N GLU L 350 69.98 31.81 -35.56
CA GLU L 350 70.01 30.40 -35.91
C GLU L 350 68.63 29.85 -35.77
N TRP L 351 67.97 30.17 -34.66
CA TRP L 351 66.66 29.57 -34.51
C TRP L 351 65.78 30.03 -35.65
N LEU L 352 65.89 31.31 -35.98
CA LEU L 352 65.06 31.98 -36.97
C LEU L 352 65.22 31.39 -38.36
N ILE L 353 66.43 30.96 -38.71
CA ILE L 353 66.60 30.51 -40.09
C ILE L 353 66.43 29.00 -40.42
N SER L 354 66.64 28.09 -39.48
CA SER L 354 65.95 26.81 -39.48
C SER L 354 64.46 27.00 -39.64
N ALA L 355 63.92 28.10 -39.11
CA ALA L 355 62.51 28.41 -39.31
C ALA L 355 62.23 28.72 -40.77
N GLN L 356 63.16 29.39 -41.45
CA GLN L 356 62.98 29.69 -42.87
C GLN L 356 63.03 28.40 -43.70
N GLU L 357 64.00 27.53 -43.44
CA GLU L 357 64.01 26.25 -44.14
C GLU L 357 62.76 25.43 -43.82
N GLN L 358 62.29 25.53 -42.58
CA GLN L 358 61.09 24.83 -42.15
C GLN L 358 59.88 25.30 -42.94
N VAL L 359 59.70 26.62 -43.05
CA VAL L 359 58.54 27.13 -43.77
C VAL L 359 58.70 26.88 -45.27
N GLN L 360 59.93 26.80 -45.76
CA GLN L 360 60.12 26.39 -47.16
C GLN L 360 59.62 24.98 -47.38
N ASN L 361 59.98 24.06 -46.48
CA ASN L 361 59.51 22.69 -46.61
C ASN L 361 57.99 22.62 -46.48
N GLN L 362 57.43 23.41 -45.57
CA GLN L 362 55.97 23.44 -45.41
C GLN L 362 55.30 23.99 -46.65
N MET L 363 55.92 24.94 -47.33
CA MET L 363 55.38 25.46 -48.58
C MET L 363 55.47 24.42 -49.68
N ASN L 364 56.54 23.64 -49.69
CA ASN L 364 56.62 22.49 -50.59
C ASN L 364 55.42 21.58 -50.41
N ALA L 365 55.17 21.18 -49.16
CA ALA L 365 54.01 20.33 -48.87
C ALA L 365 52.71 20.99 -49.27
N TRP L 366 52.59 22.30 -49.08
CA TRP L 366 51.34 22.99 -49.40
C TRP L 366 51.11 23.02 -50.90
N THR L 367 52.17 23.23 -51.69
CA THR L 367 52.03 23.16 -53.13
C THR L 367 51.55 21.78 -53.55
N LYS L 368 52.20 20.73 -53.03
CA LYS L 368 51.80 19.38 -53.40
C LYS L 368 50.34 19.13 -53.03
N ALA L 369 49.92 19.61 -51.85
CA ALA L 369 48.56 19.35 -51.41
C ALA L 369 47.53 20.08 -52.27
N GLN L 370 47.81 21.34 -52.61
CA GLN L 370 46.89 22.07 -53.47
C GLN L 370 46.82 21.44 -54.85
N ALA L 371 47.94 20.90 -55.34
CA ALA L 371 47.90 20.21 -56.63
C ALA L 371 47.05 18.96 -56.56
N LYS L 372 47.19 18.18 -55.48
CA LYS L 372 46.33 17.02 -55.32
C LYS L 372 44.87 17.41 -55.24
N ALA L 373 44.59 18.55 -54.61
CA ALA L 373 43.21 19.03 -54.55
C ALA L 373 42.70 19.37 -55.94
N LEU L 374 43.55 19.97 -56.77
CA LEU L 374 43.17 20.21 -58.17
C LEU L 374 42.81 18.91 -58.88
N ASP L 375 43.67 17.91 -58.77
CA ASP L 375 43.42 16.63 -59.41
C ASP L 375 42.10 16.03 -58.92
N ASP L 376 41.87 16.08 -57.61
CA ASP L 376 40.64 15.54 -57.05
C ASP L 376 39.43 16.32 -57.53
N SER L 377 39.55 17.63 -57.67
CA SER L 377 38.41 18.41 -58.14
C SER L 377 38.02 18.00 -59.54
N MET L 378 38.99 17.90 -60.46
CA MET L 378 38.63 17.44 -61.81
C MET L 378 38.11 16.01 -61.82
N LYS L 379 38.77 15.10 -61.09
CA LYS L 379 38.31 13.73 -61.08
C LYS L 379 36.88 13.63 -60.53
N SER L 380 36.60 14.38 -59.46
CA SER L 380 35.28 14.34 -58.86
C SER L 380 34.22 14.91 -59.79
N MET L 381 34.51 16.04 -60.43
CA MET L 381 33.52 16.61 -61.34
C MET L 381 33.21 15.65 -62.48
N ASN L 382 34.25 15.07 -63.09
CA ASN L 382 34.02 14.20 -64.23
C ASN L 382 33.25 12.94 -63.81
N LYS L 383 33.74 12.25 -62.78
CA LYS L 383 33.05 11.03 -62.36
C LYS L 383 31.68 11.33 -61.80
N LEU L 384 31.49 12.55 -61.30
CA LEU L 384 30.19 12.94 -60.77
C LEU L 384 29.18 13.08 -61.89
N ASP L 385 29.55 13.73 -62.98
CA ASP L 385 28.61 13.84 -64.08
C ASP L 385 28.37 12.47 -64.73
N VAL L 386 29.40 11.62 -64.78
CA VAL L 386 29.21 10.27 -65.29
C VAL L 386 28.21 9.51 -64.43
N ILE L 387 28.39 9.56 -63.11
CA ILE L 387 27.45 8.93 -62.18
C ILE L 387 26.04 9.46 -62.41
N ASP L 388 25.90 10.78 -62.50
CA ASP L 388 24.58 11.36 -62.63
C ASP L 388 23.90 10.94 -63.92
N LYS L 389 24.65 10.84 -65.02
CA LYS L 389 24.03 10.43 -66.27
C LYS L 389 23.60 8.98 -66.21
N GLN L 390 24.51 8.10 -65.74
CA GLN L 390 24.18 6.69 -65.62
C GLN L 390 23.08 6.47 -64.58
N PHE L 391 22.84 7.46 -63.72
CA PHE L 391 21.78 7.36 -62.73
C PHE L 391 20.45 7.82 -63.31
N GLN L 392 20.46 8.90 -64.10
CA GLN L 392 19.28 9.30 -64.84
C GLN L 392 18.80 8.16 -65.73
N LYS L 393 19.74 7.38 -66.26
CA LYS L 393 19.38 6.19 -67.01
C LYS L 393 18.53 5.25 -66.15
N ARG L 394 18.94 5.01 -64.91
CA ARG L 394 18.18 4.14 -64.03
C ARG L 394 16.82 4.72 -63.69
N ILE L 395 16.77 6.04 -63.50
CA ILE L 395 15.49 6.68 -63.16
C ILE L 395 14.51 6.54 -64.30
N ASN L 396 14.96 6.83 -65.52
CA ASN L 396 14.06 6.74 -66.66
C ASN L 396 13.87 5.30 -67.10
N GLY L 397 14.97 4.60 -67.39
CA GLY L 397 14.95 3.22 -67.81
C GLY L 397 14.97 2.28 -66.63
N GLU L 398 15.62 1.13 -66.83
CA GLU L 398 15.65 0.07 -65.83
C GLU L 398 16.98 -0.67 -65.91
N TRP L 399 17.26 -1.39 -64.84
CA TRP L 399 18.25 -2.48 -64.84
C TRP L 399 19.63 -1.95 -65.19
N VAL L 400 20.10 -0.98 -64.39
CA VAL L 400 21.32 -0.24 -64.72
C VAL L 400 22.45 -0.54 -63.75
N SER L 401 22.16 -1.14 -62.59
CA SER L 401 23.20 -1.58 -61.67
C SER L 401 24.08 -0.42 -61.22
N THR L 402 23.50 0.51 -60.47
CA THR L 402 24.22 1.66 -59.93
C THR L 402 24.96 1.34 -58.63
N ASP L 403 25.27 0.07 -58.36
CA ASP L 403 25.70 -0.30 -57.02
C ASP L 403 27.00 0.39 -56.63
N PHE L 404 28.12 -0.06 -57.20
CA PHE L 404 29.39 0.63 -57.03
C PHE L 404 30.11 0.71 -58.36
N LYS L 405 29.96 -0.35 -59.14
CA LYS L 405 30.73 -0.56 -60.35
C LYS L 405 30.05 0.13 -61.53
N ASP L 406 30.67 1.22 -62.01
CA ASP L 406 30.02 2.10 -62.97
C ASP L 406 30.76 2.18 -64.31
N MET L 407 30.30 3.08 -65.17
CA MET L 407 30.93 3.39 -66.44
C MET L 407 32.38 3.77 -66.16
N PRO L 408 33.33 2.92 -66.49
CA PRO L 408 34.69 3.07 -65.96
C PRO L 408 35.45 4.23 -66.58
N VAL L 409 36.74 4.32 -66.25
CA VAL L 409 37.60 5.39 -66.74
C VAL L 409 37.58 5.42 -68.26
N ASN L 410 37.06 6.50 -68.82
CA ASN L 410 37.21 6.70 -70.25
C ASN L 410 38.68 6.84 -70.62
N GLU L 411 39.31 7.94 -70.22
CA GLU L 411 40.76 7.99 -70.11
C GLU L 411 41.12 8.64 -68.78
N ASN L 412 40.20 9.47 -68.27
CA ASN L 412 40.62 10.49 -67.31
C ASN L 412 39.64 10.75 -66.17
N THR L 413 38.77 9.80 -65.81
CA THR L 413 37.81 10.15 -64.77
C THR L 413 38.25 9.71 -63.37
N GLY L 414 38.70 8.48 -63.19
CA GLY L 414 39.16 8.04 -61.90
C GLY L 414 38.59 6.69 -61.53
N GLU L 415 39.19 6.09 -60.49
CA GLU L 415 38.84 4.72 -60.14
C GLU L 415 37.50 4.61 -59.44
N PHE L 416 36.74 5.70 -59.33
CA PHE L 416 35.44 5.66 -58.68
C PHE L 416 35.53 5.17 -57.24
N LYS L 417 36.12 5.98 -56.37
CA LYS L 417 36.08 5.74 -54.94
C LYS L 417 34.64 5.52 -54.51
N HIS L 418 34.43 4.91 -53.35
CA HIS L 418 33.08 4.87 -52.82
C HIS L 418 32.61 6.26 -52.44
N SER L 419 33.54 7.20 -52.31
CA SER L 419 33.18 8.52 -51.81
C SER L 419 32.24 9.25 -52.77
N ASP L 420 32.28 8.94 -54.06
CA ASP L 420 31.53 9.79 -54.99
C ASP L 420 30.04 9.64 -54.79
N MET L 421 29.55 8.40 -54.70
CA MET L 421 28.10 8.19 -54.66
C MET L 421 27.48 8.85 -53.45
N VAL L 422 28.13 8.81 -52.29
CA VAL L 422 27.66 9.59 -51.16
C VAL L 422 27.75 11.08 -51.49
N ASN L 423 28.90 11.52 -51.97
CA ASN L 423 29.04 12.90 -52.42
C ASN L 423 28.05 13.22 -53.52
N TYR L 424 27.79 12.27 -54.41
CA TYR L 424 26.84 12.53 -55.49
C TYR L 424 25.44 12.77 -54.93
N ALA L 425 24.98 11.88 -54.07
CA ALA L 425 23.66 12.05 -53.46
C ALA L 425 23.57 13.37 -52.71
N ASN L 426 24.58 13.69 -51.91
CA ASN L 426 24.50 14.91 -51.12
C ASN L 426 24.47 16.15 -52.01
N LYS L 427 25.41 16.23 -52.96
CA LYS L 427 25.48 17.40 -53.82
C LYS L 427 24.23 17.52 -54.68
N LYS L 428 23.71 16.41 -55.18
CA LYS L 428 22.54 16.46 -56.05
C LYS L 428 21.29 16.83 -55.27
N LEU L 429 21.20 16.38 -54.01
CA LEU L 429 20.05 16.74 -53.20
C LEU L 429 20.06 18.24 -52.91
N ALA L 430 21.22 18.76 -52.53
CA ALA L 430 21.32 20.22 -52.34
C ALA L 430 21.05 20.96 -53.65
N GLU L 431 21.57 20.44 -54.75
CA GLU L 431 21.31 21.01 -56.07
C GLU L 431 19.82 21.13 -56.34
N ILE L 432 19.07 20.05 -56.10
CA ILE L 432 17.62 20.10 -56.23
C ILE L 432 17.05 21.15 -55.31
N ASP L 433 17.56 21.25 -54.09
CA ASP L 433 17.07 22.28 -53.17
C ASP L 433 17.28 23.67 -53.75
N SER L 434 18.32 23.84 -54.57
CA SER L 434 18.65 25.17 -55.06
C SER L 434 17.96 25.47 -56.39
N MET L 435 17.23 24.51 -56.93
CA MET L 435 16.56 24.75 -58.21
C MET L 435 15.45 25.79 -58.06
N ASP L 436 14.94 26.24 -59.20
CA ASP L 436 14.04 27.39 -59.25
C ASP L 436 12.58 26.97 -59.19
N ILE L 437 12.29 25.69 -59.38
CA ILE L 437 10.93 25.16 -59.51
C ILE L 437 10.13 25.31 -58.24
N PRO L 438 8.80 25.21 -58.30
CA PRO L 438 8.00 25.24 -57.07
C PRO L 438 8.16 23.95 -56.27
N ASP L 439 7.63 23.98 -55.04
CA ASP L 439 7.87 22.90 -54.09
C ASP L 439 7.38 21.55 -54.60
N GLY L 440 6.27 21.53 -55.34
CA GLY L 440 5.74 20.26 -55.82
C GLY L 440 6.74 19.52 -56.68
N ALA L 441 7.32 20.21 -57.66
CA ALA L 441 8.29 19.55 -58.52
C ALA L 441 9.53 19.14 -57.73
N LYS L 442 9.94 19.98 -56.77
CA LYS L 442 11.10 19.64 -55.96
C LYS L 442 10.88 18.33 -55.22
N ASP L 443 9.73 18.17 -54.58
CA ASP L 443 9.51 16.98 -53.78
C ASP L 443 9.22 15.76 -54.64
N ALA L 444 8.49 15.94 -55.74
CA ALA L 444 8.36 14.83 -56.69
C ALA L 444 9.73 14.38 -57.18
N MET L 445 10.67 15.32 -57.29
CA MET L 445 11.99 14.96 -57.80
C MET L 445 12.82 14.28 -56.74
N LYS L 446 12.73 14.74 -55.49
CA LYS L 446 13.38 14.04 -54.40
C LYS L 446 12.88 12.61 -54.31
N LEU L 447 11.59 12.39 -54.56
CA LEU L 447 11.05 11.04 -54.47
C LEU L 447 11.44 10.22 -55.70
N LYS L 448 11.41 10.82 -56.88
CA LYS L 448 11.81 10.08 -58.09
C LYS L 448 13.30 9.84 -58.13
N TYR L 449 14.04 10.45 -57.19
CA TYR L 449 15.42 10.02 -56.98
C TYR L 449 15.50 8.98 -55.87
N LEU L 450 14.65 9.09 -54.84
CA LEU L 450 14.68 8.12 -53.74
C LEU L 450 14.45 6.71 -54.27
N GLN L 451 13.80 6.60 -55.41
CA GLN L 451 13.80 5.39 -56.20
C GLN L 451 14.52 5.67 -57.52
N ALA L 452 15.45 4.81 -57.89
CA ALA L 452 15.79 3.62 -57.11
C ALA L 452 17.27 3.34 -57.17
N ASP L 453 17.89 3.21 -56.00
CA ASP L 453 19.20 2.61 -55.91
C ASP L 453 19.05 1.37 -55.05
N SER L 454 20.02 0.46 -55.16
CA SER L 454 19.89 -0.86 -54.57
C SER L 454 20.17 -0.87 -53.06
N LYS L 455 19.45 -0.04 -52.30
CA LYS L 455 19.58 0.01 -50.84
C LYS L 455 21.04 0.14 -50.42
N ASP L 456 21.77 0.98 -51.16
CA ASP L 456 23.21 1.09 -50.94
C ASP L 456 23.55 1.46 -49.49
N GLY L 457 22.94 2.51 -48.93
CA GLY L 457 22.10 3.48 -49.63
C GLY L 457 22.85 4.79 -49.76
N ALA L 458 22.74 5.44 -50.92
CA ALA L 458 23.29 6.79 -51.05
C ALA L 458 22.18 7.82 -50.81
N PHE L 459 21.18 7.82 -51.68
CA PHE L 459 20.04 8.69 -51.47
C PHE L 459 19.20 8.21 -50.32
N ARG L 460 19.06 6.89 -50.18
CA ARG L 460 18.26 6.35 -49.10
C ARG L 460 18.87 6.74 -47.76
N THR L 461 20.19 6.71 -47.67
CA THR L 461 20.85 7.09 -46.42
C THR L 461 20.83 8.61 -46.22
N ALA L 462 20.88 9.39 -47.31
CA ALA L 462 20.76 10.84 -47.14
C ALA L 462 19.40 11.21 -46.57
N ILE L 463 18.32 10.76 -47.22
CA ILE L 463 16.99 11.03 -46.68
C ILE L 463 16.85 10.40 -45.31
N GLY L 464 17.54 9.29 -45.07
CA GLY L 464 17.44 8.64 -43.77
C GLY L 464 18.05 9.48 -42.66
N THR L 465 19.24 10.03 -42.89
CA THR L 465 19.83 10.87 -41.86
C THR L 465 19.02 12.15 -41.69
N MET L 466 18.35 12.61 -42.75
CA MET L 466 17.38 13.69 -42.59
C MET L 466 16.28 13.27 -41.63
N VAL L 467 15.77 12.05 -41.79
CA VAL L 467 14.70 11.55 -40.93
C VAL L 467 15.17 11.46 -39.48
N THR L 468 16.34 10.85 -39.25
CA THR L 468 16.80 10.74 -37.87
C THR L 468 17.13 12.11 -37.29
N ASP L 469 17.49 13.08 -38.14
CA ASP L 469 17.66 14.44 -37.63
C ASP L 469 16.34 14.99 -37.12
N ALA L 470 15.28 14.86 -37.92
CA ALA L 470 13.96 15.30 -37.45
C ALA L 470 13.57 14.54 -36.18
N GLY L 471 13.93 13.27 -36.10
CA GLY L 471 13.56 12.48 -34.93
C GLY L 471 14.28 12.95 -33.68
N GLN L 472 15.59 13.11 -33.75
CA GLN L 472 16.34 13.59 -32.60
C GLN L 472 15.90 14.99 -32.23
N GLU L 473 15.54 15.80 -33.23
CA GLU L 473 15.13 17.17 -32.95
C GLU L 473 13.81 17.20 -32.19
N TRP L 474 12.85 16.39 -32.60
CA TRP L 474 11.61 16.32 -31.85
C TRP L 474 11.84 15.70 -30.48
N SER L 475 12.81 14.78 -30.38
CA SER L 475 13.20 14.28 -29.06
C SER L 475 13.67 15.41 -28.17
N ALA L 476 14.59 16.23 -28.67
CA ALA L 476 15.11 17.34 -27.90
C ALA L 476 14.01 18.30 -27.52
N ALA L 477 13.04 18.50 -28.40
CA ALA L 477 11.88 19.28 -28.04
C ALA L 477 11.14 18.64 -26.87
N VAL L 478 11.05 17.31 -26.87
CA VAL L 478 10.38 16.63 -25.77
C VAL L 478 11.10 16.86 -24.46
N ILE L 479 12.41 16.66 -24.43
CA ILE L 479 13.17 16.87 -23.20
C ILE L 479 13.05 18.32 -22.78
N ASN L 480 13.20 19.23 -23.73
CA ASN L 480 13.25 20.66 -23.43
C ASN L 480 11.95 21.16 -22.83
N GLY L 481 10.85 20.47 -23.09
CA GLY L 481 9.57 20.82 -22.51
C GLY L 481 8.66 21.61 -23.41
N LYS L 482 9.21 22.42 -24.30
CA LYS L 482 8.45 23.11 -25.33
C LYS L 482 9.02 22.75 -26.69
N LEU L 483 8.60 23.40 -27.73
CA LEU L 483 9.16 23.06 -29.02
C LEU L 483 9.92 24.25 -29.60
N PRO L 484 11.21 24.10 -29.88
CA PRO L 484 11.99 25.24 -30.36
C PRO L 484 11.47 25.74 -31.70
N GLU L 485 11.62 27.04 -31.92
CA GLU L 485 11.08 27.65 -33.12
C GLU L 485 11.90 27.26 -34.34
N ARG L 486 11.23 27.31 -35.50
CA ARG L 486 11.82 27.30 -36.83
C ARG L 486 12.34 25.94 -37.27
N THR L 487 12.51 25.00 -36.32
CA THR L 487 12.50 23.54 -36.56
C THR L 487 12.98 23.14 -37.94
N PRO L 488 14.25 23.38 -38.29
CA PRO L 488 14.67 23.16 -39.69
C PRO L 488 14.50 21.72 -40.16
N ALA L 489 14.98 20.74 -39.40
CA ALA L 489 14.87 19.35 -39.84
C ALA L 489 13.42 18.90 -39.91
N MET L 490 12.63 19.25 -38.90
CA MET L 490 11.21 18.93 -38.93
C MET L 490 10.53 19.56 -40.13
N ASP L 491 10.90 20.79 -40.47
CA ASP L 491 10.27 21.46 -41.60
C ASP L 491 10.63 20.77 -42.91
N ALA L 492 11.91 20.43 -43.09
CA ALA L 492 12.30 19.74 -44.31
C ALA L 492 11.63 18.38 -44.42
N LEU L 493 11.52 17.66 -43.30
CA LEU L 493 10.85 16.37 -43.31
C LEU L 493 9.38 16.54 -43.64
N ARG L 494 8.82 17.70 -43.32
CA ARG L 494 7.41 17.98 -43.62
C ARG L 494 7.11 17.97 -45.07
N ARG L 495 7.70 18.88 -45.82
CA ARG L 495 7.31 19.00 -47.22
C ARG L 495 7.43 17.70 -47.95
N ILE L 496 8.59 17.07 -47.84
CA ILE L 496 8.79 15.89 -48.63
C ILE L 496 7.81 14.83 -48.25
N ARG L 497 7.62 14.66 -46.94
CA ARG L 497 6.76 13.61 -46.53
C ARG L 497 5.41 13.92 -47.01
N ASN L 498 4.81 15.04 -46.63
CA ASN L 498 3.50 15.40 -47.19
C ASN L 498 3.25 15.15 -48.67
N ALA L 499 4.25 15.27 -49.52
CA ALA L 499 4.03 14.93 -50.91
C ALA L 499 3.69 13.48 -51.09
N ASP L 500 4.39 12.57 -50.42
CA ASP L 500 4.00 11.15 -50.47
C ASP L 500 4.03 10.52 -49.12
N PRO L 501 2.90 10.52 -48.44
CA PRO L 501 3.02 9.93 -47.12
C PRO L 501 2.87 8.44 -47.20
N GLN L 502 3.75 7.79 -47.93
CA GLN L 502 3.64 6.38 -48.08
C GLN L 502 5.01 5.84 -48.36
N LEU L 503 5.68 6.36 -49.38
CA LEU L 503 6.98 5.84 -49.76
C LEU L 503 7.88 6.19 -48.60
N ILE L 504 7.71 7.41 -48.06
CA ILE L 504 8.51 7.85 -46.92
C ILE L 504 8.19 6.99 -45.73
N ALA L 505 6.93 6.62 -45.60
CA ALA L 505 6.59 5.75 -44.51
C ALA L 505 7.25 4.41 -44.60
N ALA L 506 7.34 3.85 -45.78
CA ALA L 506 7.85 2.50 -45.88
C ALA L 506 9.33 2.29 -45.69
N LEU L 507 10.14 2.97 -46.46
CA LEU L 507 11.58 2.75 -46.45
C LEU L 507 12.17 2.90 -45.06
N TYR L 508 11.48 3.62 -44.17
CA TYR L 508 11.95 3.84 -42.81
C TYR L 508 10.90 3.37 -41.82
N PRO L 509 10.79 2.06 -41.57
CA PRO L 509 9.79 1.61 -40.61
C PRO L 509 10.20 1.90 -39.19
N ASP L 510 11.47 2.25 -38.97
CA ASP L 510 11.97 2.42 -37.62
C ASP L 510 11.32 3.61 -36.93
N GLN L 511 11.35 4.77 -37.60
CA GLN L 511 10.72 5.97 -37.03
C GLN L 511 9.31 6.17 -37.53
N ALA L 512 8.42 5.18 -37.37
CA ALA L 512 7.01 5.43 -37.65
C ALA L 512 6.41 6.31 -36.57
N GLU L 513 7.00 6.29 -35.39
CA GLU L 513 6.59 7.15 -34.29
C GLU L 513 6.66 8.62 -34.69
N LEU L 514 7.77 9.04 -35.30
CA LEU L 514 7.91 10.42 -35.73
C LEU L 514 6.89 10.78 -36.80
N PHE L 515 6.66 9.87 -37.76
CA PHE L 515 5.67 10.16 -38.79
C PHE L 515 4.28 10.33 -38.19
N LEU L 516 3.91 9.45 -37.27
CA LEU L 516 2.65 9.59 -36.57
C LEU L 516 2.54 10.93 -35.86
N THR L 517 3.56 11.30 -35.10
CA THR L 517 3.49 12.55 -34.35
C THR L 517 3.45 13.75 -35.28
N MET L 518 4.23 13.74 -36.35
CA MET L 518 4.20 14.86 -37.27
C MET L 518 2.85 14.97 -37.96
N ASP L 519 2.29 13.85 -38.39
CA ASP L 519 0.99 13.88 -39.04
C ASP L 519 -0.12 14.25 -38.07
N MET L 520 0.06 13.96 -36.79
CA MET L 520 -0.80 14.53 -35.77
C MET L 520 -0.62 16.04 -35.70
N MET L 521 0.62 16.48 -35.86
CA MET L 521 0.95 17.87 -35.63
C MET L 521 0.41 18.78 -36.71
N ASP L 522 0.42 18.33 -37.97
CA ASP L 522 0.11 19.22 -39.07
C ASP L 522 -1.25 18.93 -39.70
N LYS L 523 -1.50 17.69 -40.12
CA LYS L 523 -2.77 17.39 -40.79
C LYS L 523 -3.94 17.56 -39.84
N GLN L 524 -3.92 16.86 -38.71
CA GLN L 524 -4.91 17.08 -37.67
C GLN L 524 -4.60 18.38 -36.94
N GLY L 525 -5.58 18.87 -36.19
CA GLY L 525 -5.49 20.23 -35.66
C GLY L 525 -4.86 20.35 -34.30
N ILE L 526 -4.34 19.27 -33.72
CA ILE L 526 -3.89 19.34 -32.34
C ILE L 526 -2.66 20.22 -32.23
N ASP L 527 -2.47 20.83 -31.07
CA ASP L 527 -1.34 21.70 -30.85
C ASP L 527 -0.06 20.88 -30.71
N PRO L 528 1.07 21.36 -31.23
CA PRO L 528 2.37 20.78 -30.85
C PRO L 528 2.85 21.32 -29.51
N GLN L 529 1.95 21.28 -28.54
CA GLN L 529 2.26 21.47 -27.13
C GLN L 529 1.60 20.39 -26.29
N VAL L 530 0.44 19.91 -26.72
CA VAL L 530 -0.30 18.95 -25.92
C VAL L 530 0.25 17.54 -26.13
N ILE L 531 1.02 17.33 -27.20
CA ILE L 531 1.76 16.08 -27.33
C ILE L 531 3.03 16.14 -26.49
N LEU L 532 3.59 17.34 -26.34
CA LEU L 532 4.89 17.48 -25.69
C LEU L 532 4.84 16.99 -24.24
N ASP L 533 3.86 17.46 -23.47
CA ASP L 533 3.77 17.01 -22.09
C ASP L 533 3.54 15.51 -22.03
N ALA L 534 2.52 15.04 -22.73
CA ALA L 534 2.11 13.64 -22.62
C ALA L 534 3.24 12.71 -23.05
N ASP L 535 4.15 13.19 -23.90
CA ASP L 535 5.31 12.36 -24.23
C ASP L 535 6.46 12.64 -23.29
N ARG L 536 6.38 13.72 -22.51
CA ARG L 536 7.40 14.00 -21.51
C ARG L 536 6.95 13.48 -20.15
N LEU L 537 5.65 13.35 -19.95
CA LEU L 537 5.09 13.00 -18.65
C LEU L 537 5.03 11.48 -18.48
N THR L 538 5.24 10.72 -19.56
CA THR L 538 5.05 9.28 -19.51
C THR L 538 5.86 8.63 -18.41
N VAL L 539 5.29 7.59 -17.80
CA VAL L 539 6.03 6.72 -16.88
C VAL L 539 6.88 5.80 -17.72
N LYS L 540 7.97 5.34 -17.14
CA LYS L 540 8.70 4.25 -17.75
C LYS L 540 7.92 2.95 -17.56
N ARG L 541 7.67 2.26 -18.68
CA ARG L 541 6.83 1.05 -18.69
C ARG L 541 7.40 -0.02 -17.77
N SER L 542 8.66 0.12 -17.37
CA SER L 542 9.28 -0.60 -16.26
C SER L 542 9.25 -2.11 -16.40
N LYS L 543 8.88 -2.56 -17.59
CA LYS L 543 8.42 -3.90 -17.84
C LYS L 543 6.97 -4.11 -17.51
N GLU L 544 6.53 -3.88 -16.29
CA GLU L 544 5.18 -4.33 -15.93
C GLU L 544 4.06 -3.64 -16.73
N GLN L 545 4.17 -2.32 -16.83
CA GLN L 545 3.12 -1.59 -17.50
C GLN L 545 3.14 -2.06 -18.91
N ARG L 546 4.32 -2.14 -19.47
CA ARG L 546 4.42 -2.42 -20.88
C ARG L 546 3.83 -3.78 -21.15
N PHE L 547 4.14 -4.76 -20.32
CA PHE L 547 3.72 -6.09 -20.62
C PHE L 547 2.23 -6.08 -20.62
N GLU L 548 1.61 -5.44 -19.63
CA GLU L 548 0.14 -5.42 -19.71
C GLU L 548 -0.56 -4.69 -20.83
N ASP L 549 -0.05 -3.55 -21.23
CA ASP L 549 -0.66 -2.84 -22.33
C ASP L 549 -0.58 -3.77 -23.52
N ASP L 550 0.56 -4.42 -23.62
CA ASP L 550 0.79 -5.29 -24.74
C ASP L 550 -0.09 -6.52 -24.81
N LYS L 551 -0.46 -7.11 -23.70
CA LYS L 551 -1.45 -8.10 -23.89
C LYS L 551 -2.59 -7.30 -24.44
N ALA L 552 -2.86 -6.13 -23.85
CA ALA L 552 -4.15 -5.48 -24.07
C ALA L 552 -4.37 -5.17 -25.51
N PHE L 553 -3.34 -4.68 -26.16
CA PHE L 553 -3.44 -4.38 -27.58
C PHE L 553 -3.75 -5.70 -28.22
N GLU L 554 -3.06 -6.74 -27.80
CA GLU L 554 -3.15 -7.97 -28.53
C GLU L 554 -4.48 -8.57 -28.57
N SER L 555 -5.18 -8.52 -27.46
CA SER L 555 -6.54 -9.01 -27.47
C SER L 555 -7.40 -8.10 -28.31
N ALA L 556 -7.27 -6.81 -28.05
CA ALA L 556 -8.22 -5.86 -28.60
C ALA L 556 -8.17 -5.80 -30.10
N LEU L 557 -6.99 -5.76 -30.67
CA LEU L 557 -6.87 -5.71 -32.10
C LEU L 557 -7.48 -6.97 -32.61
N ASN L 558 -7.14 -8.10 -32.00
CA ASN L 558 -7.64 -9.39 -32.50
C ASN L 558 -9.13 -9.55 -32.36
N ALA L 559 -9.70 -9.04 -31.29
CA ALA L 559 -11.15 -9.10 -31.14
C ALA L 559 -11.97 -7.85 -31.50
N SER L 560 -11.71 -7.22 -32.66
CA SER L 560 -12.49 -6.05 -33.09
C SER L 560 -13.33 -6.18 -34.37
N LYS L 561 -13.09 -7.19 -35.20
CA LYS L 561 -13.91 -7.44 -36.40
C LYS L 561 -14.13 -6.36 -37.48
N ALA L 562 -13.09 -5.66 -37.92
CA ALA L 562 -13.23 -4.72 -39.04
C ALA L 562 -12.22 -5.20 -40.09
N PRO L 563 -12.63 -5.31 -41.37
CA PRO L 563 -11.74 -5.85 -42.40
C PRO L 563 -10.37 -5.35 -42.25
N GLU L 564 -10.23 -4.05 -42.10
CA GLU L 564 -8.92 -3.47 -41.97
C GLU L 564 -8.11 -3.91 -40.77
N ILE L 565 -8.66 -3.87 -39.56
CA ILE L 565 -7.89 -4.17 -38.34
C ILE L 565 -7.61 -5.62 -38.31
N ALA L 566 -8.51 -6.38 -38.85
CA ALA L 566 -8.29 -7.78 -38.91
C ALA L 566 -7.46 -7.93 -40.08
N ARG L 567 -6.93 -9.13 -40.27
CA ARG L 567 -6.21 -9.40 -41.50
C ARG L 567 -4.88 -8.70 -41.51
N MET L 568 -4.84 -7.38 -41.50
CA MET L 568 -3.62 -6.61 -41.40
C MET L 568 -2.95 -6.58 -42.70
N PRO L 569 -2.35 -5.49 -42.99
CA PRO L 569 -1.80 -5.43 -44.33
C PRO L 569 -0.68 -6.41 -44.42
N ALA L 570 0.16 -6.59 -43.40
CA ALA L 570 1.31 -7.50 -43.31
C ALA L 570 2.39 -6.61 -42.85
N SER L 571 2.86 -5.80 -43.78
CA SER L 571 3.89 -4.85 -43.44
C SER L 571 3.51 -3.95 -42.33
N LEU L 572 2.29 -3.46 -42.35
CA LEU L 572 1.92 -2.47 -41.38
C LEU L 572 1.96 -2.86 -39.93
N ARG L 573 1.60 -4.07 -39.58
CA ARG L 573 1.48 -4.40 -38.16
C ARG L 573 2.45 -3.73 -37.24
N GLU L 574 3.72 -3.71 -37.57
CA GLU L 574 4.69 -3.21 -36.64
C GLU L 574 4.45 -1.76 -36.37
N SER L 575 4.27 -0.97 -37.41
CA SER L 575 3.97 0.40 -37.20
C SER L 575 2.62 0.52 -36.55
N ALA L 576 1.65 -0.20 -37.09
CA ALA L 576 0.30 0.02 -36.61
C ALA L 576 0.35 -0.05 -35.13
N ARG L 577 1.08 -1.03 -34.65
CA ARG L 577 1.14 -1.20 -33.21
C ARG L 577 1.74 0.02 -32.62
N LYS L 578 2.78 0.55 -33.24
CA LYS L 578 3.42 1.74 -32.71
C LYS L 578 2.51 2.93 -32.68
N ILE L 579 1.69 3.12 -33.71
CA ILE L 579 0.81 4.27 -33.71
C ILE L 579 -0.09 4.09 -32.51
N TYR L 580 -0.41 2.86 -32.18
CA TYR L 580 -1.34 2.65 -31.07
C TYR L 580 -0.80 3.10 -29.75
N ASP L 581 0.40 2.67 -29.42
CA ASP L 581 0.90 2.99 -28.13
C ASP L 581 1.03 4.44 -27.95
N SER L 582 1.44 5.14 -28.98
CA SER L 582 1.66 6.53 -28.79
C SER L 582 0.40 7.21 -28.38
N VAL L 583 -0.69 6.93 -29.08
CA VAL L 583 -1.95 7.56 -28.76
C VAL L 583 -2.44 7.14 -27.40
N LYS L 584 -2.26 5.87 -27.05
CA LYS L 584 -2.66 5.49 -25.70
C LYS L 584 -1.91 6.24 -24.62
N TYR L 585 -0.60 6.40 -24.75
CA TYR L 585 0.10 7.18 -23.73
C TYR L 585 -0.36 8.63 -23.73
N ARG L 586 -0.59 9.20 -24.90
CA ARG L 586 -0.98 10.60 -24.94
C ARG L 586 -2.32 10.81 -24.26
N SER L 587 -3.42 10.52 -24.95
CA SER L 587 -4.68 10.62 -24.27
C SER L 587 -4.98 9.22 -23.95
N GLY L 588 -5.24 8.93 -22.70
CA GLY L 588 -5.34 7.54 -22.34
C GLY L 588 -6.63 6.81 -22.49
N ASN L 589 -7.28 7.01 -23.62
CA ASN L 589 -8.47 6.26 -23.91
C ASN L 589 -8.13 5.31 -24.98
N GLU L 590 -8.31 4.05 -24.69
CA GLU L 590 -7.98 3.04 -25.65
C GLU L 590 -8.84 3.16 -26.88
N SER L 591 -10.12 3.48 -26.74
CA SER L 591 -10.94 3.63 -27.92
C SER L 591 -10.47 4.78 -28.80
N MET L 592 -10.05 5.89 -28.18
CA MET L 592 -9.46 7.00 -28.92
C MET L 592 -8.19 6.59 -29.61
N ALA L 593 -7.38 5.77 -28.97
CA ALA L 593 -6.22 5.29 -29.64
C ALA L 593 -6.61 4.51 -30.82
N MET L 594 -7.57 3.66 -30.67
CA MET L 594 -7.91 2.83 -31.78
C MET L 594 -8.38 3.70 -32.92
N GLU L 595 -9.18 4.72 -32.64
CA GLU L 595 -9.71 5.45 -33.77
C GLU L 595 -8.62 6.22 -34.46
N GLN L 596 -7.55 6.51 -33.75
CA GLN L 596 -6.26 6.84 -34.41
C GLN L 596 -5.29 5.73 -34.94
N MET L 597 -5.60 4.45 -34.80
CA MET L 597 -5.00 3.34 -35.47
C MET L 597 -5.83 2.92 -36.63
N THR L 598 -7.14 2.89 -36.50
CA THR L 598 -7.96 2.47 -37.61
C THR L 598 -7.85 3.45 -38.70
N LYS L 599 -7.82 4.74 -38.39
CA LYS L 599 -7.78 5.72 -39.45
C LYS L 599 -6.52 5.46 -40.22
N PHE L 600 -5.44 5.21 -39.51
CA PHE L 600 -4.18 4.96 -40.18
C PHE L 600 -4.17 3.71 -41.04
N LEU L 601 -4.67 2.57 -40.56
CA LEU L 601 -4.61 1.39 -41.41
C LEU L 601 -5.47 1.67 -42.60
N LYS L 602 -6.57 2.37 -42.37
CA LYS L 602 -7.47 2.71 -43.45
C LYS L 602 -6.96 3.64 -44.50
N GLU L 603 -6.16 4.63 -44.14
CA GLU L 603 -5.52 5.45 -45.13
C GLU L 603 -4.62 4.54 -45.90
N SER L 604 -3.84 3.72 -45.20
CA SER L 604 -2.79 2.94 -45.86
C SER L 604 -3.09 1.81 -46.81
N THR L 605 -4.19 1.09 -46.58
CA THR L 605 -4.53 -0.06 -47.40
C THR L 605 -5.88 0.02 -48.02
N TYR L 606 -6.09 -0.71 -49.11
CA TYR L 606 -7.42 -0.73 -49.73
C TYR L 606 -7.98 -2.11 -49.62
N THR L 607 -9.18 -2.25 -49.06
CA THR L 607 -9.68 -3.59 -48.83
C THR L 607 -10.45 -4.00 -50.01
N PHE L 608 -9.87 -4.87 -50.83
CA PHE L 608 -10.53 -5.29 -52.03
C PHE L 608 -11.76 -6.03 -51.57
N THR L 609 -12.88 -5.84 -52.23
CA THR L 609 -14.09 -6.47 -51.78
C THR L 609 -14.63 -7.36 -52.86
N GLY L 610 -15.52 -8.27 -52.50
CA GLY L 610 -16.00 -9.21 -53.50
C GLY L 610 -17.24 -8.70 -54.20
N ASP L 611 -17.46 -9.23 -55.41
CA ASP L 611 -18.64 -8.82 -56.18
C ASP L 611 -19.92 -9.30 -55.52
N ASP L 612 -19.82 -10.34 -54.69
CA ASP L 612 -21.01 -10.88 -54.04
C ASP L 612 -21.59 -9.88 -53.04
N VAL L 613 -22.87 -10.02 -52.75
CA VAL L 613 -23.63 -9.00 -52.04
C VAL L 613 -23.46 -9.10 -50.53
N ASP L 614 -22.56 -9.98 -50.07
CA ASP L 614 -22.42 -10.18 -48.63
C ASP L 614 -21.98 -8.89 -47.93
N GLY L 615 -20.89 -8.24 -48.35
CA GLY L 615 -19.90 -8.70 -49.31
C GLY L 615 -18.57 -8.95 -48.62
N ASP L 616 -18.22 -10.22 -48.42
CA ASP L 616 -17.05 -10.55 -47.63
C ASP L 616 -15.77 -10.14 -48.35
N THR L 617 -14.77 -9.71 -47.58
CA THR L 617 -13.52 -9.25 -48.14
C THR L 617 -12.68 -10.42 -48.62
N VAL L 618 -11.86 -10.13 -49.62
CA VAL L 618 -10.97 -11.12 -50.11
C VAL L 618 -9.61 -10.73 -49.56
N GLY L 619 -9.14 -9.50 -49.76
CA GLY L 619 -7.86 -9.16 -49.17
C GLY L 619 -7.59 -7.72 -48.88
N VAL L 620 -6.61 -7.43 -48.05
CA VAL L 620 -6.23 -6.05 -47.84
C VAL L 620 -4.84 -5.98 -48.42
N ILE L 621 -4.61 -5.15 -49.42
CA ILE L 621 -3.32 -5.06 -50.07
C ILE L 621 -2.83 -3.70 -49.70
N PRO L 622 -1.50 -3.54 -49.43
CA PRO L 622 -1.18 -2.20 -48.95
C PRO L 622 -1.06 -1.21 -50.05
N LYS L 623 -1.70 -0.08 -49.89
CA LYS L 623 -1.89 0.91 -50.94
C LYS L 623 -0.58 1.40 -51.53
N ASN L 624 0.56 1.01 -50.95
CA ASN L 624 1.84 1.49 -51.45
C ASN L 624 2.34 0.61 -52.59
N MET L 625 2.24 -0.70 -52.44
CA MET L 625 2.93 -1.63 -53.32
C MET L 625 2.15 -1.96 -54.59
N MET L 626 0.94 -1.43 -54.75
CA MET L 626 0.24 -1.55 -56.03
C MET L 626 0.25 -0.23 -56.79
N GLN L 627 0.96 0.77 -56.28
CA GLN L 627 1.24 1.98 -57.04
C GLN L 627 1.89 1.62 -58.37
N VAL L 628 1.52 2.41 -59.38
CA VAL L 628 2.02 2.21 -60.72
C VAL L 628 3.12 3.22 -61.04
N ASN L 629 2.80 4.45 -61.42
CA ASN L 629 3.85 5.43 -61.63
C ASN L 629 4.05 6.22 -60.37
N SER L 630 4.79 7.32 -60.41
CA SER L 630 5.10 8.03 -59.17
C SER L 630 3.98 8.67 -58.37
N ASP L 631 3.01 9.27 -59.03
CA ASP L 631 1.96 9.97 -58.30
C ASP L 631 1.06 8.96 -57.59
N PRO L 632 0.45 9.34 -56.46
CA PRO L 632 -0.33 8.33 -55.74
C PRO L 632 -1.55 7.87 -56.52
N LYS L 633 -1.86 8.53 -57.60
CA LYS L 633 -3.04 8.26 -58.37
C LYS L 633 -2.67 7.01 -59.10
N SER L 634 -1.42 6.63 -59.04
CA SER L 634 -1.02 5.38 -59.61
C SER L 634 -1.60 4.23 -58.82
N TRP L 635 -1.68 4.33 -57.50
CA TRP L 635 -2.35 3.34 -56.69
C TRP L 635 -3.72 3.36 -57.20
N GLU L 636 -4.22 4.57 -57.41
CA GLU L 636 -5.60 4.47 -57.87
C GLU L 636 -5.71 3.66 -59.18
N GLN L 637 -4.83 3.90 -60.13
CA GLN L 637 -4.90 3.20 -61.40
C GLN L 637 -4.71 1.71 -61.26
N GLY L 638 -3.79 1.30 -60.40
CA GLY L 638 -3.54 -0.10 -60.18
C GLY L 638 -4.76 -0.77 -59.63
N ARG L 639 -5.47 -0.12 -58.73
CA ARG L 639 -6.67 -0.79 -58.27
C ARG L 639 -7.45 -1.33 -59.44
N ASP L 640 -7.44 -0.71 -60.60
CA ASP L 640 -8.25 -1.12 -61.73
C ASP L 640 -7.67 -2.36 -62.40
N ILE L 641 -6.35 -2.37 -62.59
CA ILE L 641 -5.72 -3.54 -63.21
C ILE L 641 -5.98 -4.78 -62.37
N LEU L 642 -5.83 -4.65 -61.06
CA LEU L 642 -5.96 -5.79 -60.17
C LEU L 642 -7.40 -6.31 -60.13
N GLU L 643 -8.36 -5.39 -60.15
CA GLU L 643 -9.76 -5.80 -60.16
C GLU L 643 -10.12 -6.48 -61.46
N GLU L 644 -9.68 -5.93 -62.60
CA GLU L 644 -9.90 -6.61 -63.87
C GLU L 644 -9.27 -8.00 -63.84
N ALA L 645 -8.12 -8.14 -63.20
CA ALA L 645 -7.48 -9.45 -63.11
C ALA L 645 -8.30 -10.42 -62.25
N ARG L 646 -8.73 -9.96 -61.08
CA ARG L 646 -9.48 -10.82 -60.18
C ARG L 646 -10.81 -11.24 -60.77
N LYS L 647 -11.36 -10.48 -61.70
CA LYS L 647 -12.39 -11.10 -62.47
C LYS L 647 -11.74 -11.86 -63.61
N GLY L 648 -10.45 -11.65 -63.83
CA GLY L 648 -9.72 -12.54 -64.70
C GLY L 648 -9.54 -13.91 -64.10
N ILE L 649 -9.16 -13.95 -62.83
CA ILE L 649 -8.98 -15.23 -62.18
C ILE L 649 -10.27 -15.99 -61.97
N ILE L 650 -11.30 -15.30 -61.48
CA ILE L 650 -12.62 -15.87 -61.26
C ILE L 650 -13.28 -16.24 -62.56
N ALA L 651 -13.00 -15.56 -63.64
CA ALA L 651 -13.64 -16.00 -64.87
C ALA L 651 -12.82 -17.01 -65.65
N SER L 652 -11.59 -17.23 -65.26
CA SER L 652 -10.85 -18.23 -65.97
C SER L 652 -10.94 -19.55 -65.23
N ASN L 653 -11.74 -20.48 -65.77
CA ASN L 653 -11.87 -21.80 -65.16
C ASN L 653 -12.21 -21.75 -63.69
N PRO L 654 -13.39 -21.23 -63.34
CA PRO L 654 -13.69 -21.24 -61.91
C PRO L 654 -14.11 -22.62 -61.49
N TRP L 655 -13.14 -23.50 -61.23
CA TRP L 655 -13.47 -24.86 -60.89
C TRP L 655 -14.27 -24.65 -59.68
N ILE L 656 -13.82 -23.76 -58.81
CA ILE L 656 -14.59 -23.39 -57.63
C ILE L 656 -14.02 -22.10 -57.13
N THR L 657 -14.87 -21.15 -56.84
CA THR L 657 -14.30 -19.94 -56.28
C THR L 657 -14.81 -19.56 -54.90
N ASN L 658 -16.11 -19.30 -54.73
CA ASN L 658 -16.64 -19.02 -53.40
C ASN L 658 -15.89 -17.89 -52.73
N LYS L 659 -15.46 -18.15 -51.49
CA LYS L 659 -14.51 -17.33 -50.75
C LYS L 659 -13.13 -17.96 -50.72
N GLN L 660 -12.98 -19.08 -51.40
CA GLN L 660 -11.74 -19.79 -51.35
C GLN L 660 -10.67 -18.93 -51.90
N LEU L 661 -10.99 -17.96 -52.74
CA LEU L 661 -9.85 -17.20 -53.29
C LEU L 661 -9.49 -15.97 -52.47
N THR L 662 -8.22 -15.83 -52.12
CA THR L 662 -7.75 -14.75 -51.27
C THR L 662 -6.62 -14.18 -51.93
N MET L 663 -6.32 -12.92 -51.67
CA MET L 663 -5.10 -12.27 -52.15
C MET L 663 -4.48 -11.36 -51.13
N TYR L 664 -3.17 -11.26 -51.09
CA TYR L 664 -2.49 -10.53 -50.03
C TYR L 664 -1.13 -10.06 -50.48
N SER L 665 -0.38 -9.45 -49.57
CA SER L 665 0.95 -9.05 -49.93
C SER L 665 1.96 -9.68 -49.08
N GLN L 666 2.94 -10.31 -49.68
CA GLN L 666 4.11 -10.85 -48.99
C GLN L 666 4.87 -9.60 -48.74
N GLY L 667 6.13 -9.68 -48.39
CA GLY L 667 6.84 -8.51 -47.98
C GLY L 667 6.78 -7.50 -49.10
N ASP L 668 6.94 -7.95 -50.33
CA ASP L 668 6.73 -7.06 -51.47
C ASP L 668 6.08 -7.76 -52.69
N SER L 669 4.92 -8.35 -52.56
CA SER L 669 4.30 -8.94 -53.75
C SER L 669 2.80 -9.17 -53.59
N ILE L 670 1.95 -8.44 -54.30
CA ILE L 670 0.53 -8.67 -54.22
C ILE L 670 0.19 -10.01 -54.80
N TYR L 671 0.52 -11.07 -54.10
CA TYR L 671 0.24 -12.41 -54.56
C TYR L 671 -1.25 -12.68 -54.46
N LEU L 672 -1.86 -13.31 -55.45
CA LEU L 672 -3.25 -13.69 -55.31
C LEU L 672 -3.21 -15.18 -55.36
N MET L 673 -3.82 -15.87 -54.40
CA MET L 673 -3.88 -17.31 -54.48
C MET L 673 -5.11 -17.94 -53.89
N ASP L 674 -5.69 -18.89 -54.60
CA ASP L 674 -6.89 -19.51 -54.14
C ASP L 674 -6.42 -20.47 -53.10
N THR L 675 -7.29 -20.88 -52.18
CA THR L 675 -6.75 -21.86 -51.26
C THR L 675 -6.70 -23.15 -51.99
N THR L 676 -5.50 -23.60 -52.25
CA THR L 676 -5.20 -24.82 -52.95
C THR L 676 -3.96 -24.37 -53.67
N GLY L 677 -3.45 -25.18 -54.57
CA GLY L 677 -2.34 -24.77 -55.37
C GLY L 677 -2.78 -24.46 -56.77
N GLN L 678 -4.09 -24.45 -56.98
CA GLN L 678 -4.58 -24.29 -58.33
C GLN L 678 -4.19 -22.94 -58.96
N VAL L 679 -4.46 -21.81 -58.31
CA VAL L 679 -4.24 -20.53 -58.95
C VAL L 679 -3.45 -19.58 -58.12
N ARG L 680 -2.17 -19.46 -58.37
CA ARG L 680 -1.41 -18.45 -57.67
C ARG L 680 -0.97 -17.46 -58.72
N VAL L 681 -1.22 -16.18 -58.46
CA VAL L 681 -0.82 -15.16 -59.40
C VAL L 681 0.02 -14.19 -58.65
N ARG L 682 1.11 -13.76 -59.23
CA ARG L 682 1.94 -12.78 -58.59
C ARG L 682 1.92 -11.51 -59.37
N TYR L 683 1.55 -10.43 -58.73
CA TYR L 683 1.59 -9.14 -59.40
C TYR L 683 2.58 -8.33 -58.58
N ASP L 684 3.62 -7.81 -59.19
CA ASP L 684 4.65 -7.11 -58.44
C ASP L 684 4.75 -5.71 -58.91
N LYS L 685 5.04 -4.80 -58.01
CA LYS L 685 5.09 -3.39 -58.36
C LYS L 685 5.76 -3.01 -59.69
N GLU L 686 6.74 -3.77 -60.18
CA GLU L 686 7.33 -3.34 -61.41
C GLU L 686 6.46 -3.92 -62.50
N LEU L 687 6.08 -5.18 -62.36
CA LEU L 687 5.26 -5.81 -63.39
C LEU L 687 3.90 -5.22 -63.55
N LEU L 688 3.24 -4.91 -62.45
CA LEU L 688 1.91 -4.35 -62.55
C LEU L 688 2.00 -3.02 -63.23
N SER L 689 2.98 -2.21 -62.85
CA SER L 689 3.10 -0.90 -63.52
C SER L 689 3.57 -0.98 -64.96
N LYS L 690 4.10 -2.11 -65.40
CA LYS L 690 4.42 -2.23 -66.82
C LYS L 690 3.12 -2.42 -67.59
N VAL L 691 2.16 -3.16 -67.03
CA VAL L 691 0.85 -3.27 -67.70
C VAL L 691 0.07 -1.95 -67.81
N TRP L 692 0.17 -1.09 -66.81
CA TRP L 692 -0.49 0.20 -66.96
C TRP L 692 0.14 0.92 -68.11
N SER L 693 1.44 0.84 -68.23
CA SER L 693 2.08 1.56 -69.29
C SER L 693 1.61 1.00 -70.59
N GLU L 694 1.53 -0.30 -70.68
CA GLU L 694 1.16 -0.87 -71.94
C GLU L 694 -0.21 -0.37 -72.30
N ASN L 695 -1.13 -0.32 -71.36
CA ASN L 695 -2.49 0.08 -71.74
C ASN L 695 -2.63 1.60 -71.89
N GLN L 696 -1.91 2.37 -71.08
CA GLN L 696 -2.01 3.81 -71.17
C GLN L 696 -1.28 4.29 -72.36
N LYS L 697 -0.08 3.75 -72.62
CA LYS L 697 0.71 4.19 -73.76
C LYS L 697 -0.09 3.92 -75.03
N LYS L 698 -0.67 2.73 -75.14
CA LYS L 698 -1.37 2.43 -76.37
C LYS L 698 -2.47 3.42 -76.55
N LEU L 699 -3.23 3.63 -75.50
CA LEU L 699 -4.38 4.49 -75.63
C LEU L 699 -4.04 5.93 -75.95
N GLU L 700 -2.99 6.45 -75.35
CA GLU L 700 -2.57 7.82 -75.61
C GLU L 700 -2.05 7.99 -77.04
N GLU L 701 -1.30 7.01 -77.55
CA GLU L 701 -0.73 7.21 -78.90
C GLU L 701 -1.93 7.27 -79.77
N LYS L 702 -3.04 6.87 -79.19
CA LYS L 702 -4.33 6.90 -79.90
C LYS L 702 -5.10 8.17 -79.55
N ALA L 703 -5.07 8.53 -78.26
CA ALA L 703 -5.74 9.74 -77.83
C ALA L 703 -5.22 10.97 -78.56
N ARG L 704 -3.89 11.15 -78.60
CA ARG L 704 -3.34 12.28 -79.32
C ARG L 704 -3.77 12.23 -80.77
N GLU L 705 -3.79 11.04 -81.36
CA GLU L 705 -4.05 10.91 -82.78
C GLU L 705 -5.42 11.49 -83.11
N LYS L 706 -6.46 10.99 -82.46
CA LYS L 706 -7.78 11.50 -82.87
C LYS L 706 -8.09 12.84 -82.21
N ALA L 707 -7.31 13.24 -81.21
CA ALA L 707 -7.50 14.58 -80.64
C ALA L 707 -6.99 15.64 -81.59
N LEU L 708 -5.83 15.42 -82.20
CA LEU L 708 -5.30 16.31 -83.21
C LEU L 708 -5.96 16.13 -84.56
N ALA L 709 -6.67 15.02 -84.76
CA ALA L 709 -7.44 14.85 -85.99
C ALA L 709 -8.50 15.93 -86.13
N ASP L 710 -9.00 16.44 -85.01
CA ASP L 710 -9.93 17.57 -85.07
C ASP L 710 -9.28 18.80 -85.67
N VAL L 711 -7.99 18.99 -85.41
CA VAL L 711 -7.26 20.13 -85.96
C VAL L 711 -6.37 19.68 -87.13
N ASP M 65 57.00 78.57 12.41
CA ASP M 65 56.90 79.72 11.52
C ASP M 65 58.17 80.57 11.57
N LEU M 66 58.00 81.90 11.53
CA LEU M 66 59.14 82.81 11.56
C LEU M 66 59.91 82.69 12.88
N ALA M 67 59.22 82.32 13.95
CA ALA M 67 59.88 82.23 15.25
C ALA M 67 60.84 81.05 15.31
N ASP M 68 60.53 79.97 14.59
CA ASP M 68 61.35 78.76 14.68
C ASP M 68 62.72 78.97 14.03
N GLU M 69 62.95 80.14 13.42
CA GLU M 69 64.28 80.46 12.91
C GLU M 69 65.30 80.44 14.03
N ARG M 70 64.86 80.66 15.28
CA ARG M 70 65.74 80.49 16.43
C ARG M 70 66.50 79.18 16.36
N SER M 71 65.77 78.08 16.54
CA SER M 71 66.41 76.77 16.62
C SER M 71 66.93 76.34 15.26
N ASN M 72 66.33 76.86 14.18
CA ASN M 72 66.88 76.59 12.86
C ASN M 72 68.33 77.07 12.77
N GLU M 73 68.57 78.33 13.14
CA GLU M 73 69.92 78.85 13.10
C GLU M 73 70.81 78.14 14.13
N ILE M 74 70.26 77.87 15.32
CA ILE M 74 71.06 77.21 16.35
C ILE M 74 71.53 75.84 15.86
N ILE M 75 70.68 75.13 15.11
CA ILE M 75 71.02 73.78 14.68
C ILE M 75 71.87 73.81 13.42
N ARG M 76 71.84 74.93 12.69
CA ARG M 76 72.71 75.05 11.51
C ARG M 76 74.15 74.67 11.82
N LYS M 77 74.63 75.20 12.94
CA LYS M 77 76.00 75.00 13.34
C LYS M 77 76.26 73.63 13.86
N LEU M 78 75.21 72.85 14.09
CA LEU M 78 75.49 71.56 14.68
C LEU M 78 76.30 70.92 13.59
N THR M 79 77.45 70.38 13.97
CA THR M 79 78.32 69.80 12.97
C THR M 79 77.69 68.51 12.47
N PRO M 80 77.82 68.23 11.17
CA PRO M 80 77.15 67.06 10.64
C PRO M 80 77.66 65.81 11.28
N GLU M 81 78.96 65.75 11.53
CA GLU M 81 79.58 64.54 12.08
C GLU M 81 78.89 63.91 13.28
N GLN M 82 78.12 64.69 14.02
CA GLN M 82 77.39 64.13 15.15
C GLN M 82 75.90 64.45 15.11
N ARG M 83 75.46 65.28 14.16
CA ARG M 83 74.02 65.50 14.00
C ARG M 83 73.29 64.18 13.83
N ARG M 84 73.80 63.30 12.96
CA ARG M 84 73.15 62.02 12.78
C ARG M 84 73.37 61.10 13.97
N GLU M 85 74.55 61.18 14.58
CA GLU M 85 74.86 60.31 15.71
C GLU M 85 73.93 60.61 16.90
N ALA M 86 73.45 61.85 16.98
CA ALA M 86 72.46 62.19 18.00
C ALA M 86 71.05 61.89 17.51
N LEU M 87 70.78 62.13 16.22
CA LEU M 87 69.40 62.16 15.72
C LEU M 87 68.68 60.85 15.93
N ASN M 88 69.41 59.76 16.16
CA ASN M 88 68.76 58.48 16.42
C ASN M 88 68.02 58.49 17.76
N ASN M 89 68.52 59.26 18.72
CA ASN M 89 67.86 59.40 20.01
C ASN M 89 66.67 60.33 19.87
N GLY M 90 65.98 60.61 20.98
CA GLY M 90 64.91 61.58 20.95
C GLY M 90 65.33 62.89 20.31
N THR M 91 66.41 63.51 20.79
CA THR M 91 66.94 64.71 20.12
C THR M 91 67.25 64.45 18.65
N LEU M 92 67.09 65.43 17.73
CA LEU M 92 66.42 66.71 17.98
C LEU M 92 64.97 66.74 17.56
N LEU M 93 64.29 65.59 17.55
CA LEU M 93 62.90 65.47 17.07
C LEU M 93 62.83 65.41 15.55
N TYR M 94 63.83 65.90 14.82
CA TYR M 94 63.91 65.75 13.35
C TYR M 94 63.01 66.67 12.56
N GLN M 95 62.03 67.23 13.21
CA GLN M 95 61.18 68.18 12.53
C GLN M 95 62.03 69.39 12.29
N ASP M 96 62.88 69.73 13.26
CA ASP M 96 63.68 70.95 13.15
C ASP M 96 65.03 70.82 12.49
N ASP M 97 65.15 69.91 11.54
CA ASP M 97 66.40 69.80 10.81
C ASP M 97 66.31 70.47 9.43
N PRO M 98 66.82 71.71 9.28
CA PRO M 98 66.62 72.41 8.00
C PRO M 98 67.17 71.61 6.83
N TYR M 99 68.33 71.00 7.02
CA TYR M 99 68.95 70.22 5.96
C TYR M 99 68.10 69.01 5.59
N ALA M 100 67.60 68.29 6.61
CA ALA M 100 66.73 67.15 6.33
C ALA M 100 65.44 67.59 5.66
N MET M 101 64.86 68.69 6.15
CA MET M 101 63.59 69.16 5.58
C MET M 101 63.78 69.63 4.14
N GLU M 102 64.95 70.20 3.85
CA GLU M 102 65.30 70.56 2.47
C GLU M 102 65.21 69.35 1.55
N ALA M 103 65.94 68.29 1.90
CA ALA M 103 65.95 67.09 1.07
C ALA M 103 64.56 66.47 0.98
N LEU M 104 63.83 66.46 2.10
CA LEU M 104 62.50 65.88 2.08
C LEU M 104 61.58 66.65 1.13
N ARG M 105 61.64 67.98 1.17
CA ARG M 105 60.79 68.77 0.29
C ARG M 105 61.17 68.56 -1.16
N VAL M 106 62.48 68.47 -1.44
CA VAL M 106 62.90 68.26 -2.83
C VAL M 106 62.42 66.90 -3.33
N LYS M 107 62.58 65.86 -2.52
CA LYS M 107 62.14 64.54 -2.92
C LYS M 107 60.63 64.49 -3.12
N THR M 108 59.88 65.09 -2.20
CA THR M 108 58.43 65.09 -2.31
C THR M 108 57.96 65.82 -3.55
N GLY M 109 58.55 66.99 -3.81
CA GLY M 109 58.20 67.72 -5.02
C GLY M 109 58.47 66.90 -6.27
N ARG M 110 59.67 66.36 -6.40
CA ARG M 110 60.01 65.59 -7.60
C ARG M 110 59.10 64.38 -7.75
N ASN M 111 58.72 63.75 -6.64
CA ASN M 111 57.85 62.57 -6.76
C ASN M 111 56.41 62.90 -7.12
N ALA M 112 55.86 63.93 -6.51
CA ALA M 112 54.50 64.32 -6.84
C ALA M 112 54.44 64.75 -8.29
N ALA M 113 55.47 65.47 -8.69
CA ALA M 113 55.46 66.05 -9.99
C ALA M 113 55.44 64.89 -10.90
N TYR M 114 56.28 63.93 -10.59
CA TYR M 114 56.50 62.88 -11.53
C TYR M 114 55.20 62.17 -11.64
N LEU M 115 54.50 61.89 -10.56
CA LEU M 115 53.23 61.17 -10.70
C LEU M 115 52.18 61.93 -11.49
N VAL M 116 51.99 63.23 -11.27
CA VAL M 116 51.01 63.88 -12.16
C VAL M 116 51.46 63.86 -13.63
N ASP M 117 52.74 64.08 -13.88
CA ASP M 117 53.17 64.07 -15.26
C ASP M 117 53.03 62.70 -15.86
N ASP M 118 53.05 61.71 -14.96
CA ASP M 118 53.00 60.31 -15.29
C ASP M 118 51.60 59.96 -15.63
N ASP M 119 50.63 60.46 -14.89
CA ASP M 119 49.28 60.08 -15.23
C ASP M 119 49.17 60.62 -16.59
N VAL M 120 49.61 61.87 -16.76
CA VAL M 120 49.23 62.56 -17.94
C VAL M 120 49.85 61.74 -19.02
N MET M 121 51.14 61.44 -18.89
CA MET M 121 51.83 61.06 -20.08
C MET M 121 51.12 59.85 -20.44
N GLN M 122 51.02 58.98 -19.46
CA GLN M 122 50.88 57.63 -19.85
C GLN M 122 49.55 57.62 -20.52
N LYS M 123 48.56 58.10 -19.79
CA LYS M 123 47.28 57.60 -20.17
C LYS M 123 47.06 58.25 -21.50
N ILE M 124 47.36 59.53 -21.51
CA ILE M 124 46.78 60.28 -22.57
C ILE M 124 47.45 59.81 -23.87
N LYS M 125 48.76 59.64 -23.83
CA LYS M 125 49.44 59.31 -25.07
C LYS M 125 49.06 57.95 -25.56
N GLU M 126 48.96 57.05 -24.60
CA GLU M 126 48.57 55.68 -24.88
C GLU M 126 47.50 55.55 -25.95
N GLY M 127 46.26 55.90 -25.64
CA GLY M 127 45.20 55.85 -26.64
C GLY M 127 44.37 57.06 -26.95
N VAL M 128 44.19 58.00 -26.02
CA VAL M 128 43.15 59.01 -26.20
C VAL M 128 43.72 60.42 -26.14
N PHE M 129 44.02 60.99 -27.31
CA PHE M 129 44.51 62.36 -27.35
C PHE M 129 44.61 62.85 -28.78
N ARG M 130 44.23 64.12 -28.99
CA ARG M 130 44.29 64.78 -30.28
C ARG M 130 45.62 65.52 -30.41
N THR M 131 45.77 66.49 -31.31
CA THR M 131 47.07 67.10 -31.57
C THR M 131 47.59 67.90 -30.38
N ARG M 132 48.78 68.48 -30.58
CA ARG M 132 49.70 68.92 -29.53
C ARG M 132 49.07 69.78 -28.44
N GLU M 133 48.03 70.57 -28.75
CA GLU M 133 47.58 71.61 -27.82
C GLU M 133 47.02 71.01 -26.54
N GLU M 134 46.02 70.12 -26.67
CA GLU M 134 45.37 69.56 -25.50
C GLU M 134 46.40 68.98 -24.53
N MET M 135 47.52 68.47 -25.04
CA MET M 135 48.53 67.84 -24.19
C MET M 135 49.06 68.80 -23.14
N GLU M 136 49.73 69.87 -23.58
CA GLU M 136 50.40 70.72 -22.61
C GLU M 136 49.39 71.57 -21.88
N GLU M 137 48.25 71.86 -22.51
CA GLU M 137 47.17 72.52 -21.77
C GLU M 137 46.76 71.68 -20.56
N TYR M 138 46.29 70.46 -20.82
CA TYR M 138 45.81 69.58 -19.76
C TYR M 138 46.91 69.28 -18.76
N ARG M 139 48.14 69.07 -19.24
CA ARG M 139 49.24 68.77 -18.34
C ARG M 139 49.53 69.94 -17.41
N HIS M 140 49.59 71.16 -17.95
CA HIS M 140 49.86 72.33 -17.11
C HIS M 140 48.79 72.49 -16.03
N SER M 141 47.52 72.44 -16.43
CA SER M 141 46.45 72.62 -15.45
C SER M 141 46.48 71.53 -14.38
N ARG M 142 46.32 70.27 -14.79
CA ARG M 142 46.20 69.22 -13.79
C ARG M 142 47.52 69.02 -13.08
N LEU M 143 48.61 69.47 -13.71
CA LEU M 143 49.92 69.52 -13.06
C LEU M 143 49.90 70.38 -11.83
N GLN M 144 49.63 71.68 -11.98
CA GLN M 144 49.73 72.53 -10.80
C GLN M 144 48.69 72.14 -9.76
N GLU M 145 47.51 71.67 -10.18
CA GLU M 145 46.58 71.26 -9.13
C GLU M 145 47.07 70.00 -8.41
N GLY M 146 47.41 68.96 -9.16
CA GLY M 146 47.90 67.74 -8.54
C GLY M 146 49.10 67.99 -7.65
N ALA M 147 49.92 68.98 -8.01
CA ALA M 147 51.04 69.34 -7.17
C ALA M 147 50.59 69.61 -5.74
N LYS M 148 49.62 70.51 -5.59
CA LYS M 148 49.25 70.93 -4.25
C LYS M 148 48.40 69.87 -3.57
N VAL M 149 47.60 69.12 -4.34
CA VAL M 149 46.78 68.10 -3.70
C VAL M 149 47.64 66.92 -3.24
N TYR M 150 48.79 66.70 -3.88
CA TYR M 150 49.65 65.61 -3.44
C TYR M 150 50.61 66.08 -2.35
N ALA M 151 51.00 67.36 -2.38
CA ALA M 151 51.76 67.90 -1.26
C ALA M 151 50.89 68.01 -0.01
N GLU M 152 49.58 68.05 -0.19
CA GLU M 152 48.66 68.15 0.94
C GLU M 152 48.64 66.86 1.73
N GLN M 153 48.91 65.73 1.06
CA GLN M 153 48.88 64.44 1.74
C GLN M 153 49.92 64.37 2.84
N PHE M 154 51.17 64.69 2.53
CA PHE M 154 52.19 64.75 3.55
C PHE M 154 52.09 66.08 4.29
N GLY M 155 53.11 66.41 5.07
CA GLY M 155 53.10 67.67 5.80
C GLY M 155 52.80 68.84 4.88
N ILE M 156 52.12 69.85 5.44
CA ILE M 156 51.64 70.94 4.62
C ILE M 156 52.80 71.89 4.34
N ASP M 157 53.53 71.59 3.28
CA ASP M 157 54.69 72.37 2.86
C ASP M 157 54.33 73.57 1.97
N PRO M 158 53.55 73.40 0.90
CA PRO M 158 53.29 74.54 0.02
C PRO M 158 52.49 75.61 0.72
N GLU M 159 52.72 76.87 0.33
CA GLU M 159 53.58 77.21 -0.80
C GLU M 159 54.94 77.78 -0.39
N ASP M 160 55.89 76.89 -0.15
CA ASP M 160 57.25 77.31 0.15
C ASP M 160 58.13 77.18 -1.09
N VAL M 161 59.25 77.91 -1.06
CA VAL M 161 60.11 78.01 -2.24
C VAL M 161 60.89 76.72 -2.44
N ASP M 162 61.07 75.93 -1.36
CA ASP M 162 61.81 74.69 -1.49
C ASP M 162 60.99 73.63 -2.22
N TYR M 163 59.67 73.70 -2.11
CA TYR M 163 58.84 72.76 -2.85
C TYR M 163 58.81 73.10 -4.33
N GLN M 164 59.09 74.37 -4.67
CA GLN M 164 59.23 74.72 -6.07
C GLN M 164 60.39 73.98 -6.71
N ARG M 165 61.57 74.05 -6.08
CA ARG M 165 62.77 73.43 -6.64
C ARG M 165 62.61 71.92 -6.77
N GLY M 166 61.88 71.30 -5.86
CA GLY M 166 61.65 69.88 -5.93
C GLY M 166 60.61 69.53 -6.98
N PHE M 167 59.46 70.21 -6.93
CA PHE M 167 58.38 69.89 -7.85
C PHE M 167 58.74 70.28 -9.28
N ASN M 168 58.98 71.55 -9.52
CA ASN M 168 59.57 71.96 -10.79
C ASN M 168 60.92 71.25 -10.90
N GLY M 169 61.09 70.48 -11.97
CA GLY M 169 62.21 69.56 -12.07
C GLY M 169 63.54 70.26 -12.28
N ASP M 170 64.48 69.57 -12.94
CA ASP M 170 64.34 68.28 -13.66
C ASP M 170 63.18 68.30 -14.64
N ILE M 171 62.98 69.48 -15.23
CA ILE M 171 61.80 69.72 -16.06
C ILE M 171 62.08 69.50 -17.55
N THR M 172 63.27 69.85 -18.03
CA THR M 172 63.59 69.62 -19.44
C THR M 172 63.52 68.14 -19.77
N GLU M 173 63.97 67.28 -18.86
CA GLU M 173 63.95 65.85 -19.11
C GLU M 173 62.52 65.34 -19.23
N ARG M 174 61.66 65.75 -18.31
CA ARG M 174 60.26 65.36 -18.36
C ARG M 174 59.59 65.85 -19.63
N ASN M 175 59.80 67.12 -19.98
CA ASN M 175 59.16 67.65 -21.17
C ASN M 175 59.64 66.92 -22.42
N ILE M 176 60.94 66.65 -22.51
CA ILE M 176 61.44 66.02 -23.73
C ILE M 176 60.94 64.59 -23.83
N SER M 177 60.81 63.90 -22.69
CA SER M 177 60.24 62.56 -22.72
C SER M 177 58.77 62.60 -23.15
N LEU M 178 58.00 63.54 -22.61
CA LEU M 178 56.59 63.64 -22.98
C LEU M 178 56.42 63.94 -24.47
N TYR M 179 57.15 64.93 -24.98
CA TYR M 179 56.98 65.30 -26.37
C TYR M 179 57.51 64.21 -27.29
N GLY M 180 58.50 63.44 -26.84
CA GLY M 180 58.93 62.29 -27.62
C GLY M 180 57.87 61.20 -27.66
N ALA M 181 57.18 60.99 -26.54
CA ALA M 181 56.06 60.06 -26.55
C ALA M 181 54.97 60.54 -27.49
N HIS M 182 54.75 61.85 -27.53
CA HIS M 182 53.73 62.38 -28.44
C HIS M 182 54.16 62.20 -29.90
N ASP M 183 55.45 62.39 -30.18
CA ASP M 183 55.99 62.06 -31.49
C ASP M 183 55.74 60.61 -31.84
N ASN M 184 56.00 59.70 -30.90
CA ASN M 184 55.75 58.28 -31.17
C ASN M 184 54.29 58.04 -31.47
N PHE M 185 53.38 58.64 -30.70
CA PHE M 185 51.96 58.39 -30.92
C PHE M 185 51.52 58.92 -32.28
N LEU M 186 51.88 60.16 -32.60
CA LEU M 186 51.45 60.73 -33.88
C LEU M 186 52.08 60.00 -35.06
N SER M 187 53.32 59.53 -34.91
CA SER M 187 53.95 58.76 -35.98
C SER M 187 53.25 57.43 -36.17
N GLN M 188 52.90 56.75 -35.07
CA GLN M 188 52.12 55.53 -35.20
C GLN M 188 50.77 55.79 -35.82
N GLN M 189 50.17 56.94 -35.51
CA GLN M 189 48.88 57.27 -36.10
C GLN M 189 48.99 57.47 -37.61
N ALA M 190 49.97 58.26 -38.04
CA ALA M 190 50.15 58.47 -39.47
C ALA M 190 50.49 57.17 -40.18
N GLN M 191 51.25 56.29 -39.52
CA GLN M 191 51.60 55.02 -40.14
C GLN M 191 50.37 54.13 -40.28
N LYS M 192 49.57 54.01 -39.22
CA LYS M 192 48.30 53.32 -39.31
C LYS M 192 47.47 53.84 -40.47
N GLY M 193 47.38 55.17 -40.59
CA GLY M 193 46.60 55.74 -41.68
C GLY M 193 47.13 55.36 -43.03
N ALA M 194 48.45 55.47 -43.22
CA ALA M 194 49.03 55.17 -44.51
C ALA M 194 48.84 53.70 -44.88
N ILE M 195 49.04 52.80 -43.92
CA ILE M 195 48.88 51.38 -44.22
C ILE M 195 47.43 51.07 -44.59
N MET M 196 46.47 51.58 -43.79
CA MET M 196 45.05 51.43 -44.13
C MET M 196 44.77 51.95 -45.53
N ASN M 197 45.31 53.12 -45.87
CA ASN M 197 44.99 53.73 -47.14
C ASN M 197 45.50 52.90 -48.29
N SER M 198 46.78 52.53 -48.25
CA SER M 198 47.37 51.75 -49.33
C SER M 198 46.75 50.36 -49.40
N ARG M 199 46.39 49.79 -48.24
CA ARG M 199 45.72 48.51 -48.23
C ARG M 199 44.37 48.61 -48.92
N VAL M 200 43.60 49.65 -48.64
CA VAL M 200 42.30 49.81 -49.27
C VAL M 200 42.46 49.99 -50.78
N GLU M 201 43.44 50.80 -51.19
CA GLU M 201 43.65 51.05 -52.61
C GLU M 201 43.99 49.74 -53.33
N LEU M 202 45.00 49.02 -52.82
CA LEU M 202 45.44 47.82 -53.51
C LEU M 202 44.40 46.70 -53.42
N ASN M 203 43.61 46.69 -52.34
CA ASN M 203 42.53 45.73 -52.25
C ASN M 203 41.50 46.01 -53.32
N GLY M 204 41.12 47.27 -53.50
CA GLY M 204 40.17 47.61 -54.55
C GLY M 204 40.70 47.27 -55.92
N VAL M 205 42.01 47.40 -56.13
CA VAL M 205 42.56 47.17 -57.46
C VAL M 205 42.72 45.66 -57.72
N LEU M 206 43.02 44.89 -56.69
CA LEU M 206 43.31 43.47 -56.91
C LEU M 206 42.16 42.58 -56.46
N GLN M 207 41.67 42.78 -55.24
CA GLN M 207 40.64 41.89 -54.69
C GLN M 207 39.36 41.96 -55.53
N ASP M 208 39.15 43.08 -56.22
CA ASP M 208 38.02 43.16 -57.13
C ASP M 208 38.12 42.02 -58.14
N PRO M 209 37.00 41.42 -58.57
CA PRO M 209 37.05 40.05 -59.11
C PRO M 209 38.07 39.86 -60.22
N ASP M 210 37.99 40.63 -61.29
CA ASP M 210 38.90 40.43 -62.41
C ASP M 210 39.43 41.74 -62.96
N MET M 211 39.78 42.69 -62.10
CA MET M 211 40.62 43.81 -62.55
C MET M 211 41.97 43.31 -63.04
N LEU M 212 42.39 42.15 -62.54
CA LEU M 212 43.68 41.55 -62.88
C LEU M 212 43.73 41.14 -64.35
N ARG M 213 42.68 40.49 -64.82
CA ARG M 213 42.72 39.96 -66.19
C ARG M 213 43.06 40.99 -67.23
N ARG M 214 42.95 42.26 -66.88
CA ARG M 214 43.20 43.31 -67.86
C ARG M 214 44.67 43.40 -68.20
N PRO M 215 44.96 43.86 -69.40
CA PRO M 215 46.36 43.98 -69.81
C PRO M 215 47.17 44.97 -68.97
N ASP M 216 46.54 45.93 -68.33
CA ASP M 216 47.30 46.96 -67.62
C ASP M 216 47.74 46.56 -66.21
N SER M 217 46.92 45.80 -65.51
CA SER M 217 47.20 45.48 -64.12
C SER M 217 48.57 44.92 -63.77
N ALA M 218 49.27 44.31 -64.71
CA ALA M 218 50.61 43.85 -64.32
C ALA M 218 51.56 45.02 -64.08
N ASP M 219 51.68 45.93 -65.02
CA ASP M 219 52.61 47.00 -64.80
C ASP M 219 52.14 47.80 -63.60
N PHE M 220 50.84 47.93 -63.45
CA PHE M 220 50.38 48.79 -62.38
C PHE M 220 50.81 48.33 -61.03
N PHE M 221 50.74 47.05 -60.72
CA PHE M 221 51.07 46.67 -59.36
C PHE M 221 52.50 47.05 -59.07
N GLU M 222 53.38 46.75 -60.01
CA GLU M 222 54.78 47.00 -59.77
C GLU M 222 54.99 48.47 -59.58
N LYS M 223 54.37 49.26 -60.43
CA LYS M 223 54.59 50.67 -60.34
C LYS M 223 54.08 51.23 -59.04
N TYR M 224 52.93 50.78 -58.57
CA TYR M 224 52.37 51.31 -57.35
C TYR M 224 53.29 50.98 -56.24
N ILE M 225 53.76 49.74 -56.20
CA ILE M 225 54.59 49.41 -55.05
C ILE M 225 55.80 50.31 -55.10
N ASP M 226 56.38 50.49 -56.27
CA ASP M 226 57.58 51.30 -56.36
C ASP M 226 57.38 52.74 -55.96
N ASN M 227 56.29 53.33 -56.41
CA ASN M 227 56.08 54.75 -56.15
C ASN M 227 55.80 54.89 -54.70
N GLY M 228 54.88 54.08 -54.20
CA GLY M 228 54.69 54.12 -52.76
C GLY M 228 55.99 54.01 -51.99
N LEU M 229 56.95 53.26 -52.52
CA LEU M 229 58.25 53.18 -51.86
C LEU M 229 59.00 54.50 -51.95
N VAL M 230 58.86 55.20 -53.09
CA VAL M 230 59.64 56.42 -53.29
C VAL M 230 58.99 57.61 -52.60
N THR M 231 57.66 57.56 -52.39
CA THR M 231 56.94 58.72 -51.89
C THR M 231 57.50 59.26 -50.56
N GLY M 232 57.78 58.39 -49.57
CA GLY M 232 57.58 56.96 -49.56
C GLY M 232 56.44 56.54 -48.65
N ALA M 233 55.38 56.02 -49.25
CA ALA M 233 54.30 55.42 -48.48
C ALA M 233 54.71 54.02 -48.04
N ILE M 234 53.71 53.22 -47.70
CA ILE M 234 53.96 51.87 -47.21
C ILE M 234 55.17 51.85 -46.29
N PRO M 235 55.23 52.80 -45.33
CA PRO M 235 56.44 52.81 -44.52
C PRO M 235 56.46 51.66 -43.51
N SER M 236 57.65 51.09 -43.33
CA SER M 236 58.64 51.07 -44.38
C SER M 236 58.82 49.71 -45.01
N ASP M 237 60.04 49.24 -45.06
CA ASP M 237 60.30 48.00 -45.77
C ASP M 237 59.53 46.85 -45.20
N ALA M 238 59.41 46.75 -43.89
CA ALA M 238 58.76 45.60 -43.32
C ALA M 238 57.36 45.56 -43.85
N GLN M 239 56.63 46.61 -43.58
CA GLN M 239 55.25 46.70 -44.03
C GLN M 239 55.16 46.45 -45.54
N ALA M 240 56.22 46.80 -46.27
CA ALA M 240 56.19 46.58 -47.72
C ALA M 240 56.19 45.09 -48.06
N THR M 241 57.15 44.32 -47.53
CA THR M 241 57.12 42.89 -47.83
C THR M 241 55.85 42.25 -47.30
N GLN M 242 55.42 42.64 -46.10
CA GLN M 242 54.19 42.08 -45.55
C GLN M 242 53.01 42.34 -46.48
N LEU M 243 52.85 43.59 -46.95
CA LEU M 243 51.70 43.94 -47.75
C LEU M 243 51.76 43.28 -49.12
N ILE M 244 52.94 43.15 -49.71
CA ILE M 244 53.04 42.58 -51.04
C ILE M 244 52.82 41.08 -51.00
N SER M 245 53.29 40.42 -49.93
CA SER M 245 53.06 38.98 -49.80
C SER M 245 51.62 38.69 -49.39
N GLN M 246 50.90 39.63 -48.79
CA GLN M 246 49.50 39.35 -48.47
C GLN M 246 48.65 39.48 -49.71
N ALA M 247 48.90 40.56 -50.43
CA ALA M 247 48.16 40.79 -51.64
C ALA M 247 48.39 39.68 -52.64
N PHE M 248 49.59 39.14 -52.72
CA PHE M 248 49.82 38.13 -53.71
C PHE M 248 48.90 36.95 -53.46
N SER M 249 48.79 36.52 -52.20
CA SER M 249 47.93 35.41 -51.87
C SER M 249 46.48 35.72 -52.14
N ASP M 250 46.10 36.95 -51.81
CA ASP M 250 44.72 37.31 -52.05
C ASP M 250 44.42 37.20 -53.54
N ALA M 251 45.32 37.68 -54.38
CA ALA M 251 45.12 37.62 -55.81
C ALA M 251 45.08 36.20 -56.33
N SER M 252 45.94 35.34 -55.79
CA SER M 252 45.96 33.98 -56.21
C SER M 252 44.63 33.34 -55.94
N SER M 253 44.01 33.64 -54.82
CA SER M 253 42.71 32.98 -54.66
C SER M 253 41.52 33.54 -55.43
N ARG M 254 41.71 34.50 -56.33
CA ARG M 254 40.57 34.96 -57.14
C ARG M 254 40.70 34.26 -58.46
N ALA M 255 39.68 34.34 -59.28
CA ALA M 255 39.73 33.62 -60.53
C ALA M 255 40.85 34.22 -61.30
N GLY M 256 40.94 35.53 -61.25
CA GLY M 256 42.01 36.21 -61.92
C GLY M 256 43.26 35.87 -61.16
N GLY M 257 44.23 35.31 -61.83
CA GLY M 257 45.32 34.87 -61.03
C GLY M 257 46.46 34.42 -61.83
N ALA M 258 46.26 33.49 -62.72
CA ALA M 258 47.41 33.05 -63.41
C ALA M 258 47.95 34.26 -64.13
N ASP M 259 47.08 35.00 -64.79
CA ASP M 259 47.62 36.07 -65.58
C ASP M 259 48.34 37.09 -64.72
N PHE M 260 47.76 37.46 -63.59
CA PHE M 260 48.41 38.49 -62.80
C PHE M 260 49.72 38.01 -62.25
N LEU M 261 49.77 36.79 -61.75
CA LEU M 261 50.98 36.36 -61.10
C LEU M 261 51.99 36.04 -62.14
N MET M 262 51.48 35.51 -63.25
CA MET M 262 52.44 35.05 -64.25
C MET M 262 53.09 36.23 -64.97
N ARG M 263 52.52 37.43 -64.83
CA ARG M 263 53.05 38.60 -65.52
C ARG M 263 53.91 39.47 -64.61
N VAL M 264 53.49 39.66 -63.35
CA VAL M 264 54.31 40.38 -62.39
C VAL M 264 55.60 39.61 -62.13
N GLY M 265 55.57 38.30 -62.35
CA GLY M 265 56.79 37.55 -62.47
C GLY M 265 57.22 37.54 -63.93
N ASP M 266 58.31 38.21 -64.25
CA ASP M 266 59.13 38.84 -63.23
C ASP M 266 59.18 40.35 -63.43
N LYS M 267 59.20 41.10 -62.33
CA LYS M 267 59.28 42.54 -62.40
C LYS M 267 60.30 43.04 -61.39
N LYS M 268 60.86 44.20 -61.68
CA LYS M 268 61.95 44.75 -60.89
C LYS M 268 61.38 45.62 -59.79
N VAL M 269 61.71 45.31 -58.54
CA VAL M 269 61.23 46.05 -57.38
C VAL M 269 62.34 46.15 -56.35
N THR M 270 62.50 47.34 -55.76
CA THR M 270 63.55 47.62 -54.82
C THR M 270 63.22 47.04 -53.44
N LEU M 271 64.23 47.06 -52.56
CA LEU M 271 64.07 46.72 -51.17
C LEU M 271 65.32 47.16 -50.42
N ASN M 272 65.39 46.80 -49.14
CA ASN M 272 66.51 47.19 -48.31
C ASN M 272 67.82 46.57 -48.81
N GLY M 273 67.85 45.23 -48.91
CA GLY M 273 69.10 44.56 -49.20
C GLY M 273 69.55 44.78 -50.63
N ALA M 274 68.66 44.56 -51.60
CA ALA M 274 69.04 44.63 -52.99
C ALA M 274 67.80 44.74 -53.88
N THR M 275 67.99 45.31 -55.05
CA THR M 275 66.97 45.34 -56.09
C THR M 275 66.88 43.94 -56.69
N THR M 276 65.65 43.46 -56.90
CA THR M 276 65.46 42.03 -57.14
C THR M 276 64.08 41.78 -57.72
N THR M 277 64.00 40.78 -58.59
CA THR M 277 62.75 40.43 -59.28
C THR M 277 61.71 39.93 -58.29
N TYR M 278 60.45 39.94 -58.70
CA TYR M 278 59.38 39.39 -57.88
C TYR M 278 59.57 37.91 -57.61
N ARG M 279 59.96 37.14 -58.62
CA ARG M 279 59.93 35.72 -58.41
C ARG M 279 60.93 35.61 -57.32
N GLU M 280 61.94 36.45 -57.40
CA GLU M 280 63.13 36.19 -56.64
C GLU M 280 62.84 36.30 -55.17
N LEU M 281 62.02 37.28 -54.79
CA LEU M 281 61.79 37.56 -53.38
C LEU M 281 61.12 36.35 -52.77
N ILE M 282 60.36 35.70 -53.61
CA ILE M 282 59.40 34.69 -53.25
C ILE M 282 59.99 33.30 -53.64
N GLY M 283 60.62 32.57 -52.69
CA GLY M 283 61.34 31.33 -52.90
C GLY M 283 60.65 30.35 -53.82
N GLU M 284 61.42 29.33 -54.21
CA GLU M 284 60.95 28.38 -55.22
C GLU M 284 59.72 27.63 -54.76
N GLU M 285 59.48 27.53 -53.46
CA GLU M 285 58.24 26.98 -52.94
C GLU M 285 57.36 28.07 -52.35
N GLN M 286 57.81 29.33 -52.43
CA GLN M 286 56.96 30.47 -52.11
C GLN M 286 56.20 30.90 -53.37
N TRP M 287 56.76 30.70 -54.55
CA TRP M 287 56.12 31.16 -55.77
C TRP M 287 55.37 30.04 -56.46
N ASN M 288 55.98 28.86 -56.55
CA ASN M 288 55.29 27.73 -57.18
C ASN M 288 54.00 27.39 -56.45
N ALA M 289 53.99 27.55 -55.13
CA ALA M 289 52.76 27.38 -54.38
C ALA M 289 51.70 28.35 -54.87
N LEU M 290 52.05 29.62 -54.93
CA LEU M 290 51.03 30.56 -55.28
C LEU M 290 50.59 30.15 -56.63
N MET M 291 51.54 29.79 -57.48
CA MET M 291 51.21 29.59 -58.85
C MET M 291 50.21 28.50 -58.95
N VAL M 292 50.44 27.37 -58.31
CA VAL M 292 49.49 26.28 -58.43
C VAL M 292 48.16 26.58 -57.77
N THR M 293 48.19 27.11 -56.58
CA THR M 293 46.94 27.37 -55.87
C THR M 293 46.08 28.38 -56.62
N ALA M 294 46.69 29.32 -57.34
CA ALA M 294 45.91 30.23 -58.16
C ALA M 294 45.30 29.49 -59.35
N GLN M 295 46.07 28.57 -59.95
CA GLN M 295 45.54 27.77 -61.05
C GLN M 295 44.35 26.96 -60.56
N ARG M 296 44.47 26.39 -59.37
CA ARG M 296 43.40 25.59 -58.78
C ARG M 296 42.18 26.46 -58.48
N SER M 297 42.39 27.66 -57.97
CA SER M 297 41.25 28.53 -57.67
C SER M 297 40.55 28.96 -58.94
N GLN M 298 41.31 29.19 -60.01
CA GLN M 298 40.69 29.48 -61.31
C GLN M 298 39.83 28.31 -61.76
N PHE M 299 40.37 27.10 -61.66
CA PHE M 299 39.60 25.92 -62.04
C PHE M 299 38.32 25.82 -61.21
N GLU M 300 38.44 26.06 -59.90
CA GLU M 300 37.28 26.02 -59.02
C GLU M 300 36.21 27.00 -59.47
N THR M 301 36.59 28.26 -59.67
CA THR M 301 35.59 29.27 -59.99
C THR M 301 34.99 29.05 -61.37
N ASP M 302 35.80 28.53 -62.29
CA ASP M 302 35.27 28.25 -63.62
C ASP M 302 34.25 27.11 -63.59
N ALA M 303 34.56 26.05 -62.83
CA ALA M 303 33.57 24.99 -62.68
C ALA M 303 32.33 25.51 -61.95
N LYS M 304 32.52 26.44 -61.01
CA LYS M 304 31.38 27.03 -60.32
C LYS M 304 30.48 27.77 -61.29
N LEU M 305 31.06 28.53 -62.21
CA LEU M 305 30.27 29.21 -63.23
C LEU M 305 29.56 28.20 -64.13
N ASN M 306 30.28 27.16 -64.57
CA ASN M 306 29.66 26.12 -65.36
C ASN M 306 28.45 25.53 -64.64
N GLU M 307 28.59 25.26 -63.34
CA GLU M 307 27.51 24.59 -62.62
C GLU M 307 26.36 25.53 -62.35
N GLN M 308 26.63 26.83 -62.18
CA GLN M 308 25.52 27.77 -62.09
C GLN M 308 24.72 27.82 -63.39
N TYR M 309 25.43 27.86 -64.53
CA TYR M 309 24.74 27.85 -65.81
C TYR M 309 23.94 26.58 -65.99
N ARG M 310 24.54 25.43 -65.67
CA ARG M 310 23.85 24.17 -65.84
C ARG M 310 22.68 24.03 -64.88
N LEU M 311 22.78 24.67 -63.72
CA LEU M 311 21.64 24.74 -62.80
C LEU M 311 20.50 25.52 -63.42
N LYS M 312 20.79 26.69 -64.00
CA LYS M 312 19.74 27.45 -64.67
C LYS M 312 19.07 26.63 -65.76
N ILE M 313 19.88 25.93 -66.57
CA ILE M 313 19.32 25.18 -67.68
C ILE M 313 18.53 23.97 -67.19
N ASN M 314 19.04 23.25 -66.21
CA ASN M 314 18.29 22.13 -65.67
C ASN M 314 16.98 22.57 -65.05
N SER M 315 16.98 23.72 -64.38
CA SER M 315 15.71 24.24 -63.87
C SER M 315 14.75 24.55 -65.01
N ALA M 316 15.26 25.19 -66.08
CA ALA M 316 14.40 25.45 -67.23
C ALA M 316 13.82 24.16 -67.78
N LEU M 317 14.57 23.07 -67.66
CA LEU M 317 14.08 21.78 -68.15
C LEU M 317 13.03 21.18 -67.23
N ASN M 318 13.21 21.31 -65.93
CA ASN M 318 12.42 20.54 -64.98
C ASN M 318 11.15 21.24 -64.56
N GLN M 319 10.63 22.15 -65.38
CA GLN M 319 9.38 22.84 -65.02
C GLN M 319 8.22 21.86 -65.02
N GLU M 320 7.13 22.28 -64.37
CA GLU M 320 5.93 21.45 -64.34
C GLU M 320 5.31 21.34 -65.72
N ASP M 321 4.94 22.46 -66.32
CA ASP M 321 4.34 22.44 -67.64
C ASP M 321 5.38 22.86 -68.65
N PRO M 322 5.54 22.10 -69.74
CA PRO M 322 6.62 22.40 -70.68
C PRO M 322 6.48 23.73 -71.38
N ARG M 323 5.32 24.38 -71.31
CA ARG M 323 5.20 25.71 -71.89
C ARG M 323 6.15 26.68 -71.21
N THR M 324 5.99 26.87 -69.89
CA THR M 324 6.89 27.72 -69.14
C THR M 324 8.33 27.28 -69.30
N ALA M 325 8.58 25.97 -69.39
CA ALA M 325 9.92 25.50 -69.70
C ALA M 325 10.44 26.16 -70.96
N TRP M 326 9.67 26.08 -72.05
CA TRP M 326 10.18 26.59 -73.32
C TRP M 326 10.35 28.09 -73.30
N GLU M 327 9.42 28.82 -72.71
CA GLU M 327 9.57 30.28 -72.76
C GLU M 327 10.72 30.74 -71.86
N MET M 328 10.90 30.11 -70.70
CA MET M 328 12.01 30.46 -69.85
C MET M 328 13.34 30.13 -70.52
N LEU M 329 13.38 28.99 -71.20
CA LEU M 329 14.60 28.63 -71.93
C LEU M 329 14.88 29.62 -73.05
N GLN M 330 13.83 30.05 -73.75
CA GLN M 330 14.00 31.02 -74.82
C GLN M 330 14.50 32.35 -74.27
N GLY M 331 13.98 32.76 -73.11
CA GLY M 331 14.48 33.98 -72.48
C GLY M 331 15.93 33.85 -72.06
N ILE M 332 16.31 32.68 -71.54
CA ILE M 332 17.71 32.46 -71.16
C ILE M 332 18.61 32.54 -72.39
N LYS M 333 18.15 32.00 -73.51
CA LYS M 333 18.89 32.13 -74.77
C LYS M 333 19.03 33.59 -75.18
N ALA M 334 18.01 34.39 -75.24
CA ALA M 334 18.29 35.75 -75.75
C ALA M 334 19.54 36.50 -75.23
N GLU M 335 19.29 37.23 -74.16
CA GLU M 335 20.37 38.07 -73.72
C GLU M 335 21.54 37.28 -73.34
N LEU M 336 21.32 36.18 -72.65
CA LEU M 336 22.49 35.54 -72.18
C LEU M 336 23.37 35.07 -73.27
N ASP M 337 22.79 34.40 -74.24
CA ASP M 337 23.70 33.84 -75.22
C ASP M 337 24.38 34.93 -75.94
N LYS M 338 23.61 35.93 -76.33
CA LYS M 338 24.29 36.89 -77.18
C LYS M 338 25.45 37.51 -76.46
N VAL M 339 25.16 38.35 -75.48
CA VAL M 339 26.22 39.08 -74.81
C VAL M 339 27.58 38.42 -74.89
N GLN M 340 27.85 37.48 -74.02
CA GLN M 340 29.17 36.91 -74.05
C GLN M 340 29.50 35.93 -75.22
N PRO M 341 28.71 34.86 -75.42
CA PRO M 341 29.10 34.01 -76.56
C PRO M 341 28.87 34.43 -78.03
N ASP M 342 27.77 35.07 -78.40
CA ASP M 342 27.47 35.38 -79.83
C ASP M 342 27.06 34.11 -80.61
N GLU M 343 26.95 34.16 -81.94
CA GLU M 343 26.43 33.01 -82.72
C GLU M 343 27.15 31.67 -82.76
N GLN M 344 28.47 31.68 -82.96
CA GLN M 344 29.24 30.43 -83.11
C GLN M 344 29.02 29.43 -82.02
N MET M 345 29.17 28.14 -82.33
CA MET M 345 28.86 27.15 -81.32
C MET M 345 29.79 27.35 -80.18
N THR M 346 29.25 27.34 -78.97
CA THR M 346 30.07 27.53 -77.79
C THR M 346 29.67 26.39 -76.89
N PRO M 347 30.52 26.04 -75.95
CA PRO M 347 30.04 24.99 -75.07
C PRO M 347 28.80 25.47 -74.31
N GLN M 348 28.29 26.66 -74.60
CA GLN M 348 27.06 27.12 -73.98
C GLN M 348 25.94 26.94 -74.98
N ARG M 349 26.21 27.18 -76.25
CA ARG M 349 25.19 27.04 -77.28
C ARG M 349 24.77 25.61 -77.35
N GLU M 350 25.71 24.70 -77.26
CA GLU M 350 25.34 23.30 -77.32
C GLU M 350 24.48 22.90 -76.14
N TRP M 351 24.80 23.43 -74.97
CA TRP M 351 24.01 23.13 -73.80
C TRP M 351 22.60 23.64 -73.99
N LEU M 352 22.47 24.83 -74.57
CA LEU M 352 21.16 25.39 -74.89
C LEU M 352 20.38 24.53 -75.90
N ILE M 353 21.09 24.01 -76.90
CA ILE M 353 20.48 23.27 -78.01
C ILE M 353 19.89 21.95 -77.55
N SER M 354 20.69 21.12 -76.91
CA SER M 354 20.14 19.90 -76.34
C SER M 354 18.96 20.22 -75.42
N ALA M 355 19.01 21.39 -74.75
CA ALA M 355 17.88 21.80 -73.94
C ALA M 355 16.67 22.10 -74.80
N GLN M 356 16.88 22.68 -75.98
CA GLN M 356 15.77 22.94 -76.89
C GLN M 356 15.16 21.65 -77.42
N GLU M 357 15.99 20.69 -77.84
CA GLU M 357 15.46 19.40 -78.24
C GLU M 357 14.76 18.71 -77.07
N GLN M 358 15.31 18.88 -75.87
CA GLN M 358 14.72 18.30 -74.67
C GLN M 358 13.33 18.85 -74.42
N VAL M 359 13.18 20.17 -74.48
CA VAL M 359 11.88 20.77 -74.21
C VAL M 359 10.92 20.47 -75.35
N GLN M 360 11.44 20.27 -76.57
CA GLN M 360 10.58 19.81 -77.66
C GLN M 360 10.00 18.44 -77.37
N ASN M 361 10.85 17.52 -76.90
CA ASN M 361 10.36 16.19 -76.55
C ASN M 361 9.37 16.25 -75.40
N GLN M 362 9.65 17.12 -74.42
CA GLN M 362 8.74 17.27 -73.30
C GLN M 362 7.40 17.84 -73.75
N MET M 363 7.42 18.73 -74.74
CA MET M 363 6.17 19.26 -75.28
C MET M 363 5.41 18.19 -76.05
N ASN M 364 6.14 17.32 -76.75
CA ASN M 364 5.51 16.15 -77.35
C ASN M 364 4.74 15.35 -76.31
N ALA M 365 5.43 15.00 -75.22
CA ALA M 365 4.78 14.26 -74.13
C ALA M 365 3.60 15.03 -73.56
N TRP M 366 3.70 16.34 -73.44
CA TRP M 366 2.62 17.13 -72.84
C TRP M 366 1.40 17.14 -73.75
N THR M 367 1.61 17.26 -75.06
CA THR M 367 0.50 17.15 -76.00
C THR M 367 -0.20 15.80 -75.85
N LYS M 368 0.58 14.72 -75.85
CA LYS M 368 -0.02 13.40 -75.72
C LYS M 368 -0.82 13.28 -74.42
N ALA M 369 -0.27 13.82 -73.33
CA ALA M 369 -0.93 13.69 -72.04
C ALA M 369 -2.22 14.50 -71.98
N GLN M 370 -2.21 15.72 -72.52
CA GLN M 370 -3.44 16.50 -72.54
C GLN M 370 -4.49 15.85 -73.44
N ALA M 371 -4.06 15.19 -74.51
CA ALA M 371 -5.02 14.49 -75.36
C ALA M 371 -5.64 13.31 -74.61
N LYS M 372 -4.82 12.56 -73.89
CA LYS M 372 -5.36 11.47 -73.08
C LYS M 372 -6.32 12.00 -72.03
N ALA M 373 -6.02 13.17 -71.47
CA ALA M 373 -6.94 13.77 -70.51
C ALA M 373 -8.27 14.12 -71.16
N LEU M 374 -8.22 14.62 -72.39
CA LEU M 374 -9.46 14.86 -73.13
C LEU M 374 -10.28 13.58 -73.27
N ASP M 375 -9.63 12.51 -73.74
CA ASP M 375 -10.33 11.24 -73.90
C ASP M 375 -10.93 10.77 -72.59
N ASP M 376 -10.18 10.86 -71.50
CA ASP M 376 -10.68 10.45 -70.20
C ASP M 376 -11.84 11.33 -69.75
N SER M 377 -11.79 12.62 -70.04
CA SER M 377 -12.89 13.48 -69.65
C SER M 377 -14.18 13.07 -70.33
N MET M 378 -14.14 12.86 -71.65
CA MET M 378 -15.36 12.40 -72.32
C MET M 378 -15.80 11.02 -71.84
N LYS M 379 -14.87 10.07 -71.73
CA LYS M 379 -15.25 8.74 -71.27
C LYS M 379 -15.88 8.79 -69.89
N SER M 380 -15.29 9.59 -68.99
CA SER M 380 -15.80 9.68 -67.63
C SER M 380 -17.18 10.31 -67.61
N MET M 381 -17.39 11.41 -68.35
CA MET M 381 -18.71 12.04 -68.35
C MET M 381 -19.77 11.07 -68.86
N ASN M 382 -19.49 10.41 -69.98
CA ASN M 382 -20.48 9.51 -70.55
C ASN M 382 -20.79 8.35 -69.62
N LYS M 383 -19.76 7.63 -69.18
CA LYS M 383 -19.99 6.49 -68.31
C LYS M 383 -20.55 6.93 -66.97
N LEU M 384 -20.29 8.18 -66.58
CA LEU M 384 -20.82 8.69 -65.34
C LEU M 384 -22.32 8.89 -65.42
N ASP M 385 -22.80 9.47 -66.51
CA ASP M 385 -24.24 9.64 -66.64
C ASP M 385 -24.91 8.28 -66.83
N VAL M 386 -24.25 7.35 -67.52
CA VAL M 386 -24.82 6.01 -67.63
C VAL M 386 -24.96 5.35 -66.26
N ILE M 387 -23.89 5.41 -65.45
CA ILE M 387 -23.94 4.90 -64.09
C ILE M 387 -25.07 5.55 -63.31
N ASP M 388 -25.17 6.87 -63.38
CA ASP M 388 -26.19 7.56 -62.59
C ASP M 388 -27.58 7.17 -63.00
N LYS M 389 -27.83 6.98 -64.30
CA LYS M 389 -29.17 6.60 -64.72
C LYS M 389 -29.50 5.18 -64.26
N GLN M 390 -28.57 4.24 -64.50
CA GLN M 390 -28.77 2.87 -64.06
C GLN M 390 -28.83 2.76 -62.54
N PHE M 391 -28.35 3.79 -61.84
CA PHE M 391 -28.42 3.82 -60.39
C PHE M 391 -29.75 4.37 -59.91
N GLN M 392 -30.24 5.43 -60.56
CA GLN M 392 -31.59 5.90 -60.29
C GLN M 392 -32.60 4.80 -60.49
N LYS M 393 -32.35 3.93 -61.47
CA LYS M 393 -33.18 2.76 -61.65
C LYS M 393 -33.23 1.92 -60.38
N ARG M 394 -32.07 1.67 -59.77
CA ARG M 394 -32.03 0.88 -58.54
C ARG M 394 -32.73 1.60 -57.40
N ILE M 395 -32.56 2.92 -57.32
CA ILE M 395 -33.20 3.68 -56.24
C ILE M 395 -34.71 3.59 -56.36
N ASN M 396 -35.24 3.82 -57.55
CA ASN M 396 -36.69 3.78 -57.73
C ASN M 396 -37.19 2.34 -57.80
N GLY M 397 -36.64 1.55 -58.71
CA GLY M 397 -37.01 0.17 -58.88
C GLY M 397 -36.21 -0.76 -57.99
N GLU M 398 -35.94 -1.95 -58.49
CA GLU M 398 -35.27 -2.99 -57.72
C GLU M 398 -34.41 -3.84 -58.65
N TRP M 399 -33.48 -4.57 -58.04
CA TRP M 399 -32.84 -5.73 -58.65
C TRP M 399 -32.08 -5.33 -59.90
N VAL M 400 -31.14 -4.39 -59.74
CA VAL M 400 -30.48 -3.77 -60.88
C VAL M 400 -29.00 -4.13 -60.96
N SER M 401 -28.42 -4.69 -59.89
CA SER M 401 -27.06 -5.18 -59.92
C SER M 401 -26.07 -4.09 -60.32
N THR M 402 -25.90 -3.10 -59.45
CA THR M 402 -24.96 -2.01 -59.66
C THR M 402 -23.54 -2.35 -59.23
N ASP M 403 -23.19 -3.64 -59.16
CA ASP M 403 -21.95 -4.01 -58.48
C ASP M 403 -20.73 -3.43 -59.16
N PHE M 404 -20.35 -3.99 -60.32
CA PHE M 404 -19.30 -3.41 -61.14
C PHE M 404 -19.72 -3.42 -62.60
N LYS M 405 -20.43 -4.49 -62.96
CA LYS M 405 -20.75 -4.80 -64.34
C LYS M 405 -22.02 -4.07 -64.76
N ASP M 406 -21.86 -3.03 -65.57
CA ASP M 406 -22.97 -2.19 -65.97
C ASP M 406 -23.19 -2.24 -67.43
N MET M 407 -23.66 -1.13 -68.00
CA MET M 407 -23.91 -1.07 -69.42
C MET M 407 -22.80 -0.34 -70.13
N PRO M 408 -21.92 -1.06 -70.81
CA PRO M 408 -20.77 -0.43 -71.44
C PRO M 408 -20.92 -0.46 -72.89
N VAL M 409 -22.13 -0.63 -73.38
CA VAL M 409 -22.34 -0.79 -74.79
C VAL M 409 -22.62 0.54 -75.46
N ASN M 410 -22.36 1.62 -74.75
CA ASN M 410 -22.62 2.93 -75.28
C ASN M 410 -21.74 3.19 -76.49
N GLU M 411 -20.69 2.39 -76.69
CA GLU M 411 -19.74 2.54 -77.81
C GLU M 411 -18.76 3.64 -77.44
N ASN M 412 -19.28 4.78 -76.98
CA ASN M 412 -18.35 5.80 -76.47
C ASN M 412 -17.85 5.58 -75.05
N THR M 413 -18.70 5.09 -74.17
CA THR M 413 -18.34 4.88 -72.79
C THR M 413 -17.23 3.86 -72.68
N GLY M 414 -17.31 2.83 -73.50
CA GLY M 414 -16.31 1.77 -73.53
C GLY M 414 -16.17 1.08 -72.20
N GLU M 415 -14.96 0.94 -71.71
CA GLU M 415 -14.74 0.13 -70.52
C GLU M 415 -15.31 0.86 -69.33
N PHE M 416 -15.75 0.15 -68.32
CA PHE M 416 -15.86 0.74 -67.00
C PHE M 416 -14.66 0.36 -66.14
N LYS M 417 -13.82 1.34 -65.80
CA LYS M 417 -12.85 1.14 -64.74
C LYS M 417 -13.60 1.06 -63.41
N HIS M 418 -12.95 0.50 -62.40
CA HIS M 418 -13.53 0.59 -61.07
C HIS M 418 -13.55 2.02 -60.59
N SER M 419 -12.75 2.89 -61.22
CA SER M 419 -12.60 4.25 -60.71
C SER M 419 -13.89 5.03 -60.79
N ASP M 420 -14.80 4.69 -61.71
CA ASP M 420 -15.94 5.57 -61.92
C ASP M 420 -16.87 5.56 -60.71
N MET M 421 -17.20 4.36 -60.20
CA MET M 421 -18.21 4.28 -59.15
C MET M 421 -17.77 5.04 -57.91
N VAL M 422 -16.49 4.95 -57.54
CA VAL M 422 -16.00 5.81 -56.47
C VAL M 422 -16.10 7.27 -56.87
N ASN M 423 -15.60 7.60 -58.06
CA ASN M 423 -15.75 8.95 -58.59
C ASN M 423 -17.21 9.33 -58.69
N TYR M 424 -18.08 8.38 -59.07
CA TYR M 424 -19.50 8.70 -59.20
C TYR M 424 -20.08 9.07 -57.85
N ALA M 425 -19.83 8.25 -56.84
CA ALA M 425 -20.34 8.54 -55.50
C ALA M 425 -19.83 9.88 -55.01
N ASN M 426 -18.53 10.13 -55.16
CA ASN M 426 -17.98 11.38 -54.65
C ASN M 426 -18.57 12.58 -55.36
N LYS M 427 -18.56 12.57 -56.70
CA LYS M 427 -19.06 13.71 -57.44
C LYS M 427 -20.56 13.91 -57.20
N LYS M 428 -21.32 12.83 -57.10
CA LYS M 428 -22.75 12.97 -56.89
C LYS M 428 -23.07 13.47 -55.49
N LEU M 429 -22.29 13.06 -54.50
CA LEU M 429 -22.51 13.54 -53.15
C LEU M 429 -22.23 15.04 -53.07
N ALA M 430 -21.11 15.48 -53.65
CA ALA M 430 -20.85 16.91 -53.70
C ALA M 430 -21.92 17.64 -54.50
N GLU M 431 -22.37 17.05 -55.61
CA GLU M 431 -23.44 17.62 -56.41
C GLU M 431 -24.69 17.86 -55.56
N ILE M 432 -25.09 16.84 -54.78
CA ILE M 432 -26.20 17.02 -53.86
C ILE M 432 -25.93 18.14 -52.90
N ASP M 433 -24.70 18.22 -52.39
CA ASP M 433 -24.36 19.31 -51.48
C ASP M 433 -24.55 20.66 -52.15
N SER M 434 -24.38 20.72 -53.47
CA SER M 434 -24.44 22.01 -54.16
C SER M 434 -25.84 22.34 -54.63
N MET M 435 -26.80 21.43 -54.43
CA MET M 435 -28.15 21.69 -54.89
C MET M 435 -28.78 22.83 -54.10
N ASP M 436 -29.93 23.29 -54.59
CA ASP M 436 -30.54 24.52 -54.08
C ASP M 436 -31.57 24.24 -52.97
N ILE M 437 -31.97 22.99 -52.81
CA ILE M 437 -33.05 22.56 -51.92
C ILE M 437 -32.71 22.83 -50.45
N PRO M 438 -33.70 22.84 -49.56
CA PRO M 438 -33.40 22.95 -48.13
C PRO M 438 -32.78 21.68 -47.57
N ASP M 439 -32.29 21.78 -46.33
CA ASP M 439 -31.50 20.71 -45.73
C ASP M 439 -32.26 19.40 -45.66
N GLY M 440 -33.56 19.46 -45.40
CA GLY M 440 -34.33 18.24 -45.28
C GLY M 440 -34.28 17.38 -46.52
N ALA M 441 -34.53 17.99 -47.68
CA ALA M 441 -34.46 17.23 -48.93
C ALA M 441 -33.05 16.74 -49.19
N LYS M 442 -32.05 17.55 -48.86
CA LYS M 442 -30.67 17.14 -49.07
C LYS M 442 -30.36 15.87 -48.30
N ASP M 443 -30.73 15.83 -47.02
CA ASP M 443 -30.37 14.68 -46.20
C ASP M 443 -31.23 13.47 -46.52
N ALA M 444 -32.53 13.69 -46.80
CA ALA M 444 -33.33 12.58 -47.30
C ALA M 444 -32.74 12.00 -48.56
N MET M 445 -32.10 12.85 -49.39
CA MET M 445 -31.55 12.37 -50.63
C MET M 445 -30.23 11.63 -50.41
N LYS M 446 -29.40 12.13 -49.51
CA LYS M 446 -28.20 11.40 -49.13
C LYS M 446 -28.56 10.02 -48.60
N LEU M 447 -29.65 9.92 -47.85
CA LEU M 447 -30.04 8.61 -47.31
C LEU M 447 -30.66 7.73 -48.39
N LYS M 448 -31.49 8.30 -49.27
CA LYS M 448 -32.10 7.52 -50.33
C LYS M 448 -31.06 7.14 -51.38
N TYR M 449 -29.86 7.70 -51.29
CA TYR M 449 -28.75 7.15 -52.05
C TYR M 449 -27.96 6.14 -51.25
N LEU M 450 -27.83 6.35 -49.94
CA LEU M 450 -27.08 5.41 -49.11
C LEU M 450 -27.68 4.02 -49.20
N GLN M 451 -28.95 3.93 -49.55
CA GLN M 451 -29.56 2.70 -50.01
C GLN M 451 -29.96 2.89 -51.47
N ALA M 452 -29.61 1.94 -52.32
CA ALA M 452 -28.87 0.76 -51.91
C ALA M 452 -27.88 0.34 -52.97
N ASP M 453 -26.62 0.18 -52.56
CA ASP M 453 -25.65 -0.53 -53.36
C ASP M 453 -25.20 -1.73 -52.55
N SER M 454 -24.63 -2.72 -53.24
CA SER M 454 -24.36 -4.01 -52.63
C SER M 454 -23.11 -4.01 -51.75
N LYS M 455 -23.05 -3.10 -50.78
CA LYS M 455 -21.93 -3.02 -49.82
C LYS M 455 -20.59 -3.01 -50.57
N ASP M 456 -20.56 -2.25 -51.67
CA ASP M 456 -19.38 -2.27 -52.53
C ASP M 456 -18.10 -1.89 -51.77
N GLY M 457 -18.10 -0.78 -51.02
CA GLY M 457 -19.13 0.24 -51.00
C GLY M 457 -18.64 1.48 -51.73
N ALA M 458 -19.50 2.09 -52.53
CA ALA M 458 -19.15 3.40 -53.10
C ALA M 458 -19.71 4.52 -52.25
N PHE M 459 -21.04 4.59 -52.16
CA PHE M 459 -21.66 5.57 -51.28
C PHE M 459 -21.46 5.19 -49.83
N ARG M 460 -21.52 3.89 -49.54
CA ARG M 460 -21.35 3.45 -48.17
C ARG M 460 -19.96 3.82 -47.68
N THR M 461 -18.96 3.67 -48.54
CA THR M 461 -17.60 4.03 -48.14
C THR M 461 -17.40 5.54 -48.11
N ALA M 462 -18.10 6.29 -48.97
CA ALA M 462 -18.01 7.74 -48.89
C ALA M 462 -18.55 8.25 -47.56
N ILE M 463 -19.78 7.89 -47.23
CA ILE M 463 -20.34 8.28 -45.94
C ILE M 463 -19.51 7.69 -44.81
N GLY M 464 -18.89 6.54 -45.04
CA GLY M 464 -18.09 5.94 -43.99
C GLY M 464 -16.83 6.73 -43.69
N THR M 465 -16.13 7.18 -44.73
CA THR M 465 -14.95 8.00 -44.48
C THR M 465 -15.35 9.34 -43.90
N MET M 466 -16.54 9.83 -44.22
CA MET M 466 -17.06 10.99 -43.51
C MET M 466 -17.19 10.69 -42.02
N VAL M 467 -17.73 9.53 -41.69
CA VAL M 467 -17.89 9.14 -40.29
C VAL M 467 -16.55 9.04 -39.59
N THR M 468 -15.58 8.34 -40.18
CA THR M 468 -14.29 8.24 -39.52
C THR M 468 -13.59 9.58 -39.45
N ASP M 469 -13.89 10.49 -40.38
CA ASP M 469 -13.35 11.85 -40.24
C ASP M 469 -13.91 12.51 -39.00
N ALA M 470 -15.22 12.47 -38.82
CA ALA M 470 -15.80 13.02 -37.60
C ALA M 470 -15.21 12.33 -36.37
N GLY M 471 -14.97 11.04 -36.46
CA GLY M 471 -14.44 10.31 -35.32
C GLY M 471 -13.03 10.74 -34.95
N GLN M 472 -12.14 10.79 -35.94
CA GLN M 472 -10.79 11.22 -35.67
C GLN M 472 -10.78 12.67 -35.23
N GLU M 473 -11.70 13.49 -35.74
CA GLU M 473 -11.72 14.89 -35.37
C GLU M 473 -12.12 15.06 -33.91
N TRP M 474 -13.14 14.32 -33.46
CA TRP M 474 -13.48 14.38 -32.05
C TRP M 474 -12.37 13.77 -31.20
N SER M 475 -11.66 12.78 -31.73
CA SER M 475 -10.48 12.29 -31.03
C SER M 475 -9.47 13.40 -30.81
N ALA M 476 -9.13 14.11 -31.88
CA ALA M 476 -8.16 15.18 -31.78
C ALA M 476 -8.64 16.26 -30.82
N ALA M 477 -9.94 16.52 -30.78
CA ALA M 477 -10.47 17.41 -29.77
C ALA M 477 -10.20 16.86 -28.37
N VAL M 478 -10.33 15.54 -28.21
CA VAL M 478 -10.06 14.95 -26.90
C VAL M 478 -8.61 15.15 -26.48
N ILE M 479 -7.67 14.84 -27.37
CA ILE M 479 -6.26 15.01 -27.05
C ILE M 479 -5.99 16.48 -26.77
N ASN M 480 -6.50 17.35 -27.64
CA ASN M 480 -6.20 18.76 -27.57
C ASN M 480 -6.67 19.39 -26.27
N GLY M 481 -7.67 18.79 -25.62
CA GLY M 481 -8.15 19.27 -24.35
C GLY M 481 -9.40 20.12 -24.41
N LYS M 482 -9.60 20.86 -25.50
CA LYS M 482 -10.84 21.58 -25.75
C LYS M 482 -11.39 21.14 -27.09
N LEU M 483 -12.41 21.80 -27.58
CA LEU M 483 -12.92 21.37 -28.87
C LEU M 483 -12.74 22.48 -29.90
N PRO M 484 -12.02 22.21 -30.99
CA PRO M 484 -11.77 23.27 -31.98
C PRO M 484 -13.06 23.77 -32.60
N GLU M 485 -13.05 25.05 -32.96
CA GLU M 485 -14.25 25.67 -33.48
C GLU M 485 -14.56 25.19 -34.90
N ARG M 486 -15.83 25.27 -35.24
CA ARG M 486 -16.34 25.18 -36.60
C ARG M 486 -16.35 23.76 -37.17
N THR M 487 -15.61 22.83 -36.54
CA THR M 487 -15.84 21.39 -36.59
C THR M 487 -16.49 20.89 -37.88
N PRO M 488 -15.83 21.02 -39.04
CA PRO M 488 -16.53 20.73 -40.29
C PRO M 488 -17.05 19.30 -40.39
N ALA M 489 -16.21 18.30 -40.12
CA ALA M 489 -16.66 16.92 -40.25
C ALA M 489 -17.75 16.60 -39.25
N MET M 490 -17.59 17.04 -37.99
CA MET M 490 -18.63 16.83 -37.01
C MET M 490 -19.94 17.49 -37.42
N ASP M 491 -19.86 18.68 -38.02
CA ASP M 491 -21.08 19.38 -38.44
C ASP M 491 -21.77 18.62 -39.57
N ALA M 492 -21.00 18.17 -40.57
CA ALA M 492 -21.61 17.42 -41.66
C ALA M 492 -22.22 16.12 -41.14
N LEU M 493 -21.54 15.45 -40.22
CA LEU M 493 -22.09 14.22 -39.66
C LEU M 493 -23.37 14.50 -38.88
N ARG M 494 -23.39 15.61 -38.14
CA ARG M 494 -24.61 15.95 -37.42
C ARG M 494 -25.75 16.19 -38.39
N ARG M 495 -25.48 16.88 -39.49
CA ARG M 495 -26.50 17.11 -40.49
C ARG M 495 -27.05 15.79 -41.03
N ILE M 496 -26.18 14.87 -41.44
CA ILE M 496 -26.66 13.65 -42.08
C ILE M 496 -27.35 12.75 -41.06
N ARG M 497 -26.72 12.54 -39.91
CA ARG M 497 -27.23 11.57 -38.96
C ARG M 497 -28.45 12.07 -38.20
N ASN M 498 -28.59 13.35 -37.95
CA ASN M 498 -29.84 13.80 -37.32
C ASN M 498 -31.05 13.14 -37.97
N ALA M 499 -31.05 13.01 -39.29
CA ALA M 499 -32.19 12.43 -40.01
C ALA M 499 -32.57 10.96 -39.81
N ASP M 500 -31.62 10.03 -39.73
CA ASP M 500 -31.99 8.63 -39.40
C ASP M 500 -31.07 7.97 -38.44
N PRO M 501 -31.16 8.34 -37.19
CA PRO M 501 -30.22 7.83 -36.22
C PRO M 501 -29.90 6.38 -36.37
N GLN M 502 -30.90 5.54 -36.51
CA GLN M 502 -30.61 4.13 -36.52
C GLN M 502 -29.83 3.68 -37.74
N LEU M 503 -30.18 4.17 -38.92
CA LEU M 503 -29.50 3.68 -40.13
C LEU M 503 -28.01 3.96 -40.23
N ILE M 504 -27.59 5.18 -39.93
CA ILE M 504 -26.19 5.49 -40.09
C ILE M 504 -25.47 4.61 -39.14
N ALA M 505 -26.00 4.46 -37.95
CA ALA M 505 -25.37 3.62 -36.97
C ALA M 505 -25.32 2.19 -37.39
N ALA M 506 -26.39 1.72 -38.00
CA ALA M 506 -26.42 0.31 -38.36
C ALA M 506 -25.37 -0.09 -39.36
N LEU M 507 -25.19 0.74 -40.38
CA LEU M 507 -24.24 0.40 -41.41
C LEU M 507 -22.83 0.42 -40.91
N TYR M 508 -22.47 1.38 -40.06
CA TYR M 508 -21.14 1.35 -39.49
C TYR M 508 -21.24 0.89 -38.05
N PRO M 509 -21.01 -0.40 -37.79
CA PRO M 509 -21.21 -0.92 -36.44
C PRO M 509 -19.95 -0.86 -35.71
N ASP M 510 -19.22 0.21 -35.91
CA ASP M 510 -17.91 0.36 -35.31
C ASP M 510 -17.84 1.63 -34.47
N GLN M 511 -18.23 2.76 -35.03
CA GLN M 511 -18.22 4.01 -34.29
C GLN M 511 -19.57 4.33 -33.67
N ALA M 512 -20.12 3.43 -32.87
CA ALA M 512 -21.32 3.79 -32.10
C ALA M 512 -20.95 4.75 -30.98
N GLU M 513 -19.69 4.71 -30.55
CA GLU M 513 -19.17 5.63 -29.55
C GLU M 513 -19.33 7.07 -29.99
N LEU M 514 -18.97 7.38 -31.24
CA LEU M 514 -19.10 8.73 -31.76
C LEU M 514 -20.56 9.15 -31.83
N PHE M 515 -21.44 8.25 -32.26
CA PHE M 515 -22.86 8.59 -32.34
C PHE M 515 -23.41 8.89 -30.96
N LEU M 516 -23.05 8.07 -29.97
CA LEU M 516 -23.46 8.34 -28.60
C LEU M 516 -22.98 9.70 -28.13
N THR M 517 -21.70 9.99 -28.33
CA THR M 517 -21.17 11.26 -27.86
C THR M 517 -21.80 12.45 -28.57
N MET M 518 -22.00 12.34 -29.88
CA MET M 518 -22.62 13.44 -30.61
C MET M 518 -24.05 13.65 -30.16
N ASP M 519 -24.80 12.57 -29.97
CA ASP M 519 -26.19 12.69 -29.53
C ASP M 519 -26.27 13.19 -28.11
N MET M 520 -25.25 12.92 -27.29
CA MET M 520 -25.12 13.58 -26.01
C MET M 520 -24.87 15.07 -26.21
N MET M 521 -24.09 15.40 -27.23
CA MET M 521 -23.62 16.76 -27.40
C MET M 521 -24.73 17.69 -27.86
N ASP M 522 -25.63 17.21 -28.72
CA ASP M 522 -26.59 18.09 -29.35
C ASP M 522 -28.01 17.91 -28.84
N LYS M 523 -28.54 16.69 -28.85
CA LYS M 523 -29.91 16.48 -28.42
C LYS M 523 -30.08 16.78 -26.94
N GLN M 524 -29.30 16.10 -26.10
CA GLN M 524 -29.26 16.43 -24.69
C GLN M 524 -28.46 17.72 -24.48
N GLY M 525 -28.61 18.31 -23.30
CA GLY M 525 -28.12 19.67 -23.09
C GLY M 525 -26.70 19.78 -22.59
N ILE M 526 -25.98 18.67 -22.44
CA ILE M 526 -24.68 18.72 -21.79
C ILE M 526 -23.70 19.51 -22.65
N ASP M 527 -22.71 20.12 -22.00
CA ASP M 527 -21.71 20.89 -22.71
C ASP M 527 -20.75 19.96 -23.44
N PRO M 528 -20.29 20.33 -24.63
CA PRO M 528 -19.14 19.65 -25.23
C PRO M 528 -17.82 20.17 -24.66
N GLN M 529 -17.78 20.25 -23.34
CA GLN M 529 -16.56 20.44 -22.58
C GLN M 529 -16.48 19.45 -21.42
N VAL M 530 -17.62 19.05 -20.89
CA VAL M 530 -17.63 18.17 -19.72
C VAL M 530 -17.46 16.73 -20.14
N ILE M 531 -17.68 16.43 -21.43
CA ILE M 531 -17.30 15.12 -21.94
C ILE M 531 -15.81 15.08 -22.23
N LEU M 532 -15.24 16.23 -22.62
CA LEU M 532 -13.86 16.27 -23.06
C LEU M 532 -12.91 15.83 -21.97
N ASP M 533 -13.04 16.40 -20.77
CA ASP M 533 -12.14 16.00 -19.70
C ASP M 533 -12.32 14.52 -19.37
N ALA M 534 -13.57 14.12 -19.11
CA ALA M 534 -13.84 12.76 -18.65
C ALA M 534 -13.38 11.73 -19.66
N ASP M 535 -13.32 12.11 -20.94
CA ASP M 535 -12.77 11.18 -21.93
C ASP M 535 -11.27 11.37 -22.08
N ARG M 536 -10.74 12.47 -21.56
CA ARG M 536 -9.30 12.70 -21.58
C ARG M 536 -8.67 12.26 -20.26
N LEU M 537 -9.47 12.24 -19.20
CA LEU M 537 -8.96 11.96 -17.87
C LEU M 537 -8.96 10.47 -17.57
N THR M 538 -9.60 9.67 -18.43
CA THR M 538 -9.76 8.25 -18.15
C THR M 538 -8.44 7.56 -17.87
N VAL M 539 -8.46 6.58 -16.97
CA VAL M 539 -7.33 5.68 -16.76
C VAL M 539 -7.36 4.65 -17.88
N LYS M 540 -6.20 4.12 -18.21
CA LYS M 540 -6.16 2.96 -19.06
C LYS M 540 -6.65 1.74 -18.28
N ARG M 541 -7.64 1.05 -18.84
CA ARG M 541 -8.28 -0.08 -18.16
C ARG M 541 -7.29 -1.19 -17.83
N SER M 542 -6.11 -1.15 -18.44
CA SER M 542 -4.92 -1.88 -18.02
C SER M 542 -5.11 -3.39 -17.99
N LYS M 543 -6.10 -3.95 -18.68
CA LYS M 543 -6.19 -5.39 -18.91
C LYS M 543 -6.58 -6.14 -17.65
N GLU M 544 -6.64 -5.46 -16.51
CA GLU M 544 -6.95 -6.16 -15.27
C GLU M 544 -8.41 -6.00 -14.88
N GLN M 545 -8.87 -4.75 -14.66
CA GLN M 545 -10.22 -4.54 -14.18
C GLN M 545 -11.25 -4.85 -15.26
N ARG M 546 -10.81 -4.96 -16.51
CA ARG M 546 -11.71 -5.39 -17.57
C ARG M 546 -12.33 -6.75 -17.28
N PHE M 547 -11.59 -7.75 -16.84
CA PHE M 547 -12.20 -9.10 -16.76
C PHE M 547 -13.40 -8.87 -15.90
N GLU M 548 -13.16 -8.08 -14.89
CA GLU M 548 -14.23 -7.74 -14.03
C GLU M 548 -15.25 -7.00 -14.87
N ASP M 549 -14.85 -6.10 -15.77
CA ASP M 549 -15.80 -5.42 -16.68
C ASP M 549 -16.61 -6.32 -17.64
N ASP M 550 -16.01 -7.36 -18.22
CA ASP M 550 -16.79 -8.28 -19.07
C ASP M 550 -17.80 -9.01 -18.20
N LYS M 551 -17.36 -9.40 -17.03
CA LYS M 551 -18.27 -10.12 -16.18
C LYS M 551 -19.36 -9.16 -15.84
N ALA M 552 -19.04 -7.88 -15.77
CA ALA M 552 -20.00 -6.85 -15.45
C ALA M 552 -21.05 -6.65 -16.49
N PHE M 553 -20.63 -6.65 -17.75
CA PHE M 553 -21.64 -6.55 -18.75
C PHE M 553 -22.49 -7.74 -18.55
N GLU M 554 -21.91 -8.89 -18.27
CA GLU M 554 -22.83 -10.00 -18.09
C GLU M 554 -23.80 -10.07 -16.89
N SER M 555 -23.62 -9.30 -15.80
CA SER M 555 -24.51 -9.48 -14.67
C SER M 555 -25.67 -8.50 -14.73
N ALA M 556 -25.37 -7.23 -15.01
CA ALA M 556 -26.46 -6.25 -15.15
C ALA M 556 -27.35 -6.58 -16.34
N LEU M 557 -26.82 -7.31 -17.31
CA LEU M 557 -27.64 -7.80 -18.40
C LEU M 557 -28.60 -8.88 -17.92
N ASN M 558 -28.05 -9.98 -17.39
CA ASN M 558 -28.91 -11.09 -16.99
C ASN M 558 -29.85 -10.69 -15.86
N ALA M 559 -29.37 -9.88 -14.93
CA ALA M 559 -30.15 -9.57 -13.73
C ALA M 559 -30.99 -8.32 -13.92
N SER M 560 -31.33 -8.06 -15.18
CA SER M 560 -32.05 -6.84 -15.47
C SER M 560 -33.54 -6.98 -15.47
N LYS M 561 -34.03 -7.98 -16.13
CA LYS M 561 -35.46 -8.23 -16.15
C LYS M 561 -36.27 -7.04 -16.61
N ALA M 562 -35.80 -6.35 -17.63
CA ALA M 562 -36.57 -5.27 -18.21
C ALA M 562 -36.76 -5.86 -19.56
N PRO M 563 -37.99 -5.81 -20.14
CA PRO M 563 -38.06 -6.71 -21.30
C PRO M 563 -36.94 -6.45 -22.28
N GLU M 564 -36.72 -5.20 -22.71
CA GLU M 564 -35.92 -4.95 -23.89
C GLU M 564 -34.51 -5.45 -23.69
N ILE M 565 -33.90 -5.12 -22.56
CA ILE M 565 -32.54 -5.54 -22.30
C ILE M 565 -32.37 -7.06 -22.26
N ALA M 566 -33.30 -7.76 -21.63
CA ALA M 566 -33.19 -9.21 -21.52
C ALA M 566 -33.29 -10.00 -22.80
N ARG M 567 -34.21 -9.61 -23.65
CA ARG M 567 -34.42 -10.33 -24.90
C ARG M 567 -33.60 -9.64 -25.95
N MET M 568 -32.77 -8.69 -25.54
CA MET M 568 -31.95 -7.91 -26.47
C MET M 568 -31.94 -8.34 -27.88
N PRO M 569 -32.60 -7.54 -28.72
CA PRO M 569 -32.45 -8.10 -30.07
C PRO M 569 -31.02 -8.06 -30.64
N ALA M 570 -30.65 -8.96 -31.54
CA ALA M 570 -29.24 -9.31 -31.73
C ALA M 570 -28.25 -8.24 -32.25
N SER M 571 -28.67 -7.50 -33.25
CA SER M 571 -27.81 -6.51 -33.85
C SER M 571 -27.55 -5.46 -32.82
N LEU M 572 -28.65 -5.17 -32.15
CA LEU M 572 -28.60 -4.16 -31.18
C LEU M 572 -27.75 -4.59 -29.98
N ARG M 573 -27.71 -5.87 -29.67
CA ARG M 573 -26.77 -6.44 -28.67
C ARG M 573 -25.38 -6.23 -29.06
N GLU M 574 -25.09 -6.48 -30.31
CA GLU M 574 -23.73 -6.14 -30.69
C GLU M 574 -23.42 -4.67 -30.55
N SER M 575 -24.33 -3.78 -30.89
CA SER M 575 -23.98 -2.41 -30.52
C SER M 575 -23.97 -2.17 -29.00
N ALA M 576 -25.04 -2.55 -28.32
CA ALA M 576 -25.26 -2.44 -26.91
C ALA M 576 -24.01 -2.56 -26.10
N ARG M 577 -23.15 -3.48 -26.47
CA ARG M 577 -21.97 -3.69 -25.66
C ARG M 577 -21.25 -2.39 -25.68
N LYS M 578 -21.16 -1.72 -26.82
CA LYS M 578 -20.37 -0.50 -26.76
C LYS M 578 -20.86 0.56 -25.77
N ILE M 579 -22.03 1.14 -25.96
CA ILE M 579 -22.55 2.31 -25.25
C ILE M 579 -22.36 2.15 -23.75
N TYR M 580 -22.62 0.95 -23.24
CA TYR M 580 -22.47 0.73 -21.80
C TYR M 580 -21.05 0.98 -21.36
N ASP M 581 -20.07 0.36 -22.02
CA ASP M 581 -18.69 0.54 -21.64
C ASP M 581 -18.26 1.99 -21.80
N SER M 582 -18.82 2.69 -22.78
CA SER M 582 -18.42 4.08 -22.98
C SER M 582 -18.92 4.95 -21.83
N VAL M 583 -20.22 4.91 -21.56
CA VAL M 583 -20.81 5.83 -20.60
C VAL M 583 -20.27 5.64 -19.20
N LYS M 584 -19.77 4.45 -18.90
CA LYS M 584 -19.34 4.13 -17.55
C LYS M 584 -18.10 4.92 -17.17
N TYR M 585 -17.19 5.10 -18.13
CA TYR M 585 -15.95 5.82 -17.90
C TYR M 585 -16.18 7.29 -17.59
N ARG M 586 -17.38 7.79 -17.84
CA ARG M 586 -17.72 9.15 -17.47
C ARG M 586 -18.08 9.17 -15.99
N SER M 587 -18.78 10.20 -15.54
CA SER M 587 -19.06 10.39 -14.12
C SER M 587 -19.80 9.20 -13.53
N GLY M 588 -20.04 9.28 -12.21
CA GLY M 588 -20.54 8.13 -11.45
C GLY M 588 -21.58 7.31 -12.18
N ASN M 589 -21.33 6.01 -12.19
CA ASN M 589 -21.84 5.14 -13.24
C ASN M 589 -22.56 3.95 -12.63
N GLU M 590 -22.84 2.98 -13.51
CA GLU M 590 -23.46 1.69 -13.19
C GLU M 590 -24.92 1.87 -12.80
N SER M 591 -25.37 3.11 -12.72
CA SER M 591 -26.79 3.40 -12.88
C SER M 591 -26.99 4.30 -14.07
N MET M 592 -26.23 5.40 -14.11
CA MET M 592 -26.15 6.26 -15.28
C MET M 592 -25.83 5.44 -16.53
N ALA M 593 -25.00 4.40 -16.38
CA ALA M 593 -24.68 3.55 -17.50
C ALA M 593 -25.90 2.75 -17.95
N MET M 594 -26.51 2.00 -17.04
CA MET M 594 -27.76 1.33 -17.38
C MET M 594 -28.78 2.34 -17.86
N GLU M 595 -28.80 3.53 -17.27
CA GLU M 595 -29.77 4.54 -17.67
C GLU M 595 -29.63 4.86 -19.15
N GLN M 596 -28.41 5.19 -19.59
CA GLN M 596 -28.21 5.53 -21.00
C GLN M 596 -28.45 4.32 -21.90
N MET M 597 -27.99 3.13 -21.48
CA MET M 597 -28.16 1.97 -22.35
C MET M 597 -29.64 1.66 -22.54
N THR M 598 -30.43 1.77 -21.48
CA THR M 598 -31.85 1.48 -21.59
C THR M 598 -32.56 2.54 -22.40
N LYS M 599 -32.19 3.81 -22.23
CA LYS M 599 -32.86 4.84 -23.02
C LYS M 599 -32.50 4.71 -24.49
N PHE M 600 -31.29 4.22 -24.78
CA PHE M 600 -30.90 3.98 -26.16
C PHE M 600 -31.70 2.84 -26.76
N LEU M 601 -31.76 1.70 -26.06
CA LEU M 601 -32.50 0.57 -26.58
C LEU M 601 -33.98 0.89 -26.72
N LYS M 602 -34.48 1.83 -25.89
CA LYS M 602 -35.85 2.31 -26.09
C LYS M 602 -35.96 3.15 -27.35
N GLU M 603 -34.96 4.00 -27.61
CA GLU M 603 -34.96 4.79 -28.83
C GLU M 603 -34.76 3.92 -30.07
N SER M 604 -34.53 2.61 -29.94
CA SER M 604 -34.18 1.80 -31.13
C SER M 604 -34.79 0.42 -31.37
N THR M 605 -35.73 -0.02 -30.51
CA THR M 605 -36.53 -1.25 -30.72
C THR M 605 -37.93 -1.28 -30.11
N TYR M 606 -38.95 -1.55 -30.89
CA TYR M 606 -40.31 -1.66 -30.36
C TYR M 606 -40.41 -2.91 -29.57
N THR M 607 -41.20 -2.91 -28.50
CA THR M 607 -41.46 -4.13 -27.77
C THR M 607 -42.87 -4.49 -28.10
N PHE M 608 -43.08 -5.68 -28.61
CA PHE M 608 -44.40 -6.02 -29.10
C PHE M 608 -45.10 -6.68 -27.95
N THR M 609 -46.15 -6.07 -27.46
CA THR M 609 -46.77 -6.54 -26.27
C THR M 609 -47.93 -7.38 -26.69
N GLY M 610 -48.35 -8.25 -25.78
CA GLY M 610 -49.43 -9.18 -26.09
C GLY M 610 -50.79 -8.58 -25.76
N ASP M 611 -51.81 -9.10 -26.42
CA ASP M 611 -53.17 -8.62 -26.17
C ASP M 611 -53.64 -8.98 -24.77
N ASP M 612 -53.03 -9.99 -24.17
CA ASP M 612 -53.43 -10.41 -22.83
C ASP M 612 -53.09 -9.34 -21.80
N VAL M 613 -53.81 -9.36 -20.68
CA VAL M 613 -53.80 -8.25 -19.73
C VAL M 613 -52.62 -8.35 -18.77
N ASP M 614 -51.70 -9.28 -19.01
CA ASP M 614 -50.60 -9.46 -18.07
C ASP M 614 -49.74 -8.19 -17.97
N GLY M 615 -49.24 -7.65 -19.09
CA GLY M 615 -49.23 -8.23 -20.43
C GLY M 615 -47.80 -8.56 -20.84
N ASP M 616 -47.48 -9.85 -20.84
CA ASP M 616 -46.10 -10.28 -21.08
C ASP M 616 -45.69 -10.00 -22.53
N THR M 617 -44.42 -9.63 -22.70
CA THR M 617 -43.91 -9.29 -24.03
C THR M 617 -43.70 -10.56 -24.85
N VAL M 618 -43.96 -10.44 -26.15
CA VAL M 618 -43.76 -11.58 -27.02
C VAL M 618 -42.57 -11.35 -27.93
N GLY M 619 -42.12 -10.11 -28.09
CA GLY M 619 -40.93 -9.86 -28.88
C GLY M 619 -40.26 -8.51 -28.82
N VAL M 620 -39.03 -8.45 -29.29
CA VAL M 620 -38.35 -7.18 -29.40
C VAL M 620 -37.79 -7.21 -30.81
N ILE M 621 -38.36 -6.46 -31.73
CA ILE M 621 -38.03 -6.49 -33.12
C ILE M 621 -37.53 -5.10 -33.41
N PRO M 622 -36.40 -4.94 -34.11
CA PRO M 622 -35.65 -3.68 -34.08
C PRO M 622 -36.26 -2.46 -34.82
N LYS M 623 -36.34 -1.23 -34.24
CA LYS M 623 -37.18 -0.26 -34.95
C LYS M 623 -36.63 0.10 -36.32
N ASN M 624 -35.44 -0.37 -36.68
CA ASN M 624 -34.86 -0.03 -37.97
C ASN M 624 -35.35 -0.97 -39.05
N MET M 625 -35.48 -2.24 -38.74
CA MET M 625 -35.89 -3.22 -39.73
C MET M 625 -37.38 -3.48 -39.94
N MET M 626 -38.26 -2.69 -39.36
CA MET M 626 -39.67 -2.88 -39.63
C MET M 626 -40.06 -1.84 -40.60
N GLN M 627 -39.09 -1.05 -41.02
CA GLN M 627 -39.37 0.05 -41.90
C GLN M 627 -39.88 -0.26 -43.24
N VAL M 628 -41.11 0.12 -43.53
CA VAL M 628 -41.55 -0.03 -44.89
C VAL M 628 -40.85 1.13 -45.59
N ASN M 629 -40.57 1.04 -46.87
CA ASN M 629 -39.96 2.15 -47.62
C ASN M 629 -38.67 2.71 -47.03
N SER M 630 -38.49 4.03 -46.98
CA SER M 630 -37.22 4.59 -46.53
C SER M 630 -37.16 5.61 -45.38
N ASP M 631 -38.27 5.93 -44.72
CA ASP M 631 -38.27 6.96 -43.66
C ASP M 631 -38.80 6.31 -42.40
N PRO M 632 -38.58 6.87 -41.17
CA PRO M 632 -39.06 6.12 -39.98
C PRO M 632 -40.55 6.26 -39.61
N LYS M 633 -41.17 7.18 -40.31
CA LYS M 633 -42.58 7.32 -40.11
C LYS M 633 -43.07 6.03 -40.65
N SER M 634 -42.36 5.50 -41.62
CA SER M 634 -42.72 4.24 -42.20
C SER M 634 -42.59 3.07 -41.27
N TRP M 635 -41.57 3.06 -40.43
CA TRP M 635 -41.44 2.03 -39.43
C TRP M 635 -42.71 2.09 -38.71
N GLU M 636 -43.12 3.28 -38.35
CA GLU M 636 -44.36 3.22 -37.61
C GLU M 636 -45.47 2.55 -38.40
N GLN M 637 -45.61 2.85 -39.68
CA GLN M 637 -46.74 2.36 -40.45
C GLN M 637 -46.65 0.88 -40.53
N GLY M 638 -45.45 0.38 -40.69
CA GLY M 638 -45.25 -1.06 -40.72
C GLY M 638 -45.58 -1.78 -39.46
N ARG M 639 -45.24 -1.21 -38.31
CA ARG M 639 -45.72 -1.88 -37.11
C ARG M 639 -47.19 -2.21 -37.31
N ASP M 640 -48.01 -1.33 -37.84
CA ASP M 640 -49.40 -1.68 -38.17
C ASP M 640 -49.69 -2.87 -39.15
N ILE M 641 -48.69 -3.43 -39.85
CA ILE M 641 -48.72 -4.66 -40.63
C ILE M 641 -48.38 -5.85 -39.75
N LEU M 642 -47.34 -5.70 -38.92
CA LEU M 642 -46.85 -6.82 -38.12
C LEU M 642 -47.87 -7.18 -37.05
N GLU M 643 -48.53 -6.19 -36.46
CA GLU M 643 -49.54 -6.48 -35.46
C GLU M 643 -50.76 -7.16 -36.08
N GLU M 644 -51.21 -6.68 -37.24
CA GLU M 644 -52.29 -7.37 -37.93
C GLU M 644 -51.89 -8.80 -38.23
N ALA M 645 -50.62 -9.03 -38.58
CA ALA M 645 -50.17 -10.39 -38.85
C ALA M 645 -50.18 -11.26 -37.60
N ARG M 646 -49.65 -10.73 -36.50
CA ARG M 646 -49.58 -11.51 -35.27
C ARG M 646 -50.97 -11.81 -34.73
N LYS M 647 -51.91 -10.91 -34.92
CA LYS M 647 -53.31 -11.16 -34.56
C LYS M 647 -54.07 -12.19 -35.35
N GLY M 648 -53.89 -12.18 -36.67
CA GLY M 648 -54.64 -13.08 -37.51
C GLY M 648 -54.25 -14.46 -37.08
N ILE M 649 -52.98 -14.68 -36.82
CA ILE M 649 -52.51 -16.00 -36.41
C ILE M 649 -53.21 -16.45 -35.15
N ILE M 650 -53.22 -15.63 -34.11
CA ILE M 650 -53.77 -16.08 -32.84
C ILE M 650 -55.21 -16.46 -32.93
N ALA M 651 -56.05 -15.67 -33.55
CA ALA M 651 -57.44 -16.10 -33.72
C ALA M 651 -57.59 -17.23 -34.72
N SER M 652 -56.84 -17.20 -35.82
CA SER M 652 -57.04 -18.21 -36.86
C SER M 652 -56.77 -19.60 -36.41
N ASN M 653 -55.65 -19.79 -35.76
CA ASN M 653 -55.40 -21.10 -35.25
C ASN M 653 -55.81 -21.00 -33.82
N PRO M 654 -57.02 -21.48 -33.51
CA PRO M 654 -57.50 -21.30 -32.14
C PRO M 654 -56.59 -22.07 -31.23
N TRP M 655 -56.40 -21.66 -29.98
CA TRP M 655 -55.53 -22.32 -28.98
C TRP M 655 -54.12 -21.76 -28.94
N ILE M 656 -53.76 -20.93 -29.91
CA ILE M 656 -52.47 -20.32 -29.82
C ILE M 656 -52.66 -19.07 -29.02
N THR M 657 -52.75 -19.20 -27.70
CA THR M 657 -53.00 -18.04 -26.86
C THR M 657 -51.79 -17.16 -26.88
N ASN M 658 -51.97 -15.87 -26.70
CA ASN M 658 -50.86 -14.95 -26.87
C ASN M 658 -49.65 -15.39 -26.10
N LYS M 659 -49.84 -16.00 -24.95
CA LYS M 659 -48.70 -16.33 -24.14
C LYS M 659 -47.81 -17.24 -24.95
N GLN M 660 -48.40 -18.13 -25.72
CA GLN M 660 -47.61 -19.02 -26.56
C GLN M 660 -46.75 -18.41 -27.69
N LEU M 661 -47.23 -17.39 -28.40
CA LEU M 661 -46.49 -16.83 -29.53
C LEU M 661 -45.21 -16.07 -29.24
N THR M 662 -44.13 -16.26 -30.02
CA THR M 662 -42.92 -15.45 -29.91
C THR M 662 -42.60 -14.78 -31.25
N MET M 663 -42.17 -13.52 -31.26
CA MET M 663 -41.54 -12.98 -32.47
C MET M 663 -40.05 -12.78 -32.30
N TYR M 664 -39.29 -13.40 -33.18
CA TYR M 664 -37.87 -13.59 -33.01
C TYR M 664 -37.31 -13.00 -34.28
N SER M 665 -36.33 -12.12 -34.19
CA SER M 665 -35.63 -11.65 -35.36
C SER M 665 -34.48 -12.56 -35.73
N GLN M 666 -33.65 -12.11 -36.66
CA GLN M 666 -32.37 -12.70 -37.01
C GLN M 666 -31.51 -11.58 -37.55
N GLY M 667 -30.42 -11.90 -38.24
CA GLY M 667 -29.64 -10.85 -38.91
C GLY M 667 -30.53 -9.84 -39.61
N ASP M 668 -31.26 -10.29 -40.64
CA ASP M 668 -32.25 -9.44 -41.29
C ASP M 668 -33.48 -10.27 -41.64
N SER M 669 -34.40 -10.43 -40.68
CA SER M 669 -35.66 -11.11 -40.93
C SER M 669 -36.54 -10.97 -39.69
N ILE M 670 -37.81 -10.66 -39.87
CA ILE M 670 -38.71 -10.67 -38.74
C ILE M 670 -39.55 -11.88 -38.91
N TYR M 671 -39.43 -12.80 -37.97
CA TYR M 671 -39.86 -14.18 -38.04
C TYR M 671 -40.92 -14.39 -37.02
N LEU M 672 -41.96 -15.19 -37.17
CA LEU M 672 -42.97 -15.23 -36.09
C LEU M 672 -43.50 -16.60 -35.69
N MET M 673 -43.21 -17.10 -34.48
CA MET M 673 -43.59 -18.49 -34.13
C MET M 673 -44.49 -18.76 -32.99
N ASP M 674 -45.44 -19.67 -33.15
CA ASP M 674 -46.24 -20.09 -32.00
C ASP M 674 -45.28 -21.06 -31.37
N THR M 675 -45.38 -21.36 -30.07
CA THR M 675 -44.32 -22.18 -29.49
C THR M 675 -44.23 -23.56 -30.06
N THR M 676 -45.34 -24.23 -30.31
CA THR M 676 -45.20 -25.51 -30.95
C THR M 676 -44.64 -25.07 -32.25
N GLY M 677 -43.74 -25.81 -32.82
CA GLY M 677 -43.07 -25.34 -34.01
C GLY M 677 -43.93 -25.18 -35.23
N GLN M 678 -45.18 -25.63 -35.19
CA GLN M 678 -46.01 -25.63 -36.38
C GLN M 678 -46.27 -24.33 -37.10
N VAL M 679 -46.55 -23.24 -36.41
CA VAL M 679 -46.99 -22.07 -37.14
C VAL M 679 -46.04 -20.89 -37.01
N ARG M 680 -45.55 -20.41 -38.13
CA ARG M 680 -44.31 -19.65 -38.16
C ARG M 680 -44.17 -18.88 -39.42
N VAL M 681 -44.52 -17.60 -39.40
CA VAL M 681 -44.57 -16.83 -40.62
C VAL M 681 -43.39 -15.92 -40.68
N ARG M 682 -42.68 -15.88 -41.81
CA ARG M 682 -41.54 -15.00 -41.93
C ARG M 682 -42.08 -13.64 -42.25
N TYR M 683 -41.35 -12.59 -42.00
CA TYR M 683 -41.69 -11.25 -42.46
C TYR M 683 -40.38 -10.48 -42.68
N ASP M 684 -40.16 -9.99 -43.87
CA ASP M 684 -38.87 -9.57 -44.39
C ASP M 684 -38.95 -8.16 -44.93
N LYS M 685 -37.80 -7.47 -44.88
CA LYS M 685 -37.72 -6.10 -45.37
C LYS M 685 -38.26 -5.97 -46.79
N GLU M 686 -37.76 -6.79 -47.71
CA GLU M 686 -38.14 -6.67 -49.10
C GLU M 686 -39.64 -6.80 -49.30
N LEU M 687 -40.23 -7.90 -48.84
CA LEU M 687 -41.64 -8.17 -49.14
C LEU M 687 -42.56 -7.27 -48.33
N LEU M 688 -42.32 -7.13 -47.04
CA LEU M 688 -43.14 -6.19 -46.26
C LEU M 688 -43.11 -4.82 -46.91
N SER M 689 -41.91 -4.32 -47.21
CA SER M 689 -41.76 -3.03 -47.88
C SER M 689 -42.60 -2.96 -49.13
N LYS M 690 -42.40 -3.89 -50.05
CA LYS M 690 -42.93 -3.69 -51.40
C LYS M 690 -44.42 -3.96 -51.45
N VAL M 691 -44.88 -4.93 -50.65
CA VAL M 691 -46.32 -5.14 -50.52
C VAL M 691 -46.98 -3.89 -49.96
N TRP M 692 -46.42 -3.32 -48.88
CA TRP M 692 -47.00 -2.09 -48.36
C TRP M 692 -46.96 -0.99 -49.39
N SER M 693 -45.90 -0.95 -50.20
CA SER M 693 -45.78 0.08 -51.23
C SER M 693 -46.96 0.00 -52.20
N GLU M 694 -47.21 -1.19 -52.77
CA GLU M 694 -48.29 -1.28 -53.74
C GLU M 694 -49.64 -1.05 -53.08
N ASN M 695 -49.81 -1.58 -51.87
CA ASN M 695 -51.08 -1.45 -51.17
C ASN M 695 -51.40 0.01 -50.88
N GLN M 696 -50.46 0.72 -50.23
CA GLN M 696 -50.61 2.16 -50.07
C GLN M 696 -50.85 2.84 -51.40
N LYS M 697 -50.20 2.37 -52.47
CA LYS M 697 -50.35 3.02 -53.77
C LYS M 697 -51.79 3.01 -54.23
N LYS M 698 -52.41 1.83 -54.31
CA LYS M 698 -53.73 1.83 -54.93
C LYS M 698 -54.83 2.20 -53.92
N LEU M 699 -54.54 2.08 -52.63
CA LEU M 699 -55.47 2.68 -51.67
C LEU M 699 -55.43 4.21 -51.77
N GLU M 700 -54.25 4.79 -51.97
CA GLU M 700 -54.15 6.22 -52.20
C GLU M 700 -54.81 6.62 -53.51
N GLU M 701 -54.78 5.71 -54.49
CA GLU M 701 -55.56 5.89 -55.71
C GLU M 701 -57.04 6.03 -55.43
N LYS M 702 -57.62 5.09 -54.67
CA LYS M 702 -59.02 5.21 -54.27
C LYS M 702 -59.27 6.54 -53.58
N ALA M 703 -58.33 6.94 -52.71
CA ALA M 703 -58.45 8.21 -52.02
C ALA M 703 -58.54 9.37 -53.02
N ARG M 704 -57.62 9.43 -53.98
CA ARG M 704 -57.68 10.50 -54.98
C ARG M 704 -59.01 10.45 -55.69
N GLU M 705 -59.49 9.24 -56.01
CA GLU M 705 -60.68 9.11 -56.81
C GLU M 705 -61.86 9.79 -56.14
N LYS M 706 -62.17 9.40 -54.90
CA LYS M 706 -63.35 10.01 -54.32
C LYS M 706 -63.06 11.39 -53.74
N ALA M 707 -61.78 11.75 -53.60
CA ALA M 707 -61.46 13.11 -53.17
C ALA M 707 -61.73 14.10 -54.29
N LEU M 708 -61.33 13.76 -55.52
CA LEU M 708 -61.62 14.58 -56.68
C LEU M 708 -63.05 14.42 -57.15
N ALA M 709 -63.74 13.38 -56.72
CA ALA M 709 -65.16 13.23 -57.03
C ALA M 709 -65.97 14.41 -56.49
N ASP M 710 -65.51 15.00 -55.38
CA ASP M 710 -66.16 16.19 -54.85
C ASP M 710 -66.06 17.35 -55.84
N VAL M 711 -64.96 17.43 -56.57
CA VAL M 711 -64.78 18.48 -57.57
C VAL M 711 -64.98 17.93 -58.97
N ASP N 65 52.75 73.65 -37.24
CA ASP N 65 52.10 74.78 -37.90
C ASP N 65 53.07 75.52 -38.81
N LEU N 66 52.99 76.85 -38.82
CA LEU N 66 53.86 77.65 -39.67
C LEU N 66 55.32 77.50 -39.27
N ALA N 67 55.57 77.23 -37.98
CA ALA N 67 56.96 77.11 -37.52
C ALA N 67 57.62 75.84 -38.06
N ASP N 68 56.84 74.78 -38.26
CA ASP N 68 57.43 73.51 -38.69
C ASP N 68 57.95 73.57 -40.12
N GLU N 69 57.74 74.70 -40.81
CA GLU N 69 58.34 74.90 -42.12
C GLU N 69 59.85 74.82 -42.05
N ARG N 70 60.42 75.11 -40.87
CA ARG N 70 61.86 74.89 -40.65
C ARG N 70 62.28 73.51 -41.12
N SER N 71 61.84 72.48 -40.41
CA SER N 71 62.29 71.13 -40.70
C SER N 71 61.68 70.63 -41.99
N ASN N 72 60.52 71.17 -42.37
CA ASN N 72 59.97 70.82 -43.68
C ASN N 72 60.95 71.17 -44.79
N GLU N 73 61.45 72.40 -44.80
CA GLU N 73 62.41 72.81 -45.82
C GLU N 73 63.72 72.05 -45.65
N ILE N 74 64.16 71.86 -44.41
CA ILE N 74 65.41 71.15 -44.18
C ILE N 74 65.34 69.73 -44.74
N ILE N 75 64.17 69.08 -44.64
CA ILE N 75 64.06 67.71 -45.06
C ILE N 75 63.78 67.63 -46.55
N ARG N 76 63.26 68.69 -47.15
CA ARG N 76 63.08 68.65 -48.58
C ARG N 76 64.46 68.32 -49.09
N LYS N 77 65.48 68.81 -48.41
CA LYS N 77 66.84 68.60 -48.85
C LYS N 77 67.30 67.18 -48.80
N LEU N 78 66.89 66.44 -47.79
CA LEU N 78 67.44 65.10 -47.64
C LEU N 78 67.14 64.33 -48.89
N THR N 79 68.14 63.59 -49.38
CA THR N 79 67.99 62.83 -50.61
C THR N 79 66.94 61.74 -50.50
N PRO N 80 66.09 61.62 -51.54
CA PRO N 80 65.01 60.64 -51.47
C PRO N 80 65.57 59.23 -51.34
N GLU N 81 66.65 58.95 -52.05
CA GLU N 81 67.25 57.64 -52.01
C GLU N 81 67.48 57.21 -50.57
N GLN N 82 68.20 58.01 -49.79
CA GLN N 82 68.47 57.55 -48.44
C GLN N 82 67.39 58.00 -47.45
N ARG N 83 66.32 58.65 -47.84
CA ARG N 83 65.24 58.96 -46.84
C ARG N 83 64.60 57.75 -46.15
N ARG N 84 64.37 56.69 -46.90
CA ARG N 84 63.65 55.53 -46.35
C ARG N 84 64.24 54.77 -45.14
N GLU N 85 65.55 54.56 -45.12
CA GLU N 85 66.18 53.89 -43.98
C GLU N 85 66.06 54.76 -42.74
N ALA N 86 66.20 56.05 -42.99
CA ALA N 86 66.10 56.97 -41.89
C ALA N 86 64.72 56.81 -41.35
N LEU N 87 63.73 56.77 -42.23
CA LEU N 87 62.35 56.66 -41.80
C LEU N 87 62.10 55.38 -41.02
N ASN N 88 62.69 54.28 -41.47
CA ASN N 88 62.58 53.01 -40.73
C ASN N 88 63.15 53.01 -39.33
N ASN N 89 64.29 53.64 -39.09
CA ASN N 89 64.75 53.61 -37.68
C ASN N 89 64.14 54.66 -36.77
N GLY N 90 64.84 55.72 -36.45
CA GLY N 90 64.17 56.72 -35.64
C GLY N 90 64.55 58.13 -35.94
N THR N 91 65.35 58.31 -36.97
CA THR N 91 65.83 59.64 -37.23
C THR N 91 64.76 60.66 -37.56
N LEU N 92 63.77 60.32 -38.37
CA LEU N 92 62.81 61.35 -38.78
C LEU N 92 61.39 61.42 -38.24
N LEU N 93 60.65 60.31 -38.23
CA LEU N 93 59.23 60.27 -37.81
C LEU N 93 58.34 60.65 -38.99
N TYR N 94 57.18 60.01 -39.10
CA TYR N 94 56.31 60.26 -40.25
C TYR N 94 55.71 61.65 -40.27
N GLN N 95 55.31 62.19 -39.12
CA GLN N 95 54.63 63.48 -39.11
C GLN N 95 55.34 64.52 -39.94
N ASP N 96 56.66 64.59 -39.85
CA ASP N 96 57.40 65.48 -40.74
C ASP N 96 58.10 64.71 -41.84
N ASP N 97 57.35 64.32 -42.85
CA ASP N 97 57.88 64.17 -44.20
C ASP N 97 56.86 64.80 -45.13
N PRO N 98 57.19 65.89 -45.79
CA PRO N 98 56.18 66.57 -46.63
C PRO N 98 55.70 65.68 -47.76
N TYR N 99 56.64 64.99 -48.39
CA TYR N 99 56.29 64.13 -49.52
C TYR N 99 55.37 63.00 -49.09
N ALA N 100 55.69 62.34 -47.97
CA ALA N 100 54.84 61.28 -47.47
C ALA N 100 53.48 61.81 -47.07
N MET N 101 53.45 62.98 -46.41
CA MET N 101 52.18 63.53 -45.97
C MET N 101 51.33 63.95 -47.15
N GLU N 102 51.96 64.41 -48.23
CA GLU N 102 51.26 64.71 -49.47
C GLU N 102 50.50 63.48 -49.97
N ALA N 103 51.22 62.42 -50.24
CA ALA N 103 50.56 61.28 -50.82
C ALA N 103 49.51 60.90 -49.81
N LEU N 104 49.81 60.95 -48.51
CA LEU N 104 48.86 60.40 -47.58
C LEU N 104 47.58 61.15 -47.64
N ARG N 105 47.64 62.47 -47.63
CA ARG N 105 46.41 63.23 -47.55
C ARG N 105 45.61 62.99 -48.79
N VAL N 106 46.29 62.93 -49.92
CA VAL N 106 45.60 62.72 -51.18
C VAL N 106 44.90 61.38 -51.24
N LYS N 107 45.57 60.34 -50.80
CA LYS N 107 44.97 59.03 -50.78
C LYS N 107 43.79 59.01 -49.83
N THR N 108 43.91 59.70 -48.70
CA THR N 108 42.88 59.68 -47.70
C THR N 108 41.68 60.28 -48.32
N GLY N 109 41.92 61.34 -49.05
CA GLY N 109 40.87 61.99 -49.79
C GLY N 109 40.19 61.18 -50.85
N ARG N 110 40.95 60.43 -51.66
CA ARG N 110 40.28 59.62 -52.64
C ARG N 110 39.45 58.63 -51.91
N ASN N 111 39.97 58.10 -50.82
CA ASN N 111 39.26 56.99 -50.20
C ASN N 111 37.97 57.58 -49.77
N ALA N 112 38.04 58.77 -49.21
CA ALA N 112 36.87 59.34 -48.58
C ALA N 112 35.86 59.58 -49.62
N ALA N 113 36.31 60.12 -50.73
CA ALA N 113 35.37 60.57 -51.69
C ALA N 113 34.68 59.33 -52.12
N TYR N 114 35.46 58.40 -52.66
CA TYR N 114 34.89 57.18 -53.17
C TYR N 114 33.99 56.66 -52.14
N LEU N 115 34.50 56.13 -51.05
CA LEU N 115 33.59 55.45 -50.16
C LEU N 115 32.36 56.19 -49.84
N VAL N 116 32.47 57.34 -49.21
CA VAL N 116 31.24 57.91 -48.77
C VAL N 116 30.34 58.24 -49.89
N ASP N 117 30.85 58.99 -50.84
CA ASP N 117 29.90 59.48 -51.79
C ASP N 117 29.32 58.37 -52.51
N ASP N 118 30.14 57.47 -52.96
CA ASP N 118 29.58 56.48 -53.80
C ASP N 118 28.69 55.50 -53.14
N ASP N 119 29.04 55.04 -51.96
CA ASP N 119 28.20 54.00 -51.44
C ASP N 119 26.91 54.65 -51.21
N VAL N 120 27.01 55.84 -50.65
CA VAL N 120 25.78 56.41 -50.29
C VAL N 120 24.90 56.59 -51.50
N MET N 121 25.42 57.14 -52.57
CA MET N 121 24.54 57.38 -53.66
C MET N 121 24.07 56.13 -54.36
N GLN N 122 24.95 55.18 -54.57
CA GLN N 122 24.60 54.01 -55.34
C GLN N 122 23.53 53.23 -54.65
N LYS N 123 23.77 52.87 -53.40
CA LYS N 123 22.74 52.06 -52.77
C LYS N 123 21.41 52.79 -52.83
N ILE N 124 21.42 54.06 -52.55
CA ILE N 124 20.19 54.77 -52.64
C ILE N 124 19.69 54.80 -54.10
N LYS N 125 20.58 55.03 -55.04
CA LYS N 125 20.18 55.15 -56.45
C LYS N 125 19.57 53.85 -56.85
N GLU N 126 20.12 52.75 -56.38
CA GLU N 126 19.64 51.45 -56.81
C GLU N 126 18.18 51.15 -56.49
N GLY N 127 17.67 51.59 -55.33
CA GLY N 127 16.30 51.22 -55.00
C GLY N 127 15.39 52.21 -54.31
N VAL N 128 15.81 53.45 -54.15
CA VAL N 128 15.03 54.49 -53.47
C VAL N 128 15.37 55.92 -53.82
N PHE N 129 15.12 56.32 -55.06
CA PHE N 129 15.37 57.70 -55.41
C PHE N 129 14.43 58.19 -56.47
N ARG N 130 14.72 59.34 -57.03
CA ARG N 130 13.83 59.91 -58.03
C ARG N 130 14.54 60.53 -59.20
N THR N 131 14.27 61.78 -59.46
CA THR N 131 14.82 62.43 -60.63
C THR N 131 16.25 62.83 -60.46
N ARG N 132 16.87 63.25 -61.55
CA ARG N 132 18.25 63.69 -61.52
C ARG N 132 18.39 64.87 -60.57
N GLU N 133 17.39 65.75 -60.54
CA GLU N 133 17.41 66.90 -59.65
C GLU N 133 17.46 66.53 -58.18
N GLU N 134 16.77 65.48 -57.79
CA GLU N 134 16.84 65.05 -56.41
C GLU N 134 18.18 64.47 -55.98
N MET N 135 18.60 63.37 -56.57
CA MET N 135 19.84 62.69 -56.24
C MET N 135 20.94 63.72 -56.19
N GLU N 136 20.84 64.68 -57.12
CA GLU N 136 21.91 65.64 -57.21
C GLU N 136 22.00 66.35 -55.88
N GLU N 137 20.88 66.83 -55.35
CA GLU N 137 20.98 67.58 -54.10
C GLU N 137 21.51 66.66 -53.03
N TYR N 138 21.00 65.45 -53.00
CA TYR N 138 21.32 64.61 -51.86
C TYR N 138 22.79 64.42 -51.80
N ARG N 139 23.47 64.20 -52.92
CA ARG N 139 24.92 63.90 -52.81
C ARG N 139 25.88 65.04 -52.36
N HIS N 140 25.75 66.23 -52.91
CA HIS N 140 26.72 67.22 -52.56
C HIS N 140 26.72 67.45 -51.06
N SER N 141 25.55 67.51 -50.45
CA SER N 141 25.50 67.69 -49.01
C SER N 141 26.19 66.53 -48.32
N ARG N 142 25.93 65.32 -48.80
CA ARG N 142 26.56 64.17 -48.19
C ARG N 142 28.01 64.34 -48.41
N LEU N 143 28.39 64.90 -49.55
CA LEU N 143 29.79 64.99 -49.85
C LEU N 143 30.45 65.78 -48.75
N GLN N 144 29.90 66.94 -48.42
CA GLN N 144 30.57 67.78 -47.43
C GLN N 144 30.65 67.05 -46.12
N GLU N 145 29.58 66.40 -45.71
CA GLU N 145 29.58 65.82 -44.38
C GLU N 145 30.70 64.82 -44.25
N GLY N 146 30.82 64.00 -45.27
CA GLY N 146 31.71 62.89 -45.15
C GLY N 146 33.09 63.41 -44.92
N ALA N 147 33.45 64.49 -45.60
CA ALA N 147 34.80 64.95 -45.53
C ALA N 147 35.07 65.29 -44.11
N LYS N 148 34.17 66.01 -43.47
CA LYS N 148 34.46 66.47 -42.13
C LYS N 148 34.65 65.27 -41.22
N VAL N 149 33.72 64.30 -41.30
CA VAL N 149 33.83 63.20 -40.35
C VAL N 149 35.08 62.38 -40.56
N TYR N 150 35.36 62.05 -41.81
CA TYR N 150 36.44 61.13 -42.08
C TYR N 150 37.76 61.83 -41.79
N ALA N 151 37.72 63.14 -41.99
CA ALA N 151 38.88 63.96 -41.82
C ALA N 151 39.25 63.88 -40.40
N GLU N 152 38.27 64.04 -39.52
CA GLU N 152 38.60 63.98 -38.10
C GLU N 152 39.11 62.59 -37.81
N GLN N 153 38.49 61.60 -38.43
CA GLN N 153 38.81 60.21 -38.15
C GLN N 153 40.26 59.90 -38.43
N PHE N 154 40.85 60.46 -39.47
CA PHE N 154 42.31 60.40 -39.56
C PHE N 154 42.96 61.66 -38.98
N GLY N 155 44.27 61.70 -38.76
CA GLY N 155 44.83 62.97 -38.34
C GLY N 155 44.02 64.14 -38.87
N ILE N 156 43.98 65.20 -38.08
CA ILE N 156 43.11 66.33 -38.42
C ILE N 156 43.77 67.17 -39.49
N ASP N 157 43.54 66.79 -40.74
CA ASP N 157 44.10 67.45 -41.90
C ASP N 157 43.28 68.65 -42.38
N PRO N 158 41.97 68.52 -42.58
CA PRO N 158 41.20 69.65 -43.12
C PRO N 158 41.17 70.82 -42.14
N GLU N 159 41.12 72.04 -42.68
CA GLU N 159 40.97 72.28 -44.11
C GLU N 159 42.23 72.73 -44.81
N ASP N 160 43.04 71.76 -45.24
CA ASP N 160 44.23 72.07 -46.01
C ASP N 160 43.97 71.84 -47.50
N VAL N 161 44.82 72.47 -48.31
CA VAL N 161 44.60 72.47 -49.77
C VAL N 161 44.95 71.10 -50.34
N ASP N 162 45.81 70.34 -49.65
CA ASP N 162 46.18 69.03 -50.16
C ASP N 162 45.05 68.03 -50.03
N TYR N 163 44.19 68.22 -49.02
CA TYR N 163 43.04 67.33 -48.90
C TYR N 163 41.99 67.65 -49.95
N GLN N 164 42.00 68.87 -50.49
CA GLN N 164 41.13 69.18 -51.61
C GLN N 164 41.48 68.32 -52.82
N ARG N 165 42.76 68.30 -53.20
CA ARG N 165 43.18 67.57 -54.39
C ARG N 165 42.90 66.08 -54.25
N GLY N 166 43.01 65.55 -53.05
CA GLY N 166 42.72 64.15 -52.83
C GLY N 166 41.23 63.87 -52.81
N PHE N 167 40.49 64.64 -52.02
CA PHE N 167 39.05 64.40 -51.89
C PHE N 167 38.32 64.72 -53.19
N ASN N 168 38.38 65.96 -53.65
CA ASN N 168 37.93 66.28 -54.99
C ASN N 168 38.77 65.46 -55.95
N GLY N 169 38.11 64.65 -56.76
CA GLY N 169 38.79 63.64 -57.55
C GLY N 169 39.61 64.21 -58.69
N ASP N 170 39.78 63.41 -59.76
CA ASP N 170 39.12 62.13 -60.07
C ASP N 170 37.60 62.24 -59.96
N ILE N 171 37.09 63.41 -60.33
CA ILE N 171 35.69 63.75 -60.11
C ILE N 171 34.83 63.47 -61.34
N THR N 172 35.36 63.70 -62.54
CA THR N 172 34.58 63.41 -63.75
C THR N 172 34.23 61.92 -63.81
N GLU N 173 35.15 61.05 -63.42
CA GLU N 173 34.90 59.63 -63.49
C GLU N 173 33.77 59.24 -62.52
N ARG N 174 33.83 59.75 -61.30
CA ARG N 174 32.79 59.48 -60.32
C ARG N 174 31.44 60.00 -60.78
N ASN N 175 31.40 61.24 -61.28
CA ASN N 175 30.12 61.79 -61.72
C ASN N 175 29.55 60.99 -62.89
N ILE N 176 30.41 60.59 -63.84
CA ILE N 176 29.86 59.91 -65.00
C ILE N 176 29.37 58.52 -64.62
N SER N 177 30.06 57.88 -63.67
CA SER N 177 29.57 56.59 -63.18
C SER N 177 28.23 56.75 -62.47
N LEU N 178 28.11 57.77 -61.62
CA LEU N 178 26.86 57.97 -60.89
C LEU N 178 25.71 58.24 -61.85
N TYR N 179 25.90 59.17 -62.79
CA TYR N 179 24.82 59.52 -63.70
C TYR N 179 24.50 58.36 -64.64
N GLY N 180 25.49 57.52 -64.96
CA GLY N 180 25.19 56.31 -65.71
C GLY N 180 24.35 55.33 -64.92
N ALA N 181 24.65 55.19 -63.63
CA ALA N 181 23.80 54.36 -62.78
C ALA N 181 22.38 54.92 -62.71
N HIS N 182 22.26 56.25 -62.70
CA HIS N 182 20.92 56.83 -62.67
C HIS N 182 20.20 56.59 -63.98
N ASP N 183 20.92 56.66 -65.10
CA ASP N 183 20.37 56.25 -66.38
C ASP N 183 19.87 54.82 -66.34
N ASN N 184 20.68 53.92 -65.79
CA ASN N 184 20.25 52.53 -65.70
C ASN N 184 18.98 52.39 -64.87
N PHE N 185 18.92 53.09 -63.73
CA PHE N 185 17.74 52.96 -62.87
C PHE N 185 16.49 53.50 -63.56
N LEU N 186 16.58 54.70 -64.15
CA LEU N 186 15.41 55.27 -64.80
C LEU N 186 14.99 54.46 -66.02
N SER N 187 15.95 53.88 -66.74
CA SER N 187 15.61 53.04 -67.88
C SER N 187 14.91 51.77 -67.43
N GLN N 188 15.41 51.16 -66.35
CA GLN N 188 14.72 49.99 -65.80
C GLN N 188 13.32 50.37 -65.31
N GLN N 189 13.17 51.57 -64.77
CA GLN N 189 11.85 52.01 -64.30
C GLN N 189 10.89 52.15 -65.47
N ALA N 190 11.31 52.85 -66.52
CA ALA N 190 10.44 53.01 -67.68
C ALA N 190 10.13 51.65 -68.32
N GLN N 191 11.09 50.74 -68.32
CA GLN N 191 10.84 49.43 -68.90
C GLN N 191 9.83 48.64 -68.07
N LYS N 192 10.01 48.62 -66.76
CA LYS N 192 9.01 48.03 -65.87
C LYS N 192 7.63 48.60 -66.15
N GLY N 193 7.54 49.93 -66.28
CA GLY N 193 6.25 50.54 -66.55
C GLY N 193 5.65 50.08 -67.86
N ALA N 194 6.46 50.07 -68.92
CA ALA N 194 5.95 49.69 -70.23
C ALA N 194 5.49 48.24 -70.24
N ILE N 195 6.26 47.34 -69.62
CA ILE N 195 5.87 45.94 -69.60
C ILE N 195 4.58 45.74 -68.83
N MET N 196 4.48 46.36 -67.64
CA MET N 196 3.24 46.32 -66.88
C MET N 196 2.07 46.83 -67.71
N ASN N 197 2.26 47.95 -68.41
CA ASN N 197 1.16 48.55 -69.14
C ASN N 197 0.68 47.64 -70.26
N SER N 198 1.60 47.18 -71.09
CA SER N 198 1.21 46.32 -72.20
C SER N 198 0.67 44.99 -71.71
N ARG N 199 1.21 44.49 -70.61
CA ARG N 199 0.68 43.26 -70.01
C ARG N 199 -0.76 43.45 -69.56
N VAL N 200 -1.06 44.58 -68.92
CA VAL N 200 -2.42 44.83 -68.46
C VAL N 200 -3.36 44.97 -69.66
N GLU N 201 -2.92 45.68 -70.69
CA GLU N 201 -3.75 45.86 -71.87
C GLU N 201 -4.07 44.51 -72.53
N LEU N 202 -3.05 43.73 -72.81
CA LEU N 202 -3.26 42.48 -73.51
C LEU N 202 -3.98 41.46 -72.63
N ASN N 203 -3.78 41.54 -71.32
CA ASN N 203 -4.54 40.68 -70.41
C ASN N 203 -6.01 41.02 -70.47
N GLY N 204 -6.35 42.31 -70.43
CA GLY N 204 -7.74 42.70 -70.54
C GLY N 204 -8.35 42.28 -71.87
N VAL N 205 -7.56 42.31 -72.95
CA VAL N 205 -8.12 41.97 -74.25
C VAL N 205 -8.25 40.46 -74.43
N LEU N 206 -7.35 39.68 -73.84
CA LEU N 206 -7.37 38.24 -74.09
C LEU N 206 -7.91 37.47 -72.90
N GLN N 207 -7.38 37.74 -71.70
CA GLN N 207 -7.77 36.96 -70.54
C GLN N 207 -9.25 37.12 -70.23
N ASP N 208 -9.86 38.23 -70.66
CA ASP N 208 -11.29 38.39 -70.53
C ASP N 208 -11.98 37.22 -71.21
N PRO N 209 -13.10 36.72 -70.69
CA PRO N 209 -13.51 35.34 -71.01
C PRO N 209 -13.57 35.03 -72.49
N ASP N 210 -14.36 35.78 -73.26
CA ASP N 210 -14.50 35.47 -74.67
C ASP N 210 -14.46 36.72 -75.55
N MET N 211 -13.56 37.66 -75.26
CA MET N 211 -13.24 38.68 -76.23
C MET N 211 -12.64 38.05 -77.48
N LEU N 212 -12.05 36.87 -77.34
CA LEU N 212 -11.40 36.16 -78.43
C LEU N 212 -12.41 35.72 -79.48
N ARG N 213 -13.58 35.34 -79.01
CA ARG N 213 -14.60 34.87 -79.92
C ARG N 213 -14.92 35.93 -80.94
N ARG N 214 -14.45 37.15 -80.72
CA ARG N 214 -14.77 38.22 -81.64
C ARG N 214 -14.17 37.97 -82.98
N PRO N 215 -14.86 38.38 -84.02
CA PRO N 215 -14.38 38.13 -85.37
C PRO N 215 -13.25 39.07 -85.71
N ASP N 216 -12.89 40.00 -84.82
CA ASP N 216 -11.77 40.90 -85.12
C ASP N 216 -10.60 40.68 -84.20
N SER N 217 -10.80 39.88 -83.17
CA SER N 217 -9.73 39.71 -82.22
C SER N 217 -8.46 39.22 -82.85
N ALA N 218 -8.59 38.38 -83.87
CA ALA N 218 -7.40 37.82 -84.50
C ALA N 218 -6.50 38.91 -85.08
N ASP N 219 -7.05 39.76 -85.94
CA ASP N 219 -6.24 40.81 -86.56
C ASP N 219 -5.74 41.78 -85.50
N PHE N 220 -6.56 42.03 -84.48
CA PHE N 220 -6.19 42.94 -83.40
C PHE N 220 -4.89 42.53 -82.76
N PHE N 221 -4.68 41.22 -82.60
CA PHE N 221 -3.49 40.73 -81.90
C PHE N 221 -2.23 41.10 -82.65
N GLU N 222 -2.14 40.71 -83.94
CA GLU N 222 -0.93 41.01 -84.69
C GLU N 222 -0.77 42.51 -84.81
N LYS N 223 -1.87 43.24 -84.97
CA LYS N 223 -1.76 44.69 -85.13
C LYS N 223 -1.18 45.32 -83.87
N TYR N 224 -1.64 44.87 -82.70
CA TYR N 224 -1.10 45.40 -81.46
C TYR N 224 0.35 45.03 -81.28
N ILE N 225 0.72 43.80 -81.64
CA ILE N 225 2.10 43.38 -81.47
C ILE N 225 3.02 44.19 -82.39
N ASP N 226 2.60 44.40 -83.63
CA ASP N 226 3.40 45.17 -84.58
C ASP N 226 3.49 46.63 -84.15
N ASN N 227 2.38 47.21 -83.70
CA ASN N 227 2.40 48.60 -83.29
C ASN N 227 3.30 48.79 -82.07
N GLY N 228 3.23 47.87 -81.10
CA GLY N 228 4.10 47.96 -79.94
C GLY N 228 5.56 47.76 -80.30
N LEU N 229 5.83 46.91 -81.30
CA LEU N 229 7.22 46.74 -81.74
C LEU N 229 7.73 47.99 -82.43
N VAL N 230 6.88 48.67 -83.19
CA VAL N 230 7.34 49.81 -83.97
C VAL N 230 7.42 51.07 -83.11
N THR N 231 6.62 51.14 -82.04
CA THR N 231 6.51 52.37 -81.27
C THR N 231 7.88 52.88 -80.76
N GLY N 232 8.73 52.03 -80.20
CA GLY N 232 8.54 50.62 -79.92
C GLY N 232 8.35 50.32 -78.45
N ALA N 233 7.15 49.97 -78.02
CA ALA N 233 6.90 49.61 -76.63
C ALA N 233 7.31 48.19 -76.56
N ILE N 234 6.80 47.45 -75.59
CA ILE N 234 7.30 46.08 -75.40
C ILE N 234 8.78 46.25 -75.52
N PRO N 235 9.35 47.15 -74.70
CA PRO N 235 10.77 47.40 -74.95
C PRO N 235 11.56 46.15 -74.93
N SER N 236 12.37 46.06 -75.97
CA SER N 236 13.37 45.04 -76.15
C SER N 236 12.85 43.74 -76.69
N ASP N 237 13.20 43.40 -77.92
CA ASP N 237 12.87 42.13 -78.54
C ASP N 237 12.79 40.95 -77.58
N ALA N 238 13.65 40.91 -76.57
CA ALA N 238 13.66 39.79 -75.64
C ALA N 238 12.35 39.70 -74.89
N GLN N 239 11.86 40.83 -74.43
CA GLN N 239 10.60 40.83 -73.72
C GLN N 239 9.48 40.36 -74.63
N ALA N 240 9.52 40.77 -75.89
CA ALA N 240 8.47 40.40 -76.83
C ALA N 240 8.13 38.94 -76.80
N THR N 241 9.08 38.12 -77.20
CA THR N 241 8.79 36.68 -77.28
C THR N 241 8.23 36.17 -75.96
N GLN N 242 8.79 36.62 -74.84
CA GLN N 242 8.28 36.20 -73.54
C GLN N 242 6.80 36.52 -73.41
N LEU N 243 6.42 37.77 -73.71
CA LEU N 243 5.05 38.20 -73.50
C LEU N 243 4.09 37.51 -74.46
N ILE N 244 4.53 37.26 -75.70
CA ILE N 244 3.63 36.65 -76.68
C ILE N 244 3.43 35.17 -76.37
N SER N 245 4.49 34.50 -75.89
CA SER N 245 4.34 33.09 -75.53
C SER N 245 3.61 32.93 -74.20
N GLN N 246 3.64 33.96 -73.35
CA GLN N 246 2.80 33.98 -72.15
C GLN N 246 1.36 34.21 -72.53
N ALA N 247 1.12 35.07 -73.53
CA ALA N 247 -0.23 35.38 -73.95
C ALA N 247 -0.89 34.18 -74.60
N PHE N 248 -0.17 33.46 -75.44
CA PHE N 248 -0.84 32.38 -76.11
C PHE N 248 -1.38 31.43 -75.06
N SER N 249 -0.71 31.26 -73.94
CA SER N 249 -1.15 30.27 -72.95
C SER N 249 -2.44 30.57 -72.25
N ASP N 250 -2.60 31.82 -71.88
CA ASP N 250 -3.83 32.21 -71.25
C ASP N 250 -4.88 32.00 -72.28
N ALA N 251 -4.61 32.36 -73.52
CA ALA N 251 -5.64 32.24 -74.51
C ALA N 251 -6.00 30.79 -74.66
N SER N 252 -5.00 29.92 -74.61
CA SER N 252 -5.27 28.49 -74.69
C SER N 252 -6.14 27.96 -73.57
N SER N 253 -5.90 28.36 -72.32
CA SER N 253 -6.79 27.77 -71.29
C SER N 253 -8.08 28.55 -71.18
N ARG N 254 -8.43 29.33 -72.21
CA ARG N 254 -9.61 30.20 -72.08
C ARG N 254 -10.82 30.05 -72.99
N ALA N 255 -11.43 28.88 -73.05
CA ALA N 255 -12.71 28.70 -73.78
C ALA N 255 -12.79 28.85 -75.29
N GLY N 256 -12.52 30.04 -75.79
CA GLY N 256 -12.65 30.27 -77.22
C GLY N 256 -11.28 30.28 -77.82
N GLY N 257 -10.32 29.87 -77.04
CA GLY N 257 -8.96 29.95 -77.52
C GLY N 257 -8.68 29.14 -78.74
N ALA N 258 -9.23 27.96 -78.80
CA ALA N 258 -9.04 27.16 -79.97
C ALA N 258 -9.22 28.04 -81.15
N ASP N 259 -10.28 28.83 -81.13
CA ASP N 259 -10.60 29.64 -82.29
C ASP N 259 -9.61 30.73 -82.34
N PHE N 260 -9.38 31.37 -81.20
CA PHE N 260 -8.44 32.49 -81.37
C PHE N 260 -7.06 32.07 -81.89
N LEU N 261 -6.50 31.00 -81.35
CA LEU N 261 -5.19 30.56 -81.76
C LEU N 261 -5.14 30.10 -83.20
N MET N 262 -6.17 29.38 -83.62
CA MET N 262 -6.21 28.90 -85.00
C MET N 262 -6.32 30.06 -85.96
N ARG N 263 -6.90 31.17 -85.53
CA ARG N 263 -6.88 32.32 -86.44
C ARG N 263 -5.50 33.00 -86.58
N VAL N 264 -4.87 33.42 -85.49
CA VAL N 264 -3.58 34.09 -85.45
C VAL N 264 -2.51 33.22 -86.11
N GLY N 265 -2.74 31.91 -86.14
CA GLY N 265 -1.99 31.05 -87.03
C GLY N 265 -2.71 30.96 -88.35
N ASP N 266 -2.14 31.53 -89.39
CA ASP N 266 -0.82 32.11 -89.30
C ASP N 266 -0.86 33.60 -89.59
N LYS N 267 -0.03 34.37 -88.88
CA LYS N 267 0.03 35.80 -89.10
C LYS N 267 1.50 36.23 -89.14
N LYS N 268 1.74 37.33 -89.83
CA LYS N 268 3.10 37.80 -90.08
C LYS N 268 3.50 38.75 -88.95
N VAL N 269 4.61 38.44 -88.28
CA VAL N 269 5.11 39.24 -87.18
C VAL N 269 6.64 39.27 -87.24
N THR N 270 7.21 40.45 -87.02
CA THR N 270 8.65 40.66 -87.11
C THR N 270 9.35 40.15 -85.86
N LEU N 271 10.67 40.10 -85.95
CA LEU N 271 11.54 39.81 -84.80
C LEU N 271 12.96 40.16 -85.19
N ASN N 272 13.89 39.81 -84.30
CA ASN N 272 15.30 40.13 -84.53
C ASN N 272 15.84 39.39 -85.75
N GLY N 273 15.74 38.06 -85.73
CA GLY N 273 16.38 37.28 -86.77
C GLY N 273 15.71 37.41 -88.13
N ALA N 274 14.39 37.25 -88.15
CA ALA N 274 13.68 37.25 -89.43
C ALA N 274 12.19 37.45 -89.19
N THR N 275 11.51 37.97 -90.21
CA THR N 275 10.06 38.06 -90.22
C THR N 275 9.50 36.66 -90.47
N THR N 276 8.56 36.28 -89.70
CA THR N 276 8.20 34.87 -89.60
C THR N 276 6.79 34.73 -89.04
N THR N 277 6.07 33.73 -89.53
CA THR N 277 4.70 33.48 -89.10
C THR N 277 4.63 33.09 -87.63
N TYR N 278 3.44 33.19 -87.04
CA TYR N 278 3.25 32.77 -85.66
C TYR N 278 3.52 31.28 -85.49
N ARG N 279 3.04 30.45 -86.41
CA ARG N 279 3.10 29.05 -86.13
C ARG N 279 4.58 28.88 -86.04
N GLU N 280 5.27 29.63 -86.88
CA GLU N 280 6.63 29.28 -87.15
C GLU N 280 7.47 29.46 -85.91
N LEU N 281 7.19 30.51 -85.15
CA LEU N 281 8.04 30.85 -84.01
C LEU N 281 7.94 29.73 -83.01
N ILE N 282 6.78 29.11 -83.02
CA ILE N 282 6.31 28.22 -82.01
C ILE N 282 6.39 26.77 -82.58
N GLY N 283 7.47 26.01 -82.29
CA GLY N 283 7.78 24.71 -82.84
C GLY N 283 6.60 23.76 -82.93
N GLU N 284 6.81 22.67 -83.67
CA GLU N 284 5.74 21.74 -83.97
C GLU N 284 5.15 21.11 -82.72
N GLU N 285 5.94 21.11 -81.69
CA GLU N 285 5.36 20.80 -80.45
C GLU N 285 4.69 22.00 -79.84
N GLN N 286 5.31 23.16 -79.67
CA GLN N 286 4.58 24.08 -78.82
C GLN N 286 3.21 24.43 -79.42
N TRP N 287 3.13 24.68 -80.71
CA TRP N 287 1.86 25.05 -81.30
C TRP N 287 0.81 23.95 -81.26
N ASN N 288 1.23 22.73 -81.53
CA ASN N 288 0.29 21.63 -81.44
C ASN N 288 -0.20 21.47 -80.01
N ALA N 289 0.68 21.65 -79.04
CA ALA N 289 0.25 21.56 -77.66
C ALA N 289 -0.75 22.62 -77.37
N LEU N 290 -0.49 23.82 -77.86
CA LEU N 290 -1.39 24.92 -77.60
C LEU N 290 -2.75 24.62 -78.20
N MET N 291 -2.80 24.02 -79.37
CA MET N 291 -4.08 23.55 -79.82
C MET N 291 -4.80 22.61 -78.84
N VAL N 292 -4.35 21.36 -78.71
CA VAL N 292 -5.02 20.33 -77.99
C VAL N 292 -5.36 20.89 -76.66
N THR N 293 -4.42 21.53 -76.00
CA THR N 293 -4.79 21.93 -74.64
C THR N 293 -5.89 22.97 -74.66
N ALA N 294 -5.91 23.84 -75.67
CA ALA N 294 -7.01 24.80 -75.77
C ALA N 294 -8.31 24.09 -76.13
N GLN N 295 -8.23 23.10 -77.02
CA GLN N 295 -9.41 22.33 -77.36
C GLN N 295 -9.96 21.62 -76.13
N ARG N 296 -9.05 21.07 -75.32
CA ARG N 296 -9.43 20.40 -74.09
C ARG N 296 -10.05 21.37 -73.09
N SER N 297 -9.48 22.57 -72.96
CA SER N 297 -10.03 23.53 -72.03
C SER N 297 -11.41 23.98 -72.47
N GLN N 298 -11.62 24.14 -73.79
CA GLN N 298 -12.96 24.45 -74.28
C GLN N 298 -13.93 23.34 -73.92
N PHE N 299 -13.54 22.08 -74.13
CA PHE N 299 -14.41 20.96 -73.75
C PHE N 299 -14.73 21.00 -72.27
N GLU N 300 -13.71 21.26 -71.44
CA GLU N 300 -13.92 21.34 -70.00
C GLU N 300 -14.95 22.40 -69.65
N THR N 301 -14.76 23.61 -70.16
CA THR N 301 -15.65 24.70 -69.76
C THR N 301 -17.06 24.50 -70.31
N ASP N 302 -17.15 23.89 -71.49
CA ASP N 302 -18.48 23.64 -72.04
C ASP N 302 -19.22 22.60 -71.21
N ALA N 303 -18.53 21.53 -70.81
CA ALA N 303 -19.17 20.56 -69.92
C ALA N 303 -19.51 21.20 -68.57
N LYS N 304 -18.67 22.13 -68.12
CA LYS N 304 -18.96 22.84 -66.88
C LYS N 304 -20.26 23.63 -66.99
N LEU N 305 -20.46 24.32 -68.11
CA LEU N 305 -21.71 25.03 -68.33
C LEU N 305 -22.89 24.07 -68.40
N ASN N 306 -22.73 22.97 -69.13
CA ASN N 306 -23.79 21.96 -69.17
C ASN N 306 -24.16 21.50 -67.77
N GLU N 307 -23.15 21.24 -66.93
CA GLU N 307 -23.44 20.69 -65.61
C GLU N 307 -24.03 21.74 -64.68
N GLN N 308 -23.66 23.00 -64.85
CA GLN N 308 -24.34 24.05 -64.09
C GLN N 308 -25.81 24.12 -64.45
N TYR N 309 -26.10 24.09 -65.76
CA TYR N 309 -27.50 24.10 -66.19
C TYR N 309 -28.26 22.90 -65.64
N ARG N 310 -27.66 21.72 -65.75
CA ARG N 310 -28.32 20.50 -65.30
C ARG N 310 -28.48 20.50 -63.79
N LEU N 311 -27.56 21.15 -63.07
CA LEU N 311 -27.73 21.34 -61.64
C LEU N 311 -28.94 22.21 -61.34
N LYS N 312 -29.08 23.33 -62.04
CA LYS N 312 -30.26 24.16 -61.85
C LYS N 312 -31.54 23.37 -62.09
N ILE N 313 -31.56 22.59 -63.17
CA ILE N 313 -32.79 21.87 -63.51
C ILE N 313 -33.06 20.75 -62.50
N ASN N 314 -32.03 20.01 -62.12
CA ASN N 314 -32.23 18.96 -61.12
C ASN N 314 -32.70 19.54 -59.80
N SER N 315 -32.19 20.70 -59.41
CA SER N 315 -32.70 21.34 -58.20
C SER N 315 -34.17 21.70 -58.37
N ALA N 316 -34.53 22.27 -59.52
CA ALA N 316 -35.94 22.58 -59.76
C ALA N 316 -36.79 21.33 -59.65
N LEU N 317 -36.23 20.18 -60.01
CA LEU N 317 -36.99 18.94 -59.91
C LEU N 317 -37.10 18.45 -58.47
N ASN N 318 -36.05 18.59 -57.69
CA ASN N 318 -35.97 17.92 -56.41
C ASN N 318 -36.55 18.74 -55.26
N GLN N 319 -37.46 19.66 -55.55
CA GLN N 319 -38.05 20.47 -54.48
C GLN N 319 -38.92 19.59 -53.59
N GLU N 320 -39.22 20.12 -52.40
CA GLU N 320 -40.08 19.40 -51.47
C GLU N 320 -41.51 19.31 -52.01
N ASP N 321 -42.13 20.46 -52.27
CA ASP N 321 -43.49 20.45 -52.77
C ASP N 321 -43.44 20.76 -54.26
N PRO N 322 -44.13 19.97 -55.07
CA PRO N 322 -44.02 20.14 -56.52
C PRO N 322 -44.54 21.47 -57.03
N ARG N 323 -45.30 22.21 -56.22
CA ARG N 323 -45.72 23.54 -56.64
C ARG N 323 -44.53 24.44 -56.91
N THR N 324 -43.70 24.66 -55.88
CA THR N 324 -42.49 25.45 -56.04
C THR N 324 -41.60 24.88 -57.12
N ALA N 325 -41.56 23.55 -57.26
CA ALA N 325 -40.85 22.96 -58.38
C ALA N 325 -41.34 23.54 -59.70
N TRP N 326 -42.65 23.52 -59.92
CA TRP N 326 -43.17 23.93 -61.22
C TRP N 326 -42.96 25.43 -61.44
N GLU N 327 -43.18 26.25 -60.42
CA GLU N 327 -43.03 27.68 -60.68
C GLU N 327 -41.57 28.06 -60.88
N MET N 328 -40.65 27.44 -60.14
CA MET N 328 -39.23 27.72 -60.34
C MET N 328 -38.80 27.25 -61.72
N LEU N 329 -39.29 26.10 -62.16
CA LEU N 329 -38.96 25.63 -63.49
C LEU N 329 -39.51 26.55 -64.56
N GLN N 330 -40.72 27.07 -64.35
CA GLN N 330 -41.31 27.99 -65.31
C GLN N 330 -40.52 29.28 -65.37
N GLY N 331 -40.05 29.77 -64.22
CA GLY N 331 -39.19 30.94 -64.21
C GLY N 331 -37.87 30.70 -64.92
N ILE N 332 -37.29 29.52 -64.73
CA ILE N 332 -36.04 29.18 -65.41
C ILE N 332 -36.27 29.15 -66.92
N LYS N 333 -37.41 28.63 -67.36
CA LYS N 333 -37.75 28.66 -68.78
C LYS N 333 -37.89 30.09 -69.29
N ALA N 334 -38.65 30.92 -68.56
CA ALA N 334 -38.86 32.30 -68.98
C ALA N 334 -37.54 33.05 -69.05
N GLU N 335 -36.58 32.64 -68.23
CA GLU N 335 -35.25 33.24 -68.28
C GLU N 335 -34.43 32.66 -69.43
N LEU N 336 -34.53 31.36 -69.65
CA LEU N 336 -33.74 30.75 -70.71
C LEU N 336 -34.19 31.39 -71.96
N ASP N 337 -35.40 31.90 -71.95
CA ASP N 337 -35.94 32.45 -73.17
C ASP N 337 -35.09 33.62 -73.62
N LYS N 338 -34.57 34.37 -72.66
CA LYS N 338 -33.74 35.51 -73.00
C LYS N 338 -32.52 35.02 -73.73
N VAL N 339 -31.67 34.31 -73.03
CA VAL N 339 -30.40 33.89 -73.63
C VAL N 339 -30.58 32.97 -74.82
N GLN N 340 -31.50 32.01 -74.74
CA GLN N 340 -31.78 31.20 -75.91
C GLN N 340 -33.12 31.69 -76.38
N PRO N 341 -33.12 32.56 -77.39
CA PRO N 341 -34.37 33.17 -77.78
C PRO N 341 -35.08 32.47 -78.89
N ASP N 342 -34.52 31.39 -79.41
CA ASP N 342 -35.27 30.68 -80.41
C ASP N 342 -35.86 29.47 -79.79
N GLU N 343 -37.18 29.40 -79.77
CA GLU N 343 -37.81 28.20 -79.28
C GLU N 343 -37.47 27.20 -80.37
N GLN N 344 -37.05 26.00 -79.99
CA GLN N 344 -36.60 25.00 -80.96
C GLN N 344 -36.31 23.74 -80.20
N MET N 345 -35.23 23.03 -80.57
CA MET N 345 -34.83 21.83 -79.86
C MET N 345 -33.42 21.99 -79.35
N THR N 346 -33.13 23.10 -78.68
CA THR N 346 -31.81 23.31 -78.12
C THR N 346 -31.61 22.20 -77.12
N PRO N 347 -30.42 21.63 -77.07
CA PRO N 347 -30.27 20.50 -76.17
C PRO N 347 -30.72 20.88 -74.76
N GLN N 348 -30.49 22.12 -74.38
CA GLN N 348 -30.89 22.57 -73.07
C GLN N 348 -32.41 22.58 -72.97
N ARG N 349 -33.10 22.96 -74.03
CA ARG N 349 -34.57 22.91 -74.06
C ARG N 349 -35.14 21.49 -73.95
N GLU N 350 -34.48 20.52 -74.57
CA GLU N 350 -34.87 19.14 -74.37
C GLU N 350 -34.75 18.82 -72.92
N TRP N 351 -33.64 19.22 -72.31
CA TRP N 351 -33.50 18.85 -70.91
C TRP N 351 -34.64 19.48 -70.14
N LEU N 352 -34.94 20.72 -70.46
CA LEU N 352 -35.92 21.54 -69.76
C LEU N 352 -37.32 20.95 -69.84
N ILE N 353 -37.67 20.34 -70.95
CA ILE N 353 -39.06 19.90 -71.07
C ILE N 353 -39.42 18.44 -70.66
N SER N 354 -38.50 17.49 -70.69
CA SER N 354 -38.54 16.34 -69.80
C SER N 354 -38.70 16.79 -68.37
N ALA N 355 -38.15 17.95 -68.02
CA ALA N 355 -38.35 18.49 -66.69
C ALA N 355 -39.82 18.87 -66.46
N GLN N 356 -40.47 19.39 -67.50
CA GLN N 356 -41.88 19.73 -67.38
C GLN N 356 -42.74 18.48 -67.23
N GLU N 357 -42.50 17.46 -68.04
CA GLU N 357 -43.22 16.21 -67.84
C GLU N 357 -42.92 15.60 -66.48
N GLN N 358 -41.68 15.75 -66.02
CA GLN N 358 -41.27 15.25 -64.71
C GLN N 358 -42.06 15.93 -63.60
N VAL N 359 -42.14 17.26 -63.65
CA VAL N 359 -42.87 17.97 -62.59
C VAL N 359 -44.36 17.73 -62.72
N GLN N 360 -44.85 17.46 -63.93
CA GLN N 360 -46.25 17.06 -64.05
C GLN N 360 -46.51 15.75 -63.33
N ASN N 361 -45.62 14.76 -63.52
CA ASN N 361 -45.78 13.49 -62.83
C ASN N 361 -45.67 13.67 -61.32
N GLN N 362 -44.74 14.53 -60.89
CA GLN N 362 -44.59 14.79 -59.47
C GLN N 362 -45.82 15.47 -58.90
N MET N 363 -46.48 16.32 -59.68
CA MET N 363 -47.72 16.94 -59.23
C MET N 363 -48.84 15.93 -59.16
N ASN N 364 -48.86 14.98 -60.09
CA ASN N 364 -49.79 13.85 -60.00
C ASN N 364 -49.63 13.15 -58.66
N ALA N 365 -48.40 12.76 -58.33
CA ALA N 365 -48.13 12.12 -57.06
C ALA N 365 -48.52 12.99 -55.88
N TRP N 366 -48.30 14.30 -55.98
CA TRP N 366 -48.61 15.18 -54.85
C TRP N 366 -50.11 15.29 -54.64
N THR N 367 -50.89 15.34 -55.73
CA THR N 367 -52.34 15.32 -55.60
C THR N 367 -52.79 14.04 -54.90
N LYS N 368 -52.28 12.90 -55.37
CA LYS N 368 -52.68 11.64 -54.75
C LYS N 368 -52.33 11.62 -53.27
N ALA N 369 -51.15 12.15 -52.91
CA ALA N 369 -50.71 12.10 -51.52
C ALA N 369 -51.56 13.01 -50.65
N GLN N 370 -51.88 14.21 -51.13
CA GLN N 370 -52.73 15.10 -50.34
C GLN N 370 -54.12 14.52 -50.19
N ALA N 371 -54.61 13.81 -51.20
CA ALA N 371 -55.92 13.17 -51.07
C ALA N 371 -55.88 12.06 -50.03
N LYS N 372 -54.83 11.26 -50.02
CA LYS N 372 -54.68 10.24 -48.98
C LYS N 372 -54.60 10.88 -47.62
N ALA N 373 -53.95 12.04 -47.51
CA ALA N 373 -53.88 12.73 -46.23
C ALA N 373 -55.27 13.19 -45.80
N LEU N 374 -56.10 13.65 -46.74
CA LEU N 374 -57.48 13.98 -46.42
C LEU N 374 -58.22 12.78 -45.85
N ASP N 375 -58.13 11.64 -46.54
CA ASP N 375 -58.80 10.44 -46.08
C ASP N 375 -58.34 10.05 -44.68
N ASP N 376 -57.02 10.10 -44.45
CA ASP N 376 -56.48 9.77 -43.13
C ASP N 376 -56.94 10.75 -42.07
N SER N 377 -57.06 12.03 -42.42
CA SER N 377 -57.51 12.99 -41.43
C SER N 377 -58.93 12.68 -40.99
N MET N 378 -59.85 12.43 -41.94
CA MET N 378 -61.21 12.07 -41.52
C MET N 378 -61.24 10.75 -40.76
N LYS N 379 -60.54 9.72 -41.26
CA LYS N 379 -60.56 8.44 -40.57
C LYS N 379 -60.02 8.58 -39.16
N SER N 380 -58.93 9.34 -38.99
CA SER N 380 -58.34 9.50 -37.67
C SER N 380 -59.27 10.25 -36.74
N MET N 381 -59.89 11.34 -37.20
CA MET N 381 -60.78 12.08 -36.34
C MET N 381 -61.94 11.21 -35.88
N ASN N 382 -62.57 10.49 -36.82
CA ASN N 382 -63.72 9.67 -36.46
C ASN N 382 -63.33 8.56 -35.49
N LYS N 383 -62.32 7.77 -35.83
CA LYS N 383 -61.92 6.67 -34.96
C LYS N 383 -61.36 7.20 -33.65
N LEU N 384 -60.84 8.42 -33.66
CA LEU N 384 -60.31 9.01 -32.45
C LEU N 384 -61.42 9.32 -31.48
N ASP N 385 -62.50 9.93 -31.96
CA ASP N 385 -63.62 10.21 -31.06
C ASP N 385 -64.28 8.92 -30.61
N VAL N 386 -64.34 7.92 -31.49
CA VAL N 386 -64.89 6.63 -31.06
C VAL N 386 -64.06 6.02 -29.95
N ILE N 387 -62.73 6.01 -30.13
CA ILE N 387 -61.83 5.53 -29.09
C ILE N 387 -62.05 6.29 -27.79
N ASP N 388 -62.11 7.62 -27.87
CA ASP N 388 -62.24 8.42 -26.66
C ASP N 388 -63.54 8.13 -25.93
N LYS N 389 -64.64 7.93 -26.66
CA LYS N 389 -65.91 7.67 -26.00
C LYS N 389 -65.87 6.29 -25.33
N GLN N 390 -65.42 5.28 -26.08
CA GLN N 390 -65.32 3.94 -25.53
C GLN N 390 -64.30 3.87 -24.39
N PHE N 391 -63.42 4.86 -24.32
CA PHE N 391 -62.44 4.94 -23.24
C PHE N 391 -63.02 5.61 -22.01
N GLN N 392 -63.78 6.69 -22.21
CA GLN N 392 -64.52 7.29 -21.10
C GLN N 392 -65.43 6.28 -20.46
N LYS N 393 -65.98 5.37 -21.26
CA LYS N 393 -66.75 4.25 -20.72
C LYS N 393 -65.92 3.45 -19.71
N ARG N 394 -64.69 3.13 -20.07
CA ARG N 394 -63.83 2.37 -19.17
C ARG N 394 -63.48 3.16 -17.92
N ILE N 395 -63.25 4.46 -18.09
CA ILE N 395 -62.92 5.30 -16.94
C ILE N 395 -64.07 5.35 -15.96
N ASN N 396 -65.28 5.60 -16.45
CA ASN N 396 -66.42 5.67 -15.56
C ASN N 396 -66.90 4.28 -15.14
N GLY N 397 -67.19 3.43 -16.11
CA GLY N 397 -67.64 2.08 -15.86
C GLY N 397 -66.47 1.12 -15.72
N GLU N 398 -66.69 -0.11 -16.18
CA GLU N 398 -65.72 -1.19 -16.02
C GLU N 398 -65.81 -2.14 -17.21
N TRP N 399 -64.75 -2.92 -17.36
CA TRP N 399 -64.78 -4.14 -18.15
C TRP N 399 -65.11 -3.85 -19.61
N VAL N 400 -64.29 -2.99 -20.22
CA VAL N 400 -64.59 -2.45 -21.55
C VAL N 400 -63.62 -2.95 -22.61
N SER N 401 -62.48 -3.52 -22.21
CA SER N 401 -61.56 -4.14 -23.16
C SER N 401 -61.08 -3.15 -24.21
N THR N 402 -60.32 -2.15 -23.79
CA THR N 402 -59.75 -1.15 -24.68
C THR N 402 -58.45 -1.61 -25.35
N ASP N 403 -58.21 -2.92 -25.45
CA ASP N 403 -56.87 -3.39 -25.79
C ASP N 403 -56.45 -2.93 -27.19
N PHE N 404 -57.02 -3.54 -28.22
CA PHE N 404 -56.84 -3.09 -29.59
C PHE N 404 -58.17 -3.08 -30.33
N LYS N 405 -58.97 -4.10 -30.01
CA LYS N 405 -60.17 -4.41 -30.75
C LYS N 405 -61.35 -3.58 -30.20
N ASP N 406 -61.80 -2.61 -30.99
CA ASP N 406 -62.75 -1.61 -30.50
C ASP N 406 -64.07 -1.64 -31.25
N MET N 407 -64.92 -0.65 -30.96
CA MET N 407 -66.18 -0.43 -31.64
C MET N 407 -65.89 -0.28 -33.13
N PRO N 408 -66.23 -1.28 -33.94
CA PRO N 408 -65.69 -1.37 -35.30
C PRO N 408 -66.28 -0.34 -36.24
N VAL N 409 -65.95 -0.48 -37.53
CA VAL N 409 -66.39 0.46 -38.56
C VAL N 409 -67.91 0.52 -38.55
N ASN N 410 -68.47 1.69 -38.22
CA ASN N 410 -69.89 1.89 -38.41
C ASN N 410 -70.24 1.78 -39.89
N GLU N 411 -69.81 2.76 -40.70
CA GLU N 411 -69.70 2.56 -42.13
C GLU N 411 -68.35 3.12 -42.58
N ASN N 412 -67.83 4.09 -41.81
CA ASN N 412 -66.84 4.99 -42.38
C ASN N 412 -65.71 5.38 -41.44
N THR N 413 -65.36 4.60 -40.43
CA THR N 413 -64.32 5.08 -39.54
C THR N 413 -62.94 4.54 -39.88
N GLY N 414 -62.79 3.24 -40.11
CA GLY N 414 -61.50 2.71 -40.49
C GLY N 414 -61.16 1.47 -39.70
N GLU N 415 -60.12 0.76 -40.18
CA GLU N 415 -59.80 -0.54 -39.62
C GLU N 415 -59.12 -0.44 -38.26
N PHE N 416 -59.00 0.76 -37.69
CA PHE N 416 -58.35 0.92 -36.39
C PHE N 416 -56.93 0.40 -36.39
N LYS N 417 -56.02 1.08 -37.10
CA LYS N 417 -54.59 0.81 -37.02
C LYS N 417 -54.20 0.82 -35.55
N HIS N 418 -53.04 0.22 -35.24
CA HIS N 418 -52.52 0.40 -33.89
C HIS N 418 -52.11 1.84 -33.65
N SER N 419 -51.96 2.62 -34.72
CA SER N 419 -51.44 3.98 -34.58
C SER N 419 -52.38 4.87 -33.79
N ASP N 420 -53.68 4.57 -33.78
CA ASP N 420 -54.59 5.55 -33.20
C ASP N 420 -54.40 5.64 -31.69
N MET N 421 -54.33 4.51 -31.00
CA MET N 421 -54.32 4.53 -29.55
C MET N 421 -53.10 5.27 -29.03
N VAL N 422 -51.93 5.09 -29.65
CA VAL N 422 -50.79 5.93 -29.31
C VAL N 422 -51.08 7.38 -29.64
N ASN N 423 -51.55 7.63 -30.86
CA ASN N 423 -51.96 8.98 -31.23
C ASN N 423 -53.06 9.49 -30.30
N TYR N 424 -53.99 8.61 -29.90
CA TYR N 424 -55.06 9.04 -29.02
C TYR N 424 -54.50 9.51 -27.69
N ALA N 425 -53.65 8.68 -27.06
CA ALA N 425 -53.06 9.06 -25.80
C ALA N 425 -52.28 10.36 -25.91
N ASN N 426 -51.47 10.49 -26.95
CA ASN N 426 -50.65 11.69 -27.07
C ASN N 426 -51.52 12.93 -27.25
N LYS N 427 -52.46 12.88 -28.19
CA LYS N 427 -53.28 14.05 -28.46
C LYS N 427 -54.16 14.39 -27.27
N LYS N 428 -54.69 13.38 -26.57
CA LYS N 428 -55.56 13.64 -25.43
C LYS N 428 -54.76 14.19 -24.25
N LEU N 429 -53.53 13.73 -24.07
CA LEU N 429 -52.71 14.28 -23.00
C LEU N 429 -52.38 15.74 -23.26
N ALA N 430 -52.00 16.06 -24.49
CA ALA N 430 -51.78 17.47 -24.81
C ALA N 430 -53.06 18.27 -24.69
N GLU N 431 -54.18 17.71 -25.12
CA GLU N 431 -55.49 18.34 -24.97
C GLU N 431 -55.76 18.70 -23.52
N ILE N 432 -55.55 17.75 -22.61
CA ILE N 432 -55.69 18.04 -21.19
C ILE N 432 -54.75 19.15 -20.78
N ASP N 433 -53.52 19.14 -21.30
CA ASP N 433 -52.59 20.23 -20.98
C ASP N 433 -53.14 21.58 -21.42
N SER N 434 -53.95 21.59 -22.48
CA SER N 434 -54.41 22.85 -23.02
C SER N 434 -55.73 23.29 -22.41
N MET N 435 -56.30 22.47 -21.52
CA MET N 435 -57.57 22.84 -20.92
C MET N 435 -57.40 24.05 -20.00
N ASP N 436 -58.55 24.60 -19.58
CA ASP N 436 -58.57 25.88 -18.88
C ASP N 436 -58.53 25.72 -17.37
N ILE N 437 -58.75 24.51 -16.88
CA ILE N 437 -58.90 24.20 -15.45
C ILE N 437 -57.62 24.46 -14.67
N PRO N 438 -57.69 24.59 -13.34
CA PRO N 438 -56.47 24.71 -12.54
C PRO N 438 -55.70 23.41 -12.48
N ASP N 439 -54.47 23.50 -11.96
CA ASP N 439 -53.53 22.37 -12.00
C ASP N 439 -54.08 21.14 -11.32
N GLY N 440 -54.82 21.31 -10.21
CA GLY N 440 -55.34 20.16 -9.49
C GLY N 440 -56.20 19.28 -10.36
N ALA N 441 -57.18 19.88 -11.05
CA ALA N 441 -58.04 19.09 -11.91
C ALA N 441 -57.25 18.47 -13.05
N LYS N 442 -56.27 19.20 -13.59
CA LYS N 442 -55.46 18.67 -14.67
C LYS N 442 -54.75 17.39 -14.24
N ASP N 443 -54.12 17.41 -13.07
CA ASP N 443 -53.34 16.26 -12.66
C ASP N 443 -54.23 15.12 -12.18
N ALA N 444 -55.33 15.44 -11.49
CA ALA N 444 -56.31 14.40 -11.19
C ALA N 444 -56.81 13.74 -12.47
N MET N 445 -56.89 14.51 -13.56
CA MET N 445 -57.40 13.95 -14.80
C MET N 445 -56.35 13.11 -15.50
N LYS N 446 -55.09 13.56 -15.48
CA LYS N 446 -54.01 12.73 -15.98
C LYS N 446 -53.95 11.40 -15.25
N LEU N 447 -54.20 11.42 -13.94
CA LEU N 447 -54.16 10.16 -13.19
C LEU N 447 -55.40 9.31 -13.46
N LYS N 448 -56.57 9.93 -13.54
CA LYS N 448 -57.79 9.17 -13.81
C LYS N 448 -57.82 8.68 -15.26
N TYR N 449 -56.87 9.14 -16.07
CA TYR N 449 -56.65 8.48 -17.35
C TYR N 449 -55.57 7.42 -17.25
N LEU N 450 -54.55 7.65 -16.43
CA LEU N 450 -53.47 6.67 -16.28
C LEU N 450 -54.02 5.33 -15.82
N GLN N 451 -55.18 5.35 -15.18
CA GLN N 451 -56.00 4.17 -14.99
C GLN N 451 -57.30 4.35 -15.76
N ALA N 452 -57.69 3.35 -16.54
CA ALA N 452 -56.93 2.13 -16.66
C ALA N 452 -56.99 1.60 -18.09
N ASP N 453 -55.82 1.35 -18.66
CA ASP N 453 -55.73 0.53 -19.84
C ASP N 453 -54.90 -0.69 -19.50
N SER N 454 -55.02 -1.73 -20.30
CA SER N 454 -54.46 -3.04 -19.95
C SER N 454 -52.96 -3.12 -20.21
N LYS N 455 -52.19 -2.19 -19.63
CA LYS N 455 -50.72 -2.20 -19.75
C LYS N 455 -50.29 -2.31 -21.21
N ASP N 456 -51.01 -1.59 -22.08
CA ASP N 456 -50.78 -1.73 -23.51
C ASP N 456 -49.32 -1.45 -23.89
N GLY N 457 -48.74 -0.32 -23.46
CA GLY N 457 -49.41 0.79 -22.81
C GLY N 457 -49.51 1.96 -23.76
N ALA N 458 -50.67 2.63 -23.77
CA ALA N 458 -50.76 3.87 -24.52
C ALA N 458 -50.50 5.07 -23.60
N PHE N 459 -51.39 5.26 -22.63
CA PHE N 459 -51.16 6.31 -21.64
C PHE N 459 -50.01 5.94 -20.72
N ARG N 460 -49.92 4.66 -20.37
CA ARG N 460 -48.85 4.24 -19.49
C ARG N 460 -47.50 4.50 -20.13
N THR N 461 -47.40 4.24 -21.44
CA THR N 461 -46.14 4.50 -22.14
C THR N 461 -45.91 5.98 -22.37
N ALA N 462 -46.98 6.76 -22.55
CA ALA N 462 -46.78 8.21 -22.67
C ALA N 462 -46.20 8.79 -21.39
N ILE N 463 -46.87 8.55 -20.26
CA ILE N 463 -46.34 9.02 -18.99
C ILE N 463 -44.98 8.39 -18.72
N GLY N 464 -44.75 7.18 -19.22
CA GLY N 464 -43.48 6.54 -19.00
C GLY N 464 -42.34 7.23 -19.73
N THR N 465 -42.56 7.57 -21.00
CA THR N 465 -41.51 8.30 -21.71
C THR N 465 -41.32 9.68 -21.12
N MET N 466 -42.37 10.27 -20.56
CA MET N 466 -42.18 11.48 -19.78
C MET N 466 -41.23 11.24 -18.60
N VAL N 467 -41.43 10.12 -17.90
CA VAL N 467 -40.58 9.79 -16.77
C VAL N 467 -39.14 9.59 -17.20
N THR N 468 -38.92 8.79 -18.24
CA THR N 468 -37.53 8.58 -18.68
C THR N 468 -36.92 9.86 -19.21
N ASP N 469 -37.75 10.78 -19.74
CA ASP N 469 -37.21 12.09 -20.12
C ASP N 469 -36.70 12.83 -18.91
N ALA N 470 -37.51 12.90 -17.85
CA ALA N 470 -37.04 13.53 -16.62
C ALA N 470 -35.79 12.83 -16.10
N GLY N 471 -35.73 11.51 -16.23
CA GLY N 471 -34.58 10.77 -15.74
C GLY N 471 -33.31 11.09 -16.50
N GLN N 472 -33.38 11.03 -17.83
CA GLN N 472 -32.20 11.36 -18.63
C GLN N 472 -31.81 12.81 -18.44
N GLU N 473 -32.80 13.68 -18.21
CA GLU N 473 -32.49 15.09 -18.04
C GLU N 473 -31.74 15.33 -16.74
N TRP N 474 -32.17 14.69 -15.65
CA TRP N 474 -31.42 14.82 -14.41
C TRP N 474 -30.07 14.14 -14.54
N SER N 475 -29.98 13.07 -15.34
CA SER N 475 -28.67 12.49 -15.62
C SER N 475 -27.75 13.51 -16.26
N ALA N 476 -28.23 14.17 -17.31
CA ALA N 476 -27.43 15.16 -18.01
C ALA N 476 -27.04 16.29 -17.07
N ALA N 477 -27.92 16.66 -16.16
CA ALA N 477 -27.55 17.62 -15.14
C ALA N 477 -26.40 17.09 -14.29
N VAL N 478 -26.43 15.78 -13.98
CA VAL N 478 -25.34 15.20 -13.19
C VAL N 478 -24.02 15.29 -13.93
N ILE N 479 -23.99 14.87 -15.19
CA ILE N 479 -22.76 14.93 -15.97
C ILE N 479 -22.31 16.37 -16.08
N ASN N 480 -23.24 17.26 -16.40
CA ASN N 480 -22.90 18.66 -16.68
C ASN N 480 -22.31 19.35 -15.47
N GLY N 481 -22.58 18.86 -14.27
CA GLY N 481 -22.00 19.40 -13.07
C GLY N 481 -22.89 20.35 -12.29
N LYS N 482 -23.76 21.08 -12.98
CA LYS N 482 -24.78 21.91 -12.36
C LYS N 482 -26.14 21.48 -12.89
N LEU N 483 -27.17 22.22 -12.57
CA LEU N 483 -28.46 21.81 -13.10
C LEU N 483 -29.01 22.87 -14.04
N PRO N 484 -29.29 22.51 -15.29
CA PRO N 484 -29.75 23.52 -16.26
C PRO N 484 -31.07 24.12 -15.84
N GLU N 485 -31.26 25.39 -16.19
CA GLU N 485 -32.45 26.10 -15.77
C GLU N 485 -33.69 25.61 -16.53
N ARG N 486 -34.84 25.79 -15.88
CA ARG N 486 -36.17 25.71 -16.49
C ARG N 486 -36.63 24.29 -16.77
N THR N 487 -35.71 23.31 -16.77
CA THR N 487 -35.97 21.89 -16.52
C THR N 487 -37.36 21.43 -16.96
N PRO N 488 -37.70 21.47 -18.24
CA PRO N 488 -39.10 21.21 -18.62
C PRO N 488 -39.60 19.83 -18.22
N ALA N 489 -38.87 18.77 -18.54
CA ALA N 489 -39.33 17.43 -18.20
C ALA N 489 -39.41 17.23 -16.71
N MET N 490 -38.40 17.69 -15.96
CA MET N 490 -38.45 17.60 -14.51
C MET N 490 -39.64 18.36 -13.95
N ASP N 491 -39.95 19.52 -14.52
CA ASP N 491 -41.07 20.30 -14.02
C ASP N 491 -42.39 19.59 -14.28
N ALA N 492 -42.58 19.05 -15.48
CA ALA N 492 -43.81 18.33 -15.77
C ALA N 492 -43.95 17.10 -14.88
N LEU N 493 -42.84 16.39 -14.66
CA LEU N 493 -42.89 15.23 -13.78
C LEU N 493 -43.23 15.64 -12.36
N ARG N 494 -42.88 16.87 -12.00
CA ARG N 494 -43.18 17.37 -10.65
C ARG N 494 -44.63 17.45 -10.36
N ARG N 495 -45.36 18.27 -11.10
CA ARG N 495 -46.76 18.48 -10.75
C ARG N 495 -47.51 17.20 -10.67
N ILE N 496 -47.41 16.38 -11.70
CA ILE N 496 -48.22 15.19 -11.72
C ILE N 496 -47.87 14.31 -10.56
N ARG N 497 -46.57 14.14 -10.35
CA ARG N 497 -46.19 13.24 -9.31
C ARG N 497 -46.67 13.78 -8.05
N ASN N 498 -46.27 14.97 -7.64
CA ASN N 498 -46.83 15.56 -6.40
C ASN N 498 -48.31 15.39 -6.13
N ALA N 499 -49.16 15.35 -7.15
CA ALA N 499 -50.55 15.08 -6.88
C ALA N 499 -50.76 13.71 -6.30
N ASP N 500 -50.11 12.68 -6.84
CA ASP N 500 -50.20 11.35 -6.23
C ASP N 500 -48.86 10.70 -6.14
N PRO N 501 -48.18 10.87 -5.02
CA PRO N 501 -46.88 10.24 -5.02
C PRO N 501 -46.99 8.80 -4.64
N GLN N 502 -47.73 8.03 -5.40
CA GLN N 502 -47.90 6.65 -5.06
C GLN N 502 -48.19 5.90 -6.33
N LEU N 503 -49.19 6.33 -7.08
CA LEU N 503 -49.58 5.61 -8.28
C LEU N 503 -48.40 5.79 -9.22
N ILE N 504 -47.85 7.00 -9.25
CA ILE N 504 -46.69 7.28 -10.10
C ILE N 504 -45.53 6.46 -9.63
N ALA N 505 -45.40 6.30 -8.33
CA ALA N 505 -44.33 5.48 -7.84
C ALA N 505 -44.45 4.05 -8.27
N ALA N 506 -45.64 3.51 -8.28
CA ALA N 506 -45.77 2.09 -8.55
C ALA N 506 -45.57 1.64 -9.97
N LEU N 507 -46.33 2.20 -10.89
CA LEU N 507 -46.32 1.73 -12.28
C LEU N 507 -44.92 1.76 -12.88
N TYR N 508 -44.02 2.56 -12.31
CA TYR N 508 -42.65 2.68 -12.79
C TYR N 508 -41.68 2.37 -11.67
N PRO N 509 -41.45 1.09 -11.34
CA PRO N 509 -40.50 0.79 -10.26
C PRO N 509 -39.08 0.98 -10.71
N ASP N 510 -38.85 1.11 -12.02
CA ASP N 510 -37.50 1.17 -12.53
C ASP N 510 -36.78 2.44 -12.08
N GLN N 511 -37.42 3.59 -12.30
CA GLN N 511 -36.83 4.86 -11.87
C GLN N 511 -37.33 5.30 -10.51
N ALA N 512 -37.20 4.48 -9.47
CA ALA N 512 -37.48 4.95 -8.14
C ALA N 512 -36.40 5.90 -7.67
N GLU N 513 -35.20 5.75 -8.25
CA GLU N 513 -34.09 6.66 -7.97
C GLU N 513 -34.46 8.10 -8.28
N LEU N 514 -35.05 8.34 -9.45
CA LEU N 514 -35.45 9.69 -9.83
C LEU N 514 -36.51 10.23 -8.89
N PHE N 515 -37.49 9.40 -8.52
CA PHE N 515 -38.53 9.86 -7.61
C PHE N 515 -37.93 10.24 -6.26
N LEU N 516 -37.03 9.42 -5.74
CA LEU N 516 -36.33 9.76 -4.50
C LEU N 516 -35.61 11.08 -4.61
N THR N 517 -34.82 11.26 -5.68
CA THR N 517 -34.05 12.49 -5.82
C THR N 517 -34.95 13.70 -5.97
N MET N 518 -36.02 13.59 -6.75
CA MET N 518 -36.92 14.72 -6.92
C MET N 518 -37.61 15.06 -5.61
N ASP N 519 -38.06 14.05 -4.87
CA ASP N 519 -38.73 14.30 -3.60
C ASP N 519 -37.75 14.84 -2.56
N MET N 520 -36.47 14.50 -2.69
CA MET N 520 -35.46 15.18 -1.91
C MET N 520 -35.34 16.63 -2.35
N MET N 521 -35.49 16.87 -3.64
CA MET N 521 -35.23 18.19 -4.20
C MET N 521 -36.29 19.19 -3.82
N ASP N 522 -37.56 18.77 -3.77
CA ASP N 522 -38.64 19.73 -3.61
C ASP N 522 -39.29 19.68 -2.23
N LYS N 523 -39.73 18.50 -1.78
CA LYS N 523 -40.42 18.42 -0.50
C LYS N 523 -39.47 18.77 0.64
N GLN N 524 -38.36 18.05 0.75
CA GLN N 524 -37.33 18.42 1.70
C GLN N 524 -36.55 19.63 1.19
N GLY N 525 -35.80 20.26 2.08
CA GLY N 525 -35.25 21.57 1.78
C GLY N 525 -33.87 21.57 1.13
N ILE N 526 -33.31 20.40 0.82
CA ILE N 526 -31.93 20.37 0.37
C ILE N 526 -31.81 21.03 -0.99
N ASP N 527 -30.62 21.57 -1.26
CA ASP N 527 -30.37 22.24 -2.52
C ASP N 527 -30.25 21.21 -3.65
N PRO N 528 -30.75 21.51 -4.84
CA PRO N 528 -30.38 20.72 -6.03
C PRO N 528 -29.03 21.14 -6.59
N GLN N 529 -28.06 21.24 -5.68
CA GLN N 529 -26.65 21.34 -6.00
C GLN N 529 -25.83 20.37 -5.17
N VAL N 530 -26.28 20.09 -3.95
CA VAL N 530 -25.51 19.26 -3.05
C VAL N 530 -25.74 17.78 -3.36
N ILE N 531 -26.82 17.47 -4.09
CA ILE N 531 -26.98 16.12 -4.63
C ILE N 531 -26.11 15.95 -5.88
N LEU N 532 -25.94 17.03 -6.63
CA LEU N 532 -25.28 16.94 -7.92
C LEU N 532 -23.85 16.44 -7.78
N ASP N 533 -23.07 17.05 -6.88
CA ASP N 533 -21.70 16.60 -6.71
C ASP N 533 -21.67 15.16 -6.24
N ALA N 534 -22.39 14.86 -5.15
CA ALA N 534 -22.31 13.56 -4.53
C ALA N 534 -22.74 12.46 -5.49
N ASP N 535 -23.58 12.80 -6.46
CA ASP N 535 -23.93 11.80 -7.48
C ASP N 535 -22.97 11.86 -8.66
N ARG N 536 -22.17 12.92 -8.74
CA ARG N 536 -21.16 13.02 -9.79
C ARG N 536 -19.81 12.55 -9.26
N LEU N 537 -19.62 12.64 -7.94
CA LEU N 537 -18.35 12.35 -7.32
C LEU N 537 -18.20 10.87 -7.00
N THR N 538 -19.29 10.10 -7.11
CA THR N 538 -19.27 8.70 -6.68
C THR N 538 -18.18 7.91 -7.36
N VAL N 539 -17.60 6.97 -6.62
CA VAL N 539 -16.69 5.97 -7.19
C VAL N 539 -17.54 4.93 -7.88
N LYS N 540 -16.98 4.29 -8.90
CA LYS N 540 -17.60 3.11 -9.43
C LYS N 540 -17.45 1.96 -8.44
N ARG N 541 -18.59 1.34 -8.09
CA ARG N 541 -18.62 0.29 -7.07
C ARG N 541 -17.72 -0.89 -7.44
N SER N 542 -17.31 -0.96 -8.71
CA SER N 542 -16.22 -1.79 -9.19
C SER N 542 -16.39 -3.28 -8.90
N LYS N 543 -17.58 -3.64 -8.49
CA LYS N 543 -17.86 -4.87 -7.80
C LYS N 543 -17.56 -4.87 -6.35
N GLU N 544 -16.34 -4.58 -5.94
CA GLU N 544 -15.98 -4.80 -4.53
C GLU N 544 -16.78 -3.92 -3.55
N GLN N 545 -16.84 -2.64 -3.86
CA GLN N 545 -17.52 -1.73 -2.96
C GLN N 545 -18.94 -2.16 -2.91
N ARG N 546 -19.49 -2.45 -4.08
CA ARG N 546 -20.90 -2.70 -4.13
C ARG N 546 -21.20 -3.93 -3.32
N PHE N 547 -20.39 -4.96 -3.46
CA PHE N 547 -20.72 -6.21 -2.83
C PHE N 547 -20.73 -5.95 -1.38
N GLU N 548 -19.72 -5.24 -0.85
CA GLU N 548 -19.82 -4.97 0.60
C GLU N 548 -20.93 -4.11 1.16
N ASP N 549 -21.29 -3.06 0.45
CA ASP N 549 -22.39 -2.24 0.93
C ASP N 549 -23.59 -3.16 0.99
N ASP N 550 -23.70 -3.98 -0.03
CA ASP N 550 -24.85 -4.85 -0.11
C ASP N 550 -24.94 -5.93 0.95
N LYS N 551 -23.85 -6.46 1.42
CA LYS N 551 -24.06 -7.27 2.56
C LYS N 551 -24.60 -6.27 3.54
N ALA N 552 -24.00 -5.10 3.63
CA ALA N 552 -24.20 -4.23 4.79
C ALA N 552 -25.63 -3.87 4.94
N PHE N 553 -26.28 -3.54 3.84
CA PHE N 553 -27.67 -3.20 3.88
C PHE N 553 -28.35 -4.43 4.39
N GLU N 554 -27.95 -5.59 3.90
CA GLU N 554 -28.71 -6.77 4.18
C GLU N 554 -28.77 -7.14 5.59
N SER N 555 -27.67 -7.00 6.28
CA SER N 555 -27.69 -7.26 7.69
C SER N 555 -28.51 -6.20 8.39
N ALA N 556 -28.22 -4.96 8.05
CA ALA N 556 -28.77 -3.84 8.82
C ALA N 556 -30.25 -3.77 8.75
N LEU N 557 -30.82 -3.91 7.58
CA LEU N 557 -32.24 -3.85 7.44
C LEU N 557 -32.78 -4.98 8.24
N ASN N 558 -32.21 -6.16 8.10
CA ASN N 558 -32.73 -7.35 8.80
C ASN N 558 -32.61 -7.26 10.30
N ALA N 559 -31.52 -6.69 10.79
CA ALA N 559 -31.38 -6.51 12.23
C ALA N 559 -31.73 -5.12 12.83
N SER N 560 -32.86 -4.54 12.46
CA SER N 560 -33.28 -3.25 13.03
C SER N 560 -34.57 -3.20 13.87
N LYS N 561 -35.40 -4.23 13.79
CA LYS N 561 -36.62 -4.30 14.63
C LYS N 561 -37.67 -3.18 14.66
N ALA N 562 -38.10 -2.66 13.52
CA ALA N 562 -39.20 -1.69 13.49
C ALA N 562 -40.25 -2.30 12.56
N PRO N 563 -41.53 -2.32 12.97
CA PRO N 563 -42.58 -2.98 12.17
C PRO N 563 -42.41 -2.71 10.74
N GLU N 564 -42.22 -1.46 10.39
CA GLU N 564 -42.09 -1.10 9.01
C GLU N 564 -40.88 -1.70 8.29
N ILE N 565 -39.68 -1.59 8.84
CA ILE N 565 -38.46 -2.03 8.14
C ILE N 565 -38.45 -3.51 8.10
N ALA N 566 -39.02 -4.10 9.11
CA ALA N 566 -39.10 -5.52 9.12
C ALA N 566 -40.27 -5.79 8.31
N ARG N 567 -40.50 -7.04 8.00
CA ARG N 567 -41.71 -7.41 7.32
C ARG N 567 -41.72 -6.95 5.89
N MET N 568 -41.67 -5.65 5.64
CA MET N 568 -41.55 -5.08 4.30
C MET N 568 -42.84 -5.15 3.63
N PRO N 569 -43.12 -4.15 2.85
CA PRO N 569 -44.44 -4.16 2.27
C PRO N 569 -44.55 -5.33 1.34
N ALA N 570 -43.52 -5.65 0.55
CA ALA N 570 -43.45 -6.75 -0.43
C ALA N 570 -42.97 -6.06 -1.64
N SER N 571 -43.88 -5.31 -2.25
CA SER N 571 -43.51 -4.55 -3.42
C SER N 571 -42.38 -3.62 -3.18
N LEU N 572 -42.40 -2.94 -2.06
CA LEU N 572 -41.41 -1.91 -1.85
C LEU N 572 -39.96 -2.34 -1.80
N ARG N 573 -39.64 -3.48 -1.25
CA ARG N 573 -38.23 -3.82 -1.07
C ARG N 573 -37.29 -3.33 -2.12
N GLU N 574 -37.61 -3.51 -3.38
CA GLU N 574 -36.67 -3.20 -4.42
C GLU N 574 -36.36 -1.75 -4.41
N SER N 575 -37.39 -0.92 -4.37
CA SER N 575 -37.15 0.49 -4.30
C SER N 575 -36.51 0.82 -2.98
N ALA N 576 -37.07 0.28 -1.92
CA ALA N 576 -36.60 0.71 -0.61
C ALA N 576 -35.11 0.59 -0.63
N ARG N 577 -34.65 -0.49 -1.19
CA ARG N 577 -33.23 -0.70 -1.21
C ARG N 577 -32.60 0.38 -2.00
N LYS N 578 -33.20 0.75 -3.12
CA LYS N 578 -32.65 1.80 -3.94
C LYS N 578 -32.59 3.13 -3.24
N ILE N 579 -33.62 3.48 -2.47
CA ILE N 579 -33.61 4.75 -1.79
C ILE N 579 -32.42 4.70 -0.87
N TYR N 580 -32.10 3.54 -0.35
CA TYR N 580 -31.01 3.45 0.62
C TYR N 580 -29.68 3.79 0.01
N ASP N 581 -29.35 3.16 -1.09
CA ASP N 581 -28.05 3.36 -1.63
C ASP N 581 -27.84 4.77 -1.99
N SER N 582 -28.85 5.42 -2.51
CA SER N 582 -28.63 6.75 -2.96
C SER N 582 -28.22 7.61 -1.82
N VAL N 583 -28.93 7.53 -0.71
CA VAL N 583 -28.60 8.36 0.44
C VAL N 583 -27.26 7.99 0.99
N LYS N 584 -26.92 6.71 1.03
CA LYS N 584 -25.58 6.37 1.51
C LYS N 584 -24.49 6.96 0.64
N TYR N 585 -24.60 6.91 -0.67
CA TYR N 585 -23.56 7.54 -1.48
C TYR N 585 -23.53 9.04 -1.27
N ARG N 586 -24.70 9.68 -1.14
CA ARG N 586 -24.71 11.12 -0.99
C ARG N 586 -24.04 11.53 0.30
N SER N 587 -24.73 11.44 1.41
CA SER N 587 -24.06 11.74 2.66
C SER N 587 -23.76 10.40 3.19
N GLY N 588 -22.52 10.12 3.49
CA GLY N 588 -22.20 8.76 3.84
C GLY N 588 -22.37 8.27 5.23
N ASN N 589 -23.49 8.60 5.83
CA ASN N 589 -23.81 8.05 7.12
C ASN N 589 -24.90 7.08 6.93
N GLU N 590 -24.63 5.85 7.32
CA GLU N 590 -25.62 4.84 7.15
C GLU N 590 -26.84 5.12 7.97
N SER N 591 -26.71 5.63 9.17
CA SER N 591 -27.89 5.95 9.95
C SER N 591 -28.74 7.03 9.30
N MET N 592 -28.11 8.02 8.70
CA MET N 592 -28.81 9.05 7.92
C MET N 592 -29.50 8.44 6.74
N ALA N 593 -28.87 7.49 6.09
CA ALA N 593 -29.54 6.85 5.00
C ALA N 593 -30.74 6.16 5.50
N MET N 594 -30.61 5.48 6.61
CA MET N 594 -31.75 4.74 7.06
C MET N 594 -32.87 5.70 7.37
N GLU N 595 -32.57 6.83 8.00
CA GLU N 595 -33.68 7.65 8.39
C GLU N 595 -34.35 8.25 7.18
N GLN N 596 -33.64 8.34 6.08
CA GLN N 596 -34.29 8.47 4.75
C GLN N 596 -34.83 7.23 3.97
N MET N 597 -34.72 6.02 4.48
CA MET N 597 -35.41 4.82 4.08
C MET N 597 -36.58 4.59 4.95
N THR N 598 -36.46 4.76 6.25
CA THR N 598 -37.60 4.51 7.11
C THR N 598 -38.66 5.48 6.84
N LYS N 599 -38.31 6.74 6.60
CA LYS N 599 -39.35 7.72 6.39
C LYS N 599 -40.12 7.27 5.18
N PHE N 600 -39.42 6.82 4.16
CA PHE N 600 -40.08 6.39 2.95
C PHE N 600 -40.97 5.17 3.15
N LEU N 601 -40.52 4.12 3.83
CA LEU N 601 -41.39 2.96 3.96
C LEU N 601 -42.57 3.42 4.75
N LYS N 602 -42.34 4.27 5.72
CA LYS N 602 -43.41 4.78 6.54
C LYS N 602 -44.45 5.64 5.87
N GLU N 603 -44.06 6.48 4.93
CA GLU N 603 -45.04 7.20 4.16
C GLU N 603 -45.81 6.16 3.41
N SER N 604 -45.12 5.22 2.78
CA SER N 604 -45.79 4.28 1.87
C SER N 604 -46.77 3.24 2.34
N THR N 605 -46.56 2.71 3.54
CA THR N 605 -47.40 1.65 4.06
C THR N 605 -48.04 1.96 5.38
N TYR N 606 -49.14 1.29 5.70
CA TYR N 606 -49.77 1.50 7.01
C TYR N 606 -49.69 0.24 7.78
N THR N 607 -49.14 0.27 8.99
CA THR N 607 -48.94 -0.95 9.72
C THR N 607 -50.14 -1.22 10.53
N PHE N 608 -50.96 -2.14 10.09
CA PHE N 608 -52.19 -2.43 10.81
C PHE N 608 -51.74 -2.96 12.14
N THR N 609 -52.41 -2.58 13.21
CA THR N 609 -51.97 -3.01 14.52
C THR N 609 -53.07 -3.78 15.18
N GLY N 610 -52.75 -4.53 16.22
CA GLY N 610 -53.76 -5.37 16.82
C GLY N 610 -54.46 -4.65 17.97
N ASP N 611 -55.68 -5.09 18.26
CA ASP N 611 -56.44 -4.49 19.35
C ASP N 611 -55.81 -4.77 20.70
N ASP N 612 -54.99 -5.81 20.78
CA ASP N 612 -54.36 -6.17 22.05
C ASP N 612 -53.34 -5.11 22.45
N VAL N 613 -53.06 -5.04 23.75
CA VAL N 613 -52.34 -3.92 24.34
C VAL N 613 -50.84 -4.09 24.20
N ASP N 614 -50.39 -5.10 23.46
CA ASP N 614 -48.96 -5.35 23.36
C ASP N 614 -48.21 -4.18 22.73
N GLY N 615 -48.63 -3.70 21.55
CA GLY N 615 -49.60 -4.31 20.63
C GLY N 615 -48.89 -4.78 19.37
N ASP N 616 -48.72 -6.08 19.23
CA ASP N 616 -47.93 -6.62 18.14
C ASP N 616 -48.63 -6.43 16.81
N THR N 617 -47.85 -6.18 15.76
CA THR N 617 -48.41 -5.92 14.44
C THR N 617 -48.90 -7.20 13.81
N VAL N 618 -49.89 -7.03 12.94
CA VAL N 618 -50.40 -8.15 12.21
C VAL N 618 -49.83 -8.00 10.80
N GLY N 619 -49.99 -6.86 10.15
CA GLY N 619 -49.40 -6.74 8.84
C GLY N 619 -49.07 -5.37 8.34
N VAL N 620 -48.22 -5.26 7.33
CA VAL N 620 -47.99 -3.98 6.73
C VAL N 620 -48.56 -4.12 5.34
N ILE N 621 -49.55 -3.32 4.97
CA ILE N 621 -50.18 -3.43 3.67
C ILE N 621 -49.78 -2.18 2.97
N PRO N 622 -49.50 -2.25 1.64
CA PRO N 622 -48.98 -0.99 1.10
C PRO N 622 -50.08 -0.02 0.80
N LYS N 623 -49.88 1.20 1.26
CA LYS N 623 -50.92 2.24 1.27
C LYS N 623 -51.48 2.52 -0.11
N ASN N 624 -50.92 1.93 -1.16
CA ASN N 624 -51.39 2.20 -2.51
C ASN N 624 -52.55 1.28 -2.87
N MET N 625 -52.42 0.00 -2.55
CA MET N 625 -53.32 -1.02 -3.08
C MET N 625 -54.60 -1.18 -2.28
N MET N 626 -54.76 -0.46 -1.17
CA MET N 626 -56.04 -0.43 -0.47
C MET N 626 -56.78 0.88 -0.70
N GLN N 627 -56.24 1.73 -1.56
CA GLN N 627 -56.97 2.89 -2.05
C GLN N 627 -58.31 2.46 -2.64
N VAL N 628 -59.30 3.32 -2.42
CA VAL N 628 -60.64 3.07 -2.89
C VAL N 628 -60.94 3.89 -4.14
N ASN N 629 -61.30 5.16 -4.03
CA ASN N 629 -61.47 5.96 -5.23
C ASN N 629 -60.19 6.68 -5.55
N SER N 630 -60.21 7.64 -6.46
CA SER N 630 -58.96 8.27 -6.87
C SER N 630 -58.15 9.07 -5.86
N ASP N 631 -58.80 9.84 -5.02
CA ASP N 631 -58.06 10.68 -4.08
C ASP N 631 -57.37 9.82 -3.02
N PRO N 632 -56.24 10.28 -2.48
CA PRO N 632 -55.55 9.39 -1.53
C PRO N 632 -56.34 9.16 -0.27
N LYS N 633 -57.41 9.89 -0.07
CA LYS N 633 -58.19 9.83 1.14
C LYS N 633 -58.95 8.54 0.96
N SER N 634 -58.88 7.96 -0.21
CA SER N 634 -59.48 6.67 -0.40
C SER N 634 -58.72 5.62 0.36
N TRP N 635 -57.40 5.71 0.44
CA TRP N 635 -56.61 4.82 1.27
C TRP N 635 -57.13 5.08 2.62
N GLU N 636 -57.32 6.36 2.91
CA GLU N 636 -57.79 6.49 4.29
C GLU N 636 -59.11 5.75 4.52
N GLN N 637 -60.06 5.86 3.60
CA GLN N 637 -61.34 5.21 3.77
C GLN N 637 -61.22 3.70 3.83
N GLY N 638 -60.37 3.13 3.00
CA GLY N 638 -60.19 1.70 2.99
C GLY N 638 -59.66 1.23 4.30
N ARG N 639 -58.74 1.97 4.91
CA ARG N 639 -58.31 1.50 6.20
C ARG N 639 -59.49 1.12 7.05
N ASP N 640 -60.63 1.75 6.92
CA ASP N 640 -61.78 1.50 7.78
C ASP N 640 -62.47 0.20 7.41
N ILE N 641 -62.67 -0.03 6.11
CA ILE N 641 -63.29 -1.27 5.67
C ILE N 641 -62.48 -2.47 6.14
N LEU N 642 -61.17 -2.39 5.99
CA LEU N 642 -60.31 -3.52 6.31
C LEU N 642 -60.28 -3.78 7.81
N GLU N 643 -60.29 -2.72 8.61
CA GLU N 643 -60.32 -2.89 10.06
C GLU N 643 -61.64 -3.49 10.52
N GLU N 644 -62.76 -2.98 9.98
CA GLU N 644 -64.04 -3.59 10.29
C GLU N 644 -64.05 -5.07 9.91
N ALA N 645 -63.40 -5.42 8.79
CA ALA N 645 -63.33 -6.81 8.39
C ALA N 645 -62.50 -7.65 9.35
N ARG N 646 -61.31 -7.14 9.72
CA ARG N 646 -60.44 -7.90 10.61
C ARG N 646 -61.06 -8.07 11.99
N LYS N 647 -61.96 -7.21 12.40
CA LYS N 647 -62.76 -7.64 13.51
C LYS N 647 -63.91 -8.48 12.97
N GLY N 648 -64.11 -8.47 11.67
CA GLY N 648 -65.00 -9.45 11.08
C GLY N 648 -64.42 -10.84 11.14
N ILE N 649 -63.16 -10.97 10.79
CA ILE N 649 -62.53 -12.27 10.82
C ILE N 649 -62.35 -12.82 12.22
N ILE N 650 -61.86 -11.98 13.12
CA ILE N 650 -61.65 -12.32 14.53
C ILE N 650 -62.96 -12.56 15.23
N ALA N 651 -64.02 -11.91 14.84
CA ALA N 651 -65.26 -12.21 15.53
C ALA N 651 -66.06 -13.33 14.88
N SER N 652 -65.67 -13.75 13.70
CA SER N 652 -66.39 -14.86 13.12
C SER N 652 -65.69 -16.16 13.44
N ASN N 653 -66.26 -16.93 14.37
CA ASN N 653 -65.68 -18.22 14.74
C ASN N 653 -64.20 -18.14 15.07
N PRO N 654 -63.85 -17.45 16.16
CA PRO N 654 -62.42 -17.45 16.46
C PRO N 654 -62.04 -18.74 17.12
N TRP N 655 -61.78 -19.77 16.31
CA TRP N 655 -61.47 -21.06 16.85
C TRP N 655 -60.27 -20.74 17.63
N ILE N 656 -59.37 -19.96 17.03
CA ILE N 656 -58.19 -19.50 17.75
C ILE N 656 -57.66 -18.33 16.98
N THR N 657 -57.35 -17.25 17.66
CA THR N 657 -56.76 -16.17 16.91
C THR N 657 -55.38 -15.73 17.35
N ASN N 658 -55.21 -15.27 18.59
CA ASN N 658 -53.88 -14.93 19.08
C ASN N 658 -53.19 -13.95 18.16
N LYS N 659 -51.95 -14.30 17.80
CA LYS N 659 -51.18 -13.67 16.72
C LYS N 659 -51.16 -14.52 15.47
N GLN N 660 -51.85 -15.64 15.51
CA GLN N 660 -51.83 -16.54 14.39
C GLN N 660 -52.35 -15.86 13.20
N LEU N 661 -53.16 -14.83 13.33
CA LEU N 661 -53.69 -14.26 12.09
C LEU N 661 -52.84 -13.12 11.54
N THR N 662 -52.48 -13.20 10.26
CA THR N 662 -51.61 -12.24 9.63
C THR N 662 -52.26 -11.84 8.41
N MET N 663 -51.96 -10.66 7.92
CA MET N 663 -52.42 -10.21 6.60
C MET N 663 -51.37 -9.44 5.85
N TYR N 664 -51.33 -9.55 4.54
CA TYR N 664 -50.26 -8.97 3.76
C TYR N 664 -50.68 -8.71 2.34
N SER N 665 -49.76 -8.27 1.49
CA SER N 665 -50.10 -8.07 0.12
C SER N 665 -49.26 -8.88 -0.76
N GLN N 666 -49.86 -9.65 -1.63
CA GLN N 666 -49.18 -10.38 -2.69
C GLN N 666 -48.91 -9.29 -3.65
N GLY N 667 -48.55 -9.59 -4.87
CA GLY N 667 -48.11 -8.55 -5.76
C GLY N 667 -49.21 -7.52 -5.87
N ASP N 668 -50.45 -7.97 -5.97
CA ASP N 668 -51.57 -7.03 -5.92
C ASP N 668 -52.79 -7.59 -5.17
N SER N 669 -52.70 -7.99 -3.93
CA SER N 669 -53.90 -8.44 -3.24
C SER N 669 -53.75 -8.42 -1.72
N ILE N 670 -54.45 -7.55 -1.01
CA ILE N 670 -54.38 -7.54 0.43
C ILE N 670 -54.99 -8.79 0.98
N TYR N 671 -54.31 -9.91 0.84
CA TYR N 671 -54.81 -11.17 1.34
C TYR N 671 -54.72 -11.19 2.85
N LEU N 672 -55.73 -11.71 3.54
CA LEU N 672 -55.60 -11.84 4.98
C LEU N 672 -55.69 -13.33 5.20
N MET N 673 -54.74 -13.92 5.91
CA MET N 673 -54.86 -15.33 6.21
C MET N 673 -54.28 -15.76 7.53
N ASP N 674 -55.02 -16.58 8.25
CA ASP N 674 -54.57 -17.01 9.54
C ASP N 674 -53.56 -18.05 9.25
N THR N 675 -52.66 -18.33 10.17
CA THR N 675 -51.74 -19.41 9.82
C THR N 675 -52.50 -20.67 9.98
N THR N 676 -52.77 -21.32 8.85
CA THR N 676 -53.49 -22.54 8.75
C THR N 676 -54.19 -22.30 7.47
N GLY N 677 -55.11 -23.16 7.09
CA GLY N 677 -55.90 -22.92 5.90
C GLY N 677 -57.29 -22.51 6.29
N GLN N 678 -57.51 -22.28 7.57
CA GLN N 678 -58.85 -22.02 8.02
C GLN N 678 -59.45 -20.74 7.41
N VAL N 679 -58.78 -19.60 7.49
CA VAL N 679 -59.40 -18.35 7.05
C VAL N 679 -58.55 -17.56 6.12
N ARG N 680 -58.78 -17.65 4.83
CA ARG N 680 -58.06 -16.79 3.93
C ARG N 680 -59.08 -15.87 3.32
N VAL N 681 -58.81 -14.58 3.36
CA VAL N 681 -59.71 -13.62 2.80
C VAL N 681 -58.93 -12.82 1.80
N ARG N 682 -59.51 -12.56 0.65
CA ARG N 682 -58.84 -11.74 -0.32
C ARG N 682 -59.60 -10.47 -0.51
N TYR N 683 -58.93 -9.35 -0.32
CA TYR N 683 -59.57 -8.07 -0.57
C TYR N 683 -58.73 -7.46 -1.68
N ASP N 684 -59.32 -7.11 -2.81
CA ASP N 684 -58.55 -6.60 -3.92
C ASP N 684 -58.98 -5.22 -4.25
N LYS N 685 -58.06 -4.39 -4.68
CA LYS N 685 -58.39 -3.00 -4.97
C LYS N 685 -59.70 -2.71 -5.71
N GLU N 686 -60.20 -3.62 -6.55
CA GLU N 686 -61.42 -3.26 -7.22
C GLU N 686 -62.53 -3.67 -6.27
N LEU N 687 -62.42 -4.86 -5.70
CA LEU N 687 -63.47 -5.32 -4.79
C LEU N 687 -63.62 -4.50 -3.54
N LEU N 688 -62.52 -4.12 -2.93
CA LEU N 688 -62.61 -3.35 -1.71
C LEU N 688 -63.26 -2.02 -2.02
N SER N 689 -62.86 -1.40 -3.12
CA SER N 689 -63.50 -0.12 -3.46
C SER N 689 -64.94 -0.25 -3.92
N LYS N 690 -65.39 -1.43 -4.27
CA LYS N 690 -66.82 -1.58 -4.57
C LYS N 690 -67.60 -1.54 -3.26
N VAL N 691 -67.07 -2.12 -2.20
CA VAL N 691 -67.75 -2.00 -0.90
C VAL N 691 -67.83 -0.57 -0.35
N TRP N 692 -66.82 0.25 -0.57
CA TRP N 692 -66.94 1.63 -0.14
C TRP N 692 -68.07 2.26 -0.88
N SER N 693 -68.18 1.97 -2.16
CA SER N 693 -69.22 2.59 -2.91
C SER N 693 -70.54 2.15 -2.37
N GLU N 694 -70.66 0.87 -2.08
CA GLU N 694 -71.93 0.40 -1.63
C GLU N 694 -72.29 1.13 -0.36
N ASN N 695 -71.35 1.31 0.55
CA ASN N 695 -71.72 1.94 1.82
C ASN N 695 -71.85 3.46 1.70
N GLN N 696 -71.02 4.09 0.87
CA GLN N 696 -71.07 5.53 0.73
C GLN N 696 -72.26 5.90 -0.09
N LYS N 697 -72.52 5.18 -1.17
CA LYS N 697 -73.65 5.51 -2.03
C LYS N 697 -74.92 5.40 -1.22
N LYS N 698 -75.06 4.32 -0.44
CA LYS N 698 -76.31 4.16 0.27
C LYS N 698 -76.46 5.32 1.20
N LEU N 699 -75.41 5.64 1.93
CA LEU N 699 -75.54 6.68 2.92
C LEU N 699 -75.82 8.04 2.35
N GLU N 700 -75.21 8.38 1.23
CA GLU N 700 -75.44 9.66 0.58
C GLU N 700 -76.85 9.78 0.03
N GLU N 701 -77.38 8.70 -0.56
CA GLU N 701 -78.72 8.82 -1.16
C GLU N 701 -79.60 9.10 0.01
N LYS N 702 -79.04 8.89 1.17
CA LYS N 702 -79.74 9.14 2.42
C LYS N 702 -79.38 10.50 2.99
N ALA N 703 -78.08 10.83 2.91
CA ALA N 703 -77.63 12.13 3.38
C ALA N 703 -78.33 13.27 2.65
N ARG N 704 -78.36 13.23 1.31
CA ARG N 704 -79.05 14.27 0.57
C ARG N 704 -80.51 14.32 1.00
N GLU N 705 -81.12 13.15 1.21
CA GLU N 705 -82.54 13.10 1.48
C GLU N 705 -82.87 13.90 2.72
N LYS N 706 -82.24 13.57 3.84
CA LYS N 706 -82.65 14.30 5.04
C LYS N 706 -81.95 15.65 5.14
N ALA N 707 -80.93 15.90 4.31
CA ALA N 707 -80.34 17.24 4.29
C ALA N 707 -81.27 18.23 3.61
N LEU N 708 -81.87 17.83 2.49
CA LEU N 708 -82.86 18.64 1.80
C LEU N 708 -84.22 18.59 2.48
N ALA N 709 -84.45 17.62 3.36
CA ALA N 709 -85.68 17.60 4.14
C ALA N 709 -85.81 18.85 5.00
N ASP N 710 -84.68 19.42 5.42
CA ASP N 710 -84.72 20.68 6.16
C ASP N 710 -85.30 21.80 5.30
N VAL N 711 -85.02 21.77 4.00
CA VAL N 711 -85.54 22.77 3.09
C VAL N 711 -86.70 22.22 2.27
N ASP O 65 14.37 67.82 -69.10
CA ASP O 65 13.50 68.99 -69.20
C ASP O 65 13.58 69.62 -70.60
N LEU O 66 13.57 70.95 -70.64
CA LEU O 66 13.63 71.65 -71.92
C LEU O 66 14.93 71.38 -72.64
N ALA O 67 16.01 71.11 -71.90
CA ALA O 67 17.31 70.89 -72.52
C ALA O 67 17.35 69.56 -73.27
N ASP O 68 16.60 68.57 -72.79
CA ASP O 68 16.67 67.24 -73.40
C ASP O 68 16.03 67.23 -74.79
N GLU O 69 15.45 68.35 -75.21
CA GLU O 69 14.95 68.46 -76.58
C GLU O 69 16.07 68.26 -77.59
N ARG O 70 17.32 68.53 -77.18
CA ARG O 70 18.48 68.18 -78.00
C ARG O 70 18.38 66.77 -78.53
N SER O 71 18.54 65.79 -77.63
CA SER O 71 18.59 64.40 -78.05
C SER O 71 17.22 63.93 -78.49
N ASN O 72 16.15 64.56 -78.00
CA ASN O 72 14.83 64.22 -78.51
C ASN O 72 14.75 64.46 -80.01
N GLU O 73 15.15 65.64 -80.47
CA GLU O 73 15.14 65.94 -81.89
C GLU O 73 16.15 65.07 -82.63
N ILE O 74 17.33 64.88 -82.03
CA ILE O 74 18.35 64.07 -82.70
C ILE O 74 17.84 62.65 -82.94
N ILE O 75 17.06 62.10 -82.00
CA ILE O 75 16.61 60.72 -82.11
C ILE O 75 15.36 60.64 -82.97
N ARG O 76 14.65 61.76 -83.13
CA ARG O 76 13.47 61.76 -84.02
C ARG O 76 13.79 61.15 -85.37
N LYS O 77 14.93 61.57 -85.92
CA LYS O 77 15.32 61.14 -87.24
C LYS O 77 15.82 59.73 -87.26
N LEU O 78 16.03 59.13 -86.10
CA LEU O 78 16.59 57.80 -86.16
C LEU O 78 15.49 57.06 -86.85
N THR O 79 15.86 56.34 -87.90
CA THR O 79 14.86 55.63 -88.67
C THR O 79 14.32 54.47 -87.85
N PRO O 80 13.02 54.21 -87.95
CA PRO O 80 12.47 53.16 -87.08
C PRO O 80 13.08 51.84 -87.38
N GLU O 81 13.33 51.56 -88.65
CA GLU O 81 13.86 50.26 -89.05
C GLU O 81 15.04 49.73 -88.26
N GLN O 82 15.79 50.61 -87.62
CA GLN O 82 16.91 50.15 -86.80
C GLN O 82 16.87 50.72 -85.38
N ARG O 83 15.93 51.62 -85.09
CA ARG O 83 15.77 52.08 -83.71
C ARG O 83 15.57 50.91 -82.77
N ARG O 84 14.69 49.98 -83.15
CA ARG O 84 14.46 48.83 -82.28
C ARG O 84 15.64 47.86 -82.34
N GLU O 85 16.27 47.71 -83.52
CA GLU O 85 17.38 46.79 -83.67
C GLU O 85 18.55 47.21 -82.79
N ALA O 86 18.67 48.52 -82.53
CA ALA O 86 19.68 48.99 -81.59
C ALA O 86 19.19 48.94 -80.15
N LEU O 87 17.90 49.25 -79.94
CA LEU O 87 17.39 49.53 -78.60
C LEU O 87 17.57 48.34 -77.66
N ASN O 88 17.78 47.14 -78.20
CA ASN O 88 18.00 45.98 -77.34
C ASN O 88 19.35 46.08 -76.62
N ASN O 89 20.33 46.75 -77.21
CA ASN O 89 21.62 46.97 -76.58
C ASN O 89 21.48 48.09 -75.55
N GLY O 90 22.60 48.44 -74.91
CA GLY O 90 22.58 49.59 -74.01
C GLY O 90 21.98 50.82 -74.66
N THR O 91 22.47 51.24 -75.83
CA THR O 91 21.84 52.35 -76.54
C THR O 91 20.35 52.06 -76.83
N LEU O 92 19.47 53.08 -76.83
CA LEU O 92 19.74 54.45 -76.38
C LEU O 92 19.31 54.72 -74.96
N LEU O 93 19.27 53.71 -74.10
CA LEU O 93 18.78 53.84 -72.71
C LEU O 93 17.26 53.81 -72.65
N TYR O 94 16.55 54.15 -73.72
CA TYR O 94 15.07 54.01 -73.79
C TYR O 94 14.30 55.08 -73.06
N GLN O 95 14.95 55.79 -72.18
CA GLN O 95 14.29 56.89 -71.51
C GLN O 95 14.08 57.94 -72.56
N ASP O 96 15.06 58.11 -73.44
CA ASP O 96 14.98 59.18 -74.41
C ASP O 96 14.33 58.84 -75.73
N ASP O 97 13.36 57.95 -75.72
CA ASP O 97 12.63 57.64 -76.95
C ASP O 97 11.27 58.35 -76.96
N PRO O 98 11.15 59.50 -77.68
CA PRO O 98 9.88 60.24 -77.62
C PRO O 98 8.70 59.38 -78.02
N TYR O 99 8.89 58.58 -79.07
CA TYR O 99 7.81 57.73 -79.56
C TYR O 99 7.41 56.69 -78.52
N ALA O 100 8.40 56.05 -77.90
CA ALA O 100 8.10 55.06 -76.87
C ALA O 100 7.44 55.73 -75.67
N MET O 101 7.93 56.90 -75.27
CA MET O 101 7.38 57.58 -74.11
C MET O 101 5.95 58.04 -74.38
N GLU O 102 5.67 58.42 -75.63
CA GLU O 102 4.31 58.74 -76.05
C GLU O 102 3.36 57.58 -75.77
N ALA O 103 3.68 56.41 -76.31
CA ALA O 103 2.83 55.24 -76.13
C ALA O 103 2.73 54.86 -74.66
N LEU O 104 3.84 54.95 -73.92
CA LEU O 104 3.80 54.61 -72.51
C LEU O 104 2.87 55.53 -71.75
N ARG O 105 2.94 56.83 -72.02
CA ARG O 105 2.07 57.76 -71.32
C ARG O 105 0.61 57.52 -71.69
N VAL O 106 0.34 57.22 -72.96
CA VAL O 106 -1.05 56.98 -73.35
C VAL O 106 -1.59 55.74 -72.66
N LYS O 107 -0.80 54.66 -72.63
CA LYS O 107 -1.23 53.43 -71.98
C LYS O 107 -1.43 53.64 -70.49
N THR O 108 -0.50 54.35 -69.84
CA THR O 108 -0.62 54.58 -68.41
C THR O 108 -1.85 55.41 -68.08
N GLY O 109 -2.08 56.46 -68.86
CA GLY O 109 -3.28 57.26 -68.65
C GLY O 109 -4.55 56.45 -68.79
N ARG O 110 -4.68 55.70 -69.89
CA ARG O 110 -5.89 54.92 -70.10
C ARG O 110 -6.08 53.88 -69.00
N ASN O 111 -4.98 53.29 -68.51
CA ASN O 111 -5.13 52.27 -67.46
C ASN O 111 -5.49 52.85 -66.10
N ALA O 112 -4.86 53.95 -65.73
CA ALA O 112 -5.19 54.56 -64.45
C ALA O 112 -6.63 55.02 -64.47
N ALA O 113 -7.01 55.58 -65.61
CA ALA O 113 -8.30 56.18 -65.71
C ALA O 113 -9.23 55.06 -65.50
N TYR O 114 -8.94 53.96 -66.18
CA TYR O 114 -9.90 52.91 -66.22
C TYR O 114 -10.03 52.43 -64.83
N LEU O 115 -8.96 52.24 -64.09
CA LEU O 115 -9.12 51.74 -62.71
C LEU O 115 -9.90 52.68 -61.80
N VAL O 116 -9.66 53.99 -61.84
CA VAL O 116 -10.54 54.81 -60.98
C VAL O 116 -12.00 54.75 -61.43
N ASP O 117 -12.24 54.77 -62.73
CA ASP O 117 -13.62 54.71 -63.17
C ASP O 117 -14.25 53.39 -62.81
N ASP O 118 -13.37 52.39 -62.67
CA ASP O 118 -13.73 51.03 -62.38
C ASP O 118 -14.09 50.92 -60.94
N ASP O 119 -13.34 51.56 -60.06
CA ASP O 119 -13.70 51.43 -58.68
C ASP O 119 -15.04 51.99 -58.66
N VAL O 120 -15.18 53.15 -59.31
CA VAL O 120 -16.36 53.91 -59.06
C VAL O 120 -17.46 53.03 -59.55
N MET O 121 -17.31 52.52 -60.76
CA MET O 121 -18.51 52.06 -61.40
C MET O 121 -18.90 50.99 -60.49
N GLN O 122 -17.94 50.12 -60.24
CA GLN O 122 -18.37 48.83 -59.89
C GLN O 122 -19.05 49.05 -58.57
N LYS O 123 -18.30 49.67 -57.68
CA LYS O 123 -18.69 49.41 -56.33
C LYS O 123 -20.01 50.10 -56.24
N ILE O 124 -19.99 51.31 -56.74
CA ILE O 124 -21.04 52.17 -56.30
C ILE O 124 -22.35 51.62 -56.89
N LYS O 125 -22.31 51.24 -58.17
CA LYS O 125 -23.55 50.83 -58.79
C LYS O 125 -24.07 49.56 -58.19
N GLU O 126 -23.14 48.66 -57.95
CA GLU O 126 -23.45 47.39 -57.34
C GLU O 126 -24.53 47.45 -56.26
N GLY O 127 -24.21 47.99 -55.10
CA GLY O 127 -25.21 48.14 -54.05
C GLY O 127 -25.51 49.49 -53.44
N VAL O 128 -24.55 50.41 -53.41
CA VAL O 128 -24.72 51.59 -52.55
C VAL O 128 -24.63 52.88 -53.34
N PHE O 129 -25.78 53.43 -53.74
CA PHE O 129 -25.80 54.70 -54.45
C PHE O 129 -27.22 55.19 -54.64
N ARG O 130 -27.40 56.50 -54.49
CA ARG O 130 -28.67 57.18 -54.65
C ARG O 130 -28.78 57.69 -56.09
N THR O 131 -29.66 58.64 -56.42
CA THR O 131 -29.90 59.03 -57.79
C THR O 131 -28.68 59.71 -58.42
N ARG O 132 -28.87 60.08 -59.70
CA ARG O 132 -27.80 60.35 -60.67
C ARG O 132 -26.70 61.28 -60.18
N GLU O 133 -26.99 62.22 -59.29
CA GLU O 133 -26.06 63.30 -59.01
C GLU O 133 -24.79 62.79 -58.34
N GLU O 134 -24.94 62.08 -57.23
CA GLU O 134 -23.79 61.61 -56.48
C GLU O 134 -22.82 60.85 -57.38
N MET O 135 -23.33 60.17 -58.41
CA MET O 135 -22.49 59.37 -59.29
C MET O 135 -21.42 60.21 -59.96
N GLU O 136 -21.84 61.16 -60.80
CA GLU O 136 -20.84 61.86 -61.59
C GLU O 136 -20.10 62.86 -60.73
N GLU O 137 -20.74 63.35 -59.67
CA GLU O 137 -19.98 64.16 -58.70
C GLU O 137 -18.79 63.37 -58.15
N TYR O 138 -19.09 62.25 -57.48
CA TYR O 138 -18.05 61.44 -56.86
C TYR O 138 -17.04 60.94 -57.89
N ARG O 139 -17.52 60.55 -59.07
CA ARG O 139 -16.62 60.05 -60.10
C ARG O 139 -15.67 61.14 -60.57
N HIS O 140 -16.17 62.34 -60.84
CA HIS O 140 -15.31 63.43 -61.28
C HIS O 140 -14.25 63.75 -60.25
N SER O 141 -14.65 63.92 -58.98
CA SER O 141 -13.67 64.25 -57.95
C SER O 141 -12.61 63.15 -57.79
N ARG O 142 -13.05 61.94 -57.43
CA ARG O 142 -12.08 60.90 -57.13
C ARG O 142 -11.37 60.47 -58.40
N LEU O 143 -11.98 60.75 -59.55
CA LEU O 143 -11.32 60.57 -60.85
C LEU O 143 -10.07 61.40 -60.95
N GLN O 144 -10.20 62.73 -60.90
CA GLN O 144 -9.00 63.52 -61.13
C GLN O 144 -7.97 63.29 -60.04
N GLU O 145 -8.41 63.03 -58.81
CA GLU O 145 -7.37 62.75 -57.81
C GLU O 145 -6.68 61.42 -58.07
N GLY O 146 -7.44 60.35 -58.25
CA GLY O 146 -6.85 59.06 -58.52
C GLY O 146 -5.95 59.09 -59.74
N ALA O 147 -6.29 59.93 -60.71
CA ALA O 147 -5.43 60.09 -61.87
C ALA O 147 -4.01 60.40 -61.45
N LYS O 148 -3.84 61.46 -60.66
CA LYS O 148 -2.50 61.90 -60.34
C LYS O 148 -1.84 60.97 -59.32
N VAL O 149 -2.63 60.39 -58.42
CA VAL O 149 -2.01 59.50 -57.43
C VAL O 149 -1.58 58.19 -58.08
N TYR O 150 -2.21 57.80 -59.19
CA TYR O 150 -1.79 56.57 -59.85
C TYR O 150 -0.69 56.85 -60.86
N ALA O 151 -0.68 58.05 -61.46
CA ALA O 151 0.45 58.43 -62.30
C ALA O 151 1.70 58.67 -61.43
N GLU O 152 1.51 58.92 -60.15
CA GLU O 152 2.64 59.15 -59.26
C GLU O 152 3.40 57.86 -59.01
N GLN O 153 2.70 56.72 -59.10
CA GLN O 153 3.35 55.43 -58.85
C GLN O 153 4.47 55.17 -59.86
N PHE O 154 4.16 55.29 -61.14
CA PHE O 154 5.20 55.16 -62.15
C PHE O 154 5.96 56.47 -62.26
N GLY O 155 6.76 56.61 -63.32
CA GLY O 155 7.51 57.84 -63.51
C GLY O 155 6.62 59.06 -63.41
N ILE O 156 7.19 60.16 -62.90
CA ILE O 156 6.39 61.33 -62.62
C ILE O 156 6.13 62.09 -63.92
N ASP O 157 5.07 61.70 -64.60
CA ASP O 157 4.68 62.27 -65.88
C ASP O 157 3.81 63.53 -65.74
N PRO O 158 2.74 63.52 -64.94
CA PRO O 158 1.87 64.70 -64.88
C PRO O 158 2.60 65.88 -64.27
N GLU O 159 2.23 67.09 -64.70
CA GLU O 159 1.12 67.30 -65.63
C GLU O 159 1.55 67.63 -67.06
N ASP O 160 1.77 66.59 -67.84
CA ASP O 160 2.09 66.77 -69.25
C ASP O 160 0.85 66.53 -70.11
N VAL O 161 0.90 67.06 -71.33
CA VAL O 161 -0.27 67.04 -72.20
C VAL O 161 -0.50 65.64 -72.76
N ASP O 162 0.56 64.82 -72.80
CA ASP O 162 0.41 63.47 -73.32
C ASP O 162 -0.33 62.58 -72.35
N TYR O 163 -0.23 62.86 -71.05
CA TYR O 163 -1.00 62.09 -70.09
C TYR O 163 -2.47 62.47 -70.12
N GLN O 164 -2.79 63.67 -70.61
CA GLN O 164 -4.19 64.03 -70.83
C GLN O 164 -4.82 63.11 -71.85
N ARG O 165 -4.19 62.97 -73.03
CA ARG O 165 -4.76 62.18 -74.10
C ARG O 165 -4.93 60.72 -73.69
N GLY O 166 -4.02 60.21 -72.87
CA GLY O 166 -4.13 58.85 -72.40
C GLY O 166 -5.19 58.70 -71.34
N PHE O 167 -5.13 59.55 -70.31
CA PHE O 167 -6.06 59.44 -69.20
C PHE O 167 -7.48 59.78 -69.63
N ASN O 168 -7.70 61.00 -70.08
CA ASN O 168 -8.95 61.33 -70.75
C ASN O 168 -9.07 60.42 -71.96
N GLY O 169 -10.15 59.65 -72.01
CA GLY O 169 -10.26 58.56 -72.96
C GLY O 169 -10.46 59.04 -74.39
N ASP O 170 -11.13 58.21 -75.21
CA ASP O 170 -11.88 56.98 -74.86
C ASP O 170 -12.86 57.21 -73.73
N ILE O 171 -13.43 58.42 -73.74
CA ILE O 171 -14.26 58.87 -72.63
C ILE O 171 -15.74 58.63 -72.87
N THR O 172 -16.22 58.79 -74.12
CA THR O 172 -17.62 58.53 -74.40
C THR O 172 -18.00 57.10 -74.08
N GLU O 173 -17.09 56.16 -74.39
CA GLU O 173 -17.38 54.75 -74.13
C GLU O 173 -17.52 54.49 -72.64
N ARG O 174 -16.59 55.02 -71.84
CA ARG O 174 -16.66 54.86 -70.40
C ARG O 174 -17.92 55.50 -69.83
N ASN O 175 -18.24 56.71 -70.25
CA ASN O 175 -19.44 57.36 -69.72
C ASN O 175 -20.69 56.60 -70.08
N ILE O 176 -20.78 56.11 -71.32
CA ILE O 176 -22.02 55.44 -71.71
C ILE O 176 -22.14 54.10 -70.98
N SER O 177 -21.02 53.42 -70.75
CA SER O 177 -21.08 52.20 -69.95
C SER O 177 -21.53 52.49 -68.53
N LEU O 178 -20.97 53.53 -67.91
CA LEU O 178 -21.32 53.87 -66.54
C LEU O 178 -22.81 54.22 -66.43
N TYR O 179 -23.29 55.09 -67.32
CA TYR O 179 -24.68 55.51 -67.22
C TYR O 179 -25.63 54.37 -67.57
N GLY O 180 -25.19 53.44 -68.42
CA GLY O 180 -25.98 52.25 -68.66
C GLY O 180 -26.05 51.35 -67.44
N ALA O 181 -24.94 51.23 -66.72
CA ALA O 181 -24.98 50.50 -65.45
C ALA O 181 -25.91 51.17 -64.46
N HIS O 182 -25.93 52.51 -64.46
CA HIS O 182 -26.83 53.21 -63.55
C HIS O 182 -28.29 53.00 -63.96
N ASP O 183 -28.56 52.98 -65.27
CA ASP O 183 -29.87 52.58 -65.77
C ASP O 183 -30.25 51.20 -65.27
N ASN O 184 -29.33 50.24 -65.38
CA ASN O 184 -29.64 48.89 -64.90
C ASN O 184 -29.96 48.90 -63.41
N PHE O 185 -29.18 49.63 -62.63
CA PHE O 185 -29.41 49.62 -61.18
C PHE O 185 -30.75 50.24 -60.83
N LEU O 186 -31.06 51.41 -61.40
CA LEU O 186 -32.32 52.07 -61.09
C LEU O 186 -33.51 51.27 -61.60
N SER O 187 -33.36 50.60 -62.74
CA SER O 187 -34.45 49.75 -63.25
C SER O 187 -34.67 48.57 -62.33
N GLN O 188 -33.59 47.93 -61.87
CA GLN O 188 -33.74 46.85 -60.90
C GLN O 188 -34.37 47.35 -59.61
N GLN O 189 -34.05 48.58 -59.21
CA GLN O 189 -34.63 49.14 -58.00
C GLN O 189 -36.12 49.34 -58.15
N ALA O 190 -36.53 49.97 -59.25
CA ALA O 190 -37.96 50.17 -59.48
C ALA O 190 -38.69 48.85 -59.61
N GLN O 191 -38.06 47.84 -60.21
CA GLN O 191 -38.70 46.54 -60.35
C GLN O 191 -38.86 45.86 -59.00
N LYS O 192 -37.81 45.87 -58.18
CA LYS O 192 -37.92 45.38 -56.81
C LYS O 192 -39.07 46.06 -56.08
N GLY O 193 -39.17 47.39 -56.21
CA GLY O 193 -40.24 48.10 -55.54
C GLY O 193 -41.62 47.67 -56.02
N ALA O 194 -41.78 47.57 -57.33
CA ALA O 194 -43.08 47.20 -57.88
C ALA O 194 -43.48 45.79 -57.46
N ILE O 195 -42.54 44.85 -57.48
CA ILE O 195 -42.86 43.49 -57.09
C ILE O 195 -43.25 43.42 -55.62
N MET O 196 -42.45 44.07 -54.76
CA MET O 196 -42.80 44.17 -53.34
C MET O 196 -44.19 44.76 -53.15
N ASN O 197 -44.49 45.82 -53.87
CA ASN O 197 -45.77 46.51 -53.67
C ASN O 197 -46.93 45.62 -54.05
N SER O 198 -46.89 45.05 -55.26
CA SER O 198 -47.99 44.20 -55.70
C SER O 198 -48.09 42.94 -54.87
N ARG O 199 -46.95 42.41 -54.42
CA ARG O 199 -46.95 41.26 -53.53
C ARG O 199 -47.66 41.58 -52.23
N VAL O 200 -47.35 42.74 -51.64
CA VAL O 200 -48.00 43.13 -50.39
C VAL O 200 -49.48 43.31 -50.59
N GLU O 201 -49.88 43.95 -51.69
CA GLU O 201 -51.29 44.18 -51.96
C GLU O 201 -52.05 42.86 -52.09
N LEU O 202 -51.55 41.97 -52.95
CA LEU O 202 -52.26 40.73 -53.20
C LEU O 202 -52.19 39.80 -51.99
N ASN O 203 -51.12 39.89 -51.20
CA ASN O 203 -51.05 39.13 -49.96
C ASN O 203 -52.12 39.58 -49.00
N GLY O 204 -52.27 40.91 -48.84
CA GLY O 204 -53.32 41.41 -47.98
C GLY O 204 -54.71 41.02 -48.46
N VAL O 205 -54.89 40.94 -49.77
CA VAL O 205 -56.23 40.63 -50.28
C VAL O 205 -56.53 39.14 -50.20
N LEU O 206 -55.50 38.29 -50.35
CA LEU O 206 -55.75 36.86 -50.41
C LEU O 206 -55.33 36.16 -49.12
N GLN O 207 -54.10 36.41 -48.67
CA GLN O 207 -53.59 35.70 -47.50
C GLN O 207 -54.42 36.00 -46.26
N ASP O 208 -55.10 37.15 -46.23
CA ASP O 208 -56.01 37.44 -45.14
C ASP O 208 -57.04 36.30 -45.06
N PRO O 209 -57.48 35.92 -43.86
CA PRO O 209 -58.06 34.57 -43.69
C PRO O 209 -59.16 34.24 -44.67
N ASP O 210 -60.22 35.02 -44.72
CA ASP O 210 -61.34 34.71 -45.61
C ASP O 210 -61.86 35.92 -46.35
N MET O 211 -60.98 36.78 -46.84
CA MET O 211 -61.40 37.75 -47.85
C MET O 211 -61.89 37.05 -49.11
N LEU O 212 -61.41 35.82 -49.33
CA LEU O 212 -61.76 35.03 -50.50
C LEU O 212 -63.23 34.64 -50.50
N ARG O 213 -63.73 34.18 -49.37
CA ARG O 213 -65.11 33.69 -49.32
C ARG O 213 -66.13 34.66 -49.84
N ARG O 214 -65.75 35.93 -49.93
CA ARG O 214 -66.71 36.93 -50.37
C ARG O 214 -67.03 36.79 -51.83
N PRO O 215 -68.22 37.22 -52.22
CA PRO O 215 -68.63 37.12 -53.61
C PRO O 215 -67.76 37.95 -54.57
N ASP O 216 -67.09 38.99 -54.10
CA ASP O 216 -66.36 39.85 -55.02
C ASP O 216 -64.96 39.37 -55.36
N SER O 217 -64.28 38.74 -54.42
CA SER O 217 -62.89 38.35 -54.64
C SER O 217 -62.55 37.56 -55.89
N ALA O 218 -63.50 36.86 -56.50
CA ALA O 218 -63.13 36.18 -57.73
C ALA O 218 -62.86 37.17 -58.86
N ASP O 219 -63.76 38.07 -59.13
CA ASP O 219 -63.50 38.95 -60.24
C ASP O 219 -62.30 39.81 -59.90
N PHE O 220 -62.16 40.15 -58.62
CA PHE O 220 -61.07 41.05 -58.30
C PHE O 220 -59.73 40.49 -58.64
N PHE O 221 -59.45 39.25 -58.37
CA PHE O 221 -58.09 38.79 -58.62
C PHE O 221 -57.79 38.91 -60.09
N GLU O 222 -58.73 38.49 -60.91
CA GLU O 222 -58.47 38.50 -62.33
C GLU O 222 -58.25 39.92 -62.78
N LYS O 223 -59.10 40.80 -62.31
CA LYS O 223 -58.98 42.17 -62.76
C LYS O 223 -57.67 42.78 -62.33
N TYR O 224 -57.21 42.51 -61.13
CA TYR O 224 -55.98 43.10 -60.64
C TYR O 224 -54.87 42.61 -61.49
N ILE O 225 -54.86 41.31 -61.75
CA ILE O 225 -53.72 40.82 -62.50
C ILE O 225 -53.74 41.50 -63.84
N ASP O 226 -54.90 41.61 -64.45
CA ASP O 226 -54.96 42.21 -65.77
C ASP O 226 -54.53 43.66 -65.80
N ASN O 227 -54.97 44.43 -64.83
CA ASN O 227 -54.69 45.86 -64.86
C ASN O 227 -53.23 46.01 -64.60
N GLY O 228 -52.75 45.36 -63.55
CA GLY O 228 -51.31 45.39 -63.34
C GLY O 228 -50.54 45.06 -64.60
N LEU O 229 -51.08 44.18 -65.44
CA LEU O 229 -50.42 43.86 -66.70
C LEU O 229 -50.48 45.05 -67.66
N VAL O 230 -51.60 45.78 -67.64
CA VAL O 230 -51.77 46.86 -68.61
C VAL O 230 -51.05 48.13 -68.16
N THR O 231 -50.86 48.29 -66.85
CA THR O 231 -50.33 49.55 -66.32
C THR O 231 -48.99 49.96 -66.95
N GLY O 232 -48.02 49.04 -67.09
CA GLY O 232 -48.04 47.66 -66.64
C GLY O 232 -47.14 47.41 -65.45
N ALA O 233 -47.76 47.09 -64.32
CA ALA O 233 -47.00 46.66 -63.15
C ALA O 233 -46.60 45.21 -63.32
N ILE O 234 -46.29 44.58 -62.20
CA ILE O 234 -45.82 43.20 -62.22
C ILE O 234 -44.89 42.95 -63.39
N PRO O 235 -43.92 43.85 -63.60
CA PRO O 235 -43.09 43.64 -64.79
C PRO O 235 -42.13 42.49 -64.62
N SER O 236 -41.93 41.73 -65.68
CA SER O 236 -42.98 41.57 -66.67
C SER O 236 -43.65 40.22 -66.63
N ASP O 237 -43.69 39.54 -67.77
CA ASP O 237 -44.43 38.30 -67.81
C ASP O 237 -43.88 37.28 -66.86
N ALA O 238 -42.58 37.17 -66.72
CA ALA O 238 -42.04 36.13 -65.87
C ALA O 238 -42.57 36.34 -64.49
N GLN O 239 -42.29 37.49 -63.94
CA GLN O 239 -42.75 37.81 -62.60
C GLN O 239 -44.25 37.61 -62.49
N ALA O 240 -44.99 37.79 -63.60
CA ALA O 240 -46.43 37.61 -63.54
C ALA O 240 -46.81 36.15 -63.30
N THR O 241 -46.28 35.22 -64.12
CA THR O 241 -46.61 33.82 -63.86
C THR O 241 -46.11 33.40 -62.49
N GLN O 242 -44.90 33.83 -62.12
CA GLN O 242 -44.37 33.48 -60.81
C GLN O 242 -45.30 33.94 -59.70
N LEU O 243 -45.74 35.20 -59.75
CA LEU O 243 -46.54 35.76 -58.67
C LEU O 243 -47.93 35.13 -58.64
N ILE O 244 -48.51 34.81 -59.80
CA ILE O 244 -49.86 34.26 -59.82
C ILE O 244 -49.84 32.80 -59.34
N SER O 245 -48.79 32.06 -59.69
CA SER O 245 -48.69 30.69 -59.22
C SER O 245 -48.29 30.62 -57.75
N GLN O 246 -47.68 31.65 -57.19
CA GLN O 246 -47.37 31.61 -55.76
C GLN O 246 -48.61 31.90 -54.95
N ALA O 247 -49.31 32.93 -55.38
CA ALA O 247 -50.51 33.31 -54.70
C ALA O 247 -51.54 32.20 -54.76
N PHE O 248 -51.62 31.46 -55.85
CA PHE O 248 -52.64 30.45 -55.93
C PHE O 248 -52.40 29.44 -54.81
N SER O 249 -51.17 29.01 -54.63
CA SER O 249 -50.86 28.04 -53.59
C SER O 249 -51.13 28.60 -52.21
N ASP O 250 -50.77 29.87 -52.04
CA ASP O 250 -51.02 30.45 -50.75
C ASP O 250 -52.51 30.41 -50.45
N ALA O 251 -53.33 30.77 -51.42
CA ALA O 251 -54.77 30.77 -51.22
C ALA O 251 -55.31 29.39 -50.95
N SER O 252 -54.79 28.39 -51.66
CA SER O 252 -55.25 27.04 -51.45
C SER O 252 -55.00 26.64 -50.03
N SER O 253 -53.87 27.01 -49.46
CA SER O 253 -53.74 26.57 -48.07
C SER O 253 -54.50 27.33 -46.99
N ARG O 254 -55.37 28.27 -47.34
CA ARG O 254 -56.18 28.91 -46.31
C ARG O 254 -57.51 28.23 -46.32
N ALA O 255 -58.33 28.51 -45.34
CA ALA O 255 -59.60 27.81 -45.28
C ALA O 255 -60.35 28.24 -46.50
N GLY O 256 -60.27 29.52 -46.79
CA GLY O 256 -60.93 30.02 -47.98
C GLY O 256 -60.17 29.47 -49.13
N GLY O 257 -60.84 28.76 -50.01
CA GLY O 257 -60.05 28.13 -51.02
C GLY O 257 -60.84 27.52 -52.06
N ALA O 258 -61.76 26.65 -51.72
CA ALA O 258 -62.46 26.03 -52.80
C ALA O 258 -63.14 27.15 -53.52
N ASP O 259 -63.79 28.04 -52.81
CA ASP O 259 -64.55 29.03 -53.51
C ASP O 259 -63.67 29.89 -54.39
N PHE O 260 -62.53 30.34 -53.87
CA PHE O 260 -61.72 31.22 -54.68
C PHE O 260 -61.17 30.52 -55.88
N LEU O 261 -60.70 29.30 -55.72
CA LEU O 261 -60.05 28.66 -56.84
C LEU O 261 -61.11 28.20 -57.79
N MET O 262 -62.22 27.79 -57.22
CA MET O 262 -63.23 27.20 -58.09
C MET O 262 -63.92 28.27 -58.93
N ARG O 263 -63.76 29.55 -58.57
CA ARG O 263 -64.41 30.63 -59.30
C ARG O 263 -63.48 31.32 -60.27
N VAL O 264 -62.22 31.55 -59.87
CA VAL O 264 -61.24 32.11 -60.79
C VAL O 264 -60.99 31.13 -61.93
N GLY O 265 -61.24 29.85 -61.69
CA GLY O 265 -61.36 28.91 -62.78
C GLY O 265 -62.82 28.86 -63.21
N ASP O 266 -63.13 29.35 -64.40
CA ASP O 266 -62.09 29.81 -65.31
C ASP O 266 -62.26 31.29 -65.61
N LYS O 267 -61.14 31.99 -65.73
CA LYS O 267 -61.18 33.41 -66.05
C LYS O 267 -60.15 33.72 -67.13
N LYS O 268 -60.41 34.78 -67.88
CA LYS O 268 -59.60 35.12 -69.05
C LYS O 268 -58.49 36.06 -68.60
N VAL O 269 -57.25 35.67 -68.88
CA VAL O 269 -56.07 36.45 -68.51
C VAL O 269 -55.04 36.34 -69.62
N THR O 270 -54.42 37.48 -69.96
CA THR O 270 -53.47 37.56 -71.04
C THR O 270 -52.10 37.02 -70.60
N LEU O 271 -51.22 36.86 -71.60
CA LEU O 271 -49.83 36.52 -71.37
C LEU O 271 -49.07 36.74 -72.67
N ASN O 272 -47.80 36.34 -72.66
CA ASN O 272 -46.95 36.52 -73.83
C ASN O 272 -47.47 35.71 -75.01
N GLY O 273 -47.58 34.38 -74.83
CA GLY O 273 -47.89 33.53 -75.96
C GLY O 273 -49.31 33.69 -76.46
N ALA O 274 -50.28 33.65 -75.55
CA ALA O 274 -51.67 33.67 -75.94
C ALA O 274 -52.55 34.01 -74.75
N THR O 275 -53.73 34.56 -75.03
CA THR O 275 -54.77 34.78 -74.04
C THR O 275 -55.40 33.43 -73.72
N THR O 276 -55.63 33.16 -72.45
CA THR O 276 -55.89 31.79 -72.02
C THR O 276 -56.49 31.78 -70.62
N THR O 277 -57.40 30.82 -70.38
CA THR O 277 -58.08 30.70 -69.11
C THR O 277 -57.11 30.35 -67.99
N TYR O 278 -57.53 30.58 -66.74
CA TYR O 278 -56.72 30.20 -65.59
C TYR O 278 -56.48 28.71 -65.54
N ARG O 279 -57.50 27.90 -65.80
CA ARG O 279 -57.33 26.50 -65.53
C ARG O 279 -56.24 26.21 -66.49
N GLU O 280 -56.30 26.87 -67.64
CA GLU O 280 -55.54 26.40 -68.74
C GLU O 280 -54.06 26.53 -68.46
N LEU O 281 -53.67 27.62 -67.83
CA LEU O 281 -52.25 27.91 -67.64
C LEU O 281 -51.68 26.82 -66.77
N ILE O 282 -52.54 26.31 -65.91
CA ILE O 282 -52.19 25.48 -64.80
C ILE O 282 -52.61 24.01 -65.15
N GLY O 283 -51.68 23.17 -65.65
CA GLY O 283 -51.90 21.83 -66.15
C GLY O 283 -52.85 21.00 -65.32
N GLU O 284 -53.28 19.87 -65.92
CA GLU O 284 -54.29 19.04 -65.30
C GLU O 284 -53.86 18.48 -63.95
N GLU O 285 -52.56 18.40 -63.70
CA GLU O 285 -52.06 18.06 -62.38
C GLU O 285 -51.44 19.27 -61.69
N GLN O 286 -51.50 20.43 -62.33
CA GLN O 286 -51.16 21.69 -61.69
C GLN O 286 -52.41 22.27 -61.01
N TRP O 287 -53.60 22.00 -61.55
CA TRP O 287 -54.81 22.59 -60.99
C TRP O 287 -55.52 21.62 -60.07
N ASN O 288 -55.63 20.35 -60.48
CA ASN O 288 -56.29 19.36 -59.63
C ASN O 288 -55.58 19.23 -58.29
N ALA O 289 -54.26 19.36 -58.30
CA ALA O 289 -53.51 19.39 -57.05
C ALA O 289 -53.99 20.52 -56.16
N LEU O 290 -54.02 21.72 -56.72
CA LEU O 290 -54.35 22.82 -55.88
C LEU O 290 -55.72 22.52 -55.39
N MET O 291 -56.57 22.03 -56.27
CA MET O 291 -57.94 21.91 -55.93
C MET O 291 -58.07 21.00 -54.75
N VAL O 292 -57.46 19.84 -54.79
CA VAL O 292 -57.61 18.92 -53.68
C VAL O 292 -56.95 19.42 -52.41
N THR O 293 -55.74 19.91 -52.52
CA THR O 293 -55.03 20.36 -51.32
C THR O 293 -55.77 21.51 -50.64
N ALA O 294 -56.47 22.35 -51.41
CA ALA O 294 -57.27 23.40 -50.79
C ALA O 294 -58.48 22.79 -50.09
N GLN O 295 -59.09 21.77 -50.69
CA GLN O 295 -60.21 21.10 -50.05
C GLN O 295 -59.75 20.48 -48.73
N ARG O 296 -58.57 19.87 -48.75
CA ARG O 296 -57.99 19.26 -47.56
C ARG O 296 -57.69 20.31 -46.50
N SER O 297 -57.14 21.45 -46.90
CA SER O 297 -56.84 22.49 -45.92
C SER O 297 -58.11 23.05 -45.31
N GLN O 298 -59.17 23.18 -46.11
CA GLN O 298 -60.46 23.59 -45.55
C GLN O 298 -60.95 22.58 -44.52
N PHE O 299 -60.87 21.30 -44.85
CA PHE O 299 -61.27 20.27 -43.89
C PHE O 299 -60.45 20.37 -42.61
N GLU O 300 -59.14 20.56 -42.76
CA GLU O 300 -58.26 20.69 -41.60
C GLU O 300 -58.70 21.84 -40.71
N THR O 301 -58.88 23.03 -41.29
CA THR O 301 -59.17 24.20 -40.48
C THR O 301 -60.57 24.10 -39.87
N ASP O 302 -61.50 23.48 -40.58
CA ASP O 302 -62.83 23.32 -40.03
C ASP O 302 -62.82 22.36 -38.84
N ALA O 303 -62.10 21.25 -38.95
CA ALA O 303 -61.96 20.37 -37.80
C ALA O 303 -61.23 21.06 -36.67
N LYS O 304 -60.27 21.93 -37.00
CA LYS O 304 -59.57 22.69 -35.96
C LYS O 304 -60.53 23.59 -35.20
N LEU O 305 -61.44 24.26 -35.91
CA LEU O 305 -62.45 25.08 -35.25
C LEU O 305 -63.37 24.22 -34.39
N ASN O 306 -63.83 23.09 -34.93
CA ASN O 306 -64.64 22.18 -34.15
C ASN O 306 -63.94 21.79 -32.86
N GLU O 307 -62.65 21.46 -32.94
CA GLU O 307 -61.94 20.97 -31.77
C GLU O 307 -61.67 22.09 -30.77
N GLN O 308 -61.46 23.31 -31.25
CA GLN O 308 -61.36 24.43 -30.32
C GLN O 308 -62.66 24.62 -29.56
N TYR O 309 -63.79 24.58 -30.26
CA TYR O 309 -65.08 24.71 -29.60
C TYR O 309 -65.29 23.59 -28.59
N ARG O 310 -64.99 22.36 -28.99
CA ARG O 310 -65.20 21.21 -28.12
C ARG O 310 -64.24 21.26 -26.93
N LEU O 311 -63.06 21.85 -27.11
CA LEU O 311 -62.16 22.09 -25.99
C LEU O 311 -62.77 23.06 -25.00
N LYS O 312 -63.32 24.18 -25.49
CA LYS O 312 -63.97 25.11 -24.59
C LYS O 312 -65.09 24.43 -23.81
N ILE O 313 -65.91 23.63 -24.49
CA ILE O 313 -67.04 23.00 -23.82
C ILE O 313 -66.59 21.94 -22.83
N ASN O 314 -65.61 21.11 -23.21
CA ASN O 314 -65.09 20.12 -22.29
C ASN O 314 -64.48 20.77 -21.06
N SER O 315 -63.78 21.89 -21.24
CA SER O 315 -63.27 22.60 -20.07
C SER O 315 -64.41 23.08 -19.20
N ALA O 316 -65.45 23.65 -19.80
CA ALA O 316 -66.60 24.07 -19.01
C ALA O 316 -67.19 22.90 -18.24
N LEU O 317 -67.10 21.70 -18.79
CA LEU O 317 -67.61 20.53 -18.10
C LEU O 317 -66.71 20.09 -16.95
N ASN O 318 -65.40 20.16 -17.14
CA ASN O 318 -64.47 19.51 -16.23
C ASN O 318 -64.04 20.41 -15.08
N GLN O 319 -64.84 21.40 -14.72
CA GLN O 319 -64.48 22.28 -13.62
C GLN O 319 -64.50 21.51 -12.30
N GLU O 320 -63.85 22.09 -11.29
CA GLU O 320 -63.85 21.47 -9.98
C GLU O 320 -65.23 21.48 -9.35
N ASP O 321 -65.82 22.68 -9.19
CA ASP O 321 -67.13 22.78 -8.60
C ASP O 321 -68.13 23.04 -9.71
N PRO O 322 -69.23 22.29 -9.74
CA PRO O 322 -70.15 22.41 -10.87
C PRO O 322 -70.83 23.76 -10.96
N ARG O 323 -70.76 24.60 -9.92
CA ARG O 323 -71.30 25.95 -10.01
C ARG O 323 -70.60 26.73 -11.12
N THR O 324 -69.29 26.91 -10.98
CA THR O 324 -68.50 27.59 -11.99
C THR O 324 -68.66 26.92 -13.36
N ALA O 325 -68.79 25.60 -13.37
CA ALA O 325 -69.09 24.91 -14.61
C ALA O 325 -70.35 25.50 -15.25
N TRP O 326 -71.44 25.58 -14.49
CA TRP O 326 -72.70 26.01 -15.08
C TRP O 326 -72.65 27.46 -15.51
N GLU O 327 -72.04 28.34 -14.70
CA GLU O 327 -72.05 29.74 -15.09
C GLU O 327 -71.14 29.99 -16.29
N MET O 328 -69.99 29.32 -16.35
CA MET O 328 -69.12 29.46 -17.50
C MET O 328 -69.80 28.94 -18.76
N LEU O 329 -70.51 27.81 -18.63
CA LEU O 329 -71.24 27.28 -19.78
C LEU O 329 -72.34 28.22 -20.22
N GLN O 330 -73.03 28.84 -19.27
CA GLN O 330 -74.07 29.79 -19.60
C GLN O 330 -73.50 31.01 -20.31
N GLY O 331 -72.34 31.48 -19.87
CA GLY O 331 -71.68 32.58 -20.55
C GLY O 331 -71.26 32.21 -21.95
N ILE O 332 -70.75 30.98 -22.13
CA ILE O 332 -70.37 30.53 -23.46
C ILE O 332 -71.58 30.47 -24.37
N LYS O 333 -72.73 30.04 -23.84
CA LYS O 333 -73.97 30.07 -24.61
C LYS O 333 -74.35 31.49 -24.99
N ALA O 334 -74.41 32.46 -24.12
CA ALA O 334 -74.89 33.76 -24.63
C ALA O 334 -74.34 34.28 -25.98
N GLU O 335 -73.27 35.02 -25.84
CA GLU O 335 -72.79 35.67 -27.03
C GLU O 335 -72.43 34.68 -28.06
N LEU O 336 -71.76 33.63 -27.66
CA LEU O 336 -71.29 32.79 -28.70
C LEU O 336 -72.40 32.20 -29.51
N ASP O 337 -73.38 31.65 -28.83
CA ASP O 337 -74.36 30.98 -29.64
C ASP O 337 -75.06 31.94 -30.49
N LYS O 338 -75.43 33.08 -29.91
CA LYS O 338 -76.25 33.92 -30.73
C LYS O 338 -75.52 34.33 -31.98
N VAL O 339 -74.53 35.19 -31.82
CA VAL O 339 -73.83 35.72 -32.98
C VAL O 339 -73.92 34.84 -34.21
N GLN O 340 -73.06 33.85 -34.32
CA GLN O 340 -73.10 33.06 -35.53
C GLN O 340 -74.29 32.08 -35.70
N PRO O 341 -74.52 31.16 -34.74
CA PRO O 341 -75.68 30.27 -35.00
C PRO O 341 -77.14 30.75 -34.86
N ASP O 342 -77.50 31.58 -33.89
CA ASP O 342 -78.92 31.96 -33.65
C ASP O 342 -79.74 30.80 -33.04
N GLU O 343 -81.06 30.89 -32.96
CA GLU O 343 -81.86 29.86 -32.25
C GLU O 343 -81.93 28.41 -32.75
N GLN O 344 -82.12 28.21 -34.05
CA GLN O 344 -82.31 26.85 -34.61
C GLN O 344 -81.23 25.88 -34.22
N MET O 345 -81.57 24.60 -34.16
CA MET O 345 -80.58 23.65 -33.68
C MET O 345 -79.43 23.67 -34.62
N THR O 346 -78.23 23.72 -34.08
CA THR O 346 -77.04 23.75 -34.90
C THR O 346 -76.17 22.68 -34.31
N PRO O 347 -75.23 22.17 -35.09
CA PRO O 347 -74.38 21.20 -34.43
C PRO O 347 -73.61 21.86 -33.29
N GLN O 348 -73.87 23.13 -32.98
CA GLN O 348 -73.25 23.76 -31.83
C GLN O 348 -74.26 23.79 -30.70
N ARG O 349 -75.53 24.01 -31.02
CA ARG O 349 -76.57 24.05 -30.01
C ARG O 349 -76.66 22.73 -29.35
N GLU O 350 -76.59 21.66 -30.13
CA GLU O 350 -76.68 20.35 -29.54
C GLU O 350 -75.52 20.08 -28.60
N TRP O 351 -74.33 20.52 -29.01
CA TRP O 351 -73.17 20.34 -28.17
C TRP O 351 -73.36 21.08 -26.86
N LEU O 352 -73.92 22.28 -26.94
CA LEU O 352 -74.23 23.04 -25.74
C LEU O 352 -75.27 22.35 -24.84
N ILE O 353 -76.28 21.75 -25.46
CA ILE O 353 -77.39 21.15 -24.74
C ILE O 353 -76.97 19.92 -23.93
N SER O 354 -76.35 18.96 -24.58
CA SER O 354 -75.80 17.84 -23.83
C SER O 354 -74.88 18.34 -22.73
N ALA O 355 -74.19 19.45 -22.96
CA ALA O 355 -73.37 20.04 -21.91
C ALA O 355 -74.24 20.55 -20.76
N GLN O 356 -75.40 21.10 -21.07
CA GLN O 356 -76.31 21.57 -20.03
C GLN O 356 -76.87 20.40 -19.22
N GLU O 357 -77.31 19.33 -19.89
CA GLU O 357 -77.74 18.15 -19.15
C GLU O 357 -76.59 17.57 -18.34
N GLN O 358 -75.38 17.61 -18.90
CA GLN O 358 -74.20 17.12 -18.22
C GLN O 358 -73.94 17.89 -16.92
N VAL O 359 -73.98 19.22 -17.00
CA VAL O 359 -73.70 20.02 -15.81
C VAL O 359 -74.86 19.90 -14.83
N GLN O 360 -76.07 19.64 -15.32
CA GLN O 360 -77.18 19.36 -14.41
C GLN O 360 -76.91 18.09 -13.61
N ASN O 361 -76.46 17.03 -14.29
CA ASN O 361 -76.14 15.80 -13.58
C ASN O 361 -74.99 16.01 -12.61
N GLN O 362 -73.99 16.78 -13.02
CA GLN O 362 -72.87 17.06 -12.14
C GLN O 362 -73.32 17.86 -10.92
N MET O 363 -74.29 18.76 -11.09
CA MET O 363 -74.83 19.49 -9.95
C MET O 363 -75.62 18.58 -9.02
N ASN O 364 -76.34 17.61 -9.60
CA ASN O 364 -76.97 16.57 -8.80
C ASN O 364 -75.95 15.88 -7.90
N ALA O 365 -74.86 15.41 -8.50
CA ALA O 365 -73.80 14.78 -7.74
C ALA O 365 -73.21 15.70 -6.69
N TRP O 366 -73.06 16.99 -7.02
CA TRP O 366 -72.46 17.92 -6.07
C TRP O 366 -73.37 18.16 -4.88
N THR O 367 -74.68 18.26 -5.11
CA THR O 367 -75.62 18.36 -4.01
C THR O 367 -75.51 17.15 -3.10
N LYS O 368 -75.52 15.96 -3.69
CA LYS O 368 -75.43 14.74 -2.88
C LYS O 368 -74.14 14.73 -2.06
N ALA O 369 -73.03 15.16 -2.68
CA ALA O 369 -71.74 15.11 -1.99
C ALA O 369 -71.68 16.11 -0.85
N GLN O 370 -72.19 17.32 -1.07
CA GLN O 370 -72.20 18.30 0.02
C GLN O 370 -73.11 17.85 1.15
N ALA O 371 -74.20 17.16 0.83
CA ALA O 371 -75.06 16.64 1.89
C ALA O 371 -74.35 15.56 2.69
N LYS O 372 -73.64 14.67 2.01
CA LYS O 372 -72.86 13.67 2.74
C LYS O 372 -71.80 14.34 3.60
N ALA O 373 -71.21 15.43 3.13
CA ALA O 373 -70.25 16.15 3.94
C ALA O 373 -70.89 16.73 5.18
N LEU O 374 -72.12 17.24 5.05
CA LEU O 374 -72.86 17.69 6.22
C LEU O 374 -73.03 16.57 7.23
N ASP O 375 -73.52 15.42 6.77
CA ASP O 375 -73.71 14.29 7.66
C ASP O 375 -72.41 13.89 8.36
N ASP O 376 -71.32 13.84 7.59
CA ASP O 376 -70.03 13.50 8.18
C ASP O 376 -69.56 14.53 9.18
N SER O 377 -69.84 15.82 8.91
CA SER O 377 -69.41 16.83 9.86
C SER O 377 -70.12 16.64 11.19
N MET O 378 -71.45 16.46 11.17
CA MET O 378 -72.13 16.22 12.45
C MET O 378 -71.68 14.93 13.12
N LYS O 379 -71.59 13.84 12.35
CA LYS O 379 -71.16 12.58 12.95
C LYS O 379 -69.78 12.71 13.57
N SER O 380 -68.86 13.38 12.88
CA SER O 380 -67.50 13.51 13.37
C SER O 380 -67.47 14.37 14.63
N MET O 381 -68.19 15.50 14.65
CA MET O 381 -68.19 16.33 15.84
C MET O 381 -68.72 15.57 17.04
N ASN O 382 -69.85 14.89 16.87
CA ASN O 382 -70.45 14.20 18.00
C ASN O 382 -69.56 13.07 18.50
N LYS O 383 -69.11 12.18 17.60
CA LYS O 383 -68.27 11.08 18.03
C LYS O 383 -66.92 11.58 18.53
N LEU O 384 -66.51 12.76 18.06
CA LEU O 384 -65.26 13.32 18.51
C LEU O 384 -65.34 13.77 19.95
N ASP O 385 -66.41 14.46 20.31
CA ASP O 385 -66.56 14.85 21.71
C ASP O 385 -66.77 13.63 22.60
N VAL O 386 -67.48 12.61 22.10
CA VAL O 386 -67.63 11.39 22.88
C VAL O 386 -66.27 10.73 23.13
N ILE O 387 -65.46 10.61 22.07
CA ILE O 387 -64.11 10.08 22.21
C ILE O 387 -63.33 10.89 23.23
N ASP O 388 -63.36 12.21 23.11
CA ASP O 388 -62.56 13.04 24.01
C ASP O 388 -62.99 12.89 25.45
N LYS O 389 -64.29 12.77 25.71
CA LYS O 389 -64.73 12.63 27.09
C LYS O 389 -64.30 11.27 27.65
N GLN O 390 -64.56 10.21 26.89
CA GLN O 390 -64.15 8.88 27.32
C GLN O 390 -62.63 8.75 27.41
N PHE O 391 -61.91 9.66 26.77
CA PHE O 391 -60.45 9.68 26.85
C PHE O 391 -59.96 10.43 28.07
N GLN O 392 -60.60 11.57 28.37
CA GLN O 392 -60.32 12.26 29.62
C GLN O 392 -60.55 11.34 30.81
N LYS O 393 -61.55 10.46 30.69
CA LYS O 393 -61.75 9.44 31.71
C LYS O 393 -60.51 8.60 31.91
N ARG O 394 -59.89 8.15 30.81
CA ARG O 394 -58.69 7.35 30.91
C ARG O 394 -57.53 8.14 31.49
N ILE O 395 -57.43 9.41 31.12
CA ILE O 395 -56.34 10.24 31.62
C ILE O 395 -56.46 10.42 33.13
N ASN O 396 -57.66 10.75 33.59
CA ASN O 396 -57.84 10.95 35.03
C ASN O 396 -57.94 9.62 35.77
N GLY O 397 -58.86 8.77 35.35
CA GLY O 397 -59.07 7.47 35.93
C GLY O 397 -58.19 6.42 35.31
N GLU O 398 -58.72 5.19 35.23
CA GLU O 398 -57.97 4.04 34.75
C GLU O 398 -58.91 3.08 34.03
N TRP O 399 -58.31 2.20 33.25
CA TRP O 399 -58.93 0.96 32.80
C TRP O 399 -60.18 1.25 31.97
N VAL O 400 -59.99 2.02 30.89
CA VAL O 400 -61.11 2.54 30.13
C VAL O 400 -61.20 1.94 28.73
N SER O 401 -60.13 1.28 28.26
CA SER O 401 -60.17 0.57 26.99
C SER O 401 -60.54 1.49 25.84
N THR O 402 -59.66 2.43 25.51
CA THR O 402 -59.83 3.35 24.40
C THR O 402 -59.40 2.76 23.07
N ASP O 403 -59.36 1.43 22.93
CA ASP O 403 -58.67 0.85 21.78
C ASP O 403 -59.34 1.23 20.47
N PHE O 404 -60.49 0.65 20.18
CA PHE O 404 -61.31 1.05 19.04
C PHE O 404 -62.77 1.15 19.44
N LYS O 405 -63.16 0.22 20.31
CA LYS O 405 -64.55 -0.01 20.67
C LYS O 405 -64.95 0.93 21.80
N ASP O 406 -65.74 1.95 21.46
CA ASP O 406 -66.12 2.96 22.42
C ASP O 406 -67.59 2.98 22.62
N MET O 407 -68.14 4.16 22.91
CA MET O 407 -69.57 4.29 23.13
C MET O 407 -70.24 4.84 21.92
N PRO O 408 -70.94 4.00 21.15
CA PRO O 408 -71.55 4.45 19.91
C PRO O 408 -73.01 4.48 20.05
N VAL O 409 -73.50 4.51 21.27
CA VAL O 409 -74.92 4.42 21.49
C VAL O 409 -75.56 5.79 21.54
N ASN O 410 -74.82 6.80 21.12
CA ASN O 410 -75.33 8.14 21.15
C ASN O 410 -76.53 8.28 20.22
N GLU O 411 -76.74 7.32 19.32
CA GLU O 411 -77.85 7.33 18.34
C GLU O 411 -77.45 8.25 17.21
N ASN O 412 -76.97 9.46 17.52
CA ASN O 412 -76.44 10.29 16.45
C ASN O 412 -75.01 9.96 16.00
N THR O 413 -74.15 9.61 16.93
CA THR O 413 -72.78 9.31 16.62
C THR O 413 -72.67 8.12 15.69
N GLY O 414 -73.52 7.13 15.93
CA GLY O 414 -73.56 5.94 15.12
C GLY O 414 -72.26 5.21 15.13
N GLU O 415 -71.76 4.85 13.96
CA GLU O 415 -70.59 3.99 13.88
C GLU O 415 -69.39 4.79 14.32
N PHE O 416 -68.39 4.13 14.90
CA PHE O 416 -67.07 4.70 14.91
C PHE O 416 -66.21 4.12 13.80
N LYS O 417 -65.84 4.93 12.82
CA LYS O 417 -64.78 4.55 11.90
C LYS O 417 -63.46 4.57 12.66
N HIS O 418 -62.46 3.89 12.12
CA HIS O 418 -61.13 4.05 12.70
C HIS O 418 -60.61 5.45 12.47
N SER O 419 -61.22 6.19 11.54
CA SER O 419 -60.69 7.49 11.17
C SER O 419 -60.75 8.49 12.32
N ASP O 420 -61.69 8.31 13.27
CA ASP O 420 -61.88 9.37 14.24
C ASP O 420 -60.68 9.49 15.16
N MET O 421 -60.20 8.36 15.70
CA MET O 421 -59.16 8.42 16.71
C MET O 421 -57.89 9.07 16.17
N VAL O 422 -57.52 8.77 14.93
CA VAL O 422 -56.43 9.52 14.30
C VAL O 422 -56.80 10.98 14.16
N ASN O 423 -57.98 11.24 13.60
CA ASN O 423 -58.47 12.61 13.52
C ASN O 423 -58.58 13.23 14.91
N TYR O 424 -59.00 12.45 15.91
CA TYR O 424 -59.11 12.99 17.25
C TYR O 424 -57.75 13.43 17.78
N ALA O 425 -56.76 12.56 17.68
CA ALA O 425 -55.42 12.91 18.15
C ALA O 425 -54.90 14.13 17.42
N ASN O 426 -55.04 14.17 16.10
CA ASN O 426 -54.50 15.29 15.35
C ASN O 426 -55.19 16.60 15.73
N LYS O 427 -56.52 16.61 15.71
CA LYS O 427 -57.24 17.84 16.02
C LYS O 427 -57.00 18.28 17.45
N LYS O 428 -56.93 17.34 18.39
CA LYS O 428 -56.73 17.70 19.79
C LYS O 428 -55.32 18.21 20.02
N LEU O 429 -54.33 17.65 19.32
CA LEU O 429 -52.98 18.15 19.48
C LEU O 429 -52.86 19.57 18.95
N ALA O 430 -53.43 19.83 17.77
CA ALA O 430 -53.45 21.20 17.28
C ALA O 430 -54.24 22.12 18.21
N GLU O 431 -55.36 21.63 18.73
CA GLU O 431 -56.15 22.39 19.70
C GLU O 431 -55.31 22.80 20.89
N ILE O 432 -54.55 21.87 21.47
CA ILE O 432 -53.63 22.20 22.54
C ILE O 432 -52.64 23.23 22.09
N ASP O 433 -52.13 23.10 20.87
CA ASP O 433 -51.19 24.10 20.36
C ASP O 433 -51.84 25.48 20.33
N SER O 434 -53.16 25.54 20.13
CA SER O 434 -53.81 26.83 19.97
C SER O 434 -54.29 27.40 21.30
N MET O 435 -54.11 26.66 22.39
CA MET O 435 -54.58 27.15 23.68
C MET O 435 -53.76 28.36 24.13
N ASP O 436 -54.24 29.02 25.18
CA ASP O 436 -53.71 30.31 25.58
C ASP O 436 -52.62 30.19 26.64
N ILE O 437 -52.49 29.02 27.25
CA ILE O 437 -51.61 28.76 28.39
C ILE O 437 -50.14 28.93 28.03
N PRO O 438 -49.25 29.08 29.00
CA PRO O 438 -47.82 29.12 28.70
C PRO O 438 -47.28 27.75 28.31
N ASP O 439 -46.03 27.75 27.82
CA ASP O 439 -45.46 26.55 27.22
C ASP O 439 -45.41 25.38 28.19
N GLY O 440 -45.16 25.65 29.47
CA GLY O 440 -45.07 24.57 30.44
C GLY O 440 -46.33 23.75 30.50
N ALA O 441 -47.48 24.40 30.64
CA ALA O 441 -48.74 23.68 30.69
C ALA O 441 -49.00 22.96 29.39
N LYS O 442 -48.66 23.59 28.26
CA LYS O 442 -48.87 22.96 26.96
C LYS O 442 -48.11 21.64 26.87
N ASP O 443 -46.85 21.63 27.26
CA ASP O 443 -46.05 20.43 27.10
C ASP O 443 -46.39 19.38 28.16
N ALA O 444 -46.68 19.81 29.39
CA ALA O 444 -47.20 18.87 30.36
C ALA O 444 -48.48 18.22 29.86
N MET O 445 -49.28 18.97 29.08
CA MET O 445 -50.54 18.43 28.60
C MET O 445 -50.32 17.48 27.44
N LYS O 446 -49.39 17.83 26.54
CA LYS O 446 -49.03 16.90 25.48
C LYS O 446 -48.52 15.58 26.07
N LEU O 447 -47.79 15.65 27.17
CA LEU O 447 -47.29 14.42 27.77
C LEU O 447 -48.38 13.66 28.52
N LYS O 448 -49.24 14.38 29.24
CA LYS O 448 -50.33 13.73 29.95
C LYS O 448 -51.39 13.21 28.98
N TYR O 449 -51.28 13.56 27.70
CA TYR O 449 -52.05 12.85 26.69
C TYR O 449 -51.26 11.70 26.08
N LEU O 450 -49.95 11.87 25.93
CA LEU O 450 -49.13 10.81 25.37
C LEU O 450 -49.26 9.52 26.18
N GLN O 451 -49.62 9.66 27.45
CA GLN O 451 -50.12 8.56 28.25
C GLN O 451 -51.57 8.84 28.60
N ALA O 452 -52.44 7.86 28.40
CA ALA O 452 -52.05 6.57 27.88
C ALA O 452 -53.11 6.01 26.95
N ASP O 453 -52.69 5.65 25.74
CA ASP O 453 -53.50 4.79 24.90
C ASP O 453 -52.72 3.52 24.66
N SER O 454 -53.42 2.46 24.26
CA SER O 454 -52.84 1.13 24.21
C SER O 454 -51.96 0.91 22.99
N LYS O 455 -50.96 1.78 22.78
CA LYS O 455 -50.00 1.64 21.67
C LYS O 455 -50.74 1.46 20.34
N ASP O 456 -51.83 2.22 20.17
CA ASP O 456 -52.68 2.02 19.00
C ASP O 456 -51.90 2.18 17.68
N GLY O 457 -51.14 3.25 17.51
CA GLY O 457 -51.10 4.43 18.35
C GLY O 457 -51.79 5.59 17.66
N ALA O 458 -52.59 6.35 18.41
CA ALA O 458 -53.13 7.58 17.83
C ALA O 458 -52.25 8.77 18.22
N PHE O 459 -52.18 9.07 19.51
CA PHE O 459 -51.28 10.11 19.97
C PHE O 459 -49.83 9.66 19.85
N ARG O 460 -49.57 8.39 20.13
CA ARG O 460 -48.21 7.90 20.05
C ARG O 460 -47.70 8.02 18.63
N THR O 461 -48.55 7.74 17.64
CA THR O 461 -48.15 7.86 16.25
C THR O 461 -48.08 9.31 15.81
N ALA O 462 -48.93 10.18 16.37
CA ALA O 462 -48.82 11.59 16.04
C ALA O 462 -47.48 12.16 16.50
N ILE O 463 -47.16 12.00 17.78
CA ILE O 463 -45.87 12.45 18.28
C ILE O 463 -44.75 11.72 17.56
N GLY O 464 -44.99 10.48 17.15
CA GLY O 464 -43.96 9.73 16.45
C GLY O 464 -43.64 10.31 15.08
N THR O 465 -44.66 10.65 14.30
CA THR O 465 -44.39 11.26 13.01
C THR O 465 -43.78 12.63 13.19
N MET O 466 -44.10 13.32 14.28
CA MET O 466 -43.36 14.54 14.61
C MET O 466 -41.87 14.24 14.81
N VAL O 467 -41.58 13.16 15.53
CA VAL O 467 -40.19 12.78 15.76
C VAL O 467 -39.49 12.45 14.46
N THR O 468 -40.09 11.61 13.62
CA THR O 468 -39.43 11.28 12.36
C THR O 468 -39.32 12.49 11.46
N ASP O 469 -40.23 13.46 11.59
CA ASP O 469 -40.07 14.69 10.84
C ASP O 469 -38.81 15.43 11.28
N ALA O 470 -38.64 15.59 12.60
CA ALA O 470 -37.41 16.21 13.08
C ALA O 470 -36.19 15.42 12.63
N GLY O 471 -36.30 14.09 12.59
CA GLY O 471 -35.17 13.27 12.21
C GLY O 471 -34.79 13.45 10.75
N GLN O 472 -35.78 13.36 9.86
CA GLN O 472 -35.50 13.57 8.45
C GLN O 472 -35.02 14.99 8.21
N GLU O 473 -35.52 15.95 8.98
CA GLU O 473 -35.11 17.33 8.78
C GLU O 473 -33.65 17.53 9.15
N TRP O 474 -33.23 16.96 10.27
CA TRP O 474 -31.82 17.06 10.62
C TRP O 474 -30.97 16.25 9.64
N SER O 475 -31.52 15.17 9.09
CA SER O 475 -30.82 14.47 8.02
C SER O 475 -30.57 15.39 6.83
N ALA O 476 -31.63 16.07 6.38
CA ALA O 476 -31.50 16.97 5.24
C ALA O 476 -30.52 18.08 5.55
N ALA O 477 -30.48 18.55 6.79
CA ALA O 477 -29.45 19.50 7.18
C ALA O 477 -28.07 18.89 7.01
N VAL O 478 -27.93 17.60 7.35
CA VAL O 478 -26.63 16.94 7.20
C VAL O 478 -26.21 16.90 5.74
N ILE O 479 -27.10 16.46 4.85
CA ILE O 479 -26.77 16.38 3.43
C ILE O 479 -26.46 17.78 2.93
N ASN O 480 -27.31 18.74 3.28
CA ASN O 480 -27.21 20.09 2.75
C ASN O 480 -25.89 20.76 3.13
N GLY O 481 -25.27 20.32 4.21
CA GLY O 481 -23.99 20.83 4.63
C GLY O 481 -24.04 21.88 5.72
N LYS O 482 -25.11 22.67 5.79
CA LYS O 482 -25.35 23.59 6.88
C LYS O 482 -26.70 23.27 7.49
N LEU O 483 -27.18 24.10 8.37
CA LEU O 483 -28.48 23.80 8.94
C LEU O 483 -29.49 24.88 8.56
N PRO O 484 -30.59 24.52 7.91
CA PRO O 484 -31.55 25.53 7.46
C PRO O 484 -32.15 26.26 8.65
N GLU O 485 -32.49 27.53 8.42
CA GLU O 485 -33.01 28.35 9.50
C GLU O 485 -34.43 27.95 9.86
N ARG O 486 -34.79 28.25 11.11
CA ARG O 486 -36.15 28.28 11.62
C ARG O 486 -36.75 26.88 11.85
N THR O 487 -36.14 25.83 11.28
CA THR O 487 -36.21 24.45 11.74
C THR O 487 -37.52 24.10 12.46
N PRO O 488 -38.66 24.13 11.78
CA PRO O 488 -39.94 23.98 12.51
C PRO O 488 -40.07 22.67 13.25
N ALA O 489 -39.82 21.53 12.59
CA ALA O 489 -39.97 20.26 13.25
C ALA O 489 -38.98 20.10 14.41
N MET O 490 -37.72 20.48 14.19
CA MET O 490 -36.75 20.43 15.26
C MET O 490 -37.16 21.30 16.42
N ASP O 491 -37.73 22.47 16.14
CA ASP O 491 -38.14 23.36 17.23
C ASP O 491 -39.29 22.76 18.03
N ALA O 492 -40.29 22.21 17.34
CA ALA O 492 -41.40 21.59 18.05
C ALA O 492 -40.93 20.40 18.87
N LEU O 493 -40.01 19.60 18.32
CA LEU O 493 -39.47 18.47 19.07
C LEU O 493 -38.70 18.94 20.28
N ARG O 494 -37.93 20.02 20.15
CA ARG O 494 -37.21 20.56 21.29
C ARG O 494 -38.18 20.99 22.37
N ARG O 495 -39.27 21.65 21.97
CA ARG O 495 -40.26 22.06 22.95
C ARG O 495 -40.84 20.87 23.70
N ILE O 496 -41.26 19.84 22.97
CA ILE O 496 -41.93 18.72 23.65
C ILE O 496 -40.94 17.92 24.49
N ARG O 497 -39.78 17.59 23.92
CA ARG O 497 -38.84 16.69 24.59
C ARG O 497 -38.10 17.37 25.70
N ASN O 498 -37.83 18.66 25.64
CA ASN O 498 -37.19 19.29 26.80
C ASN O 498 -37.86 18.85 28.10
N ALA O 499 -39.18 18.75 28.12
CA ALA O 499 -39.92 18.39 29.32
C ALA O 499 -39.75 16.98 29.94
N ASP O 500 -39.67 15.91 29.15
CA ASP O 500 -39.39 14.59 29.76
C ASP O 500 -38.44 13.77 28.97
N PRO O 501 -37.18 14.13 29.00
CA PRO O 501 -36.21 13.44 28.17
C PRO O 501 -36.39 11.96 28.10
N GLN O 502 -36.56 11.30 29.22
CA GLN O 502 -36.60 9.86 29.16
C GLN O 502 -37.82 9.31 28.46
N LEU O 503 -38.99 9.89 28.71
CA LEU O 503 -40.20 9.31 28.12
C LEU O 503 -40.30 9.34 26.61
N ILE O 504 -39.96 10.46 25.98
CA ILE O 504 -40.12 10.55 24.55
C ILE O 504 -39.18 9.54 23.99
N ALA O 505 -37.99 9.46 24.56
CA ALA O 505 -37.01 8.51 24.08
C ALA O 505 -37.48 7.10 24.26
N ALA O 506 -38.11 6.82 25.39
CA ALA O 506 -38.49 5.45 25.66
C ALA O 506 -39.50 4.91 24.67
N LEU O 507 -40.50 5.70 24.34
CA LEU O 507 -41.53 5.23 23.46
C LEU O 507 -41.02 5.00 22.06
N TYR O 508 -40.15 5.88 21.56
CA TYR O 508 -39.57 5.63 20.26
C TYR O 508 -38.15 5.15 20.44
N PRO O 509 -37.91 3.84 20.43
CA PRO O 509 -36.58 3.33 20.73
C PRO O 509 -35.84 3.18 19.48
N ASP O 510 -36.01 4.11 18.60
CA ASP O 510 -35.40 4.03 17.27
C ASP O 510 -34.53 5.24 17.00
N GLN O 511 -35.07 6.44 17.19
CA GLN O 511 -34.31 7.67 16.98
C GLN O 511 -33.69 8.18 18.27
N ALA O 512 -32.90 7.37 18.98
CA ALA O 512 -32.14 7.91 20.09
C ALA O 512 -30.99 8.78 19.59
N GLU O 513 -30.56 8.51 18.35
CA GLU O 513 -29.54 9.32 17.70
C GLU O 513 -29.95 10.78 17.61
N LEU O 514 -31.19 11.03 17.19
CA LEU O 514 -31.67 12.41 17.09
C LEU O 514 -31.75 13.07 18.47
N PHE O 515 -32.20 12.33 19.47
CA PHE O 515 -32.28 12.91 20.82
C PHE O 515 -30.89 13.27 21.32
N LEU O 516 -29.91 12.38 21.12
CA LEU O 516 -28.55 12.68 21.50
C LEU O 516 -28.04 13.94 20.79
N THR O 517 -28.24 14.01 19.47
CA THR O 517 -27.74 15.17 18.75
C THR O 517 -28.43 16.45 19.18
N MET O 518 -29.74 16.41 19.37
CA MET O 518 -30.44 17.61 19.79
C MET O 518 -29.99 18.05 21.18
N ASP O 519 -29.84 17.09 22.11
CA ASP O 519 -29.41 17.44 23.45
C ASP O 519 -27.97 17.91 23.47
N MET O 520 -27.15 17.46 22.51
CA MET O 520 -25.85 18.08 22.28
C MET O 520 -26.03 19.50 21.79
N MET O 521 -27.03 19.72 20.95
CA MET O 521 -27.17 20.98 20.26
C MET O 521 -27.62 22.10 21.21
N ASP O 522 -28.49 21.78 22.16
CA ASP O 522 -29.11 22.84 22.96
C ASP O 522 -28.60 22.87 24.40
N LYS O 523 -28.65 21.75 25.11
CA LYS O 523 -28.23 21.76 26.52
C LYS O 523 -26.74 22.05 26.63
N GLN O 524 -25.92 21.25 25.98
CA GLN O 524 -24.50 21.54 25.92
C GLN O 524 -24.26 22.68 24.92
N GLY O 525 -23.07 23.25 24.97
CA GLY O 525 -22.82 24.51 24.27
C GLY O 525 -22.31 24.37 22.85
N ILE O 526 -22.19 23.15 22.33
CA ILE O 526 -21.53 22.99 21.03
C ILE O 526 -22.36 23.61 19.93
N ASP O 527 -21.69 24.04 18.87
CA ASP O 527 -22.38 24.65 17.75
C ASP O 527 -23.13 23.58 16.94
N PRO O 528 -24.30 23.90 16.42
CA PRO O 528 -24.92 23.05 15.38
C PRO O 528 -24.33 23.34 14.01
N GLN O 529 -23.00 23.37 13.97
CA GLN O 529 -22.23 23.35 12.74
C GLN O 529 -21.11 22.34 12.83
N VAL O 530 -20.58 22.13 14.04
CA VAL O 530 -19.43 21.24 14.20
C VAL O 530 -19.88 19.79 14.27
N ILE O 531 -21.18 19.56 14.51
CA ILE O 531 -21.72 18.21 14.35
C ILE O 531 -22.00 17.94 12.88
N LEU O 532 -22.35 18.98 12.14
CA LEU O 532 -22.80 18.81 10.76
C LEU O 532 -21.71 18.18 9.90
N ASP O 533 -20.49 18.74 9.94
CA ASP O 533 -19.42 18.18 9.14
C ASP O 533 -19.13 16.75 9.57
N ALA O 534 -18.90 16.55 10.86
CA ALA O 534 -18.46 15.25 11.36
C ALA O 534 -19.49 14.18 11.06
N ASP O 535 -20.76 14.56 10.93
CA ASP O 535 -21.76 13.58 10.54
C ASP O 535 -21.90 13.52 9.02
N ARG O 536 -21.35 14.51 8.32
CA ARG O 536 -21.37 14.49 6.86
C ARG O 536 -20.06 13.93 6.32
N LEU O 537 -18.99 14.03 7.13
CA LEU O 537 -17.67 13.64 6.68
C LEU O 537 -17.40 12.16 6.92
N THR O 538 -18.28 11.50 7.68
CA THR O 538 -18.03 10.11 8.08
C THR O 538 -17.76 9.21 6.89
N VAL O 539 -16.88 8.23 7.08
CA VAL O 539 -16.69 7.15 6.13
C VAL O 539 -17.83 6.17 6.30
N LYS O 540 -18.15 5.46 5.24
CA LYS O 540 -19.04 4.32 5.40
C LYS O 540 -18.28 3.19 6.08
N ARG O 541 -18.87 2.67 7.18
CA ARG O 541 -18.21 1.66 8.00
C ARG O 541 -17.90 0.40 7.20
N SER O 542 -18.50 0.26 6.03
CA SER O 542 -18.10 -0.67 4.99
C SER O 542 -18.10 -2.13 5.41
N LYS O 543 -18.81 -2.50 6.48
CA LYS O 543 -19.07 -3.90 6.81
C LYS O 543 -17.82 -4.62 7.32
N GLU O 544 -16.67 -3.95 7.29
CA GLU O 544 -15.44 -4.61 7.72
C GLU O 544 -15.05 -4.21 9.14
N GLN O 545 -14.82 -2.92 9.37
CA GLN O 545 -14.33 -2.50 10.68
C GLN O 545 -15.43 -2.62 11.74
N ARG O 546 -16.68 -2.77 11.31
CA ARG O 546 -17.76 -3.02 12.26
C ARG O 546 -17.49 -4.26 13.11
N PHE O 547 -17.07 -5.38 12.54
CA PHE O 547 -17.02 -6.61 13.36
C PHE O 547 -16.17 -6.21 14.51
N GLU O 548 -15.13 -5.48 14.15
CA GLU O 548 -14.27 -4.99 15.17
C GLU O 548 -15.11 -4.07 16.04
N ASP O 549 -15.98 -3.24 15.49
CA ASP O 549 -16.88 -2.40 16.31
C ASP O 549 -17.88 -3.12 17.25
N ASP O 550 -18.47 -4.24 16.82
CA ASP O 550 -19.34 -5.00 17.73
C ASP O 550 -18.49 -5.57 18.86
N LYS O 551 -17.33 -6.06 18.49
CA LYS O 551 -16.50 -6.64 19.52
C LYS O 551 -16.15 -5.51 20.46
N ALA O 552 -16.04 -4.31 19.91
CA ALA O 552 -15.70 -3.13 20.70
C ALA O 552 -16.75 -2.74 21.68
N PHE O 553 -18.00 -2.79 21.26
CA PHE O 553 -19.01 -2.50 22.23
C PHE O 553 -18.84 -3.54 23.28
N GLU O 554 -18.58 -4.77 22.89
CA GLU O 554 -18.42 -5.71 23.99
C GLU O 554 -17.23 -5.65 24.96
N SER O 555 -16.13 -4.95 24.66
CA SER O 555 -14.99 -5.00 25.59
C SER O 555 -15.05 -3.84 26.57
N ALA O 556 -15.31 -2.62 26.06
CA ALA O 556 -15.41 -1.49 26.97
C ALA O 556 -16.62 -1.64 27.89
N LEU O 557 -17.61 -2.43 27.48
CA LEU O 557 -18.72 -2.75 28.37
C LEU O 557 -18.26 -3.66 29.48
N ASN O 558 -17.76 -4.86 29.14
CA ASN O 558 -17.39 -5.81 30.17
C ASN O 558 -16.24 -5.28 31.03
N ALA O 559 -15.30 -4.58 30.43
CA ALA O 559 -14.10 -4.18 31.17
C ALA O 559 -14.27 -2.79 31.78
N SER O 560 -15.52 -2.46 32.08
CA SER O 560 -15.78 -1.13 32.58
C SER O 560 -15.79 -1.03 34.07
N LYS O 561 -16.49 -1.93 34.72
CA LYS O 561 -16.52 -1.93 36.16
C LYS O 561 -16.96 -0.62 36.76
N ALA O 562 -17.96 0.02 36.17
CA ALA O 562 -18.52 1.22 36.75
C ALA O 562 -19.88 0.69 37.04
N PRO O 563 -20.47 0.95 38.22
CA PRO O 563 -21.65 0.11 38.43
C PRO O 563 -22.62 0.19 37.27
N GLU O 564 -23.02 1.39 36.86
CA GLU O 564 -24.19 1.54 36.01
C GLU O 564 -23.99 0.82 34.70
N ILE O 565 -22.85 1.00 34.06
CA ILE O 565 -22.60 0.37 32.78
C ILE O 565 -22.57 -1.16 32.87
N ALA O 566 -21.97 -1.72 33.90
CA ALA O 566 -21.89 -3.17 34.04
C ALA O 566 -23.19 -3.90 34.26
N ARG O 567 -24.04 -3.35 35.10
CA ARG O 567 -25.31 -3.99 35.41
C ARG O 567 -26.33 -3.43 34.47
N MET O 568 -25.90 -2.65 33.50
CA MET O 568 -26.81 -1.98 32.57
C MET O 568 -28.23 -2.38 32.61
N PRO O 569 -29.06 -1.47 33.12
CA PRO O 569 -30.41 -2.02 33.05
C PRO O 569 -30.97 -2.19 31.64
N ALA O 570 -31.89 -3.13 31.42
CA ALA O 570 -32.08 -3.71 30.07
C ALA O 570 -32.57 -2.81 28.92
N SER O 571 -33.56 -1.99 29.21
CA SER O 571 -34.13 -1.14 28.19
C SER O 571 -33.07 -0.17 27.76
N LEU O 572 -32.42 0.28 28.80
CA LEU O 572 -31.42 1.26 28.60
C LEU O 572 -30.23 0.68 27.84
N ARG O 573 -29.94 -0.62 28.01
CA ARG O 573 -28.96 -1.34 27.19
C ARG O 573 -29.32 -1.37 25.78
N GLU O 574 -30.58 -1.63 25.52
CA GLU O 574 -30.95 -1.52 24.13
C GLU O 574 -30.78 -0.12 23.58
N SER O 575 -31.09 0.93 24.32
CA SER O 575 -30.70 2.21 23.76
C SER O 575 -29.18 2.41 23.72
N ALA O 576 -28.51 2.19 24.84
CA ALA O 576 -27.10 2.31 25.05
C ALA O 576 -26.29 1.98 23.85
N ARG O 577 -26.67 0.93 23.14
CA ARG O 577 -25.86 0.52 22.03
C ARG O 577 -25.85 1.67 21.10
N LYS O 578 -26.97 2.33 20.90
CA LYS O 578 -26.88 3.42 19.92
C LYS O 578 -25.87 4.53 20.24
N ILE O 579 -26.05 5.29 21.29
CA ILE O 579 -25.32 6.51 21.63
C ILE O 579 -23.83 6.29 21.47
N TYR O 580 -23.34 5.14 21.93
CA TYR O 580 -21.91 4.87 21.84
C TYR O 580 -21.46 4.88 20.38
N ASP O 581 -22.13 4.11 19.53
CA ASP O 581 -21.74 4.06 18.13
C ASP O 581 -21.86 5.42 17.46
N SER O 582 -22.83 6.22 17.90
CA SER O 582 -22.99 7.53 17.28
C SER O 582 -21.83 8.45 17.63
N VAL O 583 -21.57 8.63 18.93
CA VAL O 583 -20.59 9.61 19.36
C VAL O 583 -19.20 9.31 18.86
N LYS O 584 -18.91 8.03 18.59
CA LYS O 584 -17.56 7.62 18.22
C LYS O 584 -17.17 8.19 16.86
N TYR O 585 -18.12 8.23 15.93
CA TYR O 585 -17.86 8.74 14.59
C TYR O 585 -17.53 10.21 14.58
N ARG O 586 -17.78 10.92 15.67
CA ARG O 586 -17.37 12.31 15.80
C ARG O 586 -15.90 12.35 16.16
N SER O 587 -15.43 13.48 16.68
CA SER O 587 -14.01 13.68 16.93
C SER O 587 -13.44 12.63 17.87
N GLY O 588 -12.13 12.70 18.10
CA GLY O 588 -11.39 11.65 18.79
C GLY O 588 -12.15 11.02 19.94
N ASN O 589 -12.19 9.70 19.91
CA ASN O 589 -13.25 8.94 20.55
C ASN O 589 -12.67 7.88 21.47
N GLU O 590 -13.57 6.99 21.89
CA GLU O 590 -13.29 5.82 22.72
C GLU O 590 -12.90 6.21 24.13
N SER O 591 -12.80 7.52 24.37
CA SER O 591 -12.95 8.04 25.72
C SER O 591 -14.13 9.00 25.76
N MET O 592 -14.13 9.95 24.84
CA MET O 592 -15.29 10.81 24.60
C MET O 592 -16.55 9.97 24.40
N ALA O 593 -16.42 8.80 23.77
CA ALA O 593 -17.56 7.93 23.58
C ALA O 593 -18.04 7.35 24.91
N MET O 594 -17.15 6.69 25.64
CA MET O 594 -17.50 6.25 26.99
C MET O 594 -17.96 7.43 27.83
N GLU O 595 -17.35 8.59 27.64
CA GLU O 595 -17.74 9.75 28.43
C GLU O 595 -19.21 10.07 28.22
N GLN O 596 -19.63 10.22 26.96
CA GLN O 596 -21.03 10.53 26.70
C GLN O 596 -21.96 9.41 27.13
N MET O 597 -21.57 8.16 26.88
CA MET O 597 -22.46 7.06 27.23
C MET O 597 -22.67 6.99 28.74
N THR O 598 -21.61 7.21 29.51
CA THR O 598 -21.73 7.17 30.96
C THR O 598 -22.52 8.35 31.48
N LYS O 599 -22.32 9.53 30.90
CA LYS O 599 -23.10 10.66 31.38
C LYS O 599 -24.57 10.50 31.03
N PHE O 600 -24.86 9.83 29.92
CA PHE O 600 -26.24 9.57 29.57
C PHE O 600 -26.87 8.58 30.54
N LEU O 601 -26.20 7.46 30.79
CA LEU O 601 -26.75 6.47 31.70
C LEU O 601 -26.88 7.04 33.11
N LYS O 602 -26.04 8.02 33.45
CA LYS O 602 -26.24 8.72 34.72
C LYS O 602 -27.48 9.61 34.68
N GLU O 603 -27.71 10.28 33.55
CA GLU O 603 -28.92 11.08 33.42
C GLU O 603 -30.18 10.22 33.34
N SER O 604 -30.07 8.88 33.34
CA SER O 604 -31.27 8.04 33.11
C SER O 604 -31.55 6.80 33.96
N THR O 605 -30.71 6.49 34.95
CA THR O 605 -30.94 5.42 35.94
C THR O 605 -30.34 5.61 37.33
N TYR O 606 -31.14 5.53 38.38
CA TYR O 606 -30.61 5.63 39.75
C TYR O 606 -29.85 4.40 40.05
N THR O 607 -28.79 4.51 40.83
CA THR O 607 -28.08 3.35 41.31
C THR O 607 -28.42 3.22 42.75
N PHE O 608 -28.96 2.10 43.15
CA PHE O 608 -29.46 1.98 44.50
C PHE O 608 -28.34 1.43 45.31
N THR O 609 -27.84 2.20 46.25
CA THR O 609 -26.66 1.81 46.95
C THR O 609 -27.10 1.18 48.23
N GLY O 610 -26.22 0.38 48.81
CA GLY O 610 -26.56 -0.35 50.01
C GLY O 610 -26.21 0.45 51.25
N ASP O 611 -26.89 0.12 52.35
CA ASP O 611 -26.64 0.81 53.60
C ASP O 611 -25.25 0.51 54.14
N ASP O 612 -24.66 -0.60 53.72
CA ASP O 612 -23.34 -0.98 54.21
C ASP O 612 -22.29 0.00 53.69
N VAL O 613 -21.17 0.08 54.42
CA VAL O 613 -20.19 1.15 54.23
C VAL O 613 -19.23 0.84 53.10
N ASP O 614 -19.49 -0.23 52.33
CA ASP O 614 -18.55 -0.60 51.28
C ASP O 614 -18.42 0.50 50.22
N GLY O 615 -19.52 0.98 49.63
CA GLY O 615 -20.88 0.43 49.70
C GLY O 615 -21.28 -0.13 48.36
N ASP O 616 -21.31 -1.45 48.24
CA ASP O 616 -21.56 -2.08 46.96
C ASP O 616 -22.99 -1.86 46.50
N THR O 617 -23.15 -1.70 45.18
CA THR O 617 -24.46 -1.43 44.61
C THR O 617 -25.31 -2.69 44.60
N VAL O 618 -26.59 -2.51 44.83
CA VAL O 618 -27.50 -3.63 44.82
C VAL O 618 -28.40 -3.59 43.59
N GLY O 619 -28.53 -2.43 42.95
CA GLY O 619 -29.31 -2.37 41.72
C GLY O 619 -29.22 -1.16 40.84
N VAL O 620 -29.68 -1.28 39.61
CA VAL O 620 -29.75 -0.15 38.72
C VAL O 620 -31.16 -0.25 38.17
N ILE O 621 -32.06 0.61 38.60
CA ILE O 621 -33.46 0.55 38.26
C ILE O 621 -33.71 1.85 37.54
N PRO O 622 -34.40 1.84 36.40
CA PRO O 622 -34.35 2.95 35.46
C PRO O 622 -35.06 4.27 35.85
N LYS O 623 -34.46 5.48 35.73
CA LYS O 623 -35.15 6.60 36.38
C LYS O 623 -36.51 6.89 35.78
N ASN O 624 -36.87 6.23 34.68
CA ASN O 624 -38.16 6.50 34.03
C ASN O 624 -39.26 5.67 34.66
N MET O 625 -38.96 4.44 35.01
CA MET O 625 -39.99 3.56 35.56
C MET O 625 -40.22 3.55 37.06
N MET O 626 -39.62 4.46 37.82
CA MET O 626 -39.90 4.51 39.23
C MET O 626 -40.85 5.63 39.44
N GLN O 627 -41.25 6.25 38.34
CA GLN O 627 -42.10 7.41 38.42
C GLN O 627 -43.46 7.20 38.98
N VAL O 628 -43.75 7.79 40.12
CA VAL O 628 -45.10 7.76 40.58
C VAL O 628 -45.78 8.78 39.67
N ASN O 629 -47.07 8.68 39.40
CA ASN O 629 -47.78 9.68 38.62
C ASN O 629 -47.17 10.02 37.25
N SER O 630 -47.10 11.29 36.86
CA SER O 630 -46.63 11.61 35.52
C SER O 630 -45.46 12.58 35.30
N ASP O 631 -44.80 13.08 36.35
CA ASP O 631 -43.71 14.06 36.20
C ASP O 631 -42.48 13.49 36.84
N PRO O 632 -41.22 13.97 36.54
CA PRO O 632 -40.05 13.29 37.15
C PRO O 632 -39.69 13.67 38.59
N LYS O 633 -40.37 14.69 39.05
CA LYS O 633 -40.17 15.07 40.42
C LYS O 633 -40.75 13.88 41.11
N SER O 634 -41.73 13.26 40.48
CA SER O 634 -42.34 12.09 41.04
C SER O 634 -41.43 10.89 41.11
N TRP O 635 -40.59 10.70 40.12
CA TRP O 635 -39.61 9.65 40.16
C TRP O 635 -38.89 9.90 41.41
N GLU O 636 -38.51 11.14 41.63
CA GLU O 636 -37.77 11.27 42.88
C GLU O 636 -38.58 10.80 44.06
N GLN O 637 -39.86 11.15 44.14
CA GLN O 637 -40.64 10.86 45.33
C GLN O 637 -40.76 9.40 45.49
N GLY O 638 -40.92 8.70 44.39
CA GLY O 638 -40.98 7.25 44.42
C GLY O 638 -39.74 6.58 44.88
N ARG O 639 -38.58 7.05 44.45
CA ARG O 639 -37.40 6.45 45.05
C ARG O 639 -37.62 6.37 46.55
N ASP O 640 -38.12 7.39 47.22
CA ASP O 640 -38.47 7.27 48.64
C ASP O 640 -39.47 6.17 49.11
N ILE O 641 -40.17 5.47 48.22
CA ILE O 641 -40.98 4.27 48.45
C ILE O 641 -40.13 3.02 48.30
N LEU O 642 -39.30 2.99 47.26
CA LEU O 642 -38.52 1.79 46.98
C LEU O 642 -37.45 1.57 48.05
N GLU O 643 -36.85 2.65 48.54
CA GLU O 643 -35.86 2.51 49.60
C GLU O 643 -36.50 2.05 50.90
N GLU O 644 -37.65 2.63 51.26
CA GLU O 644 -38.36 2.14 52.43
C GLU O 644 -38.69 0.66 52.28
N ALA O 645 -39.04 0.23 51.07
CA ALA O 645 -39.34 -1.17 50.83
C ALA O 645 -38.11 -2.05 51.01
N ARG O 646 -36.99 -1.65 50.39
CA ARG O 646 -35.78 -2.45 50.47
C ARG O 646 -35.25 -2.53 51.89
N LYS O 647 -35.42 -1.48 52.67
CA LYS O 647 -35.08 -1.50 54.09
C LYS O 647 -35.90 -2.37 55.01
N GLY O 648 -37.21 -2.37 54.81
CA GLY O 648 -38.08 -3.11 55.70
C GLY O 648 -37.68 -4.55 55.54
N ILE O 649 -37.42 -4.98 54.32
CA ILE O 649 -37.03 -6.37 54.09
C ILE O 649 -35.78 -6.72 54.86
N ILE O 650 -34.73 -5.93 54.75
CA ILE O 650 -33.47 -6.31 55.37
C ILE O 650 -33.57 -6.45 56.87
N ALA O 651 -34.18 -5.51 57.55
CA ALA O 651 -34.37 -5.70 58.98
C ALA O 651 -35.39 -6.77 59.31
N SER O 652 -36.49 -6.85 58.56
CA SER O 652 -37.55 -7.79 58.92
C SER O 652 -37.13 -9.22 58.88
N ASN O 653 -36.46 -9.60 57.81
CA ASN O 653 -35.99 -10.94 57.78
C ASN O 653 -34.57 -10.81 58.19
N PRO O 654 -34.27 -11.07 59.46
CA PRO O 654 -32.89 -10.86 59.92
C PRO O 654 -32.01 -11.77 59.15
N TRP O 655 -30.74 -11.44 58.91
CA TRP O 655 -29.75 -12.25 58.18
C TRP O 655 -29.69 -11.93 56.70
N ILE O 656 -30.63 -11.15 56.20
CA ILE O 656 -30.53 -10.77 54.81
C ILE O 656 -29.71 -9.52 54.81
N THR O 657 -28.39 -9.66 54.92
CA THR O 657 -27.52 -8.49 54.99
C THR O 657 -27.52 -7.82 53.65
N ASN O 658 -27.31 -6.53 53.61
CA ASN O 658 -27.46 -5.80 52.37
C ASN O 658 -26.68 -6.44 51.25
N LYS O 659 -25.55 -7.04 51.55
CA LYS O 659 -24.75 -7.57 50.49
C LYS O 659 -25.58 -8.59 49.75
N GLN O 660 -26.37 -9.35 50.47
CA GLN O 660 -27.23 -10.35 49.84
C GLN O 660 -28.34 -9.87 48.88
N LEU O 661 -29.02 -8.77 49.17
CA LEU O 661 -30.14 -8.32 48.35
C LEU O 661 -29.83 -7.78 46.96
N THR O 662 -30.60 -8.13 45.91
CA THR O 662 -30.47 -7.54 44.59
C THR O 662 -31.79 -6.91 44.16
N MET O 663 -31.78 -5.74 43.52
CA MET O 663 -32.96 -5.28 42.82
C MET O 663 -32.79 -5.34 41.31
N TYR O 664 -33.68 -6.06 40.66
CA TYR O 664 -33.50 -6.47 39.29
C TYR O 664 -34.75 -5.96 38.63
N SER O 665 -34.64 -5.26 37.50
CA SER O 665 -35.80 -4.89 36.74
C SER O 665 -36.18 -5.97 35.74
N GLN O 666 -37.10 -5.64 34.84
CA GLN O 666 -37.45 -6.43 33.68
C GLN O 666 -37.97 -5.45 32.64
N GLY O 667 -38.66 -5.94 31.60
CA GLY O 667 -39.30 -5.02 30.67
C GLY O 667 -39.98 -3.86 31.36
N ASP O 668 -41.03 -4.15 32.14
CA ASP O 668 -41.66 -3.15 32.98
C ASP O 668 -42.03 -3.76 34.33
N SER O 669 -41.08 -3.78 35.27
CA SER O 669 -41.36 -4.24 36.63
C SER O 669 -40.12 -3.99 37.48
N ILE O 670 -40.30 -3.46 38.69
CA ILE O 670 -39.17 -3.35 39.57
C ILE O 670 -39.37 -4.38 40.60
N TYR O 671 -38.46 -5.34 40.64
CA TYR O 671 -38.56 -6.63 41.29
C TYR O 671 -37.54 -6.68 42.39
N LEU O 672 -37.71 -7.30 43.54
CA LEU O 672 -36.64 -7.19 44.56
C LEU O 672 -36.28 -8.47 45.31
N MET O 673 -35.08 -9.03 45.12
CA MET O 673 -34.76 -10.34 45.72
C MET O 673 -33.63 -10.48 46.67
N ASP O 674 -33.81 -11.22 47.75
CA ASP O 674 -32.68 -11.53 48.61
C ASP O 674 -32.05 -12.66 47.83
N THR O 675 -30.77 -12.96 47.99
CA THR O 675 -30.19 -13.96 47.09
C THR O 675 -30.79 -15.32 47.22
N THR O 676 -31.07 -15.79 48.43
CA THR O 676 -31.74 -17.06 48.50
C THR O 676 -33.03 -16.69 47.86
N GLY O 677 -33.60 -17.56 47.08
CA GLY O 677 -34.78 -17.18 46.34
C GLY O 677 -36.00 -16.86 47.15
N GLN O 678 -35.97 -17.10 48.45
CA GLN O 678 -37.16 -16.94 49.26
C GLN O 678 -37.87 -15.60 49.30
N VAL O 679 -37.16 -14.49 49.40
CA VAL O 679 -37.85 -13.25 49.64
C VAL O 679 -37.70 -12.25 48.51
N ARG O 680 -38.80 -11.83 47.93
CA ARG O 680 -38.80 -11.29 46.59
C ARG O 680 -40.06 -10.52 46.31
N VAL O 681 -40.01 -9.20 46.44
CA VAL O 681 -41.21 -8.42 46.36
C VAL O 681 -41.25 -7.71 45.04
N ARG O 682 -42.37 -7.77 44.33
CA ARG O 682 -42.47 -7.09 43.06
C ARG O 682 -42.76 -5.65 43.37
N TYR O 683 -42.48 -4.72 42.48
CA TYR O 683 -42.92 -3.35 42.58
C TYR O 683 -43.12 -2.79 41.16
N ASP O 684 -44.29 -2.32 40.84
CA ASP O 684 -44.79 -2.12 39.50
C ASP O 684 -45.31 -0.70 39.34
N LYS O 685 -45.24 -0.20 38.11
CA LYS O 685 -45.70 1.14 37.79
C LYS O 685 -47.11 1.38 38.29
N GLU O 686 -48.06 0.50 37.92
CA GLU O 686 -49.45 0.73 38.26
C GLU O 686 -49.66 0.84 39.77
N LEU O 687 -49.22 -0.16 40.53
CA LEU O 687 -49.53 -0.18 41.96
C LEU O 687 -48.71 0.84 42.73
N LEU O 688 -47.40 0.91 42.49
CA LEU O 688 -46.61 1.95 43.13
C LEU O 688 -47.23 3.32 42.89
N SER O 689 -47.52 3.62 41.61
CA SER O 689 -48.16 4.88 41.24
C SER O 689 -49.42 5.12 42.05
N LYS O 690 -50.36 4.18 42.01
CA LYS O 690 -51.71 4.49 42.47
C LYS O 690 -51.77 4.47 43.99
N VAL O 691 -50.99 3.58 44.62
CA VAL O 691 -50.86 3.60 46.07
C VAL O 691 -50.28 4.93 46.51
N TRP O 692 -49.19 5.38 45.88
CA TRP O 692 -48.65 6.68 46.25
C TRP O 692 -49.66 7.77 46.02
N SER O 693 -50.46 7.66 44.97
CA SER O 693 -51.46 8.67 44.68
C SER O 693 -52.45 8.81 45.83
N GLU O 694 -53.04 7.69 46.27
CA GLU O 694 -54.02 7.79 47.34
C GLU O 694 -53.37 8.23 48.64
N ASN O 695 -52.16 7.72 48.91
CA ASN O 695 -51.47 8.05 50.15
C ASN O 695 -51.15 9.53 50.22
N GLN O 696 -50.48 10.06 49.19
CA GLN O 696 -50.28 11.50 49.09
C GLN O 696 -51.61 12.24 49.21
N LYS O 697 -52.68 11.69 48.65
CA LYS O 697 -53.97 12.38 48.66
C LYS O 697 -54.44 12.62 50.09
N LYS O 698 -54.54 11.56 50.89
CA LYS O 698 -55.17 11.79 52.20
C LYS O 698 -54.16 12.31 53.22
N LEU O 699 -52.86 12.11 52.96
CA LEU O 699 -51.89 12.84 53.78
C LEU O 699 -51.97 14.35 53.51
N GLU O 700 -52.15 14.73 52.24
CA GLU O 700 -52.35 16.14 51.90
C GLU O 700 -53.65 16.66 52.48
N GLU O 701 -54.65 15.78 52.59
CA GLU O 701 -55.88 16.10 53.31
C GLU O 701 -55.58 16.49 54.76
N LYS O 702 -54.86 15.64 55.48
CA LYS O 702 -54.47 15.98 56.85
C LYS O 702 -53.74 17.33 56.88
N ALA O 703 -52.87 17.54 55.90
CA ALA O 703 -52.16 18.80 55.81
C ALA O 703 -53.11 19.98 55.70
N ARG O 704 -54.08 19.90 54.77
CA ARG O 704 -55.05 20.99 54.65
C ARG O 704 -55.78 21.18 55.97
N GLU O 705 -56.11 20.07 56.62
CA GLU O 705 -56.94 20.15 57.82
C GLU O 705 -56.25 21.01 58.88
N LYS O 706 -55.03 20.65 59.25
CA LYS O 706 -54.45 21.44 60.34
C LYS O 706 -53.83 22.73 59.81
N ALA O 707 -53.67 22.87 58.50
CA ALA O 707 -53.22 24.15 57.96
C ALA O 707 -54.32 25.20 58.05
N LEU O 708 -55.54 24.82 57.70
CA LEU O 708 -56.69 25.70 57.84
C LEU O 708 -57.17 25.79 59.28
N ALA O 709 -56.77 24.86 60.14
CA ALA O 709 -57.09 24.97 61.56
C ALA O 709 -56.52 26.25 62.17
N ASP O 710 -55.40 26.74 61.62
CA ASP O 710 -54.85 28.01 62.08
C ASP O 710 -55.81 29.15 61.79
N VAL O 711 -56.54 29.06 60.68
CA VAL O 711 -57.50 30.09 60.32
C VAL O 711 -58.93 29.60 60.60
N ASP P 65 -35.40 64.66 -64.51
CA ASP P 65 -36.03 65.90 -64.06
C ASP P 65 -36.92 66.48 -65.15
N LEU P 66 -36.90 67.81 -65.28
CA LEU P 66 -37.73 68.47 -66.29
C LEU P 66 -37.32 68.07 -67.70
N ALA P 67 -36.05 67.74 -67.89
CA ALA P 67 -35.58 67.39 -69.23
C ALA P 67 -36.14 66.04 -69.68
N ASP P 68 -36.37 65.12 -68.74
CA ASP P 68 -36.82 63.78 -69.11
C ASP P 68 -38.25 63.79 -69.65
N GLU P 69 -38.91 64.95 -69.63
CA GLU P 69 -40.22 65.07 -70.26
C GLU P 69 -40.14 64.74 -71.75
N ARG P 70 -38.95 64.92 -72.35
CA ARG P 70 -38.74 64.45 -73.72
C ARG P 70 -39.23 63.04 -73.91
N SER P 71 -38.54 62.07 -73.31
CA SER P 71 -38.86 60.67 -73.54
C SER P 71 -40.16 60.31 -72.86
N ASN P 72 -40.54 61.04 -71.81
CA ASN P 72 -41.86 60.81 -71.22
C ASN P 72 -42.96 61.01 -72.25
N GLU P 73 -42.93 62.15 -72.94
CA GLU P 73 -43.94 62.42 -73.97
C GLU P 73 -43.78 61.44 -75.13
N ILE P 74 -42.54 61.16 -75.52
CA ILE P 74 -42.32 60.25 -76.65
C ILE P 74 -42.91 58.87 -76.34
N ILE P 75 -42.83 58.42 -75.09
CA ILE P 75 -43.28 57.09 -74.74
C ILE P 75 -44.78 57.09 -74.48
N ARG P 76 -45.35 58.24 -74.14
CA ARG P 76 -46.79 58.26 -73.97
C ARG P 76 -47.31 57.72 -75.28
N LYS P 77 -46.60 58.02 -76.36
CA LYS P 77 -47.04 57.59 -77.68
C LYS P 77 -47.02 56.11 -77.89
N LEU P 78 -46.03 55.43 -77.35
CA LEU P 78 -45.90 54.02 -77.67
C LEU P 78 -47.17 53.33 -77.27
N THR P 79 -47.66 52.45 -78.13
CA THR P 79 -48.92 51.75 -77.87
C THR P 79 -48.84 50.85 -76.65
N PRO P 80 -49.88 50.88 -75.80
CA PRO P 80 -49.83 50.10 -74.57
C PRO P 80 -49.73 48.61 -74.89
N GLU P 81 -50.44 48.17 -75.92
CA GLU P 81 -50.43 46.78 -76.29
C GLU P 81 -49.00 46.29 -76.43
N GLN P 82 -48.20 46.94 -77.28
CA GLN P 82 -46.86 46.41 -77.44
C GLN P 82 -45.86 47.02 -76.46
N ARG P 83 -46.25 47.84 -75.50
CA ARG P 83 -45.24 48.31 -74.48
C ARG P 83 -44.58 47.21 -73.64
N ARG P 84 -45.35 46.21 -73.25
CA ARG P 84 -44.83 45.18 -72.35
C ARG P 84 -43.64 44.31 -72.80
N GLU P 85 -43.62 43.88 -74.05
CA GLU P 85 -42.47 43.10 -74.55
C GLU P 85 -41.23 43.95 -74.56
N ALA P 86 -41.45 45.21 -74.91
CA ALA P 86 -40.33 46.11 -74.96
C ALA P 86 -39.80 46.17 -73.56
N LEU P 87 -40.69 46.31 -72.60
CA LEU P 87 -40.27 46.42 -71.20
C LEU P 87 -39.51 45.18 -70.76
N ASN P 88 -39.99 44.00 -71.16
CA ASN P 88 -39.26 42.76 -70.82
C ASN P 88 -37.87 42.64 -71.38
N ASN P 89 -37.61 43.06 -72.61
CA ASN P 89 -36.20 42.93 -73.04
C ASN P 89 -35.28 44.05 -72.60
N GLY P 90 -34.93 44.97 -73.46
CA GLY P 90 -34.10 46.05 -72.97
C GLY P 90 -34.36 47.38 -73.57
N THR P 91 -35.39 47.44 -74.40
CA THR P 91 -35.62 48.68 -75.10
C THR P 91 -35.94 49.87 -74.21
N LEU P 92 -36.75 49.71 -73.18
CA LEU P 92 -37.15 50.90 -72.41
C LEU P 92 -36.61 51.19 -71.02
N LEU P 93 -36.63 50.23 -70.11
CA LEU P 93 -36.22 50.41 -68.69
C LEU P 93 -37.40 50.96 -67.89
N TYR P 94 -37.53 50.52 -66.64
CA TYR P 94 -38.66 50.94 -65.84
C TYR P 94 -38.67 52.41 -65.48
N GLN P 95 -37.51 52.98 -65.16
CA GLN P 95 -37.46 54.36 -64.70
C GLN P 95 -38.26 55.29 -65.58
N ASP P 96 -38.18 55.14 -66.90
CA ASP P 96 -39.04 55.91 -67.77
C ASP P 96 -40.15 55.06 -68.36
N ASP P 97 -41.18 54.82 -67.55
CA ASP P 97 -42.53 54.61 -68.06
C ASP P 97 -43.45 55.42 -67.17
N PRO P 98 -44.09 56.45 -67.67
CA PRO P 98 -44.92 57.31 -66.80
C PRO P 98 -46.07 56.54 -66.19
N TYR P 99 -46.71 55.70 -67.01
CA TYR P 99 -47.86 54.94 -66.53
C TYR P 99 -47.45 53.97 -65.43
N ALA P 100 -46.35 53.24 -65.63
CA ALA P 100 -45.88 52.33 -64.62
C ALA P 100 -45.47 53.07 -63.35
N MET P 101 -44.79 54.20 -63.51
CA MET P 101 -44.33 54.96 -62.35
C MET P 101 -45.52 55.54 -61.59
N GLU P 102 -46.57 55.91 -62.30
CA GLU P 102 -47.82 56.34 -61.66
C GLU P 102 -48.35 55.27 -60.72
N ALA P 103 -48.64 54.10 -61.25
CA ALA P 103 -49.25 53.11 -60.42
C ALA P 103 -48.26 52.88 -59.31
N LEU P 104 -46.96 52.86 -59.60
CA LEU P 104 -46.03 52.44 -58.57
C LEU P 104 -46.08 53.40 -57.43
N ARG P 105 -46.04 54.70 -57.72
CA ARG P 105 -45.96 55.65 -56.63
C ARG P 105 -47.21 55.56 -55.80
N VAL P 106 -48.34 55.42 -56.48
CA VAL P 106 -49.61 55.35 -55.77
C VAL P 106 -49.70 54.14 -54.85
N LYS P 107 -49.27 53.00 -55.34
CA LYS P 107 -49.28 51.81 -54.54
C LYS P 107 -48.35 51.97 -53.36
N THR P 108 -47.20 52.60 -53.58
CA THR P 108 -46.20 52.73 -52.55
C THR P 108 -46.81 53.53 -51.48
N GLY P 109 -47.53 54.55 -51.90
CA GLY P 109 -48.24 55.38 -50.97
C GLY P 109 -49.34 54.72 -50.18
N ARG P 110 -50.15 53.88 -50.81
CA ARG P 110 -51.16 53.20 -50.04
C ARG P 110 -50.45 52.35 -49.05
N ASN P 111 -49.37 51.70 -49.45
CA ASN P 111 -48.78 50.73 -48.57
C ASN P 111 -48.35 51.52 -47.38
N ALA P 112 -47.76 52.67 -47.65
CA ALA P 112 -47.12 53.40 -46.58
C ALA P 112 -48.16 53.82 -45.63
N ALA P 113 -49.25 54.32 -46.18
CA ALA P 113 -50.22 54.93 -45.33
C ALA P 113 -50.67 53.83 -44.45
N TYR P 114 -51.23 52.80 -45.07
CA TYR P 114 -51.77 51.70 -44.31
C TYR P 114 -50.76 51.31 -43.33
N LEU P 115 -49.67 50.68 -43.73
CA LEU P 115 -48.80 50.13 -42.72
C LEU P 115 -48.47 51.07 -41.62
N VAL P 116 -47.81 52.16 -41.92
CA VAL P 116 -47.38 52.94 -40.79
C VAL P 116 -48.48 53.43 -39.97
N ASP P 117 -49.42 54.09 -40.61
CA ASP P 117 -50.36 54.76 -39.76
C ASP P 117 -51.11 53.77 -39.00
N ASP P 118 -51.58 52.76 -39.67
CA ASP P 118 -52.43 51.90 -38.97
C ASP P 118 -51.80 51.06 -37.92
N ASP P 119 -50.64 50.52 -38.18
CA ASP P 119 -50.13 49.62 -37.17
C ASP P 119 -49.89 50.48 -36.01
N VAL P 120 -49.32 51.62 -36.30
CA VAL P 120 -48.95 52.38 -35.17
C VAL P 120 -50.17 52.73 -34.35
N MET P 121 -51.21 53.20 -34.96
CA MET P 121 -52.31 53.61 -34.14
C MET P 121 -53.04 52.47 -33.47
N GLN P 122 -53.25 51.38 -34.19
CA GLN P 122 -54.05 50.31 -33.66
C GLN P 122 -53.38 49.70 -32.47
N LYS P 123 -52.14 49.30 -32.64
CA LYS P 123 -51.53 48.65 -31.48
C LYS P 123 -51.59 49.58 -30.29
N ILE P 124 -51.27 50.84 -30.51
CA ILE P 124 -51.37 51.73 -29.40
C ILE P 124 -52.81 51.87 -28.94
N LYS P 125 -53.76 51.98 -29.86
CA LYS P 125 -55.16 52.18 -29.50
C LYS P 125 -55.60 51.02 -28.68
N GLU P 126 -55.15 49.83 -29.05
CA GLU P 126 -55.60 48.64 -28.36
C GLU P 126 -55.29 48.57 -26.86
N GLY P 127 -54.14 49.07 -26.42
CA GLY P 127 -53.81 48.93 -25.01
C GLY P 127 -53.10 50.04 -24.27
N VAL P 128 -52.93 51.18 -24.89
CA VAL P 128 -52.23 52.32 -24.28
C VAL P 128 -52.55 53.68 -24.86
N PHE P 129 -53.77 54.15 -24.69
CA PHE P 129 -54.09 55.49 -25.16
C PHE P 129 -55.14 56.13 -24.32
N ARG P 130 -55.68 57.24 -24.81
CA ARG P 130 -56.68 57.97 -24.03
C ARG P 130 -57.84 58.47 -24.84
N THR P 131 -58.06 59.77 -24.79
CA THR P 131 -59.21 60.33 -25.45
C THR P 131 -59.02 60.49 -26.92
N ARG P 132 -60.11 60.83 -27.61
CA ARG P 132 -60.05 61.03 -29.05
C ARG P 132 -59.08 62.15 -29.37
N GLU P 133 -59.04 63.18 -28.53
CA GLU P 133 -58.13 64.30 -28.73
C GLU P 133 -56.67 63.89 -28.71
N GLU P 134 -56.30 62.97 -27.85
CA GLU P 134 -54.93 62.49 -27.84
C GLU P 134 -54.50 61.70 -29.07
N MET P 135 -55.12 60.55 -29.30
CA MET P 135 -54.78 59.68 -30.40
C MET P 135 -54.73 60.52 -31.65
N GLU P 136 -55.62 61.49 -31.73
CA GLU P 136 -55.69 62.26 -32.94
C GLU P 136 -54.34 62.92 -33.14
N GLU P 137 -53.81 63.57 -32.11
CA GLU P 137 -52.54 64.26 -32.32
C GLU P 137 -51.49 63.26 -32.68
N TYR P 138 -51.49 62.14 -31.98
CA TYR P 138 -50.37 61.23 -32.14
C TYR P 138 -50.29 60.81 -33.56
N ARG P 139 -51.42 60.49 -34.21
CA ARG P 139 -51.31 59.97 -35.59
C ARG P 139 -50.84 60.91 -36.71
N HIS P 140 -51.36 62.11 -36.79
CA HIS P 140 -50.98 62.93 -37.91
C HIS P 140 -49.48 63.12 -37.93
N SER P 141 -48.88 63.36 -36.78
CA SER P 141 -47.44 63.53 -36.75
C SER P 141 -46.76 62.25 -37.23
N ARG P 142 -47.26 61.12 -36.78
CA ARG P 142 -46.69 59.87 -37.21
C ARG P 142 -46.88 59.79 -38.67
N LEU P 143 -48.01 60.32 -39.14
CA LEU P 143 -48.30 60.17 -40.55
C LEU P 143 -47.17 60.82 -41.32
N GLN P 144 -46.83 62.04 -40.96
CA GLN P 144 -45.83 62.75 -41.75
C GLN P 144 -44.53 61.99 -41.70
N GLU P 145 -44.14 61.51 -40.53
CA GLU P 145 -42.82 60.92 -40.43
C GLU P 145 -42.70 59.75 -41.36
N GLY P 146 -43.74 58.94 -41.36
CA GLY P 146 -43.65 57.68 -42.04
C GLY P 146 -43.40 57.97 -43.49
N ALA P 147 -44.06 59.00 -44.03
CA ALA P 147 -43.95 59.22 -45.45
C ALA P 147 -42.53 59.47 -45.75
N LYS P 148 -41.89 60.32 -44.98
CA LYS P 148 -40.53 60.69 -45.33
C LYS P 148 -39.65 59.46 -45.30
N VAL P 149 -39.74 58.68 -44.23
CA VAL P 149 -38.83 57.54 -44.14
C VAL P 149 -39.05 56.54 -45.25
N TYR P 150 -40.31 56.18 -45.48
CA TYR P 150 -40.59 55.11 -46.40
C TYR P 150 -40.27 55.58 -47.81
N ALA P 151 -40.44 56.88 -47.99
CA ALA P 151 -40.25 57.49 -49.26
C ALA P 151 -38.82 57.32 -49.61
N GLU P 152 -37.95 57.63 -48.66
CA GLU P 152 -36.53 57.49 -48.96
C GLU P 152 -36.27 56.02 -49.23
N GLN P 153 -36.92 55.16 -48.47
CA GLN P 153 -36.67 53.73 -48.55
C GLN P 153 -36.94 53.19 -49.92
N PHE P 154 -37.96 53.68 -50.61
CA PHE P 154 -38.06 53.37 -52.05
C PHE P 154 -37.44 54.50 -52.89
N GLY P 155 -37.22 54.31 -54.18
CA GLY P 155 -36.76 55.46 -54.95
C GLY P 155 -37.28 56.76 -54.35
N ILE P 156 -36.47 57.80 -54.47
CA ILE P 156 -36.77 59.06 -53.80
C ILE P 156 -37.83 59.80 -54.60
N ASP P 157 -39.09 59.49 -54.32
CA ASP P 157 -40.23 60.08 -55.00
C ASP P 157 -40.70 61.40 -54.39
N PRO P 158 -40.90 61.50 -53.07
CA PRO P 158 -41.42 62.75 -52.51
C PRO P 158 -40.41 63.88 -52.67
N GLU P 159 -40.92 65.11 -52.83
CA GLU P 159 -42.36 65.39 -52.72
C GLU P 159 -43.04 65.65 -54.05
N ASP P 160 -43.48 64.57 -54.68
CA ASP P 160 -44.24 64.69 -55.92
C ASP P 160 -45.73 64.54 -55.65
N VAL P 161 -46.53 65.04 -56.59
CA VAL P 161 -47.98 65.09 -56.39
C VAL P 161 -48.59 63.71 -56.52
N ASP P 162 -47.91 62.80 -57.22
CA ASP P 162 -48.45 61.46 -57.39
C ASP P 162 -48.33 60.65 -56.10
N TYR P 163 -47.34 60.95 -55.27
CA TYR P 163 -47.24 60.28 -53.99
C TYR P 163 -48.29 60.78 -53.02
N GLN P 164 -48.80 61.99 -53.24
CA GLN P 164 -49.92 62.47 -52.44
C GLN P 164 -51.14 61.59 -52.65
N ARG P 165 -51.52 61.36 -53.90
CA ARG P 165 -52.72 60.59 -54.21
C ARG P 165 -52.61 59.17 -53.70
N GLY P 166 -51.41 58.60 -53.70
CA GLY P 166 -51.23 57.27 -53.18
C GLY P 166 -51.24 57.24 -51.67
N PHE P 167 -50.43 58.10 -51.06
CA PHE P 167 -50.31 58.11 -49.60
C PHE P 167 -51.61 58.57 -48.94
N ASN P 168 -52.03 59.79 -49.21
CA ASN P 168 -53.37 60.20 -48.83
C ASN P 168 -54.34 59.27 -49.53
N GLY P 169 -55.18 58.61 -48.75
CA GLY P 169 -55.98 57.51 -49.27
C GLY P 169 -57.10 57.96 -50.18
N ASP P 170 -58.19 57.17 -50.22
CA ASP P 170 -58.53 56.02 -49.36
C ASP P 170 -58.43 56.38 -47.88
N ILE P 171 -58.78 57.62 -47.57
CA ILE P 171 -58.57 58.17 -46.24
C ILE P 171 -59.80 58.06 -45.36
N THR P 172 -61.00 58.24 -45.93
CA THR P 172 -62.21 58.09 -45.13
C THR P 172 -62.31 56.70 -44.53
N GLU P 173 -61.93 55.68 -45.30
CA GLU P 173 -62.02 54.31 -44.80
C GLU P 173 -61.07 54.10 -43.63
N ARG P 174 -59.83 54.58 -43.76
CA ARG P 174 -58.87 54.45 -42.67
C ARG P 174 -59.34 55.19 -41.43
N ASN P 175 -59.81 56.43 -41.60
CA ASN P 175 -60.24 57.21 -40.44
C ASN P 175 -61.43 56.54 -39.76
N ILE P 176 -62.38 56.02 -40.55
CA ILE P 176 -63.57 55.45 -39.91
C ILE P 176 -63.20 54.16 -39.19
N SER P 177 -62.26 53.39 -39.76
CA SER P 177 -61.82 52.20 -39.06
C SER P 177 -61.10 52.56 -37.75
N LEU P 178 -60.23 53.56 -37.79
CA LEU P 178 -59.51 53.96 -36.58
C LEU P 178 -60.47 54.44 -35.50
N TYR P 179 -61.39 55.33 -35.86
CA TYR P 179 -62.28 55.87 -34.85
C TYR P 179 -63.26 54.81 -34.35
N GLY P 180 -63.58 53.82 -35.19
CA GLY P 180 -64.37 52.70 -34.71
C GLY P 180 -63.60 51.85 -33.72
N ALA P 181 -62.31 51.64 -33.97
CA ALA P 181 -61.48 50.95 -32.99
C ALA P 181 -61.41 51.73 -31.68
N HIS P 182 -61.37 53.05 -31.78
CA HIS P 182 -61.33 53.85 -30.56
C HIS P 182 -62.66 53.76 -29.82
N ASP P 183 -63.77 53.74 -30.56
CA ASP P 183 -65.07 53.45 -29.95
C ASP P 183 -65.07 52.12 -29.22
N ASN P 184 -64.52 51.08 -29.87
CA ASN P 184 -64.47 49.77 -29.21
C ASN P 184 -63.64 49.84 -27.94
N PHE P 185 -62.50 50.52 -27.97
CA PHE P 185 -61.65 50.57 -26.78
C PHE P 185 -62.32 51.32 -25.65
N LEU P 186 -62.90 52.49 -25.94
CA LEU P 186 -63.53 53.26 -24.88
C LEU P 186 -64.77 52.57 -24.35
N SER P 187 -65.51 51.85 -25.20
CA SER P 187 -66.66 51.09 -24.73
C SER P 187 -66.23 49.94 -23.83
N GLN P 188 -65.16 49.24 -24.21
CA GLN P 188 -64.65 48.20 -23.33
C GLN P 188 -64.16 48.78 -22.02
N GLN P 189 -63.59 49.99 -22.06
CA GLN P 189 -63.13 50.62 -20.83
C GLN P 189 -64.29 50.95 -19.91
N ALA P 190 -65.32 51.58 -20.45
CA ALA P 190 -66.48 51.91 -19.64
C ALA P 190 -67.16 50.65 -19.11
N GLN P 191 -67.17 49.58 -19.90
CA GLN P 191 -67.79 48.34 -19.45
C GLN P 191 -66.98 47.71 -18.31
N LYS P 192 -65.65 47.65 -18.47
CA LYS P 192 -64.80 47.21 -17.39
C LYS P 192 -65.07 48.00 -16.12
N GLY P 193 -65.16 49.33 -16.25
CA GLY P 193 -65.42 50.15 -15.08
C GLY P 193 -66.75 49.83 -14.43
N ALA P 194 -67.80 49.70 -15.24
CA ALA P 194 -69.12 49.43 -14.68
C ALA P 194 -69.16 48.07 -13.98
N ILE P 195 -68.56 47.05 -14.59
CA ILE P 195 -68.59 45.73 -13.98
C ILE P 195 -67.82 45.75 -12.67
N MET P 196 -66.61 46.34 -12.66
CA MET P 196 -65.86 46.50 -11.41
C MET P 196 -66.69 47.21 -10.36
N ASN P 197 -67.36 48.29 -10.73
CA ASN P 197 -68.09 49.08 -9.76
C ASN P 197 -69.22 48.28 -9.15
N SER P 198 -70.07 47.69 -9.98
CA SER P 198 -71.20 46.93 -9.47
C SER P 198 -70.74 45.71 -8.71
N ARG P 199 -69.63 45.09 -9.14
CA ARG P 199 -69.07 43.96 -8.41
C ARG P 199 -68.64 44.38 -7.03
N VAL P 200 -67.96 45.52 -6.91
CA VAL P 200 -67.50 45.99 -5.60
C VAL P 200 -68.70 46.30 -4.71
N GLU P 201 -69.72 46.96 -5.28
CA GLU P 201 -70.91 47.29 -4.49
C GLU P 201 -71.58 46.04 -3.95
N LEU P 202 -71.88 45.09 -4.84
CA LEU P 202 -72.61 43.91 -4.42
C LEU P 202 -71.75 43.00 -3.54
N ASN P 203 -70.44 43.02 -3.74
CA ASN P 203 -69.55 42.28 -2.85
C ASN P 203 -69.61 42.86 -1.45
N GLY P 204 -69.55 44.19 -1.34
CA GLY P 204 -69.66 44.81 -0.03
C GLY P 204 -71.00 44.52 0.64
N VAL P 205 -72.07 44.44 -0.16
CA VAL P 205 -73.39 44.24 0.43
C VAL P 205 -73.60 42.78 0.81
N LEU P 206 -73.02 41.84 0.06
CA LEU P 206 -73.30 40.42 0.31
C LEU P 206 -72.13 39.73 0.99
N GLN P 207 -70.93 39.88 0.43
CA GLN P 207 -69.77 39.16 0.96
C GLN P 207 -69.47 39.56 2.39
N ASP P 208 -69.88 40.76 2.80
CA ASP P 208 -69.75 41.15 4.19
C ASP P 208 -70.47 40.12 5.05
N PRO P 209 -69.97 39.80 6.24
CA PRO P 209 -70.31 38.51 6.87
C PRO P 209 -71.80 38.26 6.97
N ASP P 210 -72.56 39.14 7.62
CA ASP P 210 -73.98 38.88 7.80
C ASP P 210 -74.83 40.13 7.54
N MET P 211 -74.51 40.90 6.50
CA MET P 211 -75.46 41.88 6.01
C MET P 211 -76.73 41.18 5.52
N LEU P 212 -76.60 39.91 5.12
CA LEU P 212 -77.71 39.13 4.59
C LEU P 212 -78.77 38.87 5.65
N ARG P 213 -78.31 38.68 6.87
CA ARG P 213 -79.24 38.41 7.95
C ARG P 213 -80.25 39.53 8.08
N ARG P 214 -79.99 40.64 7.42
CA ARG P 214 -80.89 41.78 7.56
C ARG P 214 -82.23 41.47 6.98
N PRO P 215 -83.27 41.99 7.59
CA PRO P 215 -84.62 41.70 7.14
C PRO P 215 -84.93 42.45 5.87
N ASP P 216 -84.02 43.29 5.37
CA ASP P 216 -84.30 43.99 4.13
C ASP P 216 -83.36 43.57 3.02
N SER P 217 -82.36 42.79 3.34
CA SER P 217 -81.40 42.42 2.34
C SER P 217 -82.04 41.76 1.16
N ALA P 218 -83.08 40.96 1.41
CA ALA P 218 -83.71 40.22 0.32
C ALA P 218 -84.26 41.16 -0.75
N ASP P 219 -85.11 42.11 -0.35
CA ASP P 219 -85.70 43.02 -1.34
C ASP P 219 -84.62 43.88 -1.97
N PHE P 220 -83.60 44.23 -1.20
CA PHE P 220 -82.50 45.05 -1.70
C PHE P 220 -81.86 44.41 -2.92
N PHE P 221 -81.73 43.08 -2.91
CA PHE P 221 -81.03 42.40 -3.99
C PHE P 221 -81.77 42.56 -5.31
N GLU P 222 -83.06 42.19 -5.34
CA GLU P 222 -83.80 42.30 -6.58
C GLU P 222 -83.89 43.76 -7.00
N LYS P 223 -84.05 44.67 -6.03
CA LYS P 223 -84.17 46.08 -6.38
C LYS P 223 -82.89 46.58 -7.03
N TYR P 224 -81.73 46.19 -6.50
CA TYR P 224 -80.48 46.61 -7.10
C TYR P 224 -80.31 45.99 -8.49
N ILE P 225 -80.69 44.72 -8.65
CA ILE P 225 -80.52 44.08 -9.95
C ILE P 225 -81.41 44.75 -10.98
N ASP P 226 -82.66 45.05 -10.62
CA ASP P 226 -83.59 45.69 -11.54
C ASP P 226 -83.12 47.10 -11.87
N ASN P 227 -82.67 47.84 -10.86
CA ASN P 227 -82.22 49.20 -11.12
C ASN P 227 -81.00 49.22 -12.02
N GLY P 228 -80.06 48.31 -11.79
CA GLY P 228 -78.89 48.22 -12.65
C GLY P 228 -79.25 47.79 -14.06
N LEU P 229 -80.26 46.94 -14.20
CA LEU P 229 -80.69 46.55 -15.54
C LEU P 229 -81.35 47.72 -16.27
N VAL P 230 -82.09 48.54 -15.53
CA VAL P 230 -82.86 49.60 -16.19
C VAL P 230 -81.97 50.81 -16.46
N THR P 231 -80.91 50.99 -15.68
CA THR P 231 -80.10 52.20 -15.78
C THR P 231 -79.58 52.48 -17.19
N GLY P 232 -79.03 51.48 -17.90
CA GLY P 232 -78.78 50.12 -17.47
C GLY P 232 -77.32 49.82 -17.22
N ALA P 233 -76.90 49.67 -15.98
CA ALA P 233 -75.53 49.33 -15.66
C ALA P 233 -75.48 47.85 -15.82
N ILE P 234 -74.52 47.19 -15.19
CA ILE P 234 -74.36 45.76 -15.45
C ILE P 234 -74.47 45.68 -16.95
N PRO P 235 -73.63 46.46 -17.66
CA PRO P 235 -73.88 46.48 -19.10
C PRO P 235 -73.87 45.12 -19.66
N SER P 236 -74.92 44.91 -20.46
CA SER P 236 -75.11 43.74 -21.28
C SER P 236 -75.68 42.55 -20.55
N ASP P 237 -76.91 42.20 -20.86
CA ASP P 237 -77.56 41.00 -20.32
C ASP P 237 -76.62 39.83 -20.04
N ALA P 238 -75.62 39.63 -20.88
CA ALA P 238 -74.70 38.51 -20.69
C ALA P 238 -73.97 38.62 -19.39
N GLN P 239 -73.49 39.81 -19.08
CA GLN P 239 -72.78 40.00 -17.84
C GLN P 239 -73.71 39.74 -16.66
N ALA P 240 -74.95 40.17 -16.77
CA ALA P 240 -75.91 39.99 -15.69
C ALA P 240 -75.91 38.60 -15.11
N THR P 241 -76.33 37.64 -15.91
CA THR P 241 -76.44 36.28 -15.39
C THR P 241 -75.14 35.83 -14.74
N GLN P 242 -74.00 36.17 -15.36
CA GLN P 242 -72.71 35.81 -14.78
C GLN P 242 -72.57 36.38 -13.37
N LEU P 243 -72.86 37.67 -13.21
CA LEU P 243 -72.65 38.32 -11.92
C LEU P 243 -73.63 37.81 -10.87
N ILE P 244 -74.87 37.53 -11.26
CA ILE P 244 -75.86 37.10 -10.28
C ILE P 244 -75.59 35.66 -9.85
N SER P 245 -75.12 34.82 -10.78
CA SER P 245 -74.78 33.44 -10.39
C SER P 245 -73.47 33.37 -9.64
N GLN P 246 -72.59 34.37 -9.84
CA GLN P 246 -71.41 34.50 -9.00
C GLN P 246 -71.78 34.98 -7.61
N ALA P 247 -72.76 35.88 -7.53
CA ALA P 247 -73.18 36.41 -6.26
C ALA P 247 -73.87 35.35 -5.42
N PHE P 248 -74.71 34.55 -6.01
CA PHE P 248 -75.41 33.60 -5.18
C PHE P 248 -74.39 32.73 -4.47
N SER P 249 -73.26 32.44 -5.09
CA SER P 249 -72.30 31.51 -4.50
C SER P 249 -71.60 32.00 -3.27
N ASP P 250 -71.20 33.26 -3.31
CA ASP P 250 -70.56 33.84 -2.17
C ASP P 250 -71.61 33.83 -1.09
N ALA P 251 -72.83 34.16 -1.42
CA ALA P 251 -73.83 34.24 -0.40
C ALA P 251 -74.02 32.87 0.19
N SER P 252 -73.99 31.84 -0.64
CA SER P 252 -74.10 30.47 -0.15
C SER P 252 -72.99 30.07 0.80
N SER P 253 -71.73 30.40 0.52
CA SER P 253 -70.72 29.95 1.49
C SER P 253 -70.60 30.93 2.63
N ARG P 254 -71.61 31.77 2.85
CA ARG P 254 -71.47 32.83 3.87
C ARG P 254 -72.38 32.89 5.08
N ALA P 255 -72.48 31.84 5.87
CA ALA P 255 -73.22 31.90 7.16
C ALA P 255 -74.72 32.09 7.20
N GLY P 256 -75.20 33.23 6.73
CA GLY P 256 -76.62 33.50 6.81
C GLY P 256 -77.22 33.29 5.46
N GLY P 257 -76.44 32.71 4.58
CA GLY P 257 -76.91 32.58 3.23
C GLY P 257 -78.15 31.76 3.07
N ALA P 258 -78.24 30.69 3.81
CA ALA P 258 -79.43 29.89 3.74
C ALA P 258 -80.59 30.82 3.76
N ASP P 259 -80.55 31.77 4.67
CA ASP P 259 -81.70 32.63 4.85
C ASP P 259 -81.72 33.55 3.69
N PHE P 260 -80.57 34.13 3.38
CA PHE P 260 -80.71 35.08 2.25
C PHE P 260 -81.23 34.45 0.97
N LEU P 261 -80.70 33.29 0.60
CA LEU P 261 -81.12 32.64 -0.63
C LEU P 261 -82.57 32.21 -0.61
N MET P 262 -83.01 31.68 0.51
CA MET P 262 -84.39 31.24 0.63
C MET P 262 -85.34 32.42 0.52
N ARG P 263 -84.89 33.60 0.92
CA ARG P 263 -85.77 34.75 0.70
C ARG P 263 -85.88 35.20 -0.76
N VAL P 264 -84.79 35.48 -1.45
CA VAL P 264 -84.73 35.93 -2.84
C VAL P 264 -85.40 34.91 -3.75
N GLY P 265 -85.45 33.66 -3.31
CA GLY P 265 -86.36 32.71 -3.92
C GLY P 265 -87.69 32.76 -3.20
N ASP P 266 -88.72 33.26 -3.87
CA ASP P 266 -88.60 33.60 -5.27
C ASP P 266 -88.86 35.08 -5.48
N LYS P 267 -88.13 35.69 -6.41
CA LYS P 267 -88.32 37.10 -6.71
C LYS P 267 -88.34 37.28 -8.22
N LYS P 268 -89.01 38.34 -8.66
CA LYS P 268 -89.24 38.58 -10.07
C LYS P 268 -88.09 39.43 -10.62
N VAL P 269 -87.42 38.93 -11.66
CA VAL P 269 -86.30 39.62 -12.27
C VAL P 269 -86.34 39.40 -13.78
N THR P 270 -86.10 40.45 -14.54
CA THR P 270 -86.18 40.43 -16.00
C THR P 270 -84.93 39.78 -16.59
N LEU P 271 -85.02 39.52 -17.89
CA LEU P 271 -83.89 39.06 -18.68
C LEU P 271 -84.25 39.18 -20.15
N ASN P 272 -83.36 38.67 -21.00
CA ASN P 272 -83.58 38.75 -22.45
C ASN P 272 -84.81 37.96 -22.86
N GLY P 273 -84.83 36.66 -22.55
CA GLY P 273 -85.88 35.80 -23.06
C GLY P 273 -87.23 36.08 -22.43
N ALA P 274 -87.28 36.13 -21.10
CA ALA P 274 -88.55 36.28 -20.41
C ALA P 274 -88.32 36.71 -18.97
N THR P 275 -89.32 37.37 -18.40
CA THR P 275 -89.34 37.69 -16.98
C THR P 275 -89.62 36.41 -16.21
N THR P 276 -88.86 36.17 -15.21
CA THR P 276 -88.80 34.84 -14.62
C THR P 276 -88.24 34.92 -13.21
N THR P 277 -88.76 34.06 -12.33
CA THR P 277 -88.34 34.03 -10.93
C THR P 277 -86.88 33.63 -10.79
N TYR P 278 -86.30 33.92 -9.63
CA TYR P 278 -84.92 33.51 -9.36
C TYR P 278 -84.78 31.99 -9.37
N ARG P 279 -85.73 31.28 -8.78
CA ARG P 279 -85.48 29.88 -8.59
C ARG P 279 -85.39 29.47 -10.02
N GLU P 280 -86.21 30.10 -10.84
CA GLU P 280 -86.47 29.53 -12.13
C GLU P 280 -85.22 29.56 -12.97
N LEU P 281 -84.44 30.62 -12.87
CA LEU P 281 -83.29 30.79 -13.75
C LEU P 281 -82.32 29.68 -13.46
N ILE P 282 -82.34 29.26 -12.21
CA ILE P 282 -81.35 28.45 -11.59
C ILE P 282 -81.96 27.01 -11.44
N GLY P 283 -81.68 26.07 -12.37
CA GLY P 283 -82.26 24.75 -12.47
C GLY P 283 -82.37 24.01 -11.14
N GLU P 284 -83.13 22.93 -11.19
CA GLU P 284 -83.47 22.18 -9.98
C GLU P 284 -82.23 21.64 -9.29
N GLU P 285 -81.19 21.48 -10.05
CA GLU P 285 -79.96 21.26 -9.42
C GLU P 285 -79.33 22.53 -8.95
N GLN P 286 -79.14 23.56 -9.75
CA GLN P 286 -78.27 24.58 -9.17
C GLN P 286 -78.86 25.16 -7.89
N TRP P 287 -80.15 25.45 -7.86
CA TRP P 287 -80.74 26.03 -6.67
C TRP P 287 -80.73 25.12 -5.46
N ASN P 288 -81.02 23.85 -5.68
CA ASN P 288 -80.96 22.93 -4.57
C ASN P 288 -79.55 22.82 -4.04
N ALA P 289 -78.56 22.83 -4.92
CA ALA P 289 -77.19 22.78 -4.48
C ALA P 289 -76.88 23.99 -3.67
N LEU P 290 -77.35 25.14 -4.12
CA LEU P 290 -77.06 26.38 -3.41
C LEU P 290 -77.67 26.32 -2.04
N MET P 291 -78.86 25.76 -1.90
CA MET P 291 -79.32 25.51 -0.56
C MET P 291 -78.36 24.69 0.31
N VAL P 292 -78.27 23.38 0.08
CA VAL P 292 -77.57 22.46 0.92
C VAL P 292 -76.23 23.04 1.17
N THR P 293 -75.55 23.51 0.14
CA THR P 293 -74.19 23.92 0.46
C THR P 293 -74.18 25.14 1.36
N ALA P 294 -75.18 26.02 1.23
CA ALA P 294 -75.26 27.14 2.16
C ALA P 294 -75.65 26.67 3.55
N GLN P 295 -76.56 25.69 3.63
CA GLN P 295 -76.92 25.14 4.94
C GLN P 295 -75.70 24.51 5.60
N ARG P 296 -74.90 23.80 4.80
CA ARG P 296 -73.69 23.17 5.29
C ARG P 296 -72.67 24.20 5.75
N SER P 297 -72.52 25.29 4.99
CA SER P 297 -71.56 26.32 5.38
C SER P 297 -72.01 27.01 6.67
N GLN P 298 -73.32 27.21 6.84
CA GLN P 298 -73.81 27.75 8.10
C GLN P 298 -73.48 26.81 9.24
N PHE P 299 -73.72 25.52 9.06
CA PHE P 299 -73.37 24.55 10.11
C PHE P 299 -71.89 24.61 10.43
N GLU P 300 -71.05 24.67 9.39
CA GLU P 300 -69.60 24.76 9.59
C GLU P 300 -69.24 25.96 10.44
N THR P 301 -69.72 27.15 10.06
CA THR P 301 -69.30 28.35 10.76
C THR P 301 -69.86 28.40 12.17
N ASP P 302 -71.05 27.84 12.36
CA ASP P 302 -71.62 27.82 13.70
C ASP P 302 -70.82 26.89 14.61
N ALA P 303 -70.43 25.72 14.11
CA ALA P 303 -69.57 24.85 14.90
C ALA P 303 -68.21 25.51 15.14
N LYS P 304 -67.73 26.28 14.17
CA LYS P 304 -66.48 27.00 14.35
C LYS P 304 -66.58 28.00 15.50
N LEU P 305 -67.69 28.73 15.57
CA LEU P 305 -67.90 29.65 16.68
C LEU P 305 -67.98 28.90 18.00
N ASN P 306 -68.75 27.80 18.02
CA ASN P 306 -68.82 26.98 19.23
C ASN P 306 -67.42 26.56 19.69
N GLU P 307 -66.58 26.12 18.76
CA GLU P 307 -65.28 25.60 19.13
C GLU P 307 -64.33 26.71 19.55
N GLN P 308 -64.47 27.91 18.98
CA GLN P 308 -63.69 29.03 19.48
C GLN P 308 -64.06 29.36 20.91
N TYR P 309 -65.37 29.39 21.19
CA TYR P 309 -65.81 29.65 22.57
C TYR P 309 -65.29 28.58 23.52
N ARG P 310 -65.42 27.31 23.12
CA ARG P 310 -65.00 26.21 23.98
C ARG P 310 -63.49 26.21 24.15
N LEU P 311 -62.75 26.69 23.14
CA LEU P 311 -61.32 26.88 23.29
C LEU P 311 -61.00 27.92 24.34
N LYS P 312 -61.69 29.06 24.29
CA LYS P 312 -61.47 30.07 25.32
C LYS P 312 -61.74 29.52 26.70
N ILE P 313 -62.84 28.77 26.85
CA ILE P 313 -63.20 28.27 28.17
C ILE P 313 -62.22 27.19 28.63
N ASN P 314 -61.84 26.28 27.75
CA ASN P 314 -60.87 25.26 28.13
C ASN P 314 -59.54 25.88 28.50
N SER P 315 -59.12 26.93 27.81
CA SER P 315 -57.91 27.63 28.22
C SER P 315 -58.07 28.23 29.61
N ALA P 316 -59.22 28.87 29.86
CA ALA P 316 -59.46 29.41 31.20
C ALA P 316 -59.37 28.32 32.25
N LEU P 317 -59.75 27.10 31.88
CA LEU P 317 -59.68 25.99 32.83
C LEU P 317 -58.26 25.50 33.04
N ASN P 318 -57.46 25.46 31.98
CA ASN P 318 -56.19 24.75 32.03
C ASN P 318 -55.04 25.63 32.47
N GLN P 319 -55.31 26.71 33.21
CA GLN P 319 -54.24 27.57 33.68
C GLN P 319 -53.36 26.83 34.69
N GLU P 320 -52.16 27.38 34.90
CA GLU P 320 -51.26 26.79 35.88
C GLU P 320 -51.80 26.96 37.29
N ASP P 321 -52.04 28.19 37.72
CA ASP P 321 -52.55 28.42 39.06
C ASP P 321 -54.04 28.75 38.94
N PRO P 322 -54.87 28.09 39.75
CA PRO P 322 -56.32 28.27 39.59
C PRO P 322 -56.80 29.68 39.89
N ARG P 323 -55.98 30.52 40.52
CA ARG P 323 -56.37 31.91 40.72
C ARG P 323 -56.61 32.60 39.39
N THR P 324 -55.58 32.67 38.55
CA THR P 324 -55.70 33.25 37.23
C THR P 324 -56.80 32.56 36.43
N ALA P 325 -56.96 31.25 36.60
CA ALA P 325 -58.09 30.58 35.99
C ALA P 325 -59.40 31.25 36.37
N TRP P 326 -59.64 31.45 37.66
CA TRP P 326 -60.92 31.98 38.09
C TRP P 326 -61.12 33.41 37.64
N GLU P 327 -60.08 34.24 37.73
CA GLU P 327 -60.30 35.63 37.35
C GLU P 327 -60.49 35.77 35.84
N MET P 328 -59.75 34.99 35.05
CA MET P 328 -59.94 35.03 33.60
C MET P 328 -61.32 34.53 33.22
N LEU P 329 -61.79 33.48 33.90
CA LEU P 329 -63.13 32.99 33.64
C LEU P 329 -64.18 34.02 34.03
N GLN P 330 -63.98 34.72 35.14
CA GLN P 330 -64.92 35.75 35.55
C GLN P 330 -64.95 36.89 34.56
N GLY P 331 -63.78 37.27 34.03
CA GLY P 331 -63.75 38.28 32.98
C GLY P 331 -64.45 37.85 31.72
N ILE P 332 -64.28 36.58 31.34
CA ILE P 332 -64.97 36.06 30.16
C ILE P 332 -66.48 36.08 30.37
N LYS P 333 -66.93 35.77 31.59
CA LYS P 333 -68.35 35.90 31.90
C LYS P 333 -68.82 37.35 31.80
N ALA P 334 -68.08 38.26 32.42
CA ALA P 334 -68.48 39.66 32.40
C ALA P 334 -68.53 40.19 30.97
N GLU P 335 -67.71 39.61 30.09
CA GLU P 335 -67.75 39.98 28.68
C GLU P 335 -68.90 39.30 27.96
N LEU P 336 -69.15 38.04 28.27
CA LEU P 336 -70.21 37.32 27.58
C LEU P 336 -71.46 38.06 27.92
N ASP P 337 -71.44 38.76 29.03
CA ASP P 337 -72.65 39.42 29.46
C ASP P 337 -73.07 40.43 28.41
N LYS P 338 -72.10 41.08 27.79
CA LYS P 338 -72.41 42.06 26.78
C LYS P 338 -73.14 41.41 25.65
N VAL P 339 -72.45 40.53 24.93
CA VAL P 339 -73.05 39.93 23.75
C VAL P 339 -74.27 39.07 24.07
N GLN P 340 -74.20 38.28 25.13
CA GLN P 340 -75.40 37.55 25.53
C GLN P 340 -75.86 38.27 26.77
N PRO P 341 -76.85 39.15 26.61
CA PRO P 341 -77.24 39.97 27.75
C PRO P 341 -78.37 39.40 28.56
N ASP P 342 -78.90 38.26 28.18
CA ASP P 342 -79.92 37.71 29.03
C ASP P 342 -79.32 36.60 29.81
N GLU P 343 -79.32 36.75 31.12
CA GLU P 343 -78.86 35.66 31.95
C GLU P 343 -79.97 34.64 31.77
N GLN P 344 -79.62 33.37 31.56
CA GLN P 344 -80.60 32.34 31.27
C GLN P 344 -79.87 31.02 31.20
N MET P 345 -80.25 30.16 30.25
CA MET P 345 -79.55 28.91 30.06
C MET P 345 -79.04 28.82 28.63
N THR P 346 -78.34 29.85 28.19
CA THR P 346 -77.76 29.82 26.85
C THR P 346 -76.78 28.68 26.85
N PRO P 347 -76.75 27.91 25.76
CA PRO P 347 -75.86 26.75 25.82
C PRO P 347 -74.47 27.17 26.20
N GLN P 348 -74.05 28.35 25.77
CA GLN P 348 -72.74 28.83 26.11
C GLN P 348 -72.63 29.10 27.60
N ARG P 349 -73.69 29.61 28.22
CA ARG P 349 -73.73 29.81 29.67
C ARG P 349 -73.65 28.49 30.47
N GLU P 350 -74.30 27.45 29.97
CA GLU P 350 -74.13 26.15 30.59
C GLU P 350 -72.68 25.78 30.53
N TRP P 351 -72.06 25.97 29.38
CA TRP P 351 -70.67 25.56 29.31
C TRP P 351 -69.88 26.35 30.33
N LEU P 352 -70.18 27.64 30.42
CA LEU P 352 -69.47 28.59 31.26
C LEU P 352 -69.56 28.25 32.74
N ILE P 353 -70.70 27.72 33.19
CA ILE P 353 -70.83 27.51 34.62
C ILE P 353 -70.46 26.13 35.22
N SER P 354 -70.51 25.04 34.47
CA SER P 354 -69.64 23.89 34.71
C SER P 354 -68.19 24.33 34.80
N ALA P 355 -67.81 25.39 34.07
CA ALA P 355 -66.47 25.92 34.19
C ALA P 355 -66.26 26.53 35.58
N GLN P 356 -67.28 27.17 36.13
CA GLN P 356 -67.17 27.75 37.46
C GLN P 356 -67.04 26.66 38.52
N GLU P 357 -67.88 25.61 38.44
CA GLU P 357 -67.71 24.49 39.36
C GLU P 357 -66.35 23.82 39.18
N GLN P 358 -65.89 23.75 37.93
CA GLN P 358 -64.59 23.16 37.62
C GLN P 358 -63.47 23.94 38.30
N VAL P 359 -63.48 25.27 38.17
CA VAL P 359 -62.42 26.07 38.77
C VAL P 359 -62.55 26.08 40.27
N GLN P 360 -63.77 25.92 40.80
CA GLN P 360 -63.92 25.75 42.24
C GLN P 360 -63.23 24.49 42.72
N ASN P 361 -63.43 23.38 42.00
CA ASN P 361 -62.77 22.13 42.38
C ASN P 361 -61.25 22.26 42.25
N GLN P 362 -60.80 22.95 41.20
CA GLN P 362 -59.37 23.15 41.02
C GLN P 362 -58.78 24.01 42.14
N MET P 363 -59.56 24.98 42.63
CA MET P 363 -59.11 25.78 43.75
C MET P 363 -59.07 24.97 45.04
N ASN P 364 -60.02 24.06 45.19
CA ASN P 364 -59.94 23.10 46.30
C ASN P 364 -58.62 22.35 46.27
N ALA P 365 -58.30 21.77 45.12
CA ALA P 365 -57.03 21.05 44.96
C ALA P 365 -55.84 21.96 45.22
N TRP P 366 -55.90 23.21 44.78
CA TRP P 366 -54.76 24.11 44.96
C TRP P 366 -54.56 24.46 46.43
N THR P 367 -55.65 24.66 47.17
CA THR P 367 -55.53 24.88 48.61
C THR P 367 -54.87 23.69 49.27
N LYS P 368 -55.35 22.48 48.96
CA LYS P 368 -54.76 21.30 49.56
C LYS P 368 -53.28 21.18 49.23
N ALA P 369 -52.91 21.50 47.99
CA ALA P 369 -51.52 21.36 47.57
C ALA P 369 -50.62 22.37 48.26
N GLN P 370 -51.08 23.62 48.37
CA GLN P 370 -50.28 24.62 49.07
C GLN P 370 -50.14 24.28 50.55
N ALA P 371 -51.18 23.67 51.13
CA ALA P 371 -51.07 23.26 52.53
C ALA P 371 -50.05 22.14 52.69
N LYS P 372 -50.06 21.17 51.77
CA LYS P 372 -49.04 20.14 51.82
C LYS P 372 -47.65 20.71 51.65
N ALA P 373 -47.53 21.74 50.81
CA ALA P 373 -46.23 22.39 50.64
C ALA P 373 -45.80 23.06 51.94
N LEU P 374 -46.73 23.68 52.67
CA LEU P 374 -46.40 24.22 53.97
C LEU P 374 -45.87 23.14 54.91
N ASP P 375 -46.58 22.02 55.00
CA ASP P 375 -46.14 20.94 55.87
C ASP P 375 -44.75 20.45 55.48
N ASP P 376 -44.52 20.27 54.18
CA ASP P 376 -43.21 19.84 53.71
C ASP P 376 -42.14 20.86 54.02
N SER P 377 -42.45 22.14 53.92
CA SER P 377 -41.44 23.15 54.22
C SER P 377 -41.01 23.07 55.68
N MET P 378 -41.97 22.99 56.61
CA MET P 378 -41.57 22.85 58.01
C MET P 378 -40.84 21.54 58.27
N LYS P 379 -41.36 20.43 57.75
CA LYS P 379 -40.70 19.15 57.98
C LYS P 379 -39.27 19.17 57.43
N SER P 380 -39.08 19.74 56.24
CA SER P 380 -37.76 19.78 55.63
C SER P 380 -36.81 20.66 56.44
N MET P 381 -37.27 21.83 56.87
CA MET P 381 -36.39 22.69 57.64
C MET P 381 -35.95 22.01 58.93
N ASN P 382 -36.91 21.42 59.65
CA ASN P 382 -36.57 20.81 60.93
C ASN P 382 -35.63 19.63 60.74
N LYS P 383 -35.99 18.69 59.87
CA LYS P 383 -35.13 17.52 59.66
C LYS P 383 -33.82 17.92 59.04
N LEU P 384 -33.79 19.04 58.32
CA LEU P 384 -32.56 19.50 57.71
C LEU P 384 -31.59 19.98 58.77
N ASP P 385 -32.07 20.78 59.72
CA ASP P 385 -31.16 21.20 60.78
C ASP P 385 -30.74 20.04 61.66
N VAL P 386 -31.64 19.08 61.88
CA VAL P 386 -31.26 17.89 62.64
C VAL P 386 -30.15 17.13 61.92
N ILE P 387 -30.32 16.91 60.61
CA ILE P 387 -29.29 16.25 59.80
C ILE P 387 -27.97 17.02 59.90
N ASP P 388 -28.03 18.35 59.75
CA ASP P 388 -26.79 19.12 59.76
C ASP P 388 -26.08 19.05 61.09
N LYS P 389 -26.82 19.04 62.20
CA LYS P 389 -26.17 18.97 63.51
C LYS P 389 -25.54 17.60 63.70
N GLN P 390 -26.30 16.54 63.42
CA GLN P 390 -25.78 15.19 63.55
C GLN P 390 -24.64 14.94 62.55
N PHE P 391 -24.54 15.77 61.52
CA PHE P 391 -23.45 15.65 60.56
C PHE P 391 -22.21 16.39 61.03
N GLN P 392 -22.39 17.59 61.59
CA GLN P 392 -21.28 18.28 62.24
C GLN P 392 -20.66 17.42 63.32
N LYS P 393 -21.48 16.62 64.00
CA LYS P 393 -20.97 15.65 64.94
C LYS P 393 -19.98 14.70 64.27
N ARG P 394 -20.33 14.18 63.10
CA ARG P 394 -19.45 13.27 62.38
C ARG P 394 -18.18 13.98 61.92
N ILE P 395 -18.32 15.23 61.48
CA ILE P 395 -17.15 15.98 61.03
C ILE P 395 -16.17 16.19 62.16
N ASN P 396 -16.67 16.64 63.31
CA ASN P 396 -15.78 16.88 64.44
C ASN P 396 -15.39 15.59 65.13
N GLY P 397 -16.38 14.82 65.55
CA GLY P 397 -16.17 13.54 66.22
C GLY P 397 -16.03 12.40 65.24
N GLU P 398 -16.52 11.24 65.65
CA GLU P 398 -16.38 10.01 64.87
C GLU P 398 -17.59 9.13 65.10
N TRP P 399 -17.76 8.17 64.19
CA TRP P 399 -18.57 6.99 64.41
C TRP P 399 -20.02 7.37 64.67
N VAL P 400 -20.62 8.09 63.71
CA VAL P 400 -21.93 8.69 63.92
C VAL P 400 -23.00 8.06 63.02
N SER P 401 -22.61 7.30 62.00
CA SER P 401 -23.56 6.56 61.19
C SER P 401 -24.59 7.47 60.55
N THR P 402 -24.15 8.32 59.63
CA THR P 402 -25.01 9.24 58.89
C THR P 402 -25.68 8.59 57.69
N ASP P 403 -25.80 7.25 57.67
CA ASP P 403 -26.16 6.58 56.41
C ASP P 403 -27.54 6.99 55.92
N PHE P 404 -28.59 6.51 56.58
CA PHE P 404 -29.94 6.95 56.30
C PHE P 404 -30.69 7.18 57.61
N LYS P 405 -30.39 6.32 58.57
CA LYS P 405 -31.14 6.22 59.81
C LYS P 405 -30.58 7.21 60.82
N ASP P 406 -31.35 8.26 61.11
CA ASP P 406 -30.86 9.40 61.89
C ASP P 406 -31.61 9.61 63.19
N MET P 407 -31.30 10.71 63.86
CA MET P 407 -31.99 11.15 65.06
C MET P 407 -33.47 11.28 64.74
N PRO P 408 -34.30 10.37 65.23
CA PRO P 408 -35.66 10.22 64.70
C PRO P 408 -36.58 11.36 65.11
N VAL P 409 -37.87 11.19 64.79
CA VAL P 409 -38.88 12.20 65.07
C VAL P 409 -38.88 12.51 66.56
N ASN P 410 -38.53 13.75 66.90
CA ASN P 410 -38.73 14.19 68.28
C ASN P 410 -40.21 14.17 68.63
N GLU P 411 -40.99 15.08 68.04
CA GLU P 411 -42.43 14.89 67.95
C GLU P 411 -42.85 15.23 66.52
N ASN P 412 -42.06 16.08 65.85
CA ASN P 412 -42.61 16.83 64.73
C ASN P 412 -41.66 17.01 63.55
N THR P 413 -40.67 16.15 63.35
CA THR P 413 -39.75 16.44 62.26
C THR P 413 -40.10 15.69 60.97
N GLY P 414 -40.36 14.39 61.04
CA GLY P 414 -40.74 13.66 59.85
C GLY P 414 -39.98 12.36 59.73
N GLU P 415 -40.47 11.50 58.82
CA GLU P 415 -39.93 10.15 58.72
C GLU P 415 -38.57 10.10 58.04
N PHE P 416 -37.98 11.26 57.74
CA PHE P 416 -36.67 11.28 57.07
C PHE P 416 -36.67 10.53 55.76
N LYS P 417 -37.36 11.07 54.75
CA LYS P 417 -37.27 10.57 53.39
C LYS P 417 -35.80 10.48 53.00
N HIS P 418 -35.50 9.70 51.97
CA HIS P 418 -34.15 9.76 51.44
C HIS P 418 -33.87 11.11 50.80
N SER P 419 -34.93 11.87 50.51
CA SER P 419 -34.76 13.12 49.77
C SER P 419 -33.95 14.14 50.55
N ASP P 420 -33.96 14.06 51.89
CA ASP P 420 -33.35 15.17 52.63
C ASP P 420 -31.85 15.20 52.44
N MET P 421 -31.19 14.05 52.57
CA MET P 421 -29.72 14.04 52.56
C MET P 421 -29.18 14.56 51.24
N VAL P 422 -29.80 14.20 50.12
CA VAL P 422 -29.44 14.83 48.85
C VAL P 422 -29.74 16.32 48.90
N ASN P 423 -30.95 16.67 49.31
CA ASN P 423 -31.30 18.08 49.49
C ASN P 423 -30.37 18.74 50.50
N TYR P 424 -29.99 18.02 51.56
CA TYR P 424 -29.11 18.60 52.56
C TYR P 424 -27.76 18.94 51.94
N ALA P 425 -27.16 17.98 51.24
CA ALA P 425 -25.87 18.22 50.61
C ALA P 425 -25.95 19.38 49.63
N ASN P 426 -26.98 19.40 48.79
CA ASN P 426 -27.08 20.45 47.79
C ASN P 426 -27.24 21.81 48.44
N LYS P 427 -28.19 21.94 49.37
CA LYS P 427 -28.44 23.23 49.99
C LYS P 427 -27.23 23.69 50.80
N LYS P 428 -26.56 22.76 51.49
CA LYS P 428 -25.42 23.14 52.32
C LYS P 428 -24.24 23.53 51.46
N LEU P 429 -24.06 22.87 50.32
CA LEU P 429 -22.96 23.25 49.43
C LEU P 429 -23.19 24.64 48.86
N ALA P 430 -24.41 24.93 48.40
CA ALA P 430 -24.71 26.28 47.96
C ALA P 430 -24.57 27.30 49.10
N GLU P 431 -25.02 26.92 50.30
CA GLU P 431 -24.87 27.76 51.47
C GLU P 431 -23.41 28.13 51.70
N ILE P 432 -22.51 27.14 51.66
CA ILE P 432 -21.08 27.42 51.75
C ILE P 432 -20.65 28.35 50.64
N ASP P 433 -21.17 28.16 49.43
CA ASP P 433 -20.81 29.06 48.34
C ASP P 433 -21.23 30.49 48.66
N SER P 434 -22.30 30.65 49.44
CA SER P 434 -22.82 32.00 49.68
C SER P 434 -22.20 32.63 50.91
N MET P 435 -21.34 31.91 51.63
CA MET P 435 -20.73 32.46 52.83
C MET P 435 -19.78 33.60 52.47
N ASP P 436 -19.35 34.32 53.51
CA ASP P 436 -18.63 35.58 53.32
C ASP P 436 -17.12 35.39 53.32
N ILE P 437 -16.65 34.22 53.75
CA ILE P 437 -15.24 33.91 53.96
C ILE P 437 -14.44 33.95 52.66
N PRO P 438 -13.12 34.05 52.71
CA PRO P 438 -12.31 33.95 51.49
C PRO P 438 -12.27 32.54 50.95
N ASP P 439 -11.74 32.41 49.73
CA ASP P 439 -11.81 31.15 49.00
C ASP P 439 -11.14 30.01 49.75
N GLY P 440 -10.05 30.28 50.45
CA GLY P 440 -9.35 29.22 51.15
C GLY P 440 -10.24 28.51 52.16
N ALA P 441 -10.92 29.27 53.01
CA ALA P 441 -11.80 28.66 53.99
C ALA P 441 -12.96 27.94 53.29
N LYS P 442 -13.47 28.51 52.21
CA LYS P 442 -14.57 27.87 51.48
C LYS P 442 -14.15 26.48 51.00
N ASP P 443 -12.98 26.39 50.39
CA ASP P 443 -12.58 25.10 49.81
C ASP P 443 -12.13 24.12 50.87
N ALA P 444 -11.44 24.60 51.92
CA ALA P 444 -11.17 23.73 53.05
C ALA P 444 -12.47 23.19 53.64
N MET P 445 -13.54 23.98 53.58
CA MET P 445 -14.80 23.54 54.17
C MET P 445 -15.51 22.55 53.26
N LYS P 446 -15.47 22.79 51.96
CA LYS P 446 -16.00 21.81 51.02
C LYS P 446 -15.29 20.46 51.19
N LEU P 447 -13.98 20.49 51.45
CA LEU P 447 -13.25 19.24 51.62
C LEU P 447 -13.54 18.62 52.98
N LYS P 448 -13.61 19.41 54.04
CA LYS P 448 -13.91 18.87 55.36
C LYS P 448 -15.36 18.42 55.46
N TYR P 449 -16.16 18.73 54.44
CA TYR P 449 -17.46 18.08 54.32
C TYR P 449 -17.38 16.85 53.42
N LEU P 450 -16.55 16.89 52.39
CA LEU P 450 -16.41 15.75 51.49
C LEU P 450 -15.98 14.50 52.26
N GLN P 451 -15.35 14.70 53.40
CA GLN P 451 -15.20 13.66 54.41
C GLN P 451 -15.96 14.08 55.66
N ALA P 452 -16.76 13.17 56.20
CA ALA P 452 -16.92 11.84 55.65
C ALA P 452 -18.34 11.37 55.78
N ASP P 453 -18.92 10.93 54.67
CA ASP P 453 -20.13 10.13 54.70
C ASP P 453 -19.79 8.79 54.08
N SER P 454 -20.62 7.80 54.37
CA SER P 454 -20.30 6.42 54.03
C SER P 454 -20.55 6.09 52.56
N LYS P 455 -19.94 6.86 51.65
CA LYS P 455 -20.06 6.61 50.20
C LYS P 455 -21.53 6.46 49.79
N ASP P 456 -22.37 7.30 50.38
CA ASP P 456 -23.82 7.17 50.15
C ASP P 456 -24.17 7.21 48.67
N GLY P 457 -23.71 8.21 47.92
CA GLY P 457 -23.04 9.41 48.40
C GLY P 457 -23.97 10.60 48.30
N ALA P 458 -23.97 11.45 49.32
CA ALA P 458 -24.71 12.71 49.21
C ALA P 458 -23.76 13.82 48.76
N PHE P 459 -22.78 14.14 49.60
CA PHE P 459 -21.77 15.11 49.23
C PHE P 459 -20.85 14.54 48.16
N ARG P 460 -20.52 13.25 48.27
CA ARG P 460 -19.64 12.65 47.31
C ARG P 460 -20.28 12.69 45.92
N THR P 461 -21.59 12.45 45.85
CA THR P 461 -22.27 12.51 44.57
C THR P 461 -22.47 13.94 44.10
N ALA P 462 -22.64 14.89 45.02
CA ALA P 462 -22.74 16.28 44.59
C ALA P 462 -21.43 16.74 43.93
N ILE P 463 -20.31 16.58 44.64
CA ILE P 463 -19.03 16.93 44.05
C ILE P 463 -18.77 16.09 42.81
N GLY P 464 -19.30 14.86 42.79
CA GLY P 464 -19.09 14.01 41.64
C GLY P 464 -19.79 14.52 40.39
N THR P 465 -21.05 14.93 40.54
CA THR P 465 -21.74 15.48 39.38
C THR P 465 -21.12 16.80 38.97
N MET P 466 -20.55 17.55 39.91
CA MET P 466 -19.74 18.70 39.53
C MET P 466 -18.57 18.27 38.65
N VAL P 467 -17.90 17.19 39.04
CA VAL P 467 -16.76 16.71 38.26
C VAL P 467 -17.19 16.28 36.87
N THR P 468 -18.26 15.47 36.77
CA THR P 468 -18.68 15.05 35.44
C THR P 468 -19.19 16.23 34.62
N ASP P 469 -19.70 17.27 35.27
CA ASP P 469 -20.05 18.47 34.53
C ASP P 469 -18.82 19.11 33.91
N ALA P 470 -17.76 19.28 34.70
CA ALA P 470 -16.52 19.80 34.14
C ALA P 470 -16.01 18.90 33.02
N GLY P 471 -16.18 17.58 33.19
CA GLY P 471 -15.68 16.66 32.19
C GLY P 471 -16.44 16.77 30.88
N GLN P 472 -17.76 16.75 30.94
CA GLN P 472 -18.56 16.90 29.73
C GLN P 472 -18.32 18.27 29.10
N GLU P 473 -18.08 19.28 29.93
CA GLU P 473 -17.88 20.61 29.39
C GLU P 473 -16.57 20.70 28.62
N TRP P 474 -15.51 20.13 29.17
CA TRP P 474 -14.26 20.10 28.41
C TRP P 474 -14.39 19.21 27.19
N SER P 475 -15.21 18.16 27.26
CA SER P 475 -15.51 17.37 26.08
C SER P 475 -16.12 18.24 24.99
N ALA P 476 -17.16 18.99 25.35
CA ALA P 476 -17.82 19.85 24.39
C ALA P 476 -16.86 20.88 23.82
N ALA P 477 -15.95 21.38 24.65
CA ALA P 477 -14.90 22.24 24.12
C ALA P 477 -14.06 21.50 23.09
N VAL P 478 -13.79 20.21 23.33
CA VAL P 478 -13.00 19.44 22.37
C VAL P 478 -13.73 19.33 21.04
N ILE P 479 -15.01 18.94 21.07
CA ILE P 479 -15.77 18.80 19.84
C ILE P 479 -15.84 20.16 19.15
N ASN P 480 -16.15 21.20 19.92
CA ASN P 480 -16.40 22.52 19.36
C ASN P 480 -15.18 23.09 18.66
N GLY P 481 -13.98 22.61 19.03
CA GLY P 481 -12.77 23.03 18.38
C GLY P 481 -11.98 24.10 19.11
N LYS P 482 -12.66 24.98 19.84
CA LYS P 482 -12.01 25.95 20.71
C LYS P 482 -12.56 25.77 22.11
N LEU P 483 -12.23 26.65 23.02
CA LEU P 483 -12.78 26.48 24.35
C LEU P 483 -13.71 27.63 24.71
N PRO P 484 -14.96 27.36 25.04
CA PRO P 484 -15.90 28.44 25.31
C PRO P 484 -15.48 29.25 26.52
N GLU P 485 -15.82 30.53 26.50
CA GLU P 485 -15.38 31.42 27.56
C GLU P 485 -16.15 31.15 28.85
N ARG P 486 -15.52 31.51 29.96
CA ARG P 486 -16.12 31.67 31.27
C ARG P 486 -16.45 30.35 31.97
N THR P 487 -16.46 29.23 31.22
CA THR P 487 -16.25 27.87 31.71
C THR P 487 -16.68 27.65 33.16
N PRO P 488 -17.98 27.77 33.47
CA PRO P 488 -18.37 27.75 34.88
C PRO P 488 -18.00 26.48 35.62
N ALA P 489 -18.34 25.30 35.06
CA ALA P 489 -18.04 24.06 35.75
C ALA P 489 -16.54 23.85 35.88
N MET P 490 -15.79 24.12 34.81
CA MET P 490 -14.34 24.00 34.88
C MET P 490 -13.76 24.93 35.93
N ASP P 491 -14.32 26.14 36.04
CA ASP P 491 -13.81 27.09 37.03
C ASP P 491 -14.08 26.62 38.45
N ALA P 492 -15.30 26.14 38.71
CA ALA P 492 -15.61 25.64 40.04
C ALA P 492 -14.74 24.42 40.38
N LEU P 493 -14.52 23.53 39.41
CA LEU P 493 -13.67 22.38 39.66
C LEU P 493 -12.24 22.82 39.94
N ARG P 494 -11.86 23.97 39.39
CA ARG P 494 -10.51 24.49 39.63
C ARG P 494 -10.23 24.80 41.04
N ARG P 495 -10.94 25.74 41.62
CA ARG P 495 -10.60 26.17 42.96
C ARG P 495 -10.55 25.02 43.92
N ILE P 496 -11.60 24.23 43.95
CA ILE P 496 -11.64 23.20 44.94
C ILE P 496 -10.51 22.23 44.76
N ARG P 497 -10.29 21.85 43.50
CA ARG P 497 -9.27 20.88 43.28
C ARG P 497 -7.99 21.47 43.68
N ASN P 498 -7.55 22.56 43.09
CA ASN P 498 -6.31 23.21 43.56
C ASN P 498 -6.05 23.29 45.05
N ALA P 499 -7.07 23.40 45.87
CA ALA P 499 -6.82 23.37 47.31
C ALA P 499 -6.28 22.04 47.74
N ASP P 500 -6.83 20.93 47.27
CA ASP P 500 -6.25 19.62 47.57
C ASP P 500 -6.16 18.74 46.36
N PRO P 501 -5.03 18.79 45.67
CA PRO P 501 -5.06 17.95 44.49
C PRO P 501 -4.69 16.53 44.84
N GLN P 502 -5.47 15.91 45.70
CA GLN P 502 -5.16 14.58 46.10
C GLN P 502 -6.46 13.91 46.49
N LEU P 503 -7.20 14.52 47.40
CA LEU P 503 -8.42 13.89 47.89
C LEU P 503 -9.34 13.90 46.70
N ILE P 504 -9.34 15.00 45.95
CA ILE P 504 -10.18 15.11 44.76
C ILE P 504 -9.72 14.09 43.75
N ALA P 505 -8.42 13.88 43.67
CA ALA P 505 -7.95 12.89 42.75
C ALA P 505 -8.41 11.50 43.09
N ALA P 506 -8.44 11.17 44.35
CA ALA P 506 -8.74 9.80 44.71
C ALA P 506 -10.18 9.35 44.58
N LEU P 507 -11.09 10.05 45.22
CA LEU P 507 -12.48 9.61 45.28
C LEU P 507 -13.07 9.42 43.90
N TYR P 508 -12.48 10.05 42.88
CA TYR P 508 -12.95 9.95 41.50
C TYR P 508 -11.83 9.46 40.61
N PRO P 509 -11.53 8.16 40.60
CA PRO P 509 -10.47 7.68 39.72
C PRO P 509 -10.90 7.64 38.28
N ASP P 510 -12.20 7.76 38.03
CA ASP P 510 -12.70 7.61 36.67
C ASP P 510 -12.22 8.74 35.77
N GLN P 511 -12.42 9.98 36.19
CA GLN P 511 -11.96 11.12 35.42
C GLN P 511 -10.60 11.61 35.85
N ALA P 512 -9.58 10.75 35.86
CA ALA P 512 -8.22 11.25 36.07
C ALA P 512 -7.74 11.99 34.85
N GLU P 513 -8.31 11.67 33.69
CA GLU P 513 -8.01 12.37 32.45
C GLU P 513 -8.30 13.86 32.56
N LEU P 514 -9.46 14.21 33.11
CA LEU P 514 -9.80 15.62 33.27
C LEU P 514 -8.87 16.30 34.25
N PHE P 515 -8.52 15.63 35.34
CA PHE P 515 -7.59 16.25 36.29
C PHE P 515 -6.23 16.50 35.66
N LEU P 516 -5.73 15.53 34.90
CA LEU P 516 -4.49 15.73 34.18
C LEU P 516 -4.56 16.91 33.23
N THR P 517 -5.62 16.98 32.43
CA THR P 517 -5.72 18.06 31.47
C THR P 517 -5.86 19.42 32.16
N MET P 518 -6.65 19.49 33.22
CA MET P 518 -6.79 20.76 33.92
C MET P 518 -5.49 21.19 34.55
N ASP P 519 -4.78 20.24 35.18
CA ASP P 519 -3.50 20.58 35.80
C ASP P 519 -2.44 20.93 34.76
N MET P 520 -2.57 20.38 33.55
CA MET P 520 -1.78 20.87 32.44
C MET P 520 -2.17 22.30 32.09
N MET P 521 -3.47 22.57 32.18
CA MET P 521 -4.00 23.84 31.70
C MET P 521 -3.60 25.01 32.59
N ASP P 522 -3.57 24.79 33.90
CA ASP P 522 -3.38 25.91 34.82
C ASP P 522 -2.01 25.94 35.48
N LYS P 523 -1.59 24.85 36.11
CA LYS P 523 -0.31 24.86 36.81
C LYS P 523 0.84 25.02 35.82
N GLN P 524 0.94 24.12 34.86
CA GLN P 524 1.90 24.29 33.78
C GLN P 524 1.41 25.38 32.82
N GLY P 525 2.32 25.86 31.98
CA GLY P 525 2.06 27.06 31.21
C GLY P 525 1.42 26.84 29.86
N ILE P 526 1.08 25.61 29.49
CA ILE P 526 0.63 25.35 28.12
C ILE P 526 -0.71 26.03 27.88
N ASP P 527 -0.97 26.36 26.63
CA ASP P 527 -2.21 27.00 26.26
C ASP P 527 -3.35 26.00 26.30
N PRO P 528 -4.55 26.40 26.73
CA PRO P 528 -5.74 25.59 26.49
C PRO P 528 -6.28 25.78 25.07
N GLN P 529 -5.37 25.70 24.12
CA GLN P 529 -5.69 25.57 22.71
C GLN P 529 -4.87 24.47 22.07
N VAL P 530 -3.66 24.24 22.56
CA VAL P 530 -2.78 23.26 21.94
C VAL P 530 -3.12 21.86 22.43
N ILE P 531 -3.87 21.75 23.52
CA ILE P 531 -4.42 20.46 23.89
C ILE P 531 -5.68 20.17 23.07
N LEU P 532 -6.40 21.23 22.70
CA LEU P 532 -7.70 21.05 22.05
C LEU P 532 -7.56 20.31 20.73
N ASP P 533 -6.63 20.76 19.87
CA ASP P 533 -6.47 20.09 18.59
C ASP P 533 -6.03 18.65 18.81
N ALA P 534 -4.95 18.47 19.57
CA ALA P 534 -4.35 17.15 19.72
C ALA P 534 -5.34 16.17 20.33
N ASP P 535 -6.32 16.65 21.08
CA ASP P 535 -7.34 15.75 21.58
C ASP P 535 -8.52 15.67 20.61
N ARG P 536 -8.59 16.59 19.66
CA ARG P 536 -9.61 16.53 18.63
C ARG P 536 -9.09 15.85 17.38
N LEU P 537 -7.77 15.87 17.20
CA LEU P 537 -7.16 15.36 15.98
C LEU P 537 -6.87 13.87 16.08
N THR P 538 -6.99 13.30 17.29
CA THR P 538 -6.59 11.91 17.51
C THR P 538 -7.28 10.97 16.55
N VAL P 539 -6.57 9.91 16.14
CA VAL P 539 -7.16 8.80 15.41
C VAL P 539 -7.88 7.93 16.41
N LYS P 540 -8.89 7.23 15.95
CA LYS P 540 -9.45 6.17 16.76
C LYS P 540 -8.49 4.99 16.81
N ARG P 541 -8.16 4.56 18.03
CA ARG P 541 -7.16 3.51 18.24
C ARG P 541 -7.56 2.21 17.56
N SER P 542 -8.82 2.09 17.16
CA SER P 542 -9.31 1.10 16.21
C SER P 542 -9.07 -0.34 16.62
N LYS P 543 -8.66 -0.51 17.86
CA LYS P 543 -8.00 -1.70 18.36
C LYS P 543 -6.54 -1.76 18.06
N GLU P 544 -6.12 -1.69 16.81
CA GLU P 544 -4.71 -1.99 16.52
C GLU P 544 -3.72 -1.01 17.15
N GLN P 545 -4.01 0.26 17.01
CA GLN P 545 -3.09 1.25 17.53
C GLN P 545 -3.06 1.05 19.00
N ARG P 546 -4.23 0.90 19.58
CA ARG P 546 -4.30 0.88 21.01
C ARG P 546 -3.52 -0.31 21.53
N PHE P 547 -3.68 -1.45 20.89
CA PHE P 547 -3.08 -2.64 21.43
C PHE P 547 -1.61 -2.41 21.41
N GLU P 548 -1.07 -1.88 20.31
CA GLU P 548 0.38 -1.64 20.37
C GLU P 548 0.96 -0.62 21.32
N ASP P 549 0.28 0.49 21.50
CA ASP P 549 0.77 1.48 22.45
C ASP P 549 0.80 0.78 23.79
N ASP P 550 -0.24 0.01 24.03
CA ASP P 550 -0.34 -0.67 25.29
C ASP P 550 0.69 -1.73 25.57
N LYS P 551 1.16 -2.44 24.60
CA LYS P 551 2.28 -3.24 24.95
C LYS P 551 3.28 -2.19 25.32
N ALA P 552 3.40 -1.13 24.53
CA ALA P 552 4.57 -0.27 24.60
C ALA P 552 4.72 0.33 25.95
N PHE P 553 3.63 0.79 26.52
CA PHE P 553 3.67 1.35 27.85
C PHE P 553 4.15 0.23 28.73
N GLU P 554 3.63 -0.96 28.51
CA GLU P 554 3.88 -2.01 29.46
C GLU P 554 5.29 -2.39 29.59
N SER P 555 5.99 -2.45 28.49
CA SER P 555 7.39 -2.73 28.56
C SER P 555 8.11 -1.57 29.20
N ALA P 556 7.80 -0.37 28.72
CA ALA P 556 8.59 0.78 29.07
C ALA P 556 8.52 1.12 30.54
N LEU P 557 7.33 1.08 31.09
CA LEU P 557 7.19 1.39 32.50
C LEU P 557 7.96 0.34 33.22
N ASN P 558 7.80 -0.91 32.84
CA ASN P 558 8.47 -2.01 33.56
C ASN P 558 9.97 -1.98 33.44
N ALA P 559 10.48 -1.60 32.28
CA ALA P 559 11.93 -1.48 32.12
C ALA P 559 12.55 -0.07 32.24
N SER P 560 12.19 0.72 33.27
CA SER P 560 12.79 2.05 33.46
C SER P 560 13.62 2.28 34.73
N LYS P 561 13.51 1.42 35.73
CA LYS P 561 14.34 1.51 36.95
C LYS P 561 14.39 2.79 37.80
N ALA P 562 13.26 3.40 38.12
CA ALA P 562 13.24 4.55 39.05
C ALA P 562 12.29 4.13 40.18
N PRO P 563 12.69 4.32 41.45
CA PRO P 563 11.89 3.86 42.58
C PRO P 563 10.46 4.12 42.36
N GLU P 564 10.14 5.33 41.96
CA GLU P 564 8.76 5.68 41.76
C GLU P 564 8.04 4.91 40.67
N ILE P 565 8.60 4.81 39.46
CA ILE P 565 7.90 4.19 38.34
C ILE P 565 7.82 2.73 38.57
N ALA P 566 8.82 2.23 39.23
CA ALA P 566 8.80 0.84 39.55
C ALA P 566 7.98 0.79 40.75
N ARG P 567 7.64 -0.42 41.17
CA ARG P 567 6.95 -0.56 42.43
C ARG P 567 5.52 -0.07 42.33
N MET P 568 5.30 1.21 42.07
CA MET P 568 3.96 1.77 41.85
C MET P 568 3.29 1.94 43.12
N PRO P 569 2.53 2.98 43.22
CA PRO P 569 1.95 3.19 44.53
C PRO P 569 1.00 2.09 44.82
N ALA P 570 0.21 1.62 43.85
CA ALA P 570 -0.80 0.54 43.96
C ALA P 570 -1.99 1.17 43.36
N SER P 571 -2.59 2.07 44.12
CA SER P 571 -3.74 2.78 43.62
C SER P 571 -3.48 3.51 42.36
N LEU P 572 -2.34 4.16 42.27
CA LEU P 572 -2.11 4.99 41.13
C LEU P 572 -2.06 4.35 39.78
N ARG P 573 -1.54 3.14 39.65
CA ARG P 573 -1.35 2.58 38.33
C ARG P 573 -2.39 2.92 37.30
N GLU P 574 -3.66 2.82 37.65
CA GLU P 574 -4.67 3.00 36.65
C GLU P 574 -4.64 4.39 36.11
N SER P 575 -4.59 5.37 36.98
CA SER P 575 -4.48 6.71 36.53
C SER P 575 -3.15 6.90 35.85
N ALA P 576 -2.10 6.44 36.50
CA ALA P 576 -0.79 6.76 35.96
C ALA P 576 -0.81 6.41 34.53
N ARG P 577 -1.39 5.26 34.24
CA ARG P 577 -1.40 4.82 32.87
C ARG P 577 -2.16 5.81 32.06
N LYS P 578 -3.27 6.29 32.59
CA LYS P 578 -4.07 7.26 31.86
C LYS P 578 -3.35 8.54 31.60
N ILE P 579 -2.58 9.04 32.55
CA ILE P 579 -1.86 10.28 32.33
C ILE P 579 -0.95 10.01 31.18
N TYR P 580 -0.44 8.80 31.06
CA TYR P 580 0.53 8.52 30.01
C TYR P 580 -0.06 8.64 28.64
N ASP P 581 -1.17 7.99 28.42
CA ASP P 581 -1.71 7.98 27.08
C ASP P 581 -2.03 9.35 26.64
N SER P 582 -2.55 10.16 27.54
CA SER P 582 -2.97 11.46 27.10
C SER P 582 -1.80 12.22 26.54
N VAL P 583 -0.70 12.23 27.27
CA VAL P 583 0.46 12.96 26.83
C VAL P 583 1.02 12.37 25.56
N LYS P 584 1.03 11.04 25.45
CA LYS P 584 1.50 10.48 24.20
C LYS P 584 0.66 10.90 23.00
N TYR P 585 -0.66 10.89 23.11
CA TYR P 585 -1.44 11.36 21.98
C TYR P 585 -1.21 12.84 21.70
N ARG P 586 -1.06 13.65 22.74
CA ARG P 586 -0.89 15.08 22.52
C ARG P 586 0.42 15.34 21.80
N SER P 587 1.53 15.34 22.52
CA SER P 587 2.79 15.50 21.80
C SER P 587 3.28 14.12 21.74
N GLY P 588 3.59 13.64 20.57
CA GLY P 588 3.90 12.24 20.48
C GLY P 588 5.28 11.74 20.73
N ASN P 589 5.89 12.25 21.80
CA ASN P 589 7.17 11.74 22.21
C ASN P 589 6.95 10.96 23.45
N GLU P 590 7.31 9.70 23.39
CA GLU P 590 7.12 8.86 24.52
C GLU P 590 7.93 9.32 25.70
N SER P 591 9.15 9.79 25.48
CA SER P 591 9.93 10.28 26.60
C SER P 591 9.29 11.49 27.26
N MET P 592 8.72 12.39 26.46
CA MET P 592 7.96 13.52 26.98
C MET P 592 6.76 13.07 27.76
N ALA P 593 6.09 12.04 27.29
CA ALA P 593 5.00 11.53 28.05
C ALA P 593 5.48 11.05 29.35
N MET P 594 6.56 10.33 29.34
CA MET P 594 6.99 9.78 30.58
C MET P 594 7.32 10.91 31.53
N GLU P 595 7.97 11.95 31.06
CA GLU P 595 8.37 12.95 32.03
C GLU P 595 7.17 13.67 32.58
N GLN P 596 6.08 13.67 31.84
CA GLN P 596 4.75 13.92 32.46
C GLN P 596 3.94 12.80 33.18
N MET P 597 4.43 11.58 33.29
CA MET P 597 3.99 10.53 34.16
C MET P 597 4.85 10.47 35.37
N THR P 598 6.16 10.60 35.22
CA THR P 598 7.00 10.52 36.39
C THR P 598 6.75 11.65 37.27
N LYS P 599 6.54 12.84 36.72
CA LYS P 599 6.35 13.99 37.59
C LYS P 599 5.12 13.69 38.40
N PHE P 600 4.10 13.17 37.77
CA PHE P 600 2.88 12.86 38.50
C PHE P 600 3.04 11.81 39.57
N LEU P 601 3.71 10.69 39.31
CA LEU P 601 3.81 9.68 40.37
C LEU P 601 4.60 10.31 41.46
N LYS P 602 5.58 11.10 41.10
CA LYS P 602 6.42 11.76 42.08
C LYS P 602 5.76 12.79 42.95
N GLU P 603 4.83 13.57 42.42
CA GLU P 603 4.08 14.46 43.25
C GLU P 603 3.30 13.58 44.18
N SER P 604 2.66 12.55 43.66
CA SER P 604 1.72 11.76 44.47
C SER P 604 2.17 10.88 45.61
N THR P 605 3.36 10.29 45.50
CA THR P 605 3.85 9.38 46.50
C THR P 605 5.17 9.76 47.10
N TYR P 606 5.47 9.29 48.30
CA TYR P 606 6.78 9.57 48.89
C TYR P 606 7.53 8.30 49.03
N THR P 607 8.74 8.22 48.48
CA THR P 607 9.44 6.95 48.50
C THR P 607 10.25 6.88 49.74
N PHE P 608 9.78 6.11 50.69
CA PHE P 608 10.48 6.01 51.95
C PHE P 608 11.80 5.38 51.62
N THR P 609 12.88 5.85 52.22
CA THR P 609 14.17 5.33 51.87
C THR P 609 14.82 4.74 53.10
N GLY P 610 15.85 3.93 52.91
CA GLY P 610 16.43 3.26 54.05
C GLY P 610 17.58 4.06 54.63
N ASP P 611 17.85 3.82 55.90
CA ASP P 611 18.94 4.52 56.57
C ASP P 611 20.30 4.11 56.00
N ASP P 612 20.37 2.94 55.38
CA ASP P 612 21.63 2.46 54.81
C ASP P 612 22.06 3.33 53.64
N VAL P 613 23.36 3.33 53.36
CA VAL P 613 23.98 4.30 52.47
C VAL P 613 23.84 3.89 51.02
N ASP P 614 23.08 2.82 50.74
CA ASP P 614 22.98 2.34 49.36
C ASP P 614 22.38 3.40 48.43
N GLY P 615 21.20 3.96 48.75
CA GLY P 615 20.27 3.54 49.79
C GLY P 615 19.01 2.98 49.16
N ASP P 616 18.85 1.66 49.21
CA ASP P 616 17.74 1.02 48.51
C ASP P 616 16.40 1.37 49.16
N THR P 617 15.38 1.50 48.34
CA THR P 617 14.06 1.87 48.83
C THR P 617 13.40 0.70 49.52
N VAL P 618 12.53 1.06 50.46
CA VAL P 618 11.77 0.06 51.15
C VAL P 618 10.37 0.14 50.55
N GLY P 619 9.74 1.30 50.52
CA GLY P 619 8.44 1.35 49.89
C GLY P 619 7.96 2.65 49.34
N VAL P 620 6.96 2.64 48.48
CA VAL P 620 6.40 3.88 48.04
C VAL P 620 4.99 3.86 48.61
N ILE P 621 4.64 4.83 49.45
CA ILE P 621 3.34 4.83 50.08
C ILE P 621 2.66 6.01 49.48
N PRO P 622 1.33 5.94 49.19
CA PRO P 622 0.83 7.10 48.47
C PRO P 622 0.54 8.25 49.39
N LYS P 623 1.02 9.42 49.00
CA LYS P 623 1.05 10.59 49.85
C LYS P 623 -0.34 10.99 50.35
N ASN P 624 -1.38 10.35 49.88
CA ASN P 624 -2.73 10.71 50.30
C ASN P 624 -3.11 10.00 51.58
N MET P 625 -2.82 8.71 51.68
CA MET P 625 -3.38 7.87 52.72
C MET P 625 -2.58 7.91 54.02
N MET P 626 -1.46 8.62 54.07
CA MET P 626 -0.78 8.85 55.33
C MET P 626 -0.98 10.26 55.84
N GLN P 627 -1.82 11.03 55.15
CA GLN P 627 -2.28 12.31 55.69
C GLN P 627 -2.89 12.11 57.07
N VAL P 628 -2.65 13.13 57.91
CA VAL P 628 -3.13 13.11 59.27
C VAL P 628 -4.37 13.99 59.42
N ASN P 629 -4.24 15.30 59.56
CA ASN P 629 -5.42 16.15 59.59
C ASN P 629 -5.73 16.65 58.21
N SER P 630 -6.60 17.61 58.06
CA SER P 630 -7.00 18.04 56.72
C SER P 630 -5.97 18.67 55.79
N ASP P 631 -5.11 19.52 56.31
CA ASP P 631 -4.16 20.21 55.46
C ASP P 631 -3.11 19.24 54.92
N PRO P 632 -2.55 19.48 53.74
CA PRO P 632 -1.62 18.48 53.22
C PRO P 632 -0.36 18.36 54.03
N LYS P 633 -0.16 19.24 54.97
CA LYS P 633 1.03 19.29 55.77
C LYS P 633 0.84 18.15 56.73
N SER P 634 -0.35 17.59 56.76
CA SER P 634 -0.57 16.43 57.56
C SER P 634 0.17 15.24 56.98
N TRP P 635 0.26 15.10 55.67
CA TRP P 635 1.08 14.09 55.03
C TRP P 635 2.42 14.40 55.52
N GLU P 636 2.74 15.69 55.50
CA GLU P 636 4.12 15.87 55.94
C GLU P 636 4.33 15.35 57.38
N GLN P 637 3.41 15.63 58.29
CA GLN P 637 3.57 15.20 59.67
C GLN P 637 3.59 13.70 59.79
N GLY P 638 2.74 13.01 59.05
CA GLY P 638 2.71 11.56 59.10
C GLY P 638 4.02 10.98 58.66
N ARG P 639 4.64 11.55 57.64
CA ARG P 639 5.92 10.99 57.31
C ARG P 639 6.76 10.80 58.53
N ASP P 640 6.65 11.61 59.57
CA ASP P 640 7.49 11.54 60.75
C ASP P 640 7.09 10.38 61.64
N ILE P 641 5.78 10.20 61.85
CA ILE P 641 5.32 9.09 62.68
C ILE P 641 5.76 7.77 62.08
N LEU P 642 5.62 7.63 60.77
CA LEU P 642 5.92 6.38 60.11
C LEU P 642 7.41 6.08 60.13
N GLU P 643 8.23 7.12 59.98
CA GLU P 643 9.68 6.92 60.04
C GLU P 643 10.11 6.55 61.45
N GLU P 644 9.58 7.23 62.46
CA GLU P 644 9.87 6.83 63.84
C GLU P 644 9.47 5.39 64.08
N ALA P 645 8.35 4.97 63.50
CA ALA P 645 7.92 3.58 63.66
C ALA P 645 8.86 2.60 62.98
N ARG P 646 9.25 2.89 61.73
CA ARG P 646 10.12 1.99 60.99
C ARG P 646 11.50 1.89 61.65
N LYS P 647 11.92 2.88 62.40
CA LYS P 647 13.02 2.57 63.27
C LYS P 647 12.46 1.94 64.53
N GLY P 648 11.16 2.01 64.73
CA GLY P 648 10.54 1.20 65.76
C GLY P 648 10.58 -0.27 65.42
N ILE P 649 10.23 -0.60 64.19
CA ILE P 649 10.23 -1.99 63.78
C ILE P 649 11.62 -2.59 63.71
N ILE P 650 12.54 -1.85 63.09
CA ILE P 650 13.95 -2.26 62.95
C ILE P 650 14.63 -2.28 64.29
N ALA P 651 14.25 -1.46 65.24
CA ALA P 651 14.92 -1.56 66.51
C ALA P 651 14.25 -2.53 67.47
N SER P 652 13.06 -2.99 67.15
CA SER P 652 12.46 -3.94 68.04
C SER P 652 12.75 -5.35 67.56
N ASN P 653 13.66 -6.03 68.26
CA ASN P 653 14.00 -7.41 67.90
C ASN P 653 14.35 -7.57 66.44
N PRO P 654 15.45 -6.97 65.98
CA PRO P 654 15.76 -7.21 64.58
C PRO P 654 16.39 -8.57 64.42
N TRP P 655 15.56 -9.60 64.33
CA TRP P 655 16.08 -10.93 64.24
C TRP P 655 16.87 -10.85 63.01
N ILE P 656 16.30 -10.21 61.99
CA ILE P 656 17.03 -9.96 60.75
C ILE P 656 16.29 -8.88 60.03
N THR P 657 16.99 -7.88 59.55
CA THR P 657 16.26 -6.90 58.78
C THR P 657 16.73 -6.71 57.35
N ASN P 658 17.97 -6.30 57.12
CA ASN P 658 18.48 -6.20 55.77
C ASN P 658 17.58 -5.34 54.91
N LYS P 659 17.22 -5.88 53.74
CA LYS P 659 16.15 -5.36 52.87
C LYS P 659 14.89 -6.17 52.98
N GLN P 660 14.90 -7.15 53.86
CA GLN P 660 13.77 -8.03 53.96
C GLN P 660 12.58 -7.25 54.36
N LEU P 661 12.74 -6.10 55.00
CA LEU P 661 11.50 -5.43 55.40
C LEU P 661 10.98 -4.44 54.38
N THR P 662 9.70 -4.55 54.02
CA THR P 662 9.10 -3.73 52.99
C THR P 662 7.88 -3.21 53.56
N MET P 663 7.42 -2.07 53.07
CA MET P 663 6.11 -1.53 53.44
C MET P 663 5.39 -0.93 52.27
N TYR P 664 4.07 -1.02 52.23
CA TYR P 664 3.31 -0.61 51.07
C TYR P 664 1.89 -0.26 51.44
N SER P 665 1.06 0.05 50.45
CA SER P 665 -0.31 0.33 50.74
C SER P 665 -1.20 -0.60 50.03
N GLN P 666 -2.10 -1.24 50.76
CA GLN P 666 -3.17 -2.06 50.19
C GLN P 666 -4.10 -0.99 49.73
N GLY P 667 -5.32 -1.33 49.42
CA GLY P 667 -6.18 -0.35 48.80
C GLY P 667 -6.28 0.83 49.72
N ASP P 668 -6.40 0.60 51.01
CA ASP P 668 -6.33 1.70 51.96
C ASP P 668 -5.61 1.35 53.27
N SER P 669 -4.37 0.91 53.25
CA SER P 669 -3.70 0.66 54.52
C SER P 669 -2.17 0.61 54.38
N ILE P 670 -1.45 1.57 54.93
CA ILE P 670 -0.01 1.55 54.87
C ILE P 670 0.51 0.40 55.70
N TYR P 671 0.35 -0.81 55.21
CA TYR P 671 0.82 -1.99 55.90
C TYR P 671 2.33 -2.05 55.84
N LEU P 672 3.00 -2.40 56.92
CA LEU P 672 4.44 -2.59 56.83
C LEU P 672 4.62 -4.04 57.16
N MET P 673 5.33 -4.80 56.33
CA MET P 673 5.60 -6.18 56.68
C MET P 673 6.91 -6.72 56.19
N ASP P 674 7.61 -7.42 57.06
CA ASP P 674 8.89 -7.95 56.70
C ASP P 674 8.59 -9.13 55.88
N THR P 675 9.51 -9.58 55.04
CA THR P 675 9.14 -10.77 54.32
C THR P 675 9.26 -11.91 55.27
N THR P 676 8.12 -12.47 55.64
CA THR P 676 7.99 -13.57 56.55
C THR P 676 6.71 -13.18 57.19
N GLY P 677 6.31 -13.87 58.22
CA GLY P 677 5.12 -13.48 58.96
C GLY P 677 5.51 -12.85 60.27
N GLN P 678 6.80 -12.61 60.45
CA GLN P 678 7.24 -12.15 61.75
C GLN P 678 6.66 -10.76 62.12
N VAL P 679 6.77 -9.76 61.27
CA VAL P 679 6.35 -8.41 61.66
C VAL P 679 5.45 -7.76 60.68
N ARG P 680 4.16 -7.79 60.93
CA ARG P 680 3.27 -7.04 60.06
C ARG P 680 2.67 -5.95 60.91
N VAL P 681 2.74 -4.72 60.42
CA VAL P 681 2.20 -3.62 61.16
C VAL P 681 1.22 -2.93 60.24
N ARG P 682 0.07 -2.55 60.76
CA ARG P 682 -0.87 -1.84 59.95
C ARG P 682 -1.05 -0.46 60.49
N TYR P 683 -0.83 0.53 59.65
CA TYR P 683 -1.07 1.89 60.07
C TYR P 683 -2.15 2.38 59.13
N ASP P 684 -3.26 2.86 59.66
CA ASP P 684 -4.37 3.25 58.80
C ASP P 684 -4.67 4.68 59.00
N LYS P 685 -5.09 5.37 57.94
CA LYS P 685 -5.34 6.79 58.02
C LYS P 685 -6.07 7.30 59.27
N GLU P 686 -6.94 6.52 59.91
CA GLU P 686 -7.61 7.08 61.06
C GLU P 686 -6.67 6.84 62.21
N LEU P 687 -6.13 5.65 62.30
CA LEU P 687 -5.24 5.34 63.42
C LEU P 687 -3.96 6.15 63.46
N LEU P 688 -3.34 6.33 62.32
CA LEU P 688 -2.10 7.08 62.29
C LEU P 688 -2.39 8.50 62.71
N SER P 689 -3.48 9.07 62.20
CA SER P 689 -3.79 10.44 62.62
C SER P 689 -4.27 10.57 64.05
N LYS P 690 -4.64 9.49 64.69
CA LYS P 690 -4.95 9.59 66.12
C LYS P 690 -3.65 9.72 66.90
N VAL P 691 -2.59 9.04 66.47
CA VAL P 691 -1.29 9.25 67.13
C VAL P 691 -0.71 10.66 66.99
N TRP P 692 -0.91 11.30 65.84
CA TRP P 692 -0.45 12.68 65.74
C TRP P 692 -1.18 13.49 66.75
N SER P 693 -2.47 13.26 66.89
CA SER P 693 -3.22 14.06 67.81
C SER P 693 -2.69 13.83 69.19
N GLU P 694 -2.43 12.59 69.51
CA GLU P 694 -1.99 12.32 70.85
C GLU P 694 -0.71 13.07 71.10
N ASN P 695 0.21 13.08 70.15
CA ASN P 695 1.49 13.73 70.43
C ASN P 695 1.41 15.25 70.30
N GLN P 696 0.59 15.75 69.37
CA GLN P 696 0.48 17.18 69.18
C GLN P 696 -0.33 17.77 70.28
N LYS P 697 -1.43 17.12 70.65
CA LYS P 697 -2.30 17.64 71.70
C LYS P 697 -1.48 17.73 72.98
N LYS P 698 -0.74 16.68 73.30
CA LYS P 698 -0.03 16.71 74.57
C LYS P 698 0.92 17.86 74.54
N LEU P 699 1.66 17.98 73.46
CA LEU P 699 2.67 19.01 73.42
C LEU P 699 2.12 20.42 73.47
N GLU P 700 1.02 20.66 72.79
CA GLU P 700 0.40 21.98 72.80
C GLU P 700 -0.16 22.34 74.18
N GLU P 701 -0.77 21.37 74.88
CA GLU P 701 -1.38 21.73 76.17
C GLU P 701 -0.21 22.13 77.01
N LYS P 702 0.95 21.80 76.48
CA LYS P 702 2.20 22.14 77.16
C LYS P 702 2.80 23.41 76.57
N ALA P 703 2.74 23.53 75.24
CA ALA P 703 3.23 24.73 74.57
C ALA P 703 2.52 25.97 75.09
N ARG P 704 1.19 25.97 75.10
CA ARG P 704 0.47 27.12 75.61
C ARG P 704 0.88 27.41 77.04
N GLU P 705 1.06 26.35 77.83
CA GLU P 705 1.33 26.53 79.25
C GLU P 705 2.59 27.35 79.45
N LYS P 706 3.70 26.89 78.89
CA LYS P 706 4.91 27.65 79.18
C LYS P 706 5.05 28.87 78.28
N ALA P 707 4.23 28.97 77.23
CA ALA P 707 4.24 30.19 76.43
C ALA P 707 3.57 31.33 77.17
N LEU P 708 2.44 31.06 77.82
CA LEU P 708 1.77 32.03 78.65
C LEU P 708 2.44 32.21 80.00
N ALA P 709 3.30 31.26 80.39
CA ALA P 709 4.07 31.43 81.62
C ALA P 709 4.96 32.67 81.55
N ASP P 710 5.39 33.04 80.35
CA ASP P 710 6.16 34.27 80.19
C ASP P 710 5.32 35.48 80.56
N VAL P 711 4.02 35.43 80.29
CA VAL P 711 3.13 36.54 80.63
C VAL P 711 2.29 36.19 81.86
N ASP Q 11 43.67 -28.40 56.49
CA ASP Q 11 44.55 -29.16 55.61
C ASP Q 11 43.72 -30.04 54.67
N TYR Q 12 43.82 -29.77 53.37
CA TYR Q 12 44.61 -28.66 52.86
C TYR Q 12 43.78 -27.96 51.79
N ASP Q 13 44.37 -26.97 51.12
CA ASP Q 13 43.59 -26.14 50.22
C ASP Q 13 43.01 -26.90 49.03
N GLY Q 14 43.43 -28.14 48.80
CA GLY Q 14 42.78 -28.94 47.77
C GLY Q 14 41.31 -29.16 48.06
N LEU Q 15 40.96 -29.38 49.33
CA LEU Q 15 39.56 -29.50 49.69
C LEU Q 15 38.81 -28.20 49.47
N PHE Q 16 39.46 -27.07 49.78
CA PHE Q 16 38.82 -25.78 49.56
C PHE Q 16 38.60 -25.50 48.09
N GLN Q 17 39.52 -25.94 47.23
CA GLN Q 17 39.34 -25.69 45.80
C GLN Q 17 38.08 -26.37 45.29
N LYS Q 18 37.73 -27.51 45.85
CA LYS Q 18 36.56 -28.27 45.43
C LYS Q 18 35.30 -27.87 46.18
N ALA Q 19 35.45 -27.33 47.39
CA ALA Q 19 34.30 -26.88 48.17
C ALA Q 19 33.87 -25.47 47.83
N ALA Q 20 34.78 -24.65 47.30
CA ALA Q 20 34.52 -23.25 46.98
C ALA Q 20 34.12 -23.06 45.53
N ASP Q 21 34.30 -24.07 44.70
CA ASP Q 21 33.79 -24.05 43.33
C ASP Q 21 32.37 -24.57 43.28
N ALA Q 22 31.83 -25.02 44.42
CA ALA Q 22 30.45 -25.45 44.54
C ALA Q 22 29.71 -24.44 45.41
N ASN Q 23 28.48 -24.11 44.99
CA ASN Q 23 27.50 -23.30 45.71
C ASN Q 23 27.94 -21.86 45.93
N GLY Q 24 29.17 -21.53 45.53
CA GLY Q 24 29.65 -20.15 45.61
C GLY Q 24 30.71 -19.93 44.56
N VAL Q 25 31.85 -19.31 44.90
CA VAL Q 25 32.11 -18.44 46.07
C VAL Q 25 33.48 -17.87 45.75
N SER Q 26 33.82 -16.72 46.33
CA SER Q 26 35.21 -16.29 46.24
C SER Q 26 36.08 -17.35 46.93
N TYR Q 27 36.93 -18.03 46.15
CA TYR Q 27 37.71 -19.14 46.69
C TYR Q 27 38.57 -18.73 47.88
N ASP Q 28 39.32 -17.64 47.74
CA ASP Q 28 40.28 -17.25 48.77
C ASP Q 28 39.59 -16.93 50.10
N LEU Q 29 38.29 -16.63 50.05
CA LEU Q 29 37.56 -16.40 51.28
C LEU Q 29 37.59 -17.61 52.21
N LEU Q 30 37.34 -18.80 51.66
CA LEU Q 30 37.34 -20.00 52.48
C LEU Q 30 38.72 -20.24 53.08
N ARG Q 31 39.76 -20.04 52.28
CA ARG Q 31 41.12 -20.23 52.79
C ARG Q 31 41.43 -19.26 53.92
N LYS Q 32 41.02 -18.00 53.75
CA LYS Q 32 41.30 -16.99 54.77
C LYS Q 32 40.51 -17.27 56.04
N VAL Q 33 39.25 -17.67 55.90
CA VAL Q 33 38.44 -17.99 57.07
C VAL Q 33 39.04 -19.18 57.81
N ALA Q 34 39.47 -20.20 57.07
CA ALA Q 34 40.06 -21.37 57.69
C ALA Q 34 41.34 -21.01 58.43
N TRP Q 35 42.23 -20.26 57.76
CA TRP Q 35 43.46 -19.82 58.41
C TRP Q 35 43.18 -19.04 59.69
N THR Q 36 42.30 -18.06 59.62
CA THR Q 36 42.06 -17.21 60.78
C THR Q 36 41.39 -17.98 61.91
N GLU Q 37 40.40 -18.81 61.59
CA GLU Q 37 39.62 -19.47 62.64
C GLU Q 37 40.35 -20.68 63.20
N SER Q 38 41.35 -21.20 62.50
CA SER Q 38 41.99 -22.43 62.94
C SER Q 38 43.51 -22.40 62.92
N ARG Q 39 44.14 -21.57 62.09
CA ARG Q 39 45.58 -21.65 61.87
C ARG Q 39 45.96 -23.04 61.36
N PHE Q 40 45.06 -23.63 60.55
CA PHE Q 40 45.31 -24.92 59.90
C PHE Q 40 45.55 -26.03 60.93
N VAL Q 41 44.53 -26.32 61.73
CA VAL Q 41 44.56 -27.49 62.61
C VAL Q 41 43.32 -28.33 62.32
N PRO Q 42 43.48 -29.64 62.09
CA PRO Q 42 42.33 -30.45 61.66
C PRO Q 42 41.21 -30.52 62.69
N THR Q 43 41.51 -30.98 63.90
CA THR Q 43 40.53 -30.90 64.97
C THR Q 43 40.65 -29.58 65.71
N ALA Q 44 39.80 -29.32 66.69
CA ALA Q 44 39.86 -28.04 67.38
C ALA Q 44 39.06 -28.00 68.68
N LYS Q 45 39.30 -26.96 69.46
CA LYS Q 45 38.55 -26.62 70.66
C LYS Q 45 38.69 -25.12 70.86
N SER Q 46 37.79 -24.48 71.58
CA SER Q 46 37.85 -23.03 71.71
C SER Q 46 37.40 -22.63 73.11
N LYS Q 47 37.64 -21.37 73.43
CA LYS Q 47 37.17 -20.82 74.70
C LYS Q 47 35.65 -20.60 74.67
N THR Q 48 35.14 -20.10 73.55
CA THR Q 48 33.72 -19.75 73.48
C THR Q 48 32.84 -20.98 73.26
N GLY Q 49 33.45 -22.14 72.99
CA GLY Q 49 32.68 -23.33 72.76
C GLY Q 49 32.93 -24.10 71.47
N PRO Q 50 33.18 -23.41 70.32
CA PRO Q 50 33.25 -24.15 69.05
C PRO Q 50 34.48 -25.03 68.88
N LEU Q 51 34.25 -26.27 68.46
CA LEU Q 51 35.33 -27.25 68.30
C LEU Q 51 35.35 -27.75 66.86
N GLY Q 52 36.05 -27.02 65.99
CA GLY Q 52 36.15 -27.42 64.60
C GLY Q 52 37.05 -26.48 63.83
N MET Q 53 37.32 -26.87 62.58
CA MET Q 53 38.13 -26.03 61.71
C MET Q 53 37.47 -24.66 61.51
N MET Q 54 36.22 -24.65 61.04
CA MET Q 54 35.51 -23.38 60.94
C MET Q 54 34.96 -22.93 62.28
N GLN Q 55 35.19 -23.72 63.33
CA GLN Q 55 34.81 -23.35 64.68
C GLN Q 55 33.32 -23.09 64.82
N PHE Q 56 32.51 -24.12 64.68
CA PHE Q 56 31.08 -24.03 64.93
C PHE Q 56 30.63 -25.16 65.86
N THR Q 57 29.93 -24.80 66.93
CA THR Q 57 29.28 -25.78 67.79
C THR Q 57 27.77 -25.53 67.84
N LYS Q 58 27.38 -24.26 67.89
CA LYS Q 58 25.96 -23.94 67.78
C LYS Q 58 25.43 -24.33 66.40
N ALA Q 59 26.23 -24.10 65.35
CA ALA Q 59 25.78 -24.30 63.98
C ALA Q 59 25.92 -25.74 63.51
N THR Q 60 26.02 -26.72 64.41
CA THR Q 60 26.21 -28.10 63.95
C THR Q 60 25.00 -28.62 63.19
N ALA Q 61 23.84 -28.69 63.86
CA ALA Q 61 22.65 -29.33 63.29
C ALA Q 61 22.05 -28.50 62.16
N LYS Q 62 21.73 -27.23 62.43
CA LYS Q 62 21.02 -26.42 61.44
C LYS Q 62 21.83 -26.26 60.16
N ALA Q 63 23.12 -25.93 60.28
CA ALA Q 63 23.92 -25.66 59.09
C ALA Q 63 24.14 -26.92 58.28
N LEU Q 64 24.53 -28.02 58.93
CA LEU Q 64 24.72 -29.27 58.21
C LEU Q 64 23.43 -29.68 57.51
N GLY Q 65 22.30 -29.60 58.20
CA GLY Q 65 21.05 -30.00 57.59
C GLY Q 65 20.63 -29.09 56.45
N LEU Q 66 20.99 -27.81 56.52
CA LEU Q 66 20.37 -26.85 55.61
C LEU Q 66 20.91 -26.94 54.19
N ARG Q 67 22.02 -27.66 53.99
CA ARG Q 67 22.68 -27.68 52.66
C ARG Q 67 22.83 -29.00 51.93
N VAL Q 68 23.79 -29.09 50.99
CA VAL Q 68 23.95 -30.30 50.18
C VAL Q 68 24.25 -31.55 50.98
N THR Q 69 25.09 -31.47 52.00
CA THR Q 69 25.31 -32.65 52.81
C THR Q 69 24.99 -32.52 54.31
N ASP Q 70 24.25 -33.45 54.88
CA ASP Q 70 23.84 -33.39 56.30
C ASP Q 70 24.88 -33.91 57.29
N GLY Q 71 24.73 -33.57 58.58
CA GLY Q 71 25.67 -33.99 59.62
C GLY Q 71 25.13 -34.80 60.79
N PRO Q 72 26.01 -35.51 61.53
CA PRO Q 72 25.53 -36.40 62.61
C PRO Q 72 25.59 -36.00 64.08
N ASP Q 73 26.77 -35.76 64.67
CA ASP Q 73 26.80 -35.50 66.11
C ASP Q 73 27.63 -34.23 66.34
N ASP Q 74 27.91 -33.96 67.62
CA ASP Q 74 28.79 -32.86 67.97
C ASP Q 74 30.26 -33.23 67.79
N ASP Q 75 30.68 -34.34 68.39
CA ASP Q 75 32.09 -34.75 68.41
C ASP Q 75 32.61 -35.17 67.05
N ARG Q 76 31.72 -35.38 66.08
CA ARG Q 76 32.09 -35.95 64.79
C ARG Q 76 32.16 -34.90 63.68
N LEU Q 77 32.58 -33.67 63.99
CA LEU Q 77 32.67 -32.65 62.95
C LEU Q 77 33.67 -33.09 61.88
N ASN Q 78 33.15 -33.37 60.70
CA ASN Q 78 33.77 -34.20 59.68
C ASN Q 78 34.85 -33.43 58.94
N PRO Q 79 35.80 -34.12 58.31
CA PRO Q 79 36.86 -33.41 57.58
C PRO Q 79 36.37 -32.74 56.31
N GLU Q 80 35.33 -33.27 55.69
CA GLU Q 80 34.76 -32.66 54.49
C GLU Q 80 33.35 -32.13 54.69
N LEU Q 81 32.49 -32.91 55.33
CA LEU Q 81 31.09 -32.50 55.50
C LEU Q 81 31.00 -31.15 56.21
N ALA Q 82 31.95 -30.86 57.08
CA ALA Q 82 31.95 -29.58 57.78
C ALA Q 82 32.45 -28.46 56.87
N ILE Q 83 33.49 -28.73 56.08
CA ILE Q 83 34.02 -27.71 55.19
C ILE Q 83 32.98 -27.28 54.18
N ASN Q 84 32.30 -28.27 53.57
CA ASN Q 84 31.24 -27.96 52.61
C ASN Q 84 30.07 -27.25 53.27
N ALA Q 85 29.68 -27.64 54.49
CA ALA Q 85 28.58 -26.96 55.16
C ALA Q 85 28.92 -25.51 55.46
N ALA Q 86 30.15 -25.25 55.94
CA ALA Q 86 30.54 -23.88 56.20
C ALA Q 86 30.68 -23.08 54.91
N ALA Q 87 31.15 -23.73 53.85
CA ALA Q 87 31.22 -23.06 52.55
C ALA Q 87 29.84 -22.68 52.07
N LYS Q 88 28.85 -23.53 52.30
CA LYS Q 88 27.49 -23.18 51.90
C LYS Q 88 26.95 -22.05 52.75
N GLN Q 89 27.23 -22.07 54.06
CA GLN Q 89 26.77 -20.98 54.92
C GLN Q 89 27.38 -19.66 54.47
N LEU Q 90 28.67 -19.66 54.15
CA LEU Q 90 29.31 -18.43 53.72
C LEU Q 90 28.81 -18.00 52.35
N ALA Q 91 28.48 -18.96 51.48
CA ALA Q 91 27.93 -18.61 50.18
C ALA Q 91 26.55 -18.01 50.32
N GLY Q 92 25.78 -18.48 51.30
CA GLY Q 92 24.50 -17.83 51.58
C GLY Q 92 24.69 -16.44 52.12
N LEU Q 93 25.63 -16.27 53.05
CA LEU Q 93 25.92 -14.95 53.60
C LEU Q 93 26.37 -13.98 52.51
N VAL Q 94 27.11 -14.49 51.52
CA VAL Q 94 27.45 -13.68 50.35
C VAL Q 94 26.20 -13.40 49.52
N GLY Q 95 25.30 -14.38 49.46
CA GLY Q 95 24.09 -14.20 48.68
C GLY Q 95 23.03 -13.41 49.43
N LYS Q 96 22.85 -13.71 50.72
CA LYS Q 96 21.75 -13.12 51.49
C LYS Q 96 21.88 -11.61 51.62
N PHE Q 97 23.05 -11.03 51.40
CA PHE Q 97 23.19 -9.59 51.53
C PHE Q 97 23.43 -8.89 50.20
N ASP Q 98 24.54 -9.18 49.53
CA ASP Q 98 24.87 -8.59 48.23
C ASP Q 98 26.22 -9.13 47.78
N GLY Q 99 26.69 -8.68 46.62
CA GLY Q 99 28.05 -8.97 46.24
C GLY Q 99 29.05 -8.18 47.06
N ASP Q 100 28.95 -8.30 48.39
CA ASP Q 100 29.83 -7.63 49.33
C ASP Q 100 30.30 -8.64 50.36
N GLU Q 101 31.42 -9.31 50.07
CA GLU Q 101 31.81 -10.48 50.85
C GLU Q 101 32.26 -10.08 52.25
N LEU Q 102 32.70 -8.84 52.43
CA LEU Q 102 33.22 -8.44 53.74
C LEU Q 102 32.12 -8.47 54.78
N LYS Q 103 30.93 -7.99 54.43
CA LYS Q 103 29.80 -8.11 55.35
C LYS Q 103 29.47 -9.56 55.66
N ALA Q 104 29.61 -10.45 54.68
CA ALA Q 104 29.39 -11.86 54.95
C ALA Q 104 30.38 -12.39 55.98
N ALA Q 105 31.65 -12.00 55.83
CA ALA Q 105 32.66 -12.41 56.81
C ALA Q 105 32.34 -11.87 58.19
N LEU Q 106 31.93 -10.60 58.26
CA LEU Q 106 31.59 -10.02 59.55
C LEU Q 106 30.39 -10.73 60.17
N ALA Q 107 29.40 -11.06 59.34
CA ALA Q 107 28.22 -11.75 59.83
C ALA Q 107 28.59 -13.12 60.38
N TYR Q 108 29.50 -13.82 59.72
CA TYR Q 108 29.94 -15.11 60.25
C TYR Q 108 30.67 -14.95 61.56
N ASN Q 109 31.65 -14.05 61.60
CA ASN Q 109 32.46 -13.91 62.81
C ASN Q 109 31.69 -13.44 64.01
N GLN Q 110 30.85 -12.45 63.84
CA GLN Q 110 30.12 -11.88 64.97
C GLN Q 110 28.72 -12.43 65.17
N GLY Q 111 28.35 -13.42 64.38
CA GLY Q 111 27.07 -14.05 64.55
C GLY Q 111 26.06 -13.35 63.69
N GLU Q 112 25.06 -14.08 63.27
CA GLU Q 112 24.03 -13.46 62.49
C GLU Q 112 22.88 -13.48 63.42
N GLY Q 113 22.42 -12.30 63.83
CA GLY Q 113 21.23 -12.27 64.68
C GLY Q 113 21.24 -12.21 66.18
N ARG Q 114 22.42 -12.25 66.79
CA ARG Q 114 22.50 -12.18 68.23
C ARG Q 114 22.85 -10.77 68.68
N LEU Q 115 24.02 -10.62 69.28
CA LEU Q 115 24.62 -9.32 69.49
C LEU Q 115 24.88 -8.78 68.14
N GLY Q 116 25.27 -9.68 67.26
CA GLY Q 116 25.88 -9.34 66.00
C GLY Q 116 24.94 -8.54 65.14
N ASN Q 117 23.65 -8.83 65.17
CA ASN Q 117 22.79 -8.31 64.13
C ASN Q 117 22.78 -6.80 64.13
N PRO Q 118 22.88 -6.18 65.30
CA PRO Q 118 23.09 -4.76 65.07
C PRO Q 118 24.32 -4.42 64.27
N GLN Q 119 25.42 -5.08 64.48
CA GLN Q 119 26.60 -4.74 63.71
C GLN Q 119 26.42 -4.95 62.22
N LEU Q 120 25.73 -6.01 61.81
CA LEU Q 120 25.57 -6.24 60.39
C LEU Q 120 24.80 -5.09 59.78
N GLU Q 121 23.82 -4.58 60.51
CA GLU Q 121 23.08 -3.40 60.06
C GLU Q 121 23.91 -2.15 60.19
N ALA Q 122 24.85 -2.17 61.11
CA ALA Q 122 25.60 -0.98 61.39
C ALA Q 122 26.60 -0.80 60.28
N TYR Q 123 27.16 -1.92 59.85
CA TYR Q 123 28.01 -1.91 58.70
C TYR Q 123 27.28 -1.21 57.57
N SER Q 124 25.99 -1.44 57.40
CA SER Q 124 25.32 -0.85 56.24
C SER Q 124 25.33 0.67 56.25
N LYS Q 125 25.95 1.29 57.25
CA LYS Q 125 26.07 2.76 57.27
C LYS Q 125 27.52 3.30 57.17
N GLY Q 126 28.49 2.49 56.75
CA GLY Q 126 29.89 2.90 56.69
C GLY Q 126 30.60 1.97 57.65
N ASP Q 127 31.92 1.87 57.63
CA ASP Q 127 32.59 0.88 58.49
C ASP Q 127 32.35 1.13 59.93
N PHE Q 128 32.34 2.37 60.35
CA PHE Q 128 31.89 2.70 61.69
C PHE Q 128 32.61 2.28 62.93
N ALA Q 129 31.94 2.54 64.05
CA ALA Q 129 32.51 2.17 65.33
C ALA Q 129 31.49 1.37 66.09
N SER Q 130 30.31 1.22 65.52
CA SER Q 130 29.27 0.46 66.17
C SER Q 130 29.77 -0.94 66.19
N ILE Q 131 30.80 -1.19 65.42
CA ILE Q 131 31.42 -2.51 65.31
C ILE Q 131 32.58 -2.54 66.29
N SER Q 132 33.06 -3.73 66.66
CA SER Q 132 33.86 -3.82 67.88
C SER Q 132 35.23 -4.46 67.67
N GLU Q 133 35.91 -4.74 68.78
CA GLU Q 133 37.32 -5.13 68.85
C GLU Q 133 37.59 -6.24 67.82
N GLU Q 134 36.98 -7.41 67.95
CA GLU Q 134 37.26 -8.48 67.01
C GLU Q 134 36.59 -8.22 65.67
N GLY Q 135 35.45 -7.52 65.69
CA GLY Q 135 34.68 -7.34 64.47
C GLY Q 135 35.44 -6.56 63.41
N ARG Q 136 35.77 -5.31 63.71
CA ARG Q 136 36.42 -4.46 62.72
C ARG Q 136 37.80 -4.97 62.33
N ASN Q 137 38.58 -5.48 63.29
CA ASN Q 137 39.90 -5.99 62.96
C ASN Q 137 39.82 -7.21 62.06
N TYR Q 138 38.96 -8.18 62.40
CA TYR Q 138 38.80 -9.36 61.54
C TYR Q 138 38.28 -8.97 60.17
N MET Q 139 37.33 -8.03 60.12
CA MET Q 139 36.84 -7.55 58.84
C MET Q 139 37.95 -6.90 58.02
N ARG Q 140 38.88 -6.22 58.69
CA ARG Q 140 39.99 -5.59 57.99
C ARG Q 140 40.98 -6.63 57.49
N ASN Q 141 41.13 -7.74 58.24
CA ASN Q 141 42.04 -8.79 57.81
C ASN Q 141 41.70 -9.29 56.42
N LEU Q 142 40.42 -9.29 56.07
CA LEU Q 142 39.98 -9.72 54.75
C LEU Q 142 39.80 -8.49 53.88
N LEU Q 143 40.86 -7.69 53.76
CA LEU Q 143 40.88 -6.58 52.81
C LEU Q 143 41.45 -7.01 51.47
N ASP Q 144 41.64 -8.31 51.29
CA ASP Q 144 41.90 -8.92 49.99
C ASP Q 144 40.58 -9.07 49.26
N VAL Q 145 40.55 -9.95 48.25
CA VAL Q 145 39.31 -10.35 47.61
C VAL Q 145 38.22 -10.56 48.63
N ALA Q 146 37.04 -9.95 48.43
CA ALA Q 146 36.64 -8.92 47.45
C ALA Q 146 35.21 -8.61 47.88
N LYS Q 147 34.50 -7.63 47.32
CA LYS Q 147 34.97 -6.48 46.55
C LYS Q 147 34.03 -5.36 47.00
N SER Q 148 33.62 -5.45 48.26
CA SER Q 148 32.55 -4.61 48.78
C SER Q 148 32.93 -3.14 48.71
N PRO Q 149 31.94 -2.25 48.64
CA PRO Q 149 32.26 -0.82 48.76
C PRO Q 149 32.92 -0.49 50.09
N MET Q 150 32.47 -1.13 51.16
CA MET Q 150 33.08 -0.88 52.46
C MET Q 150 34.51 -1.39 52.52
N ALA Q 151 34.88 -2.31 51.62
CA ALA Q 151 36.27 -2.73 51.54
C ALA Q 151 37.18 -1.61 51.08
N GLY Q 152 36.73 -0.77 50.15
CA GLY Q 152 37.44 0.46 49.86
C GLY Q 152 37.19 1.52 50.92
N GLN Q 153 36.11 1.36 51.68
CA GLN Q 153 35.71 2.33 52.69
C GLN Q 153 36.20 2.00 54.09
N LEU Q 154 36.57 0.74 54.36
CA LEU Q 154 37.12 0.40 55.67
C LEU Q 154 38.38 1.20 55.95
N GLU Q 155 39.30 1.26 54.98
CA GLU Q 155 40.49 2.08 55.05
C GLU Q 155 40.44 3.07 53.91
N THR Q 156 40.18 4.33 54.22
CA THR Q 156 39.97 4.79 55.59
C THR Q 156 38.54 4.58 56.07
N ALA Q 236 58.48 6.43 47.62
CA ALA Q 236 58.82 5.90 48.93
C ALA Q 236 57.64 6.00 49.89
N GLU Q 237 57.93 6.27 51.16
CA GLU Q 237 56.92 6.29 52.21
C GLU Q 237 56.47 7.72 52.54
N LEU Q 238 57.44 8.55 52.94
CA LEU Q 238 57.20 9.92 53.34
C LEU Q 238 57.63 10.93 52.31
N SER Q 239 57.13 10.79 51.10
CA SER Q 239 57.52 11.69 50.03
C SER Q 239 56.27 12.19 49.35
N ASN Q 240 56.36 13.34 48.71
CA ASN Q 240 55.22 13.79 47.95
C ASN Q 240 55.53 13.30 46.56
N SER Q 241 55.75 14.20 45.63
CA SER Q 241 56.22 13.80 44.30
C SER Q 241 55.49 12.79 43.43
N VAL Q 242 54.16 12.73 43.40
CA VAL Q 242 53.41 11.84 42.48
C VAL Q 242 53.55 10.33 42.72
N ALA Q 243 54.77 9.84 42.70
CA ALA Q 243 55.03 8.47 43.06
C ALA Q 243 54.31 8.22 44.34
N GLY Q 244 54.45 9.17 45.24
CA GLY Q 244 54.08 8.94 46.62
C GLY Q 244 52.61 8.72 46.68
N MET Q 245 51.87 9.53 45.94
CA MET Q 245 50.42 9.47 46.00
C MET Q 245 49.94 8.11 45.50
N ALA Q 246 50.53 7.66 44.41
CA ALA Q 246 50.16 6.38 43.87
C ALA Q 246 50.45 5.26 44.85
N PHE Q 247 51.62 5.32 45.46
CA PHE Q 247 51.98 4.26 46.35
C PHE Q 247 50.97 4.25 47.46
N ARG Q 248 50.61 5.40 47.99
CA ARG Q 248 49.76 5.24 49.16
C ARG Q 248 48.29 5.08 48.86
N ALA Q 249 47.88 5.24 47.62
CA ALA Q 249 46.51 4.85 47.30
C ALA Q 249 46.18 3.47 46.67
N GLY Q 250 47.04 2.87 45.85
CA GLY Q 250 46.62 1.65 45.17
C GLY Q 250 46.24 0.54 46.12
N ARG Q 251 47.07 0.19 47.07
CA ARG Q 251 46.62 -0.85 47.96
C ARG Q 251 46.29 -2.25 47.39
N LEU Q 252 47.27 -2.89 46.74
CA LEU Q 252 47.11 -4.25 46.18
C LEU Q 252 46.02 -5.21 46.64
N ASP Q 253 45.08 -5.53 45.77
CA ASP Q 253 43.95 -6.43 46.09
C ASP Q 253 44.23 -7.91 46.41
N ASN Q 254 45.07 -8.56 45.63
CA ASN Q 254 45.42 -9.98 45.85
C ASN Q 254 44.36 -11.03 45.58
N GLY Q 255 43.34 -10.67 44.82
CA GLY Q 255 42.37 -11.67 44.46
C GLY Q 255 41.95 -11.46 43.03
N PHE Q 256 41.67 -12.54 42.31
CA PHE Q 256 41.15 -12.41 40.96
C PHE Q 256 40.58 -13.70 40.52
N ASP Q 257 39.31 -13.72 40.15
CA ASP Q 257 38.73 -14.92 39.61
C ASP Q 257 38.51 -14.63 38.16
N VAL Q 258 39.17 -15.38 37.29
CA VAL Q 258 39.08 -15.10 35.87
C VAL Q 258 37.67 -15.38 35.49
N PHE Q 259 36.88 -15.84 36.44
CA PHE Q 259 35.52 -16.21 36.08
C PHE Q 259 34.47 -15.29 36.67
N LYS Q 260 34.86 -14.16 37.20
CA LYS Q 260 33.86 -13.20 37.65
C LYS Q 260 34.14 -11.92 36.98
N ASP Q 261 35.39 -11.71 36.60
CA ASP Q 261 35.80 -10.46 35.95
C ASP Q 261 36.04 -10.50 34.45
N THR Q 262 36.01 -11.68 33.84
CA THR Q 262 36.24 -11.81 32.43
C THR Q 262 35.11 -12.55 31.77
N ILE Q 263 35.04 -13.85 31.94
CA ILE Q 263 33.93 -14.61 31.41
C ILE Q 263 33.02 -14.87 32.58
N THR Q 264 31.79 -14.38 32.53
CA THR Q 264 30.94 -14.51 33.69
C THR Q 264 29.99 -15.47 33.20
N PRO Q 265 29.74 -16.55 33.95
CA PRO Q 265 28.77 -17.44 33.33
C PRO Q 265 27.39 -16.82 33.17
N THR Q 266 26.95 -16.58 31.93
CA THR Q 266 25.64 -15.99 31.67
C THR Q 266 24.51 -16.98 31.78
N ARG Q 267 23.27 -16.53 31.81
CA ARG Q 267 22.18 -17.44 32.01
C ARG Q 267 21.99 -18.45 30.94
N TRP Q 268 21.98 -18.01 29.70
CA TRP Q 268 21.73 -18.95 28.61
C TRP Q 268 22.83 -19.93 28.40
N ASN Q 269 24.07 -19.49 28.51
CA ASN Q 269 25.17 -20.42 28.47
C ASN Q 269 25.15 -21.06 29.83
N SER Q 270 25.79 -22.19 30.00
CA SER Q 270 25.73 -22.94 31.26
C SER Q 270 24.34 -23.43 31.65
N HIS Q 271 23.46 -23.66 30.67
CA HIS Q 271 22.17 -24.25 30.97
C HIS Q 271 22.19 -25.56 30.27
N ILE Q 272 22.08 -26.67 30.99
CA ILE Q 272 22.00 -27.94 30.33
C ILE Q 272 20.64 -27.89 29.78
N TRP Q 273 20.39 -28.50 28.65
CA TRP Q 273 19.07 -28.33 28.09
C TRP Q 273 18.07 -29.28 28.71
N THR Q 274 16.88 -28.80 29.07
CA THR Q 274 15.88 -29.71 29.59
C THR Q 274 15.44 -30.65 28.47
N PRO Q 275 15.22 -31.92 28.75
CA PRO Q 275 14.91 -32.88 27.67
C PRO Q 275 13.76 -32.48 26.78
N GLU Q 276 12.90 -31.56 27.23
CA GLU Q 276 11.79 -31.13 26.38
C GLU Q 276 12.21 -29.95 25.50
N GLU Q 277 13.06 -29.07 26.03
CA GLU Q 277 13.42 -27.86 25.30
C GLU Q 277 14.20 -28.17 24.04
N LEU Q 278 14.89 -29.31 24.02
CA LEU Q 278 15.61 -29.74 22.83
C LEU Q 278 14.63 -29.94 21.69
N GLU Q 279 13.45 -30.47 21.98
CA GLU Q 279 12.45 -30.68 20.95
C GLU Q 279 11.99 -29.36 20.35
N LYS Q 280 11.93 -28.30 21.14
CA LYS Q 280 11.57 -27.00 20.60
C LYS Q 280 12.71 -26.38 19.81
N ILE Q 281 13.94 -26.53 20.30
CA ILE Q 281 15.08 -25.97 19.59
C ILE Q 281 15.25 -26.63 18.24
N ARG Q 282 15.07 -27.95 18.16
CA ARG Q 282 15.25 -28.66 16.90
C ARG Q 282 14.19 -28.30 15.87
N THR Q 283 13.03 -27.80 16.28
CA THR Q 283 11.96 -27.55 15.31
C THR Q 283 11.87 -26.07 14.95
N GLU Q 284 12.19 -25.19 15.88
CA GLU Q 284 11.97 -23.76 15.66
C GLU Q 284 13.25 -22.97 15.52
N VAL Q 285 14.39 -23.62 15.31
CA VAL Q 285 15.65 -22.94 15.04
C VAL Q 285 16.23 -23.49 13.75
N LYS Q 286 16.60 -22.60 12.82
CA LYS Q 286 17.08 -23.03 11.52
C LYS Q 286 18.51 -23.57 11.61
N ASN Q 287 19.41 -22.79 12.18
CA ASN Q 287 20.74 -23.29 12.53
C ASN Q 287 21.00 -23.04 14.00
N PRO Q 288 21.34 -24.08 14.77
CA PRO Q 288 21.49 -23.93 16.21
C PRO Q 288 22.72 -23.17 16.64
N ALA Q 289 23.65 -22.89 15.73
CA ALA Q 289 24.87 -22.18 16.11
C ALA Q 289 24.59 -20.82 16.73
N TYR Q 290 23.46 -20.20 16.39
CA TYR Q 290 23.16 -18.86 16.88
C TYR Q 290 22.43 -18.84 18.21
N ILE Q 291 22.14 -20.01 18.79
CA ILE Q 291 21.55 -20.03 20.12
C ILE Q 291 22.53 -19.48 21.15
N ASN Q 292 23.83 -19.55 20.84
CA ASN Q 292 24.83 -19.07 21.77
C ASN Q 292 24.88 -17.55 21.85
N VAL Q 293 24.92 -16.88 20.69
CA VAL Q 293 25.11 -15.43 20.63
C VAL Q 293 23.94 -14.74 21.30
N VAL Q 294 24.22 -13.92 22.31
CA VAL Q 294 23.20 -13.20 23.08
C VAL Q 294 23.59 -11.74 23.20
N THR Q 295 23.00 -10.90 22.38
CA THR Q 295 23.20 -9.45 22.43
C THR Q 295 21.93 -8.86 23.04
N GLY Q 296 22.01 -8.47 24.31
CA GLY Q 296 20.84 -8.12 25.07
C GLY Q 296 21.15 -7.78 26.50
N GLY Q 297 20.46 -8.39 27.45
CA GLY Q 297 19.51 -9.45 27.17
C GLY Q 297 20.09 -10.81 27.52
N SER Q 298 19.36 -11.88 27.21
CA SER Q 298 18.01 -11.77 26.67
C SER Q 298 17.02 -12.77 27.29
N PRO Q 299 16.84 -12.72 28.61
CA PRO Q 299 15.85 -13.58 29.25
C PRO Q 299 14.63 -12.80 29.70
N GLU Q 300 13.54 -13.54 29.94
CA GLU Q 300 13.38 -14.95 29.64
C GLU Q 300 12.34 -15.00 28.54
N ASN Q 301 12.27 -16.07 27.75
CA ASN Q 301 13.02 -17.31 27.91
C ASN Q 301 13.32 -17.85 26.54
N LEU Q 302 13.61 -19.16 26.46
CA LEU Q 302 13.89 -19.78 25.17
C LEU Q 302 12.87 -19.39 24.10
N ASP Q 303 11.63 -19.09 24.47
CA ASP Q 303 10.69 -18.56 23.50
C ASP Q 303 11.10 -17.19 23.00
N ASP Q 304 12.10 -16.56 23.64
CA ASP Q 304 12.69 -15.34 23.11
C ASP Q 304 13.99 -15.65 22.37
N LEU Q 305 14.77 -16.61 22.87
CA LEU Q 305 16.00 -16.99 22.19
C LEU Q 305 15.72 -17.55 20.81
N ILE Q 306 14.59 -18.21 20.63
CA ILE Q 306 14.23 -18.69 19.29
C ILE Q 306 13.97 -17.50 18.37
N LYS Q 307 13.18 -16.53 18.84
CA LYS Q 307 12.90 -15.35 18.04
C LYS Q 307 14.14 -14.56 17.73
N LEU Q 308 15.16 -14.62 18.59
CA LEU Q 308 16.41 -13.93 18.31
C LEU Q 308 17.34 -14.71 17.40
N ALA Q 309 17.50 -16.01 17.62
CA ALA Q 309 18.39 -16.78 16.79
C ALA Q 309 17.79 -17.10 15.43
N ASN Q 310 16.50 -16.81 15.24
CA ASN Q 310 15.99 -16.83 13.87
C ASN Q 310 16.18 -15.49 13.17
N GLU Q 311 15.90 -14.39 13.88
CA GLU Q 311 16.05 -13.08 13.26
C GLU Q 311 17.51 -12.78 12.95
N ASN Q 312 18.43 -13.25 13.78
CA ASN Q 312 19.84 -13.07 13.48
C ASN Q 312 20.28 -13.95 12.32
N PHE Q 313 19.71 -15.14 12.16
CA PHE Q 313 20.03 -15.92 10.98
C PHE Q 313 19.43 -15.31 9.72
N GLU Q 314 18.33 -14.58 9.85
CA GLU Q 314 17.81 -13.86 8.69
C GLU Q 314 18.65 -12.63 8.37
N ASN Q 315 19.09 -11.91 9.40
CA ASN Q 315 19.96 -10.75 9.22
C ASN Q 315 21.34 -11.16 8.71
N ASP Q 316 21.76 -12.39 8.96
CA ASP Q 316 23.06 -12.86 8.51
C ASP Q 316 23.07 -13.10 7.00
N SER Q 317 22.27 -14.06 6.54
CA SER Q 317 22.28 -14.45 5.14
C SER Q 317 21.81 -13.36 4.20
N ARG Q 318 21.26 -12.26 4.73
CA ARG Q 318 20.95 -11.12 3.88
C ARG Q 318 22.16 -10.24 3.65
N ALA Q 319 22.98 -10.04 4.64
CA ALA Q 319 24.01 -9.04 4.43
C ALA Q 319 25.34 -9.39 4.83
N ALA Q 320 25.44 -10.22 5.82
CA ALA Q 320 26.75 -10.49 6.30
C ALA Q 320 27.42 -11.09 5.11
N GLU Q 321 26.71 -11.96 4.40
CA GLU Q 321 27.37 -12.65 3.33
C GLU Q 321 27.87 -11.68 2.33
N ALA Q 322 27.02 -10.78 1.86
CA ALA Q 322 27.47 -9.92 0.80
C ALA Q 322 28.64 -9.15 1.27
N GLY Q 323 28.53 -8.50 2.42
CA GLY Q 323 29.63 -7.67 2.76
C GLY Q 323 30.94 -8.41 2.90
N LEU Q 324 30.99 -9.46 3.69
CA LEU Q 324 32.30 -10.04 3.88
C LEU Q 324 32.85 -10.66 2.62
N GLY Q 325 32.00 -11.35 1.89
CA GLY Q 325 32.54 -12.05 0.75
C GLY Q 325 33.09 -11.05 -0.19
N ALA Q 326 32.31 -10.03 -0.46
CA ALA Q 326 32.78 -9.12 -1.47
C ALA Q 326 34.02 -8.43 -1.07
N LYS Q 327 34.06 -8.00 0.17
CA LYS Q 327 35.22 -7.25 0.57
C LYS Q 327 36.49 -8.09 0.53
N LEU Q 328 36.43 -9.36 0.91
CA LEU Q 328 37.71 -10.06 0.94
C LEU Q 328 37.97 -10.86 -0.30
N SER Q 329 36.94 -11.12 -1.06
CA SER Q 329 37.06 -11.95 -2.24
C SER Q 329 38.06 -11.42 -3.18
N ALA Q 330 37.88 -10.21 -3.60
CA ALA Q 330 38.88 -9.60 -4.45
C ALA Q 330 40.00 -9.00 -3.63
N GLY Q 331 41.23 -9.41 -3.94
CA GLY Q 331 42.40 -8.81 -3.35
C GLY Q 331 42.51 -8.90 -1.84
N ILE Q 332 42.72 -10.11 -1.32
CA ILE Q 332 42.98 -10.25 0.11
C ILE Q 332 44.39 -9.83 0.50
N ILE Q 333 45.35 -9.95 -0.39
CA ILE Q 333 46.70 -9.60 0.05
C ILE Q 333 47.05 -8.42 -0.76
N GLY Q 334 46.85 -8.58 -2.04
CA GLY Q 334 47.26 -7.62 -3.02
C GLY Q 334 46.54 -6.34 -2.78
N ALA Q 335 45.41 -6.41 -2.10
CA ALA Q 335 44.58 -5.24 -1.97
C ALA Q 335 45.40 -4.21 -1.27
N GLY Q 336 46.00 -4.59 -0.14
CA GLY Q 336 45.55 -5.68 0.67
C GLY Q 336 45.46 -5.16 2.08
N VAL Q 337 44.62 -5.79 2.90
CA VAL Q 337 44.31 -5.28 4.22
C VAL Q 337 45.23 -5.85 5.30
N ASP Q 338 44.85 -5.81 6.59
CA ASP Q 338 45.69 -6.48 7.56
C ASP Q 338 45.18 -7.91 7.80
N PRO Q 339 43.95 -8.13 8.29
CA PRO Q 339 43.03 -7.35 9.10
C PRO Q 339 43.38 -7.56 10.56
N LEU Q 340 43.98 -6.55 11.19
CA LEU Q 340 44.35 -6.67 12.60
C LEU Q 340 43.36 -5.93 13.47
N SER Q 341 42.77 -4.86 12.94
CA SER Q 341 41.68 -4.15 13.59
C SER Q 341 40.43 -4.37 12.75
N TYR Q 342 39.66 -5.39 13.09
CA TYR Q 342 38.49 -5.75 12.32
C TYR Q 342 37.38 -6.13 13.29
N VAL Q 343 36.15 -6.07 12.81
CA VAL Q 343 34.98 -6.46 13.60
C VAL Q 343 35.17 -7.90 14.04
N PRO Q 344 34.67 -8.30 15.21
CA PRO Q 344 34.80 -9.70 15.63
C PRO Q 344 34.38 -10.72 14.58
N MET Q 345 33.65 -10.32 13.54
CA MET Q 345 33.39 -11.18 12.39
C MET Q 345 32.56 -12.40 12.77
N VAL Q 346 31.45 -12.17 13.47
CA VAL Q 346 30.65 -13.27 13.99
C VAL Q 346 29.87 -13.95 12.88
N GLY Q 347 29.14 -13.16 12.09
CA GLY Q 347 28.12 -13.74 11.23
C GLY Q 347 28.68 -14.64 10.15
N VAL Q 348 29.86 -14.31 9.62
CA VAL Q 348 30.31 -14.90 8.37
C VAL Q 348 30.55 -16.40 8.54
N THR Q 349 30.05 -17.16 7.57
CA THR Q 349 30.31 -18.59 7.42
C THR Q 349 30.36 -18.88 5.93
N GLY Q 350 31.55 -19.16 5.41
CA GLY Q 350 31.71 -19.04 3.98
C GLY Q 350 31.58 -17.57 3.63
N LYS Q 351 30.59 -17.23 2.82
CA LYS Q 351 29.79 -18.19 2.08
C LYS Q 351 30.03 -17.94 0.62
N GLY Q 352 29.78 -16.71 0.22
CA GLY Q 352 30.10 -16.27 -1.13
C GLY Q 352 31.51 -15.73 -1.20
N PHE Q 353 32.48 -16.57 -0.87
CA PHE Q 353 33.89 -16.19 -0.88
C PHE Q 353 34.60 -17.06 -1.91
N LYS Q 354 34.84 -16.53 -3.10
CA LYS Q 354 35.68 -17.21 -4.11
C LYS Q 354 36.71 -16.14 -4.43
N LEU Q 355 38.01 -16.33 -4.24
CA LEU Q 355 38.95 -15.20 -4.39
C LEU Q 355 39.43 -15.02 -5.73
N ILE Q 356 38.63 -14.52 -6.66
CA ILE Q 356 39.16 -14.24 -7.97
C ILE Q 356 39.79 -12.89 -7.88
N ASN Q 357 41.07 -12.84 -7.53
CA ASN Q 357 41.72 -11.57 -7.35
C ASN Q 357 41.63 -10.99 -8.71
N LYS Q 358 41.19 -9.76 -8.79
CA LYS Q 358 41.17 -9.14 -10.08
C LYS Q 358 42.62 -8.84 -10.18
N ALA Q 359 43.23 -9.14 -11.30
CA ALA Q 359 44.67 -9.02 -11.50
C ALA Q 359 45.21 -10.32 -10.97
N LEU Q 360 46.39 -10.74 -11.42
CA LEU Q 360 46.94 -12.03 -11.05
C LEU Q 360 46.15 -13.08 -11.81
N VAL Q 361 45.33 -12.66 -12.77
CA VAL Q 361 44.63 -13.62 -13.61
C VAL Q 361 45.27 -13.24 -14.91
N VAL Q 362 45.80 -14.20 -15.66
CA VAL Q 362 46.52 -13.83 -16.85
C VAL Q 362 45.89 -14.28 -18.11
N GLY Q 363 45.72 -15.58 -18.26
CA GLY Q 363 45.04 -16.07 -19.44
C GLY Q 363 43.87 -16.80 -18.87
N ALA Q 364 42.66 -16.54 -19.31
CA ALA Q 364 41.53 -16.81 -18.45
C ALA Q 364 40.68 -17.86 -19.06
N GLU Q 365 41.28 -18.73 -19.88
CA GLU Q 365 40.56 -19.78 -20.57
C GLU Q 365 39.38 -20.19 -19.75
N SER Q 366 38.21 -19.76 -20.16
CA SER Q 366 37.03 -19.99 -19.37
C SER Q 366 36.65 -21.40 -19.10
N ALA Q 367 36.76 -22.24 -20.11
CA ALA Q 367 36.24 -23.59 -19.97
C ALA Q 367 36.93 -24.65 -19.15
N ALA Q 368 37.51 -25.60 -19.85
CA ALA Q 368 38.11 -26.79 -19.18
C ALA Q 368 39.28 -27.41 -19.93
N LEU Q 369 40.13 -28.13 -19.21
CA LEU Q 369 41.23 -28.86 -19.83
C LEU Q 369 40.78 -30.28 -20.10
N ASN Q 370 39.91 -30.82 -19.27
CA ASN Q 370 39.40 -32.18 -19.44
C ASN Q 370 38.09 -32.32 -18.72
N VAL Q 371 37.67 -33.54 -18.44
CA VAL Q 371 36.45 -33.73 -17.66
C VAL Q 371 36.86 -33.85 -16.25
N ALA Q 372 38.16 -33.74 -16.00
CA ALA Q 372 38.64 -33.73 -14.64
C ALA Q 372 38.74 -32.25 -14.41
N SER Q 373 39.73 -31.78 -13.69
CA SER Q 373 39.75 -30.37 -13.39
C SER Q 373 38.42 -29.95 -12.76
N GLU Q 374 37.62 -29.15 -13.47
CA GLU Q 374 36.32 -28.68 -12.94
C GLU Q 374 36.54 -27.83 -11.72
N GLY Q 375 36.15 -28.30 -10.56
CA GLY Q 375 36.45 -27.57 -9.34
C GLY Q 375 36.85 -28.64 -8.37
N LEU Q 376 36.90 -28.36 -7.07
CA LEU Q 376 37.23 -29.38 -6.09
C LEU Q 376 36.48 -30.65 -6.45
N ARG Q 377 37.19 -31.72 -6.82
CA ARG Q 377 36.54 -32.92 -7.27
C ARG Q 377 36.06 -33.73 -6.11
N THR Q 378 35.04 -33.27 -5.38
CA THR Q 378 34.65 -33.96 -4.14
C THR Q 378 33.32 -34.70 -4.08
N SER Q 379 33.20 -35.67 -3.17
CA SER Q 379 32.01 -36.51 -3.09
C SER Q 379 31.26 -36.37 -1.80
N VAL Q 380 31.28 -35.21 -1.18
CA VAL Q 380 30.47 -34.99 0.00
C VAL Q 380 29.72 -33.76 -0.32
N ALA Q 381 28.51 -33.59 0.16
CA ALA Q 381 27.88 -32.31 -0.03
C ALA Q 381 28.64 -31.43 0.95
N GLY Q 382 28.69 -30.13 0.70
CA GLY Q 382 29.39 -29.24 1.60
C GLY Q 382 30.79 -29.08 1.12
N GLY Q 383 31.14 -29.79 0.07
CA GLY Q 383 32.46 -29.69 -0.49
C GLY Q 383 32.57 -28.56 -1.45
N ASP Q 384 32.73 -27.35 -0.93
CA ASP Q 384 32.78 -26.17 -1.72
C ASP Q 384 32.39 -25.22 -0.66
N ALA Q 385 31.93 -25.70 0.47
CA ALA Q 385 31.73 -24.77 1.54
C ALA Q 385 32.62 -25.10 2.67
N ASP Q 386 33.02 -26.33 2.83
CA ASP Q 386 33.99 -26.58 3.88
C ASP Q 386 35.27 -25.93 3.41
N TYR Q 387 35.57 -26.06 2.13
CA TYR Q 387 36.77 -25.48 1.60
C TYR Q 387 36.71 -24.00 1.72
N ALA Q 388 35.56 -23.43 1.44
CA ALA Q 388 35.48 -21.99 1.46
C ALA Q 388 35.70 -21.52 2.85
N GLY Q 389 35.16 -22.24 3.79
CA GLY Q 389 35.27 -21.80 5.15
C GLY Q 389 36.71 -21.84 5.50
N ALA Q 390 37.39 -22.89 5.10
CA ALA Q 390 38.75 -23.02 5.49
C ALA Q 390 39.50 -21.88 4.94
N ALA Q 391 39.24 -21.56 3.69
CA ALA Q 391 40.00 -20.50 3.08
C ALA Q 391 39.76 -19.18 3.75
N LEU Q 392 38.53 -18.84 4.09
CA LEU Q 392 38.33 -17.52 4.65
C LEU Q 392 39.15 -17.58 5.88
N GLY Q 393 39.11 -18.71 6.55
CA GLY Q 393 39.85 -18.74 7.80
C GLY Q 393 41.34 -18.84 7.62
N GLY Q 394 41.78 -19.37 6.49
CA GLY Q 394 43.19 -19.41 6.20
C GLY Q 394 43.70 -18.07 5.72
N PHE Q 395 42.96 -17.42 4.82
CA PHE Q 395 43.38 -16.12 4.30
C PHE Q 395 43.41 -15.07 5.39
N VAL Q 396 42.35 -14.96 6.19
CA VAL Q 396 42.34 -13.96 7.24
C VAL Q 396 43.49 -14.17 8.19
N PHE Q 397 43.70 -15.41 8.62
CA PHE Q 397 44.81 -15.71 9.54
C PHE Q 397 46.17 -15.47 8.92
N GLY Q 398 46.36 -15.77 7.64
CA GLY Q 398 47.64 -15.57 7.01
C GLY Q 398 47.97 -14.11 6.83
N ALA Q 399 47.01 -13.34 6.30
CA ALA Q 399 47.22 -11.91 6.20
C ALA Q 399 47.46 -11.29 7.57
N GLY Q 400 46.76 -11.78 8.60
CA GLY Q 400 46.99 -11.27 9.94
C GLY Q 400 48.35 -11.61 10.49
N MET Q 401 48.85 -12.82 10.24
CA MET Q 401 50.20 -13.14 10.64
C MET Q 401 51.22 -12.27 9.91
N SER Q 402 50.97 -11.99 8.63
CA SER Q 402 51.84 -11.07 7.91
C SER Q 402 51.84 -9.68 8.53
N ALA Q 403 50.67 -9.13 8.81
CA ALA Q 403 50.61 -7.79 9.42
C ALA Q 403 51.25 -7.78 10.80
N ILE Q 404 51.05 -8.82 11.61
CA ILE Q 404 51.62 -8.80 12.94
C ILE Q 404 53.13 -9.02 12.90
N SER Q 405 53.64 -9.74 11.91
CA SER Q 405 55.08 -9.83 11.78
C SER Q 405 55.70 -8.55 11.25
N ASP Q 406 54.97 -7.80 10.41
CA ASP Q 406 55.44 -6.45 10.10
C ASP Q 406 55.41 -5.54 11.31
N ALA Q 407 54.42 -5.72 12.19
CA ALA Q 407 54.35 -4.87 13.38
C ALA Q 407 55.46 -5.19 14.36
N VAL Q 408 55.73 -6.48 14.62
CA VAL Q 408 56.83 -6.82 15.52
C VAL Q 408 58.17 -6.49 14.89
N ALA Q 409 58.26 -6.45 13.56
CA ALA Q 409 59.47 -5.95 12.92
C ALA Q 409 59.77 -4.53 13.38
N ALA Q 410 58.78 -3.63 13.24
CA ALA Q 410 58.97 -2.27 13.73
C ALA Q 410 59.14 -2.21 15.25
N GLY Q 411 58.54 -3.15 15.98
CA GLY Q 411 58.77 -3.23 17.40
C GLY Q 411 60.20 -3.60 17.76
N LEU Q 412 60.91 -4.25 16.85
CA LEU Q 412 62.33 -4.50 17.02
C LEU Q 412 63.23 -3.50 16.30
N LYS Q 413 62.68 -2.65 15.43
CA LYS Q 413 63.50 -1.64 14.79
C LYS Q 413 63.96 -0.57 15.79
N ARG Q 414 63.24 -0.43 16.90
CA ARG Q 414 63.60 0.59 17.87
C ARG Q 414 64.89 0.24 18.61
N SER Q 415 65.25 -1.04 18.65
CA SER Q 415 66.54 -1.42 19.20
C SER Q 415 67.65 -1.27 18.15
N LYS Q 416 67.55 -2.02 17.06
CA LYS Q 416 68.48 -1.92 15.94
C LYS Q 416 67.71 -1.64 14.67
N PRO Q 417 68.31 -0.93 13.71
CA PRO Q 417 67.55 -0.60 12.50
C PRO Q 417 67.24 -1.79 11.61
N GLU Q 418 68.08 -2.84 11.62
CA GLU Q 418 67.89 -3.98 10.75
C GLU Q 418 68.83 -5.11 11.16
N ALA Q 419 68.31 -6.35 11.21
CA ALA Q 419 69.19 -7.51 11.29
C ALA Q 419 69.07 -8.39 10.05
N GLU Q 420 67.95 -9.09 9.83
CA GLU Q 420 67.55 -9.48 8.49
C GLU Q 420 66.04 -9.34 8.31
N PHE Q 421 65.29 -9.78 9.32
CA PHE Q 421 63.83 -9.66 9.38
C PHE Q 421 63.14 -10.13 8.10
N ASP Q 422 63.24 -11.43 7.85
CA ASP Q 422 62.44 -12.10 6.82
C ASP Q 422 62.01 -13.48 7.32
N ASN Q 423 60.84 -13.60 7.98
CA ASN Q 423 59.94 -12.52 8.44
C ASN Q 423 59.41 -11.61 7.33
N GLU Q 424 58.45 -12.09 6.53
CA GLU Q 424 57.55 -13.16 6.97
C GLU Q 424 56.81 -13.89 5.86
N PHE Q 425 55.69 -14.48 6.28
CA PHE Q 425 54.79 -15.35 5.53
C PHE Q 425 54.20 -14.67 4.30
N ILE Q 426 54.57 -13.42 4.03
CA ILE Q 426 54.13 -12.75 2.80
C ILE Q 426 54.33 -13.66 1.60
N GLY Q 427 55.44 -14.39 1.55
CA GLY Q 427 55.69 -15.34 0.51
C GLY Q 427 54.62 -16.41 0.39
N PRO Q 428 54.49 -17.25 1.43
CA PRO Q 428 53.45 -18.28 1.40
C PRO Q 428 52.05 -17.74 1.17
N MET Q 429 51.68 -16.64 1.81
CA MET Q 429 50.32 -16.12 1.66
C MET Q 429 50.08 -15.58 0.26
N MET Q 430 51.08 -14.92 -0.35
CA MET Q 430 50.89 -14.46 -1.72
C MET Q 430 50.85 -15.62 -2.69
N ARG Q 431 51.71 -16.62 -2.51
CA ARG Q 431 51.70 -17.76 -3.41
C ARG Q 431 50.48 -18.64 -3.18
N LEU Q 432 49.79 -18.44 -2.07
CA LEU Q 432 48.51 -19.10 -1.85
C LEU Q 432 47.37 -18.32 -2.46
N GLU Q 433 47.39 -16.99 -2.37
CA GLU Q 433 46.38 -16.18 -3.03
C GLU Q 433 46.42 -16.37 -4.53
N ALA Q 434 47.61 -16.42 -5.12
CA ALA Q 434 47.70 -16.64 -6.55
C ALA Q 434 47.16 -18.00 -6.94
N ARG Q 435 47.46 -19.03 -6.15
CA ARG Q 435 46.92 -20.36 -6.43
C ARG Q 435 45.40 -20.37 -6.35
N GLU Q 436 44.84 -19.71 -5.33
CA GLU Q 436 43.38 -19.65 -5.22
C GLU Q 436 42.77 -18.95 -6.43
N THR Q 437 43.36 -17.83 -6.84
CA THR Q 437 42.87 -17.15 -8.02
C THR Q 437 42.95 -18.03 -9.26
N ALA Q 438 44.03 -18.80 -9.42
CA ALA Q 438 44.11 -19.70 -10.55
C ALA Q 438 43.07 -20.82 -10.46
N ARG Q 439 42.77 -21.27 -9.25
CA ARG Q 439 41.75 -22.30 -9.07
C ARG Q 439 40.37 -21.80 -9.46
N ASN Q 440 40.06 -20.55 -9.08
CA ASN Q 440 38.72 -20.04 -9.30
C ASN Q 440 38.57 -19.47 -10.70
N ALA Q 441 39.66 -19.03 -11.31
CA ALA Q 441 39.62 -18.39 -12.62
C ALA Q 441 40.04 -19.31 -13.76
N ASN Q 442 40.29 -20.59 -13.48
CA ASN Q 442 40.48 -21.68 -14.44
C ASN Q 442 41.79 -21.60 -15.21
N SER Q 443 42.73 -20.70 -14.87
CA SER Q 443 44.01 -20.68 -15.54
C SER Q 443 44.97 -19.77 -14.79
N ALA Q 444 46.11 -19.48 -15.43
CA ALA Q 444 47.09 -18.54 -14.92
C ALA Q 444 47.68 -18.93 -13.56
N ASP Q 445 48.44 -20.03 -13.52
CA ASP Q 445 49.16 -20.43 -12.32
C ASP Q 445 50.39 -19.55 -12.08
N LEU Q 446 50.19 -18.28 -11.73
CA LEU Q 446 51.28 -17.35 -11.55
C LEU Q 446 52.08 -17.58 -10.27
N SER Q 447 51.70 -18.60 -9.50
CA SER Q 447 52.40 -18.93 -8.27
C SER Q 447 53.37 -20.06 -8.51
N ARG Q 448 53.93 -20.12 -9.71
CA ARG Q 448 54.81 -21.21 -10.12
C ARG Q 448 56.22 -20.68 -10.33
N MET Q 449 57.13 -21.07 -9.43
CA MET Q 449 58.53 -20.78 -9.63
C MET Q 449 59.01 -21.49 -10.89
N ASN Q 450 60.11 -20.98 -11.46
CA ASN Q 450 60.53 -21.50 -12.75
C ASN Q 450 61.99 -21.18 -13.02
N THR Q 451 62.72 -22.17 -13.49
CA THR Q 451 62.31 -23.58 -13.40
C THR Q 451 63.48 -24.40 -12.89
N GLU Q 452 64.67 -23.97 -13.30
CA GLU Q 452 65.86 -24.82 -13.32
C GLU Q 452 66.79 -24.49 -12.16
N ASN Q 453 67.66 -25.44 -11.74
CA ASN Q 453 67.74 -26.89 -12.02
C ASN Q 453 68.87 -27.35 -11.10
N MET Q 454 69.11 -28.66 -10.91
CA MET Q 454 68.33 -29.76 -11.44
C MET Q 454 67.48 -30.36 -10.35
N LYS Q 455 66.68 -31.36 -10.70
CA LYS Q 455 65.78 -31.99 -9.76
C LYS Q 455 66.56 -33.03 -8.96
N PHE Q 456 67.64 -32.58 -8.34
CA PHE Q 456 68.37 -33.34 -7.34
C PHE Q 456 68.47 -32.45 -6.11
N GLU Q 457 68.52 -33.05 -4.93
CA GLU Q 457 68.69 -34.48 -4.76
C GLU Q 457 67.38 -35.26 -4.70
N GLY Q 458 66.37 -34.67 -4.08
CA GLY Q 458 65.23 -35.47 -3.69
C GLY Q 458 65.70 -36.59 -2.77
N GLU Q 459 64.92 -37.67 -2.73
CA GLU Q 459 63.58 -37.78 -3.28
C GLU Q 459 62.86 -38.81 -2.41
N HIS Q 460 61.97 -38.34 -1.53
CA HIS Q 460 61.41 -39.24 -0.54
C HIS Q 460 60.56 -40.33 -1.19
N ASN Q 461 59.59 -39.95 -2.02
CA ASN Q 461 58.76 -40.91 -2.70
C ASN Q 461 58.48 -40.42 -4.12
N GLY Q 462 59.27 -40.88 -5.08
CA GLY Q 462 59.01 -40.60 -6.47
C GLY Q 462 59.26 -39.16 -6.86
N VAL Q 463 58.61 -38.23 -6.16
CA VAL Q 463 58.68 -36.81 -6.53
C VAL Q 463 60.10 -36.28 -6.32
N PRO Q 464 60.72 -35.71 -7.34
CA PRO Q 464 62.01 -35.02 -7.13
C PRO Q 464 61.81 -33.55 -6.84
N TYR Q 465 62.45 -33.04 -5.79
CA TYR Q 465 62.31 -31.64 -5.44
C TYR Q 465 63.62 -30.91 -5.71
N GLU Q 466 63.66 -29.62 -5.35
CA GLU Q 466 64.86 -28.82 -5.47
C GLU Q 466 64.77 -27.67 -4.48
N ASP Q 467 65.89 -27.39 -3.81
CA ASP Q 467 65.94 -26.38 -2.76
C ASP Q 467 66.23 -25.02 -3.38
N LEU Q 468 65.43 -24.03 -3.02
CA LEU Q 468 65.61 -22.67 -3.54
C LEU Q 468 66.37 -21.83 -2.53
N PRO Q 469 67.51 -21.22 -2.90
CA PRO Q 469 68.17 -20.34 -1.95
C PRO Q 469 67.35 -19.08 -1.79
N THR Q 470 66.57 -19.04 -0.72
CA THR Q 470 65.53 -18.06 -0.48
C THR Q 470 65.13 -18.25 0.99
N GLU Q 471 63.94 -17.78 1.36
CA GLU Q 471 63.32 -18.12 2.64
C GLU Q 471 63.60 -19.57 3.01
N ARG Q 472 63.82 -19.80 4.30
CA ARG Q 472 64.22 -21.11 4.81
C ARG Q 472 63.33 -22.22 4.25
N GLY Q 473 63.90 -23.40 4.13
CA GLY Q 473 63.42 -24.29 3.09
C GLY Q 473 63.76 -23.62 1.77
N ALA Q 474 62.89 -23.74 0.78
CA ALA Q 474 61.81 -24.71 0.75
C ALA Q 474 62.02 -25.51 -0.52
N VAL Q 475 61.05 -26.32 -0.91
CA VAL Q 475 61.19 -27.12 -2.12
C VAL Q 475 60.54 -26.38 -3.27
N VAL Q 476 60.92 -26.77 -4.49
CA VAL Q 476 60.23 -26.36 -5.70
C VAL Q 476 59.94 -27.61 -6.50
N LEU Q 477 58.75 -27.67 -7.10
CA LEU Q 477 58.31 -28.89 -7.77
C LEU Q 477 58.74 -28.87 -9.22
N HIS Q 478 58.26 -29.84 -10.00
CA HIS Q 478 58.58 -29.89 -11.42
C HIS Q 478 57.71 -28.94 -12.22
N ASP Q 479 56.59 -28.49 -11.65
CA ASP Q 479 55.72 -27.54 -12.34
C ASP Q 479 56.38 -26.17 -12.51
N GLY Q 480 56.96 -25.59 -11.45
CA GLY Q 480 56.98 -26.08 -10.09
C GLY Q 480 56.17 -25.26 -9.12
N SER Q 481 55.03 -25.80 -8.71
CA SER Q 481 54.30 -25.19 -7.62
C SER Q 481 55.09 -25.33 -6.33
N VAL Q 482 55.51 -24.19 -5.79
CA VAL Q 482 56.42 -24.15 -4.66
C VAL Q 482 55.65 -24.43 -3.38
N LEU Q 483 56.22 -25.25 -2.52
CA LEU Q 483 55.64 -25.59 -1.22
C LEU Q 483 56.45 -24.89 -0.15
N SER Q 484 55.82 -23.97 0.58
CA SER Q 484 56.46 -23.28 1.69
C SER Q 484 57.03 -24.31 2.65
N ALA Q 485 58.17 -23.98 3.26
CA ALA Q 485 58.70 -24.83 4.32
C ALA Q 485 57.70 -24.89 5.46
N SER Q 486 57.88 -25.84 6.38
CA SER Q 486 56.94 -26.04 7.48
C SER Q 486 55.54 -26.35 6.95
N ASN Q 487 55.50 -27.12 5.95
CA ASN Q 487 54.32 -27.70 5.35
C ASN Q 487 54.33 -29.21 5.52
N PRO Q 488 53.18 -29.86 5.58
CA PRO Q 488 53.19 -31.33 5.69
C PRO Q 488 53.48 -32.04 4.37
N ILE Q 489 53.77 -31.33 3.28
CA ILE Q 489 53.93 -32.00 2.00
C ILE Q 489 55.38 -31.97 1.54
N ASN Q 490 56.05 -30.83 1.70
CA ASN Q 490 57.35 -30.64 1.06
C ASN Q 490 58.29 -31.77 1.42
N PRO Q 491 58.70 -32.60 0.46
CA PRO Q 491 59.41 -33.84 0.78
C PRO Q 491 60.74 -33.63 1.47
N LYS Q 492 61.38 -32.48 1.29
CA LYS Q 492 62.57 -32.20 2.08
C LYS Q 492 62.27 -32.26 3.57
N THR Q 493 61.21 -31.60 4.02
CA THR Q 493 60.81 -31.65 5.41
C THR Q 493 60.38 -33.04 5.83
N LEU Q 494 59.69 -33.78 4.95
CA LEU Q 494 59.25 -35.12 5.30
C LEU Q 494 60.45 -36.03 5.52
N LYS Q 495 61.47 -35.93 4.67
CA LYS Q 495 62.70 -36.66 4.90
C LYS Q 495 63.34 -36.22 6.21
N GLU Q 496 63.49 -34.90 6.39
CA GLU Q 496 64.13 -34.37 7.58
C GLU Q 496 63.46 -34.87 8.84
N PHE Q 497 62.14 -35.08 8.79
CA PHE Q 497 61.44 -35.57 9.97
C PHE Q 497 61.58 -37.08 10.11
N SER Q 498 61.44 -37.82 9.00
CA SER Q 498 61.75 -39.24 9.05
C SER Q 498 63.23 -39.44 9.29
N GLU Q 499 64.02 -38.38 9.17
CA GLU Q 499 65.41 -38.39 9.60
C GLU Q 499 65.44 -38.21 11.12
N VAL Q 500 66.61 -37.86 11.65
CA VAL Q 500 66.82 -37.80 13.09
C VAL Q 500 65.73 -36.97 13.77
N ASP Q 501 65.01 -37.62 14.70
CA ASP Q 501 63.98 -37.05 15.57
C ASP Q 501 63.49 -38.15 16.50
N PRO Q 502 62.76 -37.82 17.57
CA PRO Q 502 62.17 -38.90 18.38
C PRO Q 502 60.98 -39.55 17.68
N PHE Q 551 40.63 -66.81 -13.69
CA PHE Q 551 41.54 -67.52 -12.80
C PHE Q 551 41.24 -67.20 -11.34
N GLY Q 552 40.97 -65.92 -11.07
CA GLY Q 552 40.60 -65.50 -9.73
C GLY Q 552 41.82 -65.33 -8.85
N ALA Q 553 41.85 -64.18 -8.16
CA ALA Q 553 43.07 -63.71 -7.52
C ALA Q 553 42.77 -62.36 -6.87
N THR Q 554 43.61 -61.93 -5.92
CA THR Q 554 44.49 -62.75 -5.08
C THR Q 554 44.14 -62.37 -3.66
N ALA Q 555 45.00 -62.76 -2.72
CA ALA Q 555 44.84 -62.28 -1.36
C ALA Q 555 45.10 -60.78 -1.25
N SER Q 556 46.25 -60.31 -1.77
CA SER Q 556 46.57 -58.89 -1.73
C SER Q 556 45.56 -58.02 -2.47
N ASP Q 557 44.93 -58.55 -3.53
CA ASP Q 557 43.87 -57.80 -4.19
C ASP Q 557 42.68 -57.62 -3.27
N ILE Q 558 42.34 -58.66 -2.50
CA ILE Q 558 41.26 -58.53 -1.52
C ILE Q 558 41.60 -57.44 -0.51
N HIS Q 559 42.84 -57.42 -0.03
CA HIS Q 559 43.24 -56.41 0.94
C HIS Q 559 43.09 -55.00 0.39
N GLU Q 560 43.48 -54.76 -0.86
CA GLU Q 560 43.35 -53.43 -1.43
C GLU Q 560 41.91 -53.05 -1.74
N ARG Q 561 41.11 -53.97 -2.28
CA ARG Q 561 39.68 -53.67 -2.43
C ARG Q 561 39.07 -53.27 -1.10
N LEU Q 562 39.39 -54.00 -0.04
CA LEU Q 562 38.78 -53.73 1.25
C LEU Q 562 39.29 -52.41 1.84
N HIS Q 563 40.60 -52.16 1.76
CA HIS Q 563 41.12 -50.89 2.26
C HIS Q 563 40.73 -49.71 1.40
N GLY Q 564 40.19 -49.96 0.20
CA GLY Q 564 39.71 -48.87 -0.63
C GLY Q 564 38.23 -48.61 -0.44
N THR Q 565 37.48 -49.62 -0.03
CA THR Q 565 36.08 -49.36 0.26
C THR Q 565 35.85 -48.94 1.71
N ASP Q 566 36.67 -49.44 2.63
CA ASP Q 566 36.48 -49.09 4.03
C ASP Q 566 36.95 -47.68 4.32
N GLN Q 567 37.95 -47.18 3.60
CA GLN Q 567 38.27 -45.77 3.71
C GLN Q 567 37.10 -44.90 3.25
N ARG Q 568 36.41 -45.32 2.19
CA ARG Q 568 35.26 -44.56 1.71
C ARG Q 568 34.13 -44.56 2.74
N THR Q 569 33.83 -45.73 3.30
CA THR Q 569 32.78 -45.74 4.32
C THR Q 569 33.20 -45.03 5.60
N TYR Q 570 34.50 -45.00 5.92
CA TYR Q 570 34.97 -44.18 7.02
C TYR Q 570 34.73 -42.70 6.74
N ASN Q 571 34.98 -42.26 5.51
CA ASN Q 571 34.72 -40.86 5.18
C ASN Q 571 33.24 -40.53 5.25
N ASP Q 572 32.39 -41.42 4.73
CA ASP Q 572 30.96 -41.19 4.83
C ASP Q 572 30.47 -41.21 6.27
N LEU Q 573 31.11 -42.00 7.14
CA LEU Q 573 30.75 -41.98 8.55
C LEU Q 573 31.23 -40.71 9.22
N TYR Q 574 32.43 -40.25 8.87
CA TYR Q 574 32.96 -39.02 9.43
C TYR Q 574 32.09 -37.83 9.07
N LYS Q 575 31.59 -37.78 7.84
CA LYS Q 575 30.69 -36.69 7.46
C LYS Q 575 29.45 -36.67 8.35
N ALA Q 576 28.79 -37.81 8.51
CA ALA Q 576 27.59 -37.85 9.32
C ALA Q 576 27.87 -37.58 10.79
N MET Q 577 29.03 -38.01 11.29
CA MET Q 577 29.35 -37.73 12.68
C MET Q 577 29.61 -36.25 12.90
N SER Q 578 30.38 -35.62 12.02
CA SER Q 578 30.56 -34.18 12.10
C SER Q 578 29.26 -33.44 11.94
N ASP Q 579 28.29 -34.01 11.22
CA ASP Q 579 26.98 -33.39 11.09
C ASP Q 579 26.09 -33.62 12.29
N ALA Q 580 26.35 -34.67 13.09
CA ALA Q 580 25.49 -34.97 14.21
C ALA Q 580 26.01 -34.39 15.53
N MET Q 581 27.31 -34.49 15.75
CA MET Q 581 27.88 -33.96 16.98
C MET Q 581 27.70 -32.47 17.04
N LYS Q 582 26.97 -31.90 16.10
CA LYS Q 582 26.69 -30.48 16.11
C LYS Q 582 25.22 -30.14 16.30
N ASP Q 583 24.40 -31.09 16.73
CA ASP Q 583 23.00 -30.79 16.98
C ASP Q 583 22.87 -30.06 18.27
N PRO Q 584 21.70 -29.53 18.53
CA PRO Q 584 21.67 -28.73 19.73
C PRO Q 584 22.03 -29.40 21.00
N GLU Q 585 21.62 -30.62 21.26
CA GLU Q 585 21.90 -31.21 22.56
C GLU Q 585 23.30 -31.00 23.04
N PHE Q 586 24.25 -31.37 22.22
CA PHE Q 586 25.64 -31.26 22.61
C PHE Q 586 26.24 -29.88 22.61
N SER Q 587 25.88 -29.06 21.63
CA SER Q 587 26.56 -27.76 21.51
C SER Q 587 25.88 -26.45 21.82
N THR Q 588 24.65 -26.27 21.42
CA THR Q 588 24.04 -24.97 21.60
C THR Q 588 23.92 -24.53 23.00
N GLY Q 589 23.61 -25.43 23.87
CA GLY Q 589 23.42 -25.04 25.22
C GLY Q 589 24.73 -25.01 25.88
N GLY Q 590 24.69 -24.87 27.17
CA GLY Q 590 25.93 -24.87 27.90
C GLY Q 590 26.52 -26.24 27.84
N ALA Q 591 27.82 -26.32 28.03
CA ALA Q 591 28.47 -27.61 27.88
C ALA Q 591 28.04 -28.66 28.82
N LYS Q 592 27.96 -29.87 28.30
CA LYS Q 592 27.65 -30.97 29.14
C LYS Q 592 28.79 -31.85 28.73
N MET Q 593 28.57 -33.13 28.57
CA MET Q 593 29.58 -34.07 28.12
C MET Q 593 30.28 -33.54 26.88
N SER Q 594 31.59 -33.30 26.96
CA SER Q 594 32.32 -32.75 25.83
C SER Q 594 33.80 -32.99 26.05
N ARG Q 595 34.50 -33.37 24.98
CA ARG Q 595 33.87 -33.67 23.70
C ARG Q 595 34.21 -35.09 23.30
N GLU Q 596 35.27 -35.64 23.89
CA GLU Q 596 35.54 -37.06 23.72
C GLU Q 596 34.35 -37.90 24.12
N GLU Q 597 33.47 -37.36 24.95
CA GLU Q 597 32.22 -38.03 25.28
C GLU Q 597 31.10 -37.70 24.31
N THR Q 598 31.18 -36.57 23.61
CA THR Q 598 30.06 -36.27 22.75
C THR Q 598 30.05 -37.11 21.49
N ARG Q 599 31.15 -37.80 21.19
CA ARG Q 599 31.12 -38.82 20.16
C ARG Q 599 30.85 -40.20 20.75
N TYR Q 600 31.26 -40.40 22.00
CA TYR Q 600 30.98 -41.68 22.66
C TYR Q 600 29.50 -41.85 22.91
N THR Q 601 28.80 -40.79 23.30
CA THR Q 601 27.37 -40.87 23.52
C THR Q 601 26.56 -40.68 22.24
N ILE Q 602 27.23 -40.63 21.09
CA ILE Q 602 26.54 -40.82 19.82
C ILE Q 602 26.74 -42.23 19.31
N TYR Q 603 27.96 -42.76 19.43
CA TYR Q 603 28.21 -44.13 19.06
C TYR Q 603 27.51 -45.11 20.00
N ARG Q 604 27.36 -44.76 21.27
CA ARG Q 604 26.59 -45.59 22.18
C ARG Q 604 25.15 -45.71 21.71
N ARG Q 605 24.54 -44.60 21.33
CA ARG Q 605 23.19 -44.65 20.78
C ARG Q 605 23.14 -45.40 19.46
N ALA Q 606 24.11 -45.19 18.57
CA ALA Q 606 24.07 -45.87 17.29
C ALA Q 606 24.37 -47.36 17.39
N ALA Q 607 24.97 -47.80 18.50
CA ALA Q 607 25.18 -49.22 18.70
C ALA Q 607 24.01 -49.86 19.43
N LEU Q 608 23.47 -49.18 20.43
CA LEU Q 608 22.34 -49.73 21.16
C LEU Q 608 21.04 -49.65 20.37
N ALA Q 609 20.97 -48.80 19.36
CA ALA Q 609 19.83 -48.85 18.46
C ALA Q 609 19.95 -50.00 17.48
N ILE Q 610 21.16 -50.42 17.15
CA ILE Q 610 21.35 -51.44 16.13
C ILE Q 610 21.03 -52.77 16.74
N GLU Q 611 21.62 -53.04 17.88
CA GLU Q 611 21.40 -54.32 18.53
C GLU Q 611 19.98 -54.61 19.00
N ARG Q 612 19.27 -53.66 19.57
CA ARG Q 612 17.88 -53.87 19.93
C ARG Q 612 17.16 -52.78 19.17
N PRO Q 613 16.21 -53.16 18.31
CA PRO Q 613 15.63 -52.10 17.49
C PRO Q 613 14.48 -51.28 17.99
N GLU Q 614 13.96 -51.51 19.18
CA GLU Q 614 12.90 -50.63 19.67
C GLU Q 614 13.56 -49.33 20.01
N LEU Q 615 14.60 -49.39 20.83
CA LEU Q 615 15.35 -48.21 21.23
C LEU Q 615 15.62 -47.42 20.00
N GLN Q 616 15.96 -48.06 18.89
CA GLN Q 616 16.12 -47.23 17.63
C GLN Q 616 15.12 -46.13 17.50
N LYS Q 617 13.98 -46.36 16.90
CA LYS Q 617 12.79 -45.53 16.75
C LYS Q 617 12.90 -44.17 17.46
N ALA Q 618 13.52 -44.04 18.63
CA ALA Q 618 13.72 -42.70 19.25
C ALA Q 618 15.09 -42.01 19.11
N LEU Q 619 15.56 -41.78 17.90
CA LEU Q 619 16.87 -41.16 17.66
C LEU Q 619 16.73 -39.98 16.73
N THR Q 620 17.52 -38.94 16.95
CA THR Q 620 17.43 -37.74 16.14
C THR Q 620 17.78 -38.04 14.72
N PRO Q 621 17.07 -37.44 13.77
CA PRO Q 621 17.32 -37.80 12.38
C PRO Q 621 18.69 -37.50 11.87
N SER Q 622 19.23 -36.33 12.18
CA SER Q 622 20.54 -35.92 11.65
C SER Q 622 21.55 -36.78 12.30
N GLU Q 623 21.08 -37.67 13.14
CA GLU Q 623 21.97 -38.62 13.78
C GLU Q 623 21.66 -40.06 13.39
N ARG Q 624 20.45 -40.35 12.92
CA ARG Q 624 20.14 -41.71 12.46
C ARG Q 624 20.97 -42.10 11.26
N ILE Q 625 21.52 -41.13 10.52
CA ILE Q 625 22.28 -41.45 9.32
C ILE Q 625 23.66 -41.97 9.68
N VAL Q 626 24.05 -41.89 10.95
CA VAL Q 626 25.29 -42.55 11.35
C VAL Q 626 25.01 -43.97 11.80
N MET Q 627 23.89 -44.21 12.47
CA MET Q 627 23.50 -45.59 12.78
C MET Q 627 23.28 -46.37 11.50
N ASP Q 628 22.68 -45.75 10.50
CA ASP Q 628 22.47 -46.44 9.22
C ASP Q 628 23.79 -46.88 8.61
N ILE Q 629 24.78 -45.99 8.57
CA ILE Q 629 26.04 -46.33 7.93
C ILE Q 629 26.82 -47.35 8.75
N ILE Q 630 26.81 -47.22 10.07
CA ILE Q 630 27.47 -48.24 10.89
C ILE Q 630 26.84 -49.60 10.67
N LYS Q 631 25.51 -49.67 10.69
CA LYS Q 631 24.84 -50.94 10.50
C LYS Q 631 25.13 -51.51 9.12
N ARG Q 632 25.15 -50.66 8.09
CA ARG Q 632 25.42 -51.17 6.75
C ARG Q 632 26.86 -51.66 6.62
N HIS Q 633 27.82 -50.94 7.22
CA HIS Q 633 29.21 -51.37 7.14
C HIS Q 633 29.42 -52.71 7.84
N PHE Q 634 28.93 -52.83 9.07
CA PHE Q 634 29.06 -54.10 9.77
C PHE Q 634 28.27 -55.22 9.10
N ASP Q 635 27.11 -54.91 8.53
CA ASP Q 635 26.35 -55.91 7.81
C ASP Q 635 27.06 -56.37 6.54
N THR Q 636 27.77 -55.47 5.86
CA THR Q 636 28.52 -55.88 4.68
C THR Q 636 29.70 -56.77 5.07
N LYS Q 637 30.43 -56.40 6.12
CA LYS Q 637 31.47 -57.30 6.60
C LYS Q 637 30.89 -58.65 7.01
N ARG Q 638 29.70 -58.68 7.60
CA ARG Q 638 29.08 -59.94 7.96
C ARG Q 638 28.71 -60.75 6.71
N GLU Q 639 27.97 -60.14 5.78
CA GLU Q 639 27.58 -60.81 4.54
C GLU Q 639 28.78 -61.27 3.74
N LEU Q 640 29.94 -60.67 3.94
CA LEU Q 640 31.13 -61.09 3.21
C LEU Q 640 31.94 -62.14 3.96
N MET Q 641 31.81 -62.22 5.28
CA MET Q 641 32.49 -63.27 6.03
C MET Q 641 31.74 -64.60 6.03
N GLU Q 642 30.40 -64.58 6.01
CA GLU Q 642 29.68 -65.85 6.00
C GLU Q 642 30.04 -66.69 4.79
N ASN Q 643 30.26 -66.04 3.64
CA ASN Q 643 30.67 -66.72 2.42
C ASN Q 643 31.75 -65.89 1.74
N PRO Q 644 32.98 -66.00 2.22
CA PRO Q 644 34.08 -65.21 1.65
C PRO Q 644 34.56 -65.79 0.35
N ALA Q 645 33.81 -66.74 -0.18
CA ALA Q 645 34.10 -67.27 -1.51
C ALA Q 645 33.68 -66.31 -2.62
N ILE Q 646 33.26 -65.10 -2.30
CA ILE Q 646 32.86 -64.18 -3.36
C ILE Q 646 34.16 -63.55 -3.84
N PHE Q 647 34.95 -64.35 -4.56
CA PHE Q 647 36.31 -64.01 -4.92
C PHE Q 647 36.80 -65.09 -5.85
N GLY Q 648 38.11 -65.11 -6.12
CA GLY Q 648 38.67 -66.15 -6.98
C GLY Q 648 38.26 -67.55 -6.57
N ASN Q 649 38.62 -67.95 -5.35
CA ASN Q 649 38.42 -69.33 -4.94
C ASN Q 649 36.94 -69.63 -4.74
N THR Q 650 36.61 -70.92 -4.71
CA THR Q 650 35.29 -71.40 -4.38
C THR Q 650 35.28 -72.25 -3.11
N LYS Q 651 36.45 -72.46 -2.50
CA LYS Q 651 36.51 -73.05 -1.17
C LYS Q 651 36.52 -71.93 -0.18
N ALA Q 652 36.86 -72.26 1.05
CA ALA Q 652 37.02 -71.30 2.10
C ALA Q 652 35.64 -71.07 2.47
N VAL Q 653 35.29 -71.49 3.65
CA VAL Q 653 33.92 -71.57 4.00
C VAL Q 653 33.66 -70.83 5.28
N SER Q 654 32.90 -69.74 5.22
CA SER Q 654 32.35 -69.19 6.43
C SER Q 654 33.32 -68.99 7.56
N ILE Q 655 34.21 -68.02 7.48
CA ILE Q 655 35.11 -67.75 8.57
C ILE Q 655 34.25 -67.46 9.78
N PHE Q 656 33.13 -66.76 9.63
CA PHE Q 656 32.30 -66.28 10.78
C PHE Q 656 31.98 -67.22 11.91
N PRO Q 657 31.95 -66.69 13.13
CA PRO Q 657 31.73 -67.57 14.27
C PRO Q 657 30.43 -68.29 14.43
N GLU Q 658 29.29 -67.63 14.30
CA GLU Q 658 28.05 -68.33 14.57
C GLU Q 658 26.92 -68.02 13.63
N SER Q 659 27.03 -68.43 12.39
CA SER Q 659 26.00 -68.08 11.43
C SER Q 659 24.76 -68.84 11.80
N ARG Q 660 23.62 -68.20 11.56
CA ARG Q 660 22.28 -68.44 12.15
C ARG Q 660 21.93 -67.49 13.28
N HIS Q 661 22.91 -66.86 13.88
CA HIS Q 661 22.62 -65.89 14.90
C HIS Q 661 22.41 -64.65 14.08
N LYS Q 662 21.20 -64.40 13.63
CA LYS Q 662 21.07 -63.34 12.66
C LYS Q 662 20.82 -61.97 13.29
N GLY Q 663 21.87 -61.16 13.36
CA GLY Q 663 21.76 -59.74 13.61
C GLY Q 663 23.02 -59.04 13.13
N THR Q 664 22.97 -57.73 12.92
CA THR Q 664 24.17 -57.03 12.54
C THR Q 664 25.00 -57.31 13.71
N TYR Q 665 26.07 -58.06 13.54
CA TYR Q 665 26.95 -58.26 14.70
C TYR Q 665 27.87 -57.06 14.88
N VAL Q 666 27.61 -56.28 15.92
CA VAL Q 666 28.56 -55.24 16.36
C VAL Q 666 29.58 -55.87 17.28
N PRO Q 667 30.88 -55.64 17.07
CA PRO Q 667 31.91 -56.42 17.77
C PRO Q 667 31.85 -56.20 19.28
N HIS Q 668 31.52 -57.27 20.00
CA HIS Q 668 31.57 -57.24 21.46
C HIS Q 668 33.01 -57.27 21.92
N VAL Q 669 33.56 -56.12 22.26
CA VAL Q 669 34.94 -56.01 22.74
C VAL Q 669 34.90 -55.38 24.13
N TYR Q 670 35.08 -56.21 25.15
CA TYR Q 670 34.95 -55.73 26.51
C TYR Q 670 36.21 -54.96 26.93
N ASP Q 671 36.02 -54.05 27.88
CA ASP Q 671 37.04 -53.10 28.24
C ASP Q 671 37.91 -53.62 29.38
N ARG Q 672 39.11 -53.05 29.49
CA ARG Q 672 40.01 -53.41 30.57
C ARG Q 672 39.60 -52.74 31.88
N HIS Q 673 39.32 -51.45 31.84
CA HIS Q 673 39.08 -50.69 33.07
C HIS Q 673 37.70 -50.93 33.66
N ALA Q 674 36.69 -51.15 32.81
CA ALA Q 674 35.38 -51.52 33.34
C ALA Q 674 35.44 -52.87 34.03
N LYS Q 675 36.25 -53.80 33.51
CA LYS Q 675 36.48 -55.05 34.21
C LYS Q 675 37.28 -54.84 35.49
N ALA Q 676 38.21 -53.89 35.49
CA ALA Q 676 38.94 -53.58 36.73
C ALA Q 676 38.00 -53.08 37.83
N LEU Q 677 37.12 -52.14 37.48
CA LEU Q 677 36.20 -51.60 38.48
C LEU Q 677 35.29 -52.69 39.05
N MET Q 678 34.91 -53.68 38.23
CA MET Q 678 34.06 -54.75 38.72
C MET Q 678 34.84 -55.82 39.47
N ILE Q 679 36.13 -55.99 39.19
CA ILE Q 679 36.93 -56.94 39.97
C ILE Q 679 37.57 -56.29 41.19
N GLN Q 680 37.38 -54.98 41.39
CA GLN Q 680 37.84 -54.37 42.62
C GLN Q 680 36.95 -54.77 43.80
N ARG Q 681 35.64 -54.80 43.57
CA ARG Q 681 34.68 -55.29 44.55
C ARG Q 681 34.02 -56.56 44.00
N TYR Q 682 33.86 -57.57 44.86
CA TYR Q 682 33.48 -58.93 44.45
C TYR Q 682 34.28 -59.35 43.23
N GLY Q 683 35.59 -59.47 43.40
CA GLY Q 683 36.55 -59.52 42.31
C GLY Q 683 36.41 -60.59 41.25
N ALA Q 684 36.67 -61.85 41.61
CA ALA Q 684 36.82 -62.90 40.61
C ALA Q 684 35.51 -63.63 40.33
N GLU Q 685 34.95 -64.29 41.33
CA GLU Q 685 33.69 -64.99 41.12
C GLU Q 685 32.52 -64.04 40.95
N GLY Q 686 32.62 -62.82 41.45
CA GLY Q 686 31.57 -61.84 41.27
C GLY Q 686 31.30 -61.57 39.81
N LEU Q 687 32.31 -61.11 39.08
CA LEU Q 687 32.15 -60.86 37.65
C LEU Q 687 31.92 -62.14 36.86
N GLN Q 688 32.57 -63.23 37.24
CA GLN Q 688 32.42 -64.50 36.54
C GLN Q 688 31.00 -65.03 36.63
N GLU Q 689 30.29 -64.72 37.70
CA GLU Q 689 28.89 -65.07 37.83
C GLU Q 689 27.98 -63.99 37.25
N GLY Q 690 28.43 -62.74 37.29
CA GLY Q 690 27.60 -61.67 36.76
C GLY Q 690 27.44 -61.75 35.26
N ILE Q 691 28.55 -61.87 34.53
CA ILE Q 691 28.44 -61.99 33.08
C ILE Q 691 27.78 -63.30 32.67
N ALA Q 692 27.67 -64.27 33.58
CA ALA Q 692 26.94 -65.49 33.27
C ALA Q 692 25.44 -65.29 33.44
N ARG Q 693 25.03 -64.83 34.61
CA ARG Q 693 23.60 -64.67 34.86
C ARG Q 693 23.00 -63.55 34.02
N SER Q 694 23.81 -62.56 33.62
CA SER Q 694 23.27 -61.52 32.76
C SER Q 694 22.92 -62.06 31.38
N TRP Q 695 23.61 -63.11 30.95
CA TRP Q 695 23.23 -63.76 29.69
C TRP Q 695 22.10 -64.75 29.92
N MET Q 696 22.12 -65.45 31.05
CA MET Q 696 21.03 -66.36 31.40
C MET Q 696 19.70 -65.63 31.51
N ASN Q 697 19.71 -64.35 31.87
CA ASN Q 697 18.48 -63.56 31.84
C ASN Q 697 17.90 -63.51 30.43
N SER Q 698 18.69 -63.08 29.46
CA SER Q 698 18.20 -63.01 28.09
C SER Q 698 17.86 -64.38 27.55
N TYR Q 699 18.52 -65.43 28.04
CA TYR Q 699 18.23 -66.77 27.55
C TYR Q 699 16.79 -67.18 27.84
N VAL Q 700 16.19 -66.62 28.89
CA VAL Q 700 14.80 -66.94 29.22
C VAL Q 700 13.87 -65.76 29.00
N SER Q 701 14.40 -64.59 28.64
CA SER Q 701 13.57 -63.40 28.45
C SER Q 701 13.13 -63.19 27.01
N ARG Q 702 13.48 -64.09 26.10
CA ARG Q 702 13.09 -63.96 24.72
C ARG Q 702 12.74 -65.34 24.19
N PRO Q 703 11.76 -65.45 23.30
CA PRO Q 703 11.37 -66.77 22.81
C PRO Q 703 12.23 -67.27 21.66
N GLU Q 704 12.98 -66.38 21.00
CA GLU Q 704 13.78 -66.78 19.86
C GLU Q 704 15.24 -67.04 20.19
N VAL Q 705 15.82 -66.26 21.11
CA VAL Q 705 17.16 -66.64 21.58
C VAL Q 705 17.11 -67.95 22.36
N LYS Q 706 15.99 -68.24 23.02
CA LYS Q 706 15.83 -69.55 23.65
C LYS Q 706 15.89 -70.66 22.62
N ALA Q 707 15.52 -70.37 21.37
CA ALA Q 707 15.61 -71.38 20.33
C ALA Q 707 17.01 -71.43 19.73
N ARG Q 708 17.61 -70.26 19.49
CA ARG Q 708 18.90 -70.24 18.81
C ARG Q 708 20.07 -70.56 19.74
N VAL Q 709 19.84 -70.66 21.05
CA VAL Q 709 20.85 -71.22 21.92
C VAL Q 709 20.75 -72.73 21.95
N ASP Q 710 19.53 -73.26 22.02
CA ASP Q 710 19.35 -74.70 22.05
C ASP Q 710 19.74 -75.34 20.72
N GLU Q 711 19.53 -74.63 19.61
CA GLU Q 711 19.99 -75.15 18.32
C GLU Q 711 21.50 -75.30 18.28
N MET Q 712 22.23 -74.49 19.05
CA MET Q 712 23.67 -74.64 19.14
C MET Q 712 24.07 -75.70 20.15
N LEU Q 713 23.36 -75.78 21.27
CA LEU Q 713 23.68 -76.74 22.31
C LEU Q 713 23.42 -78.17 21.90
N LYS Q 714 22.31 -78.43 21.19
CA LYS Q 714 22.04 -79.78 20.70
C LYS Q 714 23.20 -80.28 19.83
N GLU Q 715 23.70 -79.43 18.95
CA GLU Q 715 24.73 -79.84 18.01
C GLU Q 715 26.05 -80.16 18.71
N LEU Q 716 26.40 -79.44 19.76
CA LEU Q 716 27.69 -79.67 20.42
C LEU Q 716 27.64 -80.92 21.28
N HIS Q 717 26.79 -80.93 22.30
CA HIS Q 717 26.75 -82.04 23.24
C HIS Q 717 25.33 -82.21 23.76
N GLY Q 718 24.67 -83.29 23.36
CA GLY Q 718 23.36 -83.58 23.90
C GLY Q 718 22.29 -83.86 22.87
N VAL Q 719 21.39 -84.80 23.20
CA VAL Q 719 20.24 -85.13 22.38
C VAL Q 719 19.20 -84.04 22.60
N LYS Q 720 18.15 -84.04 21.77
CA LYS Q 720 17.21 -82.92 21.65
C LYS Q 720 16.94 -82.18 22.96
N GLU Q 721 16.54 -82.89 24.01
CA GLU Q 721 16.19 -82.22 25.26
C GLU Q 721 17.43 -81.59 25.87
N VAL Q 722 17.38 -80.28 26.12
CA VAL Q 722 18.51 -79.54 26.66
C VAL Q 722 18.21 -79.19 28.11
N THR Q 723 19.00 -79.72 29.02
CA THR Q 723 18.81 -79.45 30.44
C THR Q 723 19.27 -78.02 30.75
N PRO Q 724 18.54 -77.30 31.61
CA PRO Q 724 19.01 -75.96 32.03
C PRO Q 724 20.36 -75.97 32.73
N GLU Q 725 20.94 -77.15 33.00
CA GLU Q 725 22.31 -77.21 33.47
C GLU Q 725 23.30 -77.08 32.32
N MET Q 726 22.93 -77.58 31.14
CA MET Q 726 23.79 -77.45 29.97
C MET Q 726 24.05 -75.98 29.64
N VAL Q 727 22.97 -75.19 29.53
CA VAL Q 727 23.13 -73.78 29.21
C VAL Q 727 23.86 -73.06 30.32
N GLU Q 728 23.64 -73.46 31.58
CA GLU Q 728 24.35 -72.82 32.67
C GLU Q 728 25.85 -73.06 32.57
N LYS Q 729 26.27 -74.30 32.34
CA LYS Q 729 27.71 -74.57 32.18
C LYS Q 729 28.28 -73.85 30.96
N TYR Q 730 27.54 -73.83 29.85
CA TYR Q 730 28.03 -73.13 28.66
C TYR Q 730 28.23 -71.65 28.93
N ALA Q 731 27.23 -71.00 29.52
CA ALA Q 731 27.35 -69.57 29.80
C ALA Q 731 28.45 -69.30 30.81
N MET Q 732 28.59 -70.15 31.83
CA MET Q 732 29.64 -69.95 32.81
C MET Q 732 31.02 -70.04 32.17
N ASP Q 733 31.25 -71.09 31.38
CA ASP Q 733 32.57 -71.27 30.78
C ASP Q 733 32.86 -70.25 29.70
N LYS Q 734 31.84 -69.73 29.02
CA LYS Q 734 32.08 -68.70 28.03
C LYS Q 734 32.12 -67.30 28.62
N ALA Q 735 31.66 -67.12 29.85
CA ALA Q 735 31.90 -65.87 30.55
C ALA Q 735 33.26 -65.86 31.22
N TYR Q 736 33.75 -67.04 31.62
CA TYR Q 736 35.09 -67.14 32.17
C TYR Q 736 36.14 -66.60 31.23
N GLY Q 737 35.90 -66.67 29.92
CA GLY Q 737 36.85 -66.11 28.98
C GLY Q 737 37.01 -64.61 29.11
N ILE Q 738 35.97 -63.93 29.57
CA ILE Q 738 36.03 -62.50 29.82
C ILE Q 738 36.35 -62.20 31.29
N SER Q 739 36.17 -63.19 32.16
CA SER Q 739 36.39 -62.96 33.58
C SER Q 739 37.87 -62.81 33.91
N HIS Q 740 38.68 -63.81 33.57
CA HIS Q 740 40.03 -63.90 34.11
C HIS Q 740 41.08 -63.41 33.14
N SER Q 741 41.17 -63.98 31.94
CA SER Q 741 42.23 -63.64 31.00
C SER Q 741 41.78 -62.46 30.14
N ASP Q 742 42.61 -61.42 30.07
CA ASP Q 742 42.30 -60.22 29.31
C ASP Q 742 42.51 -60.51 27.83
N GLN Q 743 41.62 -61.32 27.28
CA GLN Q 743 41.66 -61.61 25.85
C GLN Q 743 41.11 -60.47 25.03
N PHE Q 744 40.30 -59.60 25.65
CA PHE Q 744 39.55 -58.59 24.91
C PHE Q 744 39.79 -57.23 25.56
N THR Q 745 40.28 -56.28 24.77
CA THR Q 745 40.55 -54.93 25.25
C THR Q 745 40.10 -53.88 24.23
N ASN Q 762 48.42 -67.07 14.73
CA ASN Q 762 47.60 -65.91 15.04
C ASN Q 762 46.20 -66.30 15.47
N ASN Q 763 45.52 -65.44 16.22
CA ASN Q 763 44.08 -65.64 16.47
C ASN Q 763 43.31 -64.30 16.55
N SER Q 764 41.98 -64.34 16.64
CA SER Q 764 41.19 -63.09 16.58
C SER Q 764 40.19 -62.80 17.68
N PHE Q 765 39.58 -61.63 17.62
CA PHE Q 765 38.58 -61.25 18.60
C PHE Q 765 37.15 -61.34 18.09
N LEU Q 766 36.93 -61.86 16.90
CA LEU Q 766 35.56 -62.09 16.46
C LEU Q 766 35.02 -63.11 17.40
N GLU Q 767 35.85 -64.04 17.81
CA GLU Q 767 35.45 -65.11 18.67
C GLU Q 767 34.74 -64.79 19.93
N ALA Q 768 34.40 -63.54 20.20
CA ALA Q 768 33.84 -63.31 21.50
C ALA Q 768 32.40 -63.04 21.30
N ARG Q 769 31.91 -63.62 20.23
CA ARG Q 769 30.56 -63.33 19.74
C ARG Q 769 29.59 -64.31 20.37
N ASN Q 770 29.71 -64.45 21.68
CA ASN Q 770 28.89 -65.39 22.43
C ASN Q 770 27.42 -65.17 22.12
N LEU Q 771 26.72 -66.28 21.85
CA LEU Q 771 25.43 -66.24 21.18
C LEU Q 771 24.37 -65.48 21.97
N PHE Q 772 24.48 -65.43 23.30
CA PHE Q 772 23.49 -64.73 24.09
C PHE Q 772 23.40 -63.26 23.71
N ASP Q 773 22.29 -62.64 24.08
CA ASP Q 773 22.15 -61.20 23.96
C ASP Q 773 22.39 -60.58 25.33
N SER Q 774 23.14 -59.48 25.34
CA SER Q 774 23.57 -58.85 26.59
C SER Q 774 22.91 -57.49 26.69
N ASP Q 775 21.70 -57.47 27.19
CA ASP Q 775 20.95 -56.24 27.40
C ASP Q 775 20.39 -56.11 28.80
N LEU Q 776 19.94 -57.22 29.38
CA LEU Q 776 19.29 -57.18 30.68
C LEU Q 776 20.33 -57.22 31.79
N SER Q 777 20.06 -56.47 32.86
CA SER Q 777 20.95 -56.37 34.00
C SER Q 777 20.42 -57.21 35.15
N ILE Q 778 21.33 -57.90 35.82
CA ILE Q 778 20.98 -58.66 37.01
C ILE Q 778 21.51 -57.92 38.22
N THR Q 779 20.86 -58.12 39.36
CA THR Q 779 21.16 -57.37 40.57
C THR Q 779 22.27 -58.07 41.35
N MET Q 780 23.34 -57.33 41.64
CA MET Q 780 24.44 -57.83 42.45
C MET Q 780 24.06 -57.79 43.93
N PRO Q 781 24.68 -58.62 44.76
CA PRO Q 781 24.31 -58.68 46.18
C PRO Q 781 24.48 -57.37 46.92
N ASP Q 782 25.16 -56.39 46.33
CA ASP Q 782 25.32 -55.08 46.94
C ASP Q 782 24.28 -54.08 46.47
N GLY Q 783 23.45 -54.44 45.49
CA GLY Q 783 22.36 -53.57 45.09
C GLY Q 783 22.46 -53.02 43.69
N GLN Q 784 23.66 -52.68 43.24
CA GLN Q 784 23.83 -52.05 41.95
C GLN Q 784 23.46 -53.01 40.82
N GLN Q 785 22.56 -52.57 39.95
CA GLN Q 785 22.18 -53.35 38.78
C GLN Q 785 23.36 -53.44 37.82
N PHE Q 786 23.66 -54.64 37.34
CA PHE Q 786 24.88 -54.91 36.59
C PHE Q 786 24.53 -55.58 35.27
N SER Q 787 24.70 -54.83 34.18
CA SER Q 787 24.47 -55.34 32.84
C SER Q 787 25.78 -55.89 32.28
N VAL Q 788 25.80 -56.15 30.98
CA VAL Q 788 27.04 -56.47 30.28
C VAL Q 788 27.45 -55.37 29.30
N ASN Q 789 26.50 -54.60 28.77
CA ASN Q 789 26.86 -53.46 27.94
C ASN Q 789 27.74 -52.48 28.68
N ASP Q 790 27.76 -52.50 30.02
CA ASP Q 790 28.72 -51.70 30.76
C ASP Q 790 30.12 -52.27 30.65
N LEU Q 791 30.25 -53.59 30.58
CA LEU Q 791 31.55 -54.18 30.27
C LEU Q 791 31.94 -53.91 28.82
N ARG Q 792 30.96 -53.75 27.95
CA ARG Q 792 31.23 -53.58 26.53
C ARG Q 792 31.91 -52.25 26.25
N ASP Q 793 32.29 -52.06 25.00
CA ASP Q 793 32.92 -50.84 24.54
C ASP Q 793 32.26 -50.34 23.26
N PHE Q 794 32.59 -49.10 22.93
CA PHE Q 794 31.99 -48.35 21.84
C PHE Q 794 33.03 -47.38 21.31
N ASP Q 795 32.57 -46.28 20.71
CA ASP Q 795 33.35 -45.11 20.30
C ASP Q 795 34.01 -45.29 18.94
N MET Q 796 33.91 -46.47 18.31
CA MET Q 796 34.27 -46.64 16.90
C MET Q 796 35.57 -45.94 16.54
N PHE Q 797 36.48 -45.85 17.50
CA PHE Q 797 37.76 -45.18 17.32
C PHE Q 797 38.92 -46.14 17.51
N ARG Q 798 38.89 -46.89 18.61
CA ARG Q 798 39.76 -48.04 18.79
C ARG Q 798 39.02 -49.33 18.54
N ILE Q 799 37.81 -49.25 17.99
CA ILE Q 799 36.96 -50.41 17.76
C ILE Q 799 36.74 -50.66 16.27
N MET Q 800 36.22 -49.68 15.56
CA MET Q 800 35.90 -49.89 14.16
C MET Q 800 37.16 -50.11 13.33
N PRO Q 801 38.16 -49.23 13.37
CA PRO Q 801 39.37 -49.48 12.56
C PRO Q 801 40.31 -50.51 13.13
N ALA Q 802 40.06 -51.01 14.34
CA ALA Q 802 40.84 -52.12 14.87
C ALA Q 802 40.12 -53.45 14.67
N TYR Q 803 38.84 -53.40 14.32
CA TYR Q 803 38.09 -54.58 13.90
C TYR Q 803 38.17 -54.78 12.40
N ASP Q 804 38.13 -53.69 11.64
CA ASP Q 804 38.15 -53.79 10.19
C ASP Q 804 39.44 -54.39 9.68
N ARG Q 805 40.56 -54.07 10.31
CA ARG Q 805 41.83 -54.66 9.86
C ARG Q 805 41.90 -56.15 10.14
N ARG Q 806 41.46 -56.61 11.31
CA ARG Q 806 41.45 -58.04 11.56
C ARG Q 806 40.51 -58.77 10.62
N VAL Q 807 39.33 -58.20 10.38
CA VAL Q 807 38.38 -58.83 9.47
C VAL Q 807 38.93 -58.88 8.05
N ASN Q 808 39.56 -57.80 7.60
CA ASN Q 808 40.11 -57.77 6.24
C ASN Q 808 41.30 -58.71 6.10
N GLY Q 809 42.08 -58.90 7.17
CA GLY Q 809 43.12 -59.90 7.11
C GLY Q 809 42.58 -61.31 7.01
N ASP Q 810 41.62 -61.64 7.87
CA ASP Q 810 41.05 -62.97 7.83
C ASP Q 810 40.31 -63.25 6.53
N ILE Q 811 39.60 -62.26 5.99
CA ILE Q 811 38.91 -62.44 4.72
C ILE Q 811 39.91 -62.70 3.60
N ALA Q 812 41.00 -61.94 3.55
CA ALA Q 812 41.97 -62.12 2.47
C ALA Q 812 42.67 -63.47 2.57
N ILE Q 813 43.09 -63.86 3.77
CA ILE Q 813 43.72 -65.16 3.91
C ILE Q 813 42.73 -66.28 3.60
N MET Q 814 41.45 -66.06 3.89
CA MET Q 814 40.42 -67.02 3.52
C MET Q 814 40.29 -67.13 2.00
N GLY Q 815 40.20 -65.98 1.32
CA GLY Q 815 40.11 -65.98 -0.12
C GLY Q 815 41.34 -66.55 -0.79
N SER Q 816 42.47 -66.55 -0.10
CA SER Q 816 43.65 -67.21 -0.64
C SER Q 816 43.41 -68.71 -0.78
N THR Q 817 43.38 -69.43 0.34
CA THR Q 817 43.01 -70.84 0.34
C THR Q 817 42.02 -71.23 1.43
N GLY Q 818 42.18 -70.68 2.64
CA GLY Q 818 41.40 -71.16 3.75
C GLY Q 818 41.69 -70.42 5.03
N LYS Q 819 41.39 -71.07 6.16
CA LYS Q 819 41.39 -70.42 7.46
C LYS Q 819 42.75 -69.79 7.76
N THR Q 820 42.70 -68.70 8.53
CA THR Q 820 43.92 -67.99 8.90
C THR Q 820 44.74 -68.73 9.94
N THR Q 821 44.15 -69.21 11.00
CA THR Q 821 45.02 -69.62 12.06
C THR Q 821 45.57 -70.85 11.45
N LYS Q 822 44.78 -71.90 11.51
CA LYS Q 822 45.42 -73.16 11.52
C LYS Q 822 46.16 -73.21 10.19
N GLU Q 823 45.44 -72.93 9.11
CA GLU Q 823 46.00 -73.36 7.85
C GLU Q 823 47.25 -72.56 7.62
N LEU Q 824 47.14 -71.25 7.77
CA LEU Q 824 48.17 -70.45 7.18
C LEU Q 824 49.35 -70.74 8.01
N LYS Q 825 49.13 -70.79 9.31
CA LYS Q 825 50.26 -70.75 10.19
C LYS Q 825 51.03 -72.01 9.92
N ASP Q 826 50.30 -73.10 9.86
CA ASP Q 826 50.97 -74.36 9.90
C ASP Q 826 51.78 -74.37 8.67
N GLU Q 827 51.16 -74.01 7.55
CA GLU Q 827 51.90 -74.23 6.32
C GLU Q 827 53.13 -73.35 6.24
N ILE Q 828 53.01 -72.09 6.63
CA ILE Q 828 54.19 -71.24 6.53
C ILE Q 828 55.31 -71.71 7.43
N LEU Q 829 54.99 -72.12 8.65
CA LEU Q 829 56.02 -72.67 9.52
C LEU Q 829 56.66 -73.97 9.00
N ALA Q 830 55.86 -74.83 8.39
CA ALA Q 830 56.33 -76.17 8.09
C ALA Q 830 57.21 -76.14 6.85
N LEU Q 831 57.22 -75.00 6.20
CA LEU Q 831 58.27 -74.63 5.27
C LEU Q 831 59.50 -74.12 6.02
N LYS Q 832 59.29 -73.42 7.13
CA LYS Q 832 60.40 -72.94 7.93
C LYS Q 832 61.17 -74.09 8.57
N ALA Q 833 60.50 -74.89 9.39
CA ALA Q 833 61.13 -75.97 10.13
C ALA Q 833 61.50 -77.17 9.28
N LYS Q 834 61.16 -77.15 7.98
CA LYS Q 834 61.58 -78.18 7.05
C LYS Q 834 62.69 -77.70 6.14
N ALA Q 835 62.67 -76.45 5.72
CA ALA Q 835 63.67 -75.96 4.79
C ALA Q 835 63.96 -74.48 4.98
N GLU Q 836 65.02 -74.10 5.72
CA GLU Q 836 65.74 -74.81 6.78
C GLU Q 836 66.79 -73.81 7.27
N GLY Q 837 67.60 -74.20 8.25
CA GLY Q 837 68.57 -73.26 8.81
C GLY Q 837 69.61 -72.80 7.80
N ASP Q 838 70.19 -73.75 7.07
CA ASP Q 838 71.30 -73.44 6.18
C ASP Q 838 70.81 -72.84 4.86
N GLY Q 839 69.55 -73.09 4.52
CA GLY Q 839 68.98 -72.65 3.25
C GLY Q 839 69.12 -71.18 2.97
N LYS Q 840 69.81 -70.84 1.87
CA LYS Q 840 70.03 -69.44 1.54
C LYS Q 840 68.74 -68.74 1.16
N LYS Q 841 67.81 -69.47 0.55
CA LYS Q 841 66.54 -68.91 0.13
C LYS Q 841 65.43 -69.13 1.15
N THR Q 842 65.76 -69.20 2.44
CA THR Q 842 64.75 -69.31 3.47
C THR Q 842 64.43 -67.97 4.12
N GLY Q 843 65.38 -67.03 4.14
CA GLY Q 843 65.02 -65.66 4.38
C GLY Q 843 63.94 -65.16 3.44
N GLU Q 844 63.88 -65.71 2.23
CA GLU Q 844 62.80 -65.38 1.32
C GLU Q 844 61.48 -66.00 1.78
N VAL Q 845 61.53 -67.09 2.54
CA VAL Q 845 60.34 -67.59 3.19
C VAL Q 845 59.93 -66.69 4.35
N HIS Q 846 60.90 -66.19 5.11
CA HIS Q 846 60.59 -65.15 6.08
C HIS Q 846 60.01 -63.91 5.43
N ALA Q 847 60.35 -63.64 4.18
CA ALA Q 847 59.72 -62.56 3.44
C ALA Q 847 58.22 -62.77 3.31
N LEU Q 848 57.79 -63.97 2.91
CA LEU Q 848 56.35 -64.30 2.81
C LEU Q 848 55.61 -64.35 4.16
N MET Q 849 56.33 -64.68 5.24
CA MET Q 849 55.73 -64.65 6.57
C MET Q 849 55.37 -63.18 6.83
N ASP Q 850 56.21 -62.25 6.38
CA ASP Q 850 55.90 -60.82 6.51
C ASP Q 850 54.70 -60.39 5.70
N THR Q 851 54.54 -60.98 4.52
CA THR Q 851 53.37 -60.68 3.72
C THR Q 851 52.25 -61.05 4.56
N VAL Q 852 52.34 -62.21 5.20
CA VAL Q 852 51.21 -62.65 5.97
C VAL Q 852 50.93 -61.68 7.07
N LYS Q 853 51.94 -61.24 7.79
CA LYS Q 853 51.64 -60.36 8.90
C LYS Q 853 50.98 -59.09 8.38
N ILE Q 854 51.51 -58.50 7.32
CA ILE Q 854 50.97 -57.23 6.85
C ILE Q 854 49.54 -57.41 6.43
N LEU Q 855 49.27 -58.46 5.69
CA LEU Q 855 47.93 -58.63 5.18
C LEU Q 855 46.98 -58.79 6.30
N THR Q 856 47.36 -59.64 7.25
CA THR Q 856 46.45 -59.95 8.33
C THR Q 856 46.11 -58.74 9.09
N GLY Q 857 46.99 -57.77 9.08
CA GLY Q 857 46.74 -56.59 9.88
C GLY Q 857 47.47 -56.38 11.18
N ARG Q 858 48.50 -57.14 11.47
CA ARG Q 858 49.30 -56.81 12.64
C ARG Q 858 49.91 -55.52 12.17
N ALA Q 859 50.40 -55.49 10.95
CA ALA Q 859 50.92 -54.26 10.32
C ALA Q 859 52.11 -53.63 10.90
N ARG Q 860 52.73 -54.27 11.87
CA ARG Q 860 53.98 -53.75 12.39
C ARG Q 860 53.91 -52.25 12.77
N ARG Q 861 52.84 -51.80 13.44
CA ARG Q 861 52.69 -50.39 13.84
C ARG Q 861 53.46 -49.51 12.90
N ASN Q 862 52.95 -49.31 11.70
CA ASN Q 862 53.68 -48.62 10.69
C ASN Q 862 52.83 -47.48 10.32
N GLN Q 863 52.18 -47.54 9.16
CA GLN Q 863 51.46 -46.38 8.67
C GLN Q 863 52.17 -45.18 9.27
N ASP Q 864 53.44 -45.03 8.88
CA ASP Q 864 54.32 -44.00 9.43
C ASP Q 864 53.61 -42.67 9.58
N THR Q 865 53.07 -42.14 8.48
CA THR Q 865 52.42 -40.84 8.50
C THR Q 865 51.29 -40.79 7.49
N VAL Q 866 50.32 -39.90 7.74
CA VAL Q 866 49.36 -39.54 6.71
C VAL Q 866 50.07 -38.89 5.54
N TRP Q 867 50.99 -37.98 5.84
CA TRP Q 867 51.48 -37.02 4.86
C TRP Q 867 52.39 -37.63 3.81
N GLU Q 868 53.22 -38.62 4.16
CA GLU Q 868 54.05 -39.23 3.14
C GLU Q 868 53.21 -39.92 2.07
N THR Q 869 51.97 -40.27 2.40
CA THR Q 869 51.04 -40.75 1.38
C THR Q 869 50.50 -39.59 0.56
N SER Q 870 49.99 -38.56 1.22
CA SER Q 870 49.43 -37.41 0.54
C SER Q 870 50.43 -36.74 -0.40
N LEU Q 871 51.72 -36.87 -0.13
CA LEU Q 871 52.72 -36.29 -1.01
C LEU Q 871 52.62 -36.88 -2.42
N ARG Q 872 52.80 -38.20 -2.54
CA ARG Q 872 52.63 -38.83 -3.84
C ARG Q 872 51.21 -38.71 -4.35
N ALA Q 873 50.22 -38.71 -3.46
CA ALA Q 873 48.84 -38.53 -3.90
C ALA Q 873 48.69 -37.22 -4.67
N ILE Q 874 49.19 -36.13 -4.11
CA ILE Q 874 49.06 -34.83 -4.77
C ILE Q 874 49.98 -34.75 -5.98
N ASN Q 875 51.17 -35.36 -5.90
CA ASN Q 875 52.05 -35.36 -7.06
C ASN Q 875 51.37 -35.99 -8.27
N ASP Q 876 50.73 -37.13 -8.08
CA ASP Q 876 50.00 -37.76 -9.16
C ASP Q 876 48.70 -37.05 -9.49
N LEU Q 877 48.09 -36.38 -8.51
CA LEU Q 877 46.86 -35.65 -8.76
C LEU Q 877 47.12 -34.44 -9.65
N GLY Q 878 48.32 -33.89 -9.57
CA GLY Q 878 48.67 -32.75 -10.43
C GLY Q 878 48.69 -33.10 -11.89
N PHE Q 879 48.85 -34.38 -12.23
CA PHE Q 879 48.87 -34.77 -13.63
C PHE Q 879 47.50 -34.64 -14.28
N PHE Q 880 46.50 -35.36 -13.79
CA PHE Q 880 45.19 -35.40 -14.40
C PHE Q 880 44.33 -34.20 -14.04
N ALA Q 881 44.12 -33.96 -12.75
CA ALA Q 881 43.18 -32.96 -12.26
C ALA Q 881 43.95 -31.70 -11.88
N LYS Q 882 43.97 -30.72 -12.78
CA LYS Q 882 44.71 -29.49 -12.54
C LYS Q 882 43.95 -28.46 -11.72
N ASN Q 883 42.76 -28.79 -11.22
CA ASN Q 883 42.07 -27.87 -10.32
C ASN Q 883 42.10 -28.38 -8.88
N ALA Q 884 41.76 -29.65 -8.68
CA ALA Q 884 41.95 -30.26 -7.37
C ALA Q 884 43.42 -30.22 -6.97
N TYR Q 885 44.33 -30.19 -7.93
CA TYR Q 885 45.75 -30.02 -7.61
C TYR Q 885 45.97 -28.73 -6.84
N MET Q 886 45.41 -27.62 -7.32
CA MET Q 886 45.56 -26.37 -6.61
C MET Q 886 44.78 -26.36 -5.31
N GLY Q 887 43.60 -27.00 -5.29
CA GLY Q 887 42.84 -27.05 -4.05
C GLY Q 887 43.58 -27.76 -2.93
N ALA Q 888 44.12 -28.93 -3.23
CA ALA Q 888 44.84 -29.72 -2.23
C ALA Q 888 46.14 -29.06 -1.80
N GLN Q 889 46.75 -28.23 -2.66
CA GLN Q 889 47.90 -27.48 -2.21
C GLN Q 889 47.49 -26.36 -1.27
N ASN Q 890 46.41 -25.65 -1.58
CA ASN Q 890 45.98 -24.56 -0.72
C ASN Q 890 45.57 -25.05 0.66
N ILE Q 891 44.82 -26.15 0.74
CA ILE Q 891 44.37 -26.61 2.05
C ILE Q 891 45.56 -27.01 2.91
N THR Q 892 46.50 -27.74 2.34
CA THR Q 892 47.67 -28.17 3.10
C THR Q 892 48.58 -27.00 3.42
N GLU Q 893 48.63 -25.99 2.55
CA GLU Q 893 49.43 -24.81 2.83
C GLU Q 893 48.87 -24.01 3.99
N ILE Q 894 47.55 -23.84 4.03
CA ILE Q 894 46.93 -23.20 5.20
C ILE Q 894 47.18 -24.04 6.45
N ALA Q 895 47.11 -25.36 6.30
CA ALA Q 895 47.38 -26.24 7.44
C ALA Q 895 48.78 -26.01 7.99
N GLY Q 896 49.78 -25.95 7.12
CA GLY Q 896 51.13 -25.72 7.56
C GLY Q 896 51.36 -24.33 8.12
N MET Q 897 50.70 -23.32 7.52
CA MET Q 897 50.86 -21.96 8.00
C MET Q 897 50.27 -21.77 9.38
N ILE Q 898 49.11 -22.36 9.66
CA ILE Q 898 48.52 -22.24 10.99
C ILE Q 898 49.48 -22.79 12.05
N VAL Q 899 50.04 -23.97 11.81
CA VAL Q 899 50.88 -24.58 12.82
C VAL Q 899 52.24 -23.85 12.92
N THR Q 900 52.77 -23.36 11.81
CA THR Q 900 54.02 -22.62 11.92
C THR Q 900 53.81 -21.25 12.53
N GLY Q 901 52.58 -20.73 12.52
CA GLY Q 901 52.28 -19.56 13.32
C GLY Q 901 52.18 -19.89 14.79
N ASN Q 902 51.51 -21.00 15.10
CA ASN Q 902 51.40 -21.43 16.49
C ASN Q 902 52.74 -21.72 17.13
N VAL Q 903 53.70 -22.23 16.37
CA VAL Q 903 55.01 -22.48 16.96
C VAL Q 903 55.66 -21.16 17.37
N ARG Q 904 55.70 -20.17 16.48
CA ARG Q 904 56.32 -18.89 16.78
C ARG Q 904 55.65 -18.23 17.99
N ALA Q 905 54.32 -18.08 17.93
CA ALA Q 905 53.63 -17.38 19.00
C ALA Q 905 53.81 -18.09 20.35
N LEU Q 906 53.45 -19.36 20.41
CA LEU Q 906 53.57 -20.09 21.67
C LEU Q 906 55.01 -20.35 22.06
N GLY Q 907 55.98 -19.99 21.22
CA GLY Q 907 57.36 -20.01 21.65
C GLY Q 907 57.78 -18.71 22.28
N HIS Q 908 57.35 -17.59 21.74
CA HIS Q 908 57.67 -16.32 22.38
C HIS Q 908 56.94 -16.16 23.69
N GLY Q 909 55.63 -16.39 23.69
CA GLY Q 909 54.82 -16.23 24.90
C GLY Q 909 54.93 -17.07 26.15
N ILE Q 910 55.17 -18.36 26.02
CA ILE Q 910 55.20 -19.24 27.17
C ILE Q 910 56.59 -19.46 27.69
N PRO Q 911 56.81 -19.25 28.98
CA PRO Q 911 58.17 -19.32 29.49
C PRO Q 911 58.93 -20.63 29.41
N ILE Q 912 58.35 -21.77 29.75
CA ILE Q 912 59.15 -22.99 29.74
C ILE Q 912 59.58 -23.30 28.34
N LEU Q 913 58.69 -23.10 27.38
CA LEU Q 913 59.07 -23.32 26.02
C LEU Q 913 60.13 -22.34 25.53
N ARG Q 914 60.03 -21.05 25.82
CA ARG Q 914 60.99 -20.09 25.25
C ARG Q 914 62.45 -20.17 25.62
N ASP Q 915 62.76 -20.36 26.89
CA ASP Q 915 64.17 -20.36 27.20
C ASP Q 915 64.83 -21.70 27.37
N THR Q 916 64.08 -22.78 27.37
CA THR Q 916 64.72 -24.09 27.41
C THR Q 916 64.30 -25.13 26.38
N LEU Q 917 63.02 -25.44 26.31
CA LEU Q 917 62.61 -26.51 25.43
C LEU Q 917 62.89 -26.20 23.99
N TYR Q 918 62.61 -25.00 23.56
CA TYR Q 918 62.79 -24.70 22.16
C TYR Q 918 64.16 -24.13 21.97
N LYS Q 919 64.91 -24.01 23.05
CA LYS Q 919 66.25 -23.46 22.97
C LYS Q 919 67.14 -24.41 22.24
N SER Q 920 68.05 -23.88 21.47
CA SER Q 920 68.88 -24.73 20.67
C SER Q 920 69.73 -25.73 21.38
N LYS Q 921 70.71 -25.29 22.18
CA LYS Q 921 71.63 -26.27 22.72
C LYS Q 921 72.36 -25.69 23.93
N PRO Q 922 73.23 -26.47 24.62
CA PRO Q 922 73.51 -27.89 24.44
C PRO Q 922 72.54 -28.86 25.14
N VAL Q 923 72.26 -28.59 26.42
CA VAL Q 923 71.66 -29.55 27.33
C VAL Q 923 71.12 -28.80 28.54
N SER Q 924 69.98 -29.24 29.05
CA SER Q 924 69.56 -28.81 30.37
C SER Q 924 70.23 -29.71 31.40
N ALA Q 925 70.98 -29.10 32.32
CA ALA Q 925 71.94 -29.85 33.12
C ALA Q 925 71.28 -30.98 33.90
N LYS Q 926 70.41 -30.64 34.84
CA LYS Q 926 69.76 -31.62 35.67
C LYS Q 926 68.33 -31.91 35.24
N GLU Q 927 67.79 -31.15 34.28
CA GLU Q 927 66.44 -31.39 33.80
C GLU Q 927 66.32 -32.67 32.98
N LEU Q 928 67.43 -33.38 32.75
CA LEU Q 928 67.34 -34.71 32.16
C LEU Q 928 66.58 -35.65 33.08
N LYS Q 929 66.90 -35.61 34.38
CA LYS Q 929 66.15 -36.40 35.35
C LYS Q 929 64.68 -36.01 35.41
N GLU Q 930 64.35 -34.79 34.97
CA GLU Q 930 62.96 -34.37 34.90
C GLU Q 930 62.33 -34.64 33.55
N LEU Q 931 63.09 -34.53 32.46
CA LEU Q 931 62.55 -34.87 31.15
C LEU Q 931 62.24 -36.35 31.04
N HIS Q 932 63.11 -37.21 31.57
CA HIS Q 932 62.82 -38.64 31.59
C HIS Q 932 61.48 -38.91 32.27
N ALA Q 933 61.27 -38.36 33.46
CA ALA Q 933 60.02 -38.58 34.17
C ALA Q 933 58.84 -37.96 33.45
N SER Q 934 59.02 -36.81 32.81
CA SER Q 934 57.92 -36.20 32.06
C SER Q 934 57.48 -37.10 30.90
N LEU Q 935 58.44 -37.66 30.17
CA LEU Q 935 58.08 -38.55 29.07
C LEU Q 935 57.50 -39.86 29.58
N PHE Q 936 58.08 -40.40 30.66
CA PHE Q 936 57.53 -41.61 31.26
C PHE Q 936 56.11 -41.40 31.74
N GLY Q 937 55.75 -40.18 32.12
CA GLY Q 937 54.37 -39.89 32.46
C GLY Q 937 53.42 -40.08 31.30
N LYS Q 938 53.75 -39.51 30.14
CA LYS Q 938 52.92 -39.70 28.96
C LYS Q 938 52.91 -41.14 28.50
N GLU Q 939 53.99 -41.88 28.77
CA GLU Q 939 53.97 -43.31 28.47
C GLU Q 939 53.00 -44.05 29.37
N VAL Q 940 53.11 -43.83 30.68
CA VAL Q 940 52.29 -44.56 31.64
C VAL Q 940 50.82 -44.19 31.51
N ASP Q 941 50.50 -42.94 31.18
CA ASP Q 941 49.11 -42.58 30.99
C ASP Q 941 48.49 -43.36 29.84
N GLN Q 942 49.15 -43.34 28.68
CA GLN Q 942 48.65 -44.12 27.55
C GLN Q 942 48.64 -45.61 27.85
N LEU Q 943 49.45 -46.06 28.80
CA LEU Q 943 49.44 -47.48 29.15
C LEU Q 943 48.31 -47.81 30.13
N ILE Q 944 47.82 -46.85 30.90
CA ILE Q 944 46.92 -47.17 31.99
C ILE Q 944 45.52 -46.60 31.79
N ARG Q 945 45.41 -45.40 31.20
CA ARG Q 945 44.15 -44.67 31.20
C ARG Q 945 42.98 -45.53 30.73
N PRO Q 946 41.80 -45.35 31.30
CA PRO Q 946 40.64 -46.14 30.88
C PRO Q 946 40.21 -45.78 29.47
N LYS Q 947 40.42 -46.69 28.52
CA LYS Q 947 40.19 -46.40 27.12
C LYS Q 947 38.69 -46.35 26.83
N ARG Q 948 38.03 -45.36 27.41
CA ARG Q 948 36.64 -45.07 27.15
C ARG Q 948 36.42 -43.58 27.32
N ALA Q 949 35.17 -43.17 27.35
CA ALA Q 949 34.86 -41.77 27.63
C ALA Q 949 33.85 -41.60 28.76
N ASP Q 950 32.83 -42.45 28.82
CA ASP Q 950 31.84 -42.37 29.90
C ASP Q 950 32.28 -43.10 31.16
N ILE Q 951 33.55 -43.52 31.22
CA ILE Q 951 34.09 -44.11 32.43
C ILE Q 951 35.14 -43.22 33.09
N VAL Q 952 35.58 -42.17 32.41
CA VAL Q 952 36.56 -41.26 32.98
C VAL Q 952 35.91 -40.08 33.69
N GLN Q 953 35.03 -39.35 33.00
CA GLN Q 953 34.40 -38.21 33.66
C GLN Q 953 33.43 -38.65 34.75
N ARG Q 954 32.75 -39.78 34.55
CA ARG Q 954 31.88 -40.29 35.60
C ARG Q 954 32.68 -40.72 36.82
N LEU Q 955 33.82 -41.37 36.62
CA LEU Q 955 34.68 -41.72 37.74
C LEU Q 955 35.27 -40.48 38.40
N ARG Q 956 35.51 -39.43 37.63
CA ARG Q 956 36.06 -38.21 38.20
C ARG Q 956 35.03 -37.45 39.03
N GLU Q 957 33.80 -37.36 38.56
CA GLU Q 957 32.75 -36.66 39.28
C GLU Q 957 32.03 -37.54 40.27
N ALA Q 958 32.37 -38.82 40.37
CA ALA Q 958 31.80 -39.67 41.39
C ALA Q 958 32.34 -39.36 42.77
N THR Q 959 33.40 -38.56 42.87
CA THR Q 959 33.91 -38.17 44.19
C THR Q 959 33.10 -37.03 44.78
N ASP Q 960 32.44 -36.25 43.93
CA ASP Q 960 31.59 -35.16 44.41
C ASP Q 960 30.20 -35.67 44.75
N SER Q 983 38.97 -21.27 31.92
CA SER Q 983 40.05 -22.22 31.63
C SER Q 983 40.29 -23.21 32.76
N PRO Q 984 40.29 -22.75 34.02
CA PRO Q 984 40.37 -23.72 35.12
C PRO Q 984 39.05 -24.34 35.49
N TRP Q 985 38.04 -24.22 34.64
CA TRP Q 985 36.71 -24.66 34.99
C TRP Q 985 36.04 -25.27 33.77
N THR Q 986 35.70 -26.57 33.87
CA THR Q 986 35.21 -27.33 32.74
C THR Q 986 33.78 -26.99 32.36
N LYS Q 987 33.14 -26.07 33.08
CA LYS Q 987 31.80 -25.66 32.69
C LYS Q 987 31.82 -24.75 31.49
N LEU Q 988 32.90 -24.00 31.31
CA LEU Q 988 33.08 -23.14 30.15
C LEU Q 988 34.37 -23.53 29.46
N LEU Q 989 34.44 -23.22 28.17
CA LEU Q 989 35.60 -23.51 27.33
C LEU Q 989 36.18 -24.89 27.65
N ASN Q 990 35.33 -25.90 27.47
CA ASN Q 990 35.70 -27.26 27.88
C ASN Q 990 36.80 -27.84 27.01
N GLY Q 991 36.92 -27.36 25.77
CA GLY Q 991 37.92 -27.90 24.87
C GLY Q 991 39.33 -27.80 25.40
N THR Q 992 39.72 -26.62 25.90
CA THR Q 992 41.07 -26.46 26.41
C THR Q 992 41.24 -27.14 27.76
N THR Q 993 40.18 -27.16 28.57
CA THR Q 993 40.27 -27.82 29.86
C THR Q 993 40.50 -29.31 29.70
N ASN Q 994 39.89 -29.93 28.69
CA ASN Q 994 40.13 -31.35 28.46
C ASN Q 994 41.59 -31.63 28.11
N TYR Q 995 42.16 -30.86 27.19
CA TYR Q 995 43.56 -31.04 26.84
C TYR Q 995 44.46 -30.79 28.05
N LEU Q 996 44.18 -29.75 28.82
CA LEU Q 996 45.05 -29.44 29.95
C LEU Q 996 44.92 -30.49 31.05
N LEU Q 997 43.74 -31.07 31.22
CA LEU Q 997 43.61 -32.16 32.17
C LEU Q 997 44.37 -33.39 31.72
N ASP Q 998 44.14 -33.84 30.48
CA ASP Q 998 44.89 -34.96 29.96
C ASP Q 998 46.33 -34.61 29.62
N ALA Q 999 46.78 -33.40 29.98
CA ALA Q 999 48.20 -33.05 29.93
C ALA Q 999 48.85 -33.00 31.30
N ALA Q 1000 48.33 -32.16 32.20
CA ALA Q 1000 48.90 -32.03 33.54
C ALA Q 1000 48.89 -33.35 34.30
N ARG Q 1001 47.99 -34.25 33.94
CA ARG Q 1001 47.93 -35.52 34.64
C ARG Q 1001 49.18 -36.36 34.41
N GLN Q 1002 49.72 -36.36 33.20
CA GLN Q 1002 50.95 -37.11 32.97
C GLN Q 1002 52.11 -36.51 33.75
N GLY Q 1003 52.18 -35.18 33.82
CA GLY Q 1003 53.21 -34.55 34.63
C GLY Q 1003 53.11 -34.94 36.08
N MET Q 1004 51.90 -34.83 36.66
CA MET Q 1004 51.73 -35.20 38.06
C MET Q 1004 52.06 -36.67 38.28
N LEU Q 1005 51.61 -37.54 37.38
CA LEU Q 1005 51.89 -38.96 37.49
C LEU Q 1005 53.37 -39.27 37.42
N GLY Q 1006 54.08 -38.71 36.45
CA GLY Q 1006 55.51 -38.94 36.36
C GLY Q 1006 56.25 -38.38 37.57
N ASP Q 1007 55.77 -37.27 38.11
CA ASP Q 1007 56.36 -36.75 39.33
C ASP Q 1007 56.16 -37.71 40.49
N VAL Q 1008 54.96 -38.29 40.62
CA VAL Q 1008 54.70 -39.25 41.69
C VAL Q 1008 55.58 -40.48 41.55
N ILE Q 1009 55.80 -40.93 40.30
CA ILE Q 1009 56.66 -42.08 40.11
C ILE Q 1009 58.12 -41.75 40.43
N SER Q 1010 58.64 -40.65 39.88
CA SER Q 1010 60.04 -40.30 40.06
C SER Q 1010 60.36 -40.02 41.51
N ALA Q 1011 59.50 -39.25 42.19
CA ALA Q 1011 59.70 -38.98 43.60
C ALA Q 1011 59.78 -40.26 44.41
N THR Q 1012 58.76 -41.12 44.28
CA THR Q 1012 58.75 -42.35 45.04
C THR Q 1012 59.91 -43.25 44.68
N LEU Q 1013 60.25 -43.30 43.39
CA LEU Q 1013 61.24 -44.26 42.85
C LEU Q 1013 62.33 -44.88 43.68
N THR Q 1014 63.54 -44.43 43.43
CA THR Q 1014 64.56 -44.57 44.44
C THR Q 1014 64.84 -43.15 44.88
N GLY Q 1015 65.00 -42.93 46.16
CA GLY Q 1015 65.15 -41.58 46.63
C GLY Q 1015 63.75 -41.18 46.99
N LYS Q 1016 63.57 -40.17 47.83
CA LYS Q 1016 62.22 -39.85 48.27
C LYS Q 1016 61.91 -38.40 48.33
N THR Q 1017 60.66 -38.05 48.04
CA THR Q 1017 60.20 -36.68 48.16
C THR Q 1017 58.72 -36.94 48.30
N THR Q 1018 58.19 -36.83 49.51
CA THR Q 1018 56.81 -37.18 49.74
C THR Q 1018 55.96 -35.95 50.01
N ARG Q 1019 55.70 -35.15 48.98
CA ARG Q 1019 54.80 -34.01 49.14
C ARG Q 1019 53.45 -34.61 48.99
N TRP Q 1020 53.34 -35.52 48.03
CA TRP Q 1020 52.08 -36.18 47.80
C TRP Q 1020 51.58 -37.12 48.91
N GLU Q 1021 52.48 -37.88 49.53
CA GLU Q 1021 52.01 -38.86 50.53
C GLU Q 1021 51.33 -38.15 51.66
N LYS Q 1022 51.87 -37.03 52.12
CA LYS Q 1022 51.17 -36.29 53.15
C LYS Q 1022 50.30 -35.27 52.46
N GLU Q 1023 49.08 -35.68 52.11
CA GLU Q 1023 48.18 -34.75 51.48
C GLU Q 1023 46.80 -34.74 52.08
N GLY Q 1024 46.14 -33.58 52.06
CA GLY Q 1024 44.78 -33.45 52.57
C GLY Q 1024 43.93 -33.55 51.33
N PHE Q 1025 44.55 -33.91 50.22
CA PHE Q 1025 43.85 -34.06 48.96
C PHE Q 1025 43.63 -35.54 48.99
N LEU Q 1026 43.57 -36.09 50.22
CA LEU Q 1026 43.43 -37.52 50.41
C LEU Q 1026 42.07 -38.03 50.08
N ARG Q 1027 41.58 -37.74 48.90
CA ARG Q 1027 40.31 -38.28 48.52
C ARG Q 1027 40.46 -39.24 47.36
N GLY Q 1028 39.85 -40.41 47.49
CA GLY Q 1028 39.97 -41.42 46.46
C GLY Q 1028 41.26 -42.16 46.77
N ALA Q 1029 42.03 -41.67 47.72
CA ALA Q 1029 43.23 -42.37 48.13
C ALA Q 1029 43.35 -42.28 49.63
N SER Q 1030 43.17 -43.40 50.30
CA SER Q 1030 43.27 -43.42 51.74
C SER Q 1030 44.71 -43.66 52.07
N VAL Q 1031 45.05 -43.65 53.35
CA VAL Q 1031 46.41 -43.98 53.74
C VAL Q 1031 46.88 -45.25 53.07
N THR Q 1032 46.06 -46.31 53.11
CA THR Q 1032 46.58 -47.57 52.57
C THR Q 1032 46.69 -47.56 51.05
N PRO Q 1033 45.66 -47.06 50.35
CA PRO Q 1033 45.88 -47.05 48.91
C PRO Q 1033 47.07 -46.16 48.53
N GLU Q 1034 47.29 -45.03 49.19
CA GLU Q 1034 48.39 -44.14 48.84
C GLU Q 1034 49.68 -44.85 49.05
N GLN Q 1035 49.79 -45.55 50.17
CA GLN Q 1035 51.03 -46.23 50.44
C GLN Q 1035 51.29 -47.30 49.40
N MET Q 1036 50.23 -47.98 48.98
CA MET Q 1036 50.36 -49.00 47.96
C MET Q 1036 50.81 -48.40 46.64
N ALA Q 1037 50.22 -47.28 46.26
CA ALA Q 1037 50.54 -46.68 44.98
C ALA Q 1037 52.02 -46.47 44.98
N GLY Q 1038 52.61 -46.49 46.16
CA GLY Q 1038 54.05 -46.34 46.28
C GLY Q 1038 54.83 -47.60 46.00
N ILE Q 1039 54.41 -48.73 46.55
CA ILE Q 1039 55.15 -49.97 46.34
C ILE Q 1039 54.93 -50.51 44.94
N LYS Q 1040 53.74 -50.29 44.38
CA LYS Q 1040 53.53 -50.70 42.99
C LYS Q 1040 54.40 -49.88 42.05
N SER Q 1041 54.63 -48.60 42.38
CA SER Q 1041 55.52 -47.80 41.56
C SER Q 1041 56.98 -48.22 41.76
N LEU Q 1042 57.36 -48.53 43.00
CA LEU Q 1042 58.75 -48.88 43.28
C LEU Q 1042 59.13 -50.22 42.67
N ILE Q 1043 58.19 -51.18 42.64
CA ILE Q 1043 58.53 -52.51 42.16
C ILE Q 1043 58.80 -52.54 40.66
N LYS Q 1044 58.28 -51.57 39.93
CA LYS Q 1044 58.39 -51.66 38.47
C LYS Q 1044 59.33 -50.76 37.69
N GLU Q 1045 59.97 -49.78 38.31
CA GLU Q 1045 60.91 -48.98 37.53
C GLU Q 1045 62.18 -48.54 38.27
N HIS Q 1046 63.26 -48.28 37.54
CA HIS Q 1046 64.49 -47.76 38.18
C HIS Q 1046 65.10 -46.60 37.41
N MET Q 1047 65.66 -45.62 38.11
CA MET Q 1047 66.21 -44.42 37.49
C MET Q 1047 66.71 -44.58 36.07
N PHE Q 1055 63.42 -43.14 33.57
CA PHE Q 1055 63.36 -44.48 34.11
C PHE Q 1055 62.37 -45.25 33.30
N THR Q 1056 62.74 -45.59 32.09
CA THR Q 1056 61.80 -46.25 31.21
C THR Q 1056 61.81 -47.72 31.46
N VAL Q 1057 61.18 -48.11 32.53
CA VAL Q 1057 61.13 -49.51 32.84
C VAL Q 1057 59.70 -49.99 32.96
N LYS Q 1058 59.35 -51.09 32.31
CA LYS Q 1058 58.03 -51.71 32.43
C LYS Q 1058 56.75 -50.84 32.65
N ASP Q 1059 55.89 -50.57 31.65
CA ASP Q 1059 55.57 -51.34 30.42
C ASP Q 1059 55.64 -52.87 30.54
N LYS Q 1060 54.78 -53.43 31.37
CA LYS Q 1060 54.63 -54.87 31.50
C LYS Q 1060 53.15 -55.21 31.51
N GLN Q 1061 52.83 -56.39 30.99
CA GLN Q 1061 51.44 -56.84 31.03
C GLN Q 1061 50.91 -56.91 32.45
N ALA Q 1062 51.69 -57.46 33.38
CA ALA Q 1062 51.29 -57.47 34.78
C ALA Q 1062 51.26 -56.07 35.38
N PHE Q 1063 52.00 -55.12 34.81
CA PHE Q 1063 51.95 -53.74 35.30
C PHE Q 1063 50.57 -53.13 35.09
N SER Q 1064 49.87 -53.51 34.02
CA SER Q 1064 48.54 -52.99 33.74
C SER Q 1064 47.45 -53.85 34.37
N MET Q 1065 47.57 -55.17 34.29
CA MET Q 1065 46.60 -56.08 34.91
C MET Q 1065 46.88 -56.20 36.41
N ASP Q 1066 46.89 -55.05 37.07
CA ASP Q 1066 47.13 -54.95 38.50
C ASP Q 1066 45.95 -54.24 39.13
N PRO Q 1067 45.20 -54.89 40.01
CA PRO Q 1067 44.00 -54.26 40.57
C PRO Q 1067 44.28 -52.97 41.33
N ARG Q 1068 45.49 -52.80 41.85
CA ARG Q 1068 45.84 -51.58 42.58
C ARG Q 1068 46.36 -50.48 41.68
N ALA Q 1069 46.60 -50.76 40.40
CA ALA Q 1069 47.20 -49.77 39.52
C ALA Q 1069 46.22 -48.68 39.09
N MET Q 1070 44.92 -48.93 39.19
CA MET Q 1070 43.96 -47.89 38.83
C MET Q 1070 43.93 -46.79 39.88
N ASP Q 1071 44.30 -47.11 41.12
CA ASP Q 1071 44.42 -46.09 42.14
C ASP Q 1071 45.49 -45.07 41.80
N LEU Q 1072 46.55 -45.47 41.11
CA LEU Q 1072 47.56 -44.52 40.66
C LEU Q 1072 46.98 -43.53 39.65
N TRP Q 1073 46.31 -44.05 38.62
CA TRP Q 1073 45.65 -43.18 37.66
C TRP Q 1073 44.68 -42.23 38.34
N ARG Q 1074 43.90 -42.73 39.30
CA ARG Q 1074 42.93 -41.87 39.97
C ARG Q 1074 43.59 -40.80 40.84
N LEU Q 1075 44.61 -41.18 41.63
CA LEU Q 1075 45.39 -40.19 42.35
C LEU Q 1075 45.87 -39.09 41.41
N ALA Q 1076 46.51 -39.48 40.30
CA ALA Q 1076 47.07 -38.50 39.39
C ALA Q 1076 46.02 -37.58 38.80
N ASP Q 1077 44.91 -38.14 38.29
CA ASP Q 1077 43.91 -37.29 37.67
C ASP Q 1077 43.24 -36.39 38.70
N LYS Q 1078 42.98 -36.90 39.90
CA LYS Q 1078 42.32 -36.06 40.90
C LYS Q 1078 43.24 -34.94 41.35
N VAL Q 1079 44.55 -35.20 41.48
CA VAL Q 1079 45.44 -34.12 41.82
C VAL Q 1079 45.51 -33.11 40.69
N ALA Q 1080 45.55 -33.59 39.44
CA ALA Q 1080 45.64 -32.70 38.30
C ALA Q 1080 44.39 -31.85 38.13
N ASP Q 1081 43.24 -32.31 38.63
CA ASP Q 1081 42.02 -31.51 38.58
C ASP Q 1081 41.71 -30.80 39.89
N GLU Q 1082 42.49 -31.03 40.95
CA GLU Q 1082 42.30 -30.36 42.21
C GLU Q 1082 43.29 -29.22 42.44
N ALA Q 1083 44.55 -29.40 42.06
CA ALA Q 1083 45.58 -28.40 42.33
C ALA Q 1083 46.06 -27.70 41.07
N MET Q 1084 46.39 -28.47 40.03
CA MET Q 1084 47.06 -27.88 38.87
C MET Q 1084 46.09 -27.16 37.95
N LEU Q 1085 44.79 -27.46 38.01
CA LEU Q 1085 43.88 -26.96 36.99
C LEU Q 1085 42.54 -26.48 37.56
N ARG Q 1086 42.42 -26.39 38.88
CA ARG Q 1086 41.20 -25.73 39.36
C ARG Q 1086 41.46 -24.66 40.43
N PRO Q 1087 42.47 -23.79 40.27
CA PRO Q 1087 42.35 -22.46 40.87
C PRO Q 1087 41.85 -21.46 39.85
N HIS Q 1088 41.04 -20.48 40.26
CA HIS Q 1088 40.55 -19.49 39.33
C HIS Q 1088 41.57 -18.40 39.02
N LYS Q 1089 42.83 -18.60 39.38
CA LYS Q 1089 43.89 -17.64 39.09
C LYS Q 1089 45.21 -18.37 38.97
N VAL Q 1090 46.02 -17.97 38.01
CA VAL Q 1090 47.38 -18.48 37.92
C VAL Q 1090 48.20 -17.75 38.97
N SER Q 1091 49.28 -18.37 39.42
CA SER Q 1091 50.04 -17.79 40.52
C SER Q 1091 51.48 -18.32 40.50
N LEU Q 1092 52.20 -18.08 41.59
CA LEU Q 1092 53.49 -18.71 41.84
C LEU Q 1092 53.24 -19.89 42.77
N GLN Q 1093 52.78 -21.00 42.20
CA GLN Q 1093 52.53 -22.19 43.01
C GLN Q 1093 53.64 -23.22 42.83
N ASP Q 1094 53.91 -23.61 41.59
CA ASP Q 1094 55.03 -24.49 41.28
C ASP Q 1094 55.73 -23.95 40.04
N SER Q 1095 56.64 -23.01 40.26
CA SER Q 1095 57.65 -22.60 39.28
C SER Q 1095 59.05 -22.73 39.86
N HIS Q 1096 59.15 -22.99 41.16
CA HIS Q 1096 60.36 -23.48 41.79
C HIS Q 1096 60.06 -24.82 42.43
N ALA Q 1097 59.26 -25.63 41.73
CA ALA Q 1097 58.89 -26.95 42.20
C ALA Q 1097 58.36 -27.82 41.07
N PHE Q 1098 57.88 -29.01 41.40
CA PHE Q 1098 57.47 -29.99 40.42
C PHE Q 1098 56.26 -29.51 39.62
N GLY Q 1099 56.26 -29.81 38.33
CA GLY Q 1099 57.32 -30.56 37.69
C GLY Q 1099 57.71 -29.99 36.34
N ALA Q 1100 58.47 -30.76 35.56
CA ALA Q 1100 58.89 -30.29 34.25
C ALA Q 1100 57.69 -30.05 33.35
N LEU Q 1101 56.80 -31.02 33.26
CA LEU Q 1101 55.57 -30.84 32.49
C LEU Q 1101 54.52 -30.07 33.29
N GLY Q 1102 54.59 -30.15 34.61
CA GLY Q 1102 53.65 -29.40 35.44
C GLY Q 1102 53.77 -27.91 35.21
N LYS Q 1103 54.99 -27.38 35.20
CA LYS Q 1103 55.16 -25.97 34.89
C LYS Q 1103 54.76 -25.64 33.46
N MET Q 1104 55.01 -26.54 32.51
CA MET Q 1104 54.62 -26.28 31.13
C MET Q 1104 53.10 -26.12 31.01
N VAL Q 1105 52.35 -27.03 31.61
CA VAL Q 1105 50.90 -26.90 31.55
C VAL Q 1105 50.40 -25.76 32.42
N MET Q 1106 51.08 -25.46 33.53
CA MET Q 1106 50.70 -24.29 34.32
C MET Q 1106 50.91 -23.01 33.53
N GLN Q 1107 52.01 -22.92 32.80
CA GLN Q 1107 52.24 -21.73 31.99
C GLN Q 1107 51.33 -21.71 30.77
N PHE Q 1108 50.88 -22.87 30.29
CA PHE Q 1108 49.89 -22.87 29.23
C PHE Q 1108 48.56 -22.34 29.73
N LYS Q 1109 48.15 -22.76 30.93
CA LYS Q 1109 46.96 -22.18 31.55
C LYS Q 1109 47.15 -20.69 31.80
N SER Q 1110 48.35 -20.27 32.17
CA SER Q 1110 48.64 -18.86 32.35
C SER Q 1110 48.49 -18.09 31.04
N PHE Q 1111 49.01 -18.63 29.95
CA PHE Q 1111 48.83 -17.99 28.65
C PHE Q 1111 47.36 -17.97 28.26
N THR Q 1112 46.62 -19.02 28.59
CA THR Q 1112 45.20 -19.05 28.28
C THR Q 1112 44.45 -17.92 29.00
N ILE Q 1113 44.72 -17.75 30.30
CA ILE Q 1113 44.07 -16.68 31.04
C ILE Q 1113 44.53 -15.32 30.54
N LYS Q 1114 45.83 -15.18 30.26
CA LYS Q 1114 46.35 -13.91 29.77
C LYS Q 1114 45.72 -13.50 28.45
N SER Q 1115 45.59 -14.45 27.52
CA SER Q 1115 44.94 -14.14 26.25
C SER Q 1115 43.47 -13.83 26.46
N LEU Q 1116 42.81 -14.62 27.33
CA LEU Q 1116 41.39 -14.43 27.59
C LEU Q 1116 41.09 -13.10 28.27
N ASN Q 1117 42.12 -12.36 28.66
CA ASN Q 1117 41.95 -11.03 29.26
C ASN Q 1117 42.38 -9.93 28.29
N SER Q 1118 42.60 -10.27 27.05
CA SER Q 1118 43.10 -9.28 26.12
C SER Q 1118 42.01 -8.33 25.88
N LYS Q 1119 42.37 -7.22 25.27
CA LYS Q 1119 41.37 -6.29 24.86
C LYS Q 1119 40.50 -6.93 23.79
N PHE Q 1120 41.04 -7.64 22.81
CA PHE Q 1120 40.17 -8.08 21.70
C PHE Q 1120 39.16 -9.02 22.17
N LEU Q 1121 39.60 -10.00 22.92
CA LEU Q 1121 38.78 -11.15 23.26
C LEU Q 1121 37.76 -10.82 24.34
N ARG Q 1122 38.14 -9.99 25.31
CA ARG Q 1122 37.18 -9.60 26.34
C ARG Q 1122 36.05 -8.77 25.75
N THR Q 1123 36.37 -7.82 24.87
CA THR Q 1123 35.35 -7.03 24.21
C THR Q 1123 34.50 -7.84 23.25
N PHE Q 1124 35.02 -8.97 22.77
CA PHE Q 1124 34.22 -9.85 21.94
C PHE Q 1124 33.27 -10.68 22.79
N TYR Q 1125 33.72 -11.21 23.93
CA TYR Q 1125 32.81 -11.94 24.83
C TYR Q 1125 31.69 -11.07 25.35
N ASP Q 1126 31.98 -9.88 25.83
CA ASP Q 1126 30.95 -9.06 26.45
C ASP Q 1126 29.88 -8.76 25.46
N GLY Q 1127 30.31 -8.46 24.26
CA GLY Q 1127 29.36 -8.22 23.25
C GLY Q 1127 28.55 -9.41 22.83
N TYR Q 1128 29.15 -10.57 22.65
CA TYR Q 1128 28.37 -11.70 22.12
C TYR Q 1128 28.28 -12.94 22.95
N LYS Q 1129 28.90 -12.96 24.11
CA LYS Q 1129 28.96 -14.18 24.89
C LYS Q 1129 29.63 -15.29 24.08
N ASN Q 1130 28.91 -16.30 23.65
CA ASN Q 1130 29.51 -17.32 22.79
C ASN Q 1130 30.68 -18.03 23.33
N ASN Q 1131 30.55 -18.59 24.51
CA ASN Q 1131 31.61 -19.38 25.06
C ASN Q 1131 31.97 -20.56 24.21
N ARG Q 1132 31.48 -20.67 22.97
CA ARG Q 1132 31.95 -21.83 22.22
C ARG Q 1132 33.02 -21.38 21.24
N ALA Q 1133 32.94 -20.13 20.78
CA ALA Q 1133 33.94 -19.64 19.85
C ALA Q 1133 35.31 -19.51 20.49
N ILE Q 1134 35.39 -18.88 21.66
CA ILE Q 1134 36.68 -18.84 22.35
C ILE Q 1134 37.14 -20.22 22.76
N ASP Q 1135 36.21 -21.16 22.96
CA ASP Q 1135 36.60 -22.55 23.17
C ASP Q 1135 37.32 -23.10 21.96
N ALA Q 1136 36.71 -23.01 20.78
CA ALA Q 1136 37.33 -23.53 19.58
C ALA Q 1136 38.55 -22.72 19.19
N ALA Q 1137 38.73 -21.54 19.76
CA ALA Q 1137 39.97 -20.80 19.55
C ALA Q 1137 41.08 -21.33 20.46
N LEU Q 1138 40.86 -21.32 21.76
CA LEU Q 1138 41.85 -21.74 22.73
C LEU Q 1138 42.06 -23.24 22.76
N SER Q 1139 41.28 -24.00 22.00
CA SER Q 1139 41.55 -25.42 21.89
C SER Q 1139 42.66 -25.72 20.91
N ILE Q 1140 42.63 -25.11 19.73
CA ILE Q 1140 43.68 -25.33 18.75
C ILE Q 1140 45.02 -24.86 19.28
N ILE Q 1141 45.04 -23.71 19.95
CA ILE Q 1141 46.29 -23.18 20.49
C ILE Q 1141 46.94 -24.20 21.41
N THR Q 1142 46.20 -24.67 22.40
CA THR Q 1142 46.73 -25.63 23.36
C THR Q 1142 47.04 -26.98 22.72
N SER Q 1143 46.27 -27.41 21.72
CA SER Q 1143 46.60 -28.66 21.05
C SER Q 1143 47.95 -28.57 20.36
N MET Q 1144 48.14 -27.58 19.49
CA MET Q 1144 49.43 -27.42 18.84
C MET Q 1144 50.54 -27.12 19.83
N GLY Q 1145 50.21 -26.48 20.96
CA GLY Q 1145 51.23 -26.18 21.94
C GLY Q 1145 51.75 -27.42 22.64
N LEU Q 1146 50.83 -28.23 23.18
CA LEU Q 1146 51.27 -29.49 23.75
C LEU Q 1146 51.93 -30.37 22.70
N ALA Q 1147 51.50 -30.25 21.44
CA ALA Q 1147 52.17 -30.94 20.35
C ALA Q 1147 53.65 -30.58 20.30
N GLY Q 1148 53.95 -29.29 20.13
CA GLY Q 1148 55.32 -28.85 20.17
C GLY Q 1148 56.05 -29.21 21.43
N GLY Q 1149 55.37 -29.16 22.58
CA GLY Q 1149 56.05 -29.41 23.84
C GLY Q 1149 56.49 -30.85 23.98
N PHE Q 1150 55.60 -31.79 23.71
CA PHE Q 1150 55.93 -33.20 23.85
C PHE Q 1150 56.98 -33.64 22.85
N TYR Q 1151 57.12 -32.94 21.73
CA TYR Q 1151 58.19 -33.26 20.81
C TYR Q 1151 59.50 -32.62 21.22
N ALA Q 1152 59.47 -31.36 21.67
CA ALA Q 1152 60.69 -30.72 22.12
C ALA Q 1152 61.29 -31.42 23.33
N MET Q 1153 60.45 -31.88 24.26
CA MET Q 1153 60.99 -32.54 25.44
C MET Q 1153 61.69 -33.83 25.07
N ALA Q 1154 61.13 -34.60 24.12
CA ALA Q 1154 61.79 -35.83 23.69
C ALA Q 1154 63.04 -35.53 22.88
N ALA Q 1155 63.06 -34.39 22.20
CA ALA Q 1155 64.21 -34.04 21.37
C ALA Q 1155 65.48 -33.94 22.20
N HIS Q 1156 65.41 -33.29 23.36
CA HIS Q 1156 66.60 -33.15 24.19
C HIS Q 1156 67.08 -34.49 24.73
N VAL Q 1157 66.14 -35.37 25.06
CA VAL Q 1157 66.53 -36.69 25.56
C VAL Q 1157 67.22 -37.48 24.45
N LYS Q 1158 66.66 -37.50 23.25
CA LYS Q 1158 67.33 -38.18 22.16
C LYS Q 1158 68.69 -37.55 21.87
N ALA Q 1159 68.80 -36.22 21.98
CA ALA Q 1159 70.09 -35.57 21.78
C ALA Q 1159 71.10 -36.06 22.81
N TYR Q 1160 70.71 -36.10 24.08
CA TYR Q 1160 71.60 -36.61 25.11
C TYR Q 1160 71.90 -38.09 24.95
N ALA Q 1161 71.20 -38.75 24.04
CA ALA Q 1161 71.54 -40.13 23.73
C ALA Q 1161 72.34 -40.14 22.43
N LEU Q 1162 72.40 -39.03 21.72
CA LEU Q 1162 73.26 -38.95 20.53
C LEU Q 1162 74.64 -38.98 21.15
N PRO Q 1163 75.69 -39.32 20.35
CA PRO Q 1163 76.97 -39.37 21.07
C PRO Q 1163 77.19 -38.13 21.87
N LYS Q 1164 77.60 -38.29 23.11
CA LYS Q 1164 77.81 -37.16 23.98
C LYS Q 1164 78.99 -36.37 23.47
N GLU Q 1165 79.76 -36.91 22.53
CA GLU Q 1165 80.82 -36.10 21.97
C GLU Q 1165 79.87 -35.15 21.40
N LYS Q 1166 80.05 -33.86 21.64
CA LYS Q 1166 78.99 -32.99 21.22
C LYS Q 1166 78.76 -33.19 19.77
N ARG Q 1167 77.55 -33.63 19.44
CA ARG Q 1167 77.18 -33.76 18.07
C ARG Q 1167 75.82 -33.17 18.30
N LYS Q 1168 75.83 -31.90 18.67
CA LYS Q 1168 74.59 -31.25 18.94
C LYS Q 1168 74.24 -30.45 17.71
N GLU Q 1169 75.09 -30.46 16.69
CA GLU Q 1169 74.70 -29.87 15.42
C GLU Q 1169 73.46 -30.67 15.10
N TYR Q 1170 73.48 -31.97 15.40
CA TYR Q 1170 72.30 -32.83 15.23
C TYR Q 1170 71.30 -32.31 16.17
N LEU Q 1171 71.74 -31.96 17.37
CA LEU Q 1171 70.61 -31.45 18.19
C LEU Q 1171 69.93 -30.28 17.50
N GLU Q 1172 70.69 -29.36 16.91
CA GLU Q 1172 70.13 -28.21 16.17
C GLU Q 1172 69.27 -28.57 14.97
N ARG Q 1173 69.69 -29.56 14.19
CA ARG Q 1173 68.92 -30.01 13.02
C ARG Q 1173 67.53 -30.43 13.31
N ALA Q 1174 67.10 -30.47 14.56
CA ALA Q 1174 65.77 -31.02 14.86
C ALA Q 1174 64.97 -30.14 15.82
N LEU Q 1175 65.45 -28.94 16.13
CA LEU Q 1175 64.69 -27.98 16.92
C LEU Q 1175 64.71 -26.67 16.13
N ASP Q 1176 63.74 -26.51 15.24
CA ASP Q 1176 63.61 -25.30 14.45
C ASP Q 1176 62.18 -25.21 13.94
N PRO Q 1177 61.64 -24.00 13.78
CA PRO Q 1177 60.23 -23.87 13.43
C PRO Q 1177 59.82 -24.53 12.13
N THR Q 1178 60.78 -24.98 11.31
CA THR Q 1178 60.41 -25.71 10.10
C THR Q 1178 60.17 -27.18 10.36
N MET Q 1179 60.56 -27.70 11.52
CA MET Q 1179 60.28 -29.07 11.89
C MET Q 1179 59.28 -29.17 13.04
N ILE Q 1180 59.27 -28.17 13.93
CA ILE Q 1180 58.28 -28.18 15.02
C ILE Q 1180 56.88 -28.08 14.45
N ALA Q 1181 56.69 -27.23 13.45
CA ALA Q 1181 55.38 -27.12 12.82
C ALA Q 1181 54.94 -28.43 12.21
N HIS Q 1182 55.88 -29.24 11.70
CA HIS Q 1182 55.51 -30.54 11.18
C HIS Q 1182 55.26 -31.56 12.28
N ALA Q 1183 56.08 -31.54 13.34
CA ALA Q 1183 55.88 -32.47 14.44
C ALA Q 1183 54.55 -32.21 15.12
N ALA Q 1184 54.07 -30.97 15.07
CA ALA Q 1184 52.78 -30.61 15.63
C ALA Q 1184 51.65 -30.87 14.66
N LEU Q 1185 51.90 -31.65 13.61
CA LEU Q 1185 50.84 -32.10 12.71
C LEU Q 1185 50.68 -33.62 12.74
N SER Q 1186 51.75 -34.36 12.47
CA SER Q 1186 51.64 -35.81 12.46
C SER Q 1186 51.90 -36.39 13.85
N ARG Q 1187 51.19 -35.85 14.83
CA ARG Q 1187 51.31 -36.27 16.22
C ARG Q 1187 50.13 -35.69 16.98
N SER Q 1188 50.17 -35.78 18.31
CA SER Q 1188 49.37 -34.91 19.15
C SER Q 1188 47.87 -35.01 18.96
N SER Q 1189 47.27 -36.13 19.39
CA SER Q 1189 45.82 -36.21 19.55
C SER Q 1189 45.42 -35.00 20.39
N GLN Q 1190 44.66 -34.05 19.83
CA GLN Q 1190 43.69 -34.12 18.71
C GLN Q 1190 42.56 -35.04 19.15
N LEU Q 1191 41.89 -34.61 20.21
CA LEU Q 1191 40.71 -35.27 20.77
C LEU Q 1191 39.70 -34.19 21.12
N GLY Q 1192 38.41 -34.44 20.85
CA GLY Q 1192 37.78 -35.65 20.29
C GLY Q 1192 37.36 -35.52 18.86
N ALA Q 1193 37.77 -36.45 18.02
CA ALA Q 1193 37.44 -36.40 16.61
C ALA Q 1193 36.68 -37.61 16.12
N PRO Q 1194 35.60 -37.41 15.40
CA PRO Q 1194 34.97 -38.63 14.95
C PRO Q 1194 35.95 -39.27 14.05
N LEU Q 1195 36.24 -40.54 14.20
CA LEU Q 1195 37.17 -41.27 13.32
C LEU Q 1195 38.59 -40.74 13.41
N ALA Q 1196 39.52 -41.30 12.69
CA ALA Q 1196 40.91 -40.89 12.91
C ALA Q 1196 41.62 -40.37 11.71
N MET Q 1197 42.73 -39.69 11.96
CA MET Q 1197 43.48 -39.13 10.87
C MET Q 1197 44.01 -40.19 9.93
N VAL Q 1198 44.51 -41.29 10.47
CA VAL Q 1198 45.10 -42.31 9.61
C VAL Q 1198 44.00 -43.06 8.87
N ASP Q 1199 42.92 -43.41 9.54
CA ASP Q 1199 41.88 -44.19 8.92
C ASP Q 1199 41.34 -43.53 7.67
N LEU Q 1200 41.43 -42.22 7.59
CA LEU Q 1200 40.94 -41.51 6.44
C LEU Q 1200 41.88 -41.35 5.22
N VAL Q 1201 43.20 -41.58 5.32
CA VAL Q 1201 44.11 -41.61 4.19
C VAL Q 1201 45.11 -42.73 4.43
N GLY Q 1202 45.48 -43.44 3.36
CA GLY Q 1202 46.40 -44.55 3.46
C GLY Q 1202 46.24 -45.53 2.32
N GLY Q 1203 47.37 -45.94 1.74
CA GLY Q 1203 47.38 -46.70 0.51
C GLY Q 1203 48.31 -47.89 0.47
N VAL Q 1204 48.38 -48.69 1.56
CA VAL Q 1204 49.51 -49.60 1.79
C VAL Q 1204 49.97 -50.27 0.50
N LEU Q 1205 51.27 -50.14 0.22
CA LEU Q 1205 51.77 -50.21 -1.14
C LEU Q 1205 52.39 -51.57 -1.42
N GLY Q 1206 53.40 -52.00 -0.65
CA GLY Q 1206 54.13 -53.20 -1.02
C GLY Q 1206 54.61 -53.94 0.21
N PHE Q 1207 54.80 -55.26 0.11
CA PHE Q 1207 54.66 -56.17 -1.07
C PHE Q 1207 55.67 -55.97 -2.20
N GLU Q 1208 56.81 -55.35 -1.89
CA GLU Q 1208 57.96 -55.46 -2.78
C GLU Q 1208 58.71 -56.77 -2.53
N SER Q 1209 59.05 -57.02 -1.26
CA SER Q 1209 59.66 -58.29 -0.89
C SER Q 1209 58.76 -59.46 -1.27
N SER Q 1210 57.45 -59.23 -1.39
CA SER Q 1210 56.56 -60.27 -1.85
C SER Q 1210 56.87 -60.66 -3.29
N LYS Q 1211 57.03 -59.66 -4.17
CA LYS Q 1211 57.46 -59.93 -5.53
C LYS Q 1211 58.83 -60.62 -5.52
N MET Q 1212 59.72 -60.16 -4.65
CA MET Q 1212 61.01 -60.82 -4.50
C MET Q 1212 60.84 -62.32 -4.26
N ALA Q 1213 60.00 -62.67 -3.29
CA ALA Q 1213 59.79 -64.08 -2.96
C ALA Q 1213 59.17 -64.84 -4.12
N ARG Q 1214 58.08 -64.32 -4.70
CA ARG Q 1214 57.45 -64.98 -5.82
C ARG Q 1214 58.45 -65.28 -6.93
N SER Q 1215 59.19 -64.27 -7.37
CA SER Q 1215 60.10 -64.44 -8.49
C SER Q 1215 61.25 -65.38 -8.14
N THR Q 1216 61.89 -65.18 -6.98
CA THR Q 1216 63.10 -65.93 -6.68
C THR Q 1216 62.79 -67.37 -6.29
N ILE Q 1217 61.55 -67.66 -5.87
CA ILE Q 1217 61.22 -69.04 -5.55
C ILE Q 1217 60.44 -69.68 -6.70
N LEU Q 1218 60.28 -68.96 -7.81
CA LEU Q 1218 59.67 -69.59 -8.98
C LEU Q 1218 60.27 -70.99 -9.21
N PRO Q 1219 61.63 -71.10 -9.31
CA PRO Q 1219 62.09 -72.47 -9.55
C PRO Q 1219 61.95 -73.31 -8.31
N LYS Q 1220 61.92 -72.67 -7.15
CA LYS Q 1220 62.18 -73.38 -5.91
C LYS Q 1220 60.93 -74.02 -5.42
N ASP Q 1221 60.91 -75.34 -5.51
CA ASP Q 1221 60.12 -76.20 -4.67
C ASP Q 1221 58.66 -75.80 -4.60
N THR Q 1222 58.14 -75.73 -3.40
CA THR Q 1222 56.73 -75.45 -3.30
C THR Q 1222 56.47 -74.12 -2.68
N VAL Q 1223 57.49 -73.43 -2.19
CA VAL Q 1223 57.11 -72.14 -1.62
C VAL Q 1223 56.42 -71.29 -2.67
N LYS Q 1224 56.84 -71.45 -3.94
CA LYS Q 1224 56.09 -70.85 -5.03
C LYS Q 1224 54.61 -71.18 -4.91
N GLU Q 1225 54.26 -72.47 -4.91
CA GLU Q 1225 52.85 -72.89 -4.88
C GLU Q 1225 52.05 -72.08 -3.88
N ARG Q 1226 52.70 -71.61 -2.81
CA ARG Q 1226 52.04 -70.69 -1.90
C ARG Q 1226 52.06 -69.26 -2.44
N ASP Q 1227 53.09 -68.88 -3.18
CA ASP Q 1227 53.28 -67.46 -3.47
C ASP Q 1227 52.25 -66.83 -4.43
N PRO Q 1228 51.87 -67.45 -5.56
CA PRO Q 1228 50.80 -66.84 -6.36
C PRO Q 1228 49.49 -66.65 -5.63
N ASN Q 1229 49.40 -67.03 -4.36
CA ASN Q 1229 48.17 -66.81 -3.63
C ASN Q 1229 48.10 -65.40 -3.07
N LYS Q 1230 49.10 -64.99 -2.30
CA LYS Q 1230 48.98 -63.70 -1.61
C LYS Q 1230 49.17 -62.50 -2.54
N PRO Q 1231 50.38 -62.25 -3.12
CA PRO Q 1231 50.58 -61.01 -3.86
C PRO Q 1231 50.44 -61.11 -5.37
N TYR Q 1232 50.11 -59.99 -6.01
CA TYR Q 1232 50.30 -59.83 -7.45
C TYR Q 1232 51.78 -59.77 -7.80
N THR Q 1233 52.04 -59.49 -9.08
CA THR Q 1233 53.39 -59.23 -9.57
C THR Q 1233 54.16 -58.25 -8.69
N LEU Q 1262 25.42 -47.60 2.36
CA LEU Q 1262 25.79 -47.52 0.95
C LEU Q 1262 26.16 -48.88 0.36
N MET Q 1263 27.20 -49.49 0.92
CA MET Q 1263 27.85 -50.64 0.30
C MET Q 1263 27.14 -51.92 0.69
N ASN Q 1264 26.59 -52.63 -0.30
CA ASN Q 1264 26.15 -53.99 -0.10
C ASN Q 1264 27.31 -54.95 -0.40
N ALA Q 1265 27.16 -56.20 0.02
CA ALA Q 1265 28.23 -57.16 -0.13
C ALA Q 1265 28.60 -57.38 -1.58
N ALA Q 1266 27.70 -57.11 -2.52
CA ALA Q 1266 28.01 -57.26 -3.93
C ALA Q 1266 28.79 -56.08 -4.48
N GLY Q 1267 28.66 -54.90 -3.85
CA GLY Q 1267 29.35 -53.73 -4.36
C GLY Q 1267 30.80 -53.63 -3.94
N VAL Q 1268 31.16 -54.22 -2.80
CA VAL Q 1268 32.55 -54.16 -2.37
C VAL Q 1268 33.45 -54.85 -3.37
N VAL Q 1269 33.01 -55.98 -3.92
CA VAL Q 1269 33.85 -56.71 -4.88
C VAL Q 1269 34.02 -55.91 -6.15
N ASN Q 1270 32.94 -55.29 -6.64
CA ASN Q 1270 33.00 -54.55 -7.89
C ASN Q 1270 33.82 -53.28 -7.81
N SER Q 1271 34.03 -52.72 -6.61
CA SER Q 1271 34.72 -51.45 -6.50
C SER Q 1271 36.16 -51.58 -6.96
N PRO Q 1272 36.73 -50.51 -7.55
CA PRO Q 1272 38.12 -50.56 -7.96
C PRO Q 1272 39.05 -50.71 -6.77
N ASN Q 1273 40.25 -51.21 -7.04
CA ASN Q 1273 41.14 -51.64 -5.97
C ASN Q 1273 42.26 -50.67 -5.67
N LYS Q 1274 42.24 -49.46 -6.25
CA LYS Q 1274 43.26 -48.47 -5.92
C LYS Q 1274 42.69 -47.25 -5.21
N ALA Q 1275 41.87 -46.45 -5.90
CA ALA Q 1275 41.34 -45.21 -5.35
C ALA Q 1275 40.49 -44.50 -6.39
N THR Q 1276 39.85 -43.39 -6.01
CA THR Q 1276 39.36 -42.42 -6.97
C THR Q 1276 39.88 -41.05 -6.60
N GLU Q 1277 40.00 -40.18 -7.59
CA GLU Q 1277 40.43 -38.82 -7.31
C GLU Q 1277 39.50 -38.15 -6.31
N GLN Q 1278 38.20 -38.38 -6.45
CA GLN Q 1278 37.25 -37.90 -5.45
C GLN Q 1278 37.49 -38.55 -4.10
N ASP Q 1279 37.94 -39.81 -4.10
CA ASP Q 1279 38.20 -40.50 -2.83
C ASP Q 1279 39.27 -39.79 -2.02
N PHE Q 1280 40.48 -39.65 -2.60
CA PHE Q 1280 41.54 -38.98 -1.86
C PHE Q 1280 41.19 -37.53 -1.62
N MET Q 1281 40.43 -36.91 -2.52
CA MET Q 1281 40.05 -35.53 -2.32
C MET Q 1281 39.21 -35.37 -1.06
N THR Q 1282 38.16 -36.18 -0.92
CA THR Q 1282 37.33 -36.09 0.29
C THR Q 1282 38.11 -36.54 1.52
N GLY Q 1283 39.03 -37.49 1.34
CA GLY Q 1283 39.86 -37.88 2.47
C GLY Q 1283 40.67 -36.74 3.01
N LEU Q 1284 41.32 -36.00 2.11
CA LEU Q 1284 42.13 -34.86 2.54
C LEU Q 1284 41.26 -33.74 3.07
N MET Q 1285 40.11 -33.51 2.45
CA MET Q 1285 39.24 -32.42 2.88
C MET Q 1285 38.59 -32.74 4.22
N ASN Q 1286 38.55 -34.01 4.61
CA ASN Q 1286 37.98 -34.37 5.89
C ASN Q 1286 39.05 -34.44 6.98
N SER Q 1287 40.18 -35.10 6.70
CA SER Q 1287 41.18 -35.31 7.73
C SER Q 1287 41.84 -34.02 8.17
N THR Q 1288 41.61 -32.90 7.47
CA THR Q 1288 42.20 -31.64 7.85
C THR Q 1288 41.24 -30.75 8.64
N LYS Q 1289 39.97 -31.10 8.74
CA LYS Q 1289 39.04 -30.31 9.53
C LYS Q 1289 39.36 -30.37 11.01
N GLU Q 1290 40.20 -31.31 11.44
CA GLU Q 1290 40.59 -31.40 12.84
C GLU Q 1290 41.76 -30.50 13.18
N LEU Q 1291 42.36 -29.85 12.19
CA LEU Q 1291 43.46 -28.93 12.44
C LEU Q 1291 43.37 -27.63 11.66
N VAL Q 1292 42.46 -27.52 10.68
CA VAL Q 1292 42.09 -26.24 10.09
C VAL Q 1292 40.58 -26.12 10.21
N PRO Q 1293 40.07 -25.27 11.08
CA PRO Q 1293 38.63 -25.27 11.36
C PRO Q 1293 37.83 -24.75 10.18
N ASN Q 1294 36.51 -24.74 10.36
CA ASN Q 1294 35.55 -24.30 9.37
C ASN Q 1294 34.94 -22.94 9.68
N ASP Q 1295 34.49 -22.74 10.90
CA ASP Q 1295 33.84 -21.50 11.32
C ASP Q 1295 34.88 -20.39 11.29
N PRO Q 1296 34.79 -19.48 10.33
CA PRO Q 1296 35.92 -18.60 10.06
C PRO Q 1296 36.15 -17.50 11.09
N LEU Q 1297 35.40 -17.49 12.18
CA LEU Q 1297 35.68 -16.48 13.19
C LEU Q 1297 36.63 -16.97 14.25
N THR Q 1298 36.66 -18.27 14.54
CA THR Q 1298 37.66 -18.78 15.47
C THR Q 1298 39.07 -18.59 14.92
N GLN Q 1299 39.22 -18.59 13.60
CA GLN Q 1299 40.51 -18.22 13.03
C GLN Q 1299 40.93 -16.83 13.42
N GLN Q 1300 40.08 -15.83 13.23
CA GLN Q 1300 40.51 -14.47 13.53
C GLN Q 1300 40.52 -14.21 15.03
N LEU Q 1301 39.87 -15.06 15.83
CA LEU Q 1301 40.10 -15.03 17.26
C LEU Q 1301 41.48 -15.55 17.62
N VAL Q 1302 41.86 -16.71 17.09
CA VAL Q 1302 43.22 -17.20 17.23
C VAL Q 1302 44.22 -16.13 16.78
N LEU Q 1303 43.88 -15.39 15.73
CA LEU Q 1303 44.74 -14.32 15.25
C LEU Q 1303 45.02 -13.29 16.33
N LYS Q 1304 43.98 -12.63 16.83
CA LYS Q 1304 44.16 -11.62 17.87
C LYS Q 1304 44.75 -12.20 19.14
N ILE Q 1305 44.56 -13.50 19.38
CA ILE Q 1305 45.18 -14.14 20.53
C ILE Q 1305 46.69 -14.21 20.34
N TYR Q 1306 47.12 -14.60 19.15
CA TYR Q 1306 48.54 -14.62 18.83
C TYR Q 1306 49.17 -13.25 18.87
N GLU Q 1307 48.57 -12.27 18.18
CA GLU Q 1307 49.17 -10.95 18.03
C GLU Q 1307 49.25 -10.22 19.37
N ALA Q 1308 48.28 -10.43 20.26
CA ALA Q 1308 48.36 -9.87 21.59
C ALA Q 1308 49.55 -10.44 22.34
N ASN Q 1309 49.83 -11.73 22.10
CA ASN Q 1309 50.93 -12.39 22.79
C ASN Q 1309 52.29 -11.92 22.25
N GLY Q 1310 52.50 -12.05 20.96
CA GLY Q 1310 53.77 -11.67 20.36
C GLY Q 1310 54.27 -12.71 19.37
N VAL Q 1311 55.43 -12.45 18.78
CA VAL Q 1311 56.01 -13.37 17.79
C VAL Q 1311 57.53 -13.44 17.95
N ASP R 11 56.09 -36.38 -37.90
CA ASP R 11 55.20 -37.26 -38.64
C ASP R 11 54.24 -37.96 -37.69
N TYR R 12 52.95 -37.69 -37.84
CA TYR R 12 52.47 -36.72 -38.81
C TYR R 12 51.40 -35.87 -38.12
N ASP R 13 50.75 -34.98 -38.87
CA ASP R 13 49.86 -34.01 -38.25
C ASP R 13 48.66 -34.64 -37.55
N GLY R 14 48.41 -35.93 -37.77
CA GLY R 14 47.36 -36.58 -37.02
C GLY R 14 47.63 -36.57 -35.52
N LEU R 15 48.89 -36.76 -35.13
CA LEU R 15 49.24 -36.65 -33.72
C LEU R 15 49.05 -35.24 -33.21
N PHE R 16 49.38 -34.23 -34.03
CA PHE R 16 49.20 -32.85 -33.62
C PHE R 16 47.72 -32.52 -33.45
N GLN R 17 46.86 -33.08 -34.28
CA GLN R 17 45.44 -32.78 -34.17
C GLN R 17 44.90 -33.23 -32.82
N LYS R 18 45.44 -34.30 -32.27
CA LYS R 18 44.99 -34.85 -31.00
C LYS R 18 45.75 -34.25 -29.82
N ALA R 19 46.98 -33.78 -30.05
CA ALA R 19 47.76 -33.17 -28.98
C ALA R 19 47.45 -31.69 -28.80
N ALA R 20 46.94 -31.03 -29.83
CA ALA R 20 46.65 -29.60 -29.80
C ALA R 20 45.20 -29.31 -29.46
N ASP R 21 44.34 -30.33 -29.48
CA ASP R 21 42.98 -30.19 -28.99
C ASP R 21 42.91 -30.48 -27.50
N ALA R 22 44.03 -30.85 -26.89
CA ALA R 22 44.13 -31.04 -25.45
C ALA R 22 45.02 -29.95 -24.88
N ASN R 23 44.61 -29.40 -23.73
CA ASN R 23 45.35 -28.46 -22.90
C ASN R 23 45.59 -27.11 -23.57
N GLY R 24 45.21 -26.98 -24.83
CA GLY R 24 45.32 -25.71 -25.53
C GLY R 24 44.28 -25.64 -26.63
N VAL R 25 44.65 -25.23 -27.85
CA VAL R 25 45.82 -24.43 -28.23
C VAL R 25 45.52 -24.09 -29.68
N SER R 26 46.13 -23.03 -30.21
CA SER R 26 46.05 -22.84 -31.65
C SER R 26 46.73 -24.03 -32.33
N TYR R 27 45.94 -24.83 -33.06
CA TYR R 27 46.46 -26.07 -33.64
C TYR R 27 47.65 -25.83 -34.55
N ASP R 28 47.55 -24.86 -35.47
CA ASP R 28 48.59 -24.67 -36.47
C ASP R 28 49.92 -24.27 -35.82
N LEU R 29 49.88 -23.75 -34.60
CA LEU R 29 51.11 -23.43 -33.89
C LEU R 29 52.01 -24.65 -33.73
N LEU R 30 51.43 -25.78 -33.28
CA LEU R 30 52.23 -26.97 -33.09
C LEU R 30 52.83 -27.44 -34.40
N ARG R 31 52.04 -27.41 -35.47
CA ARG R 31 52.55 -27.83 -36.77
C ARG R 31 53.70 -26.94 -37.22
N LYS R 32 53.56 -25.63 -37.04
CA LYS R 32 54.60 -24.71 -37.47
C LYS R 32 55.86 -24.88 -36.63
N VAL R 33 55.71 -25.06 -35.32
CA VAL R 33 56.86 -25.27 -34.46
C VAL R 33 57.58 -26.55 -34.84
N ALA R 34 56.82 -27.62 -35.11
CA ALA R 34 57.43 -28.88 -35.49
C ALA R 34 58.17 -28.75 -36.81
N TRP R 35 57.53 -28.14 -37.82
CA TRP R 35 58.18 -27.92 -39.11
C TRP R 35 59.48 -27.14 -38.94
N THR R 36 59.44 -26.01 -38.23
CA THR R 36 60.61 -25.17 -38.13
C THR R 36 61.72 -25.84 -37.32
N GLU R 37 61.38 -26.49 -36.22
CA GLU R 37 62.41 -27.02 -35.33
C GLU R 37 62.95 -28.35 -35.84
N SER R 38 62.23 -29.02 -36.75
CA SER R 38 62.66 -30.34 -37.17
C SER R 38 62.64 -30.57 -38.68
N ARG R 39 61.84 -29.83 -39.45
CA ARG R 39 61.62 -30.14 -40.85
C ARG R 39 61.08 -31.58 -41.00
N PHE R 40 60.26 -31.99 -40.03
CA PHE R 40 59.59 -33.29 -40.05
C PHE R 40 60.58 -34.45 -40.11
N VAL R 41 61.38 -34.58 -39.05
CA VAL R 41 62.24 -35.75 -38.88
C VAL R 41 61.92 -36.38 -37.52
N PRO R 42 61.67 -37.69 -37.45
CA PRO R 42 61.21 -38.29 -36.19
C PRO R 42 62.23 -38.18 -35.07
N THR R 43 63.42 -38.72 -35.28
CA THR R 43 64.50 -38.49 -34.32
C THR R 43 65.27 -37.23 -34.65
N ALA R 44 66.25 -36.86 -33.85
CA ALA R 44 66.96 -35.62 -34.11
C ALA R 44 68.26 -35.48 -33.32
N LYS R 45 69.07 -34.50 -33.72
CA LYS R 45 70.27 -34.06 -33.03
C LYS R 45 70.50 -32.61 -33.42
N SER R 46 71.23 -31.85 -32.62
CA SER R 46 71.39 -30.43 -32.92
C SER R 46 72.80 -30.00 -32.53
N LYS R 47 73.15 -28.78 -32.97
CA LYS R 47 74.43 -28.19 -32.59
C LYS R 47 74.39 -27.73 -31.14
N THR R 48 73.28 -27.12 -30.71
CA THR R 48 73.21 -26.55 -29.37
C THR R 48 72.95 -27.60 -28.31
N GLY R 49 72.67 -28.84 -28.71
CA GLY R 49 72.41 -29.89 -27.76
C GLY R 49 71.10 -30.67 -27.89
N PRO R 50 69.97 -30.00 -28.26
CA PRO R 50 68.69 -30.72 -28.22
C PRO R 50 68.50 -31.79 -29.29
N LEU R 51 68.05 -32.96 -28.87
CA LEU R 51 67.88 -34.10 -29.77
C LEU R 51 66.43 -34.57 -29.71
N GLY R 52 65.58 -33.95 -30.53
CA GLY R 52 64.18 -34.33 -30.57
C GLY R 52 63.44 -33.55 -31.63
N MET R 53 62.18 -33.95 -31.84
CA MET R 53 61.32 -33.23 -32.78
C MET R 53 61.16 -31.78 -32.36
N MET R 54 60.68 -31.54 -31.14
CA MET R 54 60.60 -30.17 -30.65
C MET R 54 61.95 -29.67 -30.17
N GLN R 55 62.98 -30.51 -30.25
CA GLN R 55 64.34 -30.10 -29.93
C GLN R 55 64.49 -29.60 -28.51
N PHE R 56 64.32 -30.49 -27.52
CA PHE R 56 64.56 -30.16 -26.12
C PHE R 56 65.46 -31.21 -25.50
N THR R 57 66.54 -30.76 -24.86
CA THR R 57 67.38 -31.64 -24.05
C THR R 57 67.41 -31.15 -22.60
N LYS R 58 67.50 -29.83 -22.42
CA LYS R 58 67.38 -29.29 -21.07
C LYS R 58 65.99 -29.55 -20.50
N ALA R 59 64.96 -29.44 -21.34
CA ALA R 59 63.58 -29.52 -20.88
C ALA R 59 63.07 -30.96 -20.77
N THR R 60 63.95 -31.96 -20.70
CA THR R 60 63.47 -33.34 -20.67
C THR R 60 62.70 -33.64 -19.39
N ALA R 61 63.35 -33.53 -18.23
CA ALA R 61 62.76 -33.95 -16.97
C ALA R 61 61.65 -33.01 -16.51
N LYS R 62 61.94 -31.71 -16.41
CA LYS R 62 60.97 -30.77 -15.85
C LYS R 62 59.69 -30.72 -16.69
N ALA R 63 59.83 -30.62 -18.01
CA ALA R 63 58.65 -30.46 -18.85
C ALA R 63 57.81 -31.72 -18.86
N LEU R 64 58.44 -32.88 -19.07
CA LEU R 64 57.70 -34.13 -19.05
C LEU R 64 56.98 -34.31 -17.73
N GLY R 65 57.67 -34.06 -16.61
CA GLY R 65 57.04 -34.23 -15.32
C GLY R 65 55.92 -33.24 -15.07
N LEU R 66 56.02 -32.04 -15.64
CA LEU R 66 55.14 -30.98 -15.18
C LEU R 66 53.71 -31.13 -15.72
N ARG R 67 53.49 -32.02 -16.70
CA ARG R 67 52.18 -32.12 -17.36
C ARG R 67 51.41 -33.43 -17.28
N VAL R 68 50.49 -33.66 -18.22
CA VAL R 68 49.64 -34.86 -18.18
C VAL R 68 50.41 -36.16 -18.28
N THR R 69 51.44 -36.23 -19.11
CA THR R 69 52.23 -37.47 -19.12
C THR R 69 53.73 -37.30 -18.82
N ASP R 70 54.28 -38.12 -17.92
CA ASP R 70 55.70 -38.01 -17.52
C ASP R 70 56.68 -38.71 -18.45
N GLY R 71 57.97 -38.39 -18.35
CA GLY R 71 59.01 -38.97 -19.20
C GLY R 71 60.17 -39.71 -18.52
N PRO R 72 60.89 -40.57 -19.27
CA PRO R 72 61.94 -41.40 -18.64
C PRO R 72 63.43 -41.03 -18.74
N ASP R 73 64.02 -41.01 -19.95
CA ASP R 73 65.47 -40.77 -20.01
C ASP R 73 65.75 -39.68 -21.02
N ASP R 74 67.03 -39.49 -21.35
CA ASP R 74 67.41 -38.54 -22.39
C ASP R 74 67.21 -39.15 -23.78
N ASP R 75 67.79 -40.34 -24.00
CA ASP R 75 67.81 -40.96 -25.32
C ASP R 75 66.45 -41.44 -25.79
N ARG R 76 65.47 -41.48 -24.88
CA ARG R 76 64.17 -42.07 -25.17
C ARG R 76 63.08 -41.03 -25.42
N LEU R 77 63.42 -39.89 -26.03
CA LEU R 77 62.40 -38.88 -26.30
C LEU R 77 61.34 -39.46 -27.22
N ASN R 78 60.14 -39.63 -26.67
CA ASN R 78 59.11 -40.52 -27.15
C ASN R 78 58.39 -39.92 -28.36
N PRO R 79 57.75 -40.76 -29.17
CA PRO R 79 57.04 -40.22 -30.35
C PRO R 79 55.78 -39.45 -29.99
N GLU R 80 55.14 -39.78 -28.88
CA GLU R 80 53.95 -39.06 -28.43
C GLU R 80 54.16 -38.31 -27.13
N LEU R 81 54.78 -38.95 -26.14
CA LEU R 81 54.95 -38.33 -24.83
C LEU R 81 55.68 -37.00 -24.95
N ALA R 82 56.57 -36.88 -25.94
CA ALA R 82 57.30 -35.63 -26.13
C ALA R 82 56.41 -34.59 -26.81
N ILE R 83 55.62 -35.02 -27.81
CA ILE R 83 54.76 -34.08 -28.51
C ILE R 83 53.75 -33.47 -27.57
N ASN R 84 53.12 -34.30 -26.73
CA ASN R 84 52.16 -33.82 -25.75
C ASN R 84 52.83 -32.92 -24.70
N ALA R 85 54.04 -33.28 -24.26
CA ALA R 85 54.73 -32.44 -23.27
C ALA R 85 55.04 -31.06 -23.85
N ALA R 86 55.53 -31.02 -25.09
CA ALA R 86 55.83 -29.74 -25.70
C ALA R 86 54.56 -28.96 -25.99
N ALA R 87 53.49 -29.66 -26.34
CA ALA R 87 52.20 -28.97 -26.54
C ALA R 87 51.72 -28.35 -25.24
N LYS R 88 51.93 -29.05 -24.12
CA LYS R 88 51.53 -28.46 -22.84
C LYS R 88 52.41 -27.27 -22.49
N GLN R 89 53.72 -27.38 -22.75
CA GLN R 89 54.60 -26.24 -22.48
C GLN R 89 54.18 -25.03 -23.29
N LEU R 90 53.86 -25.23 -24.57
CA LEU R 90 53.47 -24.11 -25.41
C LEU R 90 52.09 -23.59 -25.00
N ALA R 91 51.21 -24.47 -24.52
CA ALA R 91 49.91 -23.99 -24.06
C ALA R 91 50.05 -23.18 -22.79
N GLY R 92 51.02 -23.53 -21.94
CA GLY R 92 51.32 -22.70 -20.79
C GLY R 92 51.89 -21.35 -21.21
N LEU R 93 52.82 -21.37 -22.15
CA LEU R 93 53.39 -20.12 -22.65
C LEU R 93 52.33 -19.23 -23.26
N VAL R 94 51.33 -19.82 -23.91
CA VAL R 94 50.18 -19.05 -24.39
C VAL R 94 49.36 -18.56 -23.21
N GLY R 95 49.26 -19.38 -22.16
CA GLY R 95 48.49 -18.98 -21.00
C GLY R 95 49.25 -18.04 -20.09
N LYS R 96 50.53 -18.33 -19.84
CA LYS R 96 51.30 -17.58 -18.86
C LYS R 96 51.47 -16.11 -19.23
N PHE R 97 51.27 -15.73 -20.48
CA PHE R 97 51.43 -14.34 -20.87
C PHE R 97 50.11 -13.66 -21.22
N ASP R 98 49.44 -14.13 -22.27
CA ASP R 98 48.16 -13.58 -22.71
C ASP R 98 47.70 -14.32 -23.96
N GLY R 99 46.55 -13.93 -24.50
CA GLY R 99 46.17 -14.43 -25.80
C GLY R 99 47.02 -13.83 -26.90
N ASP R 100 48.34 -13.97 -26.78
CA ASP R 100 49.30 -13.47 -27.75
C ASP R 100 50.31 -14.57 -28.04
N GLU R 101 50.01 -15.41 -29.03
CA GLU R 101 50.77 -16.63 -29.21
C GLU R 101 52.18 -16.34 -29.71
N LEU R 102 52.39 -15.20 -30.36
CA LEU R 102 53.71 -14.91 -30.91
C LEU R 102 54.75 -14.78 -29.82
N LYS R 103 54.40 -14.10 -28.72
CA LYS R 103 55.32 -14.05 -27.59
C LYS R 103 55.59 -15.43 -27.02
N ALA R 104 54.59 -16.33 -27.02
CA ALA R 104 54.83 -17.69 -26.56
C ALA R 104 55.85 -18.38 -27.44
N ALA R 105 55.72 -18.20 -28.76
CA ALA R 105 56.69 -18.80 -29.68
C ALA R 105 58.08 -18.23 -29.45
N LEU R 106 58.18 -16.93 -29.25
CA LEU R 106 59.48 -16.32 -29.00
C LEU R 106 60.08 -16.82 -27.70
N ALA R 107 59.24 -16.97 -26.67
CA ALA R 107 59.72 -17.48 -25.38
C ALA R 107 60.23 -18.90 -25.52
N TYR R 108 59.56 -19.73 -26.31
CA TYR R 108 60.06 -21.08 -26.52
C TYR R 108 61.37 -21.06 -27.27
N ASN R 109 61.44 -20.35 -28.38
CA ASN R 109 62.66 -20.37 -29.19
C ASN R 109 63.87 -19.81 -28.50
N GLN R 110 63.71 -18.68 -27.83
CA GLN R 110 64.84 -18.01 -27.20
C GLN R 110 65.03 -18.33 -25.73
N GLY R 111 64.21 -19.23 -25.21
CA GLY R 111 64.37 -19.64 -23.83
C GLY R 111 63.52 -18.78 -22.96
N GLU R 112 63.08 -19.32 -21.85
CA GLU R 112 62.30 -18.52 -20.95
C GLU R 112 63.24 -18.36 -19.80
N GLY R 113 63.67 -17.14 -19.54
CA GLY R 113 64.50 -16.92 -18.36
C GLY R 113 66.02 -16.90 -18.38
N ARG R 114 66.62 -17.15 -19.52
CA ARG R 114 68.07 -17.11 -19.61
C ARG R 114 68.54 -15.79 -20.19
N LEU R 115 69.16 -15.85 -21.35
CA LEU R 115 69.40 -14.68 -22.17
C LEU R 115 68.05 -14.16 -22.52
N GLY R 116 67.16 -15.09 -22.76
CA GLY R 116 65.91 -14.84 -23.42
C GLY R 116 65.06 -13.87 -22.64
N ASN R 117 65.07 -13.95 -21.32
CA ASN R 117 64.05 -13.27 -20.57
C ASN R 117 64.08 -11.78 -20.82
N PRO R 118 65.27 -11.20 -20.99
CA PRO R 118 65.07 -9.83 -21.44
C PRO R 118 64.27 -9.69 -22.73
N GLN R 119 64.48 -10.53 -23.70
CA GLN R 119 63.72 -10.38 -24.92
C GLN R 119 62.23 -10.52 -24.71
N LEU R 120 61.79 -11.44 -23.86
CA LEU R 120 60.37 -11.61 -23.68
C LEU R 120 59.77 -10.33 -23.13
N GLU R 121 60.51 -9.68 -22.24
CA GLU R 121 60.09 -8.41 -21.70
C GLU R 121 60.25 -7.31 -22.71
N ALA R 122 61.17 -7.49 -23.65
CA ALA R 122 61.47 -6.45 -24.58
C ALA R 122 60.37 -6.42 -25.61
N TYR R 123 59.93 -7.60 -25.97
CA TYR R 123 58.78 -7.71 -26.83
C TYR R 123 57.66 -6.87 -26.23
N SER R 124 57.48 -6.88 -24.92
CA SER R 124 56.34 -6.17 -24.37
C SER R 124 56.38 -4.67 -24.63
N LYS R 125 57.40 -4.18 -25.32
CA LYS R 125 57.44 -2.76 -25.70
C LYS R 125 57.35 -2.46 -27.21
N GLY R 126 56.92 -3.41 -28.04
CA GLY R 126 56.88 -3.24 -29.48
C GLY R 126 57.82 -4.29 -30.03
N ASP R 127 57.82 -4.61 -31.32
CA ASP R 127 58.66 -5.71 -31.81
C ASP R 127 60.10 -5.47 -31.58
N PHE R 128 60.54 -4.24 -31.78
CA PHE R 128 61.89 -3.87 -31.37
C PHE R 128 63.13 -4.42 -32.00
N ALA R 129 64.25 -4.08 -31.39
CA ALA R 129 65.51 -4.57 -31.88
C ALA R 129 66.25 -5.20 -30.73
N SER R 130 65.68 -5.15 -29.54
CA SER R 130 66.31 -5.74 -28.40
C SER R 130 66.30 -7.21 -28.66
N ILE R 131 65.53 -7.61 -29.64
CA ILE R 131 65.40 -9.00 -30.03
C ILE R 131 66.38 -9.24 -31.16
N SER R 132 66.73 -10.50 -31.43
CA SER R 132 67.95 -10.75 -32.20
C SER R 132 67.74 -11.60 -33.44
N GLU R 133 68.84 -12.02 -34.06
CA GLU R 133 68.90 -12.63 -35.39
C GLU R 133 67.86 -13.75 -35.47
N GLU R 134 67.96 -14.81 -34.68
CA GLU R 134 67.00 -15.89 -34.79
C GLU R 134 65.66 -15.49 -34.18
N GLY R 135 65.69 -14.62 -33.16
CA GLY R 135 64.47 -14.28 -32.46
C GLY R 135 63.43 -13.63 -33.33
N ARG R 136 63.76 -12.44 -33.87
CA ARG R 136 62.79 -11.69 -34.66
C ARG R 136 62.40 -12.43 -35.94
N ASN R 137 63.34 -13.07 -36.61
CA ASN R 137 63.02 -13.79 -37.83
C ASN R 137 62.09 -14.97 -37.56
N TYR R 138 62.40 -15.79 -36.55
CA TYR R 138 61.52 -16.91 -36.21
C TYR R 138 60.16 -16.41 -35.77
N MET R 139 60.12 -15.32 -35.00
CA MET R 139 58.85 -14.73 -34.60
C MET R 139 58.05 -14.27 -35.80
N ARG R 140 58.74 -13.75 -36.83
CA ARG R 140 58.06 -13.31 -38.03
C ARG R 140 57.54 -14.49 -38.84
N ASN R 141 58.26 -15.61 -38.80
CA ASN R 141 57.82 -16.80 -39.54
C ASN R 141 56.42 -17.21 -39.12
N LEU R 142 56.06 -16.99 -37.86
CA LEU R 142 54.73 -17.31 -37.37
C LEU R 142 53.87 -16.04 -37.39
N LEU R 143 53.79 -15.44 -38.57
CA LEU R 143 52.85 -14.34 -38.80
C LEU R 143 51.51 -14.82 -39.30
N ASP R 144 51.31 -16.13 -39.26
CA ASP R 144 50.00 -16.75 -39.44
C ASP R 144 49.25 -16.67 -38.11
N VAL R 145 48.23 -17.50 -37.95
CA VAL R 145 47.57 -17.68 -36.67
C VAL R 145 48.59 -17.74 -35.54
N ALA R 146 48.39 -16.93 -34.48
CA ALA R 146 47.43 -15.82 -34.27
C ALA R 146 47.86 -15.29 -32.90
N LYS R 147 47.32 -14.20 -32.37
CA LYS R 147 46.57 -13.12 -33.03
C LYS R 147 47.04 -11.87 -32.29
N SER R 148 48.30 -11.92 -31.85
CA SER R 148 48.83 -10.93 -30.93
C SER R 148 48.79 -9.53 -31.55
N PRO R 149 48.73 -8.49 -30.73
CA PRO R 149 48.89 -7.13 -31.27
C PRO R 149 50.22 -6.95 -31.98
N MET R 150 51.28 -7.52 -31.42
CA MET R 150 52.59 -7.41 -32.04
C MET R 150 52.64 -8.14 -33.37
N ALA R 151 51.74 -9.09 -33.59
CA ALA R 151 51.64 -9.75 -34.90
C ALA R 151 51.21 -8.77 -35.99
N GLY R 152 50.29 -7.86 -35.67
CA GLY R 152 50.05 -6.76 -36.59
C GLY R 152 51.11 -5.70 -36.51
N GLN R 153 51.88 -5.69 -35.41
CA GLN R 153 52.89 -4.69 -35.17
C GLN R 153 54.30 -5.13 -35.59
N LEU R 154 54.55 -6.43 -35.73
CA LEU R 154 55.84 -6.88 -36.21
C LEU R 154 56.15 -6.31 -37.58
N GLU R 155 55.19 -6.38 -38.50
CA GLU R 155 55.28 -5.78 -39.82
C GLU R 155 54.16 -4.76 -39.94
N THR R 156 54.50 -3.48 -39.88
CA THR R 156 55.88 -3.03 -39.75
C THR R 156 56.35 -3.00 -38.30
N ALA R 236 48.03 -4.32 -58.34
CA ALA R 236 49.33 -4.91 -58.58
C ALA R 236 50.29 -4.64 -57.42
N GLU R 237 51.56 -4.45 -57.74
CA GLU R 237 52.62 -4.28 -56.74
C GLU R 237 52.97 -2.81 -56.53
N LEU R 238 53.40 -2.16 -57.63
CA LEU R 238 53.82 -0.77 -57.60
C LEU R 238 52.82 0.17 -58.21
N SER R 239 51.60 0.14 -57.70
CA SER R 239 50.55 0.98 -58.24
C SER R 239 49.87 1.70 -57.10
N ASN R 240 49.25 2.83 -57.39
CA ASN R 240 48.50 3.48 -56.34
C ASN R 240 47.11 2.98 -56.59
N SER R 241 46.20 3.83 -56.95
CA SER R 241 44.86 3.40 -57.35
C SER R 241 43.96 2.53 -56.48
N VAL R 242 43.94 2.70 -55.16
CA VAL R 242 42.98 1.96 -54.28
C VAL R 242 43.19 0.45 -54.17
N ALA R 243 43.17 -0.25 -55.29
CA ALA R 243 43.50 -1.64 -55.31
C ALA R 243 44.76 -1.78 -54.55
N GLY R 244 45.69 -0.90 -54.85
CA GLY R 244 47.06 -1.08 -54.43
C GLY R 244 47.12 -1.07 -52.94
N MET R 245 46.39 -0.13 -52.34
CA MET R 245 46.44 0.05 -50.91
C MET R 245 45.91 -1.19 -50.22
N ALA R 246 44.82 -1.72 -50.72
CA ALA R 246 44.25 -2.91 -50.15
C ALA R 246 45.19 -4.08 -50.26
N PHE R 247 45.81 -4.23 -51.41
CA PHE R 247 46.70 -5.34 -51.59
C PHE R 247 47.78 -5.22 -50.58
N ARG R 248 48.34 -4.03 -50.41
CA ARG R 248 49.50 -4.07 -49.53
C ARG R 248 49.20 -3.98 -48.05
N ALA R 249 47.96 -3.73 -47.70
CA ALA R 249 47.62 -3.88 -46.28
C ALA R 249 46.97 -5.18 -45.74
N GLY R 250 46.13 -5.89 -46.49
CA GLY R 250 45.42 -7.01 -45.87
C GLY R 250 46.35 -8.06 -45.30
N ARG R 251 47.29 -8.57 -46.05
CA ARG R 251 48.16 -9.53 -45.44
C ARG R 251 47.55 -10.85 -44.89
N LEU R 252 46.90 -11.62 -45.74
CA LEU R 252 46.31 -12.93 -45.37
C LEU R 252 46.75 -13.70 -44.14
N ASP R 253 45.86 -13.85 -43.16
CA ASP R 253 46.17 -14.55 -41.91
C ASP R 253 46.44 -16.06 -41.92
N ASN R 254 45.65 -16.84 -42.65
CA ASN R 254 45.85 -18.29 -42.77
C ASN R 254 45.55 -19.14 -41.54
N GLY R 255 44.80 -18.61 -40.60
CA GLY R 255 44.41 -19.43 -39.49
C GLY R 255 42.98 -19.13 -39.12
N PHE R 256 42.23 -20.11 -38.66
CA PHE R 256 40.90 -19.89 -38.20
C PHE R 256 40.41 -21.06 -37.42
N ASP R 257 40.04 -20.85 -36.17
CA ASP R 257 39.47 -21.92 -35.40
C ASP R 257 38.02 -21.58 -35.24
N VAL R 258 37.15 -22.41 -35.78
CA VAL R 258 35.74 -22.10 -35.75
C VAL R 258 35.33 -22.13 -34.31
N PHE R 259 36.28 -22.47 -33.44
CA PHE R 259 35.90 -22.60 -32.05
C PHE R 259 36.51 -21.54 -31.17
N LYS R 260 37.07 -20.49 -31.73
CA LYS R 260 37.53 -19.40 -30.90
C LYS R 260 36.88 -18.15 -31.40
N ASP R 261 36.52 -18.14 -32.67
CA ASP R 261 35.90 -16.98 -33.29
C ASP R 261 34.40 -17.02 -33.53
N THR R 262 33.77 -18.17 -33.30
CA THR R 262 32.35 -18.31 -33.53
C THR R 262 31.67 -18.83 -32.30
N ILE R 263 31.81 -20.12 -32.00
CA ILE R 263 31.25 -20.67 -30.78
C ILE R 263 32.42 -20.79 -29.83
N THR R 264 32.38 -20.10 -28.70
CA THR R 264 33.52 -20.12 -27.83
C THR R 264 33.01 -20.91 -26.73
N PRO R 265 33.74 -21.94 -26.31
CA PRO R 265 33.09 -22.64 -25.21
C PRO R 265 32.94 -21.80 -23.95
N THR R 266 31.71 -21.47 -23.57
CA THR R 266 31.45 -20.65 -22.39
C THR R 266 31.53 -21.45 -21.11
N ARG R 267 31.55 -20.80 -19.96
CA ARG R 267 31.74 -21.51 -18.72
C ARG R 267 30.65 -22.46 -18.39
N TRP R 268 29.41 -22.01 -18.45
CA TRP R 268 28.31 -22.86 -18.06
C TRP R 268 28.08 -24.01 -18.98
N ASN R 269 28.21 -23.79 -20.28
CA ASN R 269 28.15 -24.89 -21.21
C ASN R 269 29.50 -25.53 -21.08
N SER R 270 29.65 -26.77 -21.51
CA SER R 270 30.90 -27.51 -21.32
C SER R 270 31.26 -27.78 -19.88
N HIS R 271 30.28 -27.84 -18.97
CA HIS R 271 30.56 -28.21 -17.60
C HIS R 271 29.83 -29.51 -17.41
N ILE R 272 30.53 -30.58 -17.11
CA ILE R 272 29.84 -31.82 -16.83
C ILE R 272 29.28 -31.52 -15.50
N TRP R 273 28.13 -32.06 -15.16
CA TRP R 273 27.58 -31.67 -13.89
C TRP R 273 28.16 -32.46 -12.74
N THR R 274 28.53 -31.80 -11.65
CA THR R 274 29.02 -32.53 -10.50
C THR R 274 27.88 -33.35 -9.92
N PRO R 275 28.13 -34.60 -9.50
CA PRO R 275 27.03 -35.46 -9.05
C PRO R 275 26.15 -34.85 -7.98
N GLU R 276 26.62 -33.82 -7.27
CA GLU R 276 25.77 -33.19 -6.27
C GLU R 276 24.92 -32.09 -6.88
N GLU R 277 25.47 -31.36 -7.86
CA GLU R 277 24.77 -30.21 -8.42
C GLU R 277 23.50 -30.62 -9.15
N LEU R 278 23.46 -31.86 -9.64
CA LEU R 278 22.28 -32.38 -10.29
C LEU R 278 21.12 -32.39 -9.30
N GLU R 279 21.40 -32.74 -8.05
CA GLU R 279 20.36 -32.75 -7.04
C GLU R 279 19.78 -31.37 -6.80
N LYS R 280 20.59 -30.31 -6.91
CA LYS R 280 20.07 -28.96 -6.78
C LYS R 280 19.30 -28.53 -8.02
N ILE R 281 19.80 -28.88 -9.20
CA ILE R 281 19.11 -28.51 -10.42
C ILE R 281 17.74 -29.15 -10.49
N ARG R 282 17.64 -30.42 -10.09
CA ARG R 282 16.36 -31.13 -10.17
C ARG R 282 15.33 -30.58 -9.19
N THR R 283 15.74 -29.90 -8.12
CA THR R 283 14.77 -29.47 -7.12
C THR R 283 14.44 -27.98 -7.27
N GLU R 284 15.40 -27.18 -7.73
CA GLU R 284 15.22 -25.74 -7.74
C GLU R 284 15.09 -25.16 -9.15
N VAL R 285 14.87 -26.00 -10.16
CA VAL R 285 14.62 -25.52 -11.53
C VAL R 285 13.32 -26.13 -12.01
N LYS R 286 12.42 -25.30 -12.53
CA LYS R 286 11.11 -25.78 -12.94
C LYS R 286 11.20 -26.55 -14.26
N ASN R 287 11.79 -25.95 -15.28
CA ASN R 287 12.13 -26.65 -16.49
C ASN R 287 13.61 -26.49 -16.79
N PRO R 288 14.36 -27.59 -16.94
CA PRO R 288 15.81 -27.49 -17.10
C PRO R 288 16.26 -26.95 -18.44
N ALA R 289 15.35 -26.80 -19.42
CA ALA R 289 15.75 -26.32 -20.73
C ALA R 289 16.40 -24.94 -20.68
N TYR R 290 16.07 -24.14 -19.67
CA TYR R 290 16.59 -22.78 -19.59
C TYR R 290 17.92 -22.68 -18.86
N ILE R 291 18.47 -23.79 -18.37
CA ILE R 291 19.80 -23.74 -17.77
C ILE R 291 20.84 -23.38 -18.82
N ASN R 292 20.54 -23.65 -20.09
CA ASN R 292 21.48 -23.36 -21.16
C ASN R 292 21.58 -21.87 -21.45
N VAL R 293 20.45 -21.19 -21.61
CA VAL R 293 20.42 -19.80 -22.05
C VAL R 293 21.10 -18.93 -21.00
N VAL R 294 22.13 -18.20 -21.40
CA VAL R 294 22.90 -17.34 -20.50
C VAL R 294 23.06 -15.96 -21.14
N THR R 295 22.25 -15.01 -20.70
CA THR R 295 22.35 -13.62 -21.13
C THR R 295 22.96 -12.84 -19.98
N GLY R 296 24.24 -12.49 -20.12
CA GLY R 296 25.00 -11.97 -19.00
C GLY R 296 26.45 -11.71 -19.35
N GLY R 297 27.38 -12.22 -18.56
CA GLY R 297 27.05 -13.11 -17.45
C GLY R 297 27.38 -14.55 -17.79
N SER R 298 27.05 -15.47 -16.90
CA SER R 298 26.51 -15.14 -15.59
C SER R 298 27.09 -15.97 -14.45
N PRO R 299 28.41 -15.92 -14.27
CA PRO R 299 29.04 -16.63 -13.15
C PRO R 299 29.50 -15.65 -12.07
N GLU R 300 29.72 -16.20 -10.87
CA GLU R 300 29.39 -17.56 -10.48
C GLU R 300 28.27 -17.42 -9.46
N ASN R 301 27.46 -18.45 -9.21
CA ASN R 301 27.60 -19.80 -9.76
C ASN R 301 26.21 -20.36 -9.97
N LEU R 302 26.11 -21.68 -10.04
CA LEU R 302 24.81 -22.32 -10.22
C LEU R 302 23.74 -21.74 -9.29
N ASP R 303 24.11 -21.25 -8.11
CA ASP R 303 23.15 -20.56 -7.28
C ASP R 303 22.68 -19.26 -7.91
N ASP R 304 23.34 -18.82 -9.00
CA ASP R 304 22.83 -17.70 -9.79
C ASP R 304 22.09 -18.20 -11.03
N LEU R 305 22.58 -19.29 -11.63
CA LEU R 305 21.90 -19.85 -12.79
C LEU R 305 20.51 -20.34 -12.43
N ILE R 306 20.31 -20.81 -11.21
CA ILE R 306 18.96 -21.18 -10.79
C ILE R 306 18.07 -19.95 -10.74
N LYS R 307 18.56 -18.88 -10.11
CA LYS R 307 17.78 -17.65 -10.04
C LYS R 307 17.48 -17.06 -11.40
N LEU R 308 18.34 -17.30 -12.39
CA LEU R 308 18.10 -16.83 -13.74
C LEU R 308 17.16 -17.73 -14.53
N ALA R 309 17.37 -19.05 -14.47
CA ALA R 309 16.52 -19.95 -15.23
C ALA R 309 15.15 -20.12 -14.59
N ASN R 310 14.95 -19.62 -13.38
CA ASN R 310 13.59 -19.53 -12.86
C ASN R 310 12.92 -18.23 -13.29
N GLU R 311 13.64 -17.11 -13.19
CA GLU R 311 13.05 -15.84 -13.56
C GLU R 311 12.76 -15.77 -15.05
N ASN R 312 13.59 -16.41 -15.87
CA ASN R 312 13.29 -16.46 -17.30
C ASN R 312 12.11 -17.36 -17.60
N PHE R 313 11.93 -18.44 -16.84
CA PHE R 313 10.74 -19.25 -17.03
C PHE R 313 9.49 -18.52 -16.56
N GLU R 314 9.63 -17.63 -15.59
CA GLU R 314 8.48 -16.80 -15.20
C GLU R 314 8.19 -15.73 -16.24
N ASN R 315 9.24 -15.11 -16.78
CA ASN R 315 9.09 -14.11 -17.84
C ASN R 315 8.57 -14.72 -19.13
N ASP R 316 8.80 -16.01 -19.34
CA ASP R 316 8.34 -16.68 -20.55
C ASP R 316 6.83 -16.89 -20.53
N SER R 317 6.35 -17.70 -19.59
CA SER R 317 4.94 -18.06 -19.55
C SER R 317 4.03 -16.87 -19.27
N ARG R 318 4.57 -15.72 -18.91
CA ARG R 318 3.75 -14.53 -18.80
C ARG R 318 3.54 -13.86 -20.14
N ALA R 319 4.54 -13.81 -20.97
CA ALA R 319 4.35 -12.99 -22.15
C ALA R 319 4.74 -13.55 -23.41
N ALA R 320 5.72 -14.42 -23.36
CA ALA R 320 6.21 -14.92 -24.60
C ALA R 320 5.01 -15.59 -25.18
N GLU R 321 4.27 -16.32 -24.33
CA GLU R 321 3.20 -17.09 -24.87
C GLU R 321 2.22 -16.19 -25.54
N ALA R 322 1.77 -15.15 -24.85
CA ALA R 322 0.72 -14.36 -25.45
C ALA R 322 1.22 -13.79 -26.73
N GLY R 323 2.38 -13.17 -26.71
CA GLY R 323 2.75 -12.54 -27.94
C GLY R 323 2.88 -13.48 -29.11
N LEU R 324 3.64 -14.55 -28.97
CA LEU R 324 3.82 -15.34 -30.17
C LEU R 324 2.55 -16.01 -30.62
N GLY R 325 1.80 -16.54 -29.67
CA GLY R 325 0.66 -17.30 -30.10
C GLY R 325 -0.26 -16.38 -30.81
N ALA R 326 -0.51 -15.24 -30.22
CA ALA R 326 -1.51 -14.40 -30.83
C ALA R 326 -1.08 -13.93 -32.17
N LYS R 327 0.16 -13.54 -32.27
CA LYS R 327 0.58 -13.00 -33.53
C LYS R 327 0.53 -14.04 -34.65
N LEU R 328 0.90 -15.29 -34.38
CA LEU R 328 0.91 -16.19 -35.52
C LEU R 328 -0.34 -17.00 -35.66
N SER R 329 -1.12 -17.08 -34.60
CA SER R 329 -2.31 -17.89 -34.60
C SER R 329 -3.23 -17.50 -35.68
N ALA R 330 -3.63 -16.27 -35.71
CA ALA R 330 -4.46 -15.82 -36.80
C ALA R 330 -3.61 -15.43 -38.00
N GLY R 331 -3.94 -16.04 -39.14
CA GLY R 331 -3.33 -15.65 -40.40
C GLY R 331 -1.82 -15.80 -40.47
N ILE R 332 -1.31 -17.03 -40.48
CA ILE R 332 0.11 -17.24 -40.70
C ILE R 332 0.51 -17.06 -42.16
N ILE R 333 -0.38 -17.32 -43.09
CA ILE R 333 0.07 -17.20 -44.47
C ILE R 333 -0.70 -16.08 -45.02
N GLY R 334 -1.99 -16.18 -44.80
CA GLY R 334 -2.95 -15.29 -45.38
C GLY R 334 -2.68 -13.91 -44.88
N ALA R 335 -2.02 -13.80 -43.75
CA ALA R 335 -1.87 -12.52 -43.12
C ALA R 335 -1.13 -11.66 -44.10
N GLY R 336 -0.02 -12.15 -44.62
CA GLY R 336 0.78 -13.17 -43.99
C GLY R 336 2.20 -12.68 -43.96
N VAL R 337 2.99 -13.17 -43.03
CA VAL R 337 4.32 -12.63 -42.79
C VAL R 337 5.40 -13.37 -43.60
N ASP R 338 6.69 -13.30 -43.22
CA ASP R 338 7.66 -14.12 -43.93
C ASP R 338 7.86 -15.44 -43.19
N PRO R 339 8.33 -15.47 -41.93
CA PRO R 339 9.16 -14.56 -41.14
C PRO R 339 10.62 -14.86 -41.45
N LEU R 340 11.27 -13.97 -42.20
CA LEU R 340 12.67 -14.19 -42.54
C LEU R 340 13.56 -13.31 -41.67
N SER R 341 13.04 -12.15 -41.27
CA SER R 341 13.70 -11.27 -40.31
C SER R 341 12.85 -11.27 -39.05
N TYR R 342 13.17 -12.16 -38.12
CA TYR R 342 12.39 -12.30 -36.91
C TYR R 342 13.35 -12.51 -35.75
N VAL R 343 12.86 -12.24 -34.55
CA VAL R 343 13.63 -12.45 -33.33
C VAL R 343 14.05 -13.91 -33.27
N PRO R 344 15.21 -14.25 -32.70
CA PRO R 344 15.60 -15.66 -32.59
C PRO R 344 14.52 -16.57 -32.03
N MET R 345 13.48 -16.03 -31.38
CA MET R 345 12.31 -16.81 -30.99
C MET R 345 12.66 -17.89 -29.96
N VAL R 346 13.37 -17.49 -28.90
CA VAL R 346 13.85 -18.46 -27.92
C VAL R 346 12.73 -18.96 -27.05
N GLY R 347 11.95 -18.06 -26.47
CA GLY R 347 11.07 -18.44 -25.37
C GLY R 347 9.97 -19.41 -25.78
N VAL R 348 9.47 -19.25 -27.01
CA VAL R 348 8.20 -19.89 -27.36
C VAL R 348 8.33 -21.40 -27.35
N THR R 349 7.34 -22.06 -26.74
CA THR R 349 7.17 -23.51 -26.77
C THR R 349 5.68 -23.76 -26.78
N GLY R 350 5.15 -24.23 -27.91
CA GLY R 350 3.72 -24.12 -28.10
C GLY R 350 3.40 -22.64 -28.22
N LYS R 351 2.61 -22.12 -27.30
CA LYS R 351 1.85 -22.92 -26.35
C LYS R 351 0.38 -22.68 -26.65
N GLY R 352 0.00 -21.42 -26.61
CA GLY R 352 -1.32 -21.02 -27.00
C GLY R 352 -1.39 -20.71 -28.48
N PHE R 353 -1.06 -21.71 -29.31
CA PHE R 353 -1.06 -21.57 -30.76
C PHE R 353 -2.10 -22.52 -31.32
N LYS R 354 -3.29 -22.01 -31.66
CA LYS R 354 -4.30 -22.81 -32.39
C LYS R 354 -4.59 -21.92 -33.58
N LEU R 355 -4.39 -22.32 -34.83
CA LEU R 355 -4.52 -21.36 -35.93
C LEU R 355 -5.85 -21.23 -36.45
N ILE R 356 -6.77 -20.59 -35.76
CA ILE R 356 -8.08 -20.37 -36.33
C ILE R 356 -7.96 -19.16 -37.18
N ASN R 357 -7.60 -19.32 -38.44
CA ASN R 357 -7.39 -18.19 -39.30
C ASN R 357 -8.72 -17.57 -39.31
N LYS R 358 -8.80 -16.28 -39.09
CA LYS R 358 -10.07 -15.63 -39.18
C LYS R 358 -10.15 -15.57 -40.66
N ALA R 359 -11.28 -15.95 -41.22
CA ALA R 359 -11.47 -16.07 -42.66
C ALA R 359 -10.96 -17.45 -42.99
N LEU R 360 -11.42 -18.04 -44.08
CA LEU R 360 -11.07 -19.43 -44.39
C LEU R 360 -11.86 -20.31 -43.46
N VAL R 361 -12.81 -19.75 -42.72
CA VAL R 361 -13.68 -20.55 -41.89
C VAL R 361 -14.96 -20.27 -42.59
N VAL R 362 -15.74 -21.27 -42.95
CA VAL R 362 -16.91 -21.01 -43.75
C VAL R 362 -18.18 -21.33 -43.06
N GLY R 363 -18.36 -22.58 -42.68
CA GLY R 363 -19.55 -22.93 -41.92
C GLY R 363 -19.00 -23.45 -40.66
N ALA R 364 -19.45 -22.99 -39.51
CA ALA R 364 -18.60 -23.08 -38.34
C ALA R 364 -19.23 -23.98 -37.33
N GLU R 365 -20.07 -24.91 -37.79
CA GLU R 365 -20.77 -25.82 -36.91
C GLU R 365 -19.98 -26.03 -35.67
N SER R 366 -20.39 -25.42 -34.59
CA SER R 366 -19.60 -25.47 -33.38
C SER R 366 -19.37 -26.80 -32.77
N ALA R 367 -20.40 -27.62 -32.75
CA ALA R 367 -20.28 -28.86 -32.01
C ALA R 367 -19.49 -30.04 -32.51
N ALA R 368 -20.20 -31.06 -32.93
CA ALA R 368 -19.56 -32.35 -33.32
C ALA R 368 -20.32 -33.14 -34.38
N LEU R 369 -19.59 -34.01 -35.10
CA LEU R 369 -20.23 -34.89 -36.06
C LEU R 369 -20.53 -36.22 -35.39
N ASN R 370 -19.71 -36.62 -34.42
CA ASN R 370 -19.93 -37.87 -33.71
C ASN R 370 -19.22 -37.80 -32.38
N VAL R 371 -18.96 -38.95 -31.77
CA VAL R 371 -18.20 -38.95 -30.53
C VAL R 371 -16.78 -39.17 -30.90
N ALA R 372 -16.53 -39.28 -32.19
CA ALA R 372 -15.16 -39.37 -32.66
C ALA R 372 -14.90 -37.93 -32.99
N SER R 373 -14.17 -37.64 -34.05
CA SER R 373 -13.83 -36.26 -34.30
C SER R 373 -13.20 -35.65 -33.04
N GLU R 374 -13.89 -34.72 -32.40
CA GLU R 374 -13.36 -34.04 -31.19
C GLU R 374 -12.13 -33.26 -31.54
N GLY R 375 -10.98 -33.69 -31.07
CA GLY R 375 -9.75 -33.04 -31.47
C GLY R 375 -8.79 -34.18 -31.68
N LEU R 376 -7.49 -33.94 -31.77
CA LEU R 376 -6.53 -35.02 -31.91
C LEU R 376 -6.93 -36.14 -30.97
N ARG R 377 -7.30 -37.31 -31.50
CA ARG R 377 -7.79 -38.37 -30.64
C ARG R 377 -6.65 -39.11 -30.04
N THR R 378 -5.92 -38.51 -29.11
CA THR R 378 -4.69 -39.15 -28.60
C THR R 378 -4.65 -39.66 -27.17
N SER R 379 -3.76 -40.61 -26.87
CA SER R 379 -3.71 -41.25 -25.56
C SER R 379 -2.42 -41.02 -24.84
N VAL R 380 -1.78 -39.88 -25.05
CA VAL R 380 -0.59 -39.55 -24.28
C VAL R 380 -0.88 -38.21 -23.73
N ALA R 381 -0.41 -37.86 -22.57
CA ALA R 381 -0.57 -36.49 -22.16
C ALA R 381 0.41 -35.77 -23.05
N GLY R 382 0.21 -34.49 -23.31
CA GLY R 382 1.12 -33.73 -24.14
C GLY R 382 0.66 -33.81 -25.55
N GLY R 383 -0.41 -34.53 -25.78
CA GLY R 383 -0.96 -34.66 -27.11
C GLY R 383 -1.89 -33.54 -27.41
N ASP R 384 -1.35 -32.38 -27.78
CA ASP R 384 -2.11 -31.20 -28.02
C ASP R 384 -1.04 -30.23 -27.78
N ALA R 385 0.08 -30.65 -27.25
CA ALA R 385 1.17 -29.72 -27.19
C ALA R 385 2.30 -30.21 -28.01
N ASP R 386 2.44 -31.50 -28.20
CA ASP R 386 3.47 -31.92 -29.10
C ASP R 386 3.04 -31.49 -30.47
N TYR R 387 1.75 -31.63 -30.75
CA TYR R 387 1.25 -31.26 -32.05
C TYR R 387 1.40 -29.79 -32.23
N ALA R 388 1.11 -29.03 -31.19
CA ALA R 388 1.17 -27.60 -31.35
C ALA R 388 2.58 -27.20 -31.64
N GLY R 389 3.50 -27.84 -30.96
CA GLY R 389 4.86 -27.45 -31.14
C GLY R 389 5.21 -27.73 -32.55
N ALA R 390 4.79 -28.87 -33.05
CA ALA R 390 5.20 -29.23 -34.38
C ALA R 390 4.66 -28.22 -35.31
N ALA R 391 3.42 -27.84 -35.11
CA ALA R 391 2.84 -26.91 -36.04
C ALA R 391 3.54 -25.58 -36.02
N LEU R 392 3.87 -25.04 -34.85
CA LEU R 392 4.47 -23.72 -34.88
C LEU R 392 5.71 -23.95 -35.65
N GLY R 393 6.35 -25.07 -35.43
CA GLY R 393 7.60 -25.24 -36.13
C GLY R 393 7.42 -25.59 -37.60
N GLY R 394 6.28 -26.16 -37.95
CA GLY R 394 6.00 -26.43 -39.34
C GLY R 394 5.56 -25.18 -40.07
N PHE R 395 4.67 -24.40 -39.45
CA PHE R 395 4.18 -23.18 -40.08
C PHE R 395 5.28 -22.17 -40.28
N VAL R 396 6.08 -21.90 -39.24
CA VAL R 396 7.15 -20.93 -39.39
C VAL R 396 8.11 -21.35 -40.49
N PHE R 397 8.51 -22.62 -40.49
CA PHE R 397 9.42 -23.11 -41.52
C PHE R 397 8.81 -23.09 -42.90
N GLY R 398 7.53 -23.39 -43.05
CA GLY R 398 6.91 -23.39 -44.35
C GLY R 398 6.76 -22.00 -44.93
N ALA R 399 6.25 -21.08 -44.11
CA ALA R 399 6.19 -19.69 -44.55
C ALA R 399 7.57 -19.15 -44.88
N GLY R 400 8.58 -19.55 -44.10
CA GLY R 400 9.93 -19.10 -44.40
C GLY R 400 10.48 -19.67 -45.69
N MET R 401 10.20 -20.94 -45.97
CA MET R 401 10.61 -21.50 -47.26
C MET R 401 9.90 -20.78 -48.40
N SER R 402 8.63 -20.44 -48.22
CA SER R 402 7.93 -19.66 -49.24
C SER R 402 8.57 -18.32 -49.46
N ALA R 403 8.87 -17.57 -48.39
CA ALA R 403 9.50 -16.27 -48.55
C ALA R 403 10.88 -16.38 -49.17
N ILE R 404 11.67 -17.40 -48.80
CA ILE R 404 13.00 -17.49 -49.35
C ILE R 404 12.97 -17.95 -50.80
N SER R 405 11.96 -18.74 -51.19
CA SER R 405 11.84 -19.06 -52.61
C SER R 405 11.34 -17.89 -53.42
N ASP R 406 10.53 -17.01 -52.84
CA ASP R 406 10.23 -15.76 -53.53
C ASP R 406 11.46 -14.87 -53.64
N ALA R 407 12.34 -14.90 -52.63
CA ALA R 407 13.54 -14.08 -52.69
C ALA R 407 14.52 -14.60 -53.73
N VAL R 408 14.76 -15.91 -53.77
CA VAL R 408 15.65 -16.46 -54.78
C VAL R 408 15.04 -16.33 -56.17
N ALA R 409 13.71 -16.29 -56.27
CA ALA R 409 13.09 -15.98 -57.56
C ALA R 409 13.57 -14.64 -58.08
N ALA R 410 13.45 -13.59 -57.27
CA ALA R 410 13.97 -12.29 -57.68
C ALA R 410 15.49 -12.30 -57.84
N GLY R 411 16.20 -13.13 -57.08
CA GLY R 411 17.62 -13.28 -57.28
C GLY R 411 17.98 -13.88 -58.63
N LEU R 412 17.06 -14.63 -59.23
CA LEU R 412 17.23 -15.11 -60.59
C LEU R 412 16.54 -14.26 -61.64
N LYS R 413 15.68 -13.32 -61.24
CA LYS R 413 15.07 -12.43 -62.23
C LYS R 413 16.09 -11.48 -62.85
N ARG R 414 17.20 -11.24 -62.16
CA ARG R 414 18.20 -10.31 -62.68
C ARG R 414 18.94 -10.89 -63.88
N SER R 415 18.95 -12.21 -64.03
CA SER R 415 19.49 -12.81 -65.24
C SER R 415 18.46 -12.83 -66.36
N LYS R 416 17.35 -13.53 -66.14
CA LYS R 416 16.24 -13.56 -67.09
C LYS R 416 14.97 -13.14 -66.39
N PRO R 417 14.03 -12.52 -67.10
CA PRO R 417 12.81 -12.03 -66.42
C PRO R 417 11.90 -13.15 -65.93
N GLU R 418 11.90 -14.32 -66.58
CA GLU R 418 11.00 -15.40 -66.22
C GLU R 418 11.40 -16.67 -66.94
N ALA R 419 11.40 -17.80 -66.23
CA ALA R 419 11.47 -19.10 -66.90
C ALA R 419 10.21 -19.93 -66.65
N GLU R 420 9.98 -20.42 -65.44
CA GLU R 420 8.62 -20.71 -64.99
C GLU R 420 8.44 -20.32 -63.52
N PHE R 421 9.44 -20.66 -62.70
CA PHE R 421 9.50 -20.30 -61.27
C PHE R 421 8.20 -20.61 -60.53
N ASP R 422 7.92 -21.91 -60.41
CA ASP R 422 6.86 -22.42 -59.52
C ASP R 422 7.34 -23.72 -58.87
N ASN R 423 7.99 -23.66 -57.70
CA ASN R 423 8.47 -22.46 -56.98
C ASN R 423 7.37 -21.44 -56.61
N GLU R 424 6.57 -21.74 -55.60
CA GLU R 424 6.97 -22.66 -54.53
C GLU R 424 5.84 -23.23 -53.68
N PHE R 425 6.25 -23.63 -52.48
CA PHE R 425 5.48 -24.32 -51.46
C PHE R 425 4.26 -23.53 -50.99
N ILE R 426 4.01 -22.35 -51.57
CA ILE R 426 2.80 -21.60 -51.26
C ILE R 426 1.58 -22.51 -51.31
N GLY R 427 1.52 -23.41 -52.28
CA GLY R 427 0.46 -24.36 -52.39
C GLY R 427 0.31 -25.24 -51.15
N PRO R 428 1.33 -26.07 -50.88
CA PRO R 428 1.26 -26.92 -49.68
C PRO R 428 1.05 -26.14 -48.39
N MET R 429 1.71 -25.02 -48.20
CA MET R 429 1.57 -24.27 -46.96
C MET R 429 0.18 -23.67 -46.82
N MET R 430 -0.41 -23.18 -47.90
CA MET R 430 -1.77 -22.66 -47.82
C MET R 430 -2.77 -23.78 -47.58
N ARG R 431 -2.61 -24.90 -48.28
CA ARG R 431 -3.53 -26.02 -48.09
C ARG R 431 -3.33 -26.67 -46.73
N LEU R 432 -2.21 -26.39 -46.07
CA LEU R 432 -2.02 -26.84 -44.71
C LEU R 432 -2.61 -25.86 -43.71
N GLU R 433 -2.50 -24.56 -43.96
CA GLU R 433 -3.14 -23.59 -43.09
C GLU R 433 -4.64 -23.74 -43.11
N ALA R 434 -5.22 -23.98 -44.29
CA ALA R 434 -6.67 -24.19 -44.36
C ALA R 434 -7.09 -25.44 -43.60
N ARG R 435 -6.32 -26.51 -43.71
CA ARG R 435 -6.63 -27.72 -42.96
C ARG R 435 -6.55 -27.49 -41.47
N GLU R 436 -5.53 -26.77 -41.01
CA GLU R 436 -5.42 -26.46 -39.59
C GLU R 436 -6.62 -25.64 -39.11
N THR R 437 -7.00 -24.63 -39.88
CA THR R 437 -8.18 -23.85 -39.52
C THR R 437 -9.43 -24.71 -39.46
N ALA R 438 -9.60 -25.64 -40.39
CA ALA R 438 -10.75 -26.52 -40.34
C ALA R 438 -10.69 -27.45 -39.14
N ARG R 439 -9.49 -27.87 -38.74
CA ARG R 439 -9.34 -28.74 -37.58
C ARG R 439 -9.71 -27.99 -36.31
N ASN R 440 -9.30 -26.72 -36.19
CA ASN R 440 -9.53 -25.99 -34.95
C ASN R 440 -10.92 -25.37 -34.91
N ALA R 441 -11.52 -25.11 -36.08
CA ALA R 441 -12.82 -24.45 -36.14
C ALA R 441 -13.97 -25.41 -36.42
N ASN R 442 -13.72 -26.71 -36.46
CA ASN R 442 -14.69 -27.80 -36.46
C ASN R 442 -15.46 -27.92 -37.78
N SER R 443 -15.10 -27.19 -38.84
CA SER R 443 -15.76 -27.37 -40.13
C SER R 443 -14.99 -26.64 -41.21
N ALA R 444 -15.61 -26.54 -42.39
CA ALA R 444 -15.08 -25.79 -43.50
C ALA R 444 -13.73 -26.29 -44.02
N ASP R 445 -13.71 -27.50 -44.57
CA ASP R 445 -12.51 -28.04 -45.22
C ASP R 445 -12.24 -27.39 -46.57
N LEU R 446 -11.86 -26.11 -46.57
CA LEU R 446 -11.67 -25.37 -47.82
C LEU R 446 -10.39 -25.77 -48.54
N SER R 447 -9.64 -26.72 -48.00
CA SER R 447 -8.41 -27.18 -48.63
C SER R 447 -8.67 -28.46 -49.39
N ARG R 448 -9.87 -28.58 -49.96
CA ARG R 448 -10.30 -29.80 -50.64
C ARG R 448 -10.48 -29.51 -52.12
N MET R 449 -9.59 -30.05 -52.94
CA MET R 449 -9.79 -30.00 -54.38
C MET R 449 -11.05 -30.74 -54.75
N ASN R 450 -11.61 -30.42 -55.91
CA ASN R 450 -12.90 -30.98 -56.25
C ASN R 450 -13.15 -30.89 -57.75
N THR R 451 -13.64 -31.99 -58.32
CA THR R 451 -13.60 -33.31 -57.68
C THR R 451 -13.09 -34.32 -58.70
N GLU R 452 -13.49 -34.08 -59.94
CA GLU R 452 -13.52 -35.12 -60.96
C GLU R 452 -12.34 -34.98 -61.92
N ASN R 453 -11.95 -36.06 -62.62
CA ASN R 453 -12.26 -37.50 -62.46
C ASN R 453 -11.34 -38.16 -63.51
N MET R 454 -11.17 -39.49 -63.52
CA MET R 454 -11.74 -40.44 -62.56
C MET R 454 -10.65 -40.91 -61.63
N LYS R 455 -11.03 -41.76 -60.67
CA LYS R 455 -10.11 -42.25 -59.66
C LYS R 455 -9.33 -43.42 -60.26
N PHE R 456 -8.70 -43.17 -61.40
CA PHE R 456 -7.71 -44.06 -61.98
C PHE R 456 -6.46 -43.22 -62.22
N GLU R 457 -5.29 -43.85 -62.15
CA GLU R 457 -5.16 -45.29 -62.09
C GLU R 457 -5.12 -45.84 -60.67
N GLY R 458 -4.48 -45.10 -59.76
CA GLY R 458 -4.12 -45.71 -58.51
C GLY R 458 -3.22 -46.91 -58.77
N GLU R 459 -3.20 -47.85 -57.82
CA GLU R 459 -3.76 -47.72 -56.49
C GLU R 459 -2.92 -48.64 -55.60
N HIS R 460 -2.03 -48.04 -54.80
CA HIS R 460 -1.07 -48.86 -54.08
C HIS R 460 -1.75 -49.77 -53.07
N ASN R 461 -2.57 -49.22 -52.19
CA ASN R 461 -3.29 -50.02 -51.21
C ASN R 461 -4.68 -49.46 -51.03
N GLY R 462 -5.65 -50.03 -51.74
CA GLY R 462 -7.03 -49.67 -51.55
C GLY R 462 -7.39 -48.29 -52.03
N VAL R 463 -6.68 -47.29 -51.54
CA VAL R 463 -7.01 -45.89 -51.85
C VAL R 463 -6.79 -45.61 -53.33
N PRO R 464 -7.80 -45.13 -54.04
CA PRO R 464 -7.57 -44.67 -55.42
C PRO R 464 -7.24 -43.19 -55.47
N TYR R 465 -6.18 -42.81 -56.17
CA TYR R 465 -5.80 -41.42 -56.27
C TYR R 465 -6.06 -40.90 -57.69
N GLU R 466 -5.67 -39.65 -57.93
CA GLU R 466 -5.76 -39.06 -59.25
C GLU R 466 -4.75 -37.93 -59.35
N ASP R 467 -4.06 -37.85 -60.48
CA ASP R 467 -3.00 -36.88 -60.69
C ASP R 467 -3.59 -35.58 -61.21
N LEU R 468 -3.21 -34.47 -60.59
CA LEU R 468 -3.70 -33.16 -60.99
C LEU R 468 -2.67 -32.47 -61.86
N PRO R 469 -3.01 -32.06 -63.09
CA PRO R 469 -2.04 -31.31 -63.89
C PRO R 469 -1.87 -29.94 -63.29
N THR R 470 -0.79 -29.80 -62.52
CA THR R 470 -0.53 -28.66 -61.65
C THR R 470 0.93 -28.81 -61.21
N GLU R 471 1.30 -28.16 -60.12
CA GLU R 471 2.57 -28.41 -59.44
C GLU R 471 2.91 -29.90 -59.46
N ARG R 472 4.20 -30.19 -59.63
CA ARG R 472 4.68 -31.56 -59.81
C ARG R 472 4.09 -32.48 -58.75
N GLY R 473 3.95 -33.75 -59.12
CA GLY R 473 2.88 -34.53 -58.51
C GLY R 473 1.59 -33.89 -58.97
N ALA R 474 0.59 -33.85 -58.09
CA ALA R 474 0.54 -34.63 -56.86
C ALA R 474 -0.76 -35.42 -56.96
N VAL R 475 -1.17 -36.06 -55.88
CA VAL R 475 -2.39 -36.84 -55.88
C VAL R 475 -3.53 -35.97 -55.39
N VAL R 476 -4.75 -36.40 -55.69
CA VAL R 476 -5.96 -35.85 -55.10
C VAL R 476 -6.80 -37.02 -54.61
N LEU R 477 -7.39 -36.89 -53.44
CA LEU R 477 -8.09 -37.99 -52.80
C LEU R 477 -9.54 -38.01 -53.24
N HIS R 478 -10.34 -38.87 -52.61
CA HIS R 478 -11.76 -38.95 -52.93
C HIS R 478 -12.55 -37.84 -52.23
N ASP R 479 -11.97 -37.24 -51.20
CA ASP R 479 -12.64 -36.15 -50.50
C ASP R 479 -12.78 -34.90 -51.39
N GLY R 480 -11.72 -34.44 -52.04
CA GLY R 480 -10.36 -34.96 -51.98
C GLY R 480 -9.38 -34.03 -51.30
N SER R 481 -8.98 -34.39 -50.08
CA SER R 481 -7.89 -33.68 -49.45
C SER R 481 -6.59 -33.97 -50.19
N VAL R 482 -6.03 -32.94 -50.80
CA VAL R 482 -4.89 -33.08 -51.70
C VAL R 482 -3.62 -33.24 -50.87
N LEU R 483 -2.77 -34.17 -51.30
CA LEU R 483 -1.49 -34.43 -50.65
C LEU R 483 -0.40 -33.89 -51.57
N SER R 484 0.34 -32.90 -51.09
CA SER R 484 1.46 -32.34 -51.83
C SER R 484 2.42 -33.47 -52.21
N ALA R 485 3.03 -33.36 -53.38
CA ALA R 485 4.08 -34.31 -53.75
C ALA R 485 5.21 -34.21 -52.75
N SER R 486 6.12 -35.19 -52.75
CA SER R 486 7.21 -35.25 -51.78
C SER R 486 6.66 -35.33 -50.36
N ASN R 487 5.65 -36.06 -50.21
CA ASN R 487 5.03 -36.42 -48.94
C ASN R 487 5.16 -37.91 -48.72
N PRO R 488 5.21 -38.38 -47.47
CA PRO R 488 5.28 -39.82 -47.23
C PRO R 488 3.96 -40.55 -47.42
N ILE R 489 2.89 -39.87 -47.83
CA ILE R 489 1.59 -40.53 -47.88
C ILE R 489 1.13 -40.74 -49.32
N ASN R 490 1.33 -39.73 -50.18
CA ASN R 490 0.70 -39.73 -51.49
C ASN R 490 1.04 -41.02 -52.23
N PRO R 491 0.06 -41.87 -52.50
CA PRO R 491 0.35 -43.23 -52.98
C PRO R 491 1.05 -43.25 -54.33
N LYS R 492 0.91 -42.22 -55.15
CA LYS R 492 1.71 -42.17 -56.37
C LYS R 492 3.19 -42.20 -56.05
N THR R 493 3.65 -41.37 -55.10
CA THR R 493 5.05 -41.39 -54.69
C THR R 493 5.43 -42.70 -54.03
N LEU R 494 4.53 -43.29 -53.24
CA LEU R 494 4.84 -44.55 -52.60
C LEU R 494 5.06 -45.66 -53.61
N LYS R 495 4.21 -45.71 -54.65
CA LYS R 495 4.44 -46.64 -55.74
C LYS R 495 5.75 -46.34 -56.44
N GLU R 496 5.96 -45.07 -56.80
CA GLU R 496 7.17 -44.66 -57.50
C GLU R 496 8.42 -45.08 -56.74
N PHE R 497 8.35 -45.07 -55.41
CA PHE R 497 9.52 -45.45 -54.62
C PHE R 497 9.63 -46.97 -54.52
N SER R 498 8.50 -47.66 -54.26
CA SER R 498 8.52 -49.11 -54.34
C SER R 498 8.76 -49.56 -55.77
N GLU R 499 8.67 -48.64 -56.72
CA GLU R 499 9.11 -48.88 -58.09
C GLU R 499 10.63 -48.75 -58.13
N VAL R 500 11.18 -48.60 -59.34
CA VAL R 500 12.62 -48.60 -59.54
C VAL R 500 13.31 -47.62 -58.60
N ASP R 501 14.21 -48.15 -57.76
CA ASP R 501 15.10 -47.45 -56.85
C ASP R 501 16.00 -48.47 -56.17
N PRO R 502 17.08 -48.05 -55.50
CA PRO R 502 17.86 -49.03 -54.72
C PRO R 502 17.14 -49.47 -53.45
N PHE R 551 -14.91 -72.34 -29.15
CA PHE R 551 -14.02 -73.21 -29.91
C PHE R 551 -12.56 -72.86 -29.65
N GLY R 552 -12.26 -71.57 -29.60
CA GLY R 552 -10.92 -71.12 -29.30
C GLY R 552 -10.02 -71.17 -30.52
N ALA R 553 -9.32 -70.06 -30.72
CA ALA R 553 -8.66 -69.81 -32.01
C ALA R 553 -7.98 -68.44 -31.93
N THR R 554 -7.02 -68.17 -32.82
CA THR R 554 -6.19 -69.14 -33.54
C THR R 554 -4.76 -68.75 -33.25
N ALA R 555 -3.83 -69.28 -34.03
CA ALA R 555 -2.46 -68.82 -33.94
C ALA R 555 -2.32 -67.39 -34.45
N SER R 556 -2.82 -67.10 -35.65
CA SER R 556 -2.75 -65.75 -36.20
C SER R 556 -3.47 -64.72 -35.36
N ASP R 557 -4.54 -65.11 -34.67
CA ASP R 557 -5.20 -64.19 -33.74
C ASP R 557 -4.28 -63.83 -32.59
N ILE R 558 -3.54 -64.81 -32.07
CA ILE R 558 -2.56 -64.52 -31.03
C ILE R 558 -1.53 -63.52 -31.53
N HIS R 559 -1.03 -63.71 -32.75
CA HIS R 559 -0.05 -62.81 -33.31
C HIS R 559 -0.55 -61.38 -33.40
N GLU R 560 -1.80 -61.19 -33.84
CA GLU R 560 -2.35 -59.85 -33.94
C GLU R 560 -2.66 -59.22 -32.58
N ARG R 561 -3.22 -59.99 -31.64
CA ARG R 561 -3.38 -59.46 -30.29
C ARG R 561 -2.04 -58.98 -29.73
N LEU R 562 -0.99 -59.78 -29.93
CA LEU R 562 0.30 -59.43 -29.35
C LEU R 562 0.93 -58.23 -30.08
N HIS R 563 0.85 -58.19 -31.39
CA HIS R 563 1.38 -57.05 -32.11
C HIS R 563 0.54 -55.80 -31.94
N GLY R 564 -0.66 -55.92 -31.38
CA GLY R 564 -1.47 -54.76 -31.10
C GLY R 564 -1.29 -54.26 -29.68
N THR R 565 -0.89 -55.14 -28.76
CA THR R 565 -0.61 -54.66 -27.41
C THR R 565 0.85 -54.24 -27.24
N ASP R 566 1.77 -54.88 -27.97
CA ASP R 566 3.17 -54.54 -27.84
C ASP R 566 3.49 -53.23 -28.52
N GLN R 567 2.78 -52.89 -29.60
CA GLN R 567 2.92 -51.55 -30.14
C GLN R 567 2.47 -50.49 -29.14
N ARG R 568 1.40 -50.77 -28.40
CA ARG R 568 0.94 -49.82 -27.40
C ARG R 568 1.95 -49.65 -26.28
N THR R 569 2.50 -50.77 -25.78
CA THR R 569 3.51 -50.62 -24.74
C THR R 569 4.81 -50.02 -25.26
N TYR R 570 5.13 -50.21 -26.54
CA TYR R 570 6.26 -49.50 -27.12
C TYR R 570 6.01 -48.00 -27.14
N ASN R 571 4.79 -47.59 -27.47
CA ASN R 571 4.48 -46.16 -27.44
C ASN R 571 4.55 -45.59 -26.05
N ASP R 572 4.00 -46.31 -25.06
CA ASP R 572 4.11 -45.85 -23.68
C ASP R 572 5.55 -45.82 -23.18
N LEU R 573 6.40 -46.71 -23.68
CA LEU R 573 7.81 -46.67 -23.32
C LEU R 573 8.51 -45.51 -23.99
N TYR R 574 8.18 -45.25 -25.25
CA TYR R 574 8.76 -44.13 -25.98
C TYR R 574 8.42 -42.81 -25.32
N LYS R 575 7.19 -42.65 -24.84
CA LYS R 575 6.83 -41.42 -24.14
C LYS R 575 7.71 -41.22 -22.92
N ALA R 576 7.85 -42.23 -22.07
CA ALA R 576 8.64 -42.09 -20.87
C ALA R 576 10.13 -41.90 -21.18
N MET R 577 10.63 -42.52 -22.25
CA MET R 577 12.03 -42.33 -22.61
C MET R 577 12.28 -40.92 -23.11
N SER R 578 11.41 -40.41 -23.98
CA SER R 578 11.53 -39.01 -24.39
C SER R 578 11.37 -38.06 -23.23
N ASP R 579 10.63 -38.46 -22.19
CA ASP R 579 10.51 -37.63 -21.00
C ASP R 579 11.70 -37.74 -20.07
N ALA R 580 12.48 -38.81 -20.15
CA ALA R 580 13.59 -39.00 -19.23
C ALA R 580 14.91 -38.55 -19.83
N MET R 581 15.15 -38.85 -21.10
CA MET R 581 16.38 -38.45 -21.74
C MET R 581 16.49 -36.96 -21.82
N LYS R 582 15.54 -36.26 -21.20
CA LYS R 582 15.59 -34.81 -21.14
C LYS R 582 15.78 -34.23 -19.75
N ASP R 583 16.18 -35.03 -18.79
CA ASP R 583 16.43 -34.53 -17.45
C ASP R 583 17.73 -33.81 -17.43
N PRO R 584 18.01 -33.10 -16.37
CA PRO R 584 19.22 -32.31 -16.45
C PRO R 584 20.47 -33.06 -16.70
N GLU R 585 20.71 -34.21 -16.08
CA GLU R 585 22.00 -34.86 -16.25
C GLU R 585 22.49 -34.89 -17.67
N PHE R 586 21.66 -35.41 -18.55
CA PHE R 586 22.06 -35.54 -19.93
C PHE R 586 22.10 -34.27 -20.74
N SER R 587 21.14 -33.37 -20.54
CA SER R 587 21.03 -32.21 -21.42
C SER R 587 21.39 -30.82 -20.97
N THR R 588 20.98 -30.42 -19.79
CA THR R 588 21.18 -29.05 -19.41
C THR R 588 22.59 -28.62 -19.35
N GLY R 589 23.44 -29.48 -18.88
CA GLY R 589 24.80 -29.09 -18.75
C GLY R 589 25.46 -29.29 -20.04
N GLY R 590 26.75 -29.16 -20.02
CA GLY R 590 27.50 -29.39 -21.23
C GLY R 590 27.41 -30.83 -21.59
N ALA R 591 27.60 -31.14 -22.85
CA ALA R 591 27.42 -32.50 -23.28
C ALA R 591 28.34 -33.49 -22.68
N LYS R 592 27.80 -34.65 -22.40
CA LYS R 592 28.61 -35.72 -21.91
C LYS R 592 28.19 -36.77 -22.89
N MET R 593 28.00 -37.98 -22.45
CA MET R 593 27.53 -39.07 -23.30
C MET R 593 26.31 -38.63 -24.09
N SER R 594 26.41 -38.63 -25.42
CA SER R 594 25.29 -38.18 -26.24
C SER R 594 25.51 -38.66 -27.67
N ARG R 595 24.44 -39.13 -28.30
CA ARG R 595 23.15 -39.29 -27.64
C ARG R 595 22.72 -40.74 -27.74
N GLU R 596 23.31 -41.46 -28.69
CA GLU R 596 23.10 -42.91 -28.73
C GLU R 596 23.47 -43.56 -27.41
N GLU R 597 24.31 -42.88 -26.62
CA GLU R 597 24.63 -43.35 -25.28
C GLU R 597 23.66 -42.82 -24.24
N THR R 598 22.98 -41.71 -24.51
CA THR R 598 22.12 -41.20 -23.45
C THR R 598 20.84 -42.02 -23.32
N ARG R 599 20.54 -42.87 -24.30
CA ARG R 599 19.47 -43.85 -24.10
C ARG R 599 20.05 -45.16 -23.60
N TYR R 600 21.29 -45.47 -23.96
CA TYR R 600 21.92 -46.69 -23.48
C TYR R 600 22.16 -46.63 -21.98
N THR R 601 22.58 -45.47 -21.46
CA THR R 601 22.77 -45.30 -20.03
C THR R 601 21.50 -44.96 -19.29
N ILE R 602 20.36 -45.00 -19.96
CA ILE R 602 19.08 -45.06 -19.26
C ILE R 602 18.54 -46.47 -19.24
N TYR R 603 18.65 -47.18 -20.35
CA TYR R 603 18.25 -48.58 -20.36
C TYR R 603 19.17 -49.45 -19.51
N ARG R 604 20.45 -49.11 -19.41
CA ARG R 604 21.34 -49.81 -18.50
C ARG R 604 20.85 -49.69 -17.07
N ARG R 605 20.50 -48.47 -16.65
CA ARG R 605 19.94 -48.30 -15.31
C ARG R 605 18.60 -49.00 -15.15
N ALA R 606 17.73 -48.94 -16.15
CA ALA R 606 16.43 -49.57 -16.01
C ALA R 606 16.50 -51.09 -16.06
N ALA R 607 17.60 -51.64 -16.57
CA ALA R 607 17.77 -53.08 -16.54
C ALA R 607 18.48 -53.54 -15.28
N LEU R 608 19.50 -52.81 -14.85
CA LEU R 608 20.21 -53.17 -13.63
C LEU R 608 19.42 -52.86 -12.38
N ALA R 609 18.42 -51.99 -12.45
CA ALA R 609 17.51 -51.83 -11.32
C ALA R 609 16.51 -52.96 -11.26
N ILE R 610 16.18 -53.56 -12.39
CA ILE R 610 15.14 -54.60 -12.41
C ILE R 610 15.72 -55.86 -11.88
N GLU R 611 16.85 -56.25 -12.40
CA GLU R 611 17.48 -57.48 -11.97
C GLU R 611 17.93 -57.54 -10.52
N ARG R 612 18.53 -56.50 -9.98
CA ARG R 612 18.86 -56.49 -8.57
C ARG R 612 18.12 -55.29 -8.04
N PRO R 613 17.26 -55.47 -7.05
CA PRO R 613 16.45 -54.33 -6.66
C PRO R 613 16.97 -53.33 -5.65
N GLU R 614 18.15 -53.50 -5.09
CA GLU R 614 18.65 -52.46 -4.19
C GLU R 614 19.02 -51.30 -5.05
N LEU R 615 19.84 -51.55 -6.06
CA LEU R 615 20.27 -50.51 -7.00
C LEU R 615 19.06 -49.75 -7.40
N GLN R 616 17.94 -50.43 -7.64
CA GLN R 616 16.71 -49.60 -7.95
C GLN R 616 16.59 -48.35 -7.14
N LYS R 617 15.98 -48.38 -5.99
CA LYS R 617 15.84 -47.35 -4.95
C LYS R 617 16.57 -46.05 -5.28
N ALA R 618 17.76 -46.05 -5.91
CA ALA R 618 18.42 -44.77 -6.32
C ALA R 618 18.29 -44.32 -7.77
N LEU R 619 17.08 -44.14 -8.28
CA LEU R 619 16.87 -43.75 -9.68
C LEU R 619 15.96 -42.54 -9.75
N THR R 620 16.20 -41.65 -10.70
CA THR R 620 15.43 -40.44 -10.82
C THR R 620 14.00 -40.77 -11.12
N PRO R 621 13.06 -40.02 -10.53
CA PRO R 621 11.66 -40.40 -10.73
C PRO R 621 11.17 -40.31 -12.14
N SER R 622 11.50 -39.26 -12.86
CA SER R 622 10.99 -39.06 -14.22
C SER R 622 11.62 -40.10 -15.07
N GLU R 623 12.44 -40.90 -14.46
CA GLU R 623 13.07 -42.01 -15.17
C GLU R 623 12.65 -43.37 -14.62
N ARG R 624 12.16 -43.45 -13.39
CA ARG R 624 11.67 -44.71 -12.87
C ARG R 624 10.47 -45.23 -13.63
N ILE R 625 9.75 -44.35 -14.33
CA ILE R 625 8.55 -44.76 -15.04
C ILE R 625 8.90 -45.50 -16.32
N VAL R 626 10.18 -45.51 -16.71
CA VAL R 626 10.56 -46.38 -17.81
C VAL R 626 10.99 -47.75 -17.30
N MET R 627 11.65 -47.81 -16.15
CA MET R 627 11.92 -49.11 -15.53
C MET R 627 10.62 -49.82 -15.20
N ASP R 628 9.63 -49.09 -14.72
CA ASP R 628 8.34 -49.70 -14.41
C ASP R 628 7.73 -50.34 -15.64
N ILE R 629 7.71 -49.63 -16.77
CA ILE R 629 7.07 -50.16 -17.96
C ILE R 629 7.87 -51.32 -18.55
N ILE R 630 9.20 -51.22 -18.54
CA ILE R 630 10.00 -52.34 -19.02
C ILE R 630 9.75 -53.58 -18.18
N LYS R 631 9.76 -53.43 -16.86
CA LYS R 631 9.53 -54.57 -15.99
C LYS R 631 8.15 -55.15 -16.20
N ARG R 632 7.13 -54.30 -16.35
CA ARG R 632 5.79 -54.82 -16.56
C ARG R 632 5.66 -55.53 -17.89
N HIS R 633 6.26 -55.00 -18.95
CA HIS R 633 6.19 -55.64 -20.26
C HIS R 633 6.86 -57.01 -20.22
N PHE R 634 8.10 -57.07 -19.72
CA PHE R 634 8.76 -58.36 -19.64
C PHE R 634 8.07 -59.32 -18.67
N ASP R 635 7.49 -58.82 -17.59
CA ASP R 635 6.75 -59.66 -16.68
C ASP R 635 5.48 -60.20 -17.31
N THR R 636 4.82 -59.42 -18.18
CA THR R 636 3.64 -59.92 -18.85
C THR R 636 4.01 -61.00 -19.86
N LYS R 637 5.07 -60.78 -20.64
CA LYS R 637 5.54 -61.85 -21.51
C LYS R 637 5.92 -63.10 -20.71
N ARG R 638 6.50 -62.93 -19.53
CA ARG R 638 6.82 -64.09 -18.70
C ARG R 638 5.56 -64.80 -18.22
N GLU R 639 4.64 -64.06 -17.59
CA GLU R 639 3.39 -64.62 -17.12
C GLU R 639 2.58 -65.27 -18.22
N LEU R 640 2.80 -64.87 -19.47
CA LEU R 640 2.07 -65.46 -20.57
C LEU R 640 2.80 -66.65 -21.19
N MET R 641 4.12 -66.74 -21.04
CA MET R 641 4.85 -67.90 -21.54
C MET R 641 4.82 -69.08 -20.58
N GLU R 642 4.79 -68.85 -19.26
CA GLU R 642 4.75 -69.97 -18.33
C GLU R 642 3.52 -70.83 -18.56
N ASN R 643 2.39 -70.21 -18.90
CA ASN R 643 1.15 -70.92 -19.19
C ASN R 643 0.50 -70.28 -20.41
N PRO R 644 0.99 -70.59 -21.60
CA PRO R 644 0.43 -69.98 -22.81
C PRO R 644 -0.89 -70.61 -23.20
N ALA R 645 -1.44 -71.41 -22.31
CA ALA R 645 -2.76 -71.95 -22.52
C ALA R 645 -3.86 -70.92 -22.28
N ILE R 646 -3.52 -69.66 -22.06
CA ILE R 646 -4.56 -68.66 -21.83
C ILE R 646 -5.02 -68.26 -23.21
N PHE R 647 -5.75 -69.15 -23.87
CA PHE R 647 -6.10 -69.04 -25.27
C PHE R 647 -7.05 -70.18 -25.58
N GLY R 648 -7.32 -70.40 -26.87
CA GLY R 648 -8.19 -71.49 -27.26
C GLY R 648 -7.81 -72.82 -26.63
N ASN R 649 -6.61 -73.30 -26.90
CA ASN R 649 -6.23 -74.63 -26.47
C ASN R 649 -6.04 -74.69 -24.96
N THR R 650 -6.03 -75.90 -24.43
CA THR R 650 -5.72 -76.16 -23.04
C THR R 650 -4.47 -77.02 -22.88
N LYS R 651 -3.86 -77.45 -23.99
CA LYS R 651 -2.54 -78.06 -23.94
C LYS R 651 -1.52 -76.98 -24.13
N ALA R 652 -0.31 -77.39 -24.39
CA ALA R 652 0.78 -76.48 -24.71
C ALA R 652 1.14 -76.04 -23.38
N VAL R 653 2.31 -76.42 -22.96
CA VAL R 653 2.64 -76.26 -21.58
C VAL R 653 3.94 -75.53 -21.44
N SER R 654 3.90 -74.33 -20.87
CA SER R 654 5.12 -73.72 -20.41
C SER R 654 6.26 -73.71 -21.40
N ILE R 655 6.21 -72.89 -22.43
CA ILE R 655 7.30 -72.80 -23.36
C ILE R 655 8.52 -72.40 -22.54
N PHE R 656 8.38 -71.51 -21.56
CA PHE R 656 9.52 -70.93 -20.81
C PHE R 656 10.64 -71.82 -20.32
N PRO R 657 11.86 -71.33 -20.37
CA PRO R 657 12.99 -72.17 -20.01
C PRO R 657 13.13 -72.67 -18.60
N GLU R 658 13.00 -71.83 -17.58
CA GLU R 658 13.25 -72.33 -16.24
C GLU R 658 12.32 -71.81 -15.18
N SER R 659 11.05 -72.20 -15.24
CA SER R 659 10.11 -71.68 -14.29
C SER R 659 10.45 -72.22 -12.93
N ARG R 660 10.22 -71.41 -11.92
CA ARG R 660 10.80 -71.42 -10.56
C ARG R 660 11.96 -70.45 -10.36
N HIS R 661 12.57 -70.01 -11.43
CA HIS R 661 13.61 -69.03 -11.29
C HIS R 661 12.82 -67.76 -11.29
N LYS R 662 12.37 -67.29 -10.14
CA LYS R 662 11.41 -66.21 -10.21
C LYS R 662 12.08 -64.83 -10.17
N GLY R 663 12.17 -64.21 -11.34
CA GLY R 663 12.45 -62.80 -11.48
C GLY R 663 11.98 -62.30 -12.84
N THR R 664 11.81 -61.00 -13.01
CA THR R 664 11.45 -60.50 -14.30
C THR R 664 12.61 -60.94 -15.07
N TYR R 665 12.44 -61.85 -16.00
CA TYR R 665 13.59 -62.21 -16.83
C TYR R 665 13.80 -61.19 -17.93
N VAL R 666 14.86 -60.39 -17.80
CA VAL R 666 15.31 -59.54 -18.90
C VAL R 666 16.23 -60.35 -19.80
N PRO R 667 16.04 -60.33 -21.11
CA PRO R 667 16.73 -61.28 -22.00
C PRO R 667 18.24 -61.09 -21.96
N HIS R 668 18.94 -62.10 -21.45
CA HIS R 668 20.38 -62.10 -21.49
C HIS R 668 20.86 -62.39 -22.90
N VAL R 669 21.22 -61.35 -23.64
CA VAL R 669 21.72 -61.48 -25.01
C VAL R 669 23.12 -60.88 -25.06
N TYR R 670 24.13 -61.75 -25.09
CA TYR R 670 25.49 -61.27 -25.03
C TYR R 670 25.93 -60.75 -26.39
N ASP R 671 26.91 -59.83 -26.36
CA ASP R 671 27.30 -59.06 -27.51
C ASP R 671 28.41 -59.75 -28.27
N ARG R 672 28.55 -59.39 -29.56
CA ARG R 672 29.62 -59.91 -30.38
C ARG R 672 30.94 -59.21 -30.07
N HIS R 673 30.93 -57.89 -30.00
CA HIS R 673 32.18 -57.13 -29.89
C HIS R 673 32.75 -57.15 -28.48
N ALA R 674 31.90 -57.19 -27.45
CA ALA R 674 32.41 -57.34 -26.10
C ALA R 674 33.08 -58.70 -25.93
N LYS R 675 32.54 -59.74 -26.57
CA LYS R 675 33.21 -61.02 -26.60
C LYS R 675 34.50 -60.97 -27.39
N ALA R 676 34.53 -60.18 -28.47
CA ALA R 676 35.78 -60.03 -29.23
C ALA R 676 36.87 -59.40 -28.39
N LEU R 677 36.55 -58.32 -27.68
CA LEU R 677 37.55 -57.66 -26.84
C LEU R 677 38.09 -58.59 -25.77
N MET R 678 37.25 -59.49 -25.24
CA MET R 678 37.72 -60.42 -24.22
C MET R 678 38.45 -61.62 -24.80
N ILE R 679 38.17 -61.99 -26.06
CA ILE R 679 38.93 -63.07 -26.68
C ILE R 679 40.17 -62.56 -27.40
N GLN R 680 40.40 -61.25 -27.42
CA GLN R 680 41.64 -60.74 -27.97
C GLN R 680 42.81 -61.01 -27.02
N ARG R 681 42.58 -60.83 -25.72
CA ARG R 681 43.54 -61.17 -24.68
C ARG R 681 42.96 -62.29 -23.84
N TYR R 682 43.79 -63.28 -23.50
CA TYR R 682 43.35 -64.54 -22.90
C TYR R 682 42.12 -65.08 -23.64
N GLY R 683 42.31 -65.42 -24.90
CA GLY R 683 41.22 -65.60 -25.84
C GLY R 683 40.13 -66.62 -25.54
N ALA R 684 40.47 -67.91 -25.59
CA ALA R 684 39.44 -68.95 -25.57
C ALA R 684 39.14 -69.44 -24.17
N GLU R 685 40.13 -70.01 -23.49
CA GLU R 685 39.90 -70.49 -22.14
C GLU R 685 39.74 -69.37 -21.15
N GLY R 686 40.27 -68.19 -21.44
CA GLY R 686 40.10 -67.04 -20.56
C GLY R 686 38.65 -66.70 -20.35
N LEU R 687 37.93 -66.39 -21.43
CA LEU R 687 36.50 -66.11 -21.34
C LEU R 687 35.69 -67.30 -20.90
N GLN R 688 36.05 -68.51 -21.35
CA GLN R 688 35.31 -69.70 -21.00
C GLN R 688 35.39 -70.00 -19.52
N GLU R 689 36.47 -69.60 -18.86
CA GLU R 689 36.58 -69.71 -17.41
C GLU R 689 36.02 -68.49 -16.70
N GLY R 690 36.08 -67.32 -17.35
CA GLY R 690 35.57 -66.12 -16.72
C GLY R 690 34.07 -66.15 -16.56
N ILE R 691 33.35 -66.43 -17.64
CA ILE R 691 31.90 -66.51 -17.53
C ILE R 691 31.46 -67.68 -16.65
N ALA R 692 32.35 -68.63 -16.38
CA ALA R 692 32.01 -69.72 -15.47
C ALA R 692 32.16 -69.28 -14.02
N ARG R 693 33.35 -68.78 -13.67
CA ARG R 693 33.59 -68.39 -12.29
C ARG R 693 32.78 -67.16 -11.89
N SER R 694 32.40 -66.32 -12.86
CA SER R 694 31.56 -65.18 -12.50
C SER R 694 30.17 -65.63 -12.08
N TRP R 695 29.71 -66.78 -12.59
CA TRP R 695 28.45 -67.32 -12.11
C TRP R 695 28.65 -68.12 -10.84
N MET R 696 29.76 -68.84 -10.74
CA MET R 696 30.08 -69.55 -9.51
C MET R 696 30.21 -68.61 -8.31
N ASN R 697 30.59 -67.36 -8.53
CA ASN R 697 30.57 -66.38 -7.45
C ASN R 697 29.16 -66.21 -6.90
N SER R 698 28.20 -65.89 -7.75
CA SER R 698 26.83 -65.71 -7.29
C SER R 698 26.26 -67.00 -6.73
N TYR R 699 26.73 -68.15 -7.21
CA TYR R 699 26.21 -69.42 -6.71
C TYR R 699 26.49 -69.59 -5.22
N VAL R 700 27.55 -68.97 -4.71
CA VAL R 700 27.87 -69.05 -3.29
C VAL R 700 27.66 -67.73 -2.57
N SER R 701 27.33 -66.66 -3.27
CA SER R 701 27.17 -65.34 -2.66
C SER R 701 25.72 -65.03 -2.27
N ARG R 702 24.81 -65.96 -2.47
CA ARG R 702 23.42 -65.74 -2.13
C ARG R 702 22.87 -67.03 -1.56
N PRO R 703 21.97 -66.97 -0.58
CA PRO R 703 21.44 -68.19 0.02
C PRO R 703 20.29 -68.80 -0.76
N GLU R 704 19.66 -68.04 -1.65
CA GLU R 704 18.50 -68.54 -2.38
C GLU R 704 18.85 -69.04 -3.77
N VAL R 705 19.78 -68.39 -4.48
CA VAL R 705 20.26 -69.00 -5.72
C VAL R 705 21.00 -70.29 -5.45
N LYS R 706 21.65 -70.41 -4.29
CA LYS R 706 22.25 -71.68 -3.91
C LYS R 706 21.19 -72.78 -3.80
N ALA R 707 19.94 -72.40 -3.50
CA ALA R 707 18.88 -73.38 -3.42
C ALA R 707 18.29 -73.65 -4.79
N ARG R 708 18.08 -72.61 -5.59
CA ARG R 708 17.41 -72.78 -6.86
C ARG R 708 18.33 -73.30 -7.95
N VAL R 709 19.65 -73.39 -7.70
CA VAL R 709 20.51 -74.13 -8.61
C VAL R 709 20.50 -75.61 -8.25
N ASP R 710 20.55 -75.93 -6.96
CA ASP R 710 20.55 -77.32 -6.54
C ASP R 710 19.21 -77.98 -6.84
N GLU R 711 18.11 -77.23 -6.76
CA GLU R 711 16.82 -77.79 -7.13
C GLU R 711 16.79 -78.19 -8.60
N MET R 712 17.57 -77.52 -9.45
CA MET R 712 17.67 -77.90 -10.85
C MET R 712 18.66 -79.04 -11.05
N LEU R 713 19.77 -79.02 -10.33
CA LEU R 713 20.79 -80.04 -10.48
C LEU R 713 20.35 -81.41 -9.98
N LYS R 714 19.63 -81.47 -8.86
CA LYS R 714 19.10 -82.74 -8.38
C LYS R 714 18.23 -83.40 -9.44
N GLU R 715 17.37 -82.63 -10.08
CA GLU R 715 16.43 -83.19 -11.04
C GLU R 715 17.13 -83.75 -12.28
N LEU R 716 18.20 -83.10 -12.74
CA LEU R 716 18.86 -83.56 -13.96
C LEU R 716 19.69 -84.80 -13.70
N HIS R 717 20.71 -84.70 -12.85
CA HIS R 717 21.62 -85.80 -12.62
C HIS R 717 22.13 -85.74 -11.19
N GLY R 718 21.70 -86.69 -10.36
CA GLY R 718 22.23 -86.76 -9.01
C GLY R 718 21.19 -86.85 -7.92
N VAL R 719 21.50 -87.62 -6.88
CA VAL R 719 20.67 -87.75 -5.70
C VAL R 719 20.90 -86.50 -4.85
N LYS R 720 20.08 -86.31 -3.82
CA LYS R 720 19.97 -85.05 -3.08
C LYS R 720 21.29 -84.31 -2.92
N GLU R 721 22.32 -84.96 -2.40
CA GLU R 721 23.59 -84.27 -2.16
C GLU R 721 24.22 -83.86 -3.50
N VAL R 722 24.49 -82.58 -3.64
CA VAL R 722 25.06 -82.04 -4.88
C VAL R 722 26.51 -81.67 -4.62
N THR R 723 27.41 -82.34 -5.32
CA THR R 723 28.84 -82.07 -5.17
C THR R 723 29.18 -80.75 -5.84
N PRO R 724 30.06 -79.93 -5.24
CA PRO R 724 30.50 -78.70 -5.92
C PRO R 724 31.21 -78.95 -7.24
N GLU R 725 31.46 -80.21 -7.61
CA GLU R 725 31.93 -80.51 -8.96
C GLU R 725 30.79 -80.52 -9.96
N MET R 726 29.60 -80.93 -9.53
CA MET R 726 28.44 -80.91 -10.41
C MET R 726 28.14 -79.50 -10.90
N VAL R 727 28.03 -78.55 -9.98
CA VAL R 727 27.74 -77.18 -10.37
C VAL R 727 28.88 -76.60 -11.19
N GLU R 728 30.12 -77.00 -10.91
CA GLU R 728 31.24 -76.51 -11.70
C GLU R 728 31.14 -76.98 -13.15
N LYS R 729 30.88 -78.26 -13.36
CA LYS R 729 30.73 -78.76 -14.72
C LYS R 729 29.53 -78.13 -15.41
N TYR R 730 28.42 -77.97 -14.71
CA TYR R 730 27.24 -77.34 -15.30
C TYR R 730 27.54 -75.92 -15.76
N ALA R 731 28.13 -75.11 -14.87
CA ALA R 731 28.45 -73.74 -15.21
C ALA R 731 29.47 -73.67 -16.35
N MET R 732 30.46 -74.55 -16.33
CA MET R 732 31.47 -74.55 -17.39
C MET R 732 30.82 -74.86 -18.74
N ASP R 733 30.01 -75.91 -18.80
CA ASP R 733 29.42 -76.29 -20.08
C ASP R 733 28.36 -75.31 -20.54
N LYS R 734 27.70 -74.62 -19.62
CA LYS R 734 26.72 -73.63 -20.04
C LYS R 734 27.34 -72.27 -20.31
N ALA R 735 28.57 -72.03 -19.87
CA ALA R 735 29.29 -70.85 -20.31
C ALA R 735 29.98 -71.09 -21.65
N TYR R 736 30.35 -72.34 -21.92
CA TYR R 736 30.92 -72.67 -23.24
C TYR R 736 29.99 -72.29 -24.37
N GLY R 737 28.67 -72.30 -24.14
CA GLY R 737 27.75 -71.88 -25.17
C GLY R 737 27.91 -70.43 -25.57
N ILE R 738 28.39 -69.60 -24.66
CA ILE R 738 28.67 -68.20 -24.95
C ILE R 738 30.14 -67.99 -25.30
N SER R 739 30.99 -68.95 -24.96
CA SER R 739 32.41 -68.78 -25.20
C SER R 739 32.76 -68.89 -26.68
N HIS R 740 32.41 -70.01 -27.31
CA HIS R 740 32.94 -70.33 -28.62
C HIS R 740 31.98 -70.00 -29.75
N SER R 741 30.78 -70.56 -29.76
CA SER R 741 29.86 -70.38 -30.87
C SER R 741 29.01 -69.13 -30.62
N ASP R 742 28.98 -68.23 -31.61
CA ASP R 742 28.23 -66.98 -31.51
C ASP R 742 26.75 -67.28 -31.68
N GLN R 743 26.18 -67.92 -30.68
CA GLN R 743 24.74 -68.17 -30.69
C GLN R 743 23.94 -66.94 -30.34
N PHE R 744 24.57 -65.96 -29.68
CA PHE R 744 23.86 -64.83 -29.10
C PHE R 744 24.53 -63.53 -29.56
N THR R 745 23.77 -62.67 -30.21
CA THR R 745 24.27 -61.39 -30.69
C THR R 745 23.28 -60.26 -30.43
N ASN R 762 13.54 -74.46 -36.54
CA ASN R 762 13.86 -73.18 -35.92
C ASN R 762 14.28 -73.34 -34.47
N ASN R 763 15.05 -72.40 -33.94
CA ASN R 763 15.30 -72.36 -32.49
C ASN R 763 15.40 -70.92 -31.94
N SER R 764 15.49 -70.74 -30.62
CA SER R 764 15.44 -69.37 -30.06
C SER R 764 16.53 -68.95 -29.10
N PHE R 765 16.50 -67.68 -28.71
CA PHE R 765 17.49 -67.17 -27.76
C PHE R 765 16.98 -67.00 -26.34
N LEU R 766 15.77 -67.46 -26.06
CA LEU R 766 15.31 -67.45 -24.66
C LEU R 766 16.23 -68.38 -23.95
N GLU R 767 16.61 -69.45 -24.62
CA GLU R 767 17.46 -70.46 -24.04
C GLU R 767 18.72 -70.05 -23.37
N ALA R 768 19.00 -68.76 -23.25
CA ALA R 768 20.32 -68.46 -22.72
C ALA R 768 20.11 -67.96 -21.34
N ARG R 769 19.03 -68.42 -20.77
CA ARG R 769 18.54 -67.92 -19.51
C ARG R 769 19.14 -68.74 -18.38
N ASN R 770 20.46 -68.91 -18.46
CA ASN R 770 21.18 -69.72 -17.49
C ASN R 770 20.87 -69.26 -16.08
N LEU R 771 20.56 -70.23 -15.22
CA LEU R 771 19.90 -69.96 -13.95
C LEU R 771 20.69 -69.05 -13.03
N PHE R 772 22.03 -69.05 -13.13
CA PHE R 772 22.83 -68.21 -12.25
C PHE R 772 22.47 -66.74 -12.43
N ASP R 773 22.85 -65.95 -11.43
CA ASP R 773 22.76 -64.50 -11.53
C ASP R 773 24.14 -63.95 -11.86
N SER R 774 24.18 -63.00 -12.78
CA SER R 774 25.45 -62.48 -13.29
C SER R 774 25.58 -61.02 -12.87
N ASP R 775 26.07 -60.82 -11.67
CA ASP R 775 26.30 -59.48 -11.13
C ASP R 775 27.70 -59.29 -10.59
N LEU R 776 28.26 -60.32 -9.96
CA LEU R 776 29.55 -60.20 -9.32
C LEU R 776 30.67 -60.43 -10.33
N SER R 777 31.75 -59.67 -10.17
CA SER R 777 32.89 -59.74 -11.06
C SER R 777 34.02 -60.51 -10.38
N ILE R 778 34.69 -61.36 -11.15
CA ILE R 778 35.86 -62.07 -10.68
C ILE R 778 37.09 -61.45 -11.33
N THR R 779 38.22 -61.56 -10.63
CA THR R 779 39.45 -60.91 -11.05
C THR R 779 40.21 -61.79 -12.02
N MET R 780 40.54 -61.24 -13.19
CA MET R 780 41.33 -61.93 -14.18
C MET R 780 42.80 -61.86 -13.80
N PRO R 781 43.62 -62.81 -14.27
CA PRO R 781 45.04 -62.83 -13.88
C PRO R 781 45.81 -61.58 -14.26
N ASP R 782 45.25 -60.70 -15.09
CA ASP R 782 45.89 -59.45 -15.46
C ASP R 782 45.43 -58.29 -14.61
N GLY R 783 44.44 -58.49 -13.74
CA GLY R 783 44.05 -57.45 -12.81
C GLY R 783 42.66 -56.89 -13.01
N GLN R 784 42.24 -56.73 -14.26
CA GLN R 784 40.94 -56.12 -14.55
C GLN R 784 39.80 -56.99 -14.02
N GLN R 785 38.94 -56.38 -13.23
CA GLN R 785 37.75 -57.08 -12.74
C GLN R 785 36.79 -57.33 -13.89
N PHE R 786 36.29 -58.56 -13.98
CA PHE R 786 35.55 -59.01 -15.15
C PHE R 786 34.20 -59.58 -14.70
N SER R 787 33.14 -58.86 -15.00
CA SER R 787 31.78 -59.29 -14.71
C SER R 787 31.21 -60.03 -15.92
N VAL R 788 29.91 -60.28 -15.91
CA VAL R 788 29.21 -60.77 -17.08
C VAL R 788 28.26 -59.74 -17.67
N ASN R 789 27.73 -58.81 -16.86
CA ASN R 789 26.93 -57.72 -17.41
C ASN R 789 27.69 -56.92 -18.46
N ASP R 790 29.03 -56.98 -18.44
CA ASP R 790 29.79 -56.36 -19.51
C ASP R 790 29.68 -57.15 -20.81
N LEU R 791 29.59 -58.47 -20.72
CA LEU R 791 29.27 -59.25 -21.91
C LEU R 791 27.83 -59.04 -22.34
N ARG R 792 26.95 -58.69 -21.41
CA ARG R 792 25.54 -58.55 -21.71
C ARG R 792 25.29 -57.34 -22.61
N ASP R 793 24.05 -57.19 -23.02
CA ASP R 793 23.61 -56.08 -23.87
C ASP R 793 22.35 -55.46 -23.30
N PHE R 794 22.04 -54.28 -23.83
CA PHE R 794 20.96 -53.42 -23.37
C PHE R 794 20.46 -52.62 -24.56
N ASP R 795 19.89 -51.45 -24.30
CA ASP R 795 19.51 -50.42 -25.26
C ASP R 795 18.14 -50.68 -25.89
N MET R 796 17.48 -51.80 -25.60
CA MET R 796 16.08 -52.02 -25.94
C MET R 796 15.74 -51.53 -27.35
N PHE R 797 16.71 -51.61 -28.25
CA PHE R 797 16.54 -51.16 -29.62
C PHE R 797 16.73 -52.30 -30.61
N ARG R 798 17.79 -53.06 -30.46
CA ARG R 798 17.97 -54.34 -31.12
C ARG R 798 17.67 -55.49 -30.18
N ILE R 799 17.13 -55.20 -29.00
CA ILE R 799 16.87 -56.20 -27.97
C ILE R 799 15.37 -56.37 -27.73
N MET R 800 14.68 -55.30 -27.38
CA MET R 800 13.28 -55.44 -27.04
C MET R 800 12.44 -55.84 -28.25
N PRO R 801 12.51 -55.14 -29.39
CA PRO R 801 11.70 -55.56 -30.53
C PRO R 801 12.26 -56.75 -31.29
N ALA R 802 13.46 -57.23 -30.96
CA ALA R 802 13.97 -58.46 -31.53
C ALA R 802 13.73 -59.66 -30.61
N TYR R 803 13.36 -59.38 -29.36
CA TYR R 803 12.92 -60.42 -28.43
C TYR R 803 11.42 -60.59 -28.48
N ASP R 804 10.69 -59.50 -28.64
CA ASP R 804 9.24 -59.57 -28.64
C ASP R 804 8.72 -60.36 -29.82
N ARG R 805 9.36 -60.25 -30.98
CA ARG R 805 8.91 -61.03 -32.13
C ARG R 805 9.14 -62.51 -31.96
N ARG R 806 10.31 -62.92 -31.44
CA ARG R 806 10.53 -64.33 -31.20
C ARG R 806 9.56 -64.88 -30.15
N VAL R 807 9.33 -64.12 -29.08
CA VAL R 807 8.41 -64.57 -28.05
C VAL R 807 6.98 -64.67 -28.60
N ASN R 808 6.56 -63.70 -29.40
CA ASN R 808 5.21 -63.74 -29.96
C ASN R 808 5.06 -64.86 -30.97
N GLY R 809 6.12 -65.20 -31.70
CA GLY R 809 6.04 -66.36 -32.57
C GLY R 809 5.92 -67.65 -31.79
N ASP R 810 6.77 -67.83 -30.78
CA ASP R 810 6.70 -69.05 -30.01
C ASP R 810 5.39 -69.18 -29.24
N ILE R 811 4.87 -68.09 -28.71
CA ILE R 811 3.58 -68.12 -28.02
C ILE R 811 2.46 -68.51 -28.96
N ALA R 812 2.44 -67.95 -30.17
CA ALA R 812 1.36 -68.26 -31.10
C ALA R 812 1.44 -69.71 -31.57
N ILE R 813 2.64 -70.19 -31.90
CA ILE R 813 2.75 -71.58 -32.32
C ILE R 813 2.41 -72.51 -31.15
N MET R 814 2.70 -72.09 -29.92
CA MET R 814 2.29 -72.86 -28.75
C MET R 814 0.78 -72.91 -28.62
N GLY R 815 0.12 -71.75 -28.73
CA GLY R 815 -1.33 -71.72 -28.65
C GLY R 815 -2.01 -72.46 -29.78
N SER R 816 -1.30 -72.66 -30.89
CA SER R 816 -1.86 -73.51 -31.94
C SER R 816 -2.02 -74.93 -31.47
N THR R 817 -0.91 -75.66 -31.30
CA THR R 817 -0.95 -76.99 -30.70
C THR R 817 0.13 -77.22 -29.65
N GLY R 818 1.34 -76.73 -29.89
CA GLY R 818 2.45 -77.11 -29.03
C GLY R 818 3.74 -76.45 -29.43
N LYS R 819 4.85 -77.06 -29.02
CA LYS R 819 6.16 -76.45 -29.11
C LYS R 819 6.49 -76.06 -30.55
N THR R 820 7.28 -75.00 -30.68
CA THR R 820 7.67 -74.50 -31.99
C THR R 820 8.69 -75.38 -32.67
N THR R 821 9.74 -75.78 -32.00
CA THR R 821 10.80 -76.35 -32.79
C THR R 821 10.17 -77.64 -33.12
N LYS R 822 10.20 -78.55 -32.18
CA LYS R 822 10.19 -79.90 -32.60
C LYS R 822 8.86 -80.04 -33.33
N GLU R 823 7.79 -79.63 -32.68
CA GLU R 823 6.52 -80.12 -33.16
C GLU R 823 6.30 -79.54 -34.54
N LEU R 824 6.48 -78.23 -34.64
CA LEU R 824 5.91 -77.59 -35.79
C LEU R 824 6.76 -78.09 -36.92
N LYS R 825 8.05 -78.13 -36.67
CA LYS R 825 8.94 -78.30 -37.78
C LYS R 825 8.65 -79.66 -38.34
N ASP R 826 8.56 -80.61 -37.44
CA ASP R 826 8.58 -81.97 -37.89
C ASP R 826 7.35 -82.08 -38.70
N GLU R 827 6.23 -81.61 -38.15
CA GLU R 827 5.00 -81.91 -38.85
C GLU R 827 4.95 -81.26 -40.22
N ILE R 828 5.36 -80.00 -40.31
CA ILE R 828 5.29 -79.35 -41.61
C ILE R 828 6.19 -80.02 -42.63
N LEU R 829 7.39 -80.39 -42.23
CA LEU R 829 8.25 -81.13 -43.15
C LEU R 829 7.72 -82.50 -43.57
N ALA R 830 7.07 -83.22 -42.66
CA ALA R 830 6.75 -84.60 -42.90
C ALA R 830 5.52 -84.70 -43.77
N LEU R 831 4.90 -83.56 -43.98
CA LEU R 831 3.98 -83.36 -45.09
C LEU R 831 4.74 -83.06 -46.37
N LYS R 832 5.86 -82.36 -46.27
CA LYS R 832 6.68 -82.08 -47.44
C LYS R 832 7.29 -83.36 -48.01
N ALA R 833 8.09 -84.06 -47.21
CA ALA R 833 8.82 -85.25 -47.64
C ALA R 833 7.93 -86.47 -47.81
N LYS R 834 6.65 -86.37 -47.49
CA LYS R 834 5.69 -87.43 -47.74
C LYS R 834 4.80 -87.13 -48.93
N ALA R 835 4.40 -85.87 -49.12
CA ALA R 835 3.49 -85.55 -50.19
C ALA R 835 3.71 -84.14 -50.73
N GLU R 836 4.47 -83.95 -51.82
CA GLU R 836 5.51 -84.80 -52.42
C GLU R 836 6.04 -84.00 -53.60
N GLY R 837 7.01 -84.53 -54.34
CA GLY R 837 7.59 -83.77 -55.43
C GLY R 837 6.60 -83.48 -56.55
N ASP R 838 5.85 -84.49 -56.98
CA ASP R 838 4.97 -84.35 -58.13
C ASP R 838 3.67 -83.65 -57.75
N GLY R 839 3.31 -83.68 -56.47
CA GLY R 839 2.06 -83.13 -55.99
C GLY R 839 1.80 -81.69 -56.37
N LYS R 840 0.72 -81.45 -57.12
CA LYS R 840 0.41 -80.11 -57.58
C LYS R 840 0.04 -79.19 -56.41
N LYS R 841 -0.59 -79.75 -55.38
CA LYS R 841 -1.00 -78.97 -54.22
C LYS R 841 0.01 -79.03 -53.09
N THR R 842 1.29 -79.18 -53.40
CA THR R 842 2.32 -79.14 -52.36
C THR R 842 2.99 -77.78 -52.27
N GLY R 843 3.03 -77.01 -53.35
CA GLY R 843 3.31 -75.60 -53.23
C GLY R 843 2.37 -74.91 -52.25
N GLU R 844 1.15 -75.42 -52.12
CA GLU R 844 0.24 -74.90 -51.11
C GLU R 844 0.68 -75.29 -49.71
N VAL R 845 1.42 -76.40 -49.58
CA VAL R 845 2.06 -76.71 -48.30
C VAL R 845 3.23 -75.79 -48.04
N HIS R 846 4.01 -75.45 -49.07
CA HIS R 846 5.00 -74.41 -48.93
C HIS R 846 4.37 -73.07 -48.57
N ALA R 847 3.12 -72.84 -48.97
CA ALA R 847 2.40 -71.65 -48.53
C ALA R 847 2.27 -71.60 -47.01
N LEU R 848 1.83 -72.70 -46.39
CA LEU R 848 1.72 -72.80 -44.92
C LEU R 848 3.08 -72.75 -44.18
N MET R 849 4.14 -73.22 -44.82
CA MET R 849 5.47 -73.11 -44.22
C MET R 849 5.76 -71.60 -44.10
N ASP R 850 5.34 -70.82 -45.08
CA ASP R 850 5.49 -69.37 -45.02
C ASP R 850 4.68 -68.74 -43.92
N THR R 851 3.50 -69.26 -43.66
CA THR R 851 2.70 -68.75 -42.58
C THR R 851 3.53 -68.95 -41.40
N VAL R 852 4.13 -70.12 -41.30
CA VAL R 852 4.89 -70.37 -40.09
C VAL R 852 6.02 -69.40 -39.97
N LYS R 853 6.74 -69.16 -41.04
CA LYS R 853 7.87 -68.26 -40.87
C LYS R 853 7.37 -66.88 -40.44
N ILE R 854 6.32 -66.37 -41.07
CA ILE R 854 5.88 -65.02 -40.75
C ILE R 854 5.45 -64.94 -39.32
N LEU R 855 4.69 -65.92 -38.87
CA LEU R 855 4.16 -65.86 -37.52
C LEU R 855 5.29 -65.89 -36.57
N THR R 856 6.21 -66.80 -36.79
CA THR R 856 7.29 -66.98 -35.83
C THR R 856 8.07 -65.74 -35.68
N GLY R 857 8.08 -64.93 -36.71
CA GLY R 857 8.91 -63.75 -36.66
C GLY R 857 10.22 -63.68 -37.41
N ARG R 858 10.50 -64.62 -38.29
CA ARG R 858 11.67 -64.45 -39.12
C ARG R 858 11.24 -63.26 -39.93
N ALA R 859 10.02 -63.30 -40.45
CA ALA R 859 9.42 -62.16 -41.16
C ALA R 859 10.02 -61.73 -42.44
N ARG R 860 10.98 -62.49 -42.93
CA ARG R 860 11.51 -62.19 -44.24
C ARG R 860 11.93 -60.72 -44.43
N ARG R 861 12.59 -60.11 -43.44
CA ARG R 861 13.03 -58.69 -43.52
C ARG R 861 12.11 -57.94 -44.43
N ASN R 862 10.92 -57.63 -43.97
CA ASN R 862 9.92 -57.05 -44.83
C ASN R 862 9.58 -55.78 -44.17
N GLN R 863 8.41 -55.72 -43.53
CA GLN R 863 7.94 -54.44 -43.01
C GLN R 863 8.56 -53.38 -43.91
N ASP R 864 8.19 -53.43 -45.19
CA ASP R 864 8.76 -52.58 -46.22
C ASP R 864 8.93 -51.14 -45.74
N THR R 865 7.84 -50.52 -45.30
CA THR R 865 7.88 -49.13 -44.88
C THR R 865 6.87 -48.86 -43.77
N VAL R 866 7.14 -47.83 -42.97
CA VAL R 866 6.11 -47.31 -42.08
C VAL R 866 4.96 -46.77 -42.91
N TRP R 867 5.28 -46.03 -43.96
CA TRP R 867 4.32 -45.14 -44.61
C TRP R 867 3.27 -45.86 -45.43
N GLU R 868 3.61 -46.98 -46.06
CA GLU R 868 2.57 -47.70 -46.79
C GLU R 868 1.50 -48.22 -45.86
N THR R 869 1.81 -48.37 -44.58
CA THR R 869 0.77 -48.67 -43.59
C THR R 869 -0.03 -47.43 -43.25
N SER R 870 0.65 -46.33 -42.93
CA SER R 870 -0.01 -45.09 -42.56
C SER R 870 -0.93 -44.58 -43.66
N LEU R 871 -0.65 -44.93 -44.92
CA LEU R 871 -1.53 -44.50 -46.01
C LEU R 871 -2.94 -45.04 -45.82
N ARG R 872 -3.09 -46.37 -45.78
CA ARG R 872 -4.41 -46.94 -45.53
C ARG R 872 -4.92 -46.58 -44.14
N ALA R 873 -4.03 -46.43 -43.16
CA ALA R 873 -4.48 -46.01 -41.84
C ALA R 873 -5.21 -44.69 -41.91
N ILE R 874 -4.64 -43.69 -42.58
CA ILE R 874 -5.26 -42.39 -42.67
C ILE R 874 -6.47 -42.42 -43.61
N ASN R 875 -6.40 -43.23 -44.67
CA ASN R 875 -7.55 -43.35 -45.55
C ASN R 875 -8.77 -43.84 -44.79
N ASP R 876 -8.61 -44.86 -43.96
CA ASP R 876 -9.72 -45.34 -43.14
C ASP R 876 -10.03 -44.41 -41.99
N LEU R 877 -9.04 -43.68 -41.49
CA LEU R 877 -9.29 -42.75 -40.40
C LEU R 877 -10.15 -41.58 -40.86
N GLY R 878 -10.05 -41.22 -42.13
CA GLY R 878 -10.88 -40.16 -42.67
C GLY R 878 -12.35 -40.46 -42.65
N PHE R 879 -12.72 -41.75 -42.60
CA PHE R 879 -14.12 -42.12 -42.56
C PHE R 879 -14.78 -41.75 -41.25
N PHE R 880 -14.31 -42.29 -40.13
CA PHE R 880 -14.93 -42.12 -38.84
C PHE R 880 -14.55 -40.79 -38.18
N ALA R 881 -13.26 -40.55 -38.01
CA ALA R 881 -12.75 -39.41 -37.24
C ALA R 881 -12.33 -38.30 -38.21
N LYS R 882 -13.21 -37.32 -38.39
CA LYS R 882 -12.94 -36.25 -39.33
C LYS R 882 -12.10 -35.11 -38.74
N ASN R 883 -11.62 -35.25 -37.51
CA ASN R 883 -10.70 -34.25 -36.97
C ASN R 883 -9.27 -34.79 -36.91
N ALA R 884 -9.11 -35.99 -36.36
CA ALA R 884 -7.81 -36.64 -36.44
C ALA R 884 -7.38 -36.85 -37.89
N TYR R 885 -8.34 -36.95 -38.80
CA TYR R 885 -8.02 -37.03 -40.22
C TYR R 885 -7.22 -35.82 -40.65
N MET R 886 -7.68 -34.62 -40.29
CA MET R 886 -6.93 -33.41 -40.64
C MET R 886 -5.64 -33.32 -39.86
N GLY R 887 -5.65 -33.75 -38.59
CA GLY R 887 -4.41 -33.69 -37.81
C GLY R 887 -3.31 -34.54 -38.42
N ALA R 888 -3.62 -35.79 -38.76
CA ALA R 888 -2.64 -36.69 -39.32
C ALA R 888 -2.20 -36.28 -40.72
N GLN R 889 -3.03 -35.53 -41.46
CA GLN R 889 -2.56 -34.99 -42.72
C GLN R 889 -1.60 -33.83 -42.49
N ASN R 890 -1.89 -32.95 -41.54
CA ASN R 890 -1.02 -31.83 -41.30
C ASN R 890 0.35 -32.26 -40.80
N ILE R 891 0.40 -33.23 -39.88
CA ILE R 891 1.71 -33.63 -39.35
C ILE R 891 2.57 -34.24 -40.45
N THR R 892 1.97 -35.12 -41.26
CA THR R 892 2.74 -35.74 -42.34
C THR R 892 3.09 -34.74 -43.43
N GLU R 893 2.24 -33.74 -43.64
CA GLU R 893 2.54 -32.72 -44.63
C GLU R 893 3.71 -31.85 -44.20
N ILE R 894 3.76 -31.47 -42.92
CA ILE R 894 4.93 -30.76 -42.41
C ILE R 894 6.16 -31.66 -42.50
N ALA R 895 6.00 -32.95 -42.21
CA ALA R 895 7.12 -33.88 -42.34
C ALA R 895 7.68 -33.90 -43.75
N GLY R 896 6.81 -33.99 -44.75
CA GLY R 896 7.27 -33.98 -46.12
C GLY R 896 7.85 -32.66 -46.56
N MET R 897 7.28 -31.55 -46.09
CA MET R 897 7.78 -30.25 -46.47
C MET R 897 9.17 -29.99 -45.91
N ILE R 898 9.42 -30.39 -44.66
CA ILE R 898 10.76 -30.19 -44.09
C ILE R 898 11.80 -30.91 -44.93
N VAL R 899 11.55 -32.16 -45.28
CA VAL R 899 12.56 -32.92 -46.02
C VAL R 899 12.67 -32.44 -47.47
N THR R 900 11.57 -32.03 -48.09
CA THR R 900 11.70 -31.49 -49.44
C THR R 900 12.35 -30.12 -49.46
N GLY R 901 12.34 -29.42 -48.33
CA GLY R 901 13.16 -28.22 -48.22
C GLY R 901 14.62 -28.57 -48.05
N ASN R 902 14.91 -29.55 -47.20
CA ASN R 902 16.28 -29.98 -47.01
C ASN R 902 16.92 -30.50 -48.28
N VAL R 903 16.16 -31.15 -49.15
CA VAL R 903 16.75 -31.62 -50.39
C VAL R 903 17.19 -30.45 -51.25
N ARG R 904 16.32 -29.46 -51.46
CA ARG R 904 16.66 -28.31 -52.28
C ARG R 904 17.87 -27.57 -51.72
N ALA R 905 17.81 -27.19 -50.44
CA ALA R 905 18.89 -26.41 -49.85
C ALA R 905 20.22 -27.16 -49.91
N LEU R 906 20.27 -28.36 -49.34
CA LEU R 906 21.50 -29.12 -49.33
C LEU R 906 21.89 -29.64 -50.72
N GLY R 907 21.07 -29.41 -51.73
CA GLY R 907 21.50 -29.68 -53.08
C GLY R 907 22.16 -28.47 -53.70
N HIS R 908 21.64 -27.28 -53.47
CA HIS R 908 22.31 -26.11 -53.99
C HIS R 908 23.62 -25.86 -53.29
N GLY R 909 23.61 -25.85 -51.96
CA GLY R 909 24.82 -25.58 -51.17
C GLY R 909 26.05 -26.45 -51.13
N ILE R 910 25.90 -27.77 -51.16
CA ILE R 910 27.03 -28.66 -51.03
C ILE R 910 27.55 -29.12 -52.37
N PRO R 911 28.85 -28.98 -52.60
CA PRO R 911 29.36 -29.29 -53.93
C PRO R 911 29.26 -30.70 -54.47
N ILE R 912 29.58 -31.73 -53.70
CA ILE R 912 29.54 -33.06 -54.29
C ILE R 912 28.13 -33.41 -54.67
N LEU R 913 27.17 -33.06 -53.83
CA LEU R 913 25.82 -33.30 -54.18
C LEU R 913 25.35 -32.52 -55.40
N ARG R 914 25.66 -31.22 -55.51
CA ARG R 914 25.12 -30.42 -56.62
C ARG R 914 25.49 -30.75 -58.04
N ASP R 915 26.75 -31.02 -58.31
CA ASP R 915 27.08 -31.25 -59.69
C ASP R 915 27.21 -32.69 -60.13
N THR R 916 27.20 -33.63 -59.20
CA THR R 916 27.21 -35.03 -59.62
C THR R 916 26.17 -35.97 -59.05
N LEU R 917 26.08 -36.07 -57.73
CA LEU R 917 25.17 -37.03 -57.15
C LEU R 917 23.74 -36.75 -57.49
N TYR R 918 23.33 -35.49 -57.41
CA TYR R 918 21.94 -35.20 -57.66
C TYR R 918 21.77 -34.87 -59.10
N LYS R 919 22.86 -34.90 -59.86
CA LYS R 919 22.79 -34.56 -61.27
C LYS R 919 22.05 -35.64 -61.99
N SER R 920 21.28 -35.26 -62.98
CA SER R 920 20.48 -36.22 -63.67
C SER R 920 21.18 -37.36 -64.34
N LYS R 921 21.98 -37.10 -65.36
CA LYS R 921 22.51 -38.23 -66.11
C LYS R 921 23.74 -37.80 -66.92
N PRO R 922 24.41 -38.73 -67.64
CA PRO R 922 24.20 -40.18 -67.68
C PRO R 922 24.88 -40.98 -66.56
N VAL R 923 26.15 -40.68 -66.32
CA VAL R 923 27.05 -41.56 -65.56
C VAL R 923 28.27 -40.76 -65.14
N SER R 924 28.76 -41.00 -63.93
CA SER R 924 30.10 -40.55 -63.58
C SER R 924 31.11 -41.56 -64.10
N ALA R 925 32.04 -41.11 -64.92
CA ALA R 925 32.83 -42.02 -65.74
C ALA R 925 33.58 -43.04 -64.90
N LYS R 926 34.53 -42.57 -64.09
CA LYS R 926 35.34 -43.46 -63.27
C LYS R 926 34.90 -43.50 -61.82
N GLU R 927 33.95 -42.65 -61.42
CA GLU R 927 33.46 -42.64 -60.05
C GLU R 927 32.61 -43.86 -59.73
N LEU R 928 32.37 -44.74 -60.71
CA LEU R 928 31.75 -46.02 -60.40
C LEU R 928 32.65 -46.85 -59.49
N LYS R 929 33.94 -46.89 -59.80
CA LYS R 929 34.90 -47.57 -58.92
C LYS R 929 34.96 -46.94 -57.54
N GLU R 930 34.56 -45.68 -57.42
CA GLU R 930 34.47 -45.03 -56.11
C GLU R 930 33.11 -45.16 -55.46
N LEU R 931 32.03 -45.16 -56.24
CA LEU R 931 30.72 -45.37 -55.67
C LEU R 931 30.56 -46.78 -55.11
N HIS R 932 31.09 -47.78 -55.83
CA HIS R 932 31.08 -49.14 -55.31
C HIS R 932 31.73 -49.20 -53.93
N ALA R 933 32.94 -48.65 -53.81
CA ALA R 933 33.64 -48.67 -52.53
C ALA R 933 32.92 -47.86 -51.47
N SER R 934 32.31 -46.73 -51.84
CA SER R 934 31.58 -45.95 -50.87
C SER R 934 30.40 -46.73 -50.29
N LEU R 935 29.65 -47.42 -51.16
CA LEU R 935 28.53 -48.21 -50.66
C LEU R 935 29.01 -49.42 -49.88
N PHE R 936 30.08 -50.08 -50.34
CA PHE R 936 30.65 -51.19 -49.60
C PHE R 936 31.13 -50.76 -48.23
N GLY R 937 31.54 -49.50 -48.08
CA GLY R 937 31.87 -49.00 -46.76
C GLY R 937 30.71 -49.00 -45.80
N LYS R 938 29.56 -48.47 -46.23
CA LYS R 938 28.38 -48.49 -45.38
C LYS R 938 27.88 -49.92 -45.15
N GLU R 939 28.14 -50.83 -46.08
CA GLU R 939 27.81 -52.23 -45.83
C GLU R 939 28.70 -52.82 -44.75
N VAL R 940 30.01 -52.64 -44.88
CA VAL R 940 30.95 -53.24 -43.94
C VAL R 940 30.81 -52.63 -42.54
N ASP R 941 30.51 -51.33 -42.44
CA ASP R 941 30.32 -50.75 -41.12
C ASP R 941 29.15 -51.39 -40.40
N GLN R 942 27.99 -51.46 -41.06
CA GLN R 942 26.84 -52.12 -40.45
C GLN R 942 27.12 -53.60 -40.20
N LEU R 943 28.06 -54.19 -40.91
CA LEU R 943 28.39 -55.59 -40.66
C LEU R 943 29.35 -55.76 -39.49
N ILE R 944 30.14 -54.74 -39.17
CA ILE R 944 31.22 -54.93 -38.20
C ILE R 944 31.01 -54.13 -36.92
N ARG R 945 30.45 -52.92 -37.02
CA ARG R 945 30.47 -51.99 -35.90
C ARG R 945 29.97 -52.64 -34.61
N PRO R 946 30.54 -52.28 -33.46
CA PRO R 946 30.09 -52.86 -32.19
C PRO R 946 28.69 -52.41 -31.85
N LYS R 947 27.73 -53.32 -31.91
CA LYS R 947 26.33 -52.96 -31.74
C LYS R 947 26.03 -52.66 -30.27
N ARG R 948 26.63 -51.59 -29.78
CA ARG R 948 26.37 -51.07 -28.45
C ARG R 948 26.57 -49.56 -28.49
N ALA R 949 26.61 -48.95 -27.33
CA ALA R 949 26.91 -47.53 -27.25
C ALA R 949 28.04 -47.22 -26.27
N ASP R 950 28.08 -47.87 -25.12
CA ASP R 950 29.15 -47.66 -24.16
C ASP R 950 30.39 -48.49 -24.46
N ILE R 951 30.45 -49.10 -25.63
CA ILE R 951 31.66 -49.79 -26.06
C ILE R 951 32.34 -49.11 -27.24
N VAL R 952 31.68 -48.13 -27.86
CA VAL R 952 32.28 -47.41 -28.97
C VAL R 952 33.01 -46.16 -28.51
N GLN R 953 32.33 -45.28 -27.75
CA GLN R 953 33.01 -44.06 -27.33
C GLN R 953 34.08 -44.36 -26.29
N ARG R 954 33.86 -45.34 -25.43
CA ARG R 954 34.90 -45.73 -24.47
C ARG R 954 36.11 -46.31 -25.18
N LEU R 955 35.90 -47.13 -26.22
CA LEU R 955 37.01 -47.65 -26.99
C LEU R 955 37.71 -46.54 -27.77
N ARG R 956 36.96 -45.53 -28.18
CA ARG R 956 37.55 -44.43 -28.93
C ARG R 956 38.40 -43.52 -28.04
N GLU R 957 37.92 -43.21 -26.83
CA GLU R 957 38.64 -42.37 -25.91
C GLU R 957 39.62 -43.13 -25.05
N ALA R 958 39.69 -44.46 -25.17
CA ALA R 958 40.70 -45.22 -24.46
C ALA R 958 42.09 -45.03 -25.03
N THR R 959 42.21 -44.41 -26.20
CA THR R 959 43.54 -44.16 -26.77
C THR R 959 44.15 -42.91 -26.16
N ASP R 960 43.31 -42.00 -25.64
CA ASP R 960 43.81 -40.81 -24.98
C ASP R 960 44.13 -41.08 -23.51
N SER R 983 31.66 -28.08 -34.66
CA SER R 983 31.34 -29.19 -35.56
C SER R 983 32.46 -30.23 -35.62
N PRO R 984 33.73 -29.80 -35.68
CA PRO R 984 34.81 -30.78 -35.61
C PRO R 984 35.17 -31.19 -34.19
N TRP R 985 34.30 -30.88 -33.22
CA TRP R 985 34.64 -31.10 -31.83
C TRP R 985 33.40 -31.58 -31.09
N THR R 986 33.47 -32.79 -30.55
CA THR R 986 32.32 -33.44 -29.94
C THR R 986 31.95 -32.87 -28.58
N LYS R 987 32.68 -31.86 -28.10
CA LYS R 987 32.30 -31.24 -26.84
C LYS R 987 31.11 -30.32 -27.03
N LEU R 988 30.96 -29.74 -28.22
CA LEU R 988 29.82 -28.91 -28.54
C LEU R 988 29.12 -29.50 -29.76
N LEU R 989 27.83 -29.17 -29.89
CA LEU R 989 27.00 -29.64 -30.99
C LEU R 989 27.29 -31.10 -31.33
N ASN R 990 27.09 -31.96 -30.35
CA ASN R 990 27.47 -33.35 -30.47
C ASN R 990 26.59 -34.10 -31.47
N GLY R 991 25.37 -33.62 -31.68
CA GLY R 991 24.45 -34.30 -32.58
C GLY R 991 25.00 -34.45 -33.99
N THR R 992 25.52 -33.35 -34.55
CA THR R 992 26.04 -33.43 -35.92
C THR R 992 27.38 -34.16 -35.96
N THR R 993 28.19 -34.02 -34.90
CA THR R 993 29.46 -34.71 -34.87
C THR R 993 29.28 -36.21 -34.86
N ASN R 994 28.25 -36.70 -34.15
CA ASN R 994 27.99 -38.14 -34.16
C ASN R 994 27.65 -38.65 -35.56
N TYR R 995 26.73 -37.97 -36.25
CA TYR R 995 26.39 -38.37 -37.60
C TYR R 995 27.60 -38.30 -38.52
N LEU R 996 28.40 -37.24 -38.41
CA LEU R 996 29.54 -37.10 -39.31
C LEU R 996 30.62 -38.13 -39.00
N LEU R 997 30.77 -38.52 -37.74
CA LEU R 997 31.69 -39.59 -37.42
C LEU R 997 31.21 -40.91 -37.98
N ASP R 998 29.98 -41.30 -37.68
CA ASP R 998 29.42 -42.52 -38.25
C ASP R 998 29.12 -42.40 -39.73
N ALA R 999 29.49 -41.29 -40.36
CA ALA R 999 29.45 -41.18 -41.82
C ALA R 999 30.84 -41.26 -42.46
N ALA R 1000 31.75 -40.37 -42.08
CA ALA R 1000 33.10 -40.37 -42.65
C ALA R 1000 33.83 -41.67 -42.42
N ARG R 1001 33.44 -42.41 -41.38
CA ARG R 1001 34.11 -43.68 -41.10
C ARG R 1001 33.87 -44.69 -42.20
N GLN R 1002 32.66 -44.76 -42.75
CA GLN R 1002 32.42 -45.70 -43.84
C GLN R 1002 33.22 -45.31 -45.07
N GLY R 1003 33.32 -44.02 -45.36
CA GLY R 1003 34.15 -43.58 -46.48
C GLY R 1003 35.60 -43.97 -46.30
N MET R 1004 36.17 -43.68 -45.12
CA MET R 1004 37.56 -44.05 -44.87
C MET R 1004 37.76 -45.55 -44.96
N LEU R 1005 36.82 -46.32 -44.38
CA LEU R 1005 36.91 -47.77 -44.42
C LEU R 1005 36.84 -48.32 -45.83
N GLY R 1006 35.88 -47.87 -46.63
CA GLY R 1006 35.81 -48.33 -48.01
C GLY R 1006 37.02 -47.93 -48.81
N ASP R 1007 37.59 -46.77 -48.52
CA ASP R 1007 38.82 -46.37 -49.17
C ASP R 1007 39.96 -47.32 -48.81
N VAL R 1008 40.07 -47.68 -47.53
CA VAL R 1008 41.11 -48.60 -47.11
C VAL R 1008 40.95 -49.96 -47.78
N ILE R 1009 39.71 -50.41 -47.93
CA ILE R 1009 39.48 -51.70 -48.59
C ILE R 1009 39.82 -51.61 -50.08
N SER R 1010 39.30 -50.60 -50.77
CA SER R 1010 39.49 -50.50 -52.21
C SER R 1010 40.95 -50.30 -52.57
N ALA R 1011 41.64 -49.41 -51.83
CA ALA R 1011 43.05 -49.20 -52.08
C ALA R 1011 43.83 -50.50 -51.93
N THR R 1012 43.70 -51.17 -50.78
CA THR R 1012 44.43 -52.41 -50.56
C THR R 1012 44.05 -53.48 -51.56
N LEU R 1013 42.76 -53.55 -51.89
CA LEU R 1013 42.21 -54.66 -52.71
C LEU R 1013 43.02 -55.47 -53.68
N THR R 1014 42.79 -55.21 -54.95
CA THR R 1014 43.80 -55.54 -55.93
C THR R 1014 44.27 -54.20 -56.43
N GLY R 1015 45.57 -54.04 -56.62
CA GLY R 1015 46.06 -52.72 -56.99
C GLY R 1015 46.42 -52.12 -55.66
N LYS R 1016 47.28 -51.11 -55.65
CA LYS R 1016 47.71 -50.59 -54.38
C LYS R 1016 47.81 -49.09 -54.30
N THR R 1017 47.52 -48.54 -53.13
CA THR R 1017 47.66 -47.12 -52.90
C THR R 1017 47.80 -47.13 -51.39
N THR R 1018 49.00 -46.95 -50.89
CA THR R 1018 49.23 -47.07 -49.46
C THR R 1018 49.51 -45.73 -48.83
N ARG R 1019 48.49 -44.87 -48.71
CA ARG R 1019 48.67 -43.60 -48.01
C ARG R 1019 48.51 -43.98 -46.58
N TRP R 1020 47.54 -44.83 -46.33
CA TRP R 1020 47.28 -45.26 -44.98
C TRP R 1020 48.36 -46.13 -44.33
N GLU R 1021 48.97 -47.04 -45.07
CA GLU R 1021 49.95 -47.95 -44.44
C GLU R 1021 51.10 -47.17 -43.88
N LYS R 1022 51.58 -46.16 -44.60
CA LYS R 1022 52.61 -45.34 -44.02
C LYS R 1022 51.95 -44.17 -43.33
N GLU R 1023 51.58 -44.36 -42.07
CA GLU R 1023 50.97 -43.28 -41.34
C GLU R 1023 51.56 -43.06 -39.98
N GLY R 1024 51.57 -41.81 -39.52
CA GLY R 1024 52.07 -41.47 -38.20
C GLY R 1024 50.83 -41.40 -37.36
N PHE R 1025 49.71 -41.83 -37.92
CA PHE R 1025 48.45 -41.83 -37.21
C PHE R 1025 48.44 -43.27 -36.75
N LEU R 1026 49.65 -43.82 -36.58
CA LEU R 1026 49.81 -45.21 -36.20
C LEU R 1026 49.47 -45.47 -34.78
N ARG R 1027 48.28 -45.09 -34.36
CA ARG R 1027 47.89 -45.39 -33.02
C ARG R 1027 46.72 -46.36 -33.01
N GLY R 1028 46.82 -47.41 -32.22
CA GLY R 1028 45.77 -48.40 -32.19
C GLY R 1028 46.07 -49.35 -33.33
N ALA R 1029 47.03 -49.02 -34.16
CA ALA R 1029 47.43 -49.92 -35.22
C ALA R 1029 48.94 -49.88 -35.35
N SER R 1030 49.58 -50.95 -34.97
CA SER R 1030 51.02 -51.03 -35.07
C SER R 1030 51.36 -51.52 -36.44
N VAL R 1031 52.64 -51.57 -36.77
CA VAL R 1031 53.02 -52.14 -38.05
C VAL R 1031 52.32 -53.45 -38.30
N THR R 1032 52.33 -54.37 -37.33
CA THR R 1032 51.77 -55.69 -37.63
C THR R 1032 50.27 -55.67 -37.76
N PRO R 1033 49.57 -54.99 -36.83
CA PRO R 1033 48.12 -54.97 -37.06
C PRO R 1033 47.77 -54.30 -38.38
N GLU R 1034 48.46 -53.22 -38.78
CA GLU R 1034 48.14 -52.53 -40.01
C GLU R 1034 48.32 -53.45 -41.17
N GLN R 1035 49.43 -54.17 -41.15
CA GLN R 1035 49.70 -55.05 -42.26
C GLN R 1035 48.63 -56.14 -42.33
N MET R 1036 48.21 -56.62 -41.18
CA MET R 1036 47.16 -57.62 -41.17
C MET R 1036 45.85 -57.09 -41.71
N ALA R 1037 45.49 -55.87 -41.33
CA ALA R 1037 44.23 -55.31 -41.75
C ALA R 1037 44.25 -55.34 -43.24
N GLY R 1038 45.43 -55.49 -43.80
CA GLY R 1038 45.56 -55.58 -45.25
C GLY R 1038 45.24 -56.94 -45.82
N ILE R 1039 45.77 -58.00 -45.21
CA ILE R 1039 45.55 -59.35 -45.74
C ILE R 1039 44.13 -59.81 -45.45
N LYS R 1040 43.56 -59.40 -44.32
CA LYS R 1040 42.18 -59.73 -44.05
C LYS R 1040 41.25 -59.04 -45.06
N SER R 1041 41.61 -57.83 -45.48
CA SER R 1041 40.82 -57.17 -46.51
C SER R 1041 41.01 -57.83 -47.86
N LEU R 1042 42.24 -58.22 -48.18
CA LEU R 1042 42.52 -58.80 -49.49
C LEU R 1042 41.89 -60.17 -49.65
N ILE R 1043 41.83 -60.96 -48.58
CA ILE R 1043 41.32 -62.33 -48.69
C ILE R 1043 39.82 -62.38 -48.97
N LYS R 1044 39.11 -61.32 -48.62
CA LYS R 1044 37.66 -61.39 -48.73
C LYS R 1044 36.90 -60.63 -49.80
N GLU R 1045 37.55 -59.80 -50.60
CA GLU R 1045 36.78 -59.15 -51.66
C GLU R 1045 37.54 -58.94 -52.97
N HIS R 1046 36.82 -58.84 -54.10
CA HIS R 1046 37.47 -58.54 -55.38
C HIS R 1046 36.73 -57.49 -56.19
N MET R 1047 37.46 -56.64 -56.89
CA MET R 1047 36.87 -55.52 -57.64
C MET R 1047 35.44 -55.73 -58.12
N PHE R 1055 32.97 -53.72 -55.14
CA PHE R 1055 33.47 -55.05 -54.85
C PHE R 1055 32.64 -55.62 -53.75
N THR R 1056 31.43 -56.00 -54.08
CA THR R 1056 30.53 -56.47 -53.05
C THR R 1056 30.74 -57.93 -52.81
N VAL R 1057 31.80 -58.23 -52.11
CA VAL R 1057 32.08 -59.61 -51.83
C VAL R 1057 32.20 -59.85 -50.33
N LYS R 1058 31.52 -60.86 -49.82
CA LYS R 1058 31.62 -61.25 -48.42
C LYS R 1058 31.84 -60.19 -47.30
N ASP R 1059 30.84 -59.76 -46.50
CA ASP R 1059 29.61 -60.45 -46.07
C ASP R 1059 29.68 -61.97 -45.88
N LYS R 1060 30.49 -62.40 -44.93
CA LYS R 1060 30.59 -63.79 -44.55
C LYS R 1060 30.59 -63.88 -43.03
N GLN R 1061 30.05 -64.98 -42.51
CA GLN R 1061 30.06 -65.20 -41.07
C GLN R 1061 31.49 -65.20 -40.52
N ALA R 1062 32.41 -65.89 -41.20
CA ALA R 1062 33.80 -65.86 -40.79
C ALA R 1062 34.44 -64.50 -40.98
N PHE R 1063 33.89 -63.66 -41.87
CA PHE R 1063 34.41 -62.32 -42.05
C PHE R 1063 34.21 -61.47 -40.80
N SER R 1064 33.12 -61.72 -40.06
CA SER R 1064 32.85 -60.98 -38.84
C SER R 1064 33.46 -61.65 -37.61
N MET R 1065 33.34 -62.97 -37.51
CA MET R 1065 33.94 -63.72 -36.40
C MET R 1065 35.43 -63.92 -36.64
N ASP R 1066 36.13 -62.79 -36.84
CA ASP R 1066 37.56 -62.77 -37.07
C ASP R 1066 38.20 -61.88 -36.02
N PRO R 1067 39.06 -62.42 -35.16
CA PRO R 1067 39.63 -61.61 -34.07
C PRO R 1067 40.41 -60.41 -34.56
N ARG R 1068 40.95 -60.44 -35.78
CA ARG R 1068 41.70 -59.32 -36.32
C ARG R 1068 40.83 -58.30 -37.03
N ALA R 1069 39.54 -58.58 -37.22
CA ALA R 1069 38.68 -57.69 -38.00
C ALA R 1069 38.28 -56.45 -37.21
N MET R 1070 38.37 -56.48 -35.89
CA MET R 1070 38.02 -55.29 -35.11
C MET R 1070 39.10 -54.22 -35.26
N ASP R 1071 40.32 -54.63 -35.56
CA ASP R 1071 41.38 -53.66 -35.84
C ASP R 1071 41.06 -52.82 -37.06
N LEU R 1072 40.37 -53.38 -38.05
CA LEU R 1072 39.95 -52.60 -39.20
C LEU R 1072 38.95 -51.51 -38.80
N TRP R 1073 37.91 -51.88 -38.06
CA TRP R 1073 36.95 -50.91 -37.56
C TRP R 1073 37.66 -49.82 -36.77
N ARG R 1074 38.61 -50.20 -35.91
CA ARG R 1074 39.29 -49.21 -35.08
C ARG R 1074 40.18 -48.28 -35.89
N LEU R 1075 40.96 -48.83 -36.82
CA LEU R 1075 41.72 -48.00 -37.76
C LEU R 1075 40.81 -46.98 -38.43
N ALA R 1076 39.68 -47.45 -38.99
CA ALA R 1076 38.80 -46.56 -39.72
C ALA R 1076 38.22 -45.47 -38.84
N ASP R 1077 37.70 -45.82 -37.67
CA ASP R 1077 37.09 -44.80 -36.83
C ASP R 1077 38.13 -43.82 -36.31
N LYS R 1078 39.32 -44.31 -35.95
CA LYS R 1078 40.33 -43.39 -35.44
C LYS R 1078 40.82 -42.44 -36.52
N VAL R 1079 40.95 -42.93 -37.76
CA VAL R 1079 41.32 -42.02 -38.83
C VAL R 1079 40.20 -41.02 -39.08
N ALA R 1080 38.94 -41.47 -39.04
CA ALA R 1080 37.83 -40.57 -39.28
C ALA R 1080 37.66 -39.53 -38.19
N ASP R 1081 38.15 -39.80 -36.98
CA ASP R 1081 38.12 -38.81 -35.91
C ASP R 1081 39.44 -38.09 -35.71
N GLU R 1082 40.48 -38.47 -36.43
CA GLU R 1082 41.77 -37.80 -36.35
C GLU R 1082 42.03 -36.85 -37.50
N ALA R 1083 41.64 -37.22 -38.72
CA ALA R 1083 41.94 -36.41 -39.90
C ALA R 1083 40.69 -35.78 -40.49
N MET R 1084 39.65 -36.57 -40.72
CA MET R 1084 38.50 -36.08 -41.47
C MET R 1084 37.59 -35.18 -40.65
N LEU R 1085 37.64 -35.26 -39.32
CA LEU R 1085 36.63 -34.60 -38.51
C LEU R 1085 37.21 -33.93 -37.27
N ARG R 1086 38.53 -33.83 -37.15
CA ARG R 1086 39.01 -33.00 -36.06
C ARG R 1086 40.10 -32.01 -36.48
N PRO R 1087 39.97 -31.31 -37.61
CA PRO R 1087 40.60 -29.99 -37.70
C PRO R 1087 39.60 -28.90 -37.40
N HIS R 1088 40.02 -27.81 -36.76
CA HIS R 1088 39.11 -26.73 -36.44
C HIS R 1088 38.83 -25.82 -37.63
N LYS R 1089 39.19 -26.23 -38.84
CA LYS R 1089 38.91 -25.46 -40.04
C LYS R 1089 38.80 -26.40 -41.23
N VAL R 1090 37.85 -26.12 -42.11
CA VAL R 1090 37.75 -26.84 -43.36
C VAL R 1090 38.81 -26.28 -44.28
N SER R 1091 39.26 -27.07 -45.24
CA SER R 1091 40.38 -26.67 -46.08
C SER R 1091 40.36 -27.41 -47.41
N LEU R 1092 41.46 -27.32 -48.15
CA LEU R 1092 41.69 -28.16 -49.31
C LEU R 1092 42.61 -29.30 -48.86
N GLN R 1093 42.02 -30.30 -48.22
CA GLN R 1093 42.80 -31.45 -47.78
C GLN R 1093 42.59 -32.64 -48.71
N ASP R 1094 41.35 -33.06 -48.92
CA ASP R 1094 41.02 -34.11 -49.87
C ASP R 1094 39.79 -33.66 -50.67
N SER R 1095 40.04 -32.88 -51.72
CA SER R 1095 39.09 -32.63 -52.78
C SER R 1095 39.66 -32.99 -54.14
N HIS R 1096 40.96 -33.30 -54.19
CA HIS R 1096 41.59 -34.00 -55.31
C HIS R 1096 42.19 -35.29 -54.76
N ALA R 1097 41.47 -35.94 -53.86
CA ALA R 1097 41.91 -37.19 -53.27
C ALA R 1097 40.76 -37.93 -52.61
N PHE R 1098 41.07 -39.04 -51.94
CA PHE R 1098 40.05 -39.92 -51.38
C PHE R 1098 39.27 -39.22 -50.28
N GLY R 1099 37.96 -39.49 -50.23
CA GLY R 1099 37.32 -40.39 -51.17
C GLY R 1099 35.98 -39.87 -51.65
N ALA R 1100 35.19 -40.74 -52.28
CA ALA R 1100 33.90 -40.32 -52.79
C ALA R 1100 32.99 -39.87 -51.66
N LEU R 1101 32.87 -40.67 -50.61
CA LEU R 1101 32.10 -40.27 -49.43
C LEU R 1101 32.91 -39.36 -48.52
N GLY R 1102 34.24 -39.47 -48.56
CA GLY R 1102 35.07 -38.59 -47.77
C GLY R 1102 34.88 -37.14 -48.12
N LYS R 1103 34.87 -36.82 -49.42
CA LYS R 1103 34.61 -35.44 -49.81
C LYS R 1103 33.18 -35.02 -49.49
N MET R 1104 32.22 -35.94 -49.59
CA MET R 1104 30.84 -35.59 -49.26
C MET R 1104 30.72 -35.18 -47.80
N VAL R 1105 31.28 -35.98 -46.90
CA VAL R 1105 31.23 -35.60 -45.49
C VAL R 1105 32.12 -34.40 -45.18
N MET R 1106 33.23 -34.24 -45.90
CA MET R 1106 34.04 -33.05 -45.71
C MET R 1106 33.29 -31.81 -46.12
N GLN R 1107 32.57 -31.88 -47.24
CA GLN R 1107 31.78 -30.73 -47.65
C GLN R 1107 30.55 -30.53 -46.79
N PHE R 1108 30.06 -31.60 -46.15
CA PHE R 1108 28.98 -31.41 -45.17
C PHE R 1108 29.49 -30.68 -43.94
N LYS R 1109 30.68 -31.05 -43.47
CA LYS R 1109 31.30 -30.28 -42.38
C LYS R 1109 31.58 -28.85 -42.81
N SER R 1110 31.98 -28.66 -44.06
CA SER R 1110 32.18 -27.30 -44.58
C SER R 1110 30.89 -26.50 -44.58
N PHE R 1111 29.78 -27.10 -45.02
CA PHE R 1111 28.50 -26.41 -44.94
C PHE R 1111 28.11 -26.14 -43.51
N THR R 1112 28.42 -27.06 -42.60
CA THR R 1112 28.10 -26.84 -41.19
C THR R 1112 28.84 -25.63 -40.65
N ILE R 1113 30.13 -25.53 -40.92
CA ILE R 1113 30.89 -24.38 -40.45
C ILE R 1113 30.43 -23.11 -41.14
N LYS R 1114 30.16 -23.17 -42.44
CA LYS R 1114 29.69 -22.00 -43.17
C LYS R 1114 28.39 -21.47 -42.63
N SER R 1115 27.43 -22.36 -42.35
CA SER R 1115 26.17 -21.92 -41.76
C SER R 1115 26.38 -21.38 -40.36
N LEU R 1116 27.22 -22.06 -39.59
CA LEU R 1116 27.47 -21.65 -38.21
C LEU R 1116 28.18 -20.30 -38.12
N ASN R 1117 28.61 -19.74 -39.25
CA ASN R 1117 29.22 -18.42 -39.31
C ASN R 1117 28.29 -17.38 -39.92
N SER R 1118 27.04 -17.73 -40.09
CA SER R 1118 26.13 -16.82 -40.76
C SER R 1118 25.90 -15.71 -39.84
N LYS R 1119 25.32 -14.65 -40.38
CA LYS R 1119 24.93 -13.58 -39.56
C LYS R 1119 23.84 -14.03 -38.59
N PHE R 1120 22.84 -14.80 -39.03
CA PHE R 1120 21.73 -15.06 -38.10
C PHE R 1120 22.16 -15.85 -36.94
N LEU R 1121 22.89 -16.89 -37.20
CA LEU R 1121 23.21 -17.90 -36.21
C LEU R 1121 24.29 -17.43 -35.25
N ARG R 1122 25.29 -16.69 -35.75
CA ARG R 1122 26.31 -16.16 -34.86
C ARG R 1122 25.73 -15.15 -33.88
N THR R 1123 24.87 -14.25 -34.38
CA THR R 1123 24.23 -13.28 -33.50
C THR R 1123 23.24 -13.92 -32.55
N PHE R 1124 22.75 -15.11 -32.87
CA PHE R 1124 21.90 -15.83 -31.94
C PHE R 1124 22.72 -16.52 -30.87
N TYR R 1125 23.85 -17.12 -31.21
CA TYR R 1125 24.72 -17.72 -30.18
C TYR R 1125 25.27 -16.69 -29.22
N ASP R 1126 25.78 -15.57 -29.70
CA ASP R 1126 26.41 -14.60 -28.80
C ASP R 1126 25.41 -14.10 -27.82
N GLY R 1127 24.23 -13.86 -28.29
CA GLY R 1127 23.21 -13.44 -27.40
C GLY R 1127 22.76 -14.47 -26.40
N TYR R 1128 22.56 -15.72 -26.81
CA TYR R 1128 22.00 -16.68 -25.87
C TYR R 1128 22.81 -17.90 -25.57
N LYS R 1129 23.97 -18.06 -26.16
CA LYS R 1129 24.72 -19.29 -26.01
C LYS R 1129 23.90 -20.48 -26.50
N ASN R 1130 23.43 -21.35 -25.63
CA ASN R 1130 22.57 -22.44 -26.05
C ASN R 1130 23.10 -23.34 -27.08
N ASN R 1131 24.26 -23.89 -26.85
CA ASN R 1131 24.80 -24.86 -27.76
C ASN R 1131 23.91 -26.06 -27.93
N ARG R 1132 22.68 -26.07 -27.44
CA ARG R 1132 21.91 -27.28 -27.72
C ARG R 1132 20.94 -26.99 -28.86
N ALA R 1133 20.51 -25.73 -28.99
CA ALA R 1133 19.59 -25.39 -30.06
C ALA R 1133 20.25 -25.51 -31.42
N ILE R 1134 21.43 -24.93 -31.61
CA ILE R 1134 22.12 -25.11 -32.87
C ILE R 1134 22.51 -26.56 -33.10
N ASP R 1135 22.68 -27.33 -32.02
CA ASP R 1135 22.87 -28.77 -32.18
C ASP R 1135 21.65 -29.41 -32.81
N ALA R 1136 20.48 -29.19 -32.23
CA ALA R 1136 19.26 -29.79 -32.76
C ALA R 1136 18.89 -29.18 -34.11
N ALA R 1137 19.49 -28.06 -34.47
CA ALA R 1137 19.30 -27.53 -35.82
C ALA R 1137 20.20 -28.26 -36.82
N LEU R 1138 21.51 -28.23 -36.59
CA LEU R 1138 22.48 -28.83 -37.49
C LEU R 1138 22.47 -30.35 -37.45
N SER R 1139 21.69 -30.95 -36.56
CA SER R 1139 21.56 -32.41 -36.59
C SER R 1139 20.57 -32.86 -37.65
N ILE R 1140 19.40 -32.23 -37.73
CA ILE R 1140 18.42 -32.60 -38.73
C ILE R 1140 18.97 -32.36 -40.13
N ILE R 1141 19.66 -31.25 -40.33
CA ILE R 1141 20.22 -30.94 -41.65
C ILE R 1141 21.13 -32.07 -42.11
N THR R 1142 22.11 -32.43 -41.30
CA THR R 1142 23.04 -33.49 -41.65
C THR R 1142 22.38 -34.85 -41.74
N SER R 1143 21.36 -35.13 -40.92
CA SER R 1143 20.66 -36.40 -41.04
C SER R 1143 20.00 -36.53 -42.40
N MET R 1144 19.14 -35.57 -42.75
CA MET R 1144 18.49 -35.62 -44.06
C MET R 1144 19.50 -35.52 -45.20
N GLY R 1145 20.63 -34.86 -44.97
CA GLY R 1145 21.63 -34.75 -46.02
C GLY R 1145 22.31 -36.06 -46.31
N LEU R 1146 22.83 -36.72 -45.27
CA LEU R 1146 23.37 -38.06 -45.49
C LEU R 1146 22.30 -39.01 -46.01
N ALA R 1147 21.05 -38.80 -45.60
CA ALA R 1147 19.95 -39.57 -46.17
C ALA R 1147 19.91 -39.45 -47.68
N GLY R 1148 19.77 -38.23 -48.20
CA GLY R 1148 19.82 -38.03 -49.62
C GLY R 1148 21.09 -38.52 -50.28
N GLY R 1149 22.22 -38.39 -49.60
CA GLY R 1149 23.48 -38.77 -50.22
C GLY R 1149 23.60 -40.26 -50.41
N PHE R 1150 23.31 -41.04 -49.38
CA PHE R 1150 23.43 -42.48 -49.48
C PHE R 1150 22.42 -43.08 -50.44
N TYR R 1151 21.32 -42.38 -50.70
CA TYR R 1151 20.39 -42.85 -51.72
C TYR R 1151 20.83 -42.46 -53.12
N ALA R 1152 21.29 -41.22 -53.29
CA ALA R 1152 21.76 -40.79 -54.59
C ALA R 1152 22.96 -41.61 -55.06
N MET R 1153 23.87 -41.93 -54.15
CA MET R 1153 25.04 -42.71 -54.56
C MET R 1153 24.65 -44.09 -55.04
N ALA R 1154 23.68 -44.73 -54.37
CA ALA R 1154 23.23 -46.04 -54.82
C ALA R 1154 22.43 -45.94 -56.11
N ALA R 1155 21.78 -44.80 -56.32
CA ALA R 1155 20.96 -44.63 -57.52
C ALA R 1155 21.80 -44.76 -58.79
N HIS R 1156 22.98 -44.14 -58.82
CA HIS R 1156 23.81 -44.21 -60.01
C HIS R 1156 24.32 -45.61 -60.25
N VAL R 1157 24.64 -46.35 -59.17
CA VAL R 1157 25.10 -47.72 -59.33
C VAL R 1157 23.99 -48.59 -59.90
N LYS R 1158 22.79 -48.48 -59.34
CA LYS R 1158 21.67 -49.24 -59.91
C LYS R 1158 21.41 -48.85 -61.35
N ALA R 1159 21.55 -47.56 -61.68
CA ALA R 1159 21.37 -47.13 -63.06
C ALA R 1159 22.38 -47.80 -63.97
N TYR R 1160 23.66 -47.79 -63.57
CA TYR R 1160 24.69 -48.46 -64.35
C TYR R 1160 24.48 -49.97 -64.41
N ALA R 1161 23.56 -50.49 -63.61
CA ALA R 1161 23.22 -51.89 -63.73
C ALA R 1161 21.93 -52.02 -64.51
N LEU R 1162 21.24 -50.92 -64.77
CA LEU R 1162 20.07 -50.96 -65.64
C LEU R 1162 20.68 -51.23 -66.98
N PRO R 1163 19.90 -51.72 -67.97
CA PRO R 1163 20.62 -51.99 -69.22
C PRO R 1163 21.45 -50.83 -69.64
N LYS R 1164 22.67 -51.08 -70.01
CA LYS R 1164 23.57 -50.02 -70.40
C LYS R 1164 23.09 -49.42 -71.69
N GLU R 1165 22.14 -50.06 -72.37
CA GLU R 1165 21.61 -49.43 -73.55
C GLU R 1165 21.05 -48.32 -72.77
N LYS R 1166 21.31 -47.10 -73.17
CA LYS R 1166 20.91 -46.05 -72.27
C LYS R 1166 19.45 -46.17 -72.02
N ARG R 1167 19.11 -46.40 -70.77
CA ARG R 1167 17.74 -46.44 -70.38
C ARG R 1167 17.97 -45.63 -69.14
N LYS R 1168 18.36 -44.40 -69.36
CA LYS R 1168 18.64 -43.56 -68.24
C LYS R 1168 17.43 -42.68 -68.04
N GLU R 1169 16.42 -42.81 -68.88
CA GLU R 1169 15.15 -42.14 -68.61
C GLU R 1169 14.80 -42.72 -67.26
N TYR R 1170 15.08 -44.01 -67.05
CA TYR R 1170 14.90 -44.65 -65.76
C TYR R 1170 15.83 -43.99 -64.85
N LEU R 1171 17.05 -43.75 -65.31
CA LEU R 1171 17.87 -43.08 -64.29
C LEU R 1171 17.21 -41.80 -63.82
N GLU R 1172 16.63 -41.01 -64.72
CA GLU R 1172 15.92 -39.77 -64.36
C GLU R 1172 14.70 -39.95 -63.47
N ARG R 1173 13.90 -40.97 -63.72
CA ARG R 1173 12.73 -41.27 -62.91
C ARG R 1173 12.99 -41.47 -61.45
N ALA R 1174 14.24 -41.46 -61.01
CA ALA R 1174 14.53 -41.78 -59.62
C ALA R 1174 15.50 -40.81 -58.96
N LEU R 1175 15.84 -39.71 -59.63
CA LEU R 1175 16.64 -38.65 -59.04
C LEU R 1175 15.88 -37.35 -59.28
N ASP R 1176 14.99 -37.01 -58.35
CA ASP R 1176 14.22 -35.78 -58.44
C ASP R 1176 13.71 -35.44 -57.04
N PRO R 1177 13.57 -34.15 -56.71
CA PRO R 1177 13.22 -33.78 -55.34
C PRO R 1177 11.90 -34.34 -54.85
N THR R 1178 11.08 -34.93 -55.72
CA THR R 1178 9.85 -35.57 -55.25
C THR R 1178 10.08 -36.98 -54.76
N MET R 1179 11.23 -37.57 -55.05
CA MET R 1179 11.57 -38.90 -54.55
C MET R 1179 12.72 -38.85 -53.53
N ILE R 1180 13.63 -37.88 -53.67
CA ILE R 1180 14.71 -37.75 -52.70
C ILE R 1180 14.14 -37.41 -51.33
N ALA R 1181 13.15 -36.53 -51.30
CA ALA R 1181 12.51 -36.17 -50.03
C ALA R 1181 11.87 -37.40 -49.39
N HIS R 1182 11.35 -38.32 -50.18
CA HIS R 1182 10.81 -39.54 -49.61
C HIS R 1182 11.88 -40.53 -49.19
N ALA R 1183 12.94 -40.67 -49.98
CA ALA R 1183 14.02 -41.57 -49.62
C ALA R 1183 14.70 -41.11 -48.34
N ALA R 1184 14.68 -39.81 -48.09
CA ALA R 1184 15.24 -39.25 -46.86
C ALA R 1184 14.25 -39.30 -45.71
N LEU R 1185 13.19 -40.09 -45.83
CA LEU R 1185 12.28 -40.34 -44.73
C LEU R 1185 12.28 -41.80 -44.32
N SER R 1186 11.99 -42.72 -45.24
CA SER R 1186 11.95 -44.13 -44.90
C SER R 1186 13.32 -44.76 -45.06
N ARG R 1187 14.32 -44.13 -44.43
CA ARG R 1187 15.70 -44.59 -44.46
C ARG R 1187 16.47 -43.84 -43.39
N SER R 1188 17.79 -43.97 -43.42
CA SER R 1188 18.65 -42.99 -42.76
C SER R 1188 18.45 -42.85 -41.25
N SER R 1189 18.85 -43.85 -40.48
CA SER R 1189 19.01 -43.69 -39.04
C SER R 1189 19.88 -42.46 -38.83
N GLN R 1190 19.33 -41.37 -38.24
CA GLN R 1190 18.21 -41.27 -37.29
C GLN R 1190 18.61 -41.99 -36.01
N LEU R 1191 19.68 -41.48 -35.43
CA LEU R 1191 20.22 -41.94 -34.16
C LEU R 1191 20.59 -40.72 -33.33
N GLY R 1192 20.30 -40.75 -32.02
CA GLY R 1192 19.72 -41.83 -31.20
C GLY R 1192 18.29 -41.60 -30.83
N ALA R 1193 17.43 -42.57 -31.08
CA ALA R 1193 16.01 -42.43 -30.76
C ALA R 1193 15.51 -43.50 -29.82
N PRO R 1194 14.78 -43.10 -28.79
CA PRO R 1194 14.29 -44.19 -27.97
C PRO R 1194 13.39 -44.96 -28.86
N LEU R 1195 13.51 -46.27 -28.92
CA LEU R 1195 12.62 -47.13 -29.72
C LEU R 1195 12.73 -46.84 -31.20
N ALA R 1196 12.01 -47.53 -32.04
CA ALA R 1196 12.24 -47.36 -33.47
C ALA R 1196 11.06 -46.94 -34.28
N MET R 1197 11.32 -46.46 -35.48
CA MET R 1197 10.25 -46.01 -36.32
C MET R 1197 9.30 -47.12 -36.68
N VAL R 1198 9.81 -48.30 -36.99
CA VAL R 1198 8.93 -49.38 -37.40
C VAL R 1198 8.18 -49.93 -36.21
N ASP R 1199 8.83 -50.12 -35.08
CA ASP R 1199 8.18 -50.69 -33.92
C ASP R 1199 6.95 -49.93 -33.51
N LEU R 1200 6.90 -48.65 -33.82
CA LEU R 1200 5.75 -47.85 -33.46
C LEU R 1200 4.54 -47.83 -34.43
N VAL R 1201 4.65 -48.28 -35.69
CA VAL R 1201 3.52 -48.43 -36.60
C VAL R 1201 3.74 -49.70 -37.39
N GLY R 1202 2.66 -50.44 -37.65
CA GLY R 1202 2.75 -51.69 -38.37
C GLY R 1202 1.58 -52.60 -38.06
N GLY R 1203 1.00 -53.19 -39.11
CA GLY R 1203 -0.25 -53.92 -39.00
C GLY R 1203 -0.30 -55.24 -39.73
N VAL R 1204 0.76 -56.06 -39.65
CA VAL R 1204 0.99 -57.14 -40.62
C VAL R 1204 -0.32 -57.87 -40.97
N LEU R 1205 -0.59 -57.95 -42.27
CA LEU R 1205 -1.95 -58.08 -42.77
C LEU R 1205 -2.24 -59.51 -43.16
N GLY R 1206 -1.49 -60.12 -44.07
CA GLY R 1206 -1.88 -61.41 -44.60
C GLY R 1206 -0.67 -62.24 -44.93
N PHE R 1207 -0.81 -63.58 -44.91
CA PHE R 1207 -1.99 -64.43 -44.63
C PHE R 1207 -3.11 -64.37 -45.67
N GLU R 1208 -2.78 -63.96 -46.90
CA GLU R 1208 -3.67 -64.24 -48.02
C GLU R 1208 -3.44 -65.65 -48.53
N SER R 1209 -2.18 -65.99 -48.83
CA SER R 1209 -1.83 -67.35 -49.21
C SER R 1209 -2.24 -68.35 -48.13
N SER R 1210 -2.36 -67.89 -46.88
CA SER R 1210 -2.85 -68.77 -45.82
C SER R 1210 -4.29 -69.17 -46.08
N LYS R 1211 -5.15 -68.19 -46.42
CA LYS R 1211 -6.52 -68.51 -46.82
C LYS R 1211 -6.51 -69.41 -48.04
N MET R 1212 -5.63 -69.13 -48.99
CA MET R 1212 -5.49 -69.99 -50.15
C MET R 1212 -5.28 -71.44 -49.73
N ALA R 1213 -4.32 -71.67 -48.83
CA ALA R 1213 -4.02 -73.03 -48.40
C ALA R 1213 -5.20 -73.66 -47.67
N ARG R 1214 -5.77 -72.94 -46.69
CA ARG R 1214 -6.91 -73.48 -45.95
C ARG R 1214 -8.03 -73.92 -46.91
N SER R 1215 -8.44 -73.02 -47.81
CA SER R 1215 -9.56 -73.33 -48.69
C SER R 1215 -9.22 -74.45 -49.67
N THR R 1216 -8.05 -74.38 -50.31
CA THR R 1216 -7.77 -75.33 -51.38
C THR R 1216 -7.41 -76.70 -50.85
N ILE R 1217 -7.00 -76.80 -49.57
CA ILE R 1217 -6.71 -78.11 -49.01
C ILE R 1217 -7.88 -78.59 -48.14
N LEU R 1218 -8.97 -77.83 -48.12
CA LEU R 1218 -10.16 -78.33 -47.42
C LEU R 1218 -10.42 -79.80 -47.79
N PRO R 1219 -10.51 -80.13 -49.11
CA PRO R 1219 -10.78 -81.55 -49.33
C PRO R 1219 -9.56 -82.38 -49.05
N LYS R 1220 -8.39 -81.77 -49.11
CA LYS R 1220 -7.16 -82.53 -49.25
C LYS R 1220 -6.68 -82.98 -47.90
N ASP R 1221 -6.81 -84.27 -47.66
CA ASP R 1221 -5.99 -85.00 -46.72
C ASP R 1221 -5.92 -84.36 -45.36
N THR R 1222 -4.72 -84.24 -44.84
CA THR R 1222 -4.62 -83.74 -43.51
C THR R 1222 -3.97 -82.40 -43.46
N VAL R 1223 -3.47 -81.89 -44.58
CA VAL R 1223 -2.87 -80.56 -44.41
C VAL R 1223 -3.91 -79.59 -43.88
N LYS R 1224 -5.17 -79.78 -44.27
CA LYS R 1224 -6.26 -79.05 -43.64
C LYS R 1224 -6.15 -79.14 -42.13
N GLU R 1225 -6.18 -80.36 -41.57
CA GLU R 1225 -6.17 -80.54 -40.12
C GLU R 1225 -5.15 -79.63 -39.45
N ARG R 1226 -4.07 -79.29 -40.16
CA ARG R 1226 -3.15 -78.28 -39.65
C ARG R 1226 -3.65 -76.87 -39.91
N ASP R 1227 -4.38 -76.66 -41.00
CA ASP R 1227 -4.63 -75.27 -41.42
C ASP R 1227 -5.59 -74.47 -40.52
N PRO R 1228 -6.73 -74.99 -40.05
CA PRO R 1228 -7.53 -74.20 -39.10
C PRO R 1228 -6.80 -73.82 -37.83
N ASN R 1229 -5.54 -74.19 -37.68
CA ASN R 1229 -4.81 -73.80 -36.49
C ASN R 1229 -4.22 -72.40 -36.66
N LYS R 1230 -3.44 -72.17 -37.70
CA LYS R 1230 -2.72 -70.91 -37.79
C LYS R 1230 -3.62 -69.73 -38.18
N PRO R 1231 -4.18 -69.68 -39.42
CA PRO R 1231 -4.91 -68.46 -39.84
C PRO R 1231 -6.42 -68.50 -39.69
N TYR R 1232 -7.04 -67.33 -39.55
CA TYR R 1232 -8.47 -67.18 -39.78
C TYR R 1232 -8.81 -67.37 -41.25
N THR R 1233 -10.08 -67.10 -41.57
CA THR R 1233 -10.56 -67.05 -42.94
C THR R 1233 -9.66 -66.24 -43.86
N LEU R 1262 1.48 -51.20 -17.17
CA LEU R 1262 0.07 -51.16 -17.58
C LEU R 1262 -0.55 -52.54 -17.72
N MET R 1263 -0.01 -53.33 -18.64
CA MET R 1263 -0.65 -54.56 -19.09
C MET R 1263 -0.29 -55.71 -18.17
N ASN R 1264 -1.28 -56.29 -17.53
CA ASN R 1264 -1.11 -57.57 -16.87
C ASN R 1264 -1.43 -58.70 -17.86
N ALA R 1265 -1.04 -59.91 -17.49
CA ALA R 1265 -1.21 -61.05 -18.40
C ALA R 1265 -2.67 -61.30 -18.74
N ALA R 1266 -3.60 -60.86 -17.89
CA ALA R 1266 -5.00 -61.03 -18.20
C ALA R 1266 -5.52 -59.98 -19.16
N GLY R 1267 -4.88 -58.82 -19.22
CA GLY R 1267 -5.36 -57.77 -20.11
C GLY R 1267 -4.92 -57.91 -21.55
N VAL R 1268 -3.81 -58.58 -21.80
CA VAL R 1268 -3.35 -58.75 -23.18
C VAL R 1268 -4.37 -59.57 -23.96
N VAL R 1269 -4.95 -60.60 -23.34
CA VAL R 1269 -5.91 -61.43 -24.05
C VAL R 1269 -7.18 -60.63 -24.36
N ASN R 1270 -7.64 -59.84 -23.41
CA ASN R 1270 -8.88 -59.11 -23.60
C ASN R 1270 -8.76 -57.97 -24.62
N SER R 1271 -7.56 -57.49 -24.90
CA SER R 1271 -7.41 -56.35 -25.79
C SER R 1271 -7.88 -56.71 -27.19
N PRO R 1272 -8.43 -55.74 -27.93
CA PRO R 1272 -8.85 -56.01 -29.31
C PRO R 1272 -7.65 -56.34 -30.18
N ASN R 1273 -7.92 -57.02 -31.29
CA ASN R 1273 -6.87 -57.62 -32.09
C ASN R 1273 -6.54 -56.85 -33.36
N LYS R 1274 -7.09 -55.64 -33.53
CA LYS R 1274 -6.72 -54.85 -34.70
C LYS R 1274 -6.01 -53.56 -34.34
N ALA R 1275 -6.67 -52.62 -33.67
CA ALA R 1275 -6.10 -51.32 -33.35
C ALA R 1275 -7.14 -50.46 -32.63
N THR R 1276 -6.74 -49.27 -32.18
CA THR R 1276 -7.68 -48.22 -31.87
C THR R 1276 -7.26 -46.96 -32.61
N GLU R 1277 -8.24 -46.09 -32.87
CA GLU R 1277 -7.93 -44.83 -33.52
C GLU R 1277 -6.92 -44.04 -32.71
N GLN R 1278 -7.07 -44.05 -31.39
CA GLN R 1278 -6.06 -43.44 -30.52
C GLN R 1278 -4.73 -44.15 -30.64
N ASP R 1279 -4.75 -45.46 -30.88
CA ASP R 1279 -3.50 -46.21 -31.00
C ASP R 1279 -2.68 -45.70 -32.17
N PHE R 1280 -3.24 -45.77 -33.39
CA PHE R 1280 -2.49 -45.30 -34.54
C PHE R 1280 -2.21 -43.81 -34.44
N MET R 1281 -3.11 -43.06 -33.81
CA MET R 1281 -2.87 -41.63 -33.65
C MET R 1281 -1.61 -41.36 -32.84
N THR R 1282 -1.50 -41.98 -31.66
CA THR R 1282 -0.30 -41.78 -30.85
C THR R 1282 0.92 -42.38 -31.53
N GLY R 1283 0.74 -43.46 -32.29
CA GLY R 1283 1.86 -44.01 -33.03
C GLY R 1283 2.43 -43.03 -34.02
N LEU R 1284 1.55 -42.39 -34.79
CA LEU R 1284 2.01 -41.42 -35.77
C LEU R 1284 2.55 -40.18 -35.10
N MET R 1285 1.94 -39.74 -34.01
CA MET R 1285 2.39 -38.53 -33.32
C MET R 1285 3.71 -38.76 -32.61
N ASN R 1286 4.07 -40.02 -32.37
CA ASN R 1286 5.35 -40.31 -31.73
C ASN R 1286 6.44 -40.57 -32.76
N SER R 1287 6.16 -41.40 -33.76
CA SER R 1287 7.19 -41.80 -34.71
C SER R 1287 7.66 -40.65 -35.58
N THR R 1288 6.98 -39.50 -35.53
CA THR R 1288 7.40 -38.35 -36.32
C THR R 1288 8.20 -37.34 -35.52
N LYS R 1289 8.27 -37.48 -34.20
CA LYS R 1289 9.08 -36.55 -33.42
C LYS R 1289 10.57 -36.69 -33.71
N GLU R 1290 10.97 -37.77 -34.37
CA GLU R 1290 12.38 -37.95 -34.73
C GLU R 1290 12.74 -37.27 -36.03
N LEU R 1291 11.76 -36.70 -36.75
CA LEU R 1291 12.03 -35.98 -37.98
C LEU R 1291 11.29 -34.67 -38.10
N VAL R 1292 10.31 -34.38 -37.24
CA VAL R 1292 9.73 -33.05 -37.10
C VAL R 1292 9.85 -32.69 -35.63
N PRO R 1293 10.74 -31.78 -35.25
CA PRO R 1293 11.01 -31.56 -33.83
C PRO R 1293 9.84 -30.88 -33.13
N ASN R 1294 10.02 -30.66 -31.84
CA ASN R 1294 9.02 -30.04 -30.97
C ASN R 1294 9.36 -28.60 -30.59
N ASP R 1295 10.59 -28.36 -30.16
CA ASP R 1295 11.02 -27.04 -29.73
C ASP R 1295 11.03 -26.12 -30.94
N PRO R 1296 10.09 -25.18 -31.01
CA PRO R 1296 9.83 -24.49 -32.27
C PRO R 1296 10.89 -23.48 -32.68
N LEU R 1297 11.98 -23.36 -31.92
CA LEU R 1297 13.01 -22.43 -32.36
C LEU R 1297 14.07 -23.10 -33.21
N THR R 1298 14.32 -24.39 -33.01
CA THR R 1298 15.26 -25.07 -33.91
C THR R 1298 14.72 -25.11 -35.33
N GLN R 1299 13.39 -25.09 -35.49
CA GLN R 1299 12.84 -24.95 -36.83
C GLN R 1299 13.26 -23.65 -37.49
N GLN R 1300 13.09 -22.52 -36.80
CA GLN R 1300 13.41 -21.26 -37.45
C GLN R 1300 14.93 -21.03 -37.51
N LEU R 1301 15.69 -21.78 -36.71
CA LEU R 1301 17.14 -21.81 -36.92
C LEU R 1301 17.50 -22.56 -38.19
N VAL R 1302 16.93 -23.76 -38.38
CA VAL R 1302 17.06 -24.47 -39.65
C VAL R 1302 16.66 -23.57 -40.81
N LEU R 1303 15.63 -22.76 -40.60
CA LEU R 1303 15.16 -21.85 -41.64
C LEU R 1303 16.27 -20.90 -42.07
N LYS R 1304 16.77 -20.09 -41.15
CA LYS R 1304 17.83 -19.14 -41.48
C LYS R 1304 19.09 -19.84 -41.96
N ILE R 1305 19.31 -21.09 -41.55
CA ILE R 1305 20.46 -21.84 -42.06
C ILE R 1305 20.27 -22.16 -43.53
N TYR R 1306 19.06 -22.59 -43.90
CA TYR R 1306 18.75 -22.84 -45.31
C TYR R 1306 18.82 -21.59 -46.15
N GLU R 1307 18.15 -20.51 -45.73
CA GLU R 1307 18.04 -19.31 -46.54
C GLU R 1307 19.40 -18.63 -46.72
N ALA R 1308 20.28 -18.69 -45.73
CA ALA R 1308 21.63 -18.18 -45.88
C ALA R 1308 22.36 -18.96 -46.95
N ASN R 1309 22.09 -20.27 -47.03
CA ASN R 1309 22.77 -21.11 -48.00
C ASN R 1309 22.26 -20.87 -49.42
N GLY R 1310 20.95 -21.00 -49.61
CA GLY R 1310 20.37 -20.84 -50.93
C GLY R 1310 19.36 -21.91 -51.27
N VAL R 1311 18.78 -21.85 -52.46
CA VAL R 1311 17.78 -22.82 -52.89
C VAL R 1311 17.94 -23.15 -54.37
N ASP S 11 -38.38 -44.36 -49.66
CA ASP S 11 -39.15 -45.07 -48.64
C ASP S 11 -38.21 -45.62 -47.57
N TYR S 12 -38.36 -45.14 -46.35
CA TYR S 12 -39.31 -44.08 -46.03
C TYR S 12 -38.61 -43.08 -45.13
N ASP S 13 -39.34 -42.08 -44.63
CA ASP S 13 -38.70 -40.98 -43.91
C ASP S 13 -38.03 -41.42 -42.62
N GLY S 14 -38.28 -42.65 -42.15
CA GLY S 14 -37.54 -43.13 -41.00
C GLY S 14 -36.05 -43.20 -41.26
N LEU S 15 -35.65 -43.60 -42.47
CA LEU S 15 -34.24 -43.58 -42.83
C LEU S 15 -33.70 -42.16 -42.87
N PHE S 16 -34.49 -41.21 -43.36
CA PHE S 16 -34.05 -39.82 -43.41
C PHE S 16 -33.88 -39.26 -42.01
N GLN S 17 -34.74 -39.65 -41.07
CA GLN S 17 -34.63 -39.12 -39.71
C GLN S 17 -33.29 -39.50 -39.10
N LYS S 18 -32.76 -40.67 -39.45
CA LYS S 18 -31.50 -41.16 -38.91
C LYS S 18 -30.30 -40.73 -39.75
N ALA S 19 -30.52 -40.45 -41.03
CA ALA S 19 -29.44 -40.00 -41.89
C ALA S 19 -29.22 -38.50 -41.83
N ALA S 20 -30.24 -37.73 -41.44
CA ALA S 20 -30.18 -36.28 -41.39
C ALA S 20 -29.85 -35.76 -40.01
N ASP S 21 -29.89 -36.62 -38.99
CA ASP S 21 -29.40 -36.28 -37.68
C ASP S 21 -27.91 -36.57 -37.54
N ALA S 22 -27.31 -37.13 -38.58
CA ALA S 22 -25.87 -37.37 -38.63
C ALA S 22 -25.28 -36.45 -39.69
N ASN S 23 -24.12 -35.88 -39.36
CA ASN S 23 -23.26 -35.08 -40.24
C ASN S 23 -23.90 -33.77 -40.71
N GLY S 24 -25.16 -33.55 -40.36
CA GLY S 24 -25.83 -32.31 -40.68
C GLY S 24 -26.94 -32.06 -39.69
N VAL S 25 -28.15 -31.68 -40.12
CA VAL S 25 -28.51 -31.08 -41.41
C VAL S 25 -29.95 -30.66 -41.19
N SER S 26 -30.45 -29.71 -41.97
CA SER S 26 -31.89 -29.48 -41.94
C SER S 26 -32.58 -30.75 -42.41
N TYR S 27 -33.34 -31.40 -41.51
CA TYR S 27 -33.94 -32.69 -41.82
C TYR S 27 -34.84 -32.63 -43.06
N ASP S 28 -35.74 -31.64 -43.11
CA ASP S 28 -36.73 -31.60 -44.18
C ASP S 28 -36.07 -31.44 -45.54
N LEU S 29 -34.84 -30.94 -45.59
CA LEU S 29 -34.12 -30.85 -46.86
C LEU S 29 -33.97 -32.20 -47.53
N LEU S 30 -33.56 -33.22 -46.77
CA LEU S 30 -33.38 -34.54 -47.37
C LEU S 30 -34.70 -35.07 -47.89
N ARG S 31 -35.77 -34.89 -47.13
CA ARG S 31 -37.08 -35.37 -47.57
C ARG S 31 -37.51 -34.66 -48.85
N LYS S 32 -37.29 -33.36 -48.92
CA LYS S 32 -37.70 -32.61 -50.11
C LYS S 32 -36.86 -33.01 -51.33
N VAL S 33 -35.56 -33.18 -51.13
CA VAL S 33 -34.69 -33.60 -52.23
C VAL S 33 -35.10 -34.97 -52.72
N ALA S 34 -35.39 -35.88 -51.80
CA ALA S 34 -35.80 -37.23 -52.20
C ALA S 34 -37.11 -37.20 -52.97
N TRP S 35 -38.11 -36.48 -52.44
CA TRP S 35 -39.38 -36.34 -53.13
C TRP S 35 -39.20 -35.79 -54.54
N THR S 36 -38.46 -34.68 -54.67
CA THR S 36 -38.34 -34.05 -55.97
C THR S 36 -37.54 -34.90 -56.94
N GLU S 37 -36.45 -35.52 -56.48
CA GLU S 37 -35.58 -36.23 -57.41
C GLU S 37 -36.11 -37.61 -57.74
N SER S 38 -37.02 -38.14 -56.92
CA SER S 38 -37.48 -39.50 -57.12
C SER S 38 -38.99 -39.69 -57.09
N ARG S 39 -39.74 -38.81 -56.42
CA ARG S 39 -41.16 -39.06 -56.16
C ARG S 39 -41.34 -40.37 -55.40
N PHE S 40 -40.38 -40.67 -54.51
CA PHE S 40 -40.44 -41.84 -53.64
C PHE S 40 -40.52 -43.14 -54.43
N VAL S 41 -39.45 -43.44 -55.17
CA VAL S 41 -39.31 -44.73 -55.84
C VAL S 41 -37.97 -45.32 -55.41
N PRO S 42 -37.93 -46.57 -54.93
CA PRO S 42 -36.69 -47.12 -54.37
C PRO S 42 -35.55 -47.20 -55.39
N THR S 43 -35.77 -47.92 -56.49
CA THR S 43 -34.79 -47.91 -57.58
C THR S 43 -35.10 -46.77 -58.54
N ALA S 44 -34.28 -46.59 -59.57
CA ALA S 44 -34.51 -45.48 -60.48
C ALA S 44 -33.71 -45.56 -61.77
N LYS S 45 -34.09 -44.73 -62.74
CA LYS S 45 -33.38 -44.52 -63.98
C LYS S 45 -33.74 -43.12 -64.45
N SER S 46 -32.91 -42.50 -65.30
CA SER S 46 -33.18 -41.12 -65.68
C SER S 46 -32.78 -40.93 -67.14
N LYS S 47 -33.19 -39.79 -67.70
CA LYS S 47 -32.79 -39.42 -69.04
C LYS S 47 -31.33 -38.99 -69.07
N THR S 48 -30.90 -38.21 -68.07
CA THR S 48 -29.55 -37.66 -68.09
C THR S 48 -28.51 -38.69 -67.65
N GLY S 49 -28.94 -39.85 -67.17
CA GLY S 49 -28.01 -40.86 -66.73
C GLY S 49 -28.17 -41.40 -65.33
N PRO S 50 -28.53 -40.56 -64.32
CA PRO S 50 -28.50 -41.05 -62.93
C PRO S 50 -29.60 -42.05 -62.59
N LEU S 51 -29.21 -43.14 -61.93
CA LEU S 51 -30.13 -44.23 -61.60
C LEU S 51 -30.10 -44.44 -60.09
N GLY S 52 -30.91 -43.68 -59.36
CA GLY S 52 -30.97 -43.82 -57.92
C GLY S 52 -32.00 -42.90 -57.31
N MET S 53 -32.23 -43.09 -56.02
CA MET S 53 -33.16 -42.21 -55.30
C MET S 53 -32.71 -40.77 -55.38
N MET S 54 -31.49 -40.48 -54.93
CA MET S 54 -30.97 -39.12 -55.06
C MET S 54 -30.47 -38.86 -56.48
N GLN S 55 -30.56 -39.85 -57.35
CA GLN S 55 -30.23 -39.69 -58.77
C GLN S 55 -28.79 -39.25 -58.97
N PHE S 56 -27.83 -40.12 -58.66
CA PHE S 56 -26.42 -39.86 -58.94
C PHE S 56 -25.81 -41.06 -59.64
N THR S 57 -25.16 -40.82 -60.78
CA THR S 57 -24.36 -41.83 -61.45
C THR S 57 -22.91 -41.38 -61.56
N LYS S 58 -22.70 -40.10 -61.86
CA LYS S 58 -21.34 -39.57 -61.81
C LYS S 58 -20.78 -39.61 -60.39
N ALA S 59 -21.62 -39.31 -59.40
CA ALA S 59 -21.17 -39.19 -58.02
C ALA S 59 -21.10 -40.51 -57.28
N THR S 60 -21.04 -41.64 -57.98
CA THR S 60 -21.05 -42.93 -57.28
C THR S 60 -19.78 -43.12 -56.46
N ALA S 61 -18.62 -43.15 -57.11
CA ALA S 61 -17.36 -43.49 -56.46
C ALA S 61 -16.89 -42.39 -55.51
N LYS S 62 -16.76 -41.15 -56.00
CA LYS S 62 -16.19 -40.08 -55.20
C LYS S 62 -17.03 -39.80 -53.96
N ALA S 63 -18.35 -39.69 -54.12
CA ALA S 63 -19.19 -39.33 -53.00
C ALA S 63 -19.23 -40.44 -51.95
N LEU S 64 -19.46 -41.68 -52.39
CA LEU S 64 -19.47 -42.79 -51.45
C LEU S 64 -18.16 -42.88 -50.70
N GLY S 65 -17.04 -42.77 -51.41
CA GLY S 65 -15.75 -42.85 -50.75
C GLY S 65 -15.48 -41.71 -49.80
N LEU S 66 -16.02 -40.53 -50.11
CA LEU S 66 -15.56 -39.34 -49.40
C LEU S 66 -16.10 -39.23 -47.98
N ARG S 67 -17.09 -40.06 -47.64
CA ARG S 67 -17.76 -39.92 -46.32
C ARG S 67 -17.71 -41.10 -45.34
N VAL S 68 -18.67 -41.15 -44.41
CA VAL S 68 -18.66 -42.19 -43.37
C VAL S 68 -18.78 -43.60 -43.92
N THR S 69 -19.61 -43.84 -44.94
CA THR S 69 -19.65 -45.17 -45.50
C THR S 69 -19.33 -45.27 -47.01
N ASP S 70 -18.44 -46.18 -47.41
CA ASP S 70 -18.04 -46.32 -48.82
C ASP S 70 -18.97 -47.16 -49.69
N GLY S 71 -18.86 -47.05 -51.02
CA GLY S 71 -19.72 -47.79 -51.94
C GLY S 71 -19.04 -48.71 -52.96
N PRO S 72 -19.81 -49.66 -53.54
CA PRO S 72 -19.19 -50.66 -54.43
C PRO S 72 -19.29 -50.54 -55.96
N ASP S 73 -20.49 -50.59 -56.56
CA ASP S 73 -20.53 -50.60 -58.02
C ASP S 73 -21.52 -49.55 -58.48
N ASP S 74 -21.83 -49.56 -59.78
CA ASP S 74 -22.86 -48.67 -60.32
C ASP S 74 -24.26 -49.21 -60.05
N ASP S 75 -24.51 -50.46 -60.43
CA ASP S 75 -25.83 -51.07 -60.36
C ASP S 75 -26.32 -51.30 -58.94
N ARG S 76 -25.42 -51.20 -57.95
CA ARG S 76 -25.73 -51.56 -56.58
C ARG S 76 -25.96 -50.35 -55.68
N LEU S 77 -26.54 -49.27 -56.21
CA LEU S 77 -26.80 -48.11 -55.37
C LEU S 77 -27.74 -48.48 -54.23
N ASN S 78 -27.19 -48.46 -53.02
CA ASN S 78 -27.71 -49.16 -51.85
C ASN S 78 -28.89 -48.42 -51.26
N PRO S 79 -29.74 -49.13 -50.49
CA PRO S 79 -30.90 -48.45 -49.90
C PRO S 79 -30.53 -47.49 -48.77
N GLU S 80 -29.43 -47.74 -48.08
CA GLU S 80 -28.98 -46.85 -47.02
C GLU S 80 -27.65 -46.16 -47.34
N LEU S 81 -26.68 -46.92 -47.84
CA LEU S 81 -25.35 -46.36 -48.10
C LEU S 81 -25.44 -45.16 -49.04
N ALA S 82 -26.42 -45.18 -49.94
CA ALA S 82 -26.60 -44.06 -50.86
C ALA S 82 -27.26 -42.87 -50.18
N ILE S 83 -28.26 -43.14 -49.33
CA ILE S 83 -28.95 -42.06 -48.65
C ILE S 83 -27.99 -41.31 -47.73
N ASN S 84 -27.18 -42.05 -46.97
CA ASN S 84 -26.19 -41.43 -46.11
C ASN S 84 -25.12 -40.68 -46.89
N ALA S 85 -24.68 -41.23 -48.03
CA ALA S 85 -23.68 -40.54 -48.83
C ALA S 85 -24.21 -39.23 -49.38
N ALA S 86 -25.45 -39.24 -49.88
CA ALA S 86 -26.04 -38.01 -50.39
C ALA S 86 -26.31 -37.03 -49.27
N ALA S 87 -26.70 -37.53 -48.09
CA ALA S 87 -26.87 -36.65 -46.94
C ALA S 87 -25.57 -35.98 -46.55
N LYS S 88 -24.46 -36.72 -46.64
CA LYS S 88 -23.17 -36.11 -46.34
C LYS S 88 -22.79 -35.09 -47.40
N GLN S 89 -23.05 -35.40 -48.67
CA GLN S 89 -22.74 -34.42 -49.72
C GLN S 89 -23.54 -33.14 -49.52
N LEU S 90 -24.82 -33.28 -49.18
CA LEU S 90 -25.64 -32.09 -48.98
C LEU S 90 -25.23 -31.35 -47.71
N ALA S 91 -24.77 -32.07 -46.70
CA ALA S 91 -24.30 -31.41 -45.48
C ALA S 91 -23.00 -30.66 -45.75
N GLY S 92 -22.17 -31.17 -46.64
CA GLY S 92 -21.00 -30.42 -47.06
C GLY S 92 -21.38 -29.18 -47.84
N LEU S 93 -22.32 -29.34 -48.77
CA LEU S 93 -22.79 -28.19 -49.54
C LEU S 93 -23.39 -27.12 -48.64
N VAL S 94 -24.05 -27.53 -47.57
CA VAL S 94 -24.53 -26.56 -46.57
C VAL S 94 -23.34 -25.97 -45.83
N GLY S 95 -22.31 -26.78 -45.59
CA GLY S 95 -21.14 -26.29 -44.88
C GLY S 95 -20.21 -25.50 -45.78
N LYS S 96 -19.96 -26.02 -46.99
CA LYS S 96 -18.95 -25.42 -47.86
C LYS S 96 -19.29 -24.00 -48.28
N PHE S 97 -20.54 -23.56 -48.15
CA PHE S 97 -20.89 -22.20 -48.55
C PHE S 97 -21.24 -21.31 -47.36
N ASP S 98 -22.30 -21.64 -46.64
CA ASP S 98 -22.74 -20.87 -45.47
C ASP S 98 -23.99 -21.51 -44.90
N GLY S 99 -24.54 -20.92 -43.84
CA GLY S 99 -25.86 -21.33 -43.39
C GLY S 99 -26.94 -20.84 -44.34
N ASP S 100 -26.81 -21.20 -45.61
CA ASP S 100 -27.77 -20.85 -46.65
C ASP S 100 -28.07 -22.09 -47.47
N GLU S 101 -29.07 -22.85 -47.05
CA GLU S 101 -29.29 -24.18 -47.59
C GLU S 101 -29.78 -24.13 -49.03
N LEU S 102 -30.39 -23.01 -49.44
CA LEU S 102 -30.94 -22.94 -50.79
C LEU S 102 -29.83 -23.01 -51.83
N LYS S 103 -28.73 -22.30 -51.59
CA LYS S 103 -27.59 -22.42 -52.48
C LYS S 103 -27.05 -23.84 -52.52
N ALA S 104 -27.07 -24.55 -51.39
CA ALA S 104 -26.65 -25.94 -51.40
C ALA S 104 -27.53 -26.78 -52.30
N ALA S 105 -28.85 -26.55 -52.22
CA ALA S 105 -29.78 -27.29 -53.08
C ALA S 105 -29.53 -26.96 -54.54
N LEU S 106 -29.30 -25.70 -54.85
CA LEU S 106 -29.03 -25.31 -56.23
C LEU S 106 -27.73 -25.94 -56.72
N ALA S 107 -26.71 -25.97 -55.87
CA ALA S 107 -25.44 -26.57 -56.24
C ALA S 107 -25.60 -28.05 -56.52
N TYR S 108 -26.41 -28.75 -55.73
CA TYR S 108 -26.65 -30.16 -56.00
C TYR S 108 -27.38 -30.34 -57.30
N ASN S 109 -28.47 -29.63 -57.50
CA ASN S 109 -29.28 -29.83 -58.70
C ASN S 109 -28.58 -29.48 -59.98
N GLN S 110 -27.88 -28.36 -60.01
CA GLN S 110 -27.23 -27.91 -61.23
C GLN S 110 -25.77 -28.29 -61.35
N GLY S 111 -25.27 -29.04 -60.39
CA GLY S 111 -23.90 -29.51 -60.46
C GLY S 111 -23.02 -28.53 -59.76
N GLU S 112 -21.93 -29.01 -59.22
CA GLU S 112 -21.01 -28.12 -58.58
C GLU S 112 -19.86 -28.15 -59.52
N GLY S 113 -19.57 -27.01 -60.15
CA GLY S 113 -18.38 -26.96 -60.99
C GLY S 113 -18.38 -27.18 -62.49
N ARG S 114 -19.53 -27.51 -63.05
CA ARG S 114 -19.62 -27.71 -64.49
C ARG S 114 -20.15 -26.47 -65.18
N LEU S 115 -21.32 -26.61 -65.79
CA LEU S 115 -22.11 -25.48 -66.22
C LEU S 115 -22.45 -24.73 -64.99
N GLY S 116 -22.72 -25.50 -63.95
CA GLY S 116 -23.39 -25.03 -62.77
C GLY S 116 -22.58 -23.95 -62.09
N ASN S 117 -21.26 -24.07 -62.07
CA ASN S 117 -20.51 -23.24 -61.16
C ASN S 117 -20.71 -21.76 -61.44
N PRO S 118 -20.88 -21.39 -62.71
CA PRO S 118 -21.30 -19.99 -62.75
C PRO S 118 -22.58 -19.70 -62.00
N GLN S 119 -23.58 -20.54 -62.07
CA GLN S 119 -24.80 -20.24 -61.36
C GLN S 119 -24.60 -20.15 -59.86
N LEU S 120 -23.77 -21.00 -59.27
CA LEU S 120 -23.60 -20.94 -57.84
C LEU S 120 -23.02 -19.58 -57.46
N GLU S 121 -22.12 -19.08 -58.29
CA GLU S 121 -21.55 -17.76 -58.08
C GLU S 121 -22.55 -16.69 -58.42
N ALA S 122 -23.47 -17.01 -59.31
CA ALA S 122 -24.37 -16.00 -59.78
C ALA S 122 -25.41 -15.78 -58.72
N TYR S 123 -25.81 -16.85 -58.09
CA TYR S 123 -26.66 -16.76 -56.94
C TYR S 123 -26.05 -15.77 -55.98
N SER S 124 -24.75 -15.77 -55.78
CA SER S 124 -24.19 -14.88 -54.77
C SER S 124 -24.42 -13.42 -55.06
N LYS S 125 -25.10 -13.08 -56.15
CA LYS S 125 -25.45 -11.68 -56.43
C LYS S 125 -26.94 -11.33 -56.41
N GLY S 126 -27.79 -12.19 -55.83
CA GLY S 126 -29.25 -11.98 -55.83
C GLY S 126 -29.80 -13.17 -56.59
N ASP S 127 -31.10 -13.45 -56.53
CA ASP S 127 -31.60 -14.67 -57.20
C ASP S 127 -31.38 -14.67 -58.66
N PHE S 128 -31.55 -13.53 -59.29
CA PHE S 128 -31.12 -13.39 -60.68
C PHE S 128 -31.76 -14.12 -61.82
N ALA S 129 -31.12 -13.99 -62.98
CA ALA S 129 -31.61 -14.66 -64.14
C ALA S 129 -30.47 -15.44 -64.76
N SER S 130 -29.30 -15.31 -64.18
CA SER S 130 -28.15 -16.03 -64.71
C SER S 130 -28.44 -17.45 -64.46
N ILE S 131 -29.45 -17.70 -63.64
CA ILE S 131 -29.86 -19.06 -63.29
C ILE S 131 -31.00 -19.43 -64.23
N SER S 132 -31.29 -20.72 -64.36
CA SER S 132 -32.05 -21.16 -65.53
C SER S 132 -33.31 -21.94 -65.19
N GLU S 133 -33.94 -22.52 -66.22
CA GLU S 133 -35.28 -23.11 -66.19
C GLU S 133 -35.40 -24.03 -64.98
N GLU S 134 -34.62 -25.12 -64.90
CA GLU S 134 -34.75 -26.02 -63.77
C GLU S 134 -34.15 -25.41 -62.51
N GLY S 135 -33.12 -24.59 -62.67
CA GLY S 135 -32.40 -24.06 -61.52
C GLY S 135 -33.28 -23.23 -60.61
N ARG S 136 -33.79 -22.10 -61.13
CA ARG S 136 -34.57 -21.19 -60.31
C ARG S 136 -35.86 -21.82 -59.81
N ASN S 137 -36.54 -22.60 -60.64
CA ASN S 137 -37.79 -23.23 -60.22
C ASN S 137 -37.54 -24.24 -59.11
N TYR S 138 -36.55 -25.12 -59.27
CA TYR S 138 -36.23 -26.09 -58.21
C TYR S 138 -35.79 -25.38 -56.94
N MET S 139 -35.00 -24.32 -57.08
CA MET S 139 -34.58 -23.53 -55.92
C MET S 139 -35.79 -22.92 -55.22
N ARG S 140 -36.79 -22.50 -55.99
CA ARG S 140 -38.00 -21.93 -55.41
C ARG S 140 -38.83 -23.00 -54.71
N ASN S 141 -38.81 -24.22 -55.23
CA ASN S 141 -39.57 -25.31 -54.61
C ASN S 141 -39.18 -25.48 -53.15
N LEU S 142 -37.92 -25.23 -52.83
CA LEU S 142 -37.44 -25.34 -51.46
C LEU S 142 -37.44 -23.95 -50.82
N LEU S 143 -38.61 -23.31 -50.84
CA LEU S 143 -38.80 -22.07 -50.11
C LEU S 143 -39.32 -22.32 -48.71
N ASP S 144 -39.33 -23.58 -48.29
CA ASP S 144 -39.51 -23.96 -46.90
C ASP S 144 -38.19 -23.79 -46.17
N VAL S 145 -38.06 -24.45 -45.02
CA VAL S 145 -36.78 -24.54 -44.33
C VAL S 145 -35.65 -24.78 -45.31
N ALA S 146 -34.58 -23.97 -45.24
CA ALA S 146 -34.35 -22.72 -44.48
C ALA S 146 -32.97 -22.30 -44.98
N LYS S 147 -32.41 -21.15 -44.61
CA LYS S 147 -33.05 -19.95 -44.06
C LYS S 147 -32.28 -18.81 -44.73
N SER S 148 -31.85 -19.08 -45.95
CA SER S 148 -30.90 -18.20 -46.64
C SER S 148 -31.49 -16.82 -46.83
N PRO S 149 -30.63 -15.79 -46.94
CA PRO S 149 -31.15 -14.47 -47.32
C PRO S 149 -31.84 -14.49 -48.67
N MET S 150 -31.29 -15.25 -49.62
CA MET S 150 -31.91 -15.33 -50.93
C MET S 150 -33.25 -16.04 -50.88
N ALA S 151 -33.50 -16.82 -49.83
CA ALA S 151 -34.81 -17.42 -49.64
C ALA S 151 -35.88 -16.37 -49.38
N GLY S 152 -35.56 -15.33 -48.63
CA GLY S 152 -36.45 -14.18 -48.56
C GLY S 152 -36.34 -13.31 -49.80
N GLN S 153 -35.24 -13.45 -50.55
CA GLN S 153 -34.97 -12.63 -51.71
C GLN S 153 -35.39 -13.29 -53.03
N LEU S 154 -35.57 -14.62 -53.06
CA LEU S 154 -36.05 -15.26 -54.27
C LEU S 154 -37.41 -14.72 -54.68
N GLU S 155 -38.33 -14.62 -53.72
CA GLU S 155 -39.64 -14.01 -53.93
C GLU S 155 -39.75 -12.82 -52.99
N THR S 156 -39.66 -11.62 -53.54
CA THR S 156 -39.50 -11.39 -54.96
C THR S 156 -38.05 -11.47 -55.41
N ALA S 236 -58.16 -10.99 -47.18
CA ALA S 236 -58.40 -11.78 -48.37
C ALA S 236 -57.23 -11.70 -49.35
N GLU S 237 -57.55 -11.71 -50.63
CA GLU S 237 -56.54 -11.74 -51.69
C GLU S 237 -56.30 -10.36 -52.28
N LEU S 238 -57.37 -9.77 -52.82
CA LEU S 238 -57.31 -8.46 -53.47
C LEU S 238 -57.90 -7.36 -52.63
N SER S 239 -57.40 -7.20 -51.43
CA SER S 239 -57.93 -6.18 -50.54
C SER S 239 -56.79 -5.39 -49.98
N ASN S 240 -57.04 -4.16 -49.56
CA ASN S 240 -55.99 -3.43 -48.91
C ASN S 240 -56.25 -3.69 -47.46
N SER S 241 -56.61 -2.67 -46.70
CA SER S 241 -57.03 -2.89 -45.32
C SER S 241 -56.17 -3.60 -44.28
N VAL S 242 -54.85 -3.47 -44.26
CA VAL S 242 -53.99 -4.05 -43.20
C VAL S 242 -53.91 -5.58 -43.15
N ALA S 243 -55.05 -6.23 -43.03
CA ALA S 243 -55.10 -7.67 -43.12
C ALA S 243 -54.33 -8.04 -44.34
N GLY S 244 -54.60 -7.30 -45.41
CA GLY S 244 -54.19 -7.72 -46.72
C GLY S 244 -52.70 -7.74 -46.77
N MET S 245 -52.08 -6.71 -46.20
CA MET S 245 -50.64 -6.58 -46.26
C MET S 245 -49.99 -7.73 -45.53
N ALA S 246 -50.51 -8.05 -44.37
CA ALA S 246 -49.97 -9.15 -43.60
C ALA S 246 -50.08 -10.45 -44.35
N PHE S 247 -51.24 -10.68 -44.94
CA PHE S 247 -51.43 -11.92 -45.63
C PHE S 247 -50.42 -11.99 -46.72
N ARG S 248 -50.21 -10.93 -47.46
CA ARG S 248 -49.34 -11.16 -48.59
C ARG S 248 -47.86 -11.07 -48.30
N ALA S 249 -47.50 -10.62 -47.11
CA ALA S 249 -46.10 -10.74 -46.73
C ALA S 249 -45.58 -11.92 -45.88
N GLY S 250 -46.35 -12.48 -44.94
CA GLY S 250 -45.77 -13.48 -44.05
C GLY S 250 -45.22 -14.67 -44.79
N ARG S 251 -45.98 -15.31 -45.64
CA ARG S 251 -45.37 -16.42 -46.33
C ARG S 251 -44.86 -17.62 -45.51
N LEU S 252 -45.73 -18.26 -44.75
CA LEU S 252 -45.39 -19.47 -43.94
C LEU S 252 -44.18 -20.33 -44.24
N ASP S 253 -43.20 -20.34 -43.34
CA ASP S 253 -41.97 -21.11 -43.50
C ASP S 253 -42.01 -22.65 -43.53
N ASN S 254 -42.76 -23.26 -42.63
CA ASN S 254 -42.90 -24.73 -42.59
C ASN S 254 -41.70 -25.55 -42.13
N GLY S 255 -40.75 -24.91 -41.47
CA GLY S 255 -39.66 -25.68 -40.95
C GLY S 255 -39.29 -25.15 -39.59
N PHE S 256 -38.86 -26.01 -38.69
CA PHE S 256 -38.40 -25.58 -37.39
C PHE S 256 -37.65 -26.67 -36.72
N ASP S 257 -36.40 -26.43 -36.37
CA ASP S 257 -35.65 -27.42 -35.62
C ASP S 257 -35.50 -26.83 -34.26
N VAL S 258 -36.06 -27.49 -33.26
CA VAL S 258 -36.02 -26.95 -31.92
C VAL S 258 -34.58 -26.95 -31.50
N PHE S 259 -33.72 -27.45 -32.37
CA PHE S 259 -32.34 -27.56 -31.97
C PHE S 259 -31.43 -26.62 -32.73
N LYS S 260 -31.97 -25.67 -33.46
CA LYS S 260 -31.11 -24.68 -34.09
C LYS S 260 -31.58 -23.35 -33.66
N ASP S 261 -32.85 -23.26 -33.32
CA ASP S 261 -33.44 -21.98 -32.91
C ASP S 261 -33.70 -21.78 -31.42
N THR S 262 -33.50 -22.82 -30.60
CA THR S 262 -33.74 -22.70 -29.18
C THR S 262 -32.52 -23.14 -28.41
N ILE S 263 -32.26 -24.43 -28.34
CA ILE S 263 -31.05 -24.90 -27.69
C ILE S 263 -30.09 -25.24 -28.81
N THR S 264 -28.95 -24.58 -28.88
CA THR S 264 -28.08 -24.80 -30.00
C THR S 264 -27.00 -25.51 -29.35
N PRO S 265 -26.60 -26.66 -29.89
CA PRO S 265 -25.51 -27.27 -29.13
C PRO S 265 -24.24 -26.43 -29.10
N THR S 266 -23.85 -25.92 -27.94
CA THR S 266 -22.66 -25.10 -27.81
C THR S 266 -21.40 -25.93 -27.75
N ARG S 267 -20.23 -25.31 -27.88
CA ARG S 267 -19.02 -26.07 -27.92
C ARG S 267 -18.70 -26.83 -26.69
N TRP S 268 -18.76 -26.18 -25.55
CA TRP S 268 -18.39 -26.85 -24.31
C TRP S 268 -19.34 -27.92 -23.90
N ASN S 269 -20.63 -27.70 -24.08
CA ASN S 269 -21.59 -28.75 -23.85
C ASN S 269 -21.46 -29.62 -25.07
N SER S 270 -21.92 -30.86 -25.03
CA SER S 270 -21.74 -31.79 -26.13
C SER S 270 -20.30 -32.15 -26.43
N HIS S 271 -19.41 -32.06 -25.44
CA HIS S 271 -18.04 -32.50 -25.64
C HIS S 271 -17.88 -33.66 -24.71
N ILE S 272 -17.61 -34.85 -25.22
CA ILE S 272 -17.34 -35.95 -24.34
C ILE S 272 -16.01 -35.60 -23.82
N TRP S 273 -15.69 -35.94 -22.60
CA TRP S 273 -14.42 -35.49 -22.10
C TRP S 273 -13.28 -36.40 -22.54
N THR S 274 -12.17 -35.83 -23.01
CA THR S 274 -11.04 -36.65 -23.36
C THR S 274 -10.49 -37.29 -22.09
N PRO S 275 -10.08 -38.56 -22.13
CA PRO S 275 -9.67 -39.24 -20.90
C PRO S 275 -8.59 -38.51 -20.11
N GLU S 276 -7.86 -37.59 -20.74
CA GLU S 276 -6.84 -36.85 -20.01
C GLU S 276 -7.44 -35.61 -19.35
N GLU S 277 -8.40 -34.97 -20.01
CA GLU S 277 -8.93 -33.70 -19.52
C GLU S 277 -9.68 -33.88 -18.21
N LEU S 278 -10.21 -35.09 -17.98
CA LEU S 278 -10.87 -35.40 -16.72
C LEU S 278 -9.89 -35.23 -15.57
N GLU S 279 -8.63 -35.64 -15.78
CA GLU S 279 -7.64 -35.50 -14.74
C GLU S 279 -7.37 -34.05 -14.39
N LYS S 280 -7.45 -33.15 -15.37
CA LYS S 280 -7.29 -31.73 -15.09
C LYS S 280 -8.52 -31.16 -14.41
N ILE S 281 -9.71 -31.56 -14.85
CA ILE S 281 -10.93 -31.06 -14.25
C ILE S 281 -11.01 -31.47 -12.78
N ARG S 282 -10.65 -32.71 -12.48
CA ARG S 282 -10.74 -33.18 -11.10
C ARG S 282 -9.77 -32.49 -10.16
N THR S 283 -8.67 -31.92 -10.67
CA THR S 283 -7.67 -31.36 -9.79
C THR S 283 -7.79 -29.84 -9.71
N GLU S 284 -8.23 -29.18 -10.78
CA GLU S 284 -8.22 -27.74 -10.83
C GLU S 284 -9.60 -27.11 -10.81
N VAL S 285 -10.65 -27.88 -10.47
CA VAL S 285 -11.99 -27.35 -10.32
C VAL S 285 -12.50 -27.73 -8.94
N LYS S 286 -13.00 -26.74 -8.20
CA LYS S 286 -13.44 -27.00 -6.82
C LYS S 286 -14.77 -27.73 -6.79
N ASN S 287 -15.77 -27.22 -7.49
CA ASN S 287 -17.00 -27.94 -7.72
C ASN S 287 -17.28 -28.02 -9.21
N PRO S 288 -17.45 -29.23 -9.76
CA PRO S 288 -17.60 -29.36 -11.21
C PRO S 288 -18.93 -28.88 -11.75
N ALA S 289 -19.90 -28.58 -10.90
CA ALA S 289 -21.20 -28.13 -11.38
C ALA S 289 -21.12 -26.88 -12.25
N TYR S 290 -20.10 -26.05 -12.05
CA TYR S 290 -19.98 -24.80 -12.78
C TYR S 290 -19.24 -24.93 -14.10
N ILE S 291 -18.79 -26.13 -14.46
CA ILE S 291 -18.17 -26.31 -15.77
C ILE S 291 -19.21 -26.11 -16.87
N ASN S 292 -20.48 -26.30 -16.54
CA ASN S 292 -21.55 -26.15 -17.52
C ASN S 292 -21.80 -24.69 -17.88
N VAL S 293 -21.95 -23.83 -16.87
CA VAL S 293 -22.35 -22.45 -17.08
C VAL S 293 -21.28 -21.72 -17.88
N VAL S 294 -21.67 -21.16 -19.02
CA VAL S 294 -20.75 -20.46 -19.92
C VAL S 294 -21.35 -19.11 -20.30
N THR S 295 -20.89 -18.05 -19.66
CA THR S 295 -21.29 -16.69 -19.98
C THR S 295 -20.12 -16.04 -20.70
N GLY S 296 -20.25 -15.91 -22.02
CA GLY S 296 -19.12 -15.54 -22.85
C GLY S 296 -19.46 -15.51 -24.32
N GLY S 297 -18.67 -16.19 -25.15
CA GLY S 297 -17.58 -17.03 -24.68
C GLY S 297 -17.95 -18.51 -24.76
N SER S 298 -17.08 -19.39 -24.28
CA SER S 298 -15.77 -18.98 -23.79
C SER S 298 -14.65 -19.93 -24.22
N PRO S 299 -14.45 -20.10 -25.52
CA PRO S 299 -13.35 -20.92 -26.01
C PRO S 299 -12.24 -20.06 -26.62
N GLU S 300 -11.06 -20.66 -26.74
CA GLU S 300 -10.70 -21.95 -26.18
C GLU S 300 -9.68 -21.65 -25.09
N ASN S 301 -9.47 -22.54 -24.12
CA ASN S 301 -10.03 -23.87 -24.05
C ASN S 301 -10.26 -24.20 -22.59
N LEU S 302 -10.36 -25.48 -22.27
CA LEU S 302 -10.56 -25.90 -20.88
C LEU S 302 -9.63 -25.18 -19.92
N ASP S 303 -8.43 -24.78 -20.35
CA ASP S 303 -7.59 -23.94 -19.51
C ASP S 303 -8.21 -22.57 -19.27
N ASP S 304 -9.27 -22.22 -20.00
CA ASP S 304 -10.04 -21.02 -19.69
C ASP S 304 -11.30 -21.37 -18.89
N LEU S 305 -11.93 -22.51 -19.19
CA LEU S 305 -13.10 -22.93 -18.44
C LEU S 305 -12.76 -23.19 -16.99
N ILE S 306 -11.54 -23.64 -16.70
CA ILE S 306 -11.15 -23.79 -15.31
C ILE S 306 -11.06 -22.43 -14.62
N LYS S 307 -10.42 -21.47 -15.28
CA LYS S 307 -10.32 -20.13 -14.72
C LYS S 307 -11.67 -19.47 -14.53
N LEU S 308 -12.66 -19.85 -15.35
CA LEU S 308 -14.00 -19.29 -15.19
C LEU S 308 -14.81 -20.02 -14.14
N ALA S 309 -14.79 -21.35 -14.11
CA ALA S 309 -15.57 -22.09 -13.14
C ALA S 309 -14.95 -22.04 -11.75
N ASN S 310 -13.72 -21.54 -11.63
CA ASN S 310 -13.21 -21.24 -10.29
C ASN S 310 -13.60 -19.84 -9.86
N GLU S 311 -13.48 -18.85 -10.76
CA GLU S 311 -13.82 -17.49 -10.39
C GLU S 311 -15.31 -17.35 -10.11
N ASN S 312 -16.14 -18.09 -10.84
CA ASN S 312 -17.57 -18.07 -10.55
C ASN S 312 -17.90 -18.77 -9.25
N PHE S 313 -17.17 -19.81 -8.88
CA PHE S 313 -17.39 -20.41 -7.57
C PHE S 313 -16.91 -19.49 -6.45
N GLU S 314 -15.91 -18.65 -6.73
CA GLU S 314 -15.51 -17.65 -5.73
C GLU S 314 -16.53 -16.53 -5.63
N ASN S 315 -17.05 -16.08 -6.77
CA ASN S 315 -18.09 -15.05 -6.80
C ASN S 315 -19.39 -15.54 -6.20
N ASP S 316 -19.63 -16.85 -6.22
CA ASP S 316 -20.86 -17.41 -5.67
C ASP S 316 -20.85 -17.36 -4.14
N SER S 317 -19.92 -18.10 -3.52
CA SER S 317 -19.90 -18.22 -2.07
C SER S 317 -19.61 -16.90 -1.36
N ARG S 318 -19.21 -15.86 -2.09
CA ARG S 318 -19.08 -14.56 -1.47
C ARG S 318 -20.41 -13.83 -1.39
N ALA S 319 -21.24 -13.94 -2.39
CA ALA S 319 -22.40 -13.07 -2.35
C ALA S 319 -23.66 -13.67 -2.65
N ALA S 320 -23.63 -14.69 -3.48
CA ALA S 320 -24.88 -15.23 -3.88
C ALA S 320 -25.47 -15.69 -2.59
N GLU S 321 -24.65 -16.30 -1.74
CA GLU S 321 -25.22 -16.86 -0.56
C GLU S 321 -25.87 -15.81 0.25
N ALA S 322 -25.16 -14.72 0.53
CA ALA S 322 -25.75 -13.75 1.43
C ALA S 322 -27.01 -13.26 0.83
N GLY S 323 -26.97 -12.84 -0.42
CA GLY S 323 -28.18 -12.25 -0.89
C GLY S 323 -29.37 -13.17 -0.88
N LEU S 324 -29.25 -14.35 -1.45
CA LEU S 324 -30.47 -15.14 -1.50
C LEU S 324 -30.95 -15.58 -0.15
N GLY S 325 -30.01 -16.00 0.69
CA GLY S 325 -30.46 -16.55 1.93
C GLY S 325 -31.16 -15.48 2.68
N ALA S 326 -30.54 -14.32 2.74
CA ALA S 326 -31.14 -13.32 3.59
C ALA S 326 -32.47 -12.90 3.07
N LYS S 327 -32.55 -12.72 1.79
CA LYS S 327 -33.79 -12.23 1.27
C LYS S 327 -34.94 -13.22 1.48
N LEU S 328 -34.70 -14.52 1.33
CA LEU S 328 -35.86 -15.39 1.45
C LEU S 328 -36.01 -15.98 2.82
N SER S 329 -34.96 -15.94 3.61
CA SER S 329 -34.98 -16.55 4.92
C SER S 329 -36.06 -15.99 5.76
N ALA S 330 -36.06 -14.72 5.94
CA ALA S 330 -37.15 -14.11 6.68
C ALA S 330 -38.34 -13.84 5.77
N GLY S 331 -39.50 -14.36 6.17
CA GLY S 331 -40.74 -14.05 5.50
C GLY S 331 -40.82 -14.44 4.04
N ILE S 332 -40.84 -15.75 3.74
CA ILE S 332 -41.06 -16.18 2.37
C ILE S 332 -42.50 -16.05 1.94
N ILE S 333 -43.46 -16.13 2.85
CA ILE S 333 -44.83 -16.07 2.37
C ILE S 333 -45.36 -14.82 2.95
N GLY S 334 -45.15 -14.72 4.23
CA GLY S 334 -45.71 -13.66 5.03
C GLY S 334 -45.18 -12.35 4.54
N ALA S 335 -44.05 -12.38 3.86
CA ALA S 335 -43.38 -11.15 3.51
C ALA S 335 -44.34 -10.41 2.64
N GLY S 336 -44.86 -11.06 1.62
CA GLY S 336 -44.25 -12.21 1.01
C GLY S 336 -44.21 -11.97 -0.47
N VAL S 337 -43.29 -12.59 -1.16
CA VAL S 337 -43.02 -12.30 -2.56
C VAL S 337 -43.84 -13.18 -3.51
N ASP S 338 -43.45 -13.34 -4.79
CA ASP S 338 -44.18 -14.28 -5.62
C ASP S 338 -43.47 -15.65 -5.58
N PRO S 339 -42.20 -15.78 -6.04
CA PRO S 339 -41.39 -15.03 -7.00
C PRO S 339 -41.70 -15.56 -8.40
N LEU S 340 -42.43 -14.77 -9.18
CA LEU S 340 -42.76 -15.20 -10.53
C LEU S 340 -41.87 -14.51 -11.55
N SER S 341 -41.45 -13.29 -11.23
CA SER S 341 -40.47 -12.56 -12.02
C SER S 341 -39.21 -12.44 -11.17
N TYR S 342 -38.30 -13.38 -11.32
CA TYR S 342 -37.09 -13.42 -10.52
C TYR S 342 -35.93 -13.81 -11.42
N VAL S 343 -34.73 -13.48 -10.97
CA VAL S 343 -33.50 -13.84 -11.69
C VAL S 343 -33.48 -15.36 -11.86
N PRO S 344 -32.92 -15.88 -12.94
CA PRO S 344 -32.83 -17.35 -13.09
C PRO S 344 -32.29 -18.08 -11.87
N MET S 345 -31.64 -17.39 -10.93
CA MET S 345 -31.27 -17.98 -9.65
C MET S 345 -30.27 -19.11 -9.82
N VAL S 346 -29.19 -18.85 -10.56
CA VAL S 346 -28.24 -19.91 -10.88
C VAL S 346 -27.38 -20.24 -9.67
N GLY S 347 -26.78 -19.24 -9.05
CA GLY S 347 -25.71 -19.49 -8.10
C GLY S 347 -26.15 -20.25 -6.86
N VAL S 348 -27.36 -20.00 -6.40
CA VAL S 348 -27.74 -20.41 -5.05
C VAL S 348 -27.75 -21.92 -4.94
N THR S 349 -27.16 -22.42 -3.84
CA THR S 349 -27.23 -23.82 -3.44
C THR S 349 -27.24 -23.83 -1.92
N GLY S 350 -28.39 -24.17 -1.35
CA GLY S 350 -28.58 -23.82 0.05
C GLY S 350 -28.68 -22.31 0.12
N LYS S 351 -27.76 -21.68 0.84
CA LYS S 351 -26.83 -22.37 1.72
C LYS S 351 -27.13 -21.88 3.12
N GLY S 352 -27.07 -20.57 3.30
CA GLY S 352 -27.46 -19.95 4.53
C GLY S 352 -28.93 -19.62 4.52
N PHE S 353 -29.77 -20.63 4.36
CA PHE S 353 -31.22 -20.47 4.32
C PHE S 353 -31.81 -21.23 5.51
N LYS S 354 -32.14 -20.51 6.59
CA LYS S 354 -32.89 -21.11 7.71
C LYS S 354 -34.07 -20.16 7.84
N LEU S 355 -35.33 -20.57 7.70
CA LEU S 355 -36.41 -19.58 7.66
C LEU S 355 -36.93 -19.22 8.95
N ILE S 356 -36.22 -18.45 9.75
CA ILE S 356 -36.81 -18.01 11.01
C ILE S 356 -37.62 -16.80 10.68
N ASN S 357 -38.89 -17.01 10.34
CA ASN S 357 -39.72 -15.90 9.94
C ASN S 357 -39.73 -15.08 11.15
N LYS S 358 -39.48 -13.80 11.01
CA LYS S 358 -39.57 -12.95 12.16
C LYS S 358 -41.04 -12.85 12.22
N ALA S 359 -41.62 -13.02 13.39
CA ALA S 359 -43.06 -13.08 13.58
C ALA S 359 -43.40 -14.52 13.31
N LEU S 360 -44.51 -15.01 13.85
CA LEU S 360 -44.86 -16.42 13.73
C LEU S 360 -43.94 -17.18 14.66
N VAL S 361 -43.20 -16.49 15.51
CA VAL S 361 -42.39 -17.15 16.51
C VAL S 361 -43.09 -16.64 17.72
N VAL S 362 -43.49 -17.51 18.64
CA VAL S 362 -44.27 -17.03 19.75
C VAL S 362 -43.60 -17.15 21.07
N GLY S 363 -43.24 -18.36 21.45
CA GLY S 363 -42.51 -18.52 22.69
C GLY S 363 -41.25 -19.15 22.24
N ALA S 364 -40.09 -18.65 22.63
CA ALA S 364 -38.93 -18.90 21.81
C ALA S 364 -37.95 -19.71 22.58
N GLU S 365 -38.43 -20.48 23.56
CA GLU S 365 -37.56 -21.28 24.42
C GLU S 365 -36.33 -21.65 23.69
N SER S 366 -35.22 -20.99 24.00
CA SER S 366 -34.01 -21.19 23.24
C SER S 366 -33.44 -22.56 23.24
N ALA S 367 -33.44 -23.20 24.39
CA ALA S 367 -32.73 -24.46 24.48
C ALA S 367 -33.25 -25.74 23.89
N ALA S 368 -33.70 -26.63 24.75
CA ALA S 368 -34.12 -27.99 24.33
C ALA S 368 -35.20 -28.63 25.19
N LEU S 369 -35.92 -29.58 24.62
CA LEU S 369 -36.91 -30.33 25.39
C LEU S 369 -36.27 -31.60 25.91
N ASN S 370 -35.31 -32.15 25.18
CA ASN S 370 -34.62 -33.37 25.60
C ASN S 370 -33.29 -33.45 24.90
N VAL S 371 -32.69 -34.62 24.83
CA VAL S 371 -31.45 -34.78 24.09
C VAL S 371 -31.83 -35.22 22.73
N ALA S 372 -33.12 -35.35 22.49
CA ALA S 372 -33.58 -35.66 21.15
C ALA S 372 -33.88 -34.26 20.65
N SER S 373 -34.92 -34.08 19.88
CA SER S 373 -35.15 -32.77 19.31
C SER S 373 -33.87 -32.29 18.60
N GLU S 374 -33.20 -31.28 19.14
CA GLU S 374 -31.99 -30.72 18.52
C GLU S 374 -32.31 -30.15 17.17
N GLY S 375 -31.84 -30.77 16.11
CA GLY S 375 -32.23 -30.33 14.77
C GLY S 375 -32.46 -31.61 14.03
N LEU S 376 -32.53 -31.58 12.70
CA LEU S 376 -32.70 -32.80 11.93
C LEU S 376 -31.78 -33.86 12.51
N ARG S 377 -32.33 -34.93 13.08
CA ARG S 377 -31.52 -35.92 13.74
C ARG S 377 -30.91 -36.86 12.74
N THR S 378 -29.96 -36.40 11.92
CA THR S 378 -29.46 -37.24 10.83
C THR S 378 -28.04 -37.78 10.88
N SER S 379 -27.76 -38.87 10.17
CA SER S 379 -26.47 -39.54 10.23
C SER S 379 -25.73 -39.53 8.93
N VAL S 380 -25.91 -38.52 8.10
CA VAL S 380 -25.12 -38.41 6.88
C VAL S 380 -24.56 -37.05 6.97
N ALA S 381 -23.38 -36.80 6.45
CA ALA S 381 -22.94 -35.43 6.39
C ALA S 381 -23.81 -34.86 5.28
N GLY S 382 -24.05 -33.56 5.28
CA GLY S 382 -24.85 -32.96 4.24
C GLY S 382 -26.27 -32.92 4.70
N GLY S 383 -26.53 -33.47 5.87
CA GLY S 383 -27.86 -33.46 6.42
C GLY S 383 -28.14 -32.19 7.16
N ASP S 384 -28.46 -31.15 6.43
CA ASP S 384 -28.69 -29.84 6.98
C ASP S 384 -28.43 -29.06 5.75
N ALA S 385 -27.90 -29.67 4.73
CA ALA S 385 -27.82 -28.94 3.50
C ALA S 385 -28.64 -29.59 2.47
N ASP S 386 -28.85 -30.89 2.54
CA ASP S 386 -29.76 -31.46 1.57
C ASP S 386 -31.13 -30.93 1.93
N TYR S 387 -31.42 -30.86 3.21
CA TYR S 387 -32.70 -30.37 3.64
C TYR S 387 -32.86 -28.95 3.25
N ALA S 388 -31.80 -28.17 3.41
CA ALA S 388 -31.93 -26.77 3.13
C ALA S 388 -32.19 -26.60 1.67
N GLY S 389 -31.54 -27.39 0.87
CA GLY S 389 -31.70 -27.23 -0.54
C GLY S 389 -33.12 -27.54 -0.86
N ALA S 390 -33.64 -28.59 -0.27
CA ALA S 390 -34.96 -28.98 -0.61
C ALA S 390 -35.88 -27.88 -0.25
N ALA S 391 -35.68 -27.30 0.90
CA ALA S 391 -36.59 -26.27 1.32
C ALA S 391 -36.54 -25.07 0.40
N LEU S 392 -35.36 -24.62 0.00
CA LEU S 392 -35.35 -23.42 -0.80
C LEU S 392 -36.13 -23.83 -1.99
N GLY S 393 -35.92 -25.04 -2.44
CA GLY S 393 -36.63 -25.40 -3.66
C GLY S 393 -38.09 -25.69 -3.43
N GLY S 394 -38.47 -26.05 -2.21
CA GLY S 394 -39.86 -26.25 -1.90
C GLY S 394 -40.58 -24.93 -1.68
N PHE S 395 -39.94 -24.03 -0.93
CA PHE S 395 -40.55 -22.73 -0.65
C PHE S 395 -40.72 -21.91 -1.91
N VAL S 396 -39.67 -21.80 -2.73
CA VAL S 396 -39.79 -21.01 -3.95
C VAL S 396 -40.90 -21.56 -4.83
N PHE S 397 -40.92 -22.88 -5.02
CA PHE S 397 -41.95 -23.50 -5.85
C PHE S 397 -43.34 -23.34 -5.27
N GLY S 398 -43.50 -23.42 -3.96
CA GLY S 398 -44.81 -23.30 -3.35
C GLY S 398 -45.35 -21.90 -3.44
N ALA S 399 -44.52 -20.92 -3.09
CA ALA S 399 -44.93 -19.53 -3.25
C ALA S 399 -45.24 -19.22 -4.70
N GLY S 400 -44.46 -19.78 -5.63
CA GLY S 400 -44.74 -19.57 -7.04
C GLY S 400 -46.05 -20.19 -7.50
N MET S 401 -46.35 -21.40 -7.02
CA MET S 401 -47.65 -21.98 -7.33
C MET S 401 -48.78 -21.13 -6.77
N SER S 402 -48.60 -20.59 -5.57
CA SER S 402 -49.60 -19.70 -5.01
C SER S 402 -49.80 -18.46 -5.88
N ALA S 403 -48.71 -17.80 -6.29
CA ALA S 403 -48.83 -16.62 -7.12
C ALA S 403 -49.45 -16.94 -8.48
N ILE S 404 -49.10 -18.08 -9.07
CA ILE S 404 -49.64 -18.39 -10.39
C ILE S 404 -51.10 -18.80 -10.28
N SER S 405 -51.52 -19.40 -9.17
CA SER S 405 -52.94 -19.68 -9.01
C SER S 405 -53.73 -18.42 -8.71
N ASP S 406 -53.14 -17.43 -8.05
CA ASP S 406 -53.80 -16.13 -7.97
C ASP S 406 -53.88 -15.46 -9.33
N ALA S 407 -52.87 -15.65 -10.18
CA ALA S 407 -52.91 -15.04 -11.50
C ALA S 407 -53.95 -15.70 -12.40
N VAL S 408 -54.01 -17.03 -12.41
CA VAL S 408 -55.04 -17.69 -13.21
C VAL S 408 -56.43 -17.44 -12.64
N ALA S 409 -56.53 -17.17 -11.34
CA ALA S 409 -57.81 -16.74 -10.78
C ALA S 409 -58.31 -15.49 -11.49
N ALA S 410 -57.47 -14.45 -11.53
CA ALA S 410 -57.85 -13.25 -12.27
C ALA S 410 -58.01 -13.50 -13.76
N GLY S 411 -57.26 -14.45 -14.32
CA GLY S 411 -57.46 -14.83 -15.70
C GLY S 411 -58.81 -15.46 -15.96
N LEU S 412 -59.43 -16.03 -14.94
CA LEU S 412 -60.81 -16.51 -15.04
C LEU S 412 -61.84 -15.53 -14.51
N LYS S 413 -61.43 -14.47 -13.82
CA LYS S 413 -62.40 -13.47 -13.36
C LYS S 413 -62.99 -12.70 -14.54
N ARG S 414 -62.29 -12.65 -15.66
CA ARG S 414 -62.79 -11.89 -16.80
C ARG S 414 -64.00 -12.56 -17.45
N SER S 415 -64.17 -13.86 -17.24
CA SER S 415 -65.39 -14.52 -17.70
C SER S 415 -66.52 -14.34 -16.68
N LYS S 416 -66.32 -14.85 -15.46
CA LYS S 416 -67.28 -14.69 -14.38
C LYS S 416 -66.57 -14.06 -13.19
N PRO S 417 -67.27 -13.29 -12.37
CA PRO S 417 -66.60 -12.63 -11.25
C PRO S 417 -66.13 -13.58 -10.16
N GLU S 418 -66.80 -14.72 -9.96
CA GLU S 418 -66.47 -15.64 -8.89
C GLU S 418 -67.22 -16.95 -9.08
N ALA S 419 -66.54 -18.09 -8.90
CA ALA S 419 -67.24 -19.36 -8.75
C ALA S 419 -67.01 -19.97 -7.38
N GLU S 420 -65.80 -20.45 -7.05
CA GLU S 420 -65.37 -20.51 -5.66
C GLU S 420 -63.90 -20.13 -5.53
N PHE S 421 -63.07 -20.64 -6.45
CA PHE S 421 -61.64 -20.33 -6.57
C PHE S 421 -60.92 -20.44 -5.22
N ASP S 422 -60.83 -21.68 -4.73
CA ASP S 422 -59.95 -22.02 -3.60
C ASP S 422 -59.33 -23.40 -3.86
N ASN S 423 -58.15 -23.46 -4.50
CA ASN S 423 -57.40 -22.37 -5.15
C ASN S 423 -57.02 -21.20 -4.24
N GLU S 424 -56.02 -21.38 -3.39
CA GLU S 424 -54.96 -22.37 -3.62
C GLU S 424 -54.14 -22.77 -2.41
N PHE S 425 -52.94 -23.26 -2.74
CA PHE S 425 -51.95 -23.83 -1.85
C PHE S 425 -51.46 -22.87 -0.77
N ILE S 426 -52.02 -21.65 -0.72
CA ILE S 426 -51.69 -20.71 0.35
C ILE S 426 -51.77 -21.40 1.70
N GLY S 427 -52.77 -22.26 1.89
CA GLY S 427 -52.89 -23.03 3.10
C GLY S 427 -51.68 -23.89 3.39
N PRO S 428 -51.42 -24.88 2.53
CA PRO S 428 -50.24 -25.73 2.75
C PRO S 428 -48.93 -24.96 2.85
N MET S 429 -48.72 -23.96 2.00
CA MET S 429 -47.45 -23.23 2.04
C MET S 429 -47.31 -22.41 3.32
N MET S 430 -48.40 -21.80 3.80
CA MET S 430 -48.30 -21.08 5.05
C MET S 430 -48.10 -22.02 6.23
N ARG S 431 -48.81 -23.14 6.25
CA ARG S 431 -48.65 -24.08 7.35
C ARG S 431 -47.31 -24.80 7.26
N LEU S 432 -46.65 -24.72 6.12
CA LEU S 432 -45.28 -25.21 6.01
C LEU S 432 -44.27 -24.18 6.45
N GLU S 433 -44.50 -22.91 6.12
CA GLU S 433 -43.61 -21.85 6.60
C GLU S 433 -43.64 -21.76 8.12
N ALA S 434 -44.83 -21.87 8.72
CA ALA S 434 -44.90 -21.83 10.17
C ALA S 434 -44.17 -23.02 10.80
N ARG S 435 -44.31 -24.20 10.22
CA ARG S 435 -43.59 -25.36 10.73
C ARG S 435 -42.08 -25.17 10.62
N GLU S 436 -41.61 -24.65 9.51
CA GLU S 436 -40.17 -24.38 9.36
C GLU S 436 -39.69 -23.40 10.40
N THR S 437 -40.44 -22.31 10.62
CA THR S 437 -40.06 -21.36 11.65
C THR S 437 -40.03 -22.01 13.02
N ALA S 438 -40.98 -22.87 13.33
CA ALA S 438 -40.96 -23.56 14.61
C ALA S 438 -39.77 -24.51 14.72
N ARG S 439 -39.38 -25.13 13.61
CA ARG S 439 -38.23 -26.03 13.62
C ARG S 439 -36.94 -25.26 13.88
N ASN S 440 -36.81 -24.07 13.27
CA ASN S 440 -35.55 -23.34 13.38
C ASN S 440 -35.51 -22.50 14.65
N ALA S 441 -36.66 -22.12 15.18
CA ALA S 441 -36.72 -21.26 16.34
C ALA S 441 -37.03 -22.01 17.64
N ASN S 442 -37.09 -23.33 17.60
CA ASN S 442 -37.14 -24.24 18.75
C ASN S 442 -38.45 -24.20 19.52
N SER S 443 -39.49 -23.54 19.03
CA SER S 443 -40.79 -23.57 19.70
C SER S 443 -41.86 -22.96 18.80
N ALA S 444 -43.02 -22.73 19.39
CA ALA S 444 -44.13 -22.05 18.73
C ALA S 444 -44.64 -22.77 17.49
N ASP S 445 -45.23 -23.94 17.65
CA ASP S 445 -45.87 -24.66 16.55
C ASP S 445 -47.21 -24.04 16.17
N LEU S 446 -47.19 -22.84 15.59
CA LEU S 446 -48.41 -22.12 15.26
C LEU S 446 -49.14 -22.70 14.06
N SER S 447 -48.61 -23.77 13.48
CA SER S 447 -49.24 -24.42 12.35
C SER S 447 -50.04 -25.62 12.81
N ARG S 448 -50.61 -25.54 14.00
CA ARG S 448 -51.32 -26.64 14.61
C ARG S 448 -52.80 -26.30 14.74
N MET S 449 -53.62 -26.97 13.94
CA MET S 449 -55.06 -26.86 14.11
C MET S 449 -55.45 -27.37 15.49
N ASN S 450 -56.61 -26.94 15.97
CA ASN S 450 -56.97 -27.27 17.33
C ASN S 450 -58.47 -27.11 17.55
N THR S 451 -59.06 -28.10 18.21
CA THR S 451 -58.45 -29.42 18.39
C THR S 451 -59.48 -30.48 18.05
N GLU S 452 -60.73 -30.15 18.39
CA GLU S 452 -61.78 -31.15 18.58
C GLU S 452 -62.73 -31.19 17.40
N ASN S 453 -63.45 -32.31 17.17
CA ASN S 453 -63.32 -33.67 17.72
C ASN S 453 -64.37 -34.45 16.91
N MET S 454 -64.41 -35.79 16.97
CA MET S 454 -63.48 -36.65 17.69
C MET S 454 -62.54 -37.33 16.71
N LYS S 455 -61.61 -38.11 17.22
CA LYS S 455 -60.61 -38.78 16.41
C LYS S 455 -61.23 -40.05 15.83
N PHE S 456 -62.36 -39.87 15.16
CA PHE S 456 -62.95 -40.90 14.31
C PHE S 456 -63.17 -40.28 12.94
N GLU S 457 -63.11 -41.09 11.89
CA GLU S 457 -63.07 -42.54 12.01
C GLU S 457 -61.67 -43.11 12.06
N GLY S 458 -60.74 -42.51 11.33
CA GLY S 458 -59.49 -43.20 11.08
C GLY S 458 -59.79 -44.52 10.39
N GLU S 459 -58.86 -45.47 10.54
CA GLU S 459 -57.52 -45.28 11.08
C GLU S 459 -56.65 -46.34 10.40
N HIS S 460 -55.83 -45.91 9.44
CA HIS S 460 -55.12 -46.89 8.63
C HIS S 460 -54.14 -47.71 9.46
N ASN S 461 -53.25 -47.04 10.19
CA ASN S 461 -52.30 -47.73 11.03
C ASN S 461 -52.09 -46.96 12.32
N GLY S 462 -52.83 -47.35 13.36
CA GLY S 462 -52.64 -46.77 14.67
C GLY S 462 -53.10 -45.33 14.79
N VAL S 463 -52.58 -44.47 13.93
CA VAL S 463 -52.86 -43.04 14.03
C VAL S 463 -54.33 -42.77 13.74
N PRO S 464 -55.05 -42.11 14.65
CA PRO S 464 -56.41 -41.67 14.33
C PRO S 464 -56.43 -40.25 13.77
N TYR S 465 -57.12 -40.06 12.65
CA TYR S 465 -57.18 -38.74 12.05
C TYR S 465 -58.59 -38.15 12.20
N GLU S 466 -58.80 -36.97 11.62
CA GLU S 466 -60.11 -36.35 11.59
C GLU S 466 -60.18 -35.40 10.41
N ASP S 467 -61.31 -35.42 9.71
CA ASP S 467 -61.48 -34.63 8.50
C ASP S 467 -61.98 -33.23 8.86
N LEU S 468 -61.33 -32.22 8.31
CA LEU S 468 -61.70 -30.83 8.57
C LEU S 468 -62.57 -30.31 7.44
N PRO S 469 -63.78 -29.82 7.70
CA PRO S 469 -64.56 -29.23 6.61
C PRO S 469 -63.93 -27.91 6.21
N THR S 470 -63.14 -27.97 5.14
CA THR S 470 -62.25 -26.91 4.70
C THR S 470 -61.82 -27.31 3.30
N GLU S 471 -60.70 -26.76 2.83
CA GLU S 471 -60.02 -27.23 1.62
C GLU S 471 -60.07 -28.75 1.53
N ARG S 472 -60.25 -29.24 0.30
CA ARG S 472 -60.45 -30.67 0.06
C ARG S 472 -59.42 -31.51 0.80
N GLY S 473 -59.82 -32.72 1.15
CA GLY S 473 -59.23 -33.32 2.34
C GLY S 473 -59.67 -32.47 3.50
N ALA S 474 -58.80 -32.29 4.48
CA ALA S 474 -57.60 -33.07 4.68
C ALA S 474 -57.71 -33.64 6.08
N VAL S 475 -56.64 -34.22 6.60
CA VAL S 475 -56.68 -34.79 7.94
C VAL S 475 -56.16 -33.76 8.93
N VAL S 476 -56.49 -33.98 10.19
CA VAL S 476 -55.89 -33.24 11.30
C VAL S 476 -55.43 -34.27 12.32
N LEU S 477 -54.25 -34.05 12.89
CA LEU S 477 -53.64 -35.04 13.77
C LEU S 477 -54.10 -34.82 15.21
N HIS S 478 -53.48 -35.55 16.14
CA HIS S 478 -53.82 -35.38 17.55
C HIS S 478 -53.11 -34.18 18.15
N ASP S 479 -52.06 -33.70 17.49
CA ASP S 479 -51.34 -32.53 17.98
C ASP S 479 -52.20 -31.26 17.91
N GLY S 480 -52.83 -30.96 16.77
CA GLY S 480 -52.76 -31.69 15.52
C GLY S 480 -52.07 -30.96 14.41
N SER S 481 -50.86 -31.41 14.08
CA SER S 481 -50.21 -30.90 12.89
C SER S 481 -50.95 -31.39 11.66
N VAL S 482 -51.52 -30.45 10.93
CA VAL S 482 -52.42 -30.74 9.82
C VAL S 482 -51.60 -31.14 8.60
N LEU S 483 -52.03 -32.18 7.91
CA LEU S 483 -51.40 -32.68 6.69
C LEU S 483 -52.28 -32.31 5.52
N SER S 484 -51.78 -31.45 4.64
CA SER S 484 -52.50 -31.08 3.42
C SER S 484 -52.90 -32.34 2.67
N ALA S 485 -54.07 -32.30 2.03
CA ALA S 485 -54.45 -33.40 1.15
C ALA S 485 -53.44 -33.52 0.03
N SER S 486 -53.47 -34.63 -0.70
CA SER S 486 -52.49 -34.90 -1.75
C SER S 486 -51.08 -34.90 -1.19
N ASN S 487 -50.94 -35.46 -0.06
CA ASN S 487 -49.69 -35.74 0.62
C ASN S 487 -49.49 -37.25 0.73
N PRO S 488 -48.25 -37.73 0.77
CA PRO S 488 -48.05 -39.18 0.93
C PRO S 488 -48.25 -39.66 2.36
N ILE S 489 -48.66 -38.82 3.30
CA ILE S 489 -48.74 -39.25 4.69
C ILE S 489 -50.18 -39.35 5.16
N ASN S 490 -51.01 -38.36 4.79
CA ASN S 490 -52.33 -38.24 5.40
C ASN S 490 -53.09 -39.55 5.27
N PRO S 491 -53.38 -40.23 6.39
CA PRO S 491 -53.91 -41.60 6.30
C PRO S 491 -55.25 -41.72 5.61
N LYS S 492 -56.05 -40.65 5.57
CA LYS S 492 -57.26 -40.71 4.76
C LYS S 492 -56.92 -41.00 3.31
N THR S 493 -55.96 -40.28 2.73
CA THR S 493 -55.55 -40.53 1.36
C THR S 493 -54.91 -41.90 1.21
N LEU S 494 -54.14 -42.35 2.20
CA LEU S 494 -53.52 -43.66 2.10
C LEU S 494 -54.56 -44.76 2.07
N LYS S 495 -55.60 -44.65 2.90
CA LYS S 495 -56.71 -45.58 2.82
C LYS S 495 -57.40 -45.49 1.47
N GLU S 496 -57.73 -44.26 1.05
CA GLU S 496 -58.41 -44.05 -0.21
C GLU S 496 -57.66 -44.68 -1.37
N PHE S 497 -56.33 -44.68 -1.30
CA PHE S 497 -55.54 -45.28 -2.37
C PHE S 497 -55.46 -46.79 -2.23
N SER S 498 -55.23 -47.28 -1.01
CA SER S 498 -55.34 -48.72 -0.78
C SER S 498 -56.77 -49.17 -0.97
N GLU S 499 -57.71 -48.23 -1.03
CA GLU S 499 -59.08 -48.51 -1.44
C GLU S 499 -59.10 -48.64 -2.96
N VAL S 500 -60.31 -48.56 -3.54
CA VAL S 500 -60.51 -48.79 -4.96
C VAL S 500 -59.53 -47.95 -5.79
N ASP S 501 -58.71 -48.65 -6.59
CA ASP S 501 -57.77 -48.12 -7.57
C ASP S 501 -57.11 -49.29 -8.29
N PRO S 502 -56.42 -49.07 -9.41
CA PRO S 502 -55.67 -50.18 -10.01
C PRO S 502 -54.41 -50.51 -9.22
N PHE S 551 -30.77 -68.27 26.37
CA PHE S 551 -31.56 -69.26 25.63
C PHE S 551 -31.28 -69.17 24.14
N GLY S 552 -31.20 -67.95 23.63
CA GLY S 552 -30.87 -67.73 22.24
C GLY S 552 -32.10 -67.90 21.35
N ALA S 553 -32.28 -66.92 20.46
CA ALA S 553 -33.55 -66.75 19.76
C ALA S 553 -33.45 -65.52 18.87
N THR S 554 -34.33 -65.39 17.87
CA THR S 554 -35.07 -66.47 17.20
C THR S 554 -34.74 -66.32 15.74
N ALA S 555 -35.53 -66.99 14.90
CA ALA S 555 -35.42 -66.76 13.46
C ALA S 555 -35.90 -65.36 13.10
N SER S 556 -37.11 -64.97 13.53
CA SER S 556 -37.62 -63.63 13.22
C SER S 556 -36.76 -62.52 13.78
N ASP S 557 -36.08 -62.74 14.91
CA ASP S 557 -35.14 -61.75 15.41
C ASP S 557 -33.99 -61.56 14.46
N ILE S 558 -33.48 -62.67 13.89
CA ILE S 558 -32.43 -62.56 12.89
C ILE S 558 -32.91 -61.74 11.71
N HIS S 559 -34.13 -61.99 11.24
CA HIS S 559 -34.66 -61.24 10.11
C HIS S 559 -34.72 -59.75 10.38
N GLU S 560 -35.16 -59.35 11.57
CA GLU S 560 -35.23 -57.93 11.88
C GLU S 560 -33.87 -57.29 12.10
N ARG S 561 -32.94 -57.98 12.78
CA ARG S 561 -31.58 -57.45 12.86
C ARG S 561 -31.00 -57.21 11.47
N LEU S 562 -31.21 -58.17 10.57
CA LEU S 562 -30.63 -58.05 9.24
C LEU S 562 -31.32 -56.96 8.42
N HIS S 563 -32.64 -56.88 8.49
CA HIS S 563 -33.32 -55.83 7.76
C HIS S 563 -33.13 -54.46 8.38
N GLY S 564 -32.58 -54.39 9.59
CA GLY S 564 -32.28 -53.12 10.20
C GLY S 564 -30.85 -52.68 9.95
N THR S 565 -29.95 -53.64 9.71
CA THR S 565 -28.59 -53.24 9.37
C THR S 565 -28.41 -53.07 7.87
N ASP S 566 -29.14 -53.84 7.06
CA ASP S 566 -28.99 -53.73 5.62
C ASP S 566 -29.64 -52.48 5.08
N GLN S 567 -30.71 -52.00 5.72
CA GLN S 567 -31.23 -50.70 5.35
C GLN S 567 -30.21 -49.60 5.63
N ARG S 568 -29.48 -49.71 6.74
CA ARG S 568 -28.46 -48.72 7.04
C ARG S 568 -27.33 -48.76 6.03
N THR S 569 -26.85 -49.94 5.68
CA THR S 569 -25.80 -50.00 4.66
C THR S 569 -26.30 -49.60 3.28
N TYR S 570 -27.59 -49.82 2.98
CA TYR S 570 -28.15 -49.29 1.74
C TYR S 570 -28.13 -47.77 1.75
N ASN S 571 -28.46 -47.15 2.88
CA ASN S 571 -28.41 -45.69 2.95
C ASN S 571 -26.99 -45.17 2.80
N ASP S 572 -26.03 -45.81 3.47
CA ASP S 572 -24.64 -45.40 3.30
C ASP S 572 -24.13 -45.62 1.88
N LEU S 573 -24.65 -46.64 1.18
CA LEU S 573 -24.28 -46.83 -0.22
C LEU S 573 -24.92 -45.79 -1.11
N TYR S 574 -26.18 -45.45 -0.82
CA TYR S 574 -26.88 -44.43 -1.60
C TYR S 574 -26.19 -43.08 -1.47
N LYS S 575 -25.72 -42.74 -0.28
CA LYS S 575 -24.99 -41.49 -0.12
C LYS S 575 -23.76 -41.44 -1.02
N ALA S 576 -22.94 -42.49 -0.98
CA ALA S 576 -21.72 -42.50 -1.78
C ALA S 576 -22.03 -42.56 -3.26
N MET S 577 -23.11 -43.23 -3.66
CA MET S 577 -23.45 -43.26 -5.08
C MET S 577 -23.91 -41.90 -5.56
N SER S 578 -24.79 -41.24 -4.80
CA SER S 578 -25.17 -39.87 -5.15
C SER S 578 -23.98 -38.93 -5.14
N ASP S 579 -22.95 -39.22 -4.35
CA ASP S 579 -21.75 -38.41 -4.34
C ASP S 579 -20.81 -38.73 -5.49
N ALA S 580 -20.91 -39.92 -6.08
CA ALA S 580 -20.00 -40.31 -7.15
C ALA S 580 -20.58 -40.06 -8.53
N MET S 581 -21.85 -40.38 -8.72
CA MET S 581 -22.47 -40.17 -10.02
C MET S 581 -22.52 -38.72 -10.36
N LYS S 582 -21.89 -37.89 -9.54
CA LYS S 582 -21.81 -36.47 -9.83
C LYS S 582 -20.40 -35.96 -10.09
N ASP S 583 -19.45 -36.83 -10.35
CA ASP S 583 -18.10 -36.40 -10.67
C ASP S 583 -18.06 -35.91 -12.08
N PRO S 584 -16.98 -35.28 -12.45
CA PRO S 584 -17.04 -34.70 -13.77
C PRO S 584 -17.30 -35.65 -14.89
N GLU S 585 -16.70 -36.82 -14.93
CA GLU S 585 -16.88 -37.68 -16.10
C GLU S 585 -18.29 -37.75 -16.58
N PHE S 586 -19.20 -38.11 -15.69
CA PHE S 586 -20.57 -38.28 -16.09
C PHE S 586 -21.36 -37.02 -16.34
N SER S 587 -21.14 -35.98 -15.53
CA SER S 587 -22.00 -34.80 -15.63
C SER S 587 -21.51 -33.49 -16.21
N THR S 588 -20.33 -33.05 -15.86
CA THR S 588 -19.91 -31.75 -16.28
C THR S 588 -19.84 -31.55 -17.73
N GLY S 589 -19.38 -32.55 -18.43
CA GLY S 589 -19.23 -32.39 -19.83
C GLY S 589 -20.53 -32.67 -20.46
N GLY S 590 -20.50 -32.76 -21.76
CA GLY S 590 -21.70 -33.09 -22.46
C GLY S 590 -22.10 -34.48 -22.14
N ALA S 591 -23.37 -34.79 -22.29
CA ALA S 591 -23.84 -36.10 -21.90
C ALA S 591 -23.24 -37.24 -22.63
N LYS S 592 -22.99 -38.30 -21.91
CA LYS S 592 -22.51 -39.49 -22.53
C LYS S 592 -23.53 -40.43 -21.95
N MET S 593 -23.12 -41.61 -21.55
CA MET S 593 -24.00 -42.60 -20.92
C MET S 593 -24.77 -41.94 -19.79
N SER S 594 -26.10 -41.93 -19.91
CA SER S 594 -26.93 -41.29 -18.89
C SER S 594 -28.36 -41.77 -19.03
N ARG S 595 -29.01 -42.03 -17.90
CA ARG S 595 -28.36 -42.00 -16.60
C ARG S 595 -28.49 -43.36 -15.94
N GLU S 596 -29.46 -44.15 -16.41
CA GLU S 596 -29.53 -45.55 -15.97
C GLU S 596 -28.22 -46.27 -16.22
N GLU S 597 -27.41 -45.75 -17.14
CA GLU S 597 -26.08 -46.30 -17.36
C GLU S 597 -25.04 -45.64 -16.49
N THR S 598 -25.28 -44.42 -16.00
CA THR S 598 -24.22 -43.80 -15.23
C THR S 598 -24.11 -44.39 -13.83
N ARG S 599 -25.11 -45.16 -13.40
CA ARG S 599 -24.94 -45.96 -12.19
C ARG S 599 -24.46 -47.36 -12.54
N TYR S 600 -24.82 -47.86 -13.72
CA TYR S 600 -24.36 -49.17 -14.13
C TYR S 600 -22.86 -49.19 -14.37
N THR S 601 -22.32 -48.13 -14.96
CA THR S 601 -20.89 -48.02 -15.17
C THR S 601 -20.14 -47.50 -13.96
N ILE S 602 -20.82 -47.32 -12.84
CA ILE S 602 -20.12 -47.18 -11.56
C ILE S 602 -20.14 -48.49 -10.79
N TYR S 603 -21.26 -49.19 -10.80
CA TYR S 603 -21.30 -50.50 -10.17
C TYR S 603 -20.46 -51.53 -10.93
N ARG S 604 -20.35 -51.40 -12.25
CA ARG S 604 -19.46 -52.27 -13.00
C ARG S 604 -18.02 -52.09 -12.53
N ARG S 605 -17.58 -50.84 -12.38
CA ARG S 605 -16.25 -50.60 -11.84
C ARG S 605 -16.10 -51.08 -10.41
N ALA S 606 -17.11 -50.85 -9.56
CA ALA S 606 -16.98 -51.27 -8.16
C ALA S 606 -17.07 -52.77 -8.00
N ALA S 607 -17.58 -53.48 -9.00
CA ALA S 607 -17.59 -54.94 -8.92
C ALA S 607 -16.33 -55.53 -9.54
N LEU S 608 -15.88 -54.99 -10.66
CA LEU S 608 -14.67 -55.48 -11.29
C LEU S 608 -13.41 -55.08 -10.55
N ALA S 609 -13.47 -54.05 -9.70
CA ALA S 609 -12.35 -53.76 -8.83
C ALA S 609 -12.32 -54.72 -7.65
N ILE S 610 -13.45 -55.23 -7.24
CA ILE S 610 -13.51 -56.08 -6.04
C ILE S 610 -12.99 -57.43 -6.41
N GLU S 611 -13.52 -57.99 -7.46
CA GLU S 611 -13.12 -59.32 -7.87
C GLU S 611 -11.66 -59.49 -8.29
N ARG S 612 -11.09 -58.56 -9.05
CA ARG S 612 -9.68 -58.64 -9.37
C ARG S 612 -9.13 -57.34 -8.83
N PRO S 613 -8.15 -57.40 -7.94
CA PRO S 613 -7.74 -56.14 -7.33
C PRO S 613 -6.71 -55.27 -8.00
N GLU S 614 -6.15 -55.64 -9.13
CA GLU S 614 -5.22 -54.72 -9.78
C GLU S 614 -6.05 -53.62 -10.35
N LEU S 615 -7.06 -53.98 -11.13
CA LEU S 615 -7.97 -53.02 -11.73
C LEU S 615 -8.37 -52.05 -10.67
N GLN S 616 -8.63 -52.53 -9.45
CA GLN S 616 -8.92 -51.50 -8.37
C GLN S 616 -8.09 -50.26 -8.46
N LYS S 617 -6.94 -50.21 -7.84
CA LYS S 617 -5.89 -49.21 -7.87
C LYS S 617 -6.18 -48.03 -8.81
N ALA S 618 -6.79 -48.22 -9.97
CA ALA S 618 -7.18 -47.07 -10.83
C ALA S 618 -8.63 -46.56 -10.81
N LEU S 619 -9.14 -46.17 -9.63
CA LEU S 619 -10.53 -45.73 -9.50
C LEU S 619 -10.58 -44.38 -8.82
N THR S 620 -11.51 -43.52 -9.21
CA THR S 620 -11.61 -42.20 -8.64
C THR S 620 -11.92 -42.28 -7.19
N PRO S 621 -11.32 -41.41 -6.38
CA PRO S 621 -11.53 -41.54 -4.94
C PRO S 621 -12.94 -41.35 -4.48
N SER S 622 -13.64 -40.34 -4.99
CA SER S 622 -15.00 -40.05 -4.53
C SER S 622 -15.87 -41.15 -4.98
N GLU S 623 -15.27 -42.09 -5.66
CA GLU S 623 -16.00 -43.27 -6.09
C GLU S 623 -15.49 -44.55 -5.45
N ARG S 624 -14.26 -44.57 -4.96
CA ARG S 624 -13.77 -45.75 -4.26
C ARG S 624 -14.54 -46.04 -2.98
N ILE S 625 -15.23 -45.04 -2.43
CA ILE S 625 -15.95 -45.24 -1.18
C ILE S 625 -17.25 -46.01 -1.43
N VAL S 626 -17.63 -46.21 -2.69
CA VAL S 626 -18.75 -47.11 -2.93
C VAL S 626 -18.27 -48.54 -3.12
N MET S 627 -17.11 -48.74 -3.75
CA MET S 627 -16.53 -50.07 -3.80
C MET S 627 -16.21 -50.57 -2.40
N ASP S 628 -15.72 -49.69 -1.53
CA ASP S 628 -15.43 -50.09 -0.17
C ASP S 628 -16.68 -50.60 0.55
N ILE S 629 -17.80 -49.87 0.42
CA ILE S 629 -19.00 -50.26 1.14
C ILE S 629 -19.61 -51.52 0.54
N ILE S 630 -19.59 -51.64 -0.80
CA ILE S 630 -20.09 -52.87 -1.41
C ILE S 630 -19.28 -54.07 -0.94
N LYS S 631 -17.95 -53.95 -0.97
CA LYS S 631 -17.11 -55.05 -0.55
C LYS S 631 -17.34 -55.40 0.91
N ARG S 632 -17.49 -54.38 1.77
CA ARG S 632 -17.70 -54.67 3.18
C ARG S 632 -19.05 -55.33 3.42
N HIS S 633 -20.10 -54.87 2.71
CA HIS S 633 -21.42 -55.48 2.88
C HIS S 633 -21.42 -56.94 2.46
N PHE S 634 -20.91 -57.22 1.25
CA PHE S 634 -20.85 -58.59 0.81
C PHE S 634 -19.90 -59.44 1.66
N ASP S 635 -18.82 -58.87 2.15
CA ASP S 635 -17.93 -59.60 3.03
C ASP S 635 -18.58 -59.91 4.37
N THR S 636 -19.43 -59.01 4.88
CA THR S 636 -20.11 -59.31 6.12
C THR S 636 -21.15 -60.41 5.93
N LYS S 637 -21.91 -60.35 4.84
CA LYS S 637 -22.81 -61.47 4.54
C LYS S 637 -22.04 -62.77 4.39
N ARG S 638 -20.85 -62.73 3.79
CA ARG S 638 -20.04 -63.93 3.67
C ARG S 638 -19.58 -64.44 5.04
N GLU S 639 -18.95 -63.57 5.83
CA GLU S 639 -18.48 -63.94 7.16
C GLU S 639 -19.61 -64.41 8.06
N LEU S 640 -20.85 -64.03 7.76
CA LEU S 640 -21.97 -64.47 8.57
C LEU S 640 -22.61 -65.75 8.05
N MET S 641 -22.46 -66.06 6.76
CA MET S 641 -22.97 -67.31 6.22
C MET S 641 -22.04 -68.49 6.45
N GLU S 642 -20.71 -68.28 6.46
CA GLU S 642 -19.82 -69.40 6.69
C GLU S 642 -20.06 -70.05 8.04
N ASN S 643 -20.39 -69.23 9.05
CA ASN S 643 -20.71 -69.73 10.39
C ASN S 643 -21.92 -68.96 10.91
N PRO S 644 -23.12 -69.33 10.48
CA PRO S 644 -24.32 -68.61 10.91
C PRO S 644 -24.73 -69.00 12.30
N ALA S 645 -23.86 -69.72 12.99
CA ALA S 645 -24.09 -70.03 14.39
C ALA S 645 -23.82 -68.85 15.30
N ILE S 646 -23.57 -67.65 14.76
CA ILE S 646 -23.33 -66.52 15.62
C ILE S 646 -24.71 -66.01 16.00
N PHE S 647 -25.38 -66.75 16.87
CA PHE S 647 -26.79 -66.55 17.17
C PHE S 647 -27.13 -67.51 18.29
N GLY S 648 -28.42 -67.66 18.58
CA GLY S 648 -28.83 -68.59 19.62
C GLY S 648 -28.23 -69.96 19.48
N ASN S 649 -28.51 -70.63 18.36
CA ASN S 649 -28.11 -72.03 18.22
C ASN S 649 -26.59 -72.13 18.05
N THR S 650 -26.09 -73.36 18.26
CA THR S 650 -24.70 -73.69 18.00
C THR S 650 -24.57 -74.74 16.91
N LYS S 651 -25.68 -75.24 16.37
CA LYS S 651 -25.64 -76.06 15.16
C LYS S 651 -25.79 -75.16 13.99
N ALA S 652 -26.05 -75.76 12.84
CA ALA S 652 -26.35 -75.04 11.62
C ALA S 652 -25.00 -74.68 11.21
N VAL S 653 -24.58 -75.27 10.12
CA VAL S 653 -23.20 -75.20 9.78
C VAL S 653 -23.04 -74.69 8.38
N SER S 654 -22.45 -73.51 8.23
CA SER S 654 -21.97 -73.11 6.92
C SER S 654 -22.94 -73.27 5.79
N ILE S 655 -23.96 -72.44 5.70
CA ILE S 655 -24.88 -72.51 4.60
C ILE S 655 -24.06 -72.34 3.33
N PHE S 656 -23.05 -71.47 3.34
CA PHE S 656 -22.28 -71.10 2.12
C PHE S 656 -21.82 -72.16 1.17
N PRO S 657 -21.85 -71.87 -0.13
CA PRO S 657 -21.49 -72.90 -1.09
C PRO S 657 -20.09 -73.45 -1.13
N GLU S 658 -19.06 -72.61 -1.14
CA GLU S 658 -17.73 -73.17 -1.29
C GLU S 658 -16.67 -72.53 -0.44
N SER S 659 -16.73 -72.71 0.86
CA SER S 659 -15.79 -72.05 1.71
C SER S 659 -14.44 -72.68 1.48
N ARG S 660 -13.40 -71.85 1.59
CA ARG S 660 -12.04 -72.00 1.03
C ARG S 660 -11.81 -71.24 -0.28
N HIS S 661 -12.87 -70.88 -0.96
CA HIS S 661 -12.71 -70.08 -2.14
C HIS S 661 -12.68 -68.69 -1.57
N LYS S 662 -11.52 -68.19 -1.19
CA LYS S 662 -11.57 -66.96 -0.43
C LYS S 662 -11.51 -65.71 -1.31
N GLY S 663 -12.66 -65.09 -1.51
CA GLY S 663 -12.76 -63.74 -2.03
C GLY S 663 -14.11 -63.15 -1.66
N THR S 664 -14.26 -61.83 -1.70
CA THR S 664 -15.54 -61.25 -1.44
C THR S 664 -16.32 -61.86 -2.53
N TYR S 665 -17.26 -62.71 -2.22
CA TYR S 665 -18.09 -63.25 -3.30
C TYR S 665 -19.17 -62.24 -3.68
N VAL S 666 -19.02 -61.64 -4.86
CA VAL S 666 -20.09 -60.85 -5.45
C VAL S 666 -21.01 -61.78 -6.23
N PRO S 667 -22.32 -61.69 -6.06
CA PRO S 667 -23.22 -62.73 -6.58
C PRO S 667 -23.18 -62.80 -8.10
N HIS S 668 -22.68 -63.92 -8.63
CA HIS S 668 -22.71 -64.16 -10.05
C HIS S 668 -24.13 -64.50 -10.49
N VAL S 669 -24.84 -63.51 -11.04
CA VAL S 669 -26.21 -63.69 -11.50
C VAL S 669 -26.24 -63.33 -12.99
N TYR S 670 -26.29 -64.35 -13.84
CA TYR S 670 -26.21 -64.12 -15.26
C TYR S 670 -27.56 -63.64 -15.79
N ASP S 671 -27.48 -62.91 -16.90
CA ASP S 671 -28.63 -62.18 -17.43
C ASP S 671 -29.41 -63.03 -18.42
N ARG S 672 -30.67 -62.67 -18.63
CA ARG S 672 -31.51 -63.34 -19.61
C ARG S 672 -31.18 -62.89 -21.02
N HIS S 673 -31.08 -61.57 -21.23
CA HIS S 673 -30.94 -61.03 -22.58
C HIS S 673 -29.53 -61.18 -23.14
N ALA S 674 -28.50 -61.09 -22.28
CA ALA S 674 -27.15 -61.36 -22.74
C ALA S 674 -27.01 -62.82 -23.17
N LYS S 675 -27.68 -63.73 -22.48
CA LYS S 675 -27.73 -65.11 -22.93
C LYS S 675 -28.52 -65.25 -24.21
N ALA S 676 -29.58 -64.47 -24.39
CA ALA S 676 -30.33 -64.50 -25.65
C ALA S 676 -29.46 -64.07 -26.82
N LEU S 677 -28.72 -62.98 -26.68
CA LEU S 677 -27.88 -62.51 -27.77
C LEU S 677 -26.83 -63.54 -28.14
N MET S 678 -26.32 -64.29 -27.17
CA MET S 678 -25.32 -65.30 -27.45
C MET S 678 -25.91 -66.59 -27.98
N ILE S 679 -27.18 -66.90 -27.66
CA ILE S 679 -27.82 -68.07 -28.24
C ILE S 679 -28.52 -67.75 -29.55
N GLN S 680 -28.52 -66.50 -29.99
CA GLN S 680 -29.05 -66.20 -31.30
C GLN S 680 -28.10 -66.67 -32.40
N ARG S 681 -26.80 -66.48 -32.19
CA ARG S 681 -25.76 -67.00 -33.08
C ARG S 681 -24.95 -68.02 -32.31
N TYR S 682 -24.62 -69.15 -32.97
CA TYR S 682 -24.05 -70.34 -32.32
C TYR S 682 -24.81 -70.63 -31.03
N GLY S 683 -26.08 -70.98 -31.17
CA GLY S 683 -27.03 -70.96 -30.06
C GLY S 683 -26.76 -71.79 -28.83
N ALA S 684 -26.83 -73.11 -28.95
CA ALA S 684 -26.84 -73.97 -27.76
C ALA S 684 -25.45 -74.44 -27.37
N GLU S 685 -24.78 -75.18 -28.25
CA GLU S 685 -23.44 -75.65 -27.92
C GLU S 685 -22.42 -74.53 -27.94
N GLY S 686 -22.70 -73.44 -28.66
CA GLY S 686 -21.79 -72.31 -28.68
C GLY S 686 -21.58 -71.74 -27.30
N LEU S 687 -22.65 -71.29 -26.65
CA LEU S 687 -22.57 -70.77 -25.29
C LEU S 687 -22.15 -71.83 -24.28
N GLN S 688 -22.63 -73.06 -24.46
CA GLN S 688 -22.31 -74.14 -23.53
C GLN S 688 -20.83 -74.47 -23.53
N GLU S 689 -20.16 -74.26 -24.67
CA GLU S 689 -18.71 -74.42 -24.73
C GLU S 689 -17.98 -73.14 -24.39
N GLY S 690 -18.61 -71.99 -24.64
CA GLY S 690 -17.95 -70.73 -24.33
C GLY S 690 -17.80 -70.51 -22.84
N ILE S 691 -18.89 -70.65 -22.09
CA ILE S 691 -18.79 -70.49 -20.64
C ILE S 691 -17.94 -71.58 -20.01
N ALA S 692 -17.69 -72.68 -20.73
CA ALA S 692 -16.79 -73.72 -20.21
C ALA S 692 -15.34 -73.34 -20.43
N ARG S 693 -14.98 -73.04 -21.67
CA ARG S 693 -13.59 -72.72 -21.96
C ARG S 693 -13.17 -71.39 -21.35
N SER S 694 -14.11 -70.47 -21.14
CA SER S 694 -13.74 -69.23 -20.48
C SER S 694 -13.33 -69.45 -19.05
N TRP S 695 -13.87 -70.48 -18.41
CA TRP S 695 -13.42 -70.83 -17.07
C TRP S 695 -12.15 -71.68 -17.12
N MET S 696 -12.06 -72.58 -18.09
CA MET S 696 -10.85 -73.35 -18.28
C MET S 696 -9.63 -72.47 -18.56
N ASN S 697 -9.82 -71.29 -19.14
CA ASN S 697 -8.72 -70.35 -19.27
C ASN S 697 -8.17 -69.96 -17.92
N SER S 698 -9.03 -69.46 -17.01
CA SER S 698 -8.57 -69.08 -15.70
C SER S 698 -8.04 -70.26 -14.91
N TYR S 699 -8.54 -71.46 -15.19
CA TYR S 699 -8.06 -72.64 -14.47
C TYR S 699 -6.58 -72.89 -14.70
N VAL S 700 -6.05 -72.46 -15.84
CA VAL S 700 -4.62 -72.62 -16.13
C VAL S 700 -3.88 -71.29 -16.14
N SER S 701 -4.56 -70.17 -15.99
CA SER S 701 -3.93 -68.86 -16.04
C SER S 701 -3.54 -68.33 -14.67
N ARG S 702 -3.77 -69.09 -13.61
CA ARG S 702 -3.42 -68.65 -12.28
C ARG S 702 -2.89 -69.85 -11.51
N PRO S 703 -1.90 -69.64 -10.64
CA PRO S 703 -1.34 -70.78 -9.90
C PRO S 703 -2.14 -71.17 -8.68
N GLU S 704 -3.01 -70.30 -8.18
CA GLU S 704 -3.76 -70.58 -6.96
C GLU S 704 -5.17 -71.10 -7.24
N VAL S 705 -5.84 -70.62 -8.28
CA VAL S 705 -7.10 -71.26 -8.65
C VAL S 705 -6.86 -72.66 -9.17
N LYS S 706 -5.70 -72.91 -9.78
CA LYS S 706 -5.35 -74.27 -10.15
C LYS S 706 -5.25 -75.18 -8.94
N ALA S 707 -4.95 -74.61 -7.76
CA ALA S 707 -4.91 -75.41 -6.55
C ALA S 707 -6.29 -75.55 -5.94
N ARG S 708 -7.06 -74.46 -5.92
CA ARG S 708 -8.34 -74.50 -5.23
C ARG S 708 -9.44 -75.15 -6.07
N VAL S 709 -9.18 -75.44 -7.34
CA VAL S 709 -10.10 -76.31 -8.08
C VAL S 709 -9.78 -77.77 -7.83
N ASP S 710 -8.48 -78.12 -7.82
CA ASP S 710 -8.10 -79.50 -7.57
C ASP S 710 -8.42 -79.92 -6.15
N GLU S 711 -8.32 -79.01 -5.19
CA GLU S 711 -8.71 -79.33 -3.83
C GLU S 711 -10.19 -79.69 -3.74
N MET S 712 -11.02 -79.14 -4.63
CA MET S 712 -12.43 -79.51 -4.67
C MET S 712 -12.66 -80.79 -5.46
N LEU S 713 -11.93 -80.97 -6.56
CA LEU S 713 -12.10 -82.15 -7.40
C LEU S 713 -11.63 -83.43 -6.73
N LYS S 714 -10.51 -83.39 -6.01
CA LYS S 714 -10.06 -84.57 -5.27
C LYS S 714 -11.14 -85.06 -4.31
N GLU S 715 -11.77 -84.13 -3.60
CA GLU S 715 -12.75 -84.51 -2.59
C GLU S 715 -13.99 -85.15 -3.19
N LEU S 716 -14.43 -84.68 -4.36
CA LEU S 716 -15.65 -85.22 -4.95
C LEU S 716 -15.42 -86.60 -5.56
N HIS S 717 -14.56 -86.67 -6.56
CA HIS S 717 -14.36 -87.91 -7.29
C HIS S 717 -12.91 -87.96 -7.79
N GLY S 718 -12.12 -88.85 -7.21
CA GLY S 718 -10.77 -89.05 -7.70
C GLY S 718 -9.68 -88.97 -6.64
N VAL S 719 -8.66 -89.81 -6.82
CA VAL S 719 -7.48 -89.82 -5.96
C VAL S 719 -6.61 -88.64 -6.40
N LYS S 720 -5.57 -88.35 -5.60
CA LYS S 720 -4.81 -87.11 -5.70
C LYS S 720 -4.63 -86.59 -7.12
N GLU S 721 -4.12 -87.42 -8.03
CA GLU S 721 -3.86 -86.94 -9.39
C GLU S 721 -5.17 -86.62 -10.09
N VAL S 722 -5.30 -85.40 -10.58
CA VAL S 722 -6.52 -84.93 -11.23
C VAL S 722 -6.25 -84.81 -12.72
N THR S 723 -6.94 -85.62 -13.50
CA THR S 723 -6.78 -85.58 -14.95
C THR S 723 -7.43 -84.32 -15.52
N PRO S 724 -6.80 -83.67 -16.51
CA PRO S 724 -7.45 -82.51 -17.15
C PRO S 724 -8.78 -82.86 -17.83
N GLU S 725 -9.17 -84.13 -17.87
CA GLU S 725 -10.52 -84.48 -18.30
C GLU S 725 -11.54 -84.29 -17.18
N MET S 726 -11.11 -84.49 -15.93
CA MET S 726 -12.00 -84.27 -14.79
C MET S 726 -12.47 -82.81 -14.74
N VAL S 727 -11.52 -81.87 -14.79
CA VAL S 727 -11.89 -80.48 -14.72
C VAL S 727 -12.70 -80.08 -15.96
N GLU S 728 -12.41 -80.68 -17.10
CA GLU S 728 -13.19 -80.36 -18.30
C GLU S 728 -14.64 -80.77 -18.13
N LYS S 729 -14.87 -82.00 -17.66
CA LYS S 729 -16.26 -82.44 -17.44
C LYS S 729 -16.94 -81.60 -16.38
N TYR S 730 -16.23 -81.27 -15.30
CA TYR S 730 -16.83 -80.45 -14.25
C TYR S 730 -17.24 -79.09 -14.79
N ALA S 731 -16.34 -78.41 -15.50
CA ALA S 731 -16.66 -77.10 -16.04
C ALA S 731 -17.77 -77.18 -17.06
N MET S 732 -17.77 -78.21 -17.90
CA MET S 732 -18.83 -78.35 -18.89
C MET S 732 -20.18 -78.52 -18.23
N ASP S 733 -20.28 -79.42 -17.26
CA ASP S 733 -21.56 -79.68 -16.61
C ASP S 733 -22.01 -78.52 -15.73
N LYS S 734 -21.08 -77.74 -15.18
CA LYS S 734 -21.49 -76.59 -14.40
C LYS S 734 -21.72 -75.35 -15.23
N ALA S 735 -21.27 -75.33 -16.48
CA ALA S 735 -21.69 -74.28 -17.39
C ALA S 735 -23.01 -74.61 -18.03
N TYR S 736 -23.33 -75.90 -18.21
CA TYR S 736 -24.63 -76.29 -18.71
C TYR S 736 -25.77 -75.73 -17.87
N GLY S 737 -25.54 -75.53 -16.58
CA GLY S 737 -26.57 -74.94 -15.74
C GLY S 737 -26.94 -73.53 -16.14
N ILE S 738 -26.00 -72.81 -16.75
CA ILE S 738 -26.26 -71.47 -17.25
C ILE S 738 -26.61 -71.50 -18.73
N SER S 739 -26.27 -72.60 -19.41
CA SER S 739 -26.50 -72.66 -20.85
C SER S 739 -27.98 -72.79 -21.18
N HIS S 740 -28.64 -73.82 -20.66
CA HIS S 740 -29.96 -74.21 -21.15
C HIS S 740 -31.09 -73.70 -20.27
N SER S 741 -31.10 -74.04 -18.98
CA SER S 741 -32.22 -73.69 -18.11
C SER S 741 -31.95 -72.32 -17.49
N ASP S 742 -32.92 -71.41 -17.61
CA ASP S 742 -32.80 -70.06 -17.09
C ASP S 742 -32.99 -70.10 -15.58
N GLN S 743 -32.00 -70.67 -14.89
CA GLN S 743 -32.02 -70.68 -13.43
C GLN S 743 -31.64 -69.33 -12.85
N PHE S 744 -30.96 -68.49 -13.63
CA PHE S 744 -30.37 -67.26 -13.11
C PHE S 744 -30.79 -66.09 -13.98
N THR S 745 -31.44 -65.10 -13.37
CA THR S 745 -31.88 -63.91 -14.08
C THR S 745 -31.60 -62.64 -13.29
N ASN S 762 -38.06 -74.91 -1.40
CA ASN S 762 -37.41 -73.71 -1.93
C ASN S 762 -35.97 -73.98 -2.30
N ASN S 763 -35.40 -73.18 -3.20
CA ASN S 763 -33.95 -73.21 -3.44
C ASN S 763 -33.38 -71.82 -3.78
N SER S 764 -32.06 -71.67 -3.88
CA SER S 764 -31.46 -70.34 -4.06
C SER S 764 -30.49 -70.11 -5.20
N PHE S 765 -30.07 -68.87 -5.37
CA PHE S 765 -29.11 -68.55 -6.42
C PHE S 765 -27.69 -68.33 -5.92
N LEU S 766 -27.42 -68.59 -4.66
CA LEU S 766 -26.04 -68.53 -4.20
C LEU S 766 -25.34 -69.62 -4.94
N GLU S 767 -26.03 -70.72 -5.16
CA GLU S 767 -25.46 -71.87 -5.81
C GLU S 767 -24.78 -71.69 -7.12
N ALA S 768 -24.63 -70.47 -7.62
CA ALA S 768 -24.09 -70.40 -8.95
C ALA S 768 -22.70 -69.89 -8.82
N ARG S 769 -22.15 -70.19 -7.67
CA ARG S 769 -20.86 -69.63 -7.26
C ARG S 769 -19.75 -70.56 -7.71
N ASN S 770 -19.84 -70.95 -8.97
CA ASN S 770 -18.88 -71.89 -9.55
C ASN S 770 -17.46 -71.41 -9.30
N LEU S 771 -16.62 -72.33 -8.83
CA LEU S 771 -15.36 -71.98 -8.22
C LEU S 771 -14.41 -71.23 -9.15
N PHE S 772 -14.50 -71.44 -10.46
CA PHE S 772 -13.61 -70.78 -11.37
C PHE S 772 -13.74 -69.27 -11.28
N ASP S 773 -12.73 -68.57 -11.76
CA ASP S 773 -12.80 -67.13 -11.92
C ASP S 773 -13.10 -66.80 -13.37
N SER S 774 -14.01 -65.85 -13.58
CA SER S 774 -14.50 -65.54 -14.92
C SER S 774 -14.04 -64.13 -15.29
N ASP S 775 -12.84 -64.04 -15.78
CA ASP S 775 -12.28 -62.76 -16.23
C ASP S 775 -11.72 -62.82 -17.64
N LEU S 776 -11.11 -63.94 -18.01
CA LEU S 776 -10.46 -64.04 -19.31
C LEU S 776 -11.47 -64.44 -20.38
N SER S 777 -11.28 -63.87 -21.56
CA SER S 777 -12.17 -64.11 -22.69
C SER S 777 -11.50 -65.07 -23.67
N ILE S 778 -12.29 -66.01 -24.19
CA ILE S 778 -11.82 -66.91 -25.23
C ILE S 778 -12.45 -66.48 -26.56
N THR S 779 -11.76 -66.79 -27.64
CA THR S 779 -12.15 -66.33 -28.96
C THR S 779 -13.13 -67.32 -29.58
N MET S 780 -14.29 -66.81 -30.00
CA MET S 780 -15.29 -67.60 -30.69
C MET S 780 -14.91 -67.78 -32.14
N PRO S 781 -15.40 -68.83 -32.80
CA PRO S 781 -14.99 -69.10 -34.19
C PRO S 781 -15.34 -67.98 -35.16
N ASP S 782 -16.16 -67.02 -34.75
CA ASP S 782 -16.50 -65.88 -35.59
C ASP S 782 -15.62 -64.68 -35.32
N GLY S 783 -14.76 -64.73 -34.31
CA GLY S 783 -13.81 -63.65 -34.09
C GLY S 783 -14.01 -62.87 -32.81
N GLN S 784 -15.26 -62.63 -32.43
CA GLN S 784 -15.54 -61.80 -31.26
C GLN S 784 -15.04 -62.47 -29.99
N GLN S 785 -14.23 -61.76 -29.21
CA GLN S 785 -13.76 -62.26 -27.93
C GLN S 785 -14.92 -62.32 -26.96
N PHE S 786 -15.05 -63.44 -26.26
CA PHE S 786 -16.23 -63.74 -25.47
C PHE S 786 -15.80 -64.09 -24.04
N SER S 787 -16.09 -63.19 -23.11
CA SER S 787 -15.81 -63.41 -21.70
C SER S 787 -17.04 -64.02 -21.03
N VAL S 788 -17.04 -64.04 -19.70
CA VAL S 788 -18.23 -64.39 -18.94
C VAL S 788 -18.81 -63.21 -18.18
N ASN S 789 -17.98 -62.23 -17.80
CA ASN S 789 -18.51 -61.01 -17.20
C ASN S 789 -19.53 -60.32 -18.09
N ASP S 790 -19.51 -60.60 -19.40
CA ASP S 790 -20.56 -60.10 -20.27
C ASP S 790 -21.88 -60.83 -20.03
N LEU S 791 -21.82 -62.12 -19.72
CA LEU S 791 -23.02 -62.81 -19.29
C LEU S 791 -23.46 -62.35 -17.91
N ARG S 792 -22.52 -61.89 -17.09
CA ARG S 792 -22.83 -61.51 -15.73
C ARG S 792 -23.70 -60.26 -15.69
N ASP S 793 -24.12 -59.89 -14.48
CA ASP S 793 -24.94 -58.72 -14.25
C ASP S 793 -24.37 -57.90 -13.11
N PHE S 794 -24.87 -56.68 -12.99
CA PHE S 794 -24.40 -55.66 -12.07
C PHE S 794 -25.58 -54.77 -11.72
N ASP S 795 -25.30 -53.52 -11.35
CA ASP S 795 -26.24 -52.43 -11.15
C ASP S 795 -26.88 -52.44 -9.76
N MET S 796 -26.62 -53.44 -8.93
CA MET S 796 -26.97 -53.42 -7.51
C MET S 796 -28.37 -52.85 -7.27
N PHE S 797 -29.27 -53.08 -8.22
CA PHE S 797 -30.63 -52.57 -8.15
C PHE S 797 -31.64 -53.71 -8.15
N ARG S 798 -31.49 -54.64 -9.08
CA ARG S 798 -32.19 -55.90 -9.04
C ARG S 798 -31.27 -57.02 -8.56
N ILE S 799 -30.09 -56.66 -8.05
CA ILE S 799 -29.08 -57.63 -7.62
C ILE S 799 -28.85 -57.56 -6.11
N MET S 800 -28.48 -56.40 -5.61
CA MET S 800 -28.15 -56.30 -4.20
C MET S 800 -29.38 -56.53 -3.31
N PRO S 801 -30.50 -55.84 -3.51
CA PRO S 801 -31.66 -56.09 -2.65
C PRO S 801 -32.44 -57.35 -3.01
N ALA S 802 -32.12 -58.02 -4.11
CA ALA S 802 -32.71 -59.31 -4.42
C ALA S 802 -31.82 -60.47 -3.98
N TYR S 803 -30.56 -60.16 -3.65
CA TYR S 803 -29.66 -61.13 -3.05
C TYR S 803 -29.72 -61.05 -1.53
N ASP S 804 -29.86 -59.84 -0.99
CA ASP S 804 -29.87 -59.68 0.46
C ASP S 804 -31.07 -60.35 1.09
N ARG S 805 -32.22 -60.32 0.43
CA ARG S 805 -33.39 -60.99 0.99
C ARG S 805 -33.25 -62.50 1.01
N ARG S 806 -32.73 -63.11 -0.07
CA ARG S 806 -32.52 -64.54 -0.06
C ARG S 806 -31.49 -64.94 0.99
N VAL S 807 -30.41 -64.17 1.11
CA VAL S 807 -29.39 -64.48 2.10
C VAL S 807 -29.95 -64.34 3.51
N ASN S 808 -30.73 -63.30 3.77
CA ASN S 808 -31.29 -63.10 5.10
C ASN S 808 -32.34 -64.15 5.43
N GLY S 809 -33.07 -64.65 4.43
CA GLY S 809 -33.96 -65.77 4.69
C GLY S 809 -33.22 -67.03 5.03
N ASP S 810 -32.20 -67.38 4.24
CA ASP S 810 -31.45 -68.58 4.52
C ASP S 810 -30.70 -68.51 5.83
N ILE S 811 -30.14 -67.35 6.17
CA ILE S 811 -29.46 -67.19 7.45
C ILE S 811 -30.42 -67.37 8.61
N ALA S 812 -31.61 -66.78 8.53
CA ALA S 812 -32.55 -66.89 9.63
C ALA S 812 -33.06 -68.33 9.80
N ILE S 813 -33.39 -68.99 8.69
CA ILE S 813 -33.84 -70.38 8.81
C ILE S 813 -32.70 -71.26 9.31
N MET S 814 -31.45 -70.92 8.96
CA MET S 814 -30.31 -71.63 9.49
C MET S 814 -30.19 -71.44 10.99
N GLY S 815 -30.27 -70.18 11.46
CA GLY S 815 -30.19 -69.91 12.88
C GLY S 815 -31.34 -70.51 13.66
N SER S 816 -32.46 -70.80 12.99
CA SER S 816 -33.52 -71.51 13.67
C SER S 816 -33.08 -72.91 14.08
N THR S 817 -32.93 -73.82 13.10
CA THR S 817 -32.35 -75.13 13.36
C THR S 817 -31.30 -75.56 12.34
N GLY S 818 -31.52 -75.28 11.07
CA GLY S 818 -30.67 -75.84 10.04
C GLY S 818 -31.06 -75.40 8.66
N LYS S 819 -30.64 -76.20 7.66
CA LYS S 819 -30.72 -75.81 6.26
C LYS S 819 -32.15 -75.45 5.88
N THR S 820 -32.25 -74.53 4.92
CA THR S 820 -33.55 -74.07 4.43
C THR S 820 -34.25 -75.10 3.57
N THR S 821 -33.58 -75.68 2.60
CA THR S 821 -34.37 -76.40 1.65
C THR S 821 -34.73 -77.56 2.48
N LYS S 822 -33.80 -78.48 2.61
CA LYS S 822 -34.27 -79.80 2.83
C LYS S 822 -35.00 -79.71 4.16
N GLU S 823 -34.35 -79.13 5.17
CA GLU S 823 -34.86 -79.39 6.49
C GLU S 823 -36.22 -78.76 6.59
N LEU S 824 -36.28 -77.50 6.19
CA LEU S 824 -37.42 -76.76 6.64
C LEU S 824 -38.55 -77.36 5.89
N LYS S 825 -38.30 -77.62 4.62
CA LYS S 825 -39.42 -77.91 3.76
C LYS S 825 -40.01 -79.19 4.28
N ASP S 826 -39.12 -80.14 4.53
CA ASP S 826 -39.60 -81.47 4.73
C ASP S 826 -40.42 -81.36 5.94
N GLU S 827 -39.87 -80.72 6.97
CA GLU S 827 -40.59 -80.81 8.23
C GLU S 827 -41.93 -80.11 8.17
N ILE S 828 -41.99 -78.95 7.55
CA ILE S 828 -43.27 -78.27 7.50
C ILE S 828 -44.32 -79.05 6.72
N LEU S 829 -43.92 -79.64 5.59
CA LEU S 829 -44.85 -80.48 4.86
C LEU S 829 -45.30 -81.74 5.62
N ALA S 830 -44.40 -82.35 6.37
CA ALA S 830 -44.67 -83.66 6.91
C ALA S 830 -45.56 -83.53 8.14
N LEU S 831 -45.74 -82.31 8.56
CA LEU S 831 -46.86 -81.93 9.42
C LEU S 831 -48.13 -81.73 8.61
N LYS S 832 -48.00 -81.23 7.38
CA LYS S 832 -49.17 -81.08 6.53
C LYS S 832 -49.75 -82.43 6.12
N ALA S 833 -48.96 -83.26 5.46
CA ALA S 833 -49.42 -84.54 4.94
C ALA S 833 -49.63 -85.60 6.00
N LYS S 834 -49.31 -85.29 7.27
CA LYS S 834 -49.59 -86.18 8.38
C LYS S 834 -50.78 -85.71 9.20
N ALA S 835 -50.93 -84.40 9.39
CA ALA S 835 -52.01 -83.91 10.23
C ALA S 835 -52.51 -82.54 9.77
N GLU S 836 -53.59 -82.46 8.99
CA GLU S 836 -54.20 -83.45 8.08
C GLU S 836 -55.37 -82.73 7.42
N GLY S 837 -56.11 -83.40 6.54
CA GLY S 837 -57.18 -82.71 5.84
C GLY S 837 -58.30 -82.25 6.75
N ASP S 838 -58.75 -83.12 7.65
CA ASP S 838 -59.91 -82.81 8.49
C ASP S 838 -59.52 -81.91 9.67
N GLY S 839 -58.24 -81.90 10.03
CA GLY S 839 -57.76 -81.17 11.18
C GLY S 839 -58.12 -79.70 11.20
N LYS S 840 -58.85 -79.28 12.22
CA LYS S 840 -59.29 -77.88 12.29
C LYS S 840 -58.11 -76.94 12.52
N LYS S 841 -57.09 -77.40 13.24
CA LYS S 841 -55.92 -76.59 13.54
C LYS S 841 -54.77 -76.84 12.56
N THR S 842 -55.08 -77.19 11.31
CA THR S 842 -54.04 -77.35 10.29
C THR S 842 -53.92 -76.12 9.41
N GLY S 843 -54.99 -75.35 9.24
CA GLY S 843 -54.82 -74.00 8.73
C GLY S 843 -53.85 -73.19 9.56
N GLU S 844 -53.72 -73.50 10.84
CA GLU S 844 -52.72 -72.85 11.66
C GLU S 844 -51.32 -73.34 11.30
N VAL S 845 -51.20 -74.55 10.77
CA VAL S 845 -49.93 -75.00 10.20
C VAL S 845 -49.64 -74.27 8.89
N HIS S 846 -50.67 -74.06 8.06
CA HIS S 846 -50.51 -73.19 6.91
C HIS S 846 -50.10 -71.78 7.31
N ALA S 847 -50.51 -71.34 8.50
CA ALA S 847 -50.05 -70.05 9.02
C ALA S 847 -48.53 -70.02 9.15
N LEU S 848 -47.94 -71.05 9.77
CA LEU S 848 -46.48 -71.16 9.91
C LEU S 848 -45.72 -71.34 8.57
N MET S 849 -46.36 -71.97 7.60
CA MET S 849 -45.75 -72.09 6.28
C MET S 849 -45.60 -70.66 5.73
N ASP S 850 -46.58 -69.80 6.02
CA ASP S 850 -46.47 -68.39 5.63
C ASP S 850 -45.36 -67.65 6.33
N THR S 851 -45.12 -67.97 7.59
CA THR S 851 -44.03 -67.36 8.30
C THR S 851 -42.85 -67.72 7.52
N VAL S 852 -42.77 -68.98 7.12
CA VAL S 852 -41.57 -69.38 6.43
C VAL S 852 -41.42 -68.61 5.16
N LYS S 853 -42.48 -68.47 4.38
CA LYS S 853 -42.29 -67.76 3.13
C LYS S 853 -41.83 -66.35 3.40
N ILE S 854 -42.46 -65.65 4.35
CA ILE S 854 -42.11 -64.25 4.56
C ILE S 854 -40.68 -64.14 4.98
N LEU S 855 -40.27 -64.99 5.90
CA LEU S 855 -38.92 -64.86 6.41
C LEU S 855 -37.95 -65.08 5.33
N THR S 856 -38.19 -66.14 4.55
CA THR S 856 -37.23 -66.52 3.54
C THR S 856 -37.05 -65.43 2.56
N GLY S 857 -38.07 -64.61 2.41
CA GLY S 857 -37.97 -63.58 1.40
C GLY S 857 -38.72 -63.72 0.09
N ARG S 858 -39.62 -64.66 -0.04
CA ARG S 858 -40.44 -64.67 -1.23
C ARG S 858 -41.22 -63.42 -1.00
N ALA S 859 -41.75 -63.24 0.19
CA ALA S 859 -42.44 -62.00 0.59
C ALA S 859 -43.71 -61.66 -0.07
N ARG S 860 -44.21 -62.55 -0.91
CA ARG S 860 -45.51 -62.31 -1.49
C ARG S 860 -45.66 -60.93 -2.15
N ARG S 861 -44.65 -60.46 -2.89
CA ARG S 861 -44.70 -59.14 -3.55
C ARG S 861 -45.60 -58.22 -2.78
N ASN S 862 -45.14 -57.74 -1.65
CA ASN S 862 -45.98 -56.98 -0.78
C ASN S 862 -45.31 -55.68 -0.64
N GLN S 863 -44.68 -55.43 0.50
CA GLN S 863 -44.13 -54.11 0.77
C GLN S 863 -44.99 -53.15 -0.03
N ASP S 864 -46.29 -53.12 0.34
CA ASP S 864 -47.29 -52.35 -0.39
C ASP S 864 -46.78 -50.97 -0.78
N THR S 865 -46.34 -50.18 0.19
CA THR S 865 -45.88 -48.83 -0.07
C THR S 865 -44.78 -48.42 0.89
N VAL S 866 -43.95 -47.47 0.46
CA VAL S 866 -43.06 -46.79 1.40
C VAL S 866 -43.88 -46.05 2.44
N TRP S 867 -44.92 -45.35 1.99
CA TRP S 867 -45.54 -44.31 2.78
C TRP S 867 -46.38 -44.83 3.94
N GLU S 868 -47.05 -45.98 3.78
CA GLU S 868 -47.80 -46.51 4.91
C GLU S 868 -46.87 -46.85 6.08
N THR S 869 -45.60 -47.08 5.80
CA THR S 869 -44.62 -47.23 6.88
C THR S 869 -44.26 -45.87 7.47
N SER S 870 -43.91 -44.92 6.62
CA SER S 870 -43.53 -43.59 7.07
C SER S 870 -44.62 -42.91 7.88
N LEU S 871 -45.88 -43.28 7.66
CA LEU S 871 -46.96 -42.68 8.43
C LEU S 871 -46.80 -42.98 9.92
N ARG S 872 -46.78 -44.27 10.28
CA ARG S 872 -46.54 -44.63 11.68
C ARG S 872 -45.16 -44.21 12.14
N ALA S 873 -44.18 -44.24 11.25
CA ALA S 873 -42.84 -43.77 11.63
C ALA S 873 -42.89 -42.35 12.15
N ILE S 874 -43.54 -41.45 11.40
CA ILE S 874 -43.60 -40.06 11.80
C ILE S 874 -44.54 -39.87 12.99
N ASN S 875 -45.63 -40.65 13.05
CA ASN S 875 -46.52 -40.57 14.19
C ASN S 875 -45.76 -40.85 15.49
N ASP S 876 -44.95 -41.91 15.50
CA ASP S 876 -44.16 -42.23 16.68
C ASP S 876 -42.97 -41.28 16.85
N LEU S 877 -42.47 -40.72 15.75
CA LEU S 877 -41.36 -39.78 15.85
C LEU S 877 -41.80 -38.50 16.50
N GLY S 878 -43.07 -38.13 16.34
CA GLY S 878 -43.58 -36.93 16.97
C GLY S 878 -43.58 -36.99 18.48
N PHE S 879 -43.56 -38.19 19.05
CA PHE S 879 -43.53 -38.33 20.49
C PHE S 879 -42.20 -37.88 21.09
N PHE S 880 -41.11 -38.53 20.73
CA PHE S 880 -39.81 -38.27 21.33
C PHE S 880 -39.13 -37.05 20.73
N ALA S 881 -38.95 -37.02 19.42
CA ALA S 881 -38.15 -35.99 18.74
C ALA S 881 -39.08 -34.95 18.14
N LYS S 882 -39.25 -33.83 18.84
CA LYS S 882 -40.17 -32.80 18.39
C LYS S 882 -39.56 -31.83 17.38
N ASN S 883 -38.32 -32.08 16.93
CA ASN S 883 -37.76 -31.25 15.87
C ASN S 883 -37.70 -32.01 14.55
N ALA S 884 -37.17 -33.24 14.59
CA ALA S 884 -37.26 -34.09 13.42
C ALA S 884 -38.71 -34.35 13.03
N TYR S 885 -39.63 -34.26 13.98
CA TYR S 885 -41.05 -34.37 13.66
C TYR S 885 -41.45 -33.29 12.66
N MET S 886 -41.06 -32.05 12.92
CA MET S 886 -41.38 -30.97 11.99
C MET S 886 -40.59 -31.11 10.70
N GLY S 887 -39.33 -31.56 10.79
CA GLY S 887 -38.55 -31.72 9.58
C GLY S 887 -39.17 -32.72 8.61
N ALA S 888 -39.54 -33.90 9.13
CA ALA S 888 -40.12 -34.94 8.30
C ALA S 888 -41.50 -34.57 7.78
N GLN S 889 -42.23 -33.69 8.48
CA GLN S 889 -43.47 -33.21 7.92
C GLN S 889 -43.22 -32.23 6.78
N ASN S 890 -42.25 -31.33 6.94
CA ASN S 890 -41.97 -30.37 5.88
C ASN S 890 -41.48 -31.04 4.61
N ILE S 891 -40.58 -32.01 4.72
CA ILE S 891 -40.05 -32.64 3.51
C ILE S 891 -41.15 -33.36 2.76
N THR S 892 -41.99 -34.10 3.47
CA THR S 892 -43.08 -34.83 2.82
C THR S 892 -44.14 -33.88 2.29
N GLU S 893 -44.35 -32.75 2.97
CA GLU S 893 -45.31 -31.77 2.49
C GLU S 893 -44.85 -31.12 1.19
N ILE S 894 -43.57 -30.78 1.09
CA ILE S 894 -43.03 -30.28 -0.16
C ILE S 894 -43.14 -31.37 -1.23
N ALA S 895 -42.88 -32.61 -0.86
CA ALA S 895 -43.02 -33.72 -1.81
C ALA S 895 -44.42 -33.79 -2.38
N GLY S 896 -45.43 -33.71 -1.50
CA GLY S 896 -46.80 -33.77 -1.98
C GLY S 896 -47.21 -32.54 -2.77
N MET S 897 -46.72 -31.37 -2.39
CA MET S 897 -47.07 -30.16 -3.11
C MET S 897 -46.49 -30.15 -4.51
N ILE S 898 -45.25 -30.61 -4.68
CA ILE S 898 -44.68 -30.64 -6.03
C ILE S 898 -45.53 -31.50 -6.94
N VAL S 899 -45.91 -32.70 -6.49
CA VAL S 899 -46.65 -33.59 -7.36
C VAL S 899 -48.08 -33.11 -7.57
N THR S 900 -48.71 -32.51 -6.56
CA THR S 900 -50.05 -31.98 -6.79
C THR S 900 -50.02 -30.72 -7.65
N GLY S 901 -48.88 -30.05 -7.75
CA GLY S 901 -48.75 -29.01 -8.75
C GLY S 901 -48.57 -29.60 -10.14
N ASN S 902 -47.74 -30.63 -10.25
CA ASN S 902 -47.55 -31.29 -11.54
C ASN S 902 -48.84 -31.89 -12.10
N VAL S 903 -49.73 -32.38 -11.24
CA VAL S 903 -50.97 -32.91 -11.76
C VAL S 903 -51.80 -31.81 -12.40
N ARG S 904 -51.99 -30.69 -11.69
CA ARG S 904 -52.79 -29.59 -12.23
C ARG S 904 -52.20 -29.08 -13.54
N ALA S 905 -50.91 -28.72 -13.53
CA ALA S 905 -50.31 -28.14 -14.73
C ALA S 905 -50.37 -29.09 -15.91
N LEU S 906 -49.83 -30.30 -15.75
CA LEU S 906 -49.84 -31.26 -16.85
C LEU S 906 -51.22 -31.80 -17.16
N GLY S 907 -52.24 -31.43 -16.39
CA GLY S 907 -53.60 -31.73 -16.78
C GLY S 907 -54.18 -30.63 -17.65
N HIS S 908 -53.93 -29.38 -17.33
CA HIS S 908 -54.43 -28.33 -18.19
C HIS S 908 -53.71 -28.31 -19.50
N GLY S 909 -52.38 -28.33 -19.49
CA GLY S 909 -51.57 -28.28 -20.72
C GLY S 909 -51.55 -29.34 -21.79
N ILE S 910 -51.60 -30.61 -21.42
CA ILE S 910 -51.49 -31.68 -22.39
C ILE S 910 -52.83 -32.19 -22.83
N PRO S 911 -53.05 -32.26 -24.14
CA PRO S 911 -54.38 -32.63 -24.61
C PRO S 911 -54.95 -33.99 -24.27
N ILE S 912 -54.20 -35.08 -24.42
CA ILE S 912 -54.83 -36.37 -24.17
C ILE S 912 -55.22 -36.47 -22.72
N LEU S 913 -54.38 -35.99 -21.83
CA LEU S 913 -54.75 -35.99 -20.45
C LEU S 913 -55.95 -35.11 -20.12
N ARG S 914 -56.03 -33.89 -20.66
CA ARG S 914 -57.13 -32.99 -20.26
C ARG S 914 -58.55 -33.34 -20.59
N ASP S 915 -58.82 -33.81 -21.79
CA ASP S 915 -60.20 -34.07 -22.09
C ASP S 915 -60.67 -35.49 -21.99
N THR S 916 -59.76 -36.45 -21.79
CA THR S 916 -60.22 -37.81 -21.59
C THR S 916 -59.66 -38.58 -20.40
N LEU S 917 -58.35 -38.69 -20.29
CA LEU S 917 -57.81 -39.51 -19.23
C LEU S 917 -58.15 -38.97 -17.87
N TYR S 918 -58.04 -37.67 -17.67
CA TYR S 918 -58.28 -37.16 -16.35
C TYR S 918 -59.73 -36.77 -16.25
N LYS S 919 -60.47 -36.96 -17.33
CA LYS S 919 -61.88 -36.59 -17.32
C LYS S 919 -62.62 -37.52 -16.42
N SER S 920 -63.61 -36.99 -15.74
CA SER S 920 -64.33 -37.78 -14.80
C SER S 920 -65.02 -39.01 -15.29
N LYS S 921 -66.02 -38.88 -16.14
CA LYS S 921 -66.79 -40.07 -16.49
C LYS S 921 -67.59 -39.83 -17.78
N PRO S 922 -68.32 -40.83 -18.29
CA PRO S 922 -68.39 -42.23 -17.84
C PRO S 922 -67.30 -43.16 -18.37
N VAL S 923 -67.04 -43.08 -19.68
CA VAL S 923 -66.30 -44.11 -20.41
C VAL S 923 -65.85 -43.53 -21.74
N SER S 924 -64.64 -43.88 -22.17
CA SER S 924 -64.27 -43.65 -23.56
C SER S 924 -64.81 -44.81 -24.40
N ALA S 925 -65.61 -44.49 -25.40
CA ALA S 925 -66.46 -45.51 -26.04
C ALA S 925 -65.63 -46.66 -26.60
N LYS S 926 -64.80 -46.37 -27.60
CA LYS S 926 -64.00 -47.40 -28.25
C LYS S 926 -62.55 -47.38 -27.78
N GLU S 927 -62.14 -46.39 -27.00
CA GLU S 927 -60.78 -46.35 -26.50
C GLU S 927 -60.49 -47.42 -25.46
N LEU S 928 -61.49 -48.22 -25.08
CA LEU S 928 -61.21 -49.39 -24.26
C LEU S 928 -60.31 -50.37 -25.00
N LYS S 929 -60.61 -50.62 -26.28
CA LYS S 929 -59.75 -51.46 -27.10
C LYS S 929 -58.36 -50.87 -27.25
N GLU S 930 -58.20 -49.56 -27.05
CA GLU S 930 -56.88 -48.95 -27.08
C GLU S 930 -56.25 -48.86 -25.69
N LEU S 931 -57.03 -48.66 -24.65
CA LEU S 931 -56.47 -48.67 -23.31
C LEU S 931 -55.95 -50.05 -22.92
N HIS S 932 -56.67 -51.10 -23.28
CA HIS S 932 -56.18 -52.45 -23.04
C HIS S 932 -54.81 -52.65 -23.66
N ALA S 933 -54.67 -52.31 -24.95
CA ALA S 933 -53.39 -52.47 -25.62
C ALA S 933 -52.31 -51.57 -25.04
N SER S 934 -52.67 -50.35 -24.62
CA SER S 934 -51.67 -49.48 -24.01
C SER S 934 -51.13 -50.07 -22.73
N LEU S 935 -52.01 -50.61 -21.88
CA LEU S 935 -51.53 -51.21 -20.64
C LEU S 935 -50.78 -52.50 -20.91
N PHE S 936 -51.24 -53.32 -21.85
CA PHE S 936 -50.52 -54.52 -22.23
C PHE S 936 -49.14 -54.20 -22.76
N GLY S 937 -48.97 -53.04 -23.37
CA GLY S 937 -47.63 -52.62 -23.77
C GLY S 937 -46.68 -52.45 -22.61
N LYS S 938 -47.10 -51.73 -21.58
CA LYS S 938 -46.27 -51.58 -20.39
C LYS S 938 -46.06 -52.90 -19.66
N GLU S 939 -47.02 -53.83 -19.78
CA GLU S 939 -46.80 -55.16 -19.22
C GLU S 939 -45.71 -55.91 -19.99
N VAL S 940 -45.84 -55.95 -21.32
CA VAL S 940 -44.91 -56.70 -22.14
C VAL S 940 -43.51 -56.11 -22.09
N ASP S 941 -43.38 -54.80 -22.00
CA ASP S 941 -42.05 -54.21 -21.90
C ASP S 941 -41.35 -54.66 -20.63
N GLN S 942 -42.01 -54.53 -19.49
CA GLN S 942 -41.42 -55.00 -18.24
C GLN S 942 -41.20 -56.50 -18.26
N LEU S 943 -41.92 -57.24 -19.11
CA LEU S 943 -41.70 -58.67 -19.19
C LEU S 943 -40.53 -59.02 -20.10
N ILE S 944 -40.18 -58.16 -21.05
CA ILE S 944 -39.21 -58.54 -22.07
C ILE S 944 -37.91 -57.74 -21.99
N ARG S 945 -37.98 -56.46 -21.64
CA ARG S 945 -36.84 -55.56 -21.80
C ARG S 945 -35.58 -56.14 -21.18
N PRO S 946 -34.42 -55.91 -21.80
CA PRO S 946 -33.16 -56.43 -21.25
C PRO S 946 -32.81 -55.76 -19.94
N LYS S 947 -32.90 -56.49 -18.84
CA LYS S 947 -32.73 -55.91 -17.52
C LYS S 947 -31.25 -55.61 -17.26
N ARG S 948 -30.74 -54.65 -18.03
CA ARG S 948 -29.41 -54.13 -17.84
C ARG S 948 -29.41 -52.67 -18.29
N ALA S 949 -28.23 -52.10 -18.42
CA ALA S 949 -28.13 -50.76 -18.95
C ALA S 949 -27.13 -50.65 -20.09
N ASP S 950 -25.99 -51.33 -20.03
CA ASP S 950 -25.01 -51.32 -21.10
C ASP S 950 -25.34 -52.32 -22.20
N ILE S 951 -26.52 -52.92 -22.17
CA ILE S 951 -26.96 -53.80 -23.24
C ILE S 951 -28.11 -53.20 -24.03
N VAL S 952 -28.72 -52.12 -23.56
CA VAL S 952 -29.81 -51.48 -24.28
C VAL S 952 -29.31 -50.37 -25.19
N GLN S 953 -28.56 -49.41 -24.67
CA GLN S 953 -28.10 -48.34 -25.54
C GLN S 953 -27.07 -48.83 -26.54
N ARG S 954 -26.21 -49.78 -26.14
CA ARG S 954 -25.27 -50.35 -27.10
C ARG S 954 -25.98 -51.11 -28.20
N LEU S 955 -27.03 -51.87 -27.87
CA LEU S 955 -27.81 -52.55 -28.89
C LEU S 955 -28.56 -51.54 -29.77
N ARG S 956 -28.96 -50.41 -29.19
CA ARG S 956 -29.67 -49.41 -29.97
C ARG S 956 -28.76 -48.68 -30.94
N GLU S 957 -27.56 -48.33 -30.51
CA GLU S 957 -26.61 -47.62 -31.36
C GLU S 957 -25.75 -48.57 -32.20
N ALA S 958 -25.92 -49.87 -32.04
CA ALA S 958 -25.20 -50.81 -32.90
C ALA S 958 -25.76 -50.84 -34.31
N THR S 959 -26.93 -50.22 -34.54
CA THR S 959 -27.48 -50.18 -35.89
C THR S 959 -26.83 -49.06 -36.69
N ASP S 960 -26.30 -48.05 -36.02
CA ASP S 960 -25.61 -46.96 -36.70
C ASP S 960 -24.15 -47.32 -36.96
N SER S 983 -35.08 -32.20 -26.90
CA SER S 983 -36.01 -33.22 -26.41
C SER S 983 -36.08 -34.43 -27.35
N PRO S 984 -36.13 -34.22 -28.67
CA PRO S 984 -36.07 -35.38 -29.57
C PRO S 984 -34.66 -35.86 -29.85
N TRP S 985 -33.70 -35.44 -29.04
CA TRP S 985 -32.30 -35.74 -29.32
C TRP S 985 -31.58 -36.01 -28.02
N THR S 986 -31.06 -37.24 -27.88
CA THR S 986 -30.47 -37.70 -26.64
C THR S 986 -29.11 -37.09 -26.34
N LYS S 987 -28.60 -36.24 -27.24
CA LYS S 987 -27.33 -35.59 -26.94
C LYS S 987 -27.51 -34.47 -25.92
N LEU S 988 -28.69 -33.87 -25.89
CA LEU S 988 -29.00 -32.84 -24.91
C LEU S 988 -30.22 -33.28 -24.12
N LEU S 989 -30.37 -32.74 -22.91
CA LEU S 989 -31.48 -33.04 -22.02
C LEU S 989 -31.86 -34.53 -22.07
N ASN S 990 -30.88 -35.36 -21.71
CA ASN S 990 -31.04 -36.80 -21.86
C ASN S 990 -32.05 -37.37 -20.88
N GLY S 991 -32.26 -36.69 -19.75
CA GLY S 991 -33.19 -37.19 -18.75
C GLY S 991 -34.58 -37.39 -19.28
N THR S 992 -35.12 -36.40 -19.98
CA THR S 992 -36.49 -36.54 -20.49
C THR S 992 -36.53 -37.46 -21.69
N THR S 993 -35.48 -37.48 -22.49
CA THR S 993 -35.46 -38.37 -23.65
C THR S 993 -35.46 -39.83 -23.21
N ASN S 994 -34.79 -40.16 -22.12
CA ASN S 994 -34.83 -41.53 -21.63
C ASN S 994 -36.23 -41.94 -21.21
N TYR S 995 -36.91 -41.11 -20.43
CA TYR S 995 -38.28 -41.42 -20.03
C TYR S 995 -39.19 -41.54 -21.25
N LEU S 996 -39.05 -40.63 -22.22
CA LEU S 996 -39.94 -40.66 -23.37
C LEU S 996 -39.65 -41.86 -24.25
N LEU S 997 -38.39 -42.28 -24.33
CA LEU S 997 -38.09 -43.51 -25.06
C LEU S 997 -38.68 -44.72 -24.38
N ASP S 998 -38.41 -44.90 -23.09
CA ASP S 998 -38.99 -46.00 -22.35
C ASP S 998 -40.47 -45.80 -22.08
N ALA S 999 -41.08 -44.76 -22.64
CA ALA S 999 -42.53 -44.61 -22.63
C ALA S 999 -43.17 -44.91 -23.98
N ALA S 1000 -42.78 -44.19 -25.03
CA ALA S 1000 -43.34 -44.40 -26.36
C ALA S 1000 -43.12 -45.81 -26.87
N ARG S 1001 -42.10 -46.50 -26.35
CA ARG S 1001 -41.85 -47.86 -26.81
C ARG S 1001 -42.97 -48.81 -26.42
N GLN S 1002 -43.53 -48.65 -25.21
CA GLN S 1002 -44.65 -49.52 -24.83
C GLN S 1002 -45.87 -49.24 -25.70
N GLY S 1003 -46.13 -47.98 -26.01
CA GLY S 1003 -47.21 -47.66 -26.90
C GLY S 1003 -47.04 -48.29 -28.27
N MET S 1004 -45.86 -48.12 -28.87
CA MET S 1004 -45.62 -48.72 -30.17
C MET S 1004 -45.73 -50.23 -30.13
N LEU S 1005 -45.18 -50.85 -29.08
CA LEU S 1005 -45.24 -52.29 -28.93
C LEU S 1005 -46.67 -52.79 -28.77
N GLY S 1006 -47.46 -52.16 -27.91
CA GLY S 1006 -48.85 -52.59 -27.77
C GLY S 1006 -49.64 -52.37 -29.04
N ASP S 1007 -49.31 -51.32 -29.79
CA ASP S 1007 -49.96 -51.12 -31.08
C ASP S 1007 -49.60 -52.25 -32.05
N VAL S 1008 -48.34 -52.66 -32.08
CA VAL S 1008 -47.93 -53.75 -32.96
C VAL S 1008 -48.62 -55.04 -32.57
N ILE S 1009 -48.79 -55.29 -31.28
CA ILE S 1009 -49.49 -56.50 -30.85
C ILE S 1009 -50.96 -56.45 -31.21
N SER S 1010 -51.64 -55.35 -30.86
CA SER S 1010 -53.07 -55.25 -31.09
C SER S 1010 -53.41 -55.28 -32.56
N ALA S 1011 -52.67 -54.54 -33.38
CA ALA S 1011 -52.89 -54.56 -34.81
C ALA S 1011 -52.76 -55.97 -35.37
N THR S 1012 -51.64 -56.63 -35.11
CA THR S 1012 -51.43 -57.97 -35.63
C THR S 1012 -52.47 -58.95 -35.09
N LEU S 1013 -52.80 -58.80 -33.80
CA LEU S 1013 -53.65 -59.78 -33.08
C LEU S 1013 -54.64 -60.69 -33.76
N THR S 1014 -55.90 -60.38 -33.58
CA THR S 1014 -56.87 -60.86 -34.54
C THR S 1014 -57.36 -59.60 -35.22
N GLY S 1015 -57.52 -59.64 -36.54
CA GLY S 1015 -57.87 -58.43 -37.24
C GLY S 1015 -56.52 -57.91 -37.68
N LYS S 1016 -56.48 -57.06 -38.70
CA LYS S 1016 -55.20 -56.64 -39.20
C LYS S 1016 -55.09 -55.19 -39.54
N THR S 1017 -53.92 -54.62 -39.34
CA THR S 1017 -53.65 -53.24 -39.71
C THR S 1017 -52.15 -53.31 -39.82
N THR S 1018 -51.62 -53.35 -41.04
CA THR S 1018 -50.19 -53.54 -41.23
C THR S 1018 -49.54 -52.26 -41.72
N ARG S 1019 -49.41 -51.25 -40.87
CA ARG S 1019 -48.68 -50.05 -41.24
C ARG S 1019 -47.26 -50.42 -41.01
N TRP S 1020 -47.03 -51.11 -39.90
CA TRP S 1020 -45.68 -51.51 -39.56
C TRP S 1020 -45.05 -52.57 -40.48
N GLU S 1021 -45.81 -53.55 -40.94
CA GLU S 1021 -45.20 -54.62 -41.75
C GLU S 1021 -44.61 -54.05 -43.00
N LYS S 1022 -45.31 -53.12 -43.65
CA LYS S 1022 -44.71 -52.48 -44.81
C LYS S 1022 -44.00 -51.25 -44.33
N GLU S 1023 -42.73 -51.40 -43.93
CA GLU S 1023 -41.99 -50.24 -43.51
C GLU S 1023 -40.61 -50.16 -44.10
N GLY S 1024 -40.13 -48.93 -44.32
CA GLY S 1024 -38.80 -48.70 -44.85
C GLY S 1024 -37.96 -48.45 -43.64
N PHE S 1025 -38.54 -48.68 -42.47
CA PHE S 1025 -37.85 -48.48 -41.21
C PHE S 1025 -37.41 -49.91 -40.97
N LEU S 1026 -37.26 -50.66 -42.07
CA LEU S 1026 -36.91 -52.06 -41.99
C LEU S 1026 -35.49 -52.29 -41.59
N ARG S 1027 -35.07 -51.73 -40.49
CA ARG S 1027 -33.73 -51.99 -40.03
C ARG S 1027 -33.75 -52.74 -38.72
N GLY S 1028 -32.99 -53.82 -38.64
CA GLY S 1028 -32.98 -54.62 -37.45
C GLY S 1028 -34.13 -55.59 -37.59
N ALA S 1029 -34.95 -55.40 -38.61
CA ALA S 1029 -36.04 -56.33 -38.86
C ALA S 1029 -36.16 -56.54 -40.35
N SER S 1030 -35.80 -57.71 -40.81
CA SER S 1030 -35.88 -58.02 -42.22
C SER S 1030 -37.27 -58.53 -42.48
N VAL S 1031 -37.59 -58.79 -43.74
CA VAL S 1031 -38.88 -59.39 -44.03
C VAL S 1031 -39.16 -60.56 -43.14
N THR S 1032 -38.21 -61.49 -42.98
CA THR S 1032 -38.55 -62.69 -42.21
C THR S 1032 -38.68 -62.42 -40.73
N PRO S 1033 -37.74 -61.65 -40.15
CA PRO S 1033 -37.97 -61.39 -38.73
C PRO S 1033 -39.29 -60.64 -38.50
N GLU S 1034 -39.65 -59.69 -39.37
CA GLU S 1034 -40.88 -58.93 -39.17
C GLU S 1034 -42.06 -59.84 -39.22
N GLN S 1035 -42.04 -60.73 -40.19
CA GLN S 1035 -43.18 -61.63 -40.32
C GLN S 1035 -43.28 -62.51 -39.08
N MET S 1036 -42.14 -62.95 -38.57
CA MET S 1036 -42.14 -63.76 -37.38
C MET S 1036 -42.69 -63.01 -36.18
N ALA S 1037 -42.28 -61.75 -36.02
CA ALA S 1037 -42.69 -60.99 -34.87
C ALA S 1037 -44.18 -60.99 -34.90
N GLY S 1038 -44.75 -61.32 -36.04
CA GLY S 1038 -46.19 -61.40 -36.17
C GLY S 1038 -46.80 -62.68 -35.64
N ILE S 1039 -46.21 -63.83 -35.99
CA ILE S 1039 -46.77 -65.10 -35.54
C ILE S 1039 -46.49 -65.33 -34.06
N LYS S 1040 -45.35 -64.85 -33.57
CA LYS S 1040 -45.11 -64.96 -32.14
C LYS S 1040 -46.09 -64.11 -31.36
N SER S 1041 -46.50 -62.96 -31.91
CA SER S 1041 -47.51 -62.16 -31.24
C SER S 1041 -48.88 -62.81 -31.33
N LEU S 1042 -49.20 -63.40 -32.49
CA LEU S 1042 -50.52 -63.99 -32.68
C LEU S 1042 -50.70 -65.24 -31.83
N ILE S 1043 -49.66 -66.03 -31.64
CA ILE S 1043 -49.80 -67.29 -30.91
C ILE S 1043 -50.09 -67.08 -29.43
N LYS S 1044 -49.73 -65.92 -28.89
CA LYS S 1044 -49.84 -65.75 -27.45
C LYS S 1044 -50.90 -64.86 -26.84
N GLU S 1045 -51.68 -64.13 -27.62
CA GLU S 1045 -52.73 -63.34 -26.99
C GLU S 1045 -54.03 -63.24 -27.77
N HIS S 1046 -55.15 -62.99 -27.09
CA HIS S 1046 -56.43 -62.78 -27.79
C HIS S 1046 -57.21 -61.60 -27.24
N MET S 1047 -57.89 -60.86 -28.11
CA MET S 1047 -58.63 -59.66 -27.72
C MET S 1047 -59.11 -59.62 -26.28
N PHE S 1055 -56.11 -57.29 -24.15
CA PHE S 1055 -55.85 -58.68 -24.41
C PHE S 1055 -54.76 -59.13 -23.49
N THR S 1056 -55.11 -59.30 -22.24
CA THR S 1056 -54.09 -59.64 -21.27
C THR S 1056 -53.88 -61.12 -21.23
N VAL S 1057 -53.18 -61.61 -22.22
CA VAL S 1057 -52.94 -63.01 -22.28
C VAL S 1057 -51.44 -63.30 -22.33
N LYS S 1058 -50.96 -64.19 -21.49
CA LYS S 1058 -49.55 -64.63 -21.51
C LYS S 1058 -48.42 -63.64 -21.90
N ASP S 1059 -47.61 -63.08 -20.98
CA ASP S 1059 -47.19 -63.55 -19.64
C ASP S 1059 -47.05 -65.07 -19.46
N LYS S 1060 -46.11 -65.64 -20.19
CA LYS S 1060 -45.74 -67.04 -20.06
C LYS S 1060 -44.23 -67.16 -20.02
N GLN S 1061 -43.74 -68.17 -19.29
CA GLN S 1061 -42.31 -68.41 -19.26
C GLN S 1061 -41.75 -68.66 -20.67
N ALA S 1062 -42.44 -69.48 -21.46
CA ALA S 1062 -42.02 -69.69 -22.84
C ALA S 1062 -42.18 -68.44 -23.70
N PHE S 1063 -43.05 -67.52 -23.30
CA PHE S 1063 -43.20 -66.27 -24.03
C PHE S 1063 -41.93 -65.43 -23.96
N SER S 1064 -41.20 -65.50 -22.85
CA SER S 1064 -39.96 -64.75 -22.69
C SER S 1064 -38.74 -65.54 -23.17
N MET S 1065 -38.67 -66.84 -22.84
CA MET S 1065 -37.59 -67.69 -23.29
C MET S 1065 -37.82 -68.13 -24.74
N ASP S 1066 -37.99 -67.14 -25.60
CA ASP S 1066 -38.22 -67.34 -27.02
C ASP S 1066 -37.14 -66.59 -27.79
N PRO S 1067 -36.29 -67.29 -28.54
CA PRO S 1067 -35.18 -66.60 -29.23
C PRO S 1067 -35.64 -65.53 -30.21
N ARG S 1068 -36.86 -65.62 -30.74
CA ARG S 1068 -37.37 -64.63 -31.67
C ARG S 1068 -38.07 -63.47 -30.98
N ALA S 1069 -38.27 -63.53 -29.67
CA ALA S 1069 -39.02 -62.50 -28.98
C ALA S 1069 -38.22 -61.22 -28.78
N MET S 1070 -36.88 -61.29 -28.85
CA MET S 1070 -36.10 -60.08 -28.70
C MET S 1070 -36.21 -59.20 -29.94
N ASP S 1071 -36.51 -59.80 -31.09
CA ASP S 1071 -36.77 -59.01 -32.28
C ASP S 1071 -37.97 -58.10 -32.11
N LEU S 1072 -38.97 -58.52 -31.35
CA LEU S 1072 -40.11 -57.65 -31.07
C LEU S 1072 -39.70 -56.42 -30.26
N TRP S 1073 -38.97 -56.64 -29.17
CA TRP S 1073 -38.45 -55.53 -28.38
C TRP S 1073 -37.62 -54.59 -29.26
N ARG S 1074 -36.78 -55.14 -30.12
CA ARG S 1074 -35.93 -54.30 -30.95
C ARG S 1074 -36.71 -53.51 -31.98
N LEU S 1075 -37.65 -54.16 -32.67
CA LEU S 1075 -38.57 -53.45 -33.56
C LEU S 1075 -39.22 -52.28 -32.84
N ALA S 1076 -39.79 -52.54 -31.66
CA ALA S 1076 -40.52 -51.50 -30.95
C ALA S 1076 -39.61 -50.35 -30.54
N ASP S 1077 -38.45 -50.63 -29.95
CA ASP S 1077 -37.58 -49.55 -29.52
C ASP S 1077 -37.04 -48.77 -30.70
N LYS S 1078 -36.68 -49.45 -31.80
CA LYS S 1078 -36.15 -48.72 -32.93
C LYS S 1078 -37.21 -47.85 -33.58
N VAL S 1079 -38.46 -48.32 -33.65
CA VAL S 1079 -39.51 -47.46 -34.17
C VAL S 1079 -39.73 -46.28 -33.23
N ALA S 1080 -39.71 -46.53 -31.92
CA ALA S 1080 -39.94 -45.45 -30.96
C ALA S 1080 -38.84 -44.41 -30.96
N ASP S 1081 -37.63 -44.79 -31.39
CA ASP S 1081 -36.53 -43.83 -31.51
C ASP S 1081 -36.32 -43.33 -32.93
N GLU S 1082 -37.03 -43.87 -33.91
CA GLU S 1082 -36.93 -43.42 -35.28
C GLU S 1082 -38.06 -42.50 -35.70
N ALA S 1083 -39.29 -42.78 -35.28
CA ALA S 1083 -40.44 -42.01 -35.72
C ALA S 1083 -41.04 -41.17 -34.60
N MET S 1084 -41.28 -41.77 -33.43
CA MET S 1084 -42.03 -41.08 -32.40
C MET S 1084 -41.19 -40.06 -31.64
N LEU S 1085 -39.87 -40.18 -31.66
CA LEU S 1085 -39.04 -39.38 -30.76
C LEU S 1085 -37.79 -38.83 -31.43
N ARG S 1086 -37.66 -38.96 -32.74
CA ARG S 1086 -36.55 -38.24 -33.36
C ARG S 1086 -36.94 -37.43 -34.59
N PRO S 1087 -38.06 -36.70 -34.59
CA PRO S 1087 -38.13 -35.50 -35.44
C PRO S 1087 -37.80 -34.27 -34.62
N HIS S 1088 -37.14 -33.28 -35.21
CA HIS S 1088 -36.79 -32.06 -34.49
C HIS S 1088 -37.97 -31.10 -34.37
N LYS S 1089 -39.19 -31.54 -34.67
CA LYS S 1089 -40.37 -30.71 -34.53
C LYS S 1089 -41.58 -31.59 -34.28
N VAL S 1090 -42.45 -31.14 -33.39
CA VAL S 1090 -43.73 -31.81 -33.19
C VAL S 1090 -44.63 -31.42 -34.35
N SER S 1091 -45.60 -32.25 -34.66
CA SER S 1091 -46.42 -32.01 -35.84
C SER S 1091 -47.77 -32.71 -35.71
N LEU S 1092 -48.50 -32.80 -36.81
CA LEU S 1092 -49.68 -33.64 -36.91
C LEU S 1092 -49.25 -34.92 -37.62
N GLN S 1093 -48.63 -35.83 -36.87
CA GLN S 1093 -48.21 -37.10 -37.44
C GLN S 1093 -49.17 -38.22 -37.06
N ASP S 1094 -49.40 -38.42 -35.77
CA ASP S 1094 -50.38 -39.38 -35.28
C ASP S 1094 -51.17 -38.72 -34.14
N SER S 1095 -52.20 -37.98 -34.53
CA SER S 1095 -53.27 -37.55 -33.63
C SER S 1095 -54.64 -37.98 -34.16
N HIS S 1096 -54.67 -38.49 -35.38
CA HIS S 1096 -55.80 -39.25 -35.90
C HIS S 1096 -55.29 -40.63 -36.28
N ALA S 1097 -54.40 -41.17 -35.45
CA ALA S 1097 -53.83 -42.49 -35.68
C ALA S 1097 -53.19 -43.05 -34.42
N PHE S 1098 -52.55 -44.22 -34.52
CA PHE S 1098 -52.01 -44.92 -33.38
C PHE S 1098 -50.90 -44.12 -32.70
N GLY S 1099 -50.86 -44.18 -31.38
CA GLY S 1099 -51.83 -44.94 -30.60
C GLY S 1099 -52.31 -44.20 -29.37
N ALA S 1100 -52.95 -44.90 -28.46
CA ALA S 1100 -53.46 -44.27 -27.25
C ALA S 1100 -52.33 -43.70 -26.42
N LEU S 1101 -51.30 -44.50 -26.16
CA LEU S 1101 -50.12 -44.00 -25.46
C LEU S 1101 -49.18 -43.26 -26.40
N GLY S 1102 -49.22 -43.58 -27.68
CA GLY S 1102 -48.39 -42.87 -28.65
C GLY S 1102 -48.73 -41.40 -28.70
N LYS S 1103 -50.01 -41.05 -28.77
CA LYS S 1103 -50.38 -39.65 -28.73
C LYS S 1103 -50.06 -39.00 -27.39
N MET S 1104 -50.18 -39.74 -26.28
CA MET S 1104 -49.85 -39.17 -24.99
C MET S 1104 -48.38 -38.78 -24.91
N VAL S 1105 -47.49 -39.68 -25.34
CA VAL S 1105 -46.07 -39.32 -25.34
C VAL S 1105 -45.74 -38.30 -26.40
N MET S 1106 -46.44 -38.31 -27.53
CA MET S 1106 -46.22 -37.28 -28.54
C MET S 1106 -46.61 -35.92 -28.00
N GLN S 1107 -47.74 -35.84 -27.28
CA GLN S 1107 -48.13 -34.58 -26.69
C GLN S 1107 -47.27 -34.20 -25.51
N PHE S 1108 -46.66 -35.17 -24.84
CA PHE S 1108 -45.68 -34.84 -23.81
C PHE S 1108 -44.43 -34.22 -24.42
N LYS S 1109 -43.96 -34.79 -25.53
CA LYS S 1109 -42.86 -34.17 -26.25
C LYS S 1109 -43.25 -32.79 -26.78
N SER S 1110 -44.50 -32.64 -27.20
CA SER S 1110 -44.98 -31.32 -27.63
C SER S 1110 -44.97 -30.32 -26.49
N PHE S 1111 -45.43 -30.72 -25.31
CA PHE S 1111 -45.34 -29.84 -24.16
C PHE S 1111 -43.91 -29.53 -23.80
N THR S 1112 -43.02 -30.50 -23.94
CA THR S 1112 -41.60 -30.26 -23.65
C THR S 1112 -41.03 -29.20 -24.57
N ILE S 1113 -41.30 -29.31 -25.87
CA ILE S 1113 -40.80 -28.31 -26.81
C ILE S 1113 -41.46 -26.97 -26.57
N LYS S 1114 -42.76 -26.96 -26.30
CA LYS S 1114 -43.48 -25.71 -26.05
C LYS S 1114 -42.92 -24.98 -24.84
N SER S 1115 -42.68 -25.70 -23.75
CA SER S 1115 -42.09 -25.08 -22.57
C SER S 1115 -40.67 -24.62 -22.85
N LEU S 1116 -39.91 -25.44 -23.57
CA LEU S 1116 -38.52 -25.10 -23.87
C LEU S 1116 -38.40 -23.90 -24.79
N ASN S 1117 -39.51 -23.38 -25.31
CA ASN S 1117 -39.54 -22.18 -26.13
C ASN S 1117 -40.12 -20.99 -25.39
N SER S 1118 -40.32 -21.12 -24.10
CA SER S 1118 -40.97 -20.07 -23.36
C SER S 1118 -40.02 -18.94 -23.31
N LYS S 1119 -40.55 -17.81 -22.92
CA LYS S 1119 -39.71 -16.69 -22.70
C LYS S 1119 -38.76 -16.98 -21.55
N PHE S 1120 -39.22 -17.57 -20.43
CA PHE S 1120 -38.30 -17.65 -19.28
C PHE S 1120 -37.15 -18.52 -19.57
N LEU S 1121 -37.43 -19.67 -20.13
CA LEU S 1121 -36.45 -20.74 -20.26
C LEU S 1121 -35.49 -20.47 -21.40
N ARG S 1122 -35.96 -19.90 -22.51
CA ARG S 1122 -35.05 -19.57 -23.60
C ARG S 1122 -34.06 -18.49 -23.19
N THR S 1123 -34.54 -17.45 -22.49
CA THR S 1123 -33.64 -16.40 -22.01
C THR S 1123 -32.71 -16.90 -20.92
N PHE S 1124 -33.06 -17.98 -20.24
CA PHE S 1124 -32.15 -18.56 -19.27
C PHE S 1124 -31.09 -19.41 -19.96
N TYR S 1125 -31.44 -20.18 -20.97
CA TYR S 1125 -30.42 -20.94 -21.74
C TYR S 1125 -29.43 -20.03 -22.43
N ASP S 1126 -29.88 -18.99 -23.12
CA ASP S 1126 -28.96 -18.16 -23.90
C ASP S 1126 -27.98 -17.53 -22.99
N GLY S 1127 -28.45 -17.09 -21.87
CA GLY S 1127 -27.55 -16.53 -20.91
C GLY S 1127 -26.59 -17.49 -20.30
N TYR S 1128 -27.02 -18.68 -19.90
CA TYR S 1128 -26.10 -19.55 -19.18
C TYR S 1128 -25.82 -20.90 -19.78
N LYS S 1129 -26.41 -21.23 -20.90
CA LYS S 1129 -26.28 -22.57 -21.44
C LYS S 1129 -26.80 -23.60 -20.43
N ASN S 1130 -25.95 -24.40 -19.83
CA ASN S 1130 -26.40 -25.32 -18.79
C ASN S 1130 -27.46 -26.27 -19.17
N ASN S 1131 -27.22 -27.01 -20.23
CA ASN S 1131 -28.15 -28.04 -20.61
C ASN S 1131 -28.36 -29.08 -19.54
N ARG S 1132 -27.87 -28.89 -18.31
CA ARG S 1132 -28.19 -29.94 -17.36
C ARG S 1132 -29.32 -29.48 -16.46
N ALA S 1133 -29.42 -28.17 -16.25
CA ALA S 1133 -30.49 -27.66 -15.41
C ALA S 1133 -31.85 -27.86 -16.04
N ILE S 1134 -32.02 -27.47 -17.30
CA ILE S 1134 -33.28 -27.74 -17.98
C ILE S 1134 -33.53 -29.23 -18.12
N ASP S 1135 -32.48 -30.04 -18.16
CA ASP S 1135 -32.67 -31.48 -18.10
C ASP S 1135 -33.31 -31.90 -16.80
N ALA S 1136 -32.73 -31.50 -15.67
CA ALA S 1136 -33.29 -31.87 -14.38
C ALA S 1136 -34.63 -31.20 -14.12
N ALA S 1137 -34.97 -30.17 -14.90
CA ALA S 1137 -36.30 -29.61 -14.82
C ALA S 1137 -37.30 -30.44 -15.59
N LEU S 1138 -37.07 -30.63 -16.88
CA LEU S 1138 -37.99 -31.36 -17.74
C LEU S 1138 -37.97 -32.87 -17.49
N SER S 1139 -37.10 -33.36 -16.61
CA SER S 1139 -37.16 -34.76 -16.24
C SER S 1139 -38.24 -35.03 -15.20
N ILE S 1140 -38.31 -34.20 -14.16
CA ILE S 1140 -39.32 -34.39 -13.14
C ILE S 1140 -40.72 -34.23 -13.72
N ILE S 1141 -40.89 -33.23 -14.61
CA ILE S 1141 -42.20 -33.00 -15.21
C ILE S 1141 -42.67 -34.25 -15.92
N THR S 1142 -41.86 -34.78 -16.82
CA THR S 1142 -42.24 -35.98 -17.57
C THR S 1142 -42.36 -37.20 -16.69
N SER S 1143 -41.55 -37.34 -15.64
CA SER S 1143 -41.71 -38.47 -14.74
C SER S 1143 -43.07 -38.46 -14.07
N MET S 1144 -43.40 -37.35 -13.39
CA MET S 1144 -44.72 -37.27 -12.76
C MET S 1144 -45.84 -37.32 -13.78
N GLY S 1145 -45.59 -36.86 -15.01
CA GLY S 1145 -46.63 -36.89 -16.01
C GLY S 1145 -46.95 -38.29 -16.47
N LEU S 1146 -45.94 -39.05 -16.86
CA LEU S 1146 -46.17 -40.46 -17.18
C LEU S 1146 -46.71 -41.20 -15.98
N ALA S 1147 -46.32 -40.80 -14.77
CA ALA S 1147 -46.90 -41.37 -13.56
C ALA S 1147 -48.41 -41.22 -13.56
N GLY S 1148 -48.90 -39.98 -13.63
CA GLY S 1148 -50.32 -39.75 -13.71
C GLY S 1148 -50.99 -40.43 -14.89
N GLY S 1149 -50.29 -40.51 -16.03
CA GLY S 1149 -50.91 -41.08 -17.22
C GLY S 1149 -51.15 -42.58 -17.09
N PHE S 1150 -50.12 -43.31 -16.66
CA PHE S 1150 -50.25 -44.75 -16.53
C PHE S 1150 -51.24 -45.15 -15.45
N TYR S 1151 -51.49 -44.27 -14.48
CA TYR S 1151 -52.52 -44.57 -13.50
C TYR S 1151 -53.90 -44.22 -14.00
N ALA S 1152 -54.04 -43.07 -14.67
CA ALA S 1152 -55.35 -42.71 -15.22
C ALA S 1152 -55.82 -43.69 -16.27
N MET S 1153 -54.91 -44.18 -17.11
CA MET S 1153 -55.33 -45.13 -18.14
C MET S 1153 -55.85 -46.42 -17.53
N ALA S 1154 -55.20 -46.90 -16.46
CA ALA S 1154 -55.68 -48.11 -15.81
C ALA S 1154 -56.96 -47.85 -15.04
N ALA S 1155 -57.15 -46.62 -14.59
CA ALA S 1155 -58.36 -46.29 -13.83
C ALA S 1155 -59.61 -46.54 -14.64
N HIS S 1156 -59.62 -46.11 -15.90
CA HIS S 1156 -60.81 -46.30 -16.73
C HIS S 1156 -61.08 -47.76 -17.00
N VAL S 1157 -60.02 -48.56 -17.18
CA VAL S 1157 -60.22 -49.98 -17.41
C VAL S 1157 -60.81 -50.65 -16.18
N LYS S 1158 -60.25 -50.35 -15.00
CA LYS S 1158 -60.83 -50.91 -13.79
C LYS S 1158 -62.28 -50.45 -13.60
N ALA S 1159 -62.57 -49.20 -13.96
CA ALA S 1159 -63.94 -48.70 -13.86
C ALA S 1159 -64.86 -49.52 -14.77
N TYR S 1160 -64.46 -49.73 -16.01
CA TYR S 1160 -65.25 -50.55 -16.92
C TYR S 1160 -65.34 -52.00 -16.47
N ALA S 1161 -64.56 -52.37 -15.48
CA ALA S 1161 -64.71 -53.70 -14.91
C ALA S 1161 -65.51 -53.60 -13.63
N LEU S 1162 -65.75 -52.38 -13.14
CA LEU S 1162 -66.61 -52.23 -11.97
C LEU S 1162 -67.97 -52.56 -12.55
N PRO S 1163 -68.97 -52.90 -11.69
CA PRO S 1163 -70.21 -53.25 -12.37
C PRO S 1163 -70.60 -52.23 -13.39
N LYS S 1164 -70.98 -52.69 -14.57
CA LYS S 1164 -71.33 -51.77 -15.62
C LYS S 1164 -72.61 -51.08 -15.26
N GLU S 1165 -73.31 -51.54 -14.22
CA GLU S 1165 -74.48 -50.80 -13.81
C GLU S 1165 -73.68 -49.64 -13.44
N LYS S 1166 -74.05 -48.46 -13.90
CA LYS S 1166 -73.13 -47.38 -13.67
C LYS S 1166 -72.89 -47.26 -12.21
N ARG S 1167 -71.65 -47.46 -11.83
CA ARG S 1167 -71.27 -47.29 -10.46
C ARG S 1167 -70.01 -46.55 -10.82
N LYS S 1168 -70.19 -45.39 -11.40
CA LYS S 1168 -69.06 -44.64 -11.81
C LYS S 1168 -68.85 -43.57 -10.75
N GLU S 1169 -69.69 -43.52 -9.75
CA GLU S 1169 -69.41 -42.65 -8.61
C GLU S 1169 -68.08 -43.19 -8.16
N TYR S 1170 -67.91 -44.52 -8.21
CA TYR S 1170 -66.62 -45.15 -7.91
C TYR S 1170 -65.69 -44.66 -8.93
N LEU S 1171 -66.15 -44.62 -10.17
CA LEU S 1171 -65.10 -44.12 -11.09
C LEU S 1171 -64.62 -42.75 -10.64
N GLU S 1172 -65.50 -41.85 -10.22
CA GLU S 1172 -65.12 -40.53 -9.72
C GLU S 1172 -64.23 -40.53 -8.48
N ARG S 1173 -64.52 -41.39 -7.52
CA ARG S 1173 -63.71 -41.50 -6.31
C ARG S 1173 -62.26 -41.78 -6.52
N ALA S 1174 -61.81 -41.98 -7.75
CA ALA S 1174 -60.43 -42.39 -7.96
C ALA S 1174 -59.74 -41.59 -9.08
N LEU S 1175 -60.38 -40.55 -9.61
CA LEU S 1175 -59.76 -39.65 -10.57
C LEU S 1175 -59.98 -38.24 -10.03
N ASP S 1176 -59.05 -37.78 -9.20
CA ASP S 1176 -59.11 -36.43 -8.64
C ASP S 1176 -57.72 -36.05 -8.19
N PRO S 1177 -57.37 -34.76 -8.26
CA PRO S 1177 -55.98 -34.36 -7.95
C PRO S 1177 -55.51 -34.70 -6.55
N THR S 1178 -56.39 -35.14 -5.65
CA THR S 1178 -55.94 -35.56 -4.34
C THR S 1178 -55.48 -37.01 -4.32
N MET S 1179 -55.79 -37.78 -5.37
CA MET S 1179 -55.30 -39.15 -5.49
C MET S 1179 -54.29 -39.31 -6.61
N ILE S 1180 -54.41 -38.50 -7.67
CA ILE S 1180 -53.43 -38.57 -8.75
C ILE S 1180 -52.05 -38.17 -8.23
N ALA S 1181 -52.00 -37.13 -7.39
CA ALA S 1181 -50.74 -36.72 -6.82
C ALA S 1181 -50.11 -37.82 -5.98
N HIS S 1182 -50.93 -38.64 -5.33
CA HIS S 1182 -50.38 -39.76 -4.58
C HIS S 1182 -49.98 -40.92 -5.47
N ALA S 1183 -50.77 -41.21 -6.50
CA ALA S 1183 -50.43 -42.29 -7.41
C ALA S 1183 -49.14 -41.97 -8.15
N ALA S 1184 -48.85 -40.69 -8.34
CA ALA S 1184 -47.62 -40.26 -8.97
C ALA S 1184 -46.47 -40.17 -7.98
N LEU S 1185 -46.62 -40.76 -6.80
CA LEU S 1185 -45.52 -40.89 -5.86
C LEU S 1185 -45.14 -42.35 -5.61
N SER S 1186 -46.09 -43.17 -5.19
CA SER S 1186 -45.78 -44.56 -4.91
C SER S 1186 -45.94 -45.42 -6.16
N ARG S 1187 -45.29 -44.97 -7.24
CA ARG S 1187 -45.33 -45.66 -8.53
C ARG S 1187 -44.24 -45.07 -9.40
N SER S 1188 -44.25 -45.41 -10.69
CA SER S 1188 -43.57 -44.60 -11.69
C SER S 1188 -42.07 -44.45 -11.50
N SER S 1189 -41.32 -45.52 -11.72
CA SER S 1189 -39.87 -45.42 -11.88
C SER S 1189 -39.63 -44.35 -12.94
N GLN S 1190 -39.02 -43.21 -12.58
CA GLN S 1190 -38.07 -42.94 -11.48
C GLN S 1190 -36.81 -43.74 -11.75
N LEU S 1191 -36.20 -43.42 -12.90
CA LEU S 1191 -34.94 -44.00 -13.32
C LEU S 1191 -34.10 -42.87 -13.89
N GLY S 1192 -32.77 -42.88 -13.59
CA GLY S 1192 -32.00 -43.87 -12.83
C GLY S 1192 -31.61 -43.41 -11.46
N ALA S 1193 -31.90 -44.22 -10.45
CA ALA S 1193 -31.59 -43.86 -9.07
C ALA S 1193 -30.67 -44.84 -8.39
N PRO S 1194 -29.64 -44.36 -7.73
CA PRO S 1194 -28.84 -45.36 -7.06
C PRO S 1194 -29.74 -45.96 -6.05
N LEU S 1195 -29.84 -47.27 -5.95
CA LEU S 1195 -30.67 -47.95 -4.94
C LEU S 1195 -32.14 -47.65 -5.11
N ALA S 1196 -33.00 -48.19 -4.28
CA ALA S 1196 -34.42 -48.04 -4.56
C ALA S 1196 -35.22 -47.41 -3.48
N MET S 1197 -36.41 -46.96 -3.82
CA MET S 1197 -37.25 -46.32 -2.85
C MET S 1197 -37.64 -47.26 -1.73
N VAL S 1198 -37.97 -48.50 -2.04
CA VAL S 1198 -38.41 -49.41 -1.01
C VAL S 1198 -37.23 -49.85 -0.15
N ASP S 1199 -36.10 -50.15 -0.76
CA ASP S 1199 -34.96 -50.65 -0.01
C ASP S 1199 -34.54 -49.70 1.08
N LEU S 1200 -34.83 -48.42 0.91
CA LEU S 1200 -34.46 -47.44 1.92
C LEU S 1200 -35.42 -47.21 3.10
N VAL S 1201 -36.69 -47.63 3.06
CA VAL S 1201 -37.61 -47.58 4.19
C VAL S 1201 -38.43 -48.86 4.18
N GLY S 1202 -38.71 -49.41 5.36
CA GLY S 1202 -39.45 -50.64 5.47
C GLY S 1202 -39.18 -51.35 6.78
N GLY S 1203 -40.24 -51.81 7.44
CA GLY S 1203 -40.16 -52.32 8.79
C GLY S 1203 -40.91 -53.61 9.05
N VAL S 1204 -40.84 -54.59 8.14
CA VAL S 1204 -41.83 -55.68 8.09
C VAL S 1204 -42.21 -56.16 9.50
N LEU S 1205 -43.52 -56.17 9.75
CA LEU S 1205 -44.02 -56.06 11.12
C LEU S 1205 -44.45 -57.42 11.64
N GLY S 1206 -45.37 -58.14 10.99
CA GLY S 1206 -45.92 -59.33 11.59
C GLY S 1206 -46.27 -60.34 10.52
N PHE S 1207 -46.27 -61.64 10.87
CA PHE S 1207 -46.01 -62.29 12.19
C PHE S 1207 -47.07 -62.02 13.27
N GLU S 1208 -48.28 -61.65 12.87
CA GLU S 1208 -49.41 -61.75 13.78
C GLU S 1208 -49.96 -63.18 13.79
N SER S 1209 -50.25 -63.71 12.60
CA SER S 1209 -50.66 -65.10 12.47
C SER S 1209 -49.60 -66.05 13.05
N SER S 1210 -48.34 -65.60 13.10
CA SER S 1210 -47.32 -66.41 13.75
C SER S 1210 -47.59 -66.55 15.24
N LYS S 1211 -47.91 -65.44 15.91
CA LYS S 1211 -48.32 -65.52 17.30
C LYS S 1211 -49.56 -66.38 17.45
N MET S 1212 -50.50 -66.24 16.51
CA MET S 1212 -51.68 -67.09 16.52
C MET S 1212 -51.29 -68.56 16.54
N ALA S 1213 -50.39 -68.96 15.66
CA ALA S 1213 -49.97 -70.36 15.59
C ALA S 1213 -49.27 -70.80 16.86
N ARG S 1214 -48.28 -70.02 17.31
CA ARG S 1214 -47.57 -70.38 18.54
C ARG S 1214 -48.54 -70.61 19.69
N SER S 1215 -49.42 -69.63 19.94
CA SER S 1215 -50.31 -69.72 21.08
C SER S 1215 -51.30 -70.88 20.93
N THR S 1216 -51.94 -70.98 19.77
CA THR S 1216 -53.03 -71.95 19.62
C THR S 1216 -52.52 -73.38 19.50
N ILE S 1217 -51.26 -73.55 19.13
CA ILE S 1217 -50.71 -74.91 19.06
C ILE S 1217 -49.86 -75.20 20.30
N LEU S 1218 -49.84 -74.28 21.25
CA LEU S 1218 -49.16 -74.59 22.51
C LEU S 1218 -49.55 -75.98 23.02
N PRO S 1219 -50.89 -76.27 23.15
CA PRO S 1219 -51.14 -77.63 23.64
C PRO S 1219 -50.86 -78.66 22.58
N LYS S 1220 -50.91 -78.23 21.32
CA LYS S 1220 -51.06 -79.19 20.23
C LYS S 1220 -49.71 -79.73 19.85
N ASP S 1221 -49.51 -81.00 20.20
CA ASP S 1221 -48.58 -81.87 19.51
C ASP S 1221 -47.20 -81.28 19.36
N THR S 1222 -46.67 -81.37 18.16
CA THR S 1222 -45.33 -80.91 17.98
C THR S 1222 -45.24 -79.70 17.11
N VAL S 1223 -46.35 -79.26 16.52
CA VAL S 1223 -46.15 -78.06 15.72
C VAL S 1223 -45.60 -76.93 16.59
N LYS S 1224 -46.01 -76.91 17.86
CA LYS S 1224 -45.37 -76.02 18.82
C LYS S 1224 -43.86 -76.16 18.74
N GLU S 1225 -43.34 -77.36 18.97
CA GLU S 1225 -41.88 -77.57 19.02
C GLU S 1225 -41.19 -76.86 17.86
N ARG S 1226 -41.87 -76.69 16.73
CA ARG S 1226 -41.34 -75.86 15.66
C ARG S 1226 -41.58 -74.37 15.92
N ASP S 1227 -42.67 -74.03 16.60
CA ASP S 1227 -43.05 -72.61 16.61
C ASP S 1227 -42.14 -71.69 17.43
N PRO S 1228 -41.70 -72.01 18.66
CA PRO S 1228 -40.73 -71.12 19.32
C PRO S 1228 -39.46 -70.89 18.54
N ASN S 1229 -39.30 -71.48 17.36
CA ASN S 1229 -38.09 -71.23 16.58
C ASN S 1229 -38.23 -69.94 15.78
N LYS S 1230 -39.27 -69.83 14.95
CA LYS S 1230 -39.32 -68.69 14.04
C LYS S 1230 -39.70 -67.38 14.73
N PRO S 1231 -40.94 -67.21 15.27
CA PRO S 1231 -41.33 -65.88 15.78
C PRO S 1231 -41.19 -65.68 17.28
N TYR S 1232 -41.03 -64.42 17.69
CA TYR S 1232 -41.27 -64.03 19.08
C TYR S 1232 -42.74 -64.12 19.43
N THR S 1233 -43.05 -63.66 20.63
CA THR S 1233 -44.44 -63.49 21.10
C THR S 1233 -45.32 -62.83 20.05
N LEU S 1262 -18.26 -50.38 6.83
CA LEU S 1262 -18.67 -50.09 8.20
C LEU S 1262 -18.85 -51.36 9.04
N MET S 1263 -19.78 -52.20 8.63
CA MET S 1263 -20.26 -53.29 9.46
C MET S 1263 -19.36 -54.51 9.30
N ASN S 1264 -18.75 -54.94 10.39
CA ASN S 1264 -18.11 -56.24 10.44
C ASN S 1264 -19.12 -57.28 10.93
N ALA S 1265 -18.78 -58.55 10.75
CA ALA S 1265 -19.72 -59.62 11.10
C ALA S 1265 -20.07 -59.62 12.57
N ALA S 1266 -19.23 -59.05 13.42
CA ALA S 1266 -19.53 -58.98 14.84
C ALA S 1266 -20.48 -57.84 15.16
N GLY S 1267 -20.51 -56.79 14.34
CA GLY S 1267 -21.37 -55.66 14.63
C GLY S 1267 -22.81 -55.84 14.21
N VAL S 1268 -23.08 -56.68 13.21
CA VAL S 1268 -24.45 -56.91 12.79
C VAL S 1268 -25.26 -57.53 13.92
N VAL S 1269 -24.67 -58.46 14.66
CA VAL S 1269 -25.40 -59.10 15.74
C VAL S 1269 -25.70 -58.11 16.85
N ASN S 1270 -24.73 -57.27 17.20
CA ASN S 1270 -24.91 -56.33 18.30
C ASN S 1270 -25.90 -55.22 17.98
N SER S 1271 -26.17 -54.94 16.72
CA SER S 1271 -27.03 -53.81 16.37
C SER S 1271 -28.46 -54.06 16.88
N PRO S 1272 -29.17 -53.01 17.26
CA PRO S 1272 -30.56 -53.18 17.70
C PRO S 1272 -31.42 -53.67 16.57
N ASN S 1273 -32.55 -54.28 16.94
CA ASN S 1273 -33.36 -55.04 15.99
C ASN S 1273 -34.61 -54.30 15.52
N LYS S 1274 -34.76 -53.01 15.87
CA LYS S 1274 -35.92 -52.26 15.37
C LYS S 1274 -35.51 -51.12 14.45
N ALA S 1275 -34.83 -50.10 14.96
CA ALA S 1275 -34.48 -48.91 14.18
C ALA S 1275 -33.75 -47.91 15.07
N THR S 1276 -33.27 -46.81 14.48
CA THR S 1276 -32.94 -45.63 15.24
C THR S 1276 -33.65 -44.44 14.62
N GLU S 1277 -33.90 -43.42 15.43
CA GLU S 1277 -34.52 -42.21 14.92
C GLU S 1277 -33.68 -41.61 13.79
N GLN S 1278 -32.36 -41.62 13.96
CA GLN S 1278 -31.48 -41.20 12.88
C GLN S 1278 -31.61 -42.12 11.67
N ASP S 1279 -31.88 -43.41 11.90
CA ASP S 1279 -32.00 -44.35 10.79
C ASP S 1279 -33.16 -43.96 9.89
N PHE S 1280 -34.37 -43.90 10.44
CA PHE S 1280 -35.52 -43.55 9.61
C PHE S 1280 -35.38 -42.13 9.10
N MET S 1281 -34.73 -41.24 9.86
CA MET S 1281 -34.55 -39.88 9.40
C MET S 1281 -33.73 -39.84 8.12
N THR S 1282 -32.56 -40.50 8.12
CA THR S 1282 -31.75 -40.52 6.91
C THR S 1282 -32.43 -41.29 5.79
N GLY S 1283 -33.22 -42.32 6.15
CA GLY S 1283 -33.96 -43.03 5.13
C GLY S 1283 -34.92 -42.13 4.39
N LEU S 1284 -35.69 -41.34 5.15
CA LEU S 1284 -36.65 -40.43 4.53
C LEU S 1284 -35.93 -39.31 3.79
N MET S 1285 -34.83 -38.81 4.35
CA MET S 1285 -34.13 -37.71 3.70
C MET S 1285 -33.42 -38.17 2.43
N ASN S 1286 -33.19 -39.47 2.29
CA ASN S 1286 -32.56 -39.97 1.09
C ASN S 1286 -33.59 -40.40 0.04
N SER S 1287 -34.62 -41.15 0.46
CA SER S 1287 -35.57 -41.69 -0.50
C SER S 1287 -36.40 -40.62 -1.17
N THR S 1288 -36.34 -39.38 -0.69
CA THR S 1288 -37.10 -38.29 -1.30
C THR S 1288 -36.27 -37.44 -2.24
N LYS S 1289 -34.96 -37.62 -2.29
CA LYS S 1289 -34.15 -36.86 -3.23
C LYS S 1289 -34.44 -37.24 -4.67
N GLU S 1290 -35.13 -38.36 -4.90
CA GLU S 1290 -35.48 -38.75 -6.26
C GLU S 1290 -36.76 -38.12 -6.74
N LEU S 1291 -37.47 -37.38 -5.87
CA LEU S 1291 -38.68 -36.69 -6.27
C LEU S 1291 -38.78 -35.26 -5.75
N VAL S 1292 -37.91 -34.85 -4.84
CA VAL S 1292 -37.75 -33.44 -4.48
C VAL S 1292 -36.26 -33.13 -4.64
N PRO S 1293 -35.87 -32.39 -5.66
CA PRO S 1293 -34.45 -32.24 -5.96
C PRO S 1293 -33.74 -31.40 -4.91
N ASN S 1294 -32.44 -31.23 -5.11
CA ASN S 1294 -31.56 -30.47 -4.22
C ASN S 1294 -31.15 -29.12 -4.79
N ASP S 1295 -30.71 -29.10 -6.03
CA ASP S 1295 -30.24 -27.88 -6.69
C ASP S 1295 -31.43 -26.94 -6.84
N PRO S 1296 -31.48 -25.87 -6.07
CA PRO S 1296 -32.73 -25.11 -5.95
C PRO S 1296 -33.11 -24.28 -7.16
N LEU S 1297 -32.35 -24.35 -8.25
CA LEU S 1297 -32.76 -23.60 -9.42
C LEU S 1297 -33.63 -24.42 -10.36
N THR S 1298 -33.45 -25.74 -10.41
CA THR S 1298 -34.36 -26.55 -11.22
C THR S 1298 -35.78 -26.47 -10.69
N GLN S 1299 -35.96 -26.23 -9.39
CA GLN S 1299 -37.30 -25.97 -8.88
C GLN S 1299 -37.92 -24.74 -9.51
N GLN S 1300 -37.20 -23.61 -9.53
CA GLN S 1300 -37.82 -22.40 -10.06
C GLN S 1300 -37.86 -22.44 -11.59
N LEU S 1301 -37.09 -23.32 -12.22
CA LEU S 1301 -37.29 -23.59 -13.64
C LEU S 1301 -38.57 -24.35 -13.88
N VAL S 1302 -38.79 -25.43 -13.13
CA VAL S 1302 -40.07 -26.13 -13.15
C VAL S 1302 -41.21 -25.16 -12.90
N LEU S 1303 -40.99 -24.20 -12.02
CA LEU S 1303 -42.02 -23.20 -11.73
C LEU S 1303 -42.42 -22.43 -12.97
N LYS S 1304 -41.48 -21.73 -13.61
CA LYS S 1304 -41.80 -20.97 -14.80
C LYS S 1304 -42.28 -21.86 -15.93
N ILE S 1305 -41.89 -23.14 -15.94
CA ILE S 1305 -42.41 -24.05 -16.95
C ILE S 1305 -43.88 -24.31 -16.72
N TYR S 1306 -44.28 -24.52 -15.47
CA TYR S 1306 -45.68 -24.69 -15.13
C TYR S 1306 -46.50 -23.45 -15.42
N GLU S 1307 -46.06 -22.29 -14.93
CA GLU S 1307 -46.84 -21.06 -15.03
C GLU S 1307 -47.00 -20.61 -16.47
N ALA S 1308 -46.01 -20.84 -17.32
CA ALA S 1308 -46.14 -20.55 -18.74
C ALA S 1308 -47.23 -21.42 -19.34
N ASN S 1309 -47.34 -22.67 -18.87
CA ASN S 1309 -48.32 -23.59 -19.41
C ASN S 1309 -49.73 -23.24 -18.95
N GLY S 1310 -49.93 -23.15 -17.64
CA GLY S 1310 -51.25 -22.87 -17.10
C GLY S 1310 -51.62 -23.76 -15.94
N VAL S 1311 -52.82 -23.58 -15.39
CA VAL S 1311 -53.27 -24.36 -14.24
C VAL S 1311 -54.75 -24.68 -14.36
N ASP T 11 -50.78 -36.43 44.72
CA ASP T 11 -49.78 -37.02 45.60
C ASP T 11 -48.72 -37.73 44.78
N TYR T 12 -47.48 -37.25 44.86
CA TYR T 12 -47.16 -36.06 45.62
C TYR T 12 -46.22 -35.20 44.78
N ASP T 13 -45.72 -34.11 45.34
CA ASP T 13 -44.96 -33.15 44.53
C ASP T 13 -43.68 -33.72 43.95
N GLY T 14 -43.24 -34.90 44.40
CA GLY T 14 -42.10 -35.53 43.77
C GLY T 14 -42.35 -35.83 42.29
N LEU T 15 -43.56 -36.26 41.97
CA LEU T 15 -43.92 -36.47 40.56
C LEU T 15 -43.91 -35.16 39.80
N PHE T 16 -44.40 -34.08 40.43
CA PHE T 16 -44.41 -32.78 39.76
C PHE T 16 -43.00 -32.28 39.51
N GLN T 17 -42.08 -32.55 40.43
CA GLN T 17 -40.71 -32.08 40.25
C GLN T 17 -40.10 -32.68 38.99
N LYS T 18 -40.46 -33.91 38.66
CA LYS T 18 -39.93 -34.61 37.51
C LYS T 18 -40.75 -34.36 36.24
N ALA T 19 -42.03 -34.03 36.40
CA ALA T 19 -42.87 -33.75 35.24
C ALA T 19 -42.78 -32.31 34.79
N ALA T 20 -42.38 -31.39 35.67
CA ALA T 20 -42.31 -29.97 35.37
C ALA T 20 -40.90 -29.55 34.96
N ASP T 21 -39.91 -30.40 35.16
CA ASP T 21 -38.57 -30.17 34.63
C ASP T 21 -38.45 -30.71 33.22
N ALA T 22 -39.50 -31.35 32.70
CA ALA T 22 -39.55 -31.81 31.33
C ALA T 22 -40.58 -30.98 30.58
N ASN T 23 -40.23 -30.62 29.34
CA ASN T 23 -41.08 -29.96 28.36
C ASN T 23 -41.53 -28.56 28.77
N GLY T 24 -41.19 -28.13 29.98
CA GLY T 24 -41.49 -26.79 30.44
C GLY T 24 -40.48 -26.38 31.49
N VAL T 25 -40.91 -25.80 32.62
CA VAL T 25 -42.21 -25.12 32.86
C VAL T 25 -41.98 -24.47 34.22
N SER T 26 -42.75 -23.43 34.55
CA SER T 26 -42.72 -22.97 35.93
C SER T 26 -43.21 -24.10 36.82
N TYR T 27 -42.33 -24.63 37.68
CA TYR T 27 -42.68 -25.80 38.49
C TYR T 27 -43.91 -25.57 39.35
N ASP T 28 -43.95 -24.44 40.07
CA ASP T 28 -45.02 -24.22 41.03
C ASP T 28 -46.39 -24.14 40.35
N LEU T 29 -46.41 -23.85 39.05
CA LEU T 29 -47.66 -23.85 38.31
C LEU T 29 -48.37 -25.20 38.38
N LEU T 30 -47.63 -26.29 38.15
CA LEU T 30 -48.26 -27.60 38.19
C LEU T 30 -48.79 -27.92 39.57
N ARG T 31 -48.04 -27.56 40.61
CA ARG T 31 -48.49 -27.81 41.97
C ARG T 31 -49.77 -27.03 42.26
N LYS T 32 -49.81 -25.76 41.84
CA LYS T 32 -50.98 -24.94 42.10
C LYS T 32 -52.19 -25.45 41.33
N VAL T 33 -52.00 -25.84 40.07
CA VAL T 33 -53.10 -26.36 39.29
C VAL T 33 -53.63 -27.64 39.90
N ALA T 34 -52.73 -28.52 40.35
CA ALA T 34 -53.16 -29.77 40.98
C ALA T 34 -53.92 -29.50 42.26
N TRP T 35 -53.39 -28.63 43.13
CA TRP T 35 -54.09 -28.28 44.36
C TRP T 35 -55.48 -27.74 44.07
N THR T 36 -55.59 -26.76 43.16
CA THR T 36 -56.87 -26.13 42.91
C THR T 36 -57.86 -27.09 42.26
N GLU T 37 -57.41 -27.88 41.30
CA GLU T 37 -58.34 -28.71 40.54
C GLU T 37 -58.70 -29.99 41.30
N SER T 38 -57.91 -30.36 42.29
CA SER T 38 -58.14 -31.63 42.97
C SER T 38 -58.11 -31.57 44.48
N ARG T 39 -57.44 -30.60 45.09
CA ARG T 39 -57.19 -30.61 46.54
C ARG T 39 -56.45 -31.89 46.94
N PHE T 40 -55.57 -32.35 46.05
CA PHE T 40 -54.71 -33.52 46.30
C PHE T 40 -55.54 -34.78 46.59
N VAL T 41 -56.28 -35.22 45.58
CA VAL T 41 -56.96 -36.51 45.64
C VAL T 41 -56.54 -37.32 44.42
N PRO T 42 -56.10 -38.57 44.59
CA PRO T 42 -55.55 -39.32 43.46
C PRO T 42 -56.56 -39.58 42.35
N THR T 43 -57.67 -40.24 42.67
CA THR T 43 -58.75 -40.36 41.69
C THR T 43 -59.69 -39.17 41.80
N ALA T 44 -60.71 -39.11 40.95
CA ALA T 44 -61.60 -37.94 40.99
C ALA T 44 -62.89 -38.14 40.20
N LYS T 45 -63.83 -37.23 40.44
CA LYS T 45 -65.08 -37.11 39.68
C LYS T 45 -65.52 -35.66 39.80
N SER T 46 -66.34 -35.17 38.88
CA SER T 46 -66.71 -33.77 38.91
C SER T 46 -68.16 -33.61 38.47
N LYS T 47 -68.69 -32.41 38.69
CA LYS T 47 -70.03 -32.09 38.22
C LYS T 47 -70.04 -31.90 36.70
N THR T 48 -69.02 -31.23 36.16
CA THR T 48 -69.02 -30.90 34.74
C THR T 48 -68.60 -32.10 33.89
N GLY T 49 -68.15 -33.18 34.51
CA GLY T 49 -67.72 -34.34 33.76
C GLY T 49 -66.32 -34.88 34.03
N PRO T 50 -65.30 -34.01 34.24
CA PRO T 50 -63.93 -34.52 34.32
C PRO T 50 -63.61 -35.34 35.56
N LEU T 51 -62.98 -36.50 35.36
CA LEU T 51 -62.66 -37.42 36.46
C LEU T 51 -61.16 -37.67 36.47
N GLY T 52 -60.42 -36.79 37.14
CA GLY T 52 -58.98 -36.95 37.25
C GLY T 52 -58.37 -35.88 38.11
N MET T 53 -57.07 -36.05 38.38
CA MET T 53 -56.34 -35.06 39.16
C MET T 53 -56.39 -33.70 38.49
N MET T 54 -55.93 -33.63 37.24
CA MET T 54 -56.04 -32.38 36.50
C MET T 54 -57.44 -32.17 35.94
N GLN T 55 -58.34 -33.12 36.21
CA GLN T 55 -59.74 -32.98 35.83
C GLN T 55 -59.94 -32.78 34.34
N PHE T 56 -59.64 -33.80 33.54
CA PHE T 56 -59.90 -33.78 32.11
C PHE T 56 -60.62 -35.05 31.70
N THR T 57 -61.75 -34.88 31.00
CA THR T 57 -62.44 -36.01 30.37
C THR T 57 -62.53 -35.79 28.87
N LYS T 58 -62.80 -34.57 28.45
CA LYS T 58 -62.74 -34.26 27.02
C LYS T 58 -61.32 -34.43 26.49
N ALA T 59 -60.32 -34.01 27.26
CA ALA T 59 -58.94 -33.99 26.82
C ALA T 59 -58.24 -35.33 26.97
N THR T 60 -58.96 -36.45 27.09
CA THR T 60 -58.28 -37.72 27.33
C THR T 60 -57.45 -38.14 26.10
N ALA T 61 -58.11 -38.34 24.96
CA ALA T 61 -57.44 -38.89 23.78
C ALA T 61 -56.47 -37.91 23.15
N LYS T 62 -56.94 -36.70 22.81
CA LYS T 62 -56.11 -35.76 22.07
C LYS T 62 -54.87 -35.38 22.87
N ALA T 63 -55.03 -35.05 24.16
CA ALA T 63 -53.90 -34.57 24.94
C ALA T 63 -52.89 -35.67 25.17
N LEU T 64 -53.35 -36.84 25.60
CA LEU T 64 -52.44 -37.97 25.80
C LEU T 64 -51.68 -38.28 24.52
N GLY T 65 -52.38 -38.33 23.38
CA GLY T 65 -51.72 -38.65 22.14
C GLY T 65 -50.75 -37.58 21.70
N LEU T 66 -51.04 -36.32 22.03
CA LEU T 66 -50.30 -35.24 21.38
C LEU T 66 -48.87 -35.08 21.91
N ARG T 67 -48.55 -35.74 23.04
CA ARG T 67 -47.23 -35.52 23.68
C ARG T 67 -46.29 -36.70 23.84
N VAL T 68 -45.35 -36.62 24.79
CA VAL T 68 -44.35 -37.66 24.97
C VAL T 68 -44.93 -39.02 25.32
N THR T 69 -45.94 -39.10 26.17
CA THR T 69 -46.54 -40.40 26.42
C THR T 69 -48.05 -40.52 26.10
N ASP T 70 -48.46 -41.55 25.38
CA ASP T 70 -49.87 -41.73 24.98
C ASP T 70 -50.76 -42.38 26.04
N GLY T 71 -52.09 -42.27 25.90
CA GLY T 71 -53.04 -42.83 26.86
C GLY T 71 -54.06 -43.83 26.34
N PRO T 72 -54.68 -44.64 27.25
CA PRO T 72 -55.59 -45.70 26.79
C PRO T 72 -57.11 -45.55 26.85
N ASP T 73 -57.71 -45.39 28.04
CA ASP T 73 -59.18 -45.36 28.08
C ASP T 73 -59.62 -44.14 28.87
N ASP T 74 -60.92 -44.08 29.17
CA ASP T 74 -61.46 -43.02 30.03
C ASP T 74 -61.19 -43.33 31.51
N ASP T 75 -61.60 -44.52 31.95
CA ASP T 75 -61.55 -44.90 33.36
C ASP T 75 -60.14 -45.08 33.89
N ARG T 76 -59.14 -45.14 33.00
CA ARG T 76 -57.78 -45.48 33.37
C ARG T 76 -56.86 -44.26 33.41
N LEU T 77 -57.36 -43.09 33.80
CA LEU T 77 -56.51 -41.92 33.86
C LEU T 77 -55.38 -42.15 34.86
N ASN T 78 -54.17 -42.24 34.33
CA ASN T 78 -53.02 -42.88 34.96
C ASN T 78 -52.42 -41.96 36.01
N PRO T 79 -51.67 -42.53 36.97
CA PRO T 79 -51.06 -41.68 38.02
C PRO T 79 -49.92 -40.82 37.50
N GLU T 80 -49.23 -41.27 36.47
CA GLU T 80 -48.15 -40.48 35.87
C GLU T 80 -48.44 -40.02 34.46
N LEU T 81 -48.95 -40.91 33.62
CA LEU T 81 -49.19 -40.57 32.22
C LEU T 81 -50.10 -39.36 32.10
N ALA T 82 -51.02 -39.19 33.06
CA ALA T 82 -51.92 -38.04 33.03
C ALA T 82 -51.20 -36.78 33.49
N ILE T 83 -50.38 -36.89 34.54
CA ILE T 83 -49.66 -35.73 35.05
C ILE T 83 -48.74 -35.16 33.99
N ASN T 84 -47.98 -36.05 33.32
CA ASN T 84 -47.11 -35.61 32.25
C ASN T 84 -47.87 -35.04 31.07
N ALA T 85 -49.00 -35.63 30.70
CA ALA T 85 -49.80 -35.10 29.59
C ALA T 85 -50.32 -33.71 29.91
N ALA T 86 -50.82 -33.51 31.13
CA ALA T 86 -51.31 -32.19 31.50
C ALA T 86 -50.17 -31.19 31.61
N ALA T 87 -49.01 -31.65 32.08
CA ALA T 87 -47.84 -30.77 32.13
C ALA T 87 -47.43 -30.34 30.73
N LYS T 88 -47.53 -31.24 29.76
CA LYS T 88 -47.20 -30.86 28.39
C LYS T 88 -48.24 -29.89 27.83
N GLN T 89 -49.52 -30.13 28.13
CA GLN T 89 -50.55 -29.20 27.66
C GLN T 89 -50.32 -27.81 28.23
N LEU T 90 -49.99 -27.74 29.52
CA LEU T 90 -49.78 -26.44 30.13
C LEU T 90 -48.49 -25.80 29.62
N ALA T 91 -47.48 -26.61 29.30
CA ALA T 91 -46.26 -26.06 28.73
C ALA T 91 -46.50 -25.53 27.33
N GLY T 92 -47.40 -26.15 26.58
CA GLY T 92 -47.78 -25.60 25.30
C GLY T 92 -48.55 -24.30 25.46
N LEU T 93 -49.49 -24.28 26.41
CA LEU T 93 -50.24 -23.05 26.68
C LEU T 93 -49.32 -21.92 27.10
N VAL T 94 -48.26 -22.23 27.83
CA VAL T 94 -47.24 -21.22 28.15
C VAL T 94 -46.48 -20.85 26.89
N GLY T 95 -46.25 -21.82 26.01
CA GLY T 95 -45.53 -21.54 24.78
C GLY T 95 -46.41 -20.90 23.72
N LYS T 96 -47.63 -21.43 23.55
CA LYS T 96 -48.48 -20.99 22.45
C LYS T 96 -48.87 -19.52 22.55
N PHE T 97 -48.74 -18.89 23.70
CA PHE T 97 -49.11 -17.48 23.82
C PHE T 97 -47.90 -16.57 24.03
N ASP T 98 -47.19 -16.73 25.14
CA ASP T 98 -46.01 -15.93 25.45
C ASP T 98 -45.47 -16.35 26.80
N GLY T 99 -44.39 -15.71 27.26
CA GLY T 99 -43.96 -15.90 28.62
C GLY T 99 -44.90 -15.22 29.61
N ASP T 100 -46.19 -15.58 29.52
CA ASP T 100 -47.22 -15.05 30.40
C ASP T 100 -48.07 -16.21 30.90
N GLU T 101 -47.66 -16.80 32.02
CA GLU T 101 -48.23 -18.07 32.44
C GLU T 101 -49.68 -17.90 32.91
N LEU T 102 -50.07 -16.69 33.32
CA LEU T 102 -51.42 -16.50 33.84
C LEU T 102 -52.45 -16.73 32.75
N LYS T 103 -52.19 -16.23 31.55
CA LYS T 103 -53.09 -16.52 30.43
C LYS T 103 -53.15 -18.00 30.13
N ALA T 104 -52.03 -18.72 30.29
CA ALA T 104 -52.07 -20.16 30.09
C ALA T 104 -52.99 -20.82 31.10
N ALA T 105 -52.90 -20.39 32.36
CA ALA T 105 -53.79 -20.94 33.39
C ALA T 105 -55.25 -20.64 33.08
N LEU T 106 -55.53 -19.41 32.63
CA LEU T 106 -56.90 -19.06 32.30
C LEU T 106 -57.40 -19.87 31.11
N ALA T 107 -56.54 -20.09 30.11
CA ALA T 107 -56.91 -20.88 28.96
C ALA T 107 -57.23 -22.32 29.36
N TYR T 108 -56.44 -22.88 30.28
CA TYR T 108 -56.76 -24.23 30.75
C TYR T 108 -58.07 -24.27 31.49
N ASN T 109 -58.25 -23.37 32.45
CA ASN T 109 -59.47 -23.42 33.27
C ASN T 109 -60.73 -23.17 32.50
N GLN T 110 -60.73 -22.18 31.64
CA GLN T 110 -61.94 -21.81 30.91
C GLN T 110 -62.06 -22.42 29.53
N GLY T 111 -61.11 -23.27 29.17
CA GLY T 111 -61.19 -23.95 27.90
C GLY T 111 -60.46 -23.14 26.87
N GLU T 112 -59.93 -23.81 25.88
CA GLU T 112 -59.27 -23.10 24.83
C GLU T 112 -60.19 -23.29 23.69
N GLY T 113 -60.79 -22.21 23.21
CA GLY T 113 -61.64 -22.33 22.03
C GLY T 113 -63.13 -22.53 22.05
N ARG T 114 -63.72 -22.64 23.24
CA ARG T 114 -65.15 -22.81 23.33
C ARG T 114 -65.83 -21.49 23.66
N LEU T 115 -66.44 -21.41 24.83
CA LEU T 115 -66.86 -20.15 25.40
C LEU T 115 -65.61 -19.38 25.64
N GLY T 116 -64.59 -20.12 26.04
CA GLY T 116 -63.40 -19.57 26.63
C GLY T 116 -62.69 -18.67 25.66
N ASN T 117 -62.67 -18.99 24.38
CA ASN T 117 -61.74 -18.32 23.51
C ASN T 117 -61.99 -16.82 23.47
N PRO T 118 -63.25 -16.40 23.56
CA PRO T 118 -63.26 -14.96 23.74
C PRO T 118 -62.51 -14.47 24.96
N GLN T 119 -62.61 -15.13 26.08
CA GLN T 119 -61.90 -14.64 27.24
C GLN T 119 -60.40 -14.61 27.04
N LEU T 120 -59.83 -15.60 26.38
CA LEU T 120 -58.38 -15.60 26.21
C LEU T 120 -57.97 -14.38 25.41
N GLU T 121 -58.78 -14.01 24.44
CA GLU T 121 -58.55 -12.80 23.66
C GLU T 121 -58.87 -11.57 24.46
N ALA T 122 -59.77 -11.72 25.42
CA ALA T 122 -60.23 -10.57 26.14
C ALA T 122 -59.16 -10.19 27.13
N TYR T 123 -58.56 -11.21 27.71
CA TYR T 123 -57.42 -11.00 28.55
C TYR T 123 -56.43 -10.13 27.79
N SER T 124 -56.22 -10.36 26.51
CA SER T 124 -55.19 -9.60 25.82
C SER T 124 -55.45 -8.10 25.80
N LYS T 125 -56.54 -7.64 26.40
CA LYS T 125 -56.79 -6.20 26.50
C LYS T 125 -56.77 -5.61 27.93
N GLY T 126 -56.23 -6.33 28.92
CA GLY T 126 -56.22 -5.87 30.31
C GLY T 126 -57.01 -6.94 31.05
N ASP T 127 -56.97 -7.01 32.37
CA ASP T 127 -57.65 -8.12 33.07
C ASP T 127 -59.11 -8.11 32.84
N PHE T 128 -59.73 -6.95 32.80
CA PHE T 128 -61.11 -6.85 32.36
C PHE T 128 -62.26 -7.45 33.09
N ALA T 129 -63.41 -7.41 32.43
CA ALA T 129 -64.60 -7.97 33.02
C ALA T 129 -65.24 -8.91 32.02
N SER T 130 -64.65 -8.99 30.85
CA SER T 130 -65.17 -9.87 29.83
C SER T 130 -64.96 -11.24 30.35
N ILE T 131 -64.15 -11.34 31.38
CA ILE T 131 -63.82 -12.61 32.03
C ILE T 131 -64.78 -12.76 33.20
N SER T 132 -64.94 -14.00 33.70
CA SER T 132 -66.13 -14.27 34.52
C SER T 132 -65.81 -14.84 35.89
N GLU T 133 -66.85 -15.28 36.59
CA GLU T 133 -66.85 -15.65 38.02
C GLU T 133 -65.65 -16.56 38.29
N GLU T 134 -65.59 -17.76 37.71
CA GLU T 134 -64.48 -18.65 38.00
C GLU T 134 -63.21 -18.18 37.31
N GLY T 135 -63.34 -17.53 36.16
CA GLY T 135 -62.18 -17.16 35.38
C GLY T 135 -61.26 -16.20 36.11
N ARG T 136 -61.76 -15.01 36.41
CA ARG T 136 -60.92 -13.99 37.05
C ARG T 136 -60.44 -14.40 38.43
N ASN T 137 -61.30 -15.05 39.23
CA ASN T 137 -60.89 -15.47 40.56
C ASN T 137 -59.79 -16.53 40.49
N TYR T 138 -59.97 -17.56 39.66
CA TYR T 138 -58.93 -18.58 39.51
C TYR T 138 -57.65 -17.98 38.96
N MET T 139 -57.76 -17.07 38.00
CA MET T 139 -56.58 -16.39 37.49
C MET T 139 -55.87 -15.60 38.58
N ARG T 140 -56.64 -15.01 39.50
CA ARG T 140 -56.05 -14.25 40.59
C ARG T 140 -55.38 -15.18 41.60
N ASN T 141 -55.93 -16.38 41.77
CA ASN T 141 -55.33 -17.33 42.71
C ASN T 141 -53.88 -17.60 42.36
N LEU T 142 -53.54 -17.58 41.08
CA LEU T 142 -52.17 -17.79 40.64
C LEU T 142 -51.50 -16.43 40.42
N LEU T 143 -51.52 -15.61 41.46
CA LEU T 143 -50.77 -14.36 41.46
C LEU T 143 -49.37 -14.55 42.03
N ASP T 144 -48.98 -15.80 42.24
CA ASP T 144 -47.60 -16.17 42.50
C ASP T 144 -46.86 -16.23 41.17
N VAL T 145 -45.72 -16.93 41.16
CA VAL T 145 -45.03 -17.25 39.92
C VAL T 145 -46.01 -17.65 38.84
N ALA T 146 -45.91 -17.03 37.64
CA ALA T 146 -45.12 -15.85 37.22
C ALA T 146 -45.60 -15.66 35.79
N LYS T 147 -45.21 -14.62 35.05
CA LYS T 147 -44.64 -13.34 35.49
C LYS T 147 -45.28 -12.34 34.54
N SER T 148 -46.52 -12.64 34.14
CA SER T 148 -47.16 -11.92 33.06
C SER T 148 -47.33 -10.45 33.40
N PRO T 149 -47.42 -9.58 32.39
CA PRO T 149 -47.78 -8.19 32.68
C PRO T 149 -49.13 -8.07 33.36
N MET T 150 -50.09 -8.89 32.93
CA MET T 150 -51.42 -8.84 33.54
C MET T 150 -51.37 -9.32 34.98
N ALA T 151 -50.35 -10.07 35.37
CA ALA T 151 -50.18 -10.45 36.76
C ALA T 151 -49.90 -9.25 37.64
N GLY T 152 -49.13 -8.28 37.16
CA GLY T 152 -49.05 -7.00 37.85
C GLY T 152 -50.26 -6.13 37.59
N GLN T 153 -50.99 -6.44 36.52
CA GLN T 153 -52.15 -5.66 36.11
C GLN T 153 -53.47 -6.21 36.62
N LEU T 154 -53.53 -7.48 37.01
CA LEU T 154 -54.76 -8.02 37.58
C LEU T 154 -55.16 -7.25 38.83
N GLU T 155 -54.22 -7.03 39.72
CA GLU T 155 -54.41 -6.21 40.91
C GLU T 155 -53.45 -5.03 40.83
N THR T 156 -53.97 -3.84 40.55
CA THR T 156 -55.40 -3.62 40.34
C THR T 156 -55.85 -3.94 38.91
N ALA T 236 -47.71 -0.29 58.74
CA ALA T 236 -48.91 -1.02 59.11
C ALA T 236 -49.88 -1.11 57.93
N GLU T 237 -51.17 -1.05 58.23
CA GLU T 237 -52.23 -1.22 57.23
C GLU T 237 -52.79 0.12 56.75
N LEU T 238 -53.31 0.89 57.72
CA LEU T 238 -53.94 2.18 57.44
C LEU T 238 -53.08 3.35 57.84
N SER T 239 -51.87 3.40 57.34
CA SER T 239 -50.96 4.47 57.70
C SER T 239 -50.38 5.05 56.44
N ASN T 240 -49.93 6.29 56.50
CA ASN T 240 -49.26 6.84 55.34
C ASN T 240 -47.81 6.60 55.65
N SER T 241 -47.04 7.63 55.85
CA SER T 241 -45.67 7.47 56.31
C SER T 241 -44.64 6.59 55.59
N VAL T 242 -44.61 6.52 54.26
CA VAL T 242 -43.56 5.77 53.52
C VAL T 242 -43.54 4.26 53.69
N ALA T 243 -43.44 3.80 54.92
CA ALA T 243 -43.56 2.39 55.21
C ALA T 243 -44.79 1.93 54.51
N GLY T 244 -45.84 2.71 54.64
CA GLY T 244 -47.16 2.26 54.29
C GLY T 244 -47.20 1.99 52.82
N MET T 245 -46.60 2.89 52.06
CA MET T 245 -46.66 2.79 50.61
C MET T 245 -45.95 1.53 50.15
N ALA T 246 -44.79 1.27 50.74
CA ALA T 246 -44.05 0.09 50.39
C ALA T 246 -44.82 -1.16 50.72
N PHE T 247 -45.43 -1.19 51.89
CA PHE T 247 -46.14 -2.36 52.28
C PHE T 247 -47.23 -2.58 51.29
N ARG T 248 -47.94 -1.54 50.90
CA ARG T 248 -49.08 -1.91 50.06
C ARG T 248 -48.77 -2.05 48.60
N ALA T 249 -47.57 -1.69 48.17
CA ALA T 249 -47.19 -2.05 46.82
C ALA T 249 -46.35 -3.32 46.50
N GLY T 250 -45.43 -3.76 47.36
CA GLY T 250 -44.56 -4.86 46.96
C GLY T 250 -45.33 -6.13 46.60
N ARG T 251 -46.20 -6.60 47.45
CA ARG T 251 -46.91 -7.78 47.04
C ARG T 251 -46.11 -9.07 46.73
N LEU T 252 -45.36 -9.58 47.71
CA LEU T 252 -44.58 -10.83 47.58
C LEU T 252 -44.88 -11.87 46.52
N ASP T 253 -43.98 -12.07 45.57
CA ASP T 253 -44.16 -13.04 44.47
C ASP T 253 -44.22 -14.54 44.77
N ASN T 254 -43.34 -15.04 45.62
CA ASN T 254 -43.32 -16.46 46.01
C ASN T 254 -42.88 -17.47 44.96
N GLY T 255 -42.20 -17.02 43.93
CA GLY T 255 -41.68 -17.96 42.97
C GLY T 255 -40.31 -17.53 42.54
N PHE T 256 -39.43 -18.47 42.27
CA PHE T 256 -38.12 -18.14 41.74
C PHE T 256 -37.47 -19.36 41.18
N ASP T 257 -37.11 -19.33 39.92
CA ASP T 257 -36.37 -20.44 39.36
C ASP T 257 -35.00 -19.92 39.12
N VAL T 258 -34.02 -20.50 39.79
CA VAL T 258 -32.67 -20.00 39.68
C VAL T 258 -32.25 -20.25 38.26
N PHE T 259 -33.12 -20.86 37.49
CA PHE T 259 -32.71 -21.20 36.14
C PHE T 259 -33.44 -20.42 35.09
N LYS T 260 -34.17 -19.38 35.46
CA LYS T 260 -34.76 -18.53 34.44
C LYS T 260 -34.30 -17.14 34.69
N ASP T 261 -33.97 -16.85 35.93
CA ASP T 261 -33.53 -15.51 36.31
C ASP T 261 -32.04 -15.30 36.54
N THR T 262 -31.25 -16.36 36.52
CA THR T 262 -29.83 -16.24 36.75
C THR T 262 -29.06 -16.89 35.63
N ILE T 263 -29.02 -18.21 35.58
CA ILE T 263 -28.37 -18.89 34.48
C ILE T 263 -29.49 -19.36 33.58
N THR T 264 -29.53 -18.89 32.35
CA THR T 264 -30.66 -19.23 31.50
C THR T 264 -30.02 -20.12 30.56
N PRO T 265 -30.58 -21.31 30.35
CA PRO T 265 -29.83 -22.11 29.39
C PRO T 265 -29.78 -21.49 27.99
N THR T 266 -28.60 -21.07 27.55
CA THR T 266 -28.45 -20.45 26.23
C THR T 266 -28.40 -21.49 25.12
N ARG T 267 -28.50 -21.06 23.87
CA ARG T 267 -28.56 -22.01 22.79
C ARG T 267 -27.34 -22.84 22.62
N TRP T 268 -26.19 -22.21 22.58
CA TRP T 268 -24.96 -22.96 22.34
C TRP T 268 -24.59 -23.87 23.46
N ASN T 269 -24.76 -23.43 24.69
CA ASN T 269 -24.56 -24.32 25.81
C ASN T 269 -25.80 -25.16 25.82
N SER T 270 -25.78 -26.31 26.47
CA SER T 270 -26.91 -27.25 26.44
C SER T 270 -27.20 -27.82 25.08
N HIS T 271 -26.21 -27.91 24.20
CA HIS T 271 -26.41 -28.57 22.92
C HIS T 271 -25.49 -29.75 22.95
N ILE T 272 -26.04 -30.96 22.88
CA ILE T 272 -25.17 -32.11 22.81
C ILE T 272 -24.65 -31.99 21.44
N TRP T 273 -23.43 -32.41 21.20
CA TRP T 273 -22.92 -32.19 19.87
C TRP T 273 -23.37 -33.25 18.89
N THR T 274 -23.81 -32.86 17.70
CA THR T 274 -24.18 -33.86 16.71
C THR T 274 -22.92 -34.60 16.29
N PRO T 275 -22.99 -35.92 16.10
CA PRO T 275 -21.76 -36.69 15.81
C PRO T 275 -20.96 -36.16 14.63
N GLU T 276 -21.56 -35.36 13.75
CA GLU T 276 -20.81 -34.81 12.64
C GLU T 276 -20.12 -33.50 13.02
N GLU T 277 -20.79 -32.71 13.87
CA GLU T 277 -20.27 -31.37 14.19
C GLU T 277 -18.97 -31.46 14.97
N LEU T 278 -18.76 -32.56 15.68
CA LEU T 278 -17.51 -32.79 16.40
C LEU T 278 -16.36 -32.80 15.41
N GLU T 279 -16.57 -33.41 14.24
CA GLU T 279 -15.52 -33.46 13.25
C GLU T 279 -15.14 -32.08 12.74
N LYS T 280 -16.10 -31.16 12.67
CA LYS T 280 -15.79 -29.79 12.27
C LYS T 280 -15.10 -29.03 13.40
N ILE T 281 -15.56 -29.22 14.64
CA ILE T 281 -14.94 -28.54 15.76
C ILE T 281 -13.49 -28.96 15.93
N ARG T 282 -13.21 -30.25 15.77
CA ARG T 282 -11.85 -30.73 15.95
C ARG T 282 -10.89 -30.23 14.89
N THR T 283 -11.38 -29.84 13.72
CA THR T 283 -10.47 -29.45 12.63
C THR T 283 -10.36 -27.95 12.50
N GLU T 284 -11.43 -27.21 12.82
CA GLU T 284 -11.44 -25.78 12.57
C GLU T 284 -11.43 -24.94 13.84
N VAL T 285 -11.11 -25.53 14.99
CA VAL T 285 -10.95 -24.79 16.24
C VAL T 285 -9.58 -25.11 16.81
N LYS T 286 -8.82 -24.06 17.15
CA LYS T 286 -7.46 -24.26 17.63
C LYS T 286 -7.45 -24.78 19.06
N ASN T 287 -8.13 -24.09 19.96
CA ASN T 287 -8.39 -24.60 21.29
C ASN T 287 -9.88 -24.60 21.57
N PRO T 288 -10.47 -25.75 21.93
CA PRO T 288 -11.91 -25.84 22.09
C PRO T 288 -12.46 -25.13 23.32
N ALA T 289 -11.60 -24.68 24.23
CA ALA T 289 -12.08 -24.02 25.43
C ALA T 289 -12.92 -22.79 25.14
N TYR T 290 -12.70 -22.14 24.00
CA TYR T 290 -13.39 -20.90 23.68
C TYR T 290 -14.72 -21.13 22.95
N ILE T 291 -15.10 -22.38 22.70
CA ILE T 291 -16.42 -22.63 22.11
C ILE T 291 -17.51 -22.24 23.09
N ASN T 292 -17.19 -22.22 24.38
CA ASN T 292 -18.18 -21.88 25.39
C ASN T 292 -18.50 -20.40 25.41
N VAL T 293 -17.48 -19.54 25.43
CA VAL T 293 -17.66 -18.10 25.59
C VAL T 293 -18.44 -17.56 24.40
N VAL T 294 -19.57 -16.91 24.68
CA VAL T 294 -20.44 -16.36 23.65
C VAL T 294 -20.80 -14.92 24.02
N THR T 295 -20.14 -13.96 23.40
CA THR T 295 -20.44 -12.55 23.56
C THR T 295 -21.15 -12.09 22.30
N GLY T 296 -22.46 -11.91 22.39
CA GLY T 296 -23.27 -11.72 21.20
C GLY T 296 -24.74 -11.60 21.52
N GLY T 297 -25.57 -12.39 20.85
CA GLY T 297 -25.12 -13.41 19.93
C GLY T 297 -25.24 -14.79 20.53
N SER T 298 -24.76 -15.81 19.82
CA SER T 298 -24.26 -15.64 18.46
C SER T 298 -24.70 -16.75 17.50
N PRO T 299 -26.01 -16.92 17.33
CA PRO T 299 -26.51 -17.91 16.37
C PRO T 299 -27.10 -17.24 15.13
N GLU T 300 -27.22 -18.01 14.06
CA GLU T 300 -26.68 -19.37 13.93
C GLU T 300 -25.59 -19.25 12.88
N ASN T 301 -24.64 -20.19 12.83
CA ASN T 301 -24.59 -21.42 13.60
C ASN T 301 -23.14 -21.72 13.90
N LEU T 302 -22.85 -22.98 14.21
CA LEU T 302 -21.48 -23.39 14.48
C LEU T 302 -20.49 -22.85 13.46
N ASP T 303 -20.91 -22.64 12.21
CA ASP T 303 -20.05 -21.97 11.25
C ASP T 303 -19.78 -20.52 11.64
N ASP T 304 -20.50 -19.98 12.62
CA ASP T 304 -20.18 -18.69 13.19
C ASP T 304 -19.39 -18.84 14.49
N LEU T 305 -19.72 -19.86 15.29
CA LEU T 305 -18.98 -20.08 16.52
C LEU T 305 -17.54 -20.42 16.25
N ILE T 306 -17.25 -21.07 15.11
CA ILE T 306 -15.86 -21.33 14.77
C ILE T 306 -15.14 -20.01 14.47
N LYS T 307 -15.78 -19.15 13.67
CA LYS T 307 -15.19 -17.86 13.35
C LYS T 307 -14.99 -16.99 14.58
N LEU T 308 -15.83 -17.18 15.61
CA LEU T 308 -15.66 -16.42 16.84
C LEU T 308 -14.62 -17.02 17.78
N ALA T 309 -14.63 -18.34 17.96
CA ALA T 309 -13.68 -18.95 18.87
C ALA T 309 -12.29 -19.04 18.26
N ASN T 310 -12.15 -18.75 16.96
CA ASN T 310 -10.80 -18.57 16.43
C ASN T 310 -10.34 -17.13 16.59
N GLU T 311 -11.21 -16.16 16.29
CA GLU T 311 -10.82 -14.76 16.41
C GLU T 311 -10.56 -14.39 17.86
N ASN T 312 -11.30 -14.97 18.79
CA ASN T 312 -11.02 -14.71 20.20
C ASN T 312 -9.73 -15.36 20.65
N PHE T 313 -9.38 -16.53 20.10
CA PHE T 313 -8.09 -17.11 20.43
C PHE T 313 -6.95 -16.31 19.82
N GLU T 314 -7.20 -15.63 18.69
CA GLU T 314 -6.18 -14.73 18.14
C GLU T 314 -6.06 -13.46 18.97
N ASN T 315 -7.19 -12.91 19.40
CA ASN T 315 -7.21 -11.72 20.24
C ASN T 315 -6.62 -12.00 21.62
N ASP T 316 -6.66 -13.25 22.07
CA ASP T 316 -6.14 -13.62 23.38
C ASP T 316 -4.61 -13.60 23.37
N SER T 317 -4.00 -14.49 22.59
CA SER T 317 -2.55 -14.65 22.60
C SER T 317 -1.81 -13.41 22.10
N ARG T 318 -2.52 -12.44 21.53
CA ARG T 318 -1.87 -11.18 21.19
C ARG T 318 -1.78 -10.25 22.39
N ALA T 319 -2.79 -10.19 23.21
CA ALA T 319 -2.74 -9.15 24.21
C ALA T 319 -3.07 -9.52 25.55
N ALA T 320 -3.91 -10.52 25.69
CA ALA T 320 -4.33 -10.84 27.00
C ALA T 320 -3.05 -11.21 27.67
N GLU T 321 -2.20 -11.97 26.97
CA GLU T 321 -1.04 -12.46 27.63
C GLU T 321 -0.21 -11.33 28.11
N ALA T 322 0.09 -10.38 27.23
CA ALA T 322 1.01 -9.35 27.66
C ALA T 322 0.41 -8.63 28.81
N GLY T 323 -0.82 -8.20 28.70
CA GLY T 323 -1.29 -7.40 29.80
C GLY T 323 -1.30 -8.12 31.12
N LEU T 324 -1.91 -9.30 31.19
CA LEU T 324 -1.98 -9.87 32.52
C LEU T 324 -0.64 -10.26 33.07
N GLY T 325 0.19 -10.84 32.22
CA GLY T 325 1.43 -11.34 32.77
C GLY T 325 2.20 -10.18 33.29
N ALA T 326 2.28 -9.14 32.50
CA ALA T 326 3.15 -8.07 32.92
C ALA T 326 2.64 -7.43 34.17
N LYS T 327 1.35 -7.21 34.21
CA LYS T 327 0.83 -6.51 35.34
C LYS T 327 1.02 -7.31 36.64
N LEU T 328 0.85 -8.62 36.61
CA LEU T 328 0.94 -9.29 37.90
C LEU T 328 2.30 -9.87 38.16
N SER T 329 3.10 -10.03 37.13
CA SER T 329 4.39 -10.65 37.27
C SER T 329 5.23 -9.94 38.24
N ALA T 330 5.45 -8.68 38.03
CA ALA T 330 6.20 -7.92 39.02
C ALA T 330 5.28 -7.44 40.13
N GLY T 331 5.66 -7.77 41.36
CA GLY T 331 4.99 -7.25 42.53
C GLY T 331 3.52 -7.58 42.65
N ILE T 332 3.20 -8.86 42.90
CA ILE T 332 1.82 -9.23 43.16
C ILE T 332 1.38 -8.84 44.58
N ILE T 333 2.28 -8.79 45.53
CA ILE T 333 1.79 -8.49 46.86
C ILE T 333 2.39 -7.19 47.19
N GLY T 334 3.69 -7.15 46.97
CA GLY T 334 4.50 -6.02 47.36
C GLY T 334 4.04 -4.82 46.63
N ALA T 335 3.38 -5.02 45.50
CA ALA T 335 3.05 -3.91 44.64
C ALA T 335 2.20 -3.01 45.46
N GLY T 336 1.15 -3.54 46.08
CA GLY T 336 0.53 -4.76 45.65
C GLY T 336 -0.95 -4.50 45.56
N VAL T 337 -1.66 -5.26 44.74
CA VAL T 337 -3.05 -4.98 44.43
C VAL T 337 -4.01 -5.69 45.36
N ASP T 338 -5.30 -5.88 45.01
CA ASP T 338 -6.14 -6.69 45.86
C ASP T 338 -6.14 -8.14 45.38
N PRO T 339 -6.60 -8.47 44.16
CA PRO T 339 -7.53 -7.85 43.24
C PRO T 339 -8.93 -8.29 43.61
N LEU T 340 -9.72 -7.39 44.19
CA LEU T 340 -11.08 -7.73 44.57
C LEU T 340 -12.07 -7.17 43.57
N SER T 341 -11.72 -6.04 42.96
CA SER T 341 -12.48 -5.46 41.86
C SER T 341 -11.63 -5.57 40.61
N TYR T 342 -11.80 -6.65 39.87
CA TYR T 342 -10.99 -6.90 38.69
C TYR T 342 -11.89 -7.46 37.61
N VAL T 343 -11.43 -7.35 36.36
CA VAL T 343 -12.14 -7.89 35.21
C VAL T 343 -12.34 -9.38 35.44
N PRO T 344 -13.44 -9.98 34.95
CA PRO T 344 -13.62 -11.43 35.10
C PRO T 344 -12.42 -12.26 34.71
N MET T 345 -11.46 -11.71 33.96
CA MET T 345 -10.18 -12.38 33.71
C MET T 345 -10.37 -13.66 32.90
N VAL T 346 -11.10 -13.57 31.80
CA VAL T 346 -11.44 -14.76 31.02
C VAL T 346 -10.23 -15.25 30.24
N GLY T 347 -9.59 -14.37 29.49
CA GLY T 347 -8.64 -14.82 28.48
C GLY T 347 -7.43 -15.52 29.05
N VAL T 348 -6.96 -15.08 30.22
CA VAL T 348 -5.62 -15.45 30.66
C VAL T 348 -5.54 -16.94 30.93
N THR T 349 -4.46 -17.55 30.44
CA THR T 349 -4.08 -18.93 30.74
C THR T 349 -2.56 -18.95 30.77
N GLY T 350 -2.00 -19.12 31.96
CA GLY T 350 -0.59 -18.78 32.10
C GLY T 350 -0.50 -17.27 31.96
N LYS T 351 0.24 -16.82 30.94
CA LYS T 351 1.12 -17.67 30.15
C LYS T 351 2.52 -17.17 30.38
N GLY T 352 2.72 -15.89 30.10
CA GLY T 352 3.97 -15.24 30.39
C GLY T 352 3.96 -14.66 31.79
N PHE T 353 3.77 -15.52 32.79
CA PHE T 353 3.73 -15.11 34.19
C PHE T 353 4.90 -15.79 34.91
N LYS T 354 5.99 -15.06 35.13
CA LYS T 354 7.10 -15.54 35.98
C LYS T 354 7.24 -14.42 36.98
N LEU T 355 7.09 -14.61 38.28
CA LEU T 355 7.06 -13.45 39.19
C LEU T 355 8.34 -13.04 39.66
N ILE T 356 9.18 -12.41 38.84
CA ILE T 356 10.43 -11.91 39.35
C ILE T 356 10.12 -10.58 39.95
N ASN T 357 9.77 -10.57 41.24
CA ASN T 357 9.39 -9.32 41.88
C ASN T 357 10.63 -8.53 41.75
N LYS T 358 10.51 -7.31 41.29
CA LYS T 358 11.67 -6.49 41.25
C LYS T 358 11.74 -6.15 42.68
N ALA T 359 12.90 -6.25 43.29
CA ALA T 359 13.09 -6.06 44.73
C ALA T 359 12.77 -7.42 45.31
N LEU T 360 13.29 -7.73 46.49
CA LEU T 360 13.15 -9.06 47.05
C LEU T 360 14.07 -9.98 46.29
N VAL T 361 14.93 -9.44 45.45
CA VAL T 361 15.92 -10.25 44.77
C VAL T 361 17.14 -9.65 45.39
N VAL T 362 18.04 -10.46 45.92
CA VAL T 362 19.16 -9.89 46.63
C VAL T 362 20.48 -10.13 46.00
N GLY T 363 20.84 -11.39 45.85
CA GLY T 363 22.08 -11.69 45.16
C GLY T 363 21.62 -12.53 44.03
N ALA T 364 22.02 -12.22 42.80
CA ALA T 364 21.20 -12.66 41.68
C ALA T 364 21.97 -13.62 40.85
N GLU T 365 22.92 -14.33 41.46
CA GLU T 365 23.78 -15.27 40.75
C GLU T 365 23.03 -15.82 39.59
N SER T 366 23.36 -15.36 38.40
CA SER T 366 22.61 -15.74 37.23
C SER T 366 22.59 -17.19 36.89
N ALA T 367 23.71 -17.85 37.01
CA ALA T 367 23.79 -19.21 36.51
C ALA T 367 23.17 -20.38 37.23
N ALA T 368 24.01 -21.19 37.83
CA ALA T 368 23.56 -22.46 38.47
C ALA T 368 24.40 -22.92 39.64
N LEU T 369 23.81 -23.73 40.51
CA LEU T 369 24.55 -24.33 41.61
C LEU T 369 25.05 -25.69 41.19
N ASN T 370 24.31 -26.39 40.34
CA ASN T 370 24.71 -27.70 39.86
C ASN T 370 24.02 -27.98 38.56
N VAL T 371 23.93 -29.24 38.16
CA VAL T 371 23.19 -29.59 36.95
C VAL T 371 21.82 -29.93 37.38
N ALA T 372 21.57 -29.83 38.68
CA ALA T 372 20.23 -30.04 39.16
C ALA T 372 19.76 -28.61 39.23
N SER T 373 18.98 -28.25 40.22
CA SER T 373 18.44 -26.90 40.22
C SER T 373 17.75 -26.63 38.88
N GLU T 374 18.30 -25.74 38.07
CA GLU T 374 17.70 -25.39 36.76
C GLU T 374 16.36 -24.74 36.97
N GLY T 375 15.29 -25.41 36.60
CA GLY T 375 13.97 -24.89 36.90
C GLY T 375 13.19 -26.09 37.34
N LEU T 376 11.86 -26.03 37.40
CA LEU T 376 11.08 -27.19 37.74
C LEU T 376 11.63 -28.40 37.03
N ARG T 377 12.17 -29.37 37.74
CA ARG T 377 12.82 -30.50 37.11
C ARG T 377 11.80 -31.50 36.67
N THR T 378 11.00 -31.19 35.64
CA THR T 378 9.89 -32.08 35.29
C THR T 378 9.94 -32.85 33.97
N SER T 379 9.21 -33.96 33.87
CA SER T 379 9.26 -34.82 32.70
C SER T 379 7.97 -34.91 31.97
N VAL T 380 7.16 -33.87 31.96
CA VAL T 380 5.95 -33.87 31.16
C VAL T 380 6.05 -32.62 30.37
N ALA T 381 5.55 -32.56 29.17
CA ALA T 381 5.52 -31.29 28.51
C ALA T 381 4.42 -30.56 29.27
N GLY T 382 4.45 -29.24 29.28
CA GLY T 382 3.42 -28.48 29.97
C GLY T 382 3.87 -28.23 31.36
N GLY T 383 5.02 -28.73 31.72
CA GLY T 383 5.57 -28.53 33.03
C GLY T 383 6.33 -27.25 33.11
N ASP T 384 5.62 -26.14 33.26
CA ASP T 384 6.20 -24.84 33.27
C ASP T 384 5.00 -24.09 32.87
N ALA T 385 3.97 -24.76 32.43
CA ALA T 385 2.75 -24.02 32.22
C ALA T 385 1.70 -24.50 33.14
N ASP T 386 1.74 -25.75 33.56
CA ASP T 386 0.75 -26.14 34.53
C ASP T 386 1.11 -25.40 35.80
N TYR T 387 2.40 -25.30 36.08
CA TYR T 387 2.84 -24.62 37.28
C TYR T 387 2.47 -23.19 37.19
N ALA T 388 2.65 -22.60 36.03
CA ALA T 388 2.40 -21.19 35.92
C ALA T 388 0.94 -20.95 36.14
N GLY T 389 0.13 -21.83 35.61
CA GLY T 389 -1.27 -21.62 35.73
C GLY T 389 -1.61 -21.68 37.18
N ALA T 390 -1.04 -22.64 37.87
CA ALA T 390 -1.40 -22.80 39.25
C ALA T 390 -1.04 -21.56 39.97
N ALA T 391 0.14 -21.05 39.69
CA ALA T 391 0.58 -19.89 40.42
C ALA T 391 -0.31 -18.70 40.17
N LEU T 392 -0.70 -18.45 38.92
CA LEU T 392 -1.48 -17.24 38.70
C LEU T 392 -2.68 -17.49 39.53
N GLY T 393 -3.15 -18.72 39.53
CA GLY T 393 -4.38 -18.93 40.27
C GLY T 393 -4.17 -18.98 41.76
N GLY T 394 -2.96 -19.30 42.20
CA GLY T 394 -2.66 -19.26 43.62
C GLY T 394 -2.41 -17.85 44.10
N PHE T 395 -1.65 -17.08 43.33
CA PHE T 395 -1.34 -15.70 43.72
C PHE T 395 -2.59 -14.85 43.74
N VAL T 396 -3.41 -14.90 42.68
CA VAL T 396 -4.60 -14.08 42.65
C VAL T 396 -5.50 -14.42 43.83
N PHE T 397 -5.71 -15.71 44.07
CA PHE T 397 -6.56 -16.13 45.18
C PHE T 397 -5.98 -15.76 46.54
N GLY T 398 -4.68 -15.84 46.71
CA GLY T 398 -4.08 -15.51 47.99
C GLY T 398 -4.14 -14.04 48.29
N ALA T 399 -3.76 -13.22 47.31
CA ALA T 399 -3.89 -11.78 47.48
C ALA T 399 -5.35 -11.39 47.73
N GLY T 400 -6.29 -12.06 47.05
CA GLY T 400 -7.69 -11.78 47.28
C GLY T 400 -8.16 -12.16 48.66
N MET T 401 -7.71 -13.31 49.17
CA MET T 401 -8.05 -13.66 50.54
C MET T 401 -7.47 -12.66 51.52
N SER T 402 -6.25 -12.18 51.27
CA SER T 402 -5.68 -11.13 52.11
C SER T 402 -6.52 -9.87 52.09
N ALA T 403 -6.91 -9.39 50.91
CA ALA T 403 -7.73 -8.18 50.82
C ALA T 403 -9.08 -8.38 51.49
N ILE T 404 -9.70 -9.54 51.31
CA ILE T 404 -11.03 -9.73 51.88
C ILE T 404 -10.95 -9.91 53.39
N SER T 405 -9.84 -10.44 53.91
CA SER T 405 -9.70 -10.49 55.36
C SER T 405 -9.38 -9.12 55.94
N ASP T 406 -8.68 -8.26 55.19
CA ASP T 406 -8.58 -6.88 55.63
C ASP T 406 -9.94 -6.16 55.59
N ALA T 407 -10.79 -6.51 54.62
CA ALA T 407 -12.10 -5.88 54.54
C ALA T 407 -13.01 -6.33 55.67
N VAL T 408 -13.04 -7.63 55.96
CA VAL T 408 -13.86 -8.10 57.07
C VAL T 408 -13.30 -7.63 58.40
N ALA T 409 -11.99 -7.38 58.47
CA ALA T 409 -11.44 -6.76 59.67
C ALA T 409 -12.11 -5.42 59.94
N ALA T 410 -12.14 -4.53 58.95
CA ALA T 410 -12.85 -3.26 59.12
C ALA T 410 -14.35 -3.46 59.30
N GLY T 411 -14.92 -4.51 58.71
CA GLY T 411 -16.31 -4.83 58.96
C GLY T 411 -16.60 -5.22 60.40
N LEU T 412 -15.59 -5.69 61.11
CA LEU T 412 -15.70 -5.94 62.55
C LEU T 412 -15.16 -4.81 63.41
N LYS T 413 -14.43 -3.85 62.83
CA LYS T 413 -13.97 -2.72 63.63
C LYS T 413 -15.12 -1.84 64.07
N ARG T 414 -16.26 -1.89 63.37
CA ARG T 414 -17.38 -1.03 63.73
C ARG T 414 -18.05 -1.48 65.02
N SER T 415 -17.87 -2.74 65.41
CA SER T 415 -18.33 -3.17 66.72
C SER T 415 -17.33 -2.83 67.81
N LYS T 416 -16.12 -3.39 67.71
CA LYS T 416 -15.04 -3.09 68.63
C LYS T 416 -13.83 -2.62 67.85
N PRO T 417 -13.00 -1.76 68.42
CA PRO T 417 -11.85 -1.23 67.65
C PRO T 417 -10.79 -2.27 67.36
N GLU T 418 -10.62 -3.29 68.21
CA GLU T 418 -9.57 -4.28 68.05
C GLU T 418 -9.79 -5.44 69.00
N ALA T 419 -9.62 -6.67 68.51
CA ALA T 419 -9.51 -7.81 69.41
C ALA T 419 -8.15 -8.48 69.30
N GLU T 420 -7.83 -9.17 68.20
CA GLU T 420 -6.44 -9.33 67.79
C GLU T 420 -6.29 -9.20 66.28
N PHE T 421 -7.22 -9.81 65.54
CA PHE T 421 -7.31 -9.74 64.08
C PHE T 421 -5.97 -9.99 63.39
N ASP T 422 -5.51 -11.25 63.52
CA ASP T 422 -4.38 -11.75 62.71
C ASP T 422 -4.66 -13.20 62.32
N ASN T 423 -5.29 -13.46 61.16
CA ASN T 423 -5.92 -12.49 60.25
C ASN T 423 -4.98 -11.41 59.68
N GLU T 424 -4.13 -11.77 58.72
CA GLU T 424 -4.39 -12.92 57.85
C GLU T 424 -3.17 -13.47 57.12
N PHE T 425 -3.50 -14.14 56.00
CA PHE T 425 -2.62 -14.90 55.13
C PHE T 425 -1.52 -14.04 54.50
N ILE T 426 -1.45 -12.75 54.85
CA ILE T 426 -0.36 -11.90 54.39
C ILE T 426 0.98 -12.59 54.58
N GLY T 427 1.15 -13.28 55.71
CA GLY T 427 2.34 -14.04 55.98
C GLY T 427 2.62 -15.10 54.93
N PRO T 428 1.74 -16.10 54.82
CA PRO T 428 1.94 -17.14 53.80
C PRO T 428 2.06 -16.60 52.39
N MET T 429 1.25 -15.62 52.01
CA MET T 429 1.30 -15.11 50.64
C MET T 429 2.59 -14.36 50.37
N MET T 430 3.09 -13.59 51.35
CA MET T 430 4.36 -12.92 51.14
C MET T 430 5.51 -13.91 51.11
N ARG T 431 5.50 -14.89 52.00
CA ARG T 431 6.58 -15.87 52.01
C ARG T 431 6.49 -16.79 50.81
N LEU T 432 5.36 -16.80 50.12
CA LEU T 432 5.25 -17.51 48.86
C LEU T 432 5.71 -16.67 47.69
N GLU T 433 5.40 -15.37 47.70
CA GLU T 433 5.91 -14.49 46.66
C GLU T 433 7.42 -14.42 46.68
N ALA T 434 8.02 -14.35 47.87
CA ALA T 434 9.48 -14.33 47.95
C ALA T 434 10.08 -15.62 47.44
N ARG T 435 9.47 -16.76 47.76
CA ARG T 435 9.96 -18.03 47.25
C ARG T 435 9.87 -18.09 45.73
N GLU T 436 8.76 -17.63 45.17
CA GLU T 436 8.63 -17.61 43.72
C GLU T 436 9.70 -16.73 43.07
N THR T 437 9.93 -15.54 43.64
CA THR T 437 10.98 -14.69 43.13
C THR T 437 12.34 -15.36 43.20
N ALA T 438 12.63 -16.06 44.30
CA ALA T 438 13.90 -16.76 44.40
C ALA T 438 13.99 -17.90 43.39
N ARG T 439 12.88 -18.55 43.09
CA ARG T 439 12.87 -19.62 42.11
C ARG T 439 13.15 -19.09 40.71
N ASN T 440 12.57 -17.94 40.37
CA ASN T 440 12.69 -17.42 39.01
C ASN T 440 13.99 -16.62 38.84
N ALA T 441 14.53 -16.07 39.93
CA ALA T 441 15.70 -15.23 39.86
C ALA T 441 16.98 -15.94 40.29
N ASN T 442 16.92 -17.24 40.58
CA ASN T 442 18.04 -18.15 40.77
C ASN T 442 18.80 -17.91 42.07
N SER T 443 18.32 -17.07 42.99
CA SER T 443 18.99 -16.91 44.28
C SER T 443 18.10 -16.11 45.21
N ALA T 444 18.69 -15.70 46.34
CA ALA T 444 18.03 -14.83 47.31
C ALA T 444 16.76 -15.43 47.91
N ASP T 445 16.91 -16.50 48.69
CA ASP T 445 15.79 -17.08 49.44
C ASP T 445 15.42 -16.23 50.66
N LEU T 446 14.86 -15.04 50.43
CA LEU T 446 14.54 -14.13 51.52
C LEU T 446 13.32 -14.55 52.32
N SER T 447 12.73 -15.69 51.97
CA SER T 447 11.57 -16.21 52.69
C SER T 447 12.01 -17.26 53.67
N ARG T 448 13.20 -17.11 54.23
CA ARG T 448 13.78 -18.09 55.12
C ARG T 448 13.91 -17.51 56.52
N MET T 449 13.09 -18.03 57.44
CA MET T 449 13.25 -17.68 58.84
C MET T 449 14.62 -18.15 59.33
N ASN T 450 15.10 -17.54 60.40
CA ASN T 450 16.46 -17.82 60.82
C ASN T 450 16.67 -17.43 62.27
N THR T 451 17.31 -18.32 63.03
CA THR T 451 17.46 -19.72 62.65
C THR T 451 17.09 -20.60 63.84
N GLU T 452 17.43 -20.08 65.02
CA GLU T 452 17.60 -20.89 66.21
C GLU T 452 16.40 -20.75 67.15
N ASN T 453 16.16 -21.73 68.04
CA ASN T 453 16.68 -23.10 68.14
C ASN T 453 15.84 -23.69 69.31
N MET T 454 15.87 -25.00 69.56
CA MET T 454 16.58 -26.02 68.80
C MET T 454 15.59 -26.81 67.98
N LYS T 455 16.09 -27.76 67.19
CA LYS T 455 15.27 -28.55 66.30
C LYS T 455 14.66 -29.69 67.11
N PHE T 456 13.98 -29.33 68.20
CA PHE T 456 13.12 -30.22 68.94
C PHE T 456 11.76 -29.55 69.04
N GLU T 457 10.69 -30.35 69.11
CA GLU T 457 10.78 -31.78 69.31
C GLU T 457 10.83 -32.57 68.02
N GLY T 458 10.11 -32.12 67.00
CA GLY T 458 9.85 -33.00 65.88
C GLY T 458 9.14 -34.24 66.38
N GLU T 459 9.26 -35.33 65.63
CA GLU T 459 9.82 -35.38 64.28
C GLU T 459 9.13 -36.55 63.59
N HIS T 460 8.19 -36.25 62.70
CA HIS T 460 7.35 -37.32 62.17
C HIS T 460 8.17 -38.30 61.33
N ASN T 461 8.91 -37.80 60.35
CA ASN T 461 9.75 -38.66 59.53
C ASN T 461 11.06 -37.95 59.23
N GLY T 462 12.08 -38.23 60.02
CA GLY T 462 13.41 -37.73 59.74
C GLY T 462 13.55 -36.23 59.96
N VAL T 463 12.71 -35.45 59.31
CA VAL T 463 12.84 -33.99 59.34
C VAL T 463 12.55 -33.48 60.75
N PRO T 464 13.48 -32.73 61.36
CA PRO T 464 13.17 -32.06 62.62
C PRO T 464 12.62 -30.65 62.40
N TYR T 465 11.51 -30.31 63.03
CA TYR T 465 10.93 -28.99 62.87
C TYR T 465 11.08 -28.19 64.17
N GLU T 466 10.53 -26.98 64.18
CA GLU T 466 10.51 -26.15 65.37
C GLU T 466 9.34 -25.19 65.26
N ASP T 467 8.64 -24.99 66.37
CA ASP T 467 7.45 -24.17 66.41
C ASP T 467 7.83 -22.72 66.67
N LEU T 468 7.31 -21.81 65.87
CA LEU T 468 7.60 -20.39 66.00
C LEU T 468 6.47 -19.71 66.75
N PRO T 469 6.73 -19.03 67.88
CA PRO T 469 5.66 -18.30 68.54
C PRO T 469 5.29 -17.10 67.69
N THR T 470 4.22 -17.27 66.93
CA THR T 470 3.81 -16.36 65.86
C THR T 470 2.39 -16.79 65.48
N GLU T 471 1.95 -16.42 64.28
CA GLU T 471 0.73 -16.98 63.69
C GLU T 471 0.61 -18.46 63.99
N ARG T 472 -0.63 -18.90 64.23
CA ARG T 472 -0.91 -20.26 64.66
C ARG T 472 -0.17 -21.28 63.79
N GLY T 473 0.14 -22.43 64.39
CA GLY T 473 1.32 -23.13 63.91
C GLY T 473 2.50 -22.24 64.22
N ALA T 474 3.49 -22.22 63.34
CA ALA T 474 3.68 -23.19 62.28
C ALA T 474 5.08 -23.76 62.51
N VAL T 475 5.58 -24.53 61.56
CA VAL T 475 6.91 -25.11 61.69
C VAL T 475 7.92 -24.20 61.02
N VAL T 476 9.18 -24.37 61.39
CA VAL T 476 10.31 -23.78 60.69
C VAL T 476 11.31 -24.89 60.41
N LEU T 477 11.89 -24.88 59.23
CA LEU T 477 12.75 -25.98 58.80
C LEU T 477 14.19 -25.71 59.21
N HIS T 478 15.11 -26.55 58.74
CA HIS T 478 16.52 -26.35 59.05
C HIS T 478 17.15 -25.30 58.16
N ASP T 479 16.50 -24.98 57.03
CA ASP T 479 17.02 -23.95 56.14
C ASP T 479 16.97 -22.56 56.78
N GLY T 480 15.84 -22.14 57.34
CA GLY T 480 14.58 -22.86 57.39
C GLY T 480 13.49 -22.23 56.57
N SER T 481 13.15 -22.86 55.45
CA SER T 481 11.98 -22.44 54.71
C SER T 481 10.72 -22.78 55.51
N VAL T 482 10.01 -21.74 55.91
CA VAL T 482 8.90 -21.86 56.84
C VAL T 482 7.67 -22.36 56.08
N LEU T 483 6.96 -23.31 56.68
CA LEU T 483 5.74 -23.87 56.12
C LEU T 483 4.56 -23.34 56.92
N SER T 484 3.70 -22.56 56.28
CA SER T 484 2.50 -22.05 56.93
C SER T 484 1.71 -23.21 57.52
N ALA T 485 1.07 -22.97 58.66
CA ALA T 485 0.16 -23.97 59.22
C ALA T 485 -0.96 -24.23 58.22
N SER T 486 -1.71 -25.32 58.42
CA SER T 486 -2.76 -25.71 57.50
C SER T 486 -2.20 -25.96 56.11
N ASN T 487 -1.08 -26.56 56.07
CA ASN T 487 -0.41 -27.05 54.89
C ASN T 487 -0.32 -28.57 54.95
N PRO T 488 -0.28 -29.25 53.80
CA PRO T 488 -0.14 -30.72 53.84
C PRO T 488 1.27 -31.20 54.13
N ILE T 489 2.23 -30.31 54.41
CA ILE T 489 3.61 -30.75 54.57
C ILE T 489 4.07 -30.62 56.01
N ASN T 490 3.73 -29.51 56.66
CA ASN T 490 4.32 -29.18 57.95
C ASN T 490 4.16 -30.34 58.92
N PRO T 491 5.26 -30.99 59.33
CA PRO T 491 5.15 -32.25 60.06
C PRO T 491 4.44 -32.13 61.40
N LYS T 492 4.42 -30.95 62.01
CA LYS T 492 3.60 -30.78 63.21
C LYS T 492 2.14 -31.10 62.92
N THR T 493 1.59 -30.53 61.85
CA THR T 493 0.22 -30.82 61.46
C THR T 493 0.04 -32.27 61.06
N LEU T 494 1.03 -32.87 60.38
CA LEU T 494 0.90 -34.26 59.99
C LEU T 494 0.83 -35.17 61.20
N LYS T 495 1.67 -34.91 62.21
CA LYS T 495 1.56 -35.65 63.46
C LYS T 495 0.20 -35.41 64.11
N GLU T 496 -0.18 -34.15 64.23
CA GLU T 496 -1.45 -33.80 64.86
C GLU T 496 -2.62 -34.52 64.21
N PHE T 497 -2.54 -34.75 62.90
CA PHE T 497 -3.62 -35.43 62.21
C PHE T 497 -3.51 -36.94 62.38
N SER T 498 -2.30 -37.49 62.25
CA SER T 498 -2.10 -38.89 62.59
C SER T 498 -2.30 -39.11 64.08
N GLU T 499 -2.35 -38.02 64.85
CA GLU T 499 -2.77 -38.06 66.24
C GLU T 499 -4.30 -38.14 66.27
N VAL T 500 -4.87 -37.85 67.44
CA VAL T 500 -6.31 -38.03 67.67
C VAL T 500 -7.11 -37.34 66.57
N ASP T 501 -7.92 -38.15 65.86
CA ASP T 501 -8.89 -37.77 64.84
C ASP T 501 -9.63 -39.01 64.37
N PRO T 502 -10.74 -38.88 63.64
CA PRO T 502 -11.35 -40.08 63.08
C PRO T 502 -10.58 -40.64 61.90
N PHE T 551 24.76 -62.77 41.83
CA PHE T 551 24.00 -63.60 42.76
C PHE T 551 22.51 -63.53 42.46
N GLY T 552 22.03 -62.32 42.17
CA GLY T 552 20.65 -62.13 41.81
C GLY T 552 19.75 -62.09 43.03
N ALA T 553 18.88 -61.07 43.04
CA ALA T 553 18.17 -60.69 44.26
C ALA T 553 17.31 -59.47 43.95
N THR T 554 16.31 -59.18 44.78
CA THR T 554 15.62 -60.10 45.68
C THR T 554 14.16 -59.98 45.33
N ALA T 555 13.30 -60.49 46.22
CA ALA T 555 11.88 -60.25 46.06
C ALA T 555 11.54 -58.78 46.29
N SER T 556 11.96 -58.21 47.42
CA SER T 556 11.69 -56.81 47.71
C SER T 556 12.27 -55.86 46.68
N ASP T 557 13.40 -56.21 46.06
CA ASP T 557 13.93 -55.39 44.97
C ASP T 557 12.98 -55.39 43.78
N ILE T 558 12.40 -56.55 43.47
CA ILE T 558 11.40 -56.60 42.41
C ILE T 558 10.24 -55.68 42.72
N HIS T 559 9.75 -55.72 43.97
CA HIS T 559 8.63 -54.88 44.36
C HIS T 559 8.94 -53.40 44.18
N GLU T 560 10.13 -52.96 44.55
CA GLU T 560 10.48 -51.55 44.39
C GLU T 560 10.71 -51.15 42.94
N ARG T 561 11.39 -51.98 42.14
CA ARG T 561 11.48 -51.70 40.72
C ARG T 561 10.10 -51.53 40.11
N LEU T 562 9.18 -52.42 40.45
CA LEU T 562 7.85 -52.38 39.85
C LEU T 562 7.06 -51.17 40.34
N HIS T 563 7.11 -50.87 41.64
CA HIS T 563 6.40 -49.71 42.13
C HIS T 563 7.07 -48.40 41.71
N GLY T 564 8.28 -48.45 41.18
CA GLY T 564 8.91 -47.26 40.67
C GLY T 564 8.68 -47.06 39.19
N THR T 565 8.43 -48.14 38.46
CA THR T 565 8.10 -47.97 37.05
C THR T 565 6.60 -47.80 36.82
N ASP T 566 5.78 -48.42 37.67
CA ASP T 566 4.34 -48.31 37.48
C ASP T 566 3.83 -46.96 37.92
N GLN T 567 4.46 -46.33 38.91
CA GLN T 567 4.11 -44.95 39.20
C GLN T 567 4.42 -44.04 38.01
N ARG T 568 5.53 -44.29 37.32
CA ARG T 568 5.87 -43.49 36.15
C ARG T 568 4.85 -43.68 35.03
N THR T 569 4.49 -44.93 34.75
CA THR T 569 3.48 -45.13 33.72
C THR T 569 2.10 -44.64 34.14
N TYR T 570 1.79 -44.63 35.44
CA TYR T 570 0.56 -43.98 35.90
C TYR T 570 0.60 -42.50 35.63
N ASN T 571 1.74 -41.86 35.86
CA ASN T 571 1.84 -40.43 35.57
C ASN T 571 1.71 -40.14 34.08
N ASP T 572 2.36 -40.95 33.25
CA ASP T 572 2.21 -40.77 31.81
C ASP T 572 0.79 -41.04 31.33
N LEU T 573 0.07 -41.94 31.99
CA LEU T 573 -1.32 -42.17 31.65
C LEU T 573 -2.20 -41.02 32.11
N TYR T 574 -1.92 -40.48 33.29
CA TYR T 574 -2.67 -39.35 33.81
C TYR T 574 -2.52 -38.14 32.91
N LYS T 575 -1.31 -37.89 32.39
CA LYS T 575 -1.13 -36.78 31.47
C LYS T 575 -2.00 -36.93 30.25
N ALA T 576 -1.98 -38.09 29.61
CA ALA T 576 -2.78 -38.30 28.41
C ALA T 576 -4.28 -38.27 28.70
N MET T 577 -4.69 -38.74 29.87
CA MET T 577 -6.11 -38.69 30.20
C MET T 577 -6.57 -37.26 30.43
N SER T 578 -5.79 -36.48 31.19
CA SER T 578 -6.12 -35.06 31.34
C SER T 578 -6.09 -34.33 30.01
N ASP T 579 -5.29 -34.80 29.06
CA ASP T 579 -5.26 -34.20 27.74
C ASP T 579 -6.42 -34.65 26.85
N ALA T 580 -7.03 -35.79 27.14
CA ALA T 580 -8.10 -36.30 26.29
C ALA T 580 -9.47 -35.94 26.82
N MET T 581 -9.69 -36.05 28.12
CA MET T 581 -10.97 -35.72 28.68
C MET T 581 -11.29 -34.26 28.49
N LYS T 582 -10.45 -33.56 27.74
CA LYS T 582 -10.71 -32.17 27.43
C LYS T 582 -10.96 -31.89 25.95
N ASP T 583 -11.23 -32.91 25.15
CA ASP T 583 -11.52 -32.69 23.76
C ASP T 583 -12.93 -32.20 23.61
N PRO T 584 -13.28 -31.74 22.44
CA PRO T 584 -14.59 -31.13 22.39
C PRO T 584 -15.72 -32.00 22.80
N GLU T 585 -15.78 -33.25 22.40
CA GLU T 585 -16.97 -34.06 22.71
C GLU T 585 -17.47 -33.88 24.11
N PHE T 586 -16.59 -34.10 25.07
CA PHE T 586 -16.99 -34.03 26.44
C PHE T 586 -17.21 -32.65 27.01
N SER T 587 -16.39 -31.68 26.63
CA SER T 587 -16.48 -30.38 27.28
C SER T 587 -17.01 -29.15 26.58
N THR T 588 -16.65 -28.93 25.35
CA THR T 588 -17.04 -27.70 24.71
C THR T 588 -18.49 -27.49 24.60
N GLY T 589 -19.20 -28.53 24.31
CA GLY T 589 -20.60 -28.38 24.12
C GLY T 589 -21.25 -28.42 25.44
N GLY T 590 -22.54 -28.49 25.42
CA GLY T 590 -23.26 -28.60 26.65
C GLY T 590 -22.98 -29.92 27.27
N ALA T 591 -23.14 -30.01 28.58
CA ALA T 591 -22.77 -31.24 29.26
C ALA T 591 -23.53 -32.44 28.85
N LYS T 592 -22.82 -33.55 28.78
CA LYS T 592 -23.46 -34.78 28.50
C LYS T 592 -22.91 -35.56 29.67
N MET T 593 -22.54 -36.79 29.46
CA MET T 593 -21.93 -37.62 30.49
C MET T 593 -20.80 -36.87 31.17
N SER T 594 -20.92 -36.64 32.47
CA SER T 594 -19.89 -35.89 33.19
C SER T 594 -20.05 -36.13 34.68
N ARG T 595 -18.93 -36.31 35.37
CA ARG T 595 -17.62 -36.41 34.73
C ARG T 595 -16.99 -37.74 35.10
N GLU T 596 -17.48 -38.36 36.18
CA GLU T 596 -17.07 -39.72 36.48
C GLU T 596 -17.34 -40.64 35.30
N GLU T 597 -18.25 -40.25 34.41
CA GLU T 597 -18.47 -41.01 33.19
C GLU T 597 -17.57 -40.54 32.06
N THR T 598 -17.07 -39.31 32.10
CA THR T 598 -16.27 -38.90 30.96
C THR T 598 -14.89 -39.52 30.97
N ARG T 599 -14.48 -40.12 32.08
CA ARG T 599 -13.29 -40.97 32.06
C ARG T 599 -13.66 -42.41 31.81
N TYR T 600 -14.85 -42.82 32.24
CA TYR T 600 -15.29 -44.20 32.00
C TYR T 600 -15.51 -44.44 30.52
N THR T 601 -16.08 -43.48 29.80
CA THR T 601 -16.29 -43.60 28.37
C THR T 601 -15.06 -43.24 27.56
N ILE T 602 -13.93 -42.99 28.21
CA ILE T 602 -12.65 -42.98 27.51
C ILE T 602 -11.91 -44.28 27.75
N TYR T 603 -11.94 -44.79 28.97
CA TYR T 603 -11.35 -46.08 29.24
C TYR T 603 -12.11 -47.22 28.58
N ARG T 604 -13.43 -47.09 28.43
CA ARG T 604 -14.20 -48.07 27.68
C ARG T 604 -13.71 -48.14 26.24
N ARG T 605 -13.53 -47.00 25.60
CA ARG T 605 -12.98 -46.98 24.25
C ARG T 605 -11.56 -47.51 24.20
N ALA T 606 -10.72 -47.14 25.16
CA ALA T 606 -9.33 -47.59 25.12
C ALA T 606 -9.19 -49.07 25.45
N ALA T 607 -10.21 -49.66 26.07
CA ALA T 607 -10.17 -51.11 26.32
C ALA T 607 -10.78 -51.88 25.17
N LEU T 608 -11.89 -51.39 24.62
CA LEU T 608 -12.53 -52.08 23.51
C LEU T 608 -11.77 -51.89 22.20
N ALA T 609 -10.91 -50.88 22.10
CA ALA T 609 -10.02 -50.80 20.95
C ALA T 609 -8.86 -51.77 21.09
N ILE T 610 -8.47 -52.11 22.30
CA ILE T 610 -7.29 -52.96 22.50
C ILE T 610 -7.67 -54.36 22.21
N GLU T 611 -8.74 -54.80 22.83
CA GLU T 611 -9.18 -56.17 22.64
C GLU T 611 -9.60 -56.58 21.22
N ARG T 612 -10.33 -55.74 20.50
CA ARG T 612 -10.65 -56.05 19.12
C ARG T 612 -10.08 -54.87 18.38
N PRO T 613 -9.18 -55.10 17.43
CA PRO T 613 -8.55 -53.94 16.82
C PRO T 613 -9.19 -53.23 15.65
N GLU T 614 -10.32 -53.68 15.15
CA GLU T 614 -10.95 -52.91 14.07
C GLU T 614 -11.51 -51.67 14.71
N LEU T 615 -12.30 -51.85 15.76
CA LEU T 615 -12.88 -50.73 16.48
C LEU T 615 -11.80 -49.74 16.73
N GLN T 616 -10.59 -50.19 17.07
CA GLN T 616 -9.49 -49.15 17.21
C GLN T 616 -9.55 -48.06 16.19
N LYS T 617 -8.93 -48.22 15.05
CA LYS T 617 -8.93 -47.40 13.84
C LYS T 617 -9.84 -46.17 13.93
N ALA T 618 -11.02 -46.23 14.56
CA ALA T 618 -11.86 -45.02 14.74
C ALA T 618 -11.82 -44.27 16.08
N LEU T 619 -10.66 -43.83 16.53
CA LEU T 619 -10.52 -43.17 17.83
C LEU T 619 -9.80 -41.84 17.66
N THR T 620 -10.18 -40.84 18.43
CA THR T 620 -9.58 -39.53 18.31
C THR T 620 -8.13 -39.58 18.65
N PRO T 621 -7.30 -38.85 17.92
CA PRO T 621 -5.86 -38.97 18.17
C PRO T 621 -5.42 -38.56 19.53
N SER T 622 -5.90 -37.44 20.05
CA SER T 622 -5.44 -36.92 21.35
C SER T 622 -5.93 -37.86 22.38
N GLU T 623 -6.62 -38.87 21.93
CA GLU T 623 -7.09 -39.91 22.85
C GLU T 623 -6.47 -41.27 22.56
N ARG T 624 -5.96 -41.51 21.35
CA ARG T 624 -5.29 -42.76 21.07
C ARG T 624 -4.03 -42.95 21.90
N ILE T 625 -3.46 -41.86 22.42
CA ILE T 625 -2.22 -41.96 23.17
C ILE T 625 -2.48 -42.50 24.57
N VAL T 626 -3.74 -42.62 24.97
CA VAL T 626 -4.02 -43.31 26.22
C VAL T 626 -4.23 -44.79 25.98
N MET T 627 -4.87 -45.16 24.87
CA MET T 627 -4.94 -46.57 24.51
C MET T 627 -3.55 -47.15 24.30
N ASP T 628 -2.66 -46.38 23.67
CA ASP T 628 -1.30 -46.85 23.47
C ASP T 628 -0.61 -47.16 24.79
N ILE T 629 -0.71 -46.25 25.76
CA ILE T 629 -0.02 -46.45 27.02
C ILE T 629 -0.65 -47.58 27.83
N ILE T 630 -1.98 -47.68 27.83
CA ILE T 630 -2.62 -48.80 28.52
C ILE T 630 -2.18 -50.12 27.91
N LYS T 631 -2.19 -50.22 26.58
CA LYS T 631 -1.79 -51.46 25.93
C LYS T 631 -0.34 -51.79 26.23
N ARG T 632 0.54 -50.78 26.22
CA ARG T 632 1.94 -51.05 26.49
C ARG T 632 2.16 -51.48 27.94
N HIS T 633 1.46 -50.85 28.88
CA HIS T 633 1.61 -51.22 30.28
C HIS T 633 1.15 -52.66 30.52
N PHE T 634 -0.06 -53.00 30.06
CA PHE T 634 -0.53 -54.36 30.22
C PHE T 634 0.31 -55.36 29.44
N ASP T 635 0.81 -54.99 28.27
CA ASP T 635 1.69 -55.88 27.53
C ASP T 635 3.02 -56.11 28.23
N THR T 636 3.54 -55.09 28.92
CA THR T 636 4.77 -55.28 29.67
C THR T 636 4.55 -56.19 30.86
N LYS T 637 3.45 -55.99 31.59
CA LYS T 637 3.13 -56.94 32.66
C LYS T 637 2.95 -58.35 32.12
N ARG T 638 2.36 -58.49 30.92
CA ARG T 638 2.22 -59.82 30.32
C ARG T 638 3.58 -60.41 29.97
N GLU T 639 4.39 -59.68 29.21
CA GLU T 639 5.72 -60.13 28.82
C GLU T 639 6.60 -60.44 30.03
N LEU T 640 6.30 -59.86 31.18
CA LEU T 640 7.10 -60.12 32.37
C LEU T 640 6.54 -61.26 33.20
N MET T 641 5.25 -61.57 33.09
CA MET T 641 4.69 -62.71 33.79
C MET T 641 4.90 -64.03 33.07
N GLU T 642 4.91 -64.05 31.74
CA GLU T 642 5.13 -65.31 31.04
C GLU T 642 6.46 -65.92 31.41
N ASN T 643 7.49 -65.09 31.61
CA ASN T 643 8.81 -65.55 32.00
C ASN T 643 9.34 -64.61 33.07
N PRO T 644 8.90 -64.76 34.31
CA PRO T 644 9.33 -63.87 35.38
C PRO T 644 10.72 -64.21 35.87
N ALA T 645 11.40 -65.08 35.13
CA ALA T 645 12.79 -65.36 35.42
C ALA T 645 13.73 -64.26 34.97
N ILE T 646 13.21 -63.12 34.52
CA ILE T 646 14.11 -62.05 34.10
C ILE T 646 14.47 -61.33 35.38
N PHE T 647 15.33 -61.98 36.17
CA PHE T 647 15.63 -61.55 37.53
C PHE T 647 16.73 -62.45 38.04
N GLY T 648 17.01 -62.40 39.35
CA GLY T 648 18.03 -63.27 39.92
C GLY T 648 17.86 -64.73 39.55
N ASN T 649 16.73 -65.32 39.91
CA ASN T 649 16.55 -66.75 39.75
C ASN T 649 16.38 -67.11 38.27
N THR T 650 16.57 -68.39 37.98
CA THR T 650 16.31 -68.95 36.66
C THR T 650 15.20 -69.99 36.69
N LYS T 651 14.65 -70.27 37.87
CA LYS T 651 13.42 -71.08 37.95
C LYS T 651 12.26 -70.14 37.94
N ALA T 652 11.12 -70.66 38.30
CA ALA T 652 9.91 -69.88 38.45
C ALA T 652 9.51 -69.75 37.07
N VAL T 653 8.40 -70.36 36.73
CA VAL T 653 8.08 -70.52 35.36
C VAL T 653 6.68 -70.02 35.10
N SER T 654 6.56 -68.95 34.32
CA SER T 654 5.27 -68.61 33.78
C SER T 654 4.13 -68.59 34.75
N ILE T 655 4.05 -67.58 35.62
CA ILE T 655 2.94 -67.49 36.53
C ILE T 655 1.69 -67.43 35.68
N PHE T 656 1.71 -66.73 34.54
CA PHE T 656 0.50 -66.47 33.71
C PHE T 656 -0.46 -67.59 33.42
N PRO T 657 -1.75 -67.27 33.39
CA PRO T 657 -2.74 -68.33 33.20
C PRO T 657 -2.78 -69.10 31.90
N GLU T 658 -2.76 -68.45 30.75
CA GLU T 658 -2.92 -69.21 29.53
C GLU T 658 -2.06 -68.77 28.39
N SER T 659 -0.75 -68.96 28.49
CA SER T 659 0.12 -68.49 27.45
C SER T 659 -0.12 -69.32 26.23
N ARG T 660 0.00 -68.68 25.07
CA ARG T 660 -0.55 -69.02 23.74
C ARG T 660 -1.83 -68.29 23.39
N HIS T 661 -2.51 -67.75 24.36
CA HIS T 661 -3.68 -66.97 24.06
C HIS T 661 -3.08 -65.62 23.81
N LYS T 662 -2.69 -65.31 22.59
CA LYS T 662 -1.90 -64.12 22.44
C LYS T 662 -2.75 -62.88 22.17
N GLY T 663 -2.95 -62.07 23.19
CA GLY T 663 -3.43 -60.71 23.07
C GLY T 663 -3.06 -59.91 24.30
N THR T 664 -3.07 -58.59 24.23
CA THR T 664 -2.81 -57.80 25.40
C THR T 664 -3.91 -58.26 26.26
N TYR T 665 -3.62 -58.95 27.34
CA TYR T 665 -4.72 -59.32 28.23
C TYR T 665 -5.09 -58.15 29.13
N VAL T 666 -6.25 -57.55 28.86
CA VAL T 666 -6.84 -56.58 29.79
C VAL T 666 -7.64 -57.33 30.84
N PRO T 667 -7.47 -57.04 32.14
CA PRO T 667 -8.03 -57.90 33.18
C PRO T 667 -9.54 -57.94 33.13
N HIS T 668 -10.09 -59.12 32.83
CA HIS T 668 -11.52 -59.32 32.88
C HIS T 668 -11.97 -59.41 34.33
N VAL T 669 -12.49 -58.32 34.87
CA VAL T 669 -12.98 -58.25 36.24
C VAL T 669 -14.45 -57.86 36.20
N TYR T 670 -15.32 -58.85 36.41
CA TYR T 670 -16.74 -58.61 36.28
C TYR T 670 -17.27 -57.89 37.52
N ASP T 671 -18.37 -57.16 37.32
CA ASP T 671 -18.88 -56.24 38.33
C ASP T 671 -19.90 -56.94 39.22
N ARG T 672 -20.10 -56.37 40.41
CA ARG T 672 -21.10 -56.88 41.34
C ARG T 672 -22.50 -56.44 40.92
N HIS T 673 -22.68 -55.17 40.61
CA HIS T 673 -24.02 -54.63 40.37
C HIS T 673 -24.57 -54.99 39.00
N ALA T 674 -23.71 -55.10 37.98
CA ALA T 674 -24.17 -55.57 36.69
C ALA T 674 -24.63 -57.02 36.78
N LYS T 675 -23.96 -57.83 37.60
CA LYS T 675 -24.44 -59.17 37.87
C LYS T 675 -25.73 -59.16 38.67
N ALA T 676 -25.89 -58.21 39.58
CA ALA T 676 -27.16 -58.09 40.31
C ALA T 676 -28.33 -57.79 39.38
N LEU T 677 -28.15 -56.83 38.47
CA LEU T 677 -29.22 -56.49 37.55
C LEU T 677 -29.61 -57.66 36.67
N MET T 678 -28.64 -58.51 36.31
CA MET T 678 -28.95 -59.67 35.49
C MET T 678 -29.51 -60.84 36.29
N ILE T 679 -29.20 -60.93 37.59
CA ILE T 679 -29.81 -61.98 38.41
C ILE T 679 -31.12 -61.52 39.04
N GLN T 680 -31.53 -60.27 38.82
CA GLN T 680 -32.84 -59.86 39.28
C GLN T 680 -33.94 -60.47 38.41
N ARG T 681 -33.72 -60.49 37.10
CA ARG T 681 -34.61 -61.16 36.16
C ARG T 681 -33.86 -62.32 35.52
N TYR T 682 -34.54 -63.46 35.39
CA TYR T 682 -33.92 -64.75 35.03
C TYR T 682 -32.63 -64.94 35.84
N GLY T 683 -32.78 -65.07 37.15
CA GLY T 683 -31.69 -64.91 38.09
C GLY T 683 -30.47 -65.80 37.97
N ALA T 684 -30.62 -67.10 38.25
CA ALA T 684 -29.45 -67.96 38.42
C ALA T 684 -29.07 -68.66 37.12
N GLU T 685 -29.95 -69.48 36.58
CA GLU T 685 -29.63 -70.18 35.34
C GLU T 685 -29.62 -69.23 34.14
N GLY T 686 -30.32 -68.11 34.23
CA GLY T 686 -30.31 -67.14 33.16
C GLY T 686 -28.92 -66.63 32.86
N LEU T 687 -28.26 -66.04 33.86
CA LEU T 687 -26.90 -65.56 33.69
C LEU T 687 -25.91 -66.70 33.47
N GLN T 688 -26.10 -67.83 34.14
CA GLN T 688 -25.19 -68.96 34.01
C GLN T 688 -25.19 -69.53 32.61
N GLU T 689 -26.32 -69.41 31.90
CA GLU T 689 -26.39 -69.81 30.51
C GLU T 689 -26.01 -68.67 29.57
N GLY T 690 -26.24 -67.42 29.99
CA GLY T 690 -25.91 -66.30 29.14
C GLY T 690 -24.42 -66.14 28.97
N ILE T 691 -23.67 -66.12 30.08
CA ILE T 691 -22.22 -65.99 29.96
C ILE T 691 -21.61 -67.24 29.32
N ALA T 692 -22.35 -68.35 29.24
CA ALA T 692 -21.84 -69.51 28.53
C ALA T 692 -22.04 -69.38 27.03
N ARG T 693 -23.28 -69.12 26.62
CA ARG T 693 -23.56 -69.04 25.19
C ARG T 693 -22.91 -67.81 24.55
N SER T 694 -22.68 -66.75 25.34
CA SER T 694 -22.01 -65.59 24.77
C SER T 694 -20.57 -65.91 24.42
N TRP T 695 -19.96 -66.86 25.14
CA TRP T 695 -18.62 -67.30 24.76
C TRP T 695 -18.69 -68.33 23.64
N MET T 696 -19.68 -69.22 23.69
CA MET T 696 -19.88 -70.18 22.63
C MET T 696 -20.12 -69.52 21.28
N ASN T 697 -20.68 -68.31 21.27
CA ASN T 697 -20.79 -67.56 20.02
C ASN T 697 -19.42 -67.28 19.42
N SER T 698 -18.52 -66.68 20.19
CA SER T 698 -17.19 -66.39 19.69
C SER T 698 -16.43 -67.66 19.38
N TYR T 699 -16.74 -68.77 20.07
CA TYR T 699 -16.04 -70.01 19.80
C TYR T 699 -16.26 -70.49 18.37
N VAL T 700 -17.39 -70.14 17.76
CA VAL T 700 -17.67 -70.53 16.38
C VAL T 700 -17.65 -69.35 15.43
N SER T 701 -17.49 -68.12 15.93
CA SER T 701 -17.50 -66.94 15.07
C SER T 701 -16.12 -66.51 14.62
N ARG T 702 -15.07 -67.24 14.98
CA ARG T 702 -13.74 -66.89 14.57
C ARG T 702 -12.99 -68.18 14.25
N PRO T 703 -12.10 -68.15 13.26
CA PRO T 703 -11.40 -69.38 12.90
C PRO T 703 -10.18 -69.66 13.75
N GLU T 704 -9.67 -68.67 14.48
CA GLU T 704 -8.47 -68.85 15.28
C GLU T 704 -8.75 -69.12 16.74
N VAL T 705 -9.78 -68.51 17.32
CA VAL T 705 -10.18 -68.93 18.66
C VAL T 705 -10.73 -70.34 18.66
N LYS T 706 -11.34 -70.77 17.55
CA LYS T 706 -11.74 -72.16 17.42
C LYS T 706 -10.54 -73.09 17.49
N ALA T 707 -9.36 -72.61 17.11
CA ALA T 707 -8.16 -73.43 17.21
C ALA T 707 -7.56 -73.34 18.60
N ARG T 708 -7.51 -72.15 19.18
CA ARG T 708 -6.84 -71.99 20.46
C ARG T 708 -7.69 -72.43 21.64
N VAL T 709 -8.98 -72.74 21.42
CA VAL T 709 -9.74 -73.42 22.46
C VAL T 709 -9.51 -74.92 22.39
N ASP T 710 -9.50 -75.48 21.17
CA ASP T 710 -9.29 -76.91 21.02
C ASP T 710 -7.87 -77.31 21.42
N GLU T 711 -6.90 -76.44 21.18
CA GLU T 711 -5.54 -76.72 21.63
C GLU T 711 -5.46 -76.83 23.15
N MET T 712 -6.35 -76.14 23.86
CA MET T 712 -6.41 -76.26 25.32
C MET T 712 -7.22 -77.48 25.75
N LEU T 713 -8.32 -77.75 25.05
CA LEU T 713 -9.19 -78.86 25.40
C LEU T 713 -8.55 -80.22 25.16
N LYS T 714 -7.81 -80.38 24.05
CA LYS T 714 -7.10 -81.63 23.81
C LYS T 714 -6.16 -81.96 24.97
N GLU T 715 -5.43 -80.95 25.44
CA GLU T 715 -4.43 -81.19 26.48
C GLU T 715 -5.05 -81.60 27.80
N LEU T 716 -6.22 -81.04 28.15
CA LEU T 716 -6.82 -81.35 29.44
C LEU T 716 -7.46 -82.74 29.43
N HIS T 717 -8.47 -82.93 28.59
CA HIS T 717 -9.22 -84.19 28.57
C HIS T 717 -9.71 -84.47 27.17
N GLY T 718 -9.14 -85.48 26.53
CA GLY T 718 -9.63 -85.88 25.23
C GLY T 718 -8.57 -86.01 24.15
N VAL T 719 -8.75 -87.00 23.28
CA VAL T 719 -7.88 -87.22 22.13
C VAL T 719 -8.29 -86.21 21.07
N LYS T 720 -7.48 -86.10 20.00
CA LYS T 720 -7.55 -84.99 19.05
C LYS T 720 -8.96 -84.49 18.77
N GLU T 721 -9.89 -85.36 18.40
CA GLU T 721 -11.24 -84.91 18.05
C GLU T 721 -11.93 -84.37 19.28
N VAL T 722 -12.40 -83.12 19.21
CA VAL T 722 -13.04 -82.45 20.32
C VAL T 722 -14.53 -82.36 20.02
N THR T 723 -15.34 -83.01 20.84
CA THR T 723 -16.78 -82.98 20.66
C THR T 723 -17.33 -81.62 21.09
N PRO T 724 -18.30 -81.06 20.35
CA PRO T 724 -18.93 -79.80 20.80
C PRO T 724 -19.61 -79.90 22.15
N GLU T 725 -19.68 -81.09 22.75
CA GLU T 725 -20.13 -81.20 24.14
C GLU T 725 -19.01 -80.87 25.11
N MET T 726 -17.76 -81.17 24.75
CA MET T 726 -16.63 -80.82 25.60
C MET T 726 -16.55 -79.32 25.81
N VAL T 727 -16.57 -78.54 24.72
CA VAL T 727 -16.48 -77.10 24.85
C VAL T 727 -17.70 -76.55 25.58
N GLU T 728 -18.87 -77.17 25.38
CA GLU T 728 -20.05 -76.70 26.09
C GLU T 728 -19.91 -76.87 27.59
N LYS T 729 -19.47 -78.06 28.03
CA LYS T 729 -19.26 -78.27 29.46
C LYS T 729 -18.17 -77.34 30.02
N TYR T 730 -17.08 -77.15 29.27
CA TYR T 730 -16.03 -76.27 29.73
C TYR T 730 -16.53 -74.85 29.91
N ALA T 731 -17.23 -74.32 28.90
CA ALA T 731 -17.74 -72.96 28.99
C ALA T 731 -18.78 -72.83 30.09
N MET T 732 -19.63 -73.83 30.26
CA MET T 732 -20.63 -73.78 31.32
C MET T 732 -19.98 -73.73 32.69
N ASP T 733 -19.02 -74.62 32.93
CA ASP T 733 -18.40 -74.69 34.25
C ASP T 733 -17.50 -73.49 34.51
N LYS T 734 -16.93 -72.89 33.47
CA LYS T 734 -16.11 -71.70 33.69
C LYS T 734 -16.92 -70.42 33.70
N ALA T 735 -18.17 -70.45 33.25
CA ALA T 735 -19.06 -69.33 33.47
C ALA T 735 -19.72 -69.41 34.84
N TYR T 736 -19.92 -70.63 35.35
CA TYR T 736 -20.44 -70.79 36.70
C TYR T 736 -19.60 -70.08 37.74
N GLY T 737 -18.29 -69.93 37.49
CA GLY T 737 -17.45 -69.20 38.41
C GLY T 737 -17.82 -67.75 38.55
N ILE T 738 -18.41 -67.17 37.50
CA ILE T 738 -18.89 -65.80 37.52
C ILE T 738 -20.38 -65.74 37.85
N SER T 739 -21.07 -66.86 37.70
CA SER T 739 -22.52 -66.86 37.93
C SER T 739 -22.86 -66.74 39.40
N HIS T 740 -22.36 -67.66 40.23
CA HIS T 740 -22.85 -67.81 41.59
C HIS T 740 -21.97 -67.13 42.62
N SER T 741 -20.70 -67.50 42.71
CA SER T 741 -19.83 -66.99 43.76
C SER T 741 -19.17 -65.70 43.28
N ASP T 742 -19.28 -64.64 44.08
CA ASP T 742 -18.73 -63.34 43.74
C ASP T 742 -17.21 -63.38 43.94
N GLN T 743 -16.54 -64.11 43.07
CA GLN T 743 -15.08 -64.15 43.10
C GLN T 743 -14.47 -62.90 42.52
N PHE T 744 -15.23 -62.15 41.70
CA PHE T 744 -14.67 -61.06 40.93
C PHE T 744 -15.53 -59.81 41.13
N THR T 745 -14.90 -58.75 41.61
CA THR T 745 -15.59 -57.48 41.85
C THR T 745 -14.77 -56.29 41.36
N ASN T 762 -3.18 -67.56 49.87
CA ASN T 762 -3.68 -66.47 49.03
C ASN T 762 -4.05 -66.96 47.64
N ASN T 763 -4.93 -66.26 46.95
CA ASN T 763 -5.16 -66.52 45.52
C ASN T 763 -5.46 -65.24 44.73
N SER T 764 -5.55 -65.32 43.39
CA SER T 764 -5.70 -64.09 42.58
C SER T 764 -6.84 -64.01 41.58
N PHE T 765 -6.97 -62.85 40.96
CA PHE T 765 -8.01 -62.67 39.95
C PHE T 765 -7.51 -62.70 38.52
N LEU T 766 -6.24 -63.02 38.30
CA LEU T 766 -5.77 -63.20 36.93
C LEU T 766 -6.54 -64.37 36.42
N GLU T 767 -6.78 -65.34 37.27
CA GLU T 767 -7.46 -66.55 36.90
C GLU T 767 -8.76 -66.46 36.19
N ALA T 768 -9.22 -65.27 35.83
CA ALA T 768 -10.56 -65.28 35.28
C ALA T 768 -10.41 -65.00 33.83
N ARG T 769 -9.26 -65.40 33.34
CA ARG T 769 -8.83 -65.08 31.99
C ARG T 769 -9.29 -66.17 31.04
N ASN T 770 -10.57 -66.52 31.18
CA ASN T 770 -11.16 -67.58 30.39
C ASN T 770 -10.90 -67.35 28.90
N LEU T 771 -10.44 -68.41 28.23
CA LEU T 771 -9.81 -68.29 26.92
C LEU T 771 -10.71 -67.68 25.86
N PHE T 772 -12.02 -67.86 25.98
CA PHE T 772 -12.93 -67.32 24.98
C PHE T 772 -12.80 -65.81 24.87
N ASP T 773 -13.27 -65.28 23.75
CA ASP T 773 -13.39 -63.84 23.57
C ASP T 773 -14.84 -63.44 23.81
N SER T 774 -15.03 -62.36 24.54
CA SER T 774 -16.37 -61.94 24.97
C SER T 774 -16.69 -60.62 24.28
N ASP T 775 -17.19 -60.71 23.07
CA ASP T 775 -17.61 -59.55 22.31
C ASP T 775 -19.02 -59.67 21.75
N LEU T 776 -19.41 -60.86 21.33
CA LEU T 776 -20.70 -61.04 20.69
C LEU T 776 -21.78 -61.25 21.74
N SER T 777 -22.96 -60.69 21.46
CA SER T 777 -24.10 -60.77 22.36
C SER T 777 -25.09 -61.80 21.86
N ILE T 778 -25.64 -62.58 22.78
CA ILE T 778 -26.70 -63.52 22.45
C ILE T 778 -28.01 -62.98 22.99
N THR T 779 -29.10 -63.38 22.36
CA THR T 779 -30.41 -62.84 22.66
C THR T 779 -31.06 -63.62 23.78
N MET T 780 -31.47 -62.93 24.84
CA MET T 780 -32.17 -63.52 25.95
C MET T 780 -33.64 -63.73 25.59
N PRO T 781 -34.31 -64.69 26.24
CA PRO T 781 -35.70 -64.99 25.87
C PRO T 781 -36.66 -63.81 26.03
N ASP T 782 -36.24 -62.73 26.68
CA ASP T 782 -37.05 -61.54 26.82
C ASP T 782 -36.76 -60.50 25.75
N GLY T 783 -35.73 -60.71 24.92
CA GLY T 783 -35.48 -59.82 23.81
C GLY T 783 -34.20 -59.04 23.89
N GLN T 784 -33.81 -58.59 25.08
CA GLN T 784 -32.63 -57.76 25.23
C GLN T 784 -31.37 -58.53 24.86
N GLN T 785 -30.58 -57.96 23.95
CA GLN T 785 -29.31 -58.56 23.58
C GLN T 785 -28.34 -58.45 24.75
N PHE T 786 -27.67 -59.56 25.07
CA PHE T 786 -26.87 -59.68 26.28
C PHE T 786 -25.47 -60.11 25.93
N SER T 787 -24.51 -59.20 26.08
CA SER T 787 -23.11 -59.49 25.85
C SER T 787 -22.46 -59.91 27.17
N VAL T 788 -21.13 -59.95 27.19
CA VAL T 788 -20.38 -60.11 28.42
C VAL T 788 -19.61 -58.86 28.80
N ASN T 789 -19.20 -58.05 27.83
CA ASN T 789 -18.58 -56.76 28.15
C ASN T 789 -19.46 -55.90 29.04
N ASP T 790 -20.77 -56.15 29.05
CA ASP T 790 -21.63 -55.46 30.00
C ASP T 790 -21.42 -55.97 31.41
N LEU T 791 -21.14 -57.26 31.58
CA LEU T 791 -20.73 -57.76 32.89
C LEU T 791 -19.34 -57.26 33.25
N ARG T 792 -18.51 -56.97 32.26
CA ARG T 792 -17.13 -56.57 32.52
C ARG T 792 -17.08 -55.20 33.17
N ASP T 793 -15.87 -54.79 33.53
CA ASP T 793 -15.62 -53.50 34.15
C ASP T 793 -14.45 -52.81 33.46
N PHE T 794 -14.32 -51.53 33.75
CA PHE T 794 -13.36 -50.62 33.13
C PHE T 794 -13.00 -49.55 34.15
N ASP T 795 -12.60 -48.38 33.66
CA ASP T 795 -12.39 -47.14 34.41
C ASP T 795 -11.00 -47.08 35.06
N MET T 796 -10.20 -48.13 34.98
CA MET T 796 -8.77 -48.07 35.33
C MET T 796 -8.53 -47.29 36.62
N PHE T 797 -9.49 -47.34 37.53
CA PHE T 797 -9.41 -46.63 38.79
C PHE T 797 -9.44 -47.57 39.97
N ARG T 798 -10.39 -48.50 39.98
CA ARG T 798 -10.38 -49.64 40.87
C ARG T 798 -9.92 -50.90 40.15
N ILE T 799 -9.39 -50.75 38.94
CA ILE T 799 -8.98 -51.88 38.11
C ILE T 799 -7.47 -51.88 37.89
N MET T 800 -6.94 -50.80 37.33
CA MET T 800 -5.52 -50.79 37.00
C MET T 800 -4.65 -50.84 38.26
N PRO T 801 -4.84 -49.96 39.24
CA PRO T 801 -4.00 -50.03 40.45
C PRO T 801 -4.39 -51.14 41.41
N ALA T 802 -5.50 -51.83 41.19
CA ALA T 802 -5.83 -53.00 41.99
C ALA T 802 -5.41 -54.30 41.31
N TYR T 803 -5.08 -54.21 40.02
CA TYR T 803 -4.48 -55.32 39.30
C TYR T 803 -2.97 -55.27 39.36
N ASP T 804 -2.40 -54.07 39.30
CA ASP T 804 -0.95 -53.93 39.30
C ASP T 804 -0.34 -54.40 40.59
N ARG T 805 -1.01 -54.18 41.72
CA ARG T 805 -0.47 -54.65 42.98
C ARG T 805 -0.49 -56.16 43.10
N ARG T 806 -1.56 -56.83 42.68
CA ARG T 806 -1.58 -58.28 42.70
C ARG T 806 -0.54 -58.86 41.76
N VAL T 807 -0.40 -58.28 40.57
CA VAL T 807 0.59 -58.78 39.62
C VAL T 807 2.01 -58.57 40.16
N ASN T 808 2.27 -57.42 40.77
CA ASN T 808 3.61 -57.16 41.30
C ASN T 808 3.91 -58.03 42.51
N GLY T 809 2.90 -58.38 43.30
CA GLY T 809 3.12 -59.35 44.37
C GLY T 809 3.45 -60.72 43.85
N ASP T 810 2.65 -61.21 42.90
CA ASP T 810 2.91 -62.53 42.36
C ASP T 810 4.23 -62.61 41.62
N ILE T 811 4.60 -61.57 40.88
CA ILE T 811 5.88 -61.54 40.19
C ILE T 811 7.04 -61.59 41.18
N ALA T 812 6.95 -60.81 42.25
CA ALA T 812 8.06 -60.79 43.22
C ALA T 812 8.19 -62.12 43.95
N ILE T 813 7.07 -62.69 44.38
CA ILE T 813 7.15 -63.98 45.04
C ILE T 813 7.63 -65.06 44.07
N MET T 814 7.31 -64.91 42.79
CA MET T 814 7.83 -65.82 41.78
C MET T 814 9.34 -65.68 41.64
N GLY T 815 9.82 -64.44 41.51
CA GLY T 815 11.24 -64.21 41.41
C GLY T 815 12.01 -64.63 42.65
N SER T 816 11.33 -64.72 43.79
CA SER T 816 11.99 -65.26 44.97
C SER T 816 12.36 -66.72 44.77
N THR T 817 11.37 -67.61 44.75
CA THR T 817 11.61 -69.02 44.40
C THR T 817 10.58 -69.58 43.43
N GLY T 818 9.31 -69.25 43.59
CA GLY T 818 8.28 -69.93 42.83
C GLY T 818 6.90 -69.40 43.13
N LYS T 819 5.91 -70.23 42.84
CA LYS T 819 4.51 -69.81 42.85
C LYS T 819 4.12 -69.21 44.20
N THR T 820 3.18 -68.27 44.14
CA THR T 820 2.70 -67.60 45.33
C THR T 820 1.81 -68.48 46.18
N THR T 821 0.84 -69.13 45.61
CA THR T 821 -0.14 -69.70 46.50
C THR T 821 0.67 -70.80 47.06
N LYS T 822 0.78 -71.86 46.30
CA LYS T 822 0.98 -73.09 46.97
C LYS T 822 2.30 -72.91 47.69
N GLU T 823 3.32 -72.46 46.97
CA GLU T 823 4.63 -72.68 47.52
C GLU T 823 4.75 -71.82 48.75
N LEU T 824 4.38 -70.56 48.61
CA LEU T 824 4.83 -69.64 49.62
C LEU T 824 4.06 -70.04 50.82
N LYS T 825 2.78 -70.32 50.60
CA LYS T 825 1.91 -70.40 51.75
C LYS T 825 2.40 -71.58 52.54
N ASP T 826 2.63 -72.66 51.83
CA ASP T 826 2.80 -73.89 52.52
C ASP T 826 4.02 -73.68 53.33
N GLU T 827 5.06 -73.16 52.68
CA GLU T 827 6.31 -73.15 53.42
C GLU T 827 6.25 -72.24 54.63
N ILE T 828 5.66 -71.07 54.49
CA ILE T 828 5.62 -70.19 55.64
C ILE T 828 4.82 -70.77 56.79
N LEU T 829 3.69 -71.39 56.49
CA LEU T 829 2.92 -72.05 57.53
C LEU T 829 3.65 -73.24 58.19
N ALA T 830 4.40 -74.00 57.41
CA ALA T 830 4.92 -75.26 57.90
C ALA T 830 6.13 -75.01 58.77
N LEU T 831 6.59 -73.78 58.75
CA LEU T 831 7.46 -73.24 59.79
C LEU T 831 6.64 -72.83 61.02
N LYS T 832 5.43 -72.33 60.79
CA LYS T 832 4.56 -71.96 61.91
C LYS T 832 4.12 -73.19 62.71
N ALA T 833 3.45 -74.14 62.06
CA ALA T 833 2.89 -75.31 62.71
C ALA T 833 3.94 -76.34 63.10
N LYS T 834 5.21 -76.12 62.75
CA LYS T 834 6.30 -76.96 63.19
C LYS T 834 7.12 -76.32 64.28
N ALA T 835 7.33 -75.01 64.22
CA ALA T 835 8.18 -74.36 65.21
C ALA T 835 7.75 -72.92 65.48
N GLU T 836 6.97 -72.64 66.53
CA GLU T 836 6.03 -73.51 67.28
C GLU T 836 5.38 -72.58 68.31
N GLY T 837 4.49 -73.10 69.14
CA GLY T 837 3.79 -72.25 70.08
C GLY T 837 4.71 -71.61 71.11
N ASP T 838 5.59 -72.42 71.71
CA ASP T 838 6.42 -71.93 72.80
C ASP T 838 7.62 -71.14 72.29
N GLY T 839 8.00 -71.35 71.02
CA GLY T 839 9.17 -70.73 70.44
C GLY T 839 9.21 -69.22 70.55
N LYS T 840 10.23 -68.70 71.21
CA LYS T 840 10.34 -67.26 71.41
C LYS T 840 10.59 -66.52 70.10
N LYS T 841 11.31 -67.16 69.18
CA LYS T 841 11.63 -66.57 67.89
C LYS T 841 10.64 -66.98 66.80
N THR T 842 9.39 -67.25 67.15
CA THR T 842 8.38 -67.55 66.14
C THR T 842 7.52 -66.35 65.80
N GLY T 843 7.36 -65.42 66.73
CA GLY T 843 6.88 -64.10 66.34
C GLY T 843 7.73 -63.47 65.24
N GLU T 844 9.01 -63.83 65.19
CA GLU T 844 9.84 -63.37 64.10
C GLU T 844 9.48 -64.08 62.79
N VAL T 845 8.92 -65.28 62.88
CA VAL T 845 8.35 -65.92 61.70
C VAL T 845 7.06 -65.22 61.27
N HIS T 846 6.23 -64.83 62.25
CA HIS T 846 5.10 -63.98 61.93
C HIS T 846 5.54 -62.66 61.31
N ALA T 847 6.73 -62.18 61.64
CA ALA T 847 7.28 -61.00 60.98
C ALA T 847 7.42 -61.22 59.49
N LEU T 848 8.02 -62.34 59.08
CA LEU T 848 8.16 -62.70 57.65
C LEU T 848 6.83 -62.98 56.92
N MET T 849 5.84 -63.47 57.64
CA MET T 849 4.52 -63.66 57.06
C MET T 849 4.00 -62.27 56.67
N ASP T 850 4.31 -61.26 57.49
CA ASP T 850 3.93 -59.88 57.15
C ASP T 850 4.67 -59.34 55.94
N THR T 851 5.92 -59.73 55.77
CA THR T 851 6.65 -59.33 54.60
C THR T 851 5.87 -59.86 53.49
N VAL T 852 5.44 -61.11 53.61
CA VAL T 852 4.74 -61.69 52.48
C VAL T 852 3.50 -60.92 52.20
N LYS T 853 2.72 -60.59 53.22
CA LYS T 853 1.48 -59.90 52.90
C LYS T 853 1.78 -58.59 52.21
N ILE T 854 2.74 -57.81 52.73
CA ILE T 854 2.98 -56.50 52.16
C ILE T 854 3.42 -56.63 50.73
N LEU T 855 4.32 -57.56 50.47
CA LEU T 855 4.84 -57.67 49.13
C LEU T 855 3.76 -58.02 48.19
N THR T 856 2.96 -59.01 48.60
CA THR T 856 1.94 -59.52 47.70
C THR T 856 0.99 -58.46 47.34
N GLY T 857 0.85 -57.48 48.21
CA GLY T 857 -0.14 -56.46 47.94
C GLY T 857 -1.45 -56.44 48.68
N ARG T 858 -1.61 -57.23 49.72
CA ARG T 858 -2.81 -57.08 50.53
C ARG T 858 -2.56 -55.71 51.11
N ALA T 859 -1.36 -55.47 51.59
CA ALA T 859 -0.94 -54.15 52.08
C ALA T 859 -1.61 -53.59 53.26
N ARG T 860 -2.46 -54.37 53.90
CA ARG T 860 -3.03 -53.91 55.14
C ARG T 860 -3.67 -52.50 55.05
N ARG T 861 -4.41 -52.19 53.98
CA ARG T 861 -5.04 -50.87 53.80
C ARG T 861 -4.24 -49.82 54.55
N ASN T 862 -3.10 -49.45 54.01
CA ASN T 862 -2.21 -48.58 54.73
C ASN T 862 -2.05 -47.41 53.85
N GLN T 863 -0.89 -47.30 53.19
CA GLN T 863 -0.60 -46.09 52.44
C GLN T 863 -1.38 -44.98 53.13
N ASP T 864 -1.03 -44.75 54.40
CA ASP T 864 -1.74 -43.80 55.26
C ASP T 864 -2.10 -42.53 54.53
N THR T 865 -1.11 -41.84 53.97
CA THR T 865 -1.34 -40.58 53.29
C THR T 865 -0.37 -40.38 52.15
N VAL T 866 -0.76 -39.57 51.16
CA VAL T 866 0.19 -39.06 50.18
C VAL T 866 1.25 -38.22 50.87
N TRP T 867 0.80 -37.35 51.78
CA TRP T 867 1.61 -36.23 52.24
C TRP T 867 2.75 -36.63 53.16
N GLU T 868 2.57 -37.66 54.00
CA GLU T 868 3.69 -38.07 54.85
C GLU T 868 4.84 -38.59 54.01
N THR T 869 4.57 -39.01 52.77
CA THR T 869 5.65 -39.35 51.85
C THR T 869 6.27 -38.08 51.27
N SER T 870 5.44 -37.18 50.76
CA SER T 870 5.93 -35.94 50.16
C SER T 870 6.74 -35.10 51.14
N LEU T 871 6.50 -35.26 52.44
CA LEU T 871 7.29 -34.51 53.42
C LEU T 871 8.77 -34.86 53.32
N ARG T 872 9.10 -36.14 53.52
CA ARG T 872 10.49 -36.55 53.36
C ARG T 872 10.98 -36.38 51.92
N ALA T 873 10.09 -36.56 50.95
CA ALA T 873 10.48 -36.33 49.56
C ALA T 873 11.02 -34.92 49.37
N ILE T 874 10.29 -33.92 49.86
CA ILE T 874 10.73 -32.53 49.71
C ILE T 874 11.91 -32.23 50.61
N ASN T 875 11.95 -32.82 51.80
CA ASN T 875 13.09 -32.61 52.68
C ASN T 875 14.39 -33.04 52.00
N ASP T 876 14.38 -34.22 51.38
CA ASP T 876 15.56 -34.68 50.65
C ASP T 876 15.75 -33.95 49.33
N LEU T 877 14.67 -33.46 48.73
CA LEU T 877 14.79 -32.72 47.48
C LEU T 877 15.47 -31.38 47.70
N GLY T 878 15.31 -30.82 48.90
CA GLY T 878 15.96 -29.56 49.21
C GLY T 878 17.47 -29.66 49.23
N PHE T 879 18.01 -30.86 49.41
CA PHE T 879 19.45 -31.01 49.42
C PHE T 879 20.07 -30.81 48.05
N PHE T 880 19.69 -31.62 47.07
CA PHE T 880 20.31 -31.59 45.74
C PHE T 880 19.74 -30.48 44.87
N ALA T 881 18.43 -30.46 44.67
CA ALA T 881 17.78 -29.58 43.71
C ALA T 881 17.20 -28.38 44.46
N LYS T 882 17.92 -27.26 44.45
CA LYS T 882 17.48 -26.08 45.17
C LYS T 882 16.50 -25.22 44.40
N ASN T 883 16.05 -25.65 43.22
CA ASN T 883 15.01 -24.90 42.52
C ASN T 883 13.68 -25.64 42.57
N ALA T 884 13.69 -26.94 42.26
CA ALA T 884 12.50 -27.74 42.48
C ALA T 884 12.10 -27.74 43.94
N TYR T 885 13.05 -27.53 44.85
CA TYR T 885 12.72 -27.39 46.26
C TYR T 885 11.74 -26.24 46.47
N MET T 886 12.03 -25.09 45.89
CA MET T 886 11.12 -23.96 46.01
C MET T 886 9.84 -24.19 45.24
N GLY T 887 9.92 -24.85 44.09
CA GLY T 887 8.71 -25.11 43.32
C GLY T 887 7.71 -25.98 44.09
N ALA T 888 8.21 -27.09 44.66
CA ALA T 888 7.35 -28.00 45.39
C ALA T 888 6.83 -27.41 46.69
N GLN T 889 7.54 -26.43 47.27
CA GLN T 889 6.99 -25.73 48.41
C GLN T 889 5.87 -24.79 47.99
N ASN T 890 6.06 -24.06 46.88
CA ASN T 890 5.02 -23.14 46.44
C ASN T 890 3.74 -23.86 46.06
N ILE T 891 3.84 -24.96 45.33
CA ILE T 891 2.61 -25.65 44.90
C ILE T 891 1.84 -26.17 46.10
N THR T 892 2.53 -26.77 47.06
CA THR T 892 1.86 -27.29 48.25
C THR T 892 1.35 -26.17 49.13
N GLU T 893 2.05 -25.04 49.15
CA GLU T 893 1.58 -23.90 49.93
C GLU T 893 0.31 -23.31 49.37
N ILE T 894 0.22 -23.18 48.04
CA ILE T 894 -1.03 -22.76 47.42
C ILE T 894 -2.12 -23.79 47.70
N ALA T 895 -1.77 -25.07 47.65
CA ALA T 895 -2.74 -26.11 47.96
C ALA T 895 -3.32 -25.94 49.35
N GLY T 896 -2.45 -25.72 50.34
CA GLY T 896 -2.93 -25.53 51.70
C GLY T 896 -3.71 -24.25 51.89
N MET T 897 -3.29 -23.18 51.22
CA MET T 897 -3.98 -21.92 51.36
C MET T 897 -5.38 -21.96 50.77
N ILE T 898 -5.56 -22.62 49.62
CA ILE T 898 -6.90 -22.73 49.05
C ILE T 898 -7.84 -23.42 50.02
N VAL T 899 -7.41 -24.53 50.60
CA VAL T 899 -8.31 -25.28 51.47
C VAL T 899 -8.52 -24.56 52.80
N THR T 900 -7.50 -23.88 53.33
CA THR T 900 -7.72 -23.14 54.56
C THR T 900 -8.55 -21.89 54.32
N GLY T 901 -8.64 -21.42 53.08
CA GLY T 901 -9.62 -20.39 52.77
C GLY T 901 -11.02 -20.97 52.69
N ASN T 902 -11.15 -22.12 52.03
CA ASN T 902 -12.44 -22.78 51.94
C ASN T 902 -13.02 -23.14 53.30
N VAL T 903 -12.18 -23.50 54.27
CA VAL T 903 -12.71 -23.81 55.58
C VAL T 903 -13.33 -22.57 56.22
N ARG T 904 -12.60 -21.45 56.23
CA ARG T 904 -13.13 -20.23 56.82
C ARG T 904 -14.42 -19.79 56.14
N ALA T 905 -14.40 -19.65 54.82
CA ALA T 905 -15.58 -19.15 54.11
C ALA T 905 -16.78 -20.06 54.32
N LEU T 906 -16.64 -21.34 53.99
CA LEU T 906 -17.76 -22.27 54.15
C LEU T 906 -18.09 -22.56 55.60
N GLY T 907 -17.32 -22.04 56.55
CA GLY T 907 -17.73 -22.11 57.93
C GLY T 907 -18.57 -20.92 58.32
N HIS T 908 -18.22 -19.73 57.87
CA HIS T 908 -19.06 -18.58 58.18
C HIS T 908 -20.38 -18.66 57.45
N GLY T 909 -20.35 -18.91 56.15
CA GLY T 909 -21.58 -18.96 55.33
C GLY T 909 -22.67 -19.99 55.48
N ILE T 910 -22.33 -21.24 55.75
CA ILE T 910 -23.31 -22.30 55.80
C ILE T 910 -23.77 -22.57 57.20
N PRO T 911 -25.08 -22.58 57.42
CA PRO T 911 -25.58 -22.70 58.79
C PRO T 911 -25.28 -23.97 59.58
N ILE T 912 -25.43 -25.16 59.02
CA ILE T 912 -25.21 -26.33 59.85
C ILE T 912 -23.78 -26.40 60.27
N LEU T 913 -22.87 -26.07 59.37
CA LEU T 913 -21.49 -26.05 59.74
C LEU T 913 -21.16 -24.98 60.78
N ARG T 914 -21.66 -23.76 60.65
CA ARG T 914 -21.25 -22.70 61.59
C ARG T 914 -21.60 -22.81 63.05
N ASP T 915 -22.80 -23.20 63.38
CA ASP T 915 -23.12 -23.22 64.79
C ASP T 915 -23.05 -24.55 65.48
N THR T 916 -22.87 -25.63 64.74
CA THR T 916 -22.69 -26.92 65.42
C THR T 916 -21.52 -27.78 65.01
N LEU T 917 -21.40 -28.12 63.74
CA LEU T 917 -20.36 -29.04 63.34
C LEU T 917 -18.99 -28.48 63.60
N TYR T 918 -18.76 -27.22 63.29
CA TYR T 918 -17.43 -26.70 63.45
C TYR T 918 -17.33 -26.07 64.80
N LYS T 919 -18.42 -26.12 65.57
CA LYS T 919 -18.42 -25.53 66.90
C LYS T 919 -17.53 -26.34 67.79
N SER T 920 -16.85 -25.66 68.68
CA SER T 920 -15.92 -26.35 69.53
C SER T 920 -16.45 -27.43 70.41
N LYS T 921 -17.31 -27.11 71.37
CA LYS T 921 -17.68 -28.16 72.33
C LYS T 921 -18.96 -27.77 73.06
N PRO T 922 -19.52 -28.62 73.95
CA PRO T 922 -19.09 -29.99 74.25
C PRO T 922 -19.63 -31.09 73.31
N VAL T 923 -20.93 -31.03 73.03
CA VAL T 923 -21.68 -32.14 72.47
C VAL T 923 -22.99 -31.62 71.92
N SER T 924 -23.43 -32.16 70.78
CA SER T 924 -24.81 -31.96 70.37
C SER T 924 -25.67 -33.01 71.08
N ALA T 925 -26.68 -32.54 71.81
CA ALA T 925 -27.34 -33.39 72.81
C ALA T 925 -27.93 -34.65 72.18
N LYS T 926 -28.92 -34.48 71.30
CA LYS T 926 -29.58 -35.62 70.68
C LYS T 926 -29.10 -35.86 69.25
N GLU T 927 -28.29 -34.95 68.69
CA GLU T 927 -27.79 -35.14 67.33
C GLU T 927 -26.77 -36.27 67.24
N LEU T 928 -26.42 -36.90 68.36
CA LEU T 928 -25.62 -38.12 68.29
C LEU T 928 -26.38 -39.22 67.56
N LYS T 929 -27.66 -39.39 67.89
CA LYS T 929 -28.49 -40.35 67.17
C LYS T 929 -28.62 -39.99 65.69
N GLU T 930 -28.40 -38.73 65.32
CA GLU T 930 -28.40 -38.34 63.92
C GLU T 930 -27.02 -38.39 63.29
N LEU T 931 -25.97 -38.08 64.04
CA LEU T 931 -24.62 -38.21 63.50
C LEU T 931 -24.25 -39.66 63.22
N HIS T 932 -24.65 -40.58 64.11
CA HIS T 932 -24.43 -41.99 63.84
C HIS T 932 -25.06 -42.41 62.52
N ALA T 933 -26.33 -42.07 62.31
CA ALA T 933 -27.00 -42.42 61.07
C ALA T 933 -26.39 -41.73 59.86
N SER T 934 -25.95 -40.47 60.02
CA SER T 934 -25.32 -39.77 58.90
C SER T 934 -24.04 -40.48 58.47
N LEU T 935 -23.21 -40.89 59.43
CA LEU T 935 -21.99 -41.59 59.08
C LEU T 935 -22.27 -42.98 58.53
N PHE T 936 -23.24 -43.68 59.13
CA PHE T 936 -23.63 -44.99 58.61
C PHE T 936 -24.16 -44.89 57.19
N GLY T 937 -24.73 -43.75 56.81
CA GLY T 937 -25.13 -43.55 55.43
C GLY T 937 -23.95 -43.56 54.48
N LYS T 938 -22.90 -42.80 54.78
CA LYS T 938 -21.71 -42.82 53.95
C LYS T 938 -21.01 -44.16 53.97
N GLU T 939 -21.16 -44.93 55.07
CA GLU T 939 -20.62 -46.28 55.07
C GLU T 939 -21.40 -47.19 54.12
N VAL T 940 -22.73 -47.17 54.23
CA VAL T 940 -23.56 -48.06 53.43
C VAL T 940 -23.50 -47.72 51.96
N ASP T 941 -23.38 -46.43 51.61
CA ASP T 941 -23.25 -46.08 50.20
C ASP T 941 -21.99 -46.67 49.60
N GLN T 942 -20.85 -46.44 50.24
CA GLN T 942 -19.61 -47.04 49.75
C GLN T 942 -19.66 -48.56 49.77
N LEU T 943 -20.52 -49.14 50.61
CA LEU T 943 -20.64 -50.59 50.63
C LEU T 943 -21.55 -51.12 49.52
N ILE T 944 -22.47 -50.29 49.02
CA ILE T 944 -23.50 -50.82 48.12
C ILE T 944 -23.40 -50.25 46.71
N ARG T 945 -23.02 -48.97 46.57
CA ARG T 945 -23.15 -48.28 45.29
C ARG T 945 -22.54 -49.08 44.14
N PRO T 946 -23.15 -49.02 42.97
CA PRO T 946 -22.60 -49.75 41.82
C PRO T 946 -21.28 -49.17 41.37
N LYS T 947 -20.20 -49.91 41.59
CA LYS T 947 -18.86 -49.39 41.34
C LYS T 947 -18.58 -49.33 39.83
N ARG T 948 -19.33 -48.46 39.16
CA ARG T 948 -19.13 -48.17 37.76
C ARG T 948 -19.54 -46.72 37.51
N ALA T 949 -19.65 -46.35 36.26
CA ALA T 949 -20.16 -45.03 35.92
C ALA T 949 -21.30 -45.07 34.93
N ASP T 950 -21.23 -45.93 33.91
CA ASP T 950 -22.31 -46.05 32.94
C ASP T 950 -23.42 -46.98 33.41
N ILE T 951 -23.42 -47.37 34.67
CA ILE T 951 -24.51 -48.14 35.25
C ILE T 951 -25.29 -47.35 36.28
N VAL T 952 -24.80 -46.19 36.70
CA VAL T 952 -25.52 -45.37 37.67
C VAL T 952 -26.40 -44.34 36.98
N GLN T 953 -25.85 -43.53 36.08
CA GLN T 953 -26.69 -42.52 35.44
C GLN T 953 -27.70 -43.16 34.49
N ARG T 954 -27.32 -44.24 33.82
CA ARG T 954 -28.28 -44.94 32.98
C ARG T 954 -29.40 -45.55 33.79
N LEU T 955 -29.09 -46.13 34.95
CA LEU T 955 -30.13 -46.64 35.83
C LEU T 955 -30.99 -45.53 36.40
N ARG T 956 -30.41 -44.36 36.60
CA ARG T 956 -31.16 -43.23 37.14
C ARG T 956 -32.11 -42.64 36.12
N GLU T 957 -31.66 -42.51 34.87
CA GLU T 957 -32.49 -41.95 33.82
C GLU T 957 -33.34 -43.00 33.11
N ALA T 958 -33.22 -44.27 33.49
CA ALA T 958 -34.09 -45.29 32.94
C ALA T 958 -35.50 -45.19 33.48
N THR T 959 -35.73 -44.40 34.52
CA THR T 959 -37.08 -44.23 35.05
C THR T 959 -37.86 -43.22 34.22
N ASP T 960 -37.16 -42.33 33.53
CA ASP T 960 -37.81 -41.35 32.67
C ASP T 960 -38.07 -41.94 31.29
N SER T 983 -27.75 -25.43 39.66
CA SER T 983 -27.29 -26.30 40.75
C SER T 983 -28.25 -27.46 41.01
N PRO T 984 -29.58 -27.21 41.02
CA PRO T 984 -30.50 -28.35 41.14
C PRO T 984 -30.77 -29.04 39.82
N TRP T 985 -29.95 -28.81 38.82
CA TRP T 985 -30.24 -29.34 37.49
C TRP T 985 -28.93 -29.74 36.83
N THR T 986 -28.82 -31.03 36.52
CA THR T 986 -27.58 -31.63 36.02
C THR T 986 -27.27 -31.25 34.58
N LYS T 987 -28.13 -30.48 33.93
CA LYS T 987 -27.83 -30.04 32.57
C LYS T 987 -26.78 -28.94 32.58
N LEU T 988 -26.73 -28.14 33.63
CA LEU T 988 -25.74 -27.11 33.79
C LEU T 988 -24.98 -27.36 35.07
N LEU T 989 -23.76 -26.83 35.14
CA LEU T 989 -22.87 -26.96 36.30
C LEU T 989 -22.96 -28.36 36.91
N ASN T 990 -22.61 -29.34 36.08
CA ASN T 990 -22.79 -30.73 36.48
C ASN T 990 -21.83 -31.15 37.57
N GLY T 991 -20.69 -30.46 37.68
CA GLY T 991 -19.71 -30.83 38.68
C GLY T 991 -20.24 -30.79 40.09
N THR T 992 -20.93 -29.71 40.46
CA THR T 992 -21.44 -29.60 41.82
C THR T 992 -22.67 -30.48 42.01
N THR T 993 -23.46 -30.66 40.96
CA THR T 993 -24.63 -31.52 41.08
C THR T 993 -24.23 -32.96 41.33
N ASN T 994 -23.13 -33.42 40.72
CA ASN T 994 -22.67 -34.78 40.99
C ASN T 994 -22.27 -34.96 42.45
N TYR T 995 -21.48 -34.04 42.99
CA TYR T 995 -21.10 -34.13 44.40
C TYR T 995 -22.33 -34.08 45.31
N LEU T 996 -23.26 -33.18 45.00
CA LEU T 996 -24.43 -33.04 45.88
C LEU T 996 -25.33 -34.25 45.79
N LEU T 997 -25.42 -34.88 44.61
CA LEU T 997 -26.18 -36.11 44.51
C LEU T 997 -25.52 -37.23 45.30
N ASP T 998 -24.23 -37.48 45.07
CA ASP T 998 -23.52 -38.48 45.83
C ASP T 998 -23.25 -38.05 47.26
N ALA T 999 -23.79 -36.91 47.69
CA ALA T 999 -23.79 -36.53 49.10
C ALA T 999 -25.15 -36.68 49.76
N ALA T 1000 -26.17 -36.02 49.24
CA ALA T 1000 -27.52 -36.11 49.82
C ALA T 1000 -28.05 -37.52 49.84
N ARG T 1001 -27.55 -38.37 48.95
CA ARG T 1001 -28.03 -39.75 48.92
C ARG T 1001 -27.67 -40.50 50.19
N GLN T 1002 -26.46 -40.29 50.73
CA GLN T 1002 -26.11 -40.97 51.97
C GLN T 1002 -26.97 -40.48 53.11
N GLY T 1003 -27.26 -39.18 53.17
CA GLY T 1003 -28.15 -38.67 54.18
C GLY T 1003 -29.53 -39.29 54.10
N MET T 1004 -30.12 -39.31 52.90
CA MET T 1004 -31.44 -39.91 52.75
C MET T 1004 -31.41 -41.39 53.10
N LEU T 1005 -30.38 -42.11 52.67
CA LEU T 1005 -30.26 -43.52 52.97
C LEU T 1005 -30.13 -43.78 54.47
N GLY T 1006 -29.25 -43.05 55.16
CA GLY T 1006 -29.13 -43.24 56.58
C GLY T 1006 -30.40 -42.87 57.32
N ASP T 1007 -31.12 -41.88 56.82
CA ASP T 1007 -32.41 -41.55 57.41
C ASP T 1007 -33.39 -42.70 57.25
N VAL T 1008 -33.44 -43.31 56.07
CA VAL T 1008 -34.33 -44.44 55.83
C VAL T 1008 -33.98 -45.60 56.74
N ILE T 1009 -32.68 -45.84 56.95
CA ILE T 1009 -32.29 -46.94 57.83
C ILE T 1009 -32.66 -46.63 59.29
N SER T 1010 -32.29 -45.44 59.77
CA SER T 1010 -32.52 -45.10 61.17
C SER T 1010 -34.01 -45.05 61.50
N ALA T 1011 -34.80 -44.42 60.64
CA ALA T 1011 -36.23 -44.38 60.85
C ALA T 1011 -36.82 -45.78 60.95
N THR T 1012 -36.56 -46.62 59.94
CA THR T 1012 -37.11 -47.98 59.96
C THR T 1012 -36.59 -48.77 61.15
N LEU T 1013 -35.31 -48.60 61.47
CA LEU T 1013 -34.62 -49.44 62.47
C LEU T 1013 -35.31 -50.16 63.59
N THR T 1014 -35.15 -49.65 64.78
CA THR T 1014 -36.10 -49.93 65.82
C THR T 1014 -36.77 -48.60 66.08
N GLY T 1015 -38.08 -48.60 66.24
CA GLY T 1015 -38.76 -47.33 66.36
C GLY T 1015 -39.19 -47.03 64.96
N LYS T 1016 -40.19 -46.18 64.77
CA LYS T 1016 -40.68 -45.96 63.43
C LYS T 1016 -40.99 -44.54 63.08
N THR T 1017 -40.76 -44.18 61.83
CA THR T 1017 -41.11 -42.85 61.33
C THR T 1017 -41.21 -43.17 59.87
N THR T 1018 -42.43 -43.27 59.34
CA THR T 1018 -42.61 -43.68 57.96
C THR T 1018 -43.08 -42.53 57.10
N ARG T 1019 -42.20 -41.57 56.81
CA ARG T 1019 -42.54 -40.50 55.89
C ARG T 1019 -42.31 -41.11 54.55
N TRP T 1020 -41.21 -41.84 54.45
CA TRP T 1020 -40.88 -42.47 53.19
C TRP T 1020 -41.81 -43.59 52.73
N GLU T 1021 -42.31 -44.43 53.64
CA GLU T 1021 -43.12 -45.57 53.21
C GLU T 1021 -44.36 -45.08 52.53
N LYS T 1022 -44.99 -44.04 53.05
CA LYS T 1022 -46.14 -43.49 52.35
C LYS T 1022 -45.64 -42.39 51.44
N GLU T 1023 -45.22 -42.76 50.23
CA GLU T 1023 -44.77 -41.75 49.31
C GLU T 1023 -45.37 -41.88 47.92
N GLY T 1024 -45.55 -40.74 47.25
CA GLY T 1024 -46.07 -40.73 45.90
C GLY T 1024 -44.84 -40.64 45.04
N PHE T 1025 -43.68 -40.80 45.66
CA PHE T 1025 -42.42 -40.75 44.94
C PHE T 1025 -42.20 -42.22 44.76
N LEU T 1026 -43.32 -42.96 44.71
CA LEU T 1026 -43.28 -44.41 44.60
C LEU T 1026 -42.88 -44.89 43.24
N ARG T 1027 -41.76 -44.41 42.76
CA ARG T 1027 -41.30 -44.91 41.48
C ARG T 1027 -40.01 -45.67 41.63
N GLY T 1028 -39.94 -46.86 41.06
CA GLY T 1028 -38.76 -47.68 41.20
C GLY T 1028 -38.93 -48.43 42.49
N ALA T 1029 -39.95 -48.09 43.26
CA ALA T 1029 -40.23 -48.82 44.49
C ALA T 1029 -41.72 -48.98 44.62
N SER T 1030 -42.20 -50.20 44.45
CA SER T 1030 -43.62 -50.45 44.58
C SER T 1030 -43.90 -50.72 46.02
N VAL T 1031 -45.16 -50.91 46.38
CA VAL T 1031 -45.48 -51.27 47.74
C VAL T 1031 -44.60 -52.40 48.22
N THR T 1032 -44.46 -53.47 47.44
CA THR T 1032 -43.73 -54.61 47.98
C THR T 1032 -42.24 -54.35 48.07
N PRO T 1033 -41.63 -53.76 47.02
CA PRO T 1033 -40.22 -53.51 47.23
C PRO T 1033 -39.97 -52.55 48.40
N GLU T 1034 -40.82 -51.53 48.60
CA GLU T 1034 -40.61 -50.58 49.68
C GLU T 1034 -40.69 -51.29 51.00
N GLN T 1035 -41.68 -52.15 51.12
CA GLN T 1035 -41.83 -52.84 52.37
C GLN T 1035 -40.62 -53.72 52.64
N MET T 1036 -40.11 -54.35 51.59
CA MET T 1036 -38.93 -55.18 51.74
C MET T 1036 -37.72 -54.36 52.17
N ALA T 1037 -37.53 -53.20 51.56
CA ALA T 1037 -36.38 -52.40 51.85
C ALA T 1037 -36.40 -52.15 53.32
N GLY T 1038 -37.55 -52.36 53.92
CA GLY T 1038 -37.69 -52.20 55.36
C GLY T 1038 -37.19 -53.38 56.16
N ILE T 1039 -37.56 -54.60 55.77
CA ILE T 1039 -37.15 -55.77 56.54
C ILE T 1039 -35.68 -56.07 56.31
N LYS T 1040 -35.17 -55.80 55.12
CA LYS T 1040 -33.73 -55.97 54.90
C LYS T 1040 -32.94 -54.99 55.75
N SER T 1041 -33.47 -53.78 55.95
CA SER T 1041 -32.79 -52.83 56.83
C SER T 1041 -32.90 -53.25 58.28
N LEU T 1042 -34.08 -53.75 58.68
CA LEU T 1042 -34.29 -54.12 60.08
C LEU T 1042 -33.46 -55.33 60.48
N ILE T 1043 -33.28 -56.28 59.57
CA ILE T 1043 -32.58 -57.52 59.93
C ILE T 1043 -31.10 -57.30 60.19
N LYS T 1044 -30.53 -56.22 59.64
CA LYS T 1044 -29.09 -56.06 59.75
C LYS T 1044 -28.47 -55.03 60.65
N GLU T 1045 -29.23 -54.16 61.29
CA GLU T 1045 -28.59 -53.22 62.21
C GLU T 1045 -29.38 -52.87 63.46
N HIS T 1046 -28.70 -52.47 64.53
CA HIS T 1046 -29.40 -52.04 65.76
C HIS T 1046 -28.84 -50.75 66.34
N MET T 1047 -29.69 -49.90 66.88
CA MET T 1047 -29.28 -48.60 67.40
C MET T 1047 -27.83 -48.51 67.89
N PHE T 1055 -25.64 -46.75 64.55
CA PHE T 1055 -25.94 -48.16 64.53
C PHE T 1055 -25.03 -48.80 63.54
N THR T 1056 -23.77 -48.93 63.92
CA THR T 1056 -22.80 -49.46 62.98
C THR T 1056 -22.80 -50.96 63.02
N VAL T 1057 -23.80 -51.53 62.40
CA VAL T 1057 -23.87 -52.96 62.39
C VAL T 1057 -23.93 -53.49 60.97
N LYS T 1058 -23.10 -54.46 60.63
CA LYS T 1058 -23.12 -55.12 59.33
C LYS T 1058 -23.49 -54.33 58.03
N ASP T 1059 -22.55 -53.91 57.16
CA ASP T 1059 -21.22 -54.49 56.84
C ASP T 1059 -21.08 -56.01 56.95
N LYS T 1060 -21.81 -56.72 56.10
CA LYS T 1060 -21.70 -58.16 55.99
C LYS T 1060 -21.66 -58.53 54.51
N GLN T 1061 -20.96 -59.62 54.21
CA GLN T 1061 -20.92 -60.09 52.83
C GLN T 1061 -22.33 -60.41 52.31
N ALA T 1062 -23.14 -61.09 53.11
CA ALA T 1062 -24.53 -61.33 52.73
C ALA T 1062 -25.35 -60.06 52.67
N PHE T 1063 -24.94 -59.01 53.38
CA PHE T 1063 -25.65 -57.74 53.31
C PHE T 1063 -25.55 -57.12 51.92
N SER T 1064 -24.44 -57.34 51.22
CA SER T 1064 -24.26 -56.81 49.88
C SER T 1064 -24.74 -57.78 48.81
N MET T 1065 -24.44 -59.06 48.95
CA MET T 1065 -24.91 -60.08 48.02
C MET T 1065 -26.36 -60.44 48.30
N ASP T 1066 -27.21 -59.42 48.30
CA ASP T 1066 -28.63 -59.56 48.54
C ASP T 1066 -29.37 -58.98 47.36
N PRO T 1067 -30.14 -59.79 46.63
CA PRO T 1067 -30.81 -59.29 45.42
C PRO T 1067 -31.76 -58.13 45.68
N ARG T 1068 -32.30 -58.02 46.89
CA ARG T 1068 -33.22 -56.94 47.22
C ARG T 1068 -32.51 -55.69 47.73
N ALA T 1069 -31.20 -55.74 47.95
CA ALA T 1069 -30.50 -54.61 48.52
C ALA T 1069 -30.26 -53.49 47.53
N MET T 1070 -30.32 -53.78 46.22
CA MET T 1070 -30.14 -52.72 45.25
C MET T 1070 -31.36 -51.80 45.21
N ASP T 1071 -32.53 -52.32 45.59
CA ASP T 1071 -33.70 -51.48 45.70
C ASP T 1071 -33.53 -50.38 46.73
N LEU T 1072 -32.78 -50.65 47.80
CA LEU T 1072 -32.49 -49.62 48.78
C LEU T 1072 -31.66 -48.49 48.18
N TRP T 1073 -30.56 -48.84 47.51
CA TRP T 1073 -29.75 -47.85 46.82
C TRP T 1073 -30.59 -47.04 45.84
N ARG T 1074 -31.46 -47.70 45.08
CA ARG T 1074 -32.27 -46.99 44.09
C ARG T 1074 -33.30 -46.07 44.74
N LEU T 1075 -34.01 -46.54 45.77
CA LEU T 1075 -34.88 -45.67 46.55
C LEU T 1075 -34.14 -44.43 47.00
N ALA T 1076 -32.97 -44.61 47.63
CA ALA T 1076 -32.23 -43.49 48.17
C ALA T 1076 -31.81 -42.51 47.09
N ASP T 1077 -31.22 -42.99 45.99
CA ASP T 1077 -30.75 -42.07 44.96
C ASP T 1077 -31.92 -41.36 44.29
N LYS T 1078 -33.02 -42.07 44.04
CA LYS T 1078 -34.14 -41.42 43.39
C LYS T 1078 -34.78 -40.38 44.29
N VAL T 1079 -34.85 -40.63 45.59
CA VAL T 1079 -35.37 -39.60 46.48
C VAL T 1079 -34.40 -38.42 46.52
N ALA T 1080 -33.10 -38.68 46.55
CA ALA T 1080 -32.12 -37.61 46.60
C ALA T 1080 -32.09 -36.77 45.33
N ASP T 1081 -32.52 -37.33 44.21
CA ASP T 1081 -32.62 -36.56 42.97
C ASP T 1081 -34.02 -36.09 42.65
N GLU T 1082 -35.02 -36.48 43.45
CA GLU T 1082 -36.38 -36.02 43.26
C GLU T 1082 -36.79 -34.92 44.22
N ALA T 1083 -36.38 -35.00 45.48
CA ALA T 1083 -36.81 -34.04 46.49
C ALA T 1083 -35.67 -33.13 46.95
N MET T 1084 -34.52 -33.71 47.30
CA MET T 1084 -33.46 -32.93 47.93
C MET T 1084 -32.69 -32.08 46.94
N LEU T 1085 -32.70 -32.41 45.65
CA LEU T 1085 -31.79 -31.77 44.72
C LEU T 1085 -32.44 -31.43 43.39
N ARG T 1086 -33.75 -31.55 43.26
CA ARG T 1086 -34.34 -31.01 42.05
C ARG T 1086 -35.57 -30.13 42.30
N PRO T 1087 -35.55 -29.22 43.27
CA PRO T 1087 -36.37 -28.01 43.13
C PRO T 1087 -35.53 -26.86 42.61
N HIS T 1088 -36.10 -25.99 41.79
CA HIS T 1088 -35.35 -24.86 41.26
C HIS T 1088 -35.21 -23.72 42.26
N LYS T 1089 -35.53 -23.95 43.53
CA LYS T 1089 -35.39 -22.93 44.55
C LYS T 1089 -35.15 -23.61 45.90
N VAL T 1090 -34.26 -23.03 46.70
CA VAL T 1090 -34.08 -23.50 48.07
C VAL T 1090 -35.23 -22.93 48.88
N SER T 1091 -35.57 -23.59 49.98
CA SER T 1091 -36.75 -23.19 50.74
C SER T 1091 -36.64 -23.67 52.18
N LEU T 1092 -37.75 -23.60 52.91
CA LEU T 1092 -37.88 -24.23 54.20
C LEU T 1092 -38.61 -25.57 53.99
N GLN T 1093 -37.87 -26.57 53.54
CA GLN T 1093 -38.47 -27.88 53.33
C GLN T 1093 -38.12 -28.84 54.46
N ASP T 1094 -36.83 -29.02 54.73
CA ASP T 1094 -36.36 -29.82 55.86
C ASP T 1094 -35.22 -29.06 56.54
N SER T 1095 -35.59 -28.14 57.43
CA SER T 1095 -34.70 -27.56 58.42
C SER T 1095 -35.24 -27.75 59.83
N HIS T 1096 -36.47 -28.22 59.95
CA HIS T 1096 -37.01 -28.79 61.18
C HIS T 1096 -37.42 -30.23 60.91
N ALA T 1097 -36.60 -30.93 60.12
CA ALA T 1097 -36.85 -32.32 59.78
C ALA T 1097 -35.58 -32.99 59.25
N PHE T 1098 -35.72 -34.24 58.81
CA PHE T 1098 -34.58 -35.05 58.40
C PHE T 1098 -33.89 -34.46 57.17
N GLY T 1099 -32.56 -34.54 57.16
CA GLY T 1099 -31.80 -35.15 58.24
C GLY T 1099 -30.58 -34.37 58.60
N ALA T 1100 -29.68 -34.97 59.37
CA ALA T 1100 -28.45 -34.29 59.77
C ALA T 1100 -27.61 -33.93 58.57
N LEU T 1101 -27.35 -34.89 57.69
CA LEU T 1101 -26.64 -34.61 56.45
C LEU T 1101 -27.56 -34.01 55.39
N GLY T 1102 -28.86 -34.30 55.47
CA GLY T 1102 -29.80 -33.71 54.54
C GLY T 1102 -29.82 -32.21 54.61
N LYS T 1103 -29.88 -31.65 55.83
CA LYS T 1103 -29.83 -30.21 55.96
C LYS T 1103 -28.47 -29.65 55.55
N MET T 1104 -27.38 -30.39 55.80
CA MET T 1104 -26.06 -29.91 55.39
C MET T 1104 -25.98 -29.76 53.88
N VAL T 1105 -26.42 -30.78 53.15
CA VAL T 1105 -26.39 -30.67 51.69
C VAL T 1105 -27.45 -29.70 51.18
N MET T 1106 -28.58 -29.56 51.87
CA MET T 1106 -29.56 -28.56 51.47
C MET T 1106 -28.99 -27.16 51.64
N GLN T 1107 -28.28 -26.92 52.74
CA GLN T 1107 -27.67 -25.61 52.92
C GLN T 1107 -26.47 -25.41 52.02
N PHE T 1108 -25.82 -26.49 51.59
CA PHE T 1108 -24.78 -26.34 50.57
C PHE T 1108 -25.37 -25.93 49.24
N LYS T 1109 -26.49 -26.54 48.85
CA LYS T 1109 -27.19 -26.09 47.66
C LYS T 1109 -27.68 -24.66 47.81
N SER T 1110 -28.12 -24.29 49.01
CA SER T 1110 -28.51 -22.92 49.27
C SER T 1110 -27.36 -21.95 49.10
N PHE T 1111 -26.19 -22.29 49.63
CA PHE T 1111 -25.02 -21.45 49.41
C PHE T 1111 -24.64 -21.40 47.95
N THR T 1112 -24.80 -22.50 47.23
CA THR T 1112 -24.49 -22.51 45.80
C THR T 1112 -25.39 -21.53 45.05
N ILE T 1113 -26.70 -21.57 45.32
CA ILE T 1113 -27.61 -20.65 44.66
C ILE T 1113 -27.34 -19.23 45.08
N LYS T 1114 -27.08 -19.00 46.39
CA LYS T 1114 -26.81 -17.66 46.88
C LYS T 1114 -25.58 -17.06 46.22
N SER T 1115 -24.50 -17.84 46.11
CA SER T 1115 -23.31 -17.34 45.43
C SER T 1115 -23.58 -17.11 43.96
N LEU T 1116 -24.30 -18.03 43.33
CA LEU T 1116 -24.59 -17.92 41.91
C LEU T 1116 -25.49 -16.73 41.58
N ASN T 1117 -26.00 -16.04 42.59
CA ASN T 1117 -26.79 -14.83 42.41
C ASN T 1117 -26.03 -13.58 42.80
N SER T 1118 -24.75 -13.70 43.02
CA SER T 1118 -23.98 -12.57 43.50
C SER T 1118 -23.91 -11.62 42.38
N LYS T 1119 -23.50 -10.41 42.71
CA LYS T 1119 -23.25 -9.46 41.70
C LYS T 1119 -22.10 -9.92 40.82
N PHE T 1120 -21.00 -10.44 41.38
CA PHE T 1120 -19.85 -10.71 40.50
C PHE T 1120 -20.15 -11.75 39.51
N LEU T 1121 -20.74 -12.82 39.97
CA LEU T 1121 -20.88 -14.03 39.18
C LEU T 1121 -22.01 -13.91 38.17
N ARG T 1122 -23.11 -13.24 38.53
CA ARG T 1122 -24.18 -13.04 37.58
C ARG T 1122 -23.75 -12.15 36.42
N THR T 1123 -23.03 -11.07 36.73
CA THR T 1123 -22.52 -10.19 35.68
C THR T 1123 -21.44 -10.85 34.85
N PHE T 1124 -20.78 -11.87 35.38
CA PHE T 1124 -19.82 -12.62 34.59
C PHE T 1124 -20.52 -13.61 33.67
N TYR T 1125 -21.56 -14.29 34.14
CA TYR T 1125 -22.33 -15.19 33.25
C TYR T 1125 -23.00 -14.45 32.12
N ASP T 1126 -23.67 -13.34 32.39
CA ASP T 1126 -24.42 -12.66 31.34
C ASP T 1126 -23.49 -12.22 30.26
N GLY T 1127 -22.37 -11.72 30.66
CA GLY T 1127 -21.41 -11.34 29.70
C GLY T 1127 -20.81 -12.45 28.91
N TYR T 1128 -20.43 -13.57 29.54
CA TYR T 1128 -19.72 -14.59 28.78
C TYR T 1128 -20.34 -15.95 28.72
N LYS T 1129 -21.48 -16.16 29.35
CA LYS T 1129 -22.04 -17.49 29.44
C LYS T 1129 -21.06 -18.44 30.13
N ASN T 1130 -20.47 -19.38 29.43
CA ASN T 1130 -19.45 -20.24 30.03
C ASN T 1130 -19.86 -21.00 31.23
N ASN T 1131 -20.93 -21.74 31.12
CA ASN T 1131 -21.34 -22.60 32.20
C ASN T 1131 -20.30 -23.60 32.58
N ARG T 1132 -19.06 -23.52 32.08
CA ARG T 1132 -18.14 -24.53 32.57
C ARG T 1132 -17.23 -23.91 33.62
N ALA T 1133 -16.99 -22.60 33.51
CA ALA T 1133 -16.14 -21.93 34.48
C ALA T 1133 -16.79 -21.89 35.86
N ILE T 1134 -18.04 -21.46 35.94
CA ILE T 1134 -18.73 -21.50 37.23
C ILE T 1134 -18.90 -22.93 37.72
N ASP T 1135 -18.95 -23.90 36.81
CA ASP T 1135 -18.92 -25.30 37.24
C ASP T 1135 -17.64 -25.63 37.96
N ALA T 1136 -16.50 -25.36 37.33
CA ALA T 1136 -15.21 -25.66 37.96
C ALA T 1136 -14.96 -24.77 39.16
N ALA T 1137 -15.71 -23.69 39.32
CA ALA T 1137 -15.63 -22.91 40.54
C ALA T 1137 -16.42 -23.55 41.66
N LEU T 1138 -17.71 -23.76 41.45
CA LEU T 1138 -18.60 -24.31 42.47
C LEU T 1138 -18.38 -25.79 42.71
N SER T 1139 -17.51 -26.44 41.93
CA SER T 1139 -17.16 -27.83 42.22
C SER T 1139 -16.14 -27.93 43.34
N ILE T 1140 -15.08 -27.13 43.28
CA ILE T 1140 -14.07 -27.17 44.32
C ILE T 1140 -14.66 -26.75 45.67
N ILE T 1141 -15.51 -25.74 45.67
CA ILE T 1141 -16.12 -25.27 46.92
C ILE T 1141 -16.86 -26.41 47.58
N THR T 1142 -17.77 -27.06 46.86
CA THR T 1142 -18.55 -28.15 47.42
C THR T 1142 -17.69 -29.37 47.75
N SER T 1143 -16.64 -29.65 46.98
CA SER T 1143 -15.77 -30.76 47.33
C SER T 1143 -15.10 -30.53 48.69
N MET T 1144 -14.40 -29.41 48.84
CA MET T 1144 -13.77 -29.12 50.12
C MET T 1144 -14.80 -28.96 51.23
N GLY T 1145 -16.02 -28.52 50.90
CA GLY T 1145 -17.03 -28.36 51.92
C GLY T 1145 -17.52 -29.69 52.47
N LEU T 1146 -17.92 -30.60 51.59
CA LEU T 1146 -18.27 -31.93 52.04
C LEU T 1146 -17.08 -32.60 52.72
N ALA T 1147 -15.87 -32.29 52.27
CA ALA T 1147 -14.68 -32.78 52.95
C ALA T 1147 -14.67 -32.38 54.41
N GLY T 1148 -14.73 -31.08 54.69
CA GLY T 1148 -14.81 -30.61 56.05
C GLY T 1148 -16.01 -31.17 56.80
N GLY T 1149 -17.15 -31.33 56.13
CA GLY T 1149 -18.35 -31.76 56.82
C GLY T 1149 -18.25 -33.19 57.30
N PHE T 1150 -17.83 -34.09 56.41
CA PHE T 1150 -17.74 -35.50 56.78
C PHE T 1150 -16.67 -35.76 57.83
N TYR T 1151 -15.68 -34.87 57.95
CA TYR T 1151 -14.70 -35.01 59.02
C TYR T 1151 -15.22 -34.43 60.31
N ALA T 1152 -15.86 -33.27 60.26
CA ALA T 1152 -16.41 -32.67 61.47
C ALA T 1152 -17.48 -33.54 62.10
N MET T 1153 -18.33 -34.17 61.27
CA MET T 1153 -19.38 -35.01 61.84
C MET T 1153 -18.79 -36.20 62.57
N ALA T 1154 -17.74 -36.81 62.02
CA ALA T 1154 -17.11 -37.94 62.70
C ALA T 1154 -16.35 -37.49 63.93
N ALA T 1155 -15.87 -36.25 63.92
CA ALA T 1155 -15.11 -35.74 65.06
C ALA T 1155 -15.93 -35.76 66.33
N HIS T 1156 -17.18 -35.32 66.26
CA HIS T 1156 -18.02 -35.28 67.45
C HIS T 1156 -18.33 -36.68 67.96
N VAL T 1157 -18.52 -37.64 67.04
CA VAL T 1157 -18.78 -39.01 67.46
C VAL T 1157 -17.56 -39.58 68.17
N LYS T 1158 -16.38 -39.41 67.59
CA LYS T 1158 -15.17 -39.89 68.26
C LYS T 1158 -14.98 -39.19 69.60
N ALA T 1159 -15.31 -37.91 69.69
CA ALA T 1159 -15.23 -37.20 70.96
C ALA T 1159 -16.14 -37.83 72.00
N TYR T 1160 -17.40 -38.08 71.63
CA TYR T 1160 -18.33 -38.74 72.53
C TYR T 1160 -17.91 -40.17 72.85
N ALA T 1161 -16.92 -40.68 72.16
CA ALA T 1161 -16.38 -41.98 72.52
C ALA T 1161 -15.09 -41.77 73.31
N LEU T 1162 -14.58 -40.54 73.35
CA LEU T 1162 -13.42 -40.27 74.19
C LEU T 1162 -14.01 -40.35 75.58
N PRO T 1163 -13.17 -40.54 76.63
CA PRO T 1163 -13.87 -40.68 77.91
C PRO T 1163 -14.86 -39.58 78.11
N LYS T 1164 -16.04 -39.95 78.54
CA LYS T 1164 -17.08 -38.97 78.74
C LYS T 1164 -16.72 -38.07 79.89
N GLU T 1165 -15.69 -38.44 80.66
CA GLU T 1165 -15.27 -37.52 81.70
C GLU T 1165 -14.87 -36.52 80.73
N LYS T 1166 -15.31 -35.29 80.89
CA LYS T 1166 -15.05 -34.38 79.80
C LYS T 1166 -13.58 -34.33 79.56
N ARG T 1167 -13.20 -34.73 78.38
CA ARG T 1167 -11.83 -34.65 77.98
C ARG T 1167 -12.15 -34.14 76.61
N LYS T 1168 -12.72 -32.95 76.60
CA LYS T 1168 -13.11 -32.37 75.36
C LYS T 1168 -12.03 -31.39 74.98
N GLU T 1169 -11.03 -31.21 75.81
CA GLU T 1169 -9.87 -30.43 75.41
C GLU T 1169 -9.43 -31.20 74.18
N TYR T 1170 -9.51 -32.53 74.23
CA TYR T 1170 -9.21 -33.36 73.08
C TYR T 1170 -10.22 -33.02 72.06
N LEU T 1171 -11.46 -32.88 72.50
CA LEU T 1171 -12.36 -32.53 71.37
C LEU T 1171 -11.88 -31.27 70.67
N GLU T 1172 -11.45 -30.26 71.40
CA GLU T 1172 -10.91 -29.01 70.80
C GLU T 1172 -9.67 -29.20 69.94
N ARG T 1173 -8.73 -30.02 70.38
CA ARG T 1173 -7.52 -30.29 69.61
C ARG T 1173 -7.73 -30.79 68.22
N ALA T 1174 -8.95 -31.05 67.81
CA ALA T 1174 -9.17 -31.66 66.51
C ALA T 1174 -10.26 -30.97 65.68
N LEU T 1175 -10.77 -29.83 66.14
CA LEU T 1175 -11.71 -29.02 65.37
C LEU T 1175 -11.15 -27.60 65.36
N ASP T 1176 -10.31 -27.32 64.37
CA ASP T 1176 -9.72 -26.00 64.22
C ASP T 1176 -9.25 -25.86 62.79
N PRO T 1177 -9.29 -24.65 62.22
CA PRO T 1177 -8.97 -24.49 60.79
C PRO T 1177 -7.57 -24.93 60.40
N THR T 1178 -6.70 -25.22 61.35
CA THR T 1178 -5.38 -25.75 60.99
C THR T 1178 -5.39 -27.25 60.77
N MET T 1179 -6.46 -27.94 61.20
CA MET T 1179 -6.60 -29.36 60.94
C MET T 1179 -7.72 -29.67 59.96
N ILE T 1180 -8.77 -28.84 59.93
CA ILE T 1180 -9.84 -29.05 58.96
C ILE T 1180 -9.31 -28.88 57.55
N ALA T 1181 -8.45 -27.88 57.33
CA ALA T 1181 -7.86 -27.69 56.02
C ALA T 1181 -7.04 -28.90 55.59
N HIS T 1182 -6.40 -29.59 56.55
CA HIS T 1182 -5.68 -30.80 56.20
C HIS T 1182 -6.60 -31.99 55.98
N ALA T 1183 -7.64 -32.13 56.80
CA ALA T 1183 -8.56 -33.24 56.63
C ALA T 1183 -9.29 -33.12 55.30
N ALA T 1184 -9.44 -31.89 54.81
CA ALA T 1184 -10.07 -31.65 53.51
C ALA T 1184 -9.07 -31.78 52.37
N LEU T 1185 -7.90 -32.37 52.62
CA LEU T 1185 -6.96 -32.69 51.58
C LEU T 1185 -6.74 -34.19 51.44
N SER T 1186 -6.33 -34.86 52.52
CA SER T 1186 -6.09 -36.29 52.45
C SER T 1186 -7.36 -37.08 52.73
N ARG T 1187 -8.42 -36.73 52.01
CA ARG T 1187 -9.72 -37.37 52.15
C ARG T 1187 -10.58 -36.95 50.97
N SER T 1188 -11.87 -37.26 51.03
CA SER T 1188 -12.85 -36.55 50.21
C SER T 1188 -12.65 -36.67 48.71
N SER T 1189 -12.90 -37.83 48.14
CA SER T 1189 -13.04 -37.97 46.69
C SER T 1189 -14.08 -36.94 46.28
N GLN T 1190 -13.69 -35.92 45.49
CA GLN T 1190 -12.58 -35.83 44.52
C GLN T 1190 -12.87 -36.83 43.41
N LEU T 1191 -13.99 -36.58 42.74
CA LEU T 1191 -14.43 -37.35 41.59
C LEU T 1191 -14.96 -36.37 40.56
N GLY T 1192 -14.66 -36.60 39.26
CA GLY T 1192 -13.91 -37.72 38.66
C GLY T 1192 -12.53 -37.36 38.22
N ALA T 1193 -11.54 -38.13 38.65
CA ALA T 1193 -10.16 -37.86 38.29
C ALA T 1193 -9.48 -38.99 37.56
N PRO T 1194 -8.81 -38.69 36.46
CA PRO T 1194 -8.17 -39.83 35.85
C PRO T 1194 -7.17 -40.29 36.85
N LEU T 1195 -7.10 -41.57 37.16
CA LEU T 1195 -6.11 -42.12 38.10
C LEU T 1195 -6.28 -41.58 39.50
N ALA T 1196 -5.47 -41.99 40.44
CA ALA T 1196 -5.75 -41.60 41.82
C ALA T 1196 -4.65 -40.87 42.52
N MET T 1197 -4.99 -40.22 43.60
CA MET T 1197 -4.02 -39.47 44.33
C MET T 1197 -2.91 -40.35 44.88
N VAL T 1198 -3.26 -41.52 45.41
CA VAL T 1198 -2.24 -42.36 46.01
C VAL T 1198 -1.39 -43.01 44.92
N ASP T 1199 -2.00 -43.48 43.86
CA ASP T 1199 -1.26 -44.17 42.82
C ASP T 1199 -0.15 -43.33 42.26
N LEU T 1200 -0.28 -42.02 42.33
CA LEU T 1200 0.75 -41.13 41.82
C LEU T 1200 1.91 -40.77 42.74
N VAL T 1201 1.86 -40.99 44.06
CA VAL T 1201 2.99 -40.80 44.97
C VAL T 1201 2.94 -41.93 45.99
N GLY T 1202 4.11 -42.44 46.36
CA GLY T 1202 4.21 -43.53 47.31
C GLY T 1202 5.49 -44.31 47.16
N GLY T 1203 6.13 -44.60 48.29
CA GLY T 1203 7.47 -45.14 48.30
C GLY T 1203 7.71 -46.30 49.27
N VAL T 1204 6.78 -47.25 49.34
CA VAL T 1204 6.70 -48.17 50.50
C VAL T 1204 8.09 -48.61 50.96
N LEU T 1205 8.34 -48.41 52.25
CA LEU T 1205 9.70 -48.24 52.75
C LEU T 1205 10.20 -49.52 53.39
N GLY T 1206 9.53 -50.06 54.41
CA GLY T 1206 10.10 -51.16 55.16
C GLY T 1206 9.00 -52.08 55.66
N PHE T 1207 9.33 -53.36 55.89
CA PHE T 1207 10.63 -54.06 55.75
C PHE T 1207 11.72 -53.66 56.76
N GLU T 1208 11.31 -53.08 57.89
CA GLU T 1208 12.22 -53.01 59.03
C GLU T 1208 12.19 -54.32 59.80
N SER T 1209 10.99 -54.78 60.16
CA SER T 1209 10.83 -56.08 60.79
C SER T 1209 11.40 -57.20 59.91
N SER T 1210 11.47 -56.97 58.60
CA SER T 1210 12.09 -57.94 57.73
C SER T 1210 13.58 -58.07 58.03
N LYS T 1211 14.28 -56.94 58.17
CA LYS T 1211 15.67 -56.98 58.60
C LYS T 1211 15.79 -57.63 59.97
N MET T 1212 14.85 -57.31 60.86
CA MET T 1212 14.82 -57.96 62.17
C MET T 1212 14.83 -59.47 62.03
N ALA T 1213 13.94 -60.00 61.20
CA ALA T 1213 13.83 -61.44 61.02
C ALA T 1213 15.10 -62.01 60.41
N ARG T 1214 15.57 -61.42 59.31
CA ARG T 1214 16.80 -61.92 58.67
C ARG T 1214 17.94 -62.01 59.68
N SER T 1215 18.21 -60.91 60.39
CA SER T 1215 19.35 -60.87 61.29
C SER T 1215 19.17 -61.84 62.47
N THR T 1216 17.99 -61.82 63.10
CA THR T 1216 17.82 -62.58 64.33
C THR T 1216 17.67 -64.08 64.06
N ILE T 1217 17.31 -64.45 62.84
CA ILE T 1217 17.21 -65.88 62.52
C ILE T 1217 18.45 -66.33 61.75
N LEU T 1218 19.42 -65.44 61.58
CA LEU T 1218 20.68 -65.89 60.97
C LEU T 1218 21.15 -67.21 61.59
N PRO T 1219 21.27 -67.27 62.96
CA PRO T 1219 21.73 -68.58 63.44
C PRO T 1219 20.65 -69.62 63.32
N LYS T 1220 19.40 -69.17 63.29
CA LYS T 1220 18.30 -70.07 63.58
C LYS T 1220 17.90 -70.82 62.34
N ASP T 1221 18.22 -72.10 62.35
CA ASP T 1221 17.52 -73.10 61.57
C ASP T 1221 17.39 -72.75 60.12
N THR T 1222 16.19 -72.89 59.60
CA THR T 1222 16.03 -72.66 58.20
C THR T 1222 15.19 -71.46 57.90
N VAL T 1223 14.61 -70.84 58.92
CA VAL T 1223 13.82 -69.67 58.51
C VAL T 1223 14.73 -68.67 57.80
N LYS T 1224 15.99 -68.61 58.20
CA LYS T 1224 16.97 -67.85 57.43
C LYS T 1224 16.90 -68.23 55.97
N GLU T 1225 17.11 -69.51 55.65
CA GLU T 1225 17.16 -69.96 54.25
C GLU T 1225 16.03 -69.34 53.44
N ARG T 1226 14.89 -69.05 54.08
CA ARG T 1226 13.84 -68.30 53.42
C ARG T 1226 14.13 -66.80 53.40
N ASP T 1227 14.81 -66.29 54.43
CA ASP T 1227 14.85 -64.83 54.57
C ASP T 1227 15.69 -64.07 53.52
N PRO T 1228 16.92 -64.50 53.15
CA PRO T 1228 17.60 -63.79 52.06
C PRO T 1228 16.83 -63.76 50.75
N ASN T 1229 15.65 -64.34 50.69
CA ASN T 1229 14.88 -64.27 49.46
C ASN T 1229 14.10 -62.97 49.36
N LYS T 1230 13.27 -62.67 50.37
CA LYS T 1230 12.38 -61.52 50.22
C LYS T 1230 13.10 -60.19 50.38
N PRO T 1231 13.64 -59.81 51.58
CA PRO T 1231 14.17 -58.46 51.75
C PRO T 1231 15.68 -58.31 51.60
N TYR T 1232 16.12 -57.11 51.24
CA TYR T 1232 17.51 -56.71 51.41
C TYR T 1232 17.85 -56.56 52.89
N THR T 1233 19.06 -56.07 53.14
CA THR T 1233 19.52 -55.70 54.47
C THR T 1233 18.49 -54.87 55.23
N LEU T 1262 5.68 -46.80 26.38
CA LEU T 1262 7.05 -46.49 26.73
C LEU T 1262 7.87 -47.71 27.13
N MET T 1263 7.43 -48.39 28.18
CA MET T 1263 8.24 -49.40 28.84
C MET T 1263 8.05 -50.75 28.17
N ASN T 1264 9.14 -51.29 27.63
CA ASN T 1264 9.16 -52.68 27.22
C ASN T 1264 9.62 -53.55 28.39
N ALA T 1265 9.41 -54.85 28.26
CA ALA T 1265 9.74 -55.76 29.36
C ALA T 1265 11.21 -55.73 29.72
N ALA T 1266 12.08 -55.33 28.80
CA ALA T 1266 13.49 -55.23 29.10
C ALA T 1266 13.84 -53.96 29.86
N GLY T 1267 13.04 -52.91 29.71
CA GLY T 1267 13.35 -51.66 30.37
C GLY T 1267 12.92 -51.58 31.82
N VAL T 1268 11.90 -52.36 32.21
CA VAL T 1268 11.46 -52.34 33.60
C VAL T 1268 12.57 -52.84 34.51
N VAL T 1269 13.30 -53.87 34.08
CA VAL T 1269 14.36 -54.41 34.93
C VAL T 1269 15.49 -53.40 35.06
N ASN T 1270 15.86 -52.74 33.98
CA ASN T 1270 16.98 -51.81 34.00
C ASN T 1270 16.69 -50.53 34.81
N SER T 1271 15.42 -50.18 35.01
CA SER T 1271 15.10 -48.94 35.68
C SER T 1271 15.60 -48.96 37.12
N PRO T 1272 15.99 -47.80 37.65
CA PRO T 1272 16.42 -47.75 39.05
C PRO T 1272 15.27 -48.08 39.99
N ASN T 1273 15.62 -48.49 41.19
CA ASN T 1273 14.65 -49.08 42.11
C ASN T 1273 14.20 -48.14 43.21
N LYS T 1274 14.57 -46.85 43.16
CA LYS T 1274 14.08 -45.92 44.17
C LYS T 1274 13.18 -44.84 43.57
N ALA T 1275 13.72 -43.95 42.73
CA ALA T 1275 12.98 -42.83 42.18
C ALA T 1275 13.88 -41.97 41.31
N THR T 1276 13.31 -40.97 40.65
CA THR T 1276 14.10 -39.86 40.13
C THR T 1276 13.51 -38.56 40.63
N GLU T 1277 14.35 -37.53 40.72
CA GLU T 1277 13.85 -36.23 41.12
C GLU T 1277 12.74 -35.75 40.19
N GLN T 1278 12.91 -35.98 38.89
CA GLN T 1278 11.84 -35.70 37.94
C GLN T 1278 10.62 -36.56 38.21
N ASP T 1279 10.83 -37.79 38.69
CA ASP T 1279 9.69 -38.67 38.96
C ASP T 1279 8.80 -38.08 40.04
N PHE T 1280 9.34 -37.83 41.23
CA PHE T 1280 8.51 -37.27 42.28
C PHE T 1280 8.02 -35.89 41.91
N MET T 1281 8.81 -35.14 41.14
CA MET T 1281 8.37 -33.82 40.72
C MET T 1281 7.11 -33.89 39.89
N THR T 1282 7.09 -34.73 38.85
CA THR T 1282 5.89 -34.84 38.04
C THR T 1282 4.75 -35.48 38.83
N GLY T 1283 5.09 -36.37 39.78
CA GLY T 1283 4.04 -36.93 40.62
C GLY T 1283 3.32 -35.87 41.42
N LEU T 1284 4.09 -34.98 42.04
CA LEU T 1284 3.48 -33.92 42.84
C LEU T 1284 2.77 -32.91 41.95
N MET T 1285 3.35 -32.61 40.79
CA MET T 1285 2.73 -31.63 39.90
C MET T 1285 1.45 -32.17 39.26
N ASN T 1286 1.29 -33.49 39.26
CA ASN T 1286 0.08 -34.07 38.70
C ASN T 1286 -0.98 -34.30 39.78
N SER T 1287 -0.59 -34.88 40.92
CA SER T 1287 -1.56 -35.23 41.93
C SER T 1287 -2.21 -34.02 42.58
N THR T 1288 -1.70 -32.82 42.31
CA THR T 1288 -2.29 -31.61 42.88
C THR T 1288 -3.22 -30.89 41.91
N LYS T 1289 -3.26 -31.29 40.65
CA LYS T 1289 -4.18 -30.65 39.72
C LYS T 1289 -5.63 -30.94 40.05
N GLU T 1290 -5.89 -31.93 40.91
CA GLU T 1290 -7.25 -32.23 41.31
C GLU T 1290 -7.73 -31.38 42.47
N LEU T 1291 -6.85 -30.56 43.05
CA LEU T 1291 -7.25 -29.67 44.13
C LEU T 1291 -6.69 -28.26 44.00
N VAL T 1292 -5.76 -28.01 43.09
CA VAL T 1292 -5.38 -26.66 42.69
C VAL T 1292 -5.54 -26.59 41.18
N PRO T 1293 -6.52 -25.91 40.66
CA PRO T 1293 -6.82 -25.99 39.23
C PRO T 1293 -5.74 -25.30 38.39
N ASN T 1294 -5.93 -25.34 37.08
CA ASN T 1294 -5.01 -24.76 36.11
C ASN T 1294 -5.55 -23.48 35.47
N ASP T 1295 -6.80 -23.51 35.02
CA ASP T 1295 -7.42 -22.37 34.36
C ASP T 1295 -7.57 -21.24 35.36
N PRO T 1296 -6.78 -20.19 35.25
CA PRO T 1296 -6.65 -19.24 36.36
C PRO T 1296 -7.84 -18.34 36.59
N LEU T 1297 -8.93 -18.52 35.83
CA LEU T 1297 -10.09 -17.68 36.10
C LEU T 1297 -11.06 -18.33 37.09
N THR T 1298 -11.12 -19.66 37.13
CA THR T 1298 -11.95 -20.29 38.15
C THR T 1298 -11.43 -19.98 39.55
N GLN T 1299 -10.13 -19.75 39.69
CA GLN T 1299 -9.62 -19.28 40.97
C GLN T 1299 -10.23 -17.95 41.37
N GLN T 1300 -10.21 -16.96 40.48
CA GLN T 1300 -10.73 -15.65 40.90
C GLN T 1300 -12.25 -15.65 40.93
N LEU T 1301 -12.90 -16.63 40.30
CA LEU T 1301 -14.32 -16.83 40.53
C LEU T 1301 -14.58 -17.37 41.93
N VAL T 1302 -13.86 -18.41 42.33
CA VAL T 1302 -13.90 -18.90 43.70
C VAL T 1302 -13.64 -17.75 44.67
N LEU T 1303 -12.74 -16.85 44.30
CA LEU T 1303 -12.43 -15.71 45.14
C LEU T 1303 -13.66 -14.86 45.42
N LYS T 1304 -14.27 -14.32 44.36
CA LYS T 1304 -15.46 -13.49 44.53
C LYS T 1304 -16.61 -14.26 45.15
N ILE T 1305 -16.64 -15.59 44.97
CA ILE T 1305 -17.67 -16.38 45.63
C ILE T 1305 -17.46 -16.39 47.13
N TYR T 1306 -16.21 -16.57 47.57
CA TYR T 1306 -15.88 -16.51 48.98
C TYR T 1306 -16.15 -15.15 49.58
N GLU T 1307 -15.64 -14.08 48.96
CA GLU T 1307 -15.71 -12.74 49.53
C GLU T 1307 -17.14 -12.25 49.59
N ALA T 1308 -17.99 -12.62 48.65
CA ALA T 1308 -19.41 -12.28 48.72
C ALA T 1308 -20.04 -12.95 49.93
N ASN T 1309 -19.59 -14.17 50.24
CA ASN T 1309 -20.15 -14.91 51.36
C ASN T 1309 -19.69 -14.34 52.70
N GLY T 1310 -18.38 -14.24 52.90
CA GLY T 1310 -17.86 -13.75 54.15
C GLY T 1310 -16.70 -14.59 54.67
N VAL T 1311 -16.16 -14.23 55.83
CA VAL T 1311 -15.04 -14.95 56.42
C VAL T 1311 -15.17 -15.01 57.93
#